data_8S7C
#
_entry.id   8S7C
#
_cell.length_a   283.697
_cell.length_b   198.236
_cell.length_c   218.824
_cell.angle_alpha   90.00
_cell.angle_beta   128.07
_cell.angle_gamma   90.00
#
_symmetry.space_group_name_H-M   'C 1 2 1'
#
loop_
_entity.id
_entity.type
_entity.pdbx_description
1 polymer 'VWFA and cache domain-containing protein 1'
2 polymer Frizzled-5
3 polymer 'Low-density lipoprotein receptor-related protein 6'
4 branched 2-acetamido-2-deoxy-beta-D-glucopyranose-(1-4)-2-acetamido-2-deoxy-beta-D-glucopyranose
5 non-polymer 2-acetamido-2-deoxy-beta-D-glucopyranose
#
loop_
_entity_poly.entity_id
_entity_poly.type
_entity_poly.pdbx_seq_one_letter_code
_entity_poly.pdbx_strand_id
1 'polypeptide(L)'
;MAREPEEEETVRPAAVVRRCPRCPGWPGAPRPPLWLLCLVACWILGAVADADFSILDEAQVLASQMRRLAAEELGVVTMQ
RIFNSLVYTEKISNGESEVQQLAKKIREKFNRYLDVVNRNKQVVEASYTAHLTSPLTAIQDCCTIPPSMMEFDGNFNTNV
SRTVSCDRLSTTVNSRAFNPGRDLNSVLADNLKSNPGIKWQYFSSEEGIFTVFPAHKFRCKGSYEHRSRPIYVSTVRPQS
KHIVVILDHGASVTDTQLQIAKDAAQVILSAIDEHDKISVLTVADAVRTCSLDQCYKTYLSPATSETKRKMSTFVSSVKP
SDSPTQHAVGFHRAFQLIRSTSNSTRFQANTDMVIIYLSAGITSKDSSEEDKKATLRVINEENGFLNNSVMILTYALMND
GVTGLKELAFLRDLAEQNSGKYGIPDRTALPVIKGSMMVLNQLSNLETTVGRFYTNLPNRMIDEAVFSLPFSDEMGDGLI
MTVSKPCYFGNLLLGIVGVDVNLAYILEDVTYYQDSLASYTFLIDDKGYTLMHPSLTRPYLLSEPPLHTDIIHYENIPKF
ELVRQNILSLPLGSQIITVPVNSSLSWHINKLRETGKEAYNVSYAWKMVQDTSFILCIVVIQPEIPVKQLKNLNTVPSSK
LLYHRLDLLGQPSACLHFKQLATLESPTVMLSAGSFSSPYEHLSQPETKRMVEHYTAYLSDNTRLIANPGLKFSVRNEVM
ATSHVTDEWMTQMEMSSLNTYIVRRYIATPNGVLRIYPGSLMDKAFDPTRRQWYLHAVANPGLISLTGPYLDVGGAGYVV
TISHTIHSSSTQLSSGHTVAVMGIDFTLRYFYKVLMDLLPVCNQDGGNKIRCFIMEDRGYLVAHPTLVDPKGHAPLEQQH
ITHKEPLVANDILNHPNFVKKNLCNSFSDRTVQRSYKFNTSLVGDLTNLVHGSHCSKYRLTRIPGTNAFVGIVNETCDSL
AFCACSMVDRLCLNCHRMEQNECECPCECPLEVNECTGNLTNAENRNPSCEVHQEPVTYTAIDPGLQDALQQCVNSRCNQ
RMESGDCFGVLDCEWCVVDSDGKTHLDKSYCAPQKECFGGIVGAKSPYVDDMGATGLEVLFQ
;
A,D,G
2 'polypeptide(L)'
;ETHASKAPVCQEITVPMCRGIGYNLTHMPNQFNHDTQDEAGLEVHQFWPLVEIHCSPDLRFFLCSMYTPICLPDYHKPLP
PCRSVCERAKAGCSPLMRQYGFAWPERMSCDRLPVLGGDAEVLCMDYNRSEATGLEVLFQ
;
B,E,H
3 'polypeptide(L)'
;ETGVPEAFLLFSRRADIRRISLETNNNNVAIPLTGVKEASALDFDVTDNRIYWTDISLKTISRAFMNGSALEHVVEFGLD
YPEGMAVDWLGKNLYWADTGTNRIEVSKLDGQHRQVLVWKDLDSPRALALDPAEGFMYWTEWGGKPKIDRAAMDGSERTT
LVPNVGRANGLTIDYAKRRLYWTDLDTNLIESSNMLGLNREVIADDLPHPFGLTQYQDYIYWTDWSRRSIERANKTSGQN
RTIIQGHLDYVMDILVFHSSRQSGWNECASSNGHCSHLCLAVPVGGFVCGCPAHYSLNADNRTCSAPTTFLLFSQKSAIN
RMVIDEQQSPDIILPIHSLRNVRAIDYDPLDKQLYWIDSRQNMIRKAQEDGSQGFTVVVSSVPSQNLEIQPYDLSIDIYS
RYIYWTCEATNVINVTRLDGRSVGVVLKGEQDRPRAVVVNPEKGYMYFTNLQERSPKIERAALDGTEREVLFFSGLSKPI
ALALDSRLGKLFWADSDLRRIESSDLSGANRIVLEDSNILQPVGLTVFENWLYWIDKQQQMIEKIDMTGREGRTKVQARI
AQLSDIHAVKELNLQEYRQHPCAQDNGGCSHICLVKGDGTTRCSCPMHLVLLQDELSCGGTKHHHHHH
;
C,F,I
#
loop_
_chem_comp.id
_chem_comp.type
_chem_comp.name
_chem_comp.formula
NAG D-saccharide, beta linking 2-acetamido-2-deoxy-beta-D-glucopyranose 'C8 H15 N O6'
#
# COMPACT_ATOMS: atom_id res chain seq x y z
N PHE A 53 -38.81 -30.35 2.79
CA PHE A 53 -38.23 -29.03 2.55
C PHE A 53 -37.20 -28.74 3.65
N SER A 54 -37.15 -29.65 4.62
CA SER A 54 -36.18 -29.57 5.71
C SER A 54 -34.79 -29.96 5.20
N ILE A 55 -33.77 -29.64 6.01
CA ILE A 55 -32.39 -29.82 5.58
C ILE A 55 -31.49 -30.18 6.78
N LEU A 56 -31.85 -29.71 7.97
CA LEU A 56 -31.06 -30.04 9.15
C LEU A 56 -31.20 -31.52 9.50
N ASP A 57 -32.42 -32.06 9.41
CA ASP A 57 -32.62 -33.47 9.72
C ASP A 57 -31.86 -34.37 8.74
N GLU A 58 -31.79 -33.96 7.47
CA GLU A 58 -31.02 -34.71 6.49
C GLU A 58 -29.52 -34.60 6.71
N ALA A 59 -29.08 -33.64 7.52
CA ALA A 59 -27.66 -33.50 7.85
C ALA A 59 -27.25 -34.38 9.02
N GLN A 60 -28.15 -34.59 10.00
CA GLN A 60 -27.86 -35.50 11.11
C GLN A 60 -27.68 -36.93 10.61
N VAL A 61 -28.49 -37.35 9.64
CA VAL A 61 -28.43 -38.72 9.16
C VAL A 61 -27.19 -38.91 8.28
N LEU A 62 -26.89 -37.93 7.42
CA LEU A 62 -25.71 -38.04 6.57
C LEU A 62 -24.41 -37.93 7.35
N ALA A 63 -24.47 -37.38 8.58
CA ALA A 63 -23.29 -37.33 9.42
C ALA A 63 -23.03 -38.68 10.10
N SER A 64 -24.09 -39.41 10.44
CA SER A 64 -23.92 -40.76 10.96
C SER A 64 -23.33 -41.70 9.90
N GLN A 65 -23.58 -41.41 8.62
CA GLN A 65 -22.93 -42.16 7.55
C GLN A 65 -21.42 -41.94 7.59
N MET A 66 -20.99 -40.71 7.88
CA MET A 66 -19.56 -40.41 7.94
C MET A 66 -18.88 -41.12 9.11
N ARG A 67 -19.55 -41.17 10.25
CA ARG A 67 -18.96 -41.84 11.42
C ARG A 67 -18.89 -43.35 11.23
N ARG A 68 -19.84 -43.93 10.50
CA ARG A 68 -19.78 -45.36 10.24
C ARG A 68 -18.62 -45.69 9.29
N LEU A 69 -18.27 -44.75 8.40
CA LEU A 69 -17.13 -44.96 7.52
C LEU A 69 -15.81 -44.84 8.28
N ALA A 70 -15.77 -44.04 9.35
CA ALA A 70 -14.54 -43.83 10.10
C ALA A 70 -14.42 -44.76 11.30
N ALA A 71 -15.51 -44.97 12.04
CA ALA A 71 -15.44 -45.76 13.27
C ALA A 71 -15.30 -47.25 12.97
N GLU A 72 -16.24 -47.81 12.21
CA GLU A 72 -16.23 -49.25 11.95
C GLU A 72 -15.32 -49.60 10.79
N GLU A 73 -15.51 -48.96 9.64
CA GLU A 73 -14.80 -49.36 8.42
C GLU A 73 -13.31 -49.01 8.50
N LEU A 74 -12.96 -47.96 9.21
CA LEU A 74 -11.56 -47.55 9.33
C LEU A 74 -10.93 -47.90 10.66
N GLY A 75 -11.65 -47.72 11.76
CA GLY A 75 -11.16 -48.04 13.08
C GLY A 75 -10.58 -46.88 13.85
N VAL A 76 -11.11 -45.67 13.69
CA VAL A 76 -10.58 -44.51 14.40
C VAL A 76 -10.92 -44.58 15.89
N VAL A 77 -12.14 -45.01 16.21
CA VAL A 77 -12.56 -45.09 17.60
C VAL A 77 -11.78 -46.15 18.36
N THR A 78 -11.19 -47.11 17.66
CA THR A 78 -10.38 -48.15 18.31
C THR A 78 -8.93 -47.70 18.50
N MET A 79 -8.33 -47.13 17.46
CA MET A 79 -6.92 -46.73 17.55
C MET A 79 -6.75 -45.50 18.42
N GLN A 80 -7.77 -44.65 18.54
CA GLN A 80 -7.70 -43.54 19.48
C GLN A 80 -7.62 -44.05 20.92
N ARG A 81 -8.25 -45.19 21.20
CA ARG A 81 -8.19 -45.80 22.52
C ARG A 81 -6.89 -46.56 22.74
N ILE A 82 -6.29 -47.11 21.68
CA ILE A 82 -5.04 -47.83 21.84
C ILE A 82 -3.90 -46.87 22.13
N PHE A 83 -3.85 -45.74 21.42
CA PHE A 83 -2.84 -44.72 21.70
C PHE A 83 -3.17 -43.90 22.93
N ASN A 84 -4.43 -43.93 23.39
CA ASN A 84 -4.77 -43.29 24.65
C ASN A 84 -4.19 -44.04 25.84
N SER A 85 -3.99 -45.34 25.70
CA SER A 85 -3.53 -46.19 26.80
C SER A 85 -2.01 -46.41 26.79
N LEU A 86 -1.30 -45.88 25.80
CA LEU A 86 0.14 -46.01 25.76
C LEU A 86 0.81 -44.85 26.50
N VAL A 87 1.98 -45.13 27.08
CA VAL A 87 2.70 -44.17 27.90
C VAL A 87 3.82 -43.54 27.07
N TYR A 88 3.99 -42.22 27.19
CA TYR A 88 5.00 -41.48 26.47
C TYR A 88 5.95 -40.79 27.45
N THR A 89 7.09 -40.35 26.92
CA THR A 89 8.01 -39.48 27.65
C THR A 89 7.81 -38.04 27.20
N GLU A 90 8.42 -37.11 27.93
CA GLU A 90 8.18 -35.69 27.72
C GLU A 90 9.49 -34.91 27.74
N LYS A 91 9.52 -33.84 26.94
CA LYS A 91 10.63 -32.90 26.90
C LYS A 91 10.10 -31.49 26.85
N ILE A 92 10.82 -30.57 27.51
CA ILE A 92 10.58 -29.13 27.39
C ILE A 92 11.89 -28.51 26.96
N SER A 93 11.96 -28.07 25.70
CA SER A 93 13.19 -27.54 25.14
C SER A 93 12.93 -26.21 24.47
N ASN A 94 13.88 -25.29 24.62
CA ASN A 94 13.83 -23.98 23.96
C ASN A 94 14.61 -23.97 22.65
N GLY A 95 15.04 -25.13 22.17
CA GLY A 95 15.81 -25.22 20.94
C GLY A 95 17.30 -25.12 21.11
N GLU A 96 17.79 -24.75 22.30
CA GLU A 96 19.23 -24.54 22.50
C GLU A 96 19.99 -25.86 22.38
N SER A 97 19.42 -26.96 22.85
CA SER A 97 20.13 -28.23 22.83
C SER A 97 20.00 -28.93 21.48
N GLU A 98 18.82 -28.84 20.86
CA GLU A 98 18.62 -29.53 19.59
C GLU A 98 19.38 -28.87 18.44
N VAL A 99 19.63 -27.55 18.52
CA VAL A 99 20.28 -26.86 17.42
C VAL A 99 21.72 -27.32 17.27
N GLN A 100 22.40 -27.61 18.38
CA GLN A 100 23.78 -28.06 18.32
C GLN A 100 23.90 -29.57 18.20
N GLN A 101 22.82 -30.32 18.41
CA GLN A 101 22.81 -31.74 18.08
C GLN A 101 22.64 -31.97 16.59
N LEU A 102 21.93 -31.09 15.89
CA LEU A 102 21.81 -31.18 14.44
C LEU A 102 22.92 -30.44 13.72
N ALA A 103 23.41 -29.34 14.28
CA ALA A 103 24.63 -28.73 13.77
C ALA A 103 25.82 -29.66 13.98
N LYS A 104 25.70 -30.60 14.90
CA LYS A 104 26.72 -31.63 15.09
C LYS A 104 26.71 -32.63 13.94
N LYS A 105 25.56 -32.82 13.30
CA LYS A 105 25.43 -33.80 12.23
C LYS A 105 25.97 -33.28 10.90
N ILE A 106 25.44 -32.14 10.43
CA ILE A 106 25.77 -31.68 9.09
C ILE A 106 27.14 -31.01 9.04
N ARG A 107 27.63 -30.48 10.16
CA ARG A 107 28.98 -29.92 10.16
C ARG A 107 30.01 -30.98 9.83
N GLU A 108 29.82 -32.19 10.35
CA GLU A 108 30.69 -33.30 9.99
C GLU A 108 30.42 -33.81 8.57
N LYS A 109 29.24 -33.52 8.02
CA LYS A 109 29.01 -33.82 6.61
C LYS A 109 29.74 -32.82 5.73
N PHE A 110 29.80 -31.55 6.15
CA PHE A 110 30.57 -30.56 5.40
C PHE A 110 32.07 -30.69 5.65
N ASN A 111 32.47 -31.10 6.86
CA ASN A 111 33.89 -31.32 7.14
C ASN A 111 34.43 -32.48 6.32
N ARG A 112 33.68 -33.58 6.23
CA ARG A 112 34.09 -34.66 5.34
C ARG A 112 34.01 -34.23 3.88
N TYR A 113 33.14 -33.27 3.56
CA TYR A 113 33.00 -32.78 2.20
C TYR A 113 34.05 -31.72 1.87
N LEU A 114 34.47 -30.94 2.87
CA LEU A 114 35.60 -30.05 2.69
C LEU A 114 36.92 -30.80 2.71
N ASP A 115 37.00 -31.89 3.47
CA ASP A 115 38.20 -32.72 3.49
C ASP A 115 38.37 -33.54 2.22
N VAL A 116 37.36 -33.58 1.34
CA VAL A 116 37.54 -34.21 0.05
C VAL A 116 38.20 -33.25 -0.93
N VAL A 117 37.75 -31.99 -0.95
CA VAL A 117 38.33 -31.02 -1.89
C VAL A 117 39.68 -30.52 -1.38
N ASN A 118 39.85 -30.39 -0.07
CA ASN A 118 41.19 -30.11 0.45
C ASN A 118 42.14 -31.28 0.19
N ARG A 119 41.64 -32.51 0.21
CA ARG A 119 42.42 -33.64 -0.25
C ARG A 119 42.72 -33.50 -1.74
N ASN A 120 41.67 -33.41 -2.57
CA ASN A 120 41.85 -33.30 -4.01
C ASN A 120 42.61 -32.04 -4.40
N LYS A 121 42.72 -31.05 -3.51
CA LYS A 121 43.63 -29.93 -3.74
C LYS A 121 45.08 -30.39 -3.58
N GLN A 122 45.42 -30.91 -2.40
CA GLN A 122 46.77 -31.40 -2.17
C GLN A 122 47.11 -32.59 -3.06
N VAL A 123 46.11 -33.23 -3.65
CA VAL A 123 46.35 -34.18 -4.74
C VAL A 123 46.99 -33.45 -5.92
N VAL A 124 46.26 -32.47 -6.47
CA VAL A 124 46.71 -31.79 -7.68
C VAL A 124 47.87 -30.85 -7.36
N GLU A 125 47.94 -30.34 -6.12
CA GLU A 125 49.11 -29.56 -5.71
C GLU A 125 50.37 -30.40 -5.84
N ALA A 126 50.37 -31.60 -5.25
CA ALA A 126 51.45 -32.55 -5.49
C ALA A 126 51.45 -33.09 -6.91
N SER A 127 50.34 -32.94 -7.65
CA SER A 127 50.26 -33.38 -9.03
C SER A 127 50.70 -32.32 -10.02
N TYR A 128 51.56 -31.39 -9.63
CA TYR A 128 52.33 -30.64 -10.59
C TYR A 128 53.78 -30.56 -10.15
N THR A 129 53.99 -30.39 -8.83
CA THR A 129 55.35 -30.46 -8.30
C THR A 129 56.02 -31.78 -8.64
N ALA A 130 55.24 -32.83 -8.88
CA ALA A 130 55.77 -34.07 -9.41
C ALA A 130 55.64 -34.17 -10.92
N HIS A 131 54.58 -33.62 -11.50
CA HIS A 131 54.34 -33.75 -12.93
C HIS A 131 54.91 -32.61 -13.76
N LEU A 132 55.56 -31.63 -13.12
CA LEU A 132 56.49 -30.80 -13.89
C LEU A 132 57.64 -31.64 -14.43
N THR A 133 57.93 -32.77 -13.78
CA THR A 133 58.93 -33.70 -14.26
C THR A 133 58.41 -35.12 -14.44
N SER A 134 57.22 -35.46 -13.92
CA SER A 134 56.60 -36.76 -14.16
C SER A 134 55.27 -36.55 -14.88
N PRO A 135 55.29 -36.30 -16.19
CA PRO A 135 54.05 -35.98 -16.90
C PRO A 135 53.36 -37.21 -17.48
N LEU A 136 52.31 -36.98 -18.27
CA LEU A 136 51.61 -38.08 -18.93
C LEU A 136 52.43 -38.64 -20.10
N THR A 137 52.65 -37.83 -21.13
CA THR A 137 53.17 -38.29 -22.41
C THR A 137 52.37 -39.51 -22.88
N ALA A 138 51.05 -39.35 -22.85
CA ALA A 138 50.11 -40.40 -23.25
C ALA A 138 48.79 -39.75 -23.60
N ILE A 139 47.93 -40.52 -24.28
CA ILE A 139 46.65 -40.03 -24.79
C ILE A 139 45.58 -41.09 -24.56
N GLN A 140 44.43 -40.67 -24.02
CA GLN A 140 43.26 -41.51 -23.86
C GLN A 140 42.03 -40.69 -24.25
N ASP A 141 40.84 -41.29 -24.17
CA ASP A 141 39.63 -40.62 -24.62
C ASP A 141 38.44 -41.00 -23.76
N CYS A 142 37.35 -40.26 -23.93
CA CYS A 142 36.12 -40.43 -23.15
C CYS A 142 35.01 -41.18 -23.87
N CYS A 143 35.27 -41.73 -25.06
CA CYS A 143 34.27 -42.57 -25.71
C CYS A 143 34.95 -43.82 -26.26
N THR A 144 34.20 -44.57 -27.07
CA THR A 144 34.62 -45.85 -27.64
C THR A 144 34.99 -46.83 -26.53
N ILE A 145 33.99 -47.13 -25.68
CA ILE A 145 34.15 -48.09 -24.60
C ILE A 145 32.77 -48.68 -24.28
N PRO A 146 32.41 -49.84 -24.82
CA PRO A 146 31.02 -50.32 -24.74
C PRO A 146 30.71 -51.31 -23.62
N PRO A 147 31.48 -51.39 -22.49
CA PRO A 147 30.92 -52.10 -21.34
C PRO A 147 29.93 -51.24 -20.57
N SER A 148 30.32 -50.86 -19.35
CA SER A 148 29.54 -49.99 -18.45
C SER A 148 28.14 -50.58 -18.26
N MET A 149 27.07 -49.81 -18.41
CA MET A 149 25.70 -50.26 -18.18
C MET A 149 25.52 -50.77 -16.75
N MET A 150 26.01 -49.99 -15.80
CA MET A 150 25.89 -50.33 -14.37
C MET A 150 24.87 -49.45 -13.66
N GLU A 151 24.94 -48.12 -13.86
CA GLU A 151 24.07 -47.16 -13.19
C GLU A 151 23.99 -47.40 -11.68
N PHE A 152 25.15 -47.27 -11.04
CA PHE A 152 25.33 -47.54 -9.62
C PHE A 152 25.43 -46.21 -8.87
N ASP A 153 24.93 -46.20 -7.64
CA ASP A 153 24.97 -45.03 -6.76
C ASP A 153 24.28 -43.86 -7.47
N GLY A 154 24.70 -42.63 -7.19
CA GLY A 154 24.14 -41.47 -7.85
C GLY A 154 24.36 -41.44 -9.35
N ASN A 155 25.38 -42.13 -9.83
CA ASN A 155 25.72 -42.18 -11.26
C ASN A 155 24.73 -43.05 -12.01
N PHE A 156 23.54 -42.50 -12.27
CA PHE A 156 22.50 -43.19 -13.03
C PHE A 156 22.83 -43.17 -14.53
N ASN A 157 24.02 -43.66 -14.85
CA ASN A 157 24.49 -43.74 -16.23
C ASN A 157 25.45 -44.92 -16.36
N THR A 158 25.80 -45.23 -17.61
CA THR A 158 26.75 -46.29 -17.90
C THR A 158 28.11 -45.98 -17.29
N ASN A 159 28.58 -46.83 -16.39
CA ASN A 159 29.75 -46.50 -15.59
C ASN A 159 30.46 -47.77 -15.10
N VAL A 160 31.64 -48.05 -15.68
CA VAL A 160 32.43 -49.18 -15.19
C VAL A 160 33.04 -48.86 -13.84
N SER A 161 33.82 -47.78 -13.79
CA SER A 161 34.45 -47.28 -12.56
C SER A 161 35.39 -48.32 -11.95
N ARG A 162 36.17 -48.98 -12.81
CA ARG A 162 37.25 -49.86 -12.33
C ARG A 162 38.55 -49.05 -12.26
N THR A 163 38.57 -48.13 -11.29
CA THR A 163 39.62 -47.15 -11.06
C THR A 163 40.23 -46.60 -12.35
N VAL A 164 39.39 -46.31 -13.34
CA VAL A 164 39.81 -45.74 -14.60
C VAL A 164 38.87 -44.60 -14.95
N SER A 165 39.44 -43.47 -15.37
CA SER A 165 38.70 -42.30 -15.81
C SER A 165 38.83 -42.16 -17.33
N CYS A 166 38.55 -40.97 -17.85
CA CYS A 166 38.69 -40.70 -19.28
C CYS A 166 39.19 -39.28 -19.47
N ASP A 167 39.52 -38.95 -20.73
CA ASP A 167 40.10 -37.67 -21.10
C ASP A 167 39.32 -37.07 -22.28
N ARG A 168 38.53 -36.03 -22.00
CA ARG A 168 37.75 -35.35 -23.02
C ARG A 168 38.61 -34.33 -23.75
N LEU A 169 38.78 -34.52 -25.05
CA LEU A 169 39.71 -33.69 -25.82
C LEU A 169 39.09 -32.34 -26.14
N SER A 170 39.80 -31.27 -25.77
CA SER A 170 39.45 -29.93 -26.22
C SER A 170 40.06 -29.67 -27.59
N THR A 171 39.75 -28.51 -28.16
CA THR A 171 40.38 -28.16 -29.43
C THR A 171 41.79 -27.64 -29.22
N THR A 172 42.06 -26.98 -28.09
CA THR A 172 43.40 -26.48 -27.80
C THR A 172 44.21 -27.54 -27.05
N VAL A 173 44.41 -28.68 -27.73
CA VAL A 173 45.22 -29.77 -27.20
C VAL A 173 46.51 -29.84 -28.00
N ASN A 174 47.64 -29.91 -27.28
CA ASN A 174 48.93 -30.00 -27.93
C ASN A 174 49.79 -31.04 -27.22
N SER A 175 51.06 -30.71 -26.98
CA SER A 175 51.98 -31.63 -26.30
C SER A 175 52.00 -31.35 -24.80
N ARG A 176 52.66 -30.25 -24.42
CA ARG A 176 52.85 -29.76 -23.06
C ARG A 176 53.07 -30.87 -22.04
N ALA A 177 52.60 -30.69 -20.80
CA ALA A 177 52.96 -31.56 -19.71
C ALA A 177 52.04 -31.36 -18.50
N PHE A 178 51.07 -32.25 -18.34
CA PHE A 178 50.04 -32.11 -17.31
C PHE A 178 49.63 -33.52 -16.86
N ASN A 179 48.48 -33.61 -16.18
CA ASN A 179 48.00 -34.80 -15.45
C ASN A 179 48.37 -36.12 -16.13
N PRO A 180 49.05 -37.02 -15.40
CA PRO A 180 49.67 -38.20 -16.02
C PRO A 180 48.70 -39.25 -16.53
N GLY A 181 48.03 -38.96 -17.65
CA GLY A 181 46.98 -39.86 -18.10
C GLY A 181 45.89 -40.05 -17.06
N ARG A 182 45.72 -39.08 -16.16
CA ARG A 182 44.87 -39.21 -14.98
C ARG A 182 45.25 -40.43 -14.16
N ASP A 183 46.56 -40.58 -13.91
CA ASP A 183 47.09 -41.62 -13.03
C ASP A 183 46.57 -41.34 -11.62
N LEU A 184 45.95 -40.17 -11.45
CA LEU A 184 45.28 -39.82 -10.21
C LEU A 184 44.26 -40.86 -9.78
N ASN A 185 43.76 -41.67 -10.72
CA ASN A 185 42.88 -42.81 -10.44
C ASN A 185 43.29 -43.56 -9.18
N SER A 186 44.60 -43.67 -8.95
CA SER A 186 45.12 -44.24 -7.71
C SER A 186 44.38 -43.72 -6.48
N VAL A 187 44.27 -42.40 -6.36
CA VAL A 187 43.56 -41.82 -5.23
C VAL A 187 42.07 -41.64 -5.50
N LEU A 188 41.69 -41.40 -6.76
CA LEU A 188 40.29 -41.12 -7.09
C LEU A 188 39.38 -42.26 -6.67
N ALA A 189 39.78 -43.50 -6.97
CA ALA A 189 38.97 -44.65 -6.57
C ALA A 189 38.87 -44.75 -5.05
N ASP A 190 39.98 -44.49 -4.35
CA ASP A 190 39.95 -44.45 -2.89
C ASP A 190 38.92 -43.43 -2.39
N ASN A 191 38.86 -42.26 -3.05
CA ASN A 191 37.93 -41.22 -2.63
C ASN A 191 36.48 -41.69 -2.78
N LEU A 192 36.17 -42.38 -3.88
CA LEU A 192 34.79 -42.82 -4.11
C LEU A 192 34.39 -43.96 -3.18
N LYS A 193 35.33 -44.85 -2.83
CA LYS A 193 35.00 -45.97 -1.96
C LYS A 193 34.98 -45.57 -0.50
N SER A 194 35.87 -44.67 -0.09
CA SER A 194 36.00 -44.29 1.31
C SER A 194 35.03 -43.17 1.72
N ASN A 195 34.41 -42.48 0.76
CA ASN A 195 33.43 -41.45 1.05
C ASN A 195 32.19 -41.73 0.21
N PRO A 196 31.29 -42.58 0.69
CA PRO A 196 30.05 -42.85 -0.06
C PRO A 196 29.15 -41.63 -0.10
N GLY A 197 28.45 -41.49 -1.22
CA GLY A 197 27.55 -40.39 -1.47
C GLY A 197 28.06 -39.40 -2.50
N ILE A 198 29.38 -39.24 -2.60
CA ILE A 198 29.93 -38.34 -3.61
C ILE A 198 29.66 -38.91 -5.00
N LYS A 199 29.62 -38.01 -5.98
CA LYS A 199 29.30 -38.40 -7.35
C LYS A 199 30.53 -38.20 -8.20
N TRP A 200 30.67 -37.07 -8.91
CA TRP A 200 31.73 -36.92 -9.90
C TRP A 200 32.97 -36.29 -9.27
N GLN A 201 34.12 -36.62 -9.86
CA GLN A 201 35.40 -35.99 -9.56
C GLN A 201 36.07 -35.66 -10.88
N TYR A 202 36.54 -34.42 -11.03
CA TYR A 202 37.03 -33.98 -12.33
C TYR A 202 38.15 -32.98 -12.17
N PHE A 203 38.93 -32.83 -13.23
CA PHE A 203 39.99 -31.83 -13.33
C PHE A 203 39.97 -31.24 -14.73
N SER A 204 39.71 -29.93 -14.81
CA SER A 204 39.78 -29.19 -16.07
C SER A 204 41.10 -28.44 -16.09
N SER A 205 42.02 -28.88 -16.94
CA SER A 205 43.33 -28.26 -17.00
C SER A 205 43.25 -26.88 -17.66
N GLU A 206 44.26 -26.05 -17.36
CA GLU A 206 44.40 -24.78 -18.08
C GLU A 206 44.61 -25.02 -19.57
N GLU A 207 45.24 -26.14 -19.93
CA GLU A 207 45.44 -26.47 -21.33
C GLU A 207 44.10 -26.69 -22.03
N GLY A 208 43.23 -27.50 -21.43
CA GLY A 208 41.90 -27.70 -21.99
C GLY A 208 41.37 -29.12 -21.93
N ILE A 209 42.22 -30.11 -21.68
CA ILE A 209 41.72 -31.48 -21.57
C ILE A 209 40.85 -31.61 -20.33
N PHE A 210 39.64 -32.12 -20.52
CA PHE A 210 38.69 -32.29 -19.44
C PHE A 210 38.73 -33.74 -18.98
N THR A 211 39.10 -33.96 -17.72
CA THR A 211 39.29 -35.29 -17.15
C THR A 211 38.33 -35.43 -15.97
N VAL A 212 37.50 -36.46 -16.01
CA VAL A 212 36.49 -36.67 -14.98
C VAL A 212 36.49 -38.14 -14.57
N PHE A 213 36.33 -38.39 -13.27
CA PHE A 213 36.24 -39.72 -12.71
C PHE A 213 34.93 -39.86 -11.95
N PRO A 214 34.22 -40.99 -12.09
CA PRO A 214 34.55 -42.09 -12.99
C PRO A 214 34.15 -41.84 -14.44
N ALA A 215 34.61 -42.70 -15.34
CA ALA A 215 34.42 -42.49 -16.77
C ALA A 215 33.02 -42.90 -17.21
N HIS A 216 32.46 -42.11 -18.13
CA HIS A 216 31.19 -42.42 -18.76
C HIS A 216 31.14 -41.66 -20.07
N LYS A 217 30.16 -41.99 -20.90
CA LYS A 217 29.98 -41.33 -22.18
C LYS A 217 28.94 -40.23 -22.02
N PHE A 218 29.37 -38.98 -22.21
CA PHE A 218 28.57 -37.79 -21.89
C PHE A 218 28.74 -36.79 -23.04
N ARG A 219 27.89 -36.92 -24.04
CA ARG A 219 27.89 -36.01 -25.20
C ARG A 219 29.21 -36.07 -25.95
N CYS A 220 29.39 -37.16 -26.70
CA CYS A 220 30.39 -37.20 -27.76
C CYS A 220 29.82 -36.76 -29.10
N LYS A 221 28.75 -35.95 -29.07
CA LYS A 221 28.14 -35.41 -30.27
C LYS A 221 28.84 -34.14 -30.77
N GLY A 222 29.76 -33.60 -29.98
CA GLY A 222 30.54 -32.44 -30.39
C GLY A 222 31.87 -32.37 -29.66
N SER A 223 32.04 -31.35 -28.82
CA SER A 223 33.19 -31.26 -27.94
C SER A 223 32.75 -30.64 -26.62
N TYR A 224 33.10 -31.30 -25.52
CA TYR A 224 32.66 -30.86 -24.19
C TYR A 224 33.68 -29.85 -23.65
N GLU A 225 33.43 -28.58 -23.94
CA GLU A 225 34.32 -27.49 -23.55
C GLU A 225 33.94 -27.02 -22.16
N HIS A 226 34.78 -27.34 -21.17
CA HIS A 226 34.50 -26.99 -19.78
C HIS A 226 35.10 -25.66 -19.36
N ARG A 227 36.11 -25.16 -20.08
CA ARG A 227 36.71 -23.88 -19.72
C ARG A 227 35.78 -22.70 -20.01
N SER A 228 34.71 -22.90 -20.78
CA SER A 228 33.73 -21.86 -21.06
C SER A 228 32.40 -22.13 -20.37
N ARG A 229 32.39 -23.00 -19.36
CA ARG A 229 31.22 -23.28 -18.54
C ARG A 229 31.19 -22.36 -17.32
N PRO A 230 30.01 -22.11 -16.75
CA PRO A 230 29.93 -21.27 -15.55
C PRO A 230 30.71 -21.82 -14.36
N ILE A 231 31.08 -23.10 -14.37
CA ILE A 231 31.78 -23.69 -13.24
C ILE A 231 33.22 -23.18 -13.17
N TYR A 232 33.90 -23.17 -14.32
CA TYR A 232 35.32 -22.86 -14.37
C TYR A 232 35.59 -21.36 -14.52
N VAL A 233 34.57 -20.57 -14.83
CA VAL A 233 34.76 -19.12 -14.94
C VAL A 233 34.70 -18.46 -13.58
N SER A 234 33.73 -18.85 -12.74
CA SER A 234 33.54 -18.24 -11.43
C SER A 234 34.47 -18.79 -10.37
N THR A 235 35.36 -19.72 -10.72
CA THR A 235 36.28 -20.30 -9.74
C THR A 235 37.68 -19.69 -9.82
N VAL A 236 38.25 -19.58 -11.02
CA VAL A 236 39.56 -18.97 -11.15
C VAL A 236 39.47 -17.46 -10.99
N ARG A 237 38.33 -16.87 -11.34
CA ARG A 237 38.11 -15.43 -11.23
C ARG A 237 36.84 -15.22 -10.42
N PRO A 238 36.90 -15.40 -9.09
CA PRO A 238 35.68 -15.32 -8.28
C PRO A 238 35.15 -13.90 -8.08
N GLN A 239 35.89 -12.88 -8.50
CA GLN A 239 35.39 -11.51 -8.37
C GLN A 239 34.20 -11.29 -9.30
N SER A 240 33.34 -10.35 -8.91
CA SER A 240 32.10 -10.11 -9.64
C SER A 240 32.37 -9.26 -10.88
N LYS A 241 31.98 -9.76 -12.05
CA LYS A 241 32.15 -9.05 -13.30
C LYS A 241 30.88 -8.26 -13.62
N HIS A 242 31.06 -7.00 -14.03
CA HIS A 242 29.96 -6.17 -14.52
C HIS A 242 30.18 -5.99 -16.02
N ILE A 243 29.56 -6.87 -16.79
CA ILE A 243 29.79 -6.98 -18.23
C ILE A 243 28.59 -6.43 -18.97
N VAL A 244 28.86 -5.67 -20.03
CA VAL A 244 27.85 -5.30 -21.02
C VAL A 244 28.38 -5.69 -22.40
N VAL A 245 27.56 -6.39 -23.17
CA VAL A 245 27.96 -6.89 -24.49
C VAL A 245 27.20 -6.09 -25.53
N ILE A 246 27.95 -5.37 -26.37
CA ILE A 246 27.38 -4.52 -27.40
C ILE A 246 27.48 -5.24 -28.74
N LEU A 247 26.36 -5.35 -29.44
CA LEU A 247 26.29 -6.07 -30.71
C LEU A 247 26.20 -5.08 -31.86
N ASP A 248 26.92 -5.38 -32.94
CA ASP A 248 26.93 -4.54 -34.14
C ASP A 248 26.19 -5.27 -35.27
N HIS A 249 24.91 -4.95 -35.42
CA HIS A 249 24.20 -5.18 -36.66
C HIS A 249 23.96 -3.84 -37.35
N GLY A 250 23.67 -3.89 -38.64
CA GLY A 250 23.61 -2.69 -39.44
C GLY A 250 24.90 -2.49 -40.23
N ALA A 251 24.91 -1.41 -41.01
CA ALA A 251 25.97 -1.14 -41.97
C ALA A 251 26.16 -2.31 -42.94
N SER A 252 25.06 -3.01 -43.24
CA SER A 252 25.04 -4.13 -44.16
C SER A 252 26.01 -5.24 -43.73
N VAL A 253 25.82 -5.71 -42.50
CA VAL A 253 26.54 -6.88 -42.02
C VAL A 253 25.86 -8.12 -42.60
N THR A 254 26.65 -8.99 -43.24
CA THR A 254 26.09 -10.16 -43.89
C THR A 254 25.58 -11.16 -42.84
N ASP A 255 24.73 -12.08 -43.29
CA ASP A 255 24.07 -13.00 -42.37
C ASP A 255 25.05 -13.98 -41.74
N THR A 256 26.04 -14.43 -42.51
CA THR A 256 27.09 -15.26 -41.93
C THR A 256 27.97 -14.46 -40.99
N GLN A 257 28.09 -13.15 -41.24
CA GLN A 257 28.84 -12.27 -40.35
C GLN A 257 28.04 -11.88 -39.12
N LEU A 258 26.70 -11.89 -39.23
CA LEU A 258 25.84 -11.72 -38.07
C LEU A 258 25.68 -13.01 -37.28
N GLN A 259 25.75 -14.16 -37.95
CA GLN A 259 25.60 -15.44 -37.27
C GLN A 259 26.74 -15.70 -36.29
N ILE A 260 27.93 -15.18 -36.59
CA ILE A 260 29.04 -15.29 -35.64
C ILE A 260 28.82 -14.38 -34.45
N ALA A 261 28.22 -13.20 -34.68
CA ALA A 261 28.00 -12.24 -33.61
C ALA A 261 26.93 -12.72 -32.63
N LYS A 262 25.93 -13.44 -33.11
CA LYS A 262 24.86 -13.92 -32.23
C LYS A 262 25.19 -15.25 -31.58
N ASP A 263 26.02 -16.08 -32.21
CA ASP A 263 26.48 -17.30 -31.55
C ASP A 263 27.49 -16.99 -30.46
N ALA A 264 28.39 -16.03 -30.71
CA ALA A 264 29.38 -15.68 -29.70
C ALA A 264 28.76 -14.87 -28.56
N ALA A 265 27.73 -14.09 -28.85
CA ALA A 265 27.02 -13.36 -27.80
C ALA A 265 26.26 -14.30 -26.88
N GLN A 266 26.00 -15.54 -27.32
CA GLN A 266 25.31 -16.52 -26.51
C GLN A 266 26.26 -17.53 -25.87
N VAL A 267 27.55 -17.47 -26.20
CA VAL A 267 28.55 -18.24 -25.46
C VAL A 267 29.00 -17.47 -24.22
N ILE A 268 28.95 -16.14 -24.27
CA ILE A 268 29.32 -15.34 -23.11
C ILE A 268 28.30 -15.49 -21.99
N LEU A 269 27.02 -15.42 -22.33
CA LEU A 269 25.97 -15.50 -21.31
C LEU A 269 25.84 -16.89 -20.72
N SER A 270 26.25 -17.93 -21.44
CA SER A 270 26.24 -19.29 -20.93
C SER A 270 27.50 -19.63 -20.14
N ALA A 271 28.32 -18.63 -19.81
CA ALA A 271 29.59 -18.85 -19.13
C ALA A 271 29.73 -18.08 -17.83
N ILE A 272 28.83 -17.14 -17.53
CA ILE A 272 28.99 -16.30 -16.34
C ILE A 272 28.11 -16.82 -15.21
N ASP A 273 28.12 -16.13 -14.08
CA ASP A 273 27.46 -16.57 -12.86
C ASP A 273 26.52 -15.46 -12.39
N GLU A 274 25.63 -15.79 -11.45
CA GLU A 274 24.61 -14.83 -11.03
C GLU A 274 25.15 -13.75 -10.11
N HIS A 275 26.34 -13.93 -9.53
CA HIS A 275 26.95 -12.85 -8.77
C HIS A 275 27.53 -11.76 -9.67
N ASP A 276 27.50 -11.97 -10.98
CA ASP A 276 27.90 -10.98 -11.96
C ASP A 276 26.69 -10.13 -12.37
N LYS A 277 26.91 -9.24 -13.33
CA LYS A 277 25.84 -8.42 -13.88
C LYS A 277 26.01 -8.34 -15.39
N ILE A 278 24.90 -8.34 -16.12
CA ILE A 278 24.94 -8.38 -17.58
C ILE A 278 23.84 -7.47 -18.14
N SER A 279 24.14 -6.86 -19.29
CA SER A 279 23.15 -6.08 -20.04
C SER A 279 23.62 -6.00 -21.47
N VAL A 280 22.95 -6.70 -22.37
CA VAL A 280 23.34 -6.78 -23.77
C VAL A 280 22.66 -5.66 -24.56
N LEU A 281 23.42 -5.01 -25.43
CA LEU A 281 22.96 -3.87 -26.20
C LEU A 281 23.12 -4.14 -27.69
N THR A 282 22.15 -3.69 -28.47
CA THR A 282 22.24 -3.71 -29.93
C THR A 282 22.41 -2.28 -30.43
N VAL A 283 23.20 -2.10 -31.48
CA VAL A 283 23.56 -0.78 -31.99
C VAL A 283 23.36 -0.78 -33.50
N ALA A 284 22.36 -0.04 -33.97
CA ALA A 284 22.11 0.19 -35.38
C ALA A 284 21.10 1.32 -35.53
N ASP A 285 21.61 2.56 -35.65
CA ASP A 285 20.81 3.79 -35.69
C ASP A 285 20.19 4.09 -34.33
N ALA A 286 19.92 3.07 -33.53
CA ALA A 286 19.36 3.25 -32.20
C ALA A 286 19.86 2.12 -31.30
N VAL A 287 19.92 2.39 -30.00
CA VAL A 287 20.31 1.41 -29.00
C VAL A 287 19.06 0.93 -28.28
N ARG A 288 18.78 -0.36 -28.35
CA ARG A 288 17.63 -0.96 -27.67
C ARG A 288 18.11 -2.19 -26.92
N THR A 289 17.99 -2.17 -25.60
CA THR A 289 18.36 -3.32 -24.78
C THR A 289 17.18 -4.29 -24.74
N CYS A 290 17.29 -5.31 -23.89
CA CYS A 290 16.21 -6.28 -23.74
C CYS A 290 14.94 -5.60 -23.23
N SER A 291 13.90 -5.63 -24.05
CA SER A 291 12.62 -4.98 -23.73
C SER A 291 11.68 -5.89 -22.97
N LEU A 292 12.20 -6.66 -22.01
CA LEU A 292 11.41 -7.64 -21.28
C LEU A 292 11.35 -7.35 -19.77
N ASP A 293 11.90 -6.23 -19.32
CA ASP A 293 11.88 -5.91 -17.90
C ASP A 293 12.07 -4.41 -17.73
N GLN A 294 11.74 -3.93 -16.53
CA GLN A 294 11.81 -2.49 -16.25
C GLN A 294 13.24 -2.06 -15.95
N CYS A 295 13.96 -2.80 -15.11
CA CYS A 295 15.30 -2.41 -14.69
C CYS A 295 16.38 -2.88 -15.67
N TYR A 296 15.98 -3.36 -16.84
CA TYR A 296 16.95 -3.60 -17.90
C TYR A 296 17.30 -2.30 -18.62
N LYS A 297 16.35 -1.37 -18.70
CA LYS A 297 16.56 -0.06 -19.31
C LYS A 297 17.22 0.93 -18.34
N THR A 298 17.75 0.46 -17.21
CA THR A 298 18.30 1.37 -16.21
C THR A 298 19.56 0.82 -15.58
N TYR A 299 19.52 -0.43 -15.12
CA TYR A 299 20.60 -1.05 -14.37
C TYR A 299 21.14 -2.27 -15.10
N LEU A 300 22.19 -2.86 -14.52
CA LEU A 300 22.67 -4.19 -14.91
C LEU A 300 22.08 -5.21 -13.96
N SER A 301 21.38 -6.20 -14.50
CA SER A 301 20.74 -7.17 -13.64
C SER A 301 21.62 -8.41 -13.47
N PRO A 302 21.57 -9.05 -12.30
CA PRO A 302 22.34 -10.28 -12.09
C PRO A 302 21.98 -11.35 -13.11
N ALA A 303 22.92 -12.26 -13.34
CA ALA A 303 22.81 -13.25 -14.40
C ALA A 303 22.31 -14.59 -13.84
N THR A 304 21.05 -14.59 -13.43
CA THR A 304 20.39 -15.81 -12.99
C THR A 304 19.90 -16.60 -14.20
N SER A 305 19.31 -17.77 -13.94
CA SER A 305 18.78 -18.59 -15.03
C SER A 305 17.66 -17.87 -15.77
N GLU A 306 16.88 -17.03 -15.09
CA GLU A 306 15.80 -16.31 -15.72
C GLU A 306 16.31 -15.17 -16.59
N THR A 307 17.42 -14.54 -16.19
CA THR A 307 17.98 -13.46 -16.99
C THR A 307 18.75 -13.99 -18.19
N LYS A 308 19.43 -15.12 -18.04
CA LYS A 308 20.12 -15.73 -19.16
C LYS A 308 19.16 -16.10 -20.28
N ARG A 309 17.96 -16.59 -19.93
CA ARG A 309 17.02 -17.01 -20.96
C ARG A 309 16.43 -15.82 -21.70
N LYS A 310 16.05 -14.76 -20.97
CA LYS A 310 15.50 -13.58 -21.63
C LYS A 310 16.54 -12.90 -22.51
N MET A 311 17.78 -12.81 -22.04
CA MET A 311 18.82 -12.08 -22.77
C MET A 311 19.34 -12.87 -23.98
N SER A 312 19.13 -14.18 -24.01
CA SER A 312 19.56 -14.98 -25.14
C SER A 312 18.50 -15.07 -26.24
N THR A 313 17.23 -14.94 -25.88
CA THR A 313 16.18 -14.89 -26.90
C THR A 313 16.11 -13.52 -27.56
N PHE A 314 16.55 -12.47 -26.86
CA PHE A 314 16.75 -11.17 -27.51
C PHE A 314 17.88 -11.23 -28.52
N VAL A 315 18.75 -12.24 -28.42
CA VAL A 315 19.73 -12.55 -29.42
C VAL A 315 19.08 -13.50 -30.43
N SER A 316 19.55 -13.44 -31.68
CA SER A 316 19.01 -14.20 -32.81
C SER A 316 17.65 -13.67 -33.23
N SER A 317 17.10 -12.71 -32.48
CA SER A 317 15.90 -12.00 -32.87
C SER A 317 16.21 -10.72 -33.62
N VAL A 318 17.48 -10.32 -33.69
CA VAL A 318 17.91 -9.16 -34.45
C VAL A 318 18.52 -9.62 -35.77
N LYS A 319 18.15 -8.94 -36.84
CA LYS A 319 18.56 -9.27 -38.20
C LYS A 319 19.27 -8.06 -38.81
N PRO A 320 20.05 -8.24 -39.87
CA PRO A 320 20.93 -7.16 -40.34
C PRO A 320 20.17 -5.93 -40.78
N SER A 321 20.53 -4.79 -40.20
CA SER A 321 20.01 -3.50 -40.63
C SER A 321 20.90 -2.95 -41.74
N ASP A 322 20.69 -1.68 -42.11
CA ASP A 322 21.46 -1.07 -43.19
C ASP A 322 22.04 0.30 -42.86
N SER A 323 21.50 1.01 -41.87
CA SER A 323 22.02 2.31 -41.51
C SER A 323 23.44 2.20 -40.97
N PRO A 324 24.21 3.29 -41.03
CA PRO A 324 25.52 3.30 -40.36
C PRO A 324 25.39 2.94 -38.89
N THR A 325 26.43 2.30 -38.36
CA THR A 325 26.35 1.70 -37.02
C THR A 325 25.98 2.72 -35.96
N GLN A 326 26.53 3.94 -36.06
CA GLN A 326 26.41 4.95 -35.00
C GLN A 326 27.09 4.45 -33.72
N HIS A 327 28.43 4.45 -33.78
CA HIS A 327 29.22 3.79 -32.75
C HIS A 327 29.20 4.57 -31.43
N ALA A 328 29.33 5.90 -31.50
CA ALA A 328 29.59 6.69 -30.30
C ALA A 328 28.44 6.60 -29.30
N VAL A 329 27.20 6.63 -29.79
CA VAL A 329 26.06 6.60 -28.88
C VAL A 329 25.91 5.21 -28.25
N GLY A 330 26.43 4.17 -28.90
CA GLY A 330 26.37 2.84 -28.31
C GLY A 330 27.25 2.69 -27.09
N PHE A 331 28.40 3.36 -27.07
CA PHE A 331 29.27 3.32 -25.89
C PHE A 331 28.79 4.27 -24.80
N HIS A 332 28.21 5.40 -25.16
CA HIS A 332 27.77 6.37 -24.15
C HIS A 332 26.65 5.80 -23.28
N ARG A 333 25.82 4.92 -23.82
CA ARG A 333 24.77 4.30 -23.04
C ARG A 333 25.30 3.20 -22.13
N ALA A 334 26.33 2.47 -22.58
CA ALA A 334 26.89 1.39 -21.77
C ALA A 334 27.55 1.93 -20.50
N PHE A 335 28.03 3.17 -20.52
CA PHE A 335 28.56 3.77 -19.30
C PHE A 335 27.46 4.29 -18.40
N GLN A 336 26.40 4.86 -18.99
CA GLN A 336 25.25 5.30 -18.20
C GLN A 336 24.61 4.16 -17.43
N LEU A 337 24.81 2.91 -17.87
CA LEU A 337 24.29 1.76 -17.15
C LEU A 337 25.24 1.32 -16.04
N ILE A 338 26.54 1.30 -16.33
CA ILE A 338 27.53 0.89 -15.32
C ILE A 338 27.62 1.92 -14.20
N ARG A 339 27.40 3.20 -14.52
CA ARG A 339 27.44 4.24 -13.50
C ARG A 339 26.33 4.05 -12.47
N SER A 340 25.10 3.78 -12.94
CA SER A 340 23.95 3.73 -12.04
C SER A 340 23.97 2.52 -11.12
N THR A 341 24.77 1.50 -11.43
CA THR A 341 24.78 0.27 -10.64
C THR A 341 25.66 0.42 -9.40
N SER A 342 25.34 -0.35 -8.38
CA SER A 342 26.09 -0.33 -7.13
C SER A 342 27.41 -1.07 -7.29
N ASN A 343 28.35 -0.77 -6.38
CA ASN A 343 29.62 -1.49 -6.33
C ASN A 343 29.52 -2.74 -5.46
N SER A 344 28.85 -2.65 -4.31
CA SER A 344 28.66 -3.77 -3.39
C SER A 344 29.98 -4.42 -3.00
N ALA A 349 33.79 -9.21 -1.81
CA ALA A 349 33.35 -7.95 -2.37
C ALA A 349 34.46 -7.26 -3.17
N ASN A 350 34.54 -7.60 -4.45
CA ASN A 350 35.57 -7.04 -5.33
C ASN A 350 35.05 -7.10 -6.76
N THR A 351 35.09 -5.97 -7.45
CA THR A 351 34.38 -5.78 -8.71
C THR A 351 35.32 -5.36 -9.82
N ASP A 352 35.20 -6.01 -10.98
CA ASP A 352 35.82 -5.56 -12.21
C ASP A 352 34.74 -5.38 -13.26
N MET A 353 34.98 -4.45 -14.20
CA MET A 353 33.95 -4.02 -15.14
C MET A 353 34.54 -4.02 -16.55
N VAL A 354 33.84 -4.67 -17.48
CA VAL A 354 34.34 -4.92 -18.83
C VAL A 354 33.23 -4.62 -19.83
N ILE A 355 33.63 -4.15 -21.01
CA ILE A 355 32.73 -3.94 -22.14
C ILE A 355 33.27 -4.70 -23.34
N ILE A 356 32.43 -5.56 -23.92
CA ILE A 356 32.77 -6.32 -25.12
C ILE A 356 31.99 -5.74 -26.30
N TYR A 357 32.67 -5.60 -27.43
CA TYR A 357 32.13 -4.94 -28.62
C TYR A 357 32.40 -5.82 -29.82
N LEU A 358 31.34 -6.25 -30.50
CA LEU A 358 31.41 -7.23 -31.58
C LEU A 358 31.04 -6.55 -32.89
N SER A 359 32.03 -5.97 -33.56
CA SER A 359 31.82 -5.23 -34.80
C SER A 359 32.73 -5.76 -35.89
N ALA A 360 32.63 -5.12 -37.06
CA ALA A 360 33.46 -5.43 -38.21
C ALA A 360 34.27 -4.25 -38.70
N GLY A 361 34.20 -3.10 -38.03
CA GLY A 361 34.85 -1.90 -38.51
C GLY A 361 33.98 -1.18 -39.52
N ILE A 362 33.34 -0.09 -39.10
CA ILE A 362 32.34 0.60 -39.91
C ILE A 362 32.77 2.05 -40.08
N THR A 363 32.71 2.53 -41.33
CA THR A 363 32.95 3.90 -41.69
C THR A 363 31.74 4.42 -42.46
N SER A 364 31.69 5.73 -42.66
CA SER A 364 30.58 6.37 -43.36
C SER A 364 31.08 6.86 -44.73
N LYS A 365 30.77 8.08 -45.14
CA LYS A 365 31.22 8.60 -46.43
C LYS A 365 32.27 9.69 -46.28
N ASP A 366 32.06 10.65 -45.39
CA ASP A 366 33.06 11.66 -45.06
C ASP A 366 33.24 11.79 -43.55
N SER A 367 32.61 10.91 -42.77
CA SER A 367 32.77 10.87 -41.32
C SER A 367 33.33 9.50 -40.94
N SER A 368 34.48 9.16 -41.50
CA SER A 368 35.15 7.88 -41.26
C SER A 368 36.09 7.94 -40.05
N GLU A 369 36.97 8.93 -39.99
CA GLU A 369 37.77 9.16 -38.80
C GLU A 369 37.23 10.31 -37.96
N GLU A 370 36.15 10.96 -38.39
CA GLU A 370 35.50 11.95 -37.53
C GLU A 370 34.57 11.26 -36.53
N ASP A 371 33.83 10.21 -36.95
CA ASP A 371 33.04 9.48 -35.97
C ASP A 371 33.92 8.59 -35.09
N LYS A 372 35.06 8.14 -35.61
CA LYS A 372 36.07 7.51 -34.76
C LYS A 372 36.53 8.47 -33.66
N LYS A 373 36.62 9.75 -34.00
CA LYS A 373 36.92 10.77 -33.00
C LYS A 373 35.86 10.80 -31.90
N ALA A 374 34.59 10.74 -32.29
CA ALA A 374 33.50 10.86 -31.31
C ALA A 374 33.41 9.61 -30.43
N THR A 375 33.87 8.46 -30.91
CA THR A 375 33.80 7.24 -30.10
C THR A 375 34.87 7.23 -29.03
N LEU A 376 36.12 7.51 -29.41
CA LEU A 376 37.21 7.57 -28.44
C LEU A 376 37.22 8.88 -27.66
N ARG A 377 36.28 9.79 -27.95
CA ARG A 377 36.11 11.00 -27.15
C ARG A 377 35.21 10.75 -25.94
N VAL A 378 34.12 10.00 -26.13
CA VAL A 378 33.28 9.63 -25.00
C VAL A 378 33.90 8.51 -24.18
N ILE A 379 34.82 7.73 -24.74
CA ILE A 379 35.55 6.74 -23.96
C ILE A 379 36.46 7.45 -22.96
N ASN A 380 37.02 8.59 -23.34
CA ASN A 380 37.89 9.34 -22.43
C ASN A 380 37.09 10.07 -21.37
N GLU A 381 35.93 10.61 -21.74
CA GLU A 381 35.14 11.41 -20.83
C GLU A 381 34.32 10.55 -19.87
N GLU A 382 33.72 9.48 -20.37
CA GLU A 382 32.88 8.62 -19.53
C GLU A 382 33.72 7.70 -18.66
N ASN A 383 34.71 7.02 -19.25
CA ASN A 383 35.57 6.14 -18.47
C ASN A 383 36.48 6.94 -17.54
N GLY A 384 36.92 8.12 -17.98
CA GLY A 384 37.65 9.00 -17.07
C GLY A 384 36.80 9.45 -15.90
N PHE A 385 35.50 9.62 -16.12
CA PHE A 385 34.59 9.96 -15.02
C PHE A 385 34.44 8.81 -14.04
N LEU A 386 34.84 7.59 -14.43
CA LEU A 386 34.75 6.42 -13.56
C LEU A 386 36.13 5.96 -13.09
N ASN A 387 37.11 6.87 -13.07
CA ASN A 387 38.45 6.58 -12.57
C ASN A 387 39.14 5.47 -13.38
N ASN A 388 38.79 5.36 -14.66
CA ASN A 388 39.34 4.35 -15.56
C ASN A 388 39.30 2.95 -14.92
N SER A 389 38.08 2.49 -14.71
CA SER A 389 37.84 1.14 -14.19
C SER A 389 37.38 0.17 -15.26
N VAL A 390 36.92 0.66 -16.39
CA VAL A 390 36.30 -0.16 -17.42
C VAL A 390 37.38 -0.71 -18.35
N MET A 391 37.25 -1.99 -18.70
CA MET A 391 38.10 -2.64 -19.69
C MET A 391 37.27 -2.90 -20.95
N ILE A 392 37.92 -2.81 -22.11
CA ILE A 392 37.24 -2.93 -23.39
C ILE A 392 37.84 -4.11 -24.14
N LEU A 393 36.99 -5.08 -24.47
CA LEU A 393 37.34 -6.18 -25.36
C LEU A 393 36.64 -5.99 -26.70
N THR A 394 37.35 -6.29 -27.78
CA THR A 394 36.81 -6.17 -29.14
C THR A 394 37.13 -7.43 -29.91
N TYR A 395 36.14 -7.96 -30.63
CA TYR A 395 36.31 -9.14 -31.47
C TYR A 395 35.88 -8.80 -32.89
N ALA A 396 36.76 -9.05 -33.85
CA ALA A 396 36.51 -8.71 -35.24
C ALA A 396 35.65 -9.79 -35.91
N LEU A 397 34.71 -9.34 -36.73
CA LEU A 397 33.80 -10.22 -37.46
C LEU A 397 34.19 -10.16 -38.95
N MET A 398 35.22 -10.92 -39.30
CA MET A 398 35.73 -10.94 -40.67
C MET A 398 35.32 -12.23 -41.37
N ASN A 399 35.09 -12.12 -42.68
CA ASN A 399 34.86 -13.29 -43.52
C ASN A 399 35.17 -12.92 -44.96
N ASP A 400 36.01 -13.73 -45.61
CA ASP A 400 36.31 -13.62 -47.03
C ASP A 400 37.11 -12.37 -47.37
N GLY A 401 37.30 -11.48 -46.40
CA GLY A 401 37.97 -10.21 -46.64
C GLY A 401 37.08 -8.99 -46.66
N VAL A 402 35.80 -9.14 -46.30
CA VAL A 402 34.91 -7.98 -46.20
C VAL A 402 35.49 -6.96 -45.21
N THR A 403 36.07 -7.45 -44.12
CA THR A 403 36.83 -6.60 -43.21
C THR A 403 38.29 -6.59 -43.63
N GLY A 404 38.80 -5.41 -43.95
CA GLY A 404 40.18 -5.27 -44.42
C GLY A 404 41.17 -5.18 -43.27
N LEU A 405 42.28 -4.48 -43.53
CA LEU A 405 43.31 -4.29 -42.52
C LEU A 405 43.19 -2.96 -41.80
N LYS A 406 42.47 -1.99 -42.38
CA LYS A 406 42.31 -0.69 -41.73
C LYS A 406 41.20 -0.70 -40.70
N GLU A 407 40.13 -1.45 -40.95
CA GLU A 407 39.06 -1.57 -39.96
C GLU A 407 39.46 -2.43 -38.78
N LEU A 408 40.48 -3.28 -38.95
CA LEU A 408 41.06 -3.96 -37.79
C LEU A 408 41.74 -2.97 -36.86
N ALA A 409 42.33 -1.91 -37.41
CA ALA A 409 43.00 -0.91 -36.58
C ALA A 409 41.99 -0.09 -35.78
N PHE A 410 40.78 0.09 -36.30
CA PHE A 410 39.75 0.79 -35.53
C PHE A 410 39.33 0.00 -34.30
N LEU A 411 39.28 -1.34 -34.43
CA LEU A 411 38.98 -2.18 -33.28
C LEU A 411 40.20 -2.41 -32.39
N ARG A 412 41.41 -2.11 -32.89
CA ARG A 412 42.59 -2.13 -32.03
C ARG A 412 42.59 -0.95 -31.08
N ASP A 413 42.34 0.26 -31.60
CA ASP A 413 42.34 1.46 -30.78
C ASP A 413 41.24 1.46 -29.72
N LEU A 414 40.16 0.71 -29.94
CA LEU A 414 39.11 0.62 -28.94
C LEU A 414 39.54 -0.21 -27.75
N ALA A 415 40.18 -1.36 -28.00
CA ALA A 415 40.61 -2.23 -26.90
C ALA A 415 41.73 -1.57 -26.09
N GLU A 416 42.68 -0.94 -26.76
CA GLU A 416 43.75 -0.24 -26.06
C GLU A 416 43.35 1.14 -25.55
N GLN A 417 42.19 1.65 -25.98
CA GLN A 417 41.74 3.00 -25.63
C GLN A 417 42.78 4.02 -26.10
N ASN A 418 43.22 3.86 -27.34
CA ASN A 418 44.30 4.66 -27.93
C ASN A 418 43.71 5.97 -28.43
N SER A 419 43.45 6.88 -27.48
CA SER A 419 42.77 8.13 -27.77
C SER A 419 43.71 9.23 -28.23
N GLY A 420 44.98 9.18 -27.83
CA GLY A 420 45.93 10.21 -28.23
C GLY A 420 46.18 10.28 -29.72
N LYS A 421 45.85 9.22 -30.46
CA LYS A 421 46.07 9.23 -31.90
C LYS A 421 45.14 10.21 -32.60
N TYR A 422 43.88 10.29 -32.16
CA TYR A 422 42.90 11.17 -32.76
C TYR A 422 42.80 12.52 -32.05
N GLY A 423 43.88 12.97 -31.43
CA GLY A 423 43.93 14.30 -30.84
C GLY A 423 42.92 14.55 -29.73
N ILE A 424 43.09 13.87 -28.60
CA ILE A 424 42.21 14.06 -27.45
C ILE A 424 43.07 14.51 -26.27
N PRO A 425 42.62 15.48 -25.46
CA PRO A 425 43.42 15.89 -24.30
C PRO A 425 43.85 14.73 -23.41
N ASP A 426 42.94 13.82 -23.08
CA ASP A 426 43.23 12.66 -22.25
C ASP A 426 43.85 13.10 -20.91
N ARG A 427 43.04 13.84 -20.15
CA ARG A 427 43.42 14.31 -18.82
C ARG A 427 43.19 13.26 -17.74
N THR A 428 43.34 11.97 -18.08
CA THR A 428 43.21 10.89 -17.11
C THR A 428 44.60 10.53 -16.61
N ALA A 429 44.95 11.07 -15.44
CA ALA A 429 46.29 10.85 -14.87
C ALA A 429 46.55 9.38 -14.58
N LEU A 430 45.50 8.58 -14.42
CA LEU A 430 45.57 7.14 -14.14
C LEU A 430 45.63 6.36 -15.45
N PRO A 431 46.46 5.32 -15.53
CA PRO A 431 46.55 4.54 -16.77
C PRO A 431 45.26 3.81 -17.12
N VAL A 432 45.24 3.16 -18.27
CA VAL A 432 44.05 2.49 -18.78
C VAL A 432 44.32 1.00 -18.85
N ILE A 433 43.26 0.21 -18.62
CA ILE A 433 43.38 -1.25 -18.62
C ILE A 433 43.44 -1.71 -20.07
N LYS A 434 44.58 -2.27 -20.47
CA LYS A 434 44.81 -2.64 -21.85
C LYS A 434 44.00 -3.90 -22.21
N GLY A 435 43.09 -3.75 -23.17
CA GLY A 435 42.28 -4.86 -23.63
C GLY A 435 42.91 -5.62 -24.79
N SER A 436 42.26 -6.71 -25.17
CA SER A 436 42.71 -7.57 -26.25
C SER A 436 41.76 -7.48 -27.44
N MET A 437 42.26 -7.92 -28.60
CA MET A 437 41.48 -7.96 -29.83
C MET A 437 41.72 -9.30 -30.51
N MET A 438 40.66 -10.00 -30.86
CA MET A 438 40.75 -11.31 -31.49
C MET A 438 39.87 -11.35 -32.73
N VAL A 439 40.25 -12.20 -33.69
CA VAL A 439 39.56 -12.31 -34.97
C VAL A 439 38.73 -13.58 -34.99
N LEU A 440 37.63 -13.54 -35.74
CA LEU A 440 36.67 -14.64 -35.78
C LEU A 440 36.23 -14.89 -37.22
N ASN A 441 35.94 -16.16 -37.51
CA ASN A 441 35.24 -16.57 -38.72
C ASN A 441 34.36 -17.76 -38.37
N GLN A 442 33.67 -18.31 -39.38
CA GLN A 442 32.77 -19.41 -39.07
C GLN A 442 33.52 -20.71 -38.79
N LEU A 443 34.86 -20.69 -38.80
CA LEU A 443 35.67 -21.85 -38.45
C LEU A 443 36.29 -21.74 -37.06
N SER A 444 36.42 -20.53 -36.52
CA SER A 444 37.01 -20.36 -35.20
C SER A 444 36.16 -21.03 -34.14
N ASN A 445 36.83 -21.53 -33.09
CA ASN A 445 36.14 -22.10 -31.94
C ASN A 445 35.63 -20.96 -31.06
N LEU A 446 34.32 -20.80 -30.98
CA LEU A 446 33.74 -19.71 -30.22
C LEU A 446 33.80 -19.94 -28.71
N GLU A 447 34.13 -21.15 -28.27
CA GLU A 447 34.29 -21.42 -26.85
C GLU A 447 35.69 -21.09 -26.35
N THR A 448 36.71 -21.22 -27.20
CA THR A 448 38.09 -20.98 -26.81
C THR A 448 38.60 -19.59 -27.15
N THR A 449 37.87 -18.82 -27.97
CA THR A 449 38.25 -17.45 -28.29
C THR A 449 37.40 -16.44 -27.54
N VAL A 450 36.09 -16.45 -27.81
CA VAL A 450 35.18 -15.53 -27.11
C VAL A 450 34.93 -15.99 -25.69
N GLY A 451 34.83 -17.31 -25.49
CA GLY A 451 34.62 -17.85 -24.16
C GLY A 451 35.79 -17.63 -23.22
N ARG A 452 36.98 -17.37 -23.76
CA ARG A 452 38.19 -17.14 -22.96
C ARG A 452 38.48 -15.66 -22.77
N PHE A 453 37.45 -14.83 -22.68
CA PHE A 453 37.66 -13.41 -22.38
C PHE A 453 38.08 -13.20 -20.95
N TYR A 454 37.79 -14.17 -20.06
CA TYR A 454 38.09 -14.02 -18.64
C TYR A 454 39.58 -14.07 -18.34
N THR A 455 40.40 -14.60 -19.25
CA THR A 455 41.84 -14.58 -19.06
C THR A 455 42.40 -13.17 -19.15
N ASN A 456 41.63 -12.22 -19.70
CA ASN A 456 42.06 -10.84 -19.83
C ASN A 456 41.85 -10.03 -18.56
N LEU A 457 41.22 -10.61 -17.52
CA LEU A 457 40.94 -9.93 -16.27
C LEU A 457 42.09 -10.13 -15.28
N PRO A 458 42.28 -9.19 -14.36
CA PRO A 458 43.33 -9.36 -13.35
C PRO A 458 43.05 -10.56 -12.46
N ASN A 459 44.05 -11.43 -12.34
CA ASN A 459 43.99 -12.61 -11.49
C ASN A 459 44.67 -12.26 -10.16
N ARG A 460 43.87 -12.16 -9.10
CA ARG A 460 44.35 -11.72 -7.79
C ARG A 460 44.80 -12.87 -6.90
N MET A 461 45.00 -14.05 -7.47
CA MET A 461 45.56 -15.20 -6.73
C MET A 461 44.70 -15.56 -5.52
N ILE A 462 43.38 -15.56 -5.70
CA ILE A 462 42.47 -15.90 -4.62
C ILE A 462 42.42 -17.42 -4.48
N ASP A 463 42.84 -17.92 -3.32
CA ASP A 463 42.90 -19.35 -3.04
C ASP A 463 41.88 -19.66 -1.92
N GLU A 464 40.61 -19.67 -2.30
CA GLU A 464 39.53 -19.95 -1.36
C GLU A 464 38.48 -20.81 -2.04
N ALA A 465 37.93 -21.77 -1.29
CA ALA A 465 36.88 -22.63 -1.83
C ALA A 465 35.63 -21.82 -2.13
N VAL A 466 35.02 -22.11 -3.27
CA VAL A 466 33.79 -21.45 -3.70
C VAL A 466 32.69 -22.50 -3.77
N PHE A 467 31.53 -22.18 -3.21
CA PHE A 467 30.40 -23.09 -3.14
C PHE A 467 29.36 -22.65 -4.16
N SER A 468 28.92 -23.59 -5.00
CA SER A 468 27.95 -23.31 -6.04
C SER A 468 26.56 -23.70 -5.60
N LEU A 469 25.56 -23.01 -6.15
CA LEU A 469 24.17 -23.37 -5.91
C LEU A 469 23.76 -24.52 -6.82
N PRO A 470 22.74 -25.28 -6.43
CA PRO A 470 22.37 -26.47 -7.21
C PRO A 470 22.07 -26.16 -8.66
N PHE A 471 22.52 -27.05 -9.54
CA PHE A 471 22.27 -26.92 -10.97
C PHE A 471 22.24 -28.32 -11.58
N SER A 472 21.71 -28.40 -12.80
CA SER A 472 21.55 -29.68 -13.47
C SER A 472 22.92 -30.20 -13.94
N ASP A 473 23.14 -31.49 -13.72
CA ASP A 473 24.41 -32.10 -14.10
C ASP A 473 24.56 -32.09 -15.62
N GLU A 474 25.65 -31.46 -16.10
CA GLU A 474 25.94 -31.40 -17.52
C GLU A 474 26.37 -32.74 -18.10
N MET A 475 26.42 -33.80 -17.29
CA MET A 475 26.94 -35.09 -17.72
C MET A 475 25.85 -36.15 -17.88
N GLY A 476 24.58 -35.76 -17.76
CA GLY A 476 23.48 -36.65 -18.10
C GLY A 476 22.73 -37.21 -16.91
N ASP A 477 22.57 -36.43 -15.85
CA ASP A 477 21.79 -36.86 -14.70
C ASP A 477 21.14 -35.64 -14.06
N GLY A 478 20.67 -35.79 -12.83
CA GLY A 478 19.87 -34.77 -12.16
C GLY A 478 20.64 -33.58 -11.61
N LEU A 479 20.46 -33.31 -10.32
CA LEU A 479 20.91 -32.08 -9.69
C LEU A 479 22.22 -32.30 -8.93
N ILE A 480 23.05 -31.26 -8.91
CA ILE A 480 24.41 -31.33 -8.39
C ILE A 480 24.72 -30.06 -7.61
N MET A 481 25.47 -30.22 -6.51
CA MET A 481 26.10 -29.10 -5.82
C MET A 481 27.61 -29.32 -5.87
N THR A 482 28.33 -28.33 -6.40
CA THR A 482 29.76 -28.46 -6.64
C THR A 482 30.52 -27.39 -5.86
N VAL A 483 31.57 -27.81 -5.16
CA VAL A 483 32.56 -26.91 -4.58
C VAL A 483 33.87 -27.10 -5.33
N SER A 484 34.56 -25.99 -5.60
CA SER A 484 35.79 -26.01 -6.38
C SER A 484 36.78 -25.03 -5.77
N LYS A 485 38.07 -25.30 -5.98
CA LYS A 485 39.13 -24.44 -5.48
C LYS A 485 40.28 -24.46 -6.49
N PRO A 486 40.83 -23.30 -6.83
CA PRO A 486 41.93 -23.27 -7.81
C PRO A 486 43.19 -23.93 -7.28
N CYS A 487 44.18 -24.01 -8.16
CA CYS A 487 45.39 -24.80 -7.91
C CYS A 487 46.59 -24.02 -8.42
N TYR A 488 47.50 -23.66 -7.52
CA TYR A 488 48.62 -22.78 -7.84
C TYR A 488 49.95 -23.49 -7.64
N PHE A 489 50.89 -23.23 -8.54
CA PHE A 489 52.29 -23.59 -8.40
C PHE A 489 53.07 -22.29 -8.25
N GLY A 490 53.31 -21.88 -7.01
CA GLY A 490 53.91 -20.59 -6.74
C GLY A 490 53.05 -19.46 -7.29
N ASN A 491 53.22 -19.15 -8.57
CA ASN A 491 52.37 -18.18 -9.25
C ASN A 491 51.89 -18.67 -10.61
N LEU A 492 52.09 -19.94 -10.92
CA LEU A 492 51.63 -20.54 -12.17
C LEU A 492 50.30 -21.24 -11.91
N LEU A 493 49.28 -20.87 -12.68
CA LEU A 493 47.96 -21.49 -12.54
C LEU A 493 47.91 -22.81 -13.29
N LEU A 494 47.18 -23.76 -12.73
CA LEU A 494 47.08 -25.11 -13.28
C LEU A 494 45.72 -25.45 -13.84
N GLY A 495 44.66 -24.92 -13.24
CA GLY A 495 43.30 -25.34 -13.47
C GLY A 495 42.56 -25.38 -12.15
N ILE A 496 41.48 -26.17 -12.11
CA ILE A 496 40.73 -26.35 -10.88
C ILE A 496 40.37 -27.82 -10.72
N VAL A 497 40.09 -28.20 -9.47
CA VAL A 497 39.48 -29.48 -9.17
C VAL A 497 38.06 -29.23 -8.68
N GLY A 498 37.21 -30.24 -8.81
CA GLY A 498 35.84 -30.13 -8.38
C GLY A 498 35.25 -31.46 -7.98
N VAL A 499 34.46 -31.46 -6.91
CA VAL A 499 33.81 -32.67 -6.40
C VAL A 499 32.31 -32.46 -6.48
N ASP A 500 31.65 -33.27 -7.30
CA ASP A 500 30.21 -33.20 -7.48
C ASP A 500 29.52 -34.16 -6.52
N VAL A 501 28.46 -33.68 -5.87
CA VAL A 501 27.64 -34.50 -5.00
C VAL A 501 26.17 -34.21 -5.28
N ASN A 502 25.34 -35.24 -5.12
CA ASN A 502 23.91 -35.07 -5.29
C ASN A 502 23.37 -34.11 -4.23
N LEU A 503 22.42 -33.27 -4.66
CA LEU A 503 21.82 -32.31 -3.73
C LEU A 503 21.09 -33.01 -2.59
N ALA A 504 20.55 -34.21 -2.84
CA ALA A 504 19.85 -34.94 -1.80
C ALA A 504 20.80 -35.47 -0.72
N TYR A 505 22.08 -35.65 -1.05
CA TYR A 505 23.03 -36.16 -0.06
C TYR A 505 23.42 -35.08 0.95
N ILE A 506 23.72 -33.88 0.48
CA ILE A 506 24.17 -32.81 1.37
C ILE A 506 23.07 -32.46 2.38
N LEU A 507 21.82 -32.52 1.95
CA LEU A 507 20.70 -32.04 2.75
C LEU A 507 19.90 -33.17 3.40
N GLU A 508 20.40 -34.40 3.38
CA GLU A 508 19.63 -35.53 3.89
C GLU A 508 19.33 -35.43 5.38
N ASP A 509 20.16 -34.69 6.13
CA ASP A 509 19.92 -34.53 7.57
C ASP A 509 18.98 -33.39 7.89
N VAL A 510 18.74 -32.47 6.94
CA VAL A 510 17.81 -31.38 7.15
C VAL A 510 16.52 -31.56 6.35
N THR A 511 16.50 -32.40 5.32
CA THR A 511 15.29 -32.67 4.57
C THR A 511 14.44 -33.78 5.19
N TYR A 512 15.02 -34.60 6.08
CA TYR A 512 14.31 -35.70 6.71
C TYR A 512 14.55 -35.66 8.22
N TYR A 513 14.17 -34.55 8.83
CA TYR A 513 14.33 -34.35 10.27
C TYR A 513 13.09 -34.89 10.99
N GLN A 514 13.29 -35.92 11.82
CA GLN A 514 12.19 -36.60 12.48
C GLN A 514 12.46 -36.79 13.98
N ASP A 515 13.14 -35.83 14.60
CA ASP A 515 13.49 -35.96 16.01
C ASP A 515 12.28 -35.64 16.90
N SER A 516 11.71 -34.46 16.74
CA SER A 516 10.61 -34.01 17.58
C SER A 516 9.41 -33.63 16.72
N LEU A 517 8.22 -33.89 17.26
CA LEU A 517 6.97 -33.52 16.61
C LEU A 517 6.64 -32.05 16.79
N ALA A 518 7.46 -31.31 17.53
CA ALA A 518 7.25 -29.90 17.80
C ALA A 518 8.27 -29.01 17.10
N SER A 519 9.11 -29.58 16.23
CA SER A 519 10.20 -28.83 15.64
C SER A 519 10.37 -29.19 14.18
N TYR A 520 10.96 -28.26 13.43
CA TYR A 520 11.36 -28.48 12.05
C TYR A 520 12.54 -27.57 11.75
N THR A 521 13.32 -27.95 10.75
CA THR A 521 14.58 -27.29 10.45
C THR A 521 14.57 -26.70 9.05
N PHE A 522 15.50 -25.77 8.82
CA PHE A 522 15.69 -25.16 7.52
C PHE A 522 17.12 -24.60 7.46
N LEU A 523 17.70 -24.62 6.27
CA LEU A 523 19.11 -24.25 6.07
C LEU A 523 19.19 -23.02 5.18
N ILE A 524 20.02 -22.06 5.58
CA ILE A 524 20.16 -20.80 4.85
C ILE A 524 21.64 -20.48 4.65
N ASP A 525 21.92 -19.29 4.12
CA ASP A 525 23.29 -18.83 3.95
C ASP A 525 23.45 -17.42 4.51
N ASP A 526 24.43 -16.66 4.00
CA ASP A 526 24.74 -15.36 4.59
C ASP A 526 23.69 -14.31 4.24
N LYS A 527 23.26 -14.27 2.98
CA LYS A 527 22.35 -13.23 2.53
C LYS A 527 20.89 -13.65 2.53
N GLY A 528 20.59 -14.90 2.92
CA GLY A 528 19.23 -15.31 3.18
C GLY A 528 18.61 -16.29 2.20
N TYR A 529 19.36 -16.77 1.21
CA TYR A 529 18.79 -17.72 0.26
C TYR A 529 18.49 -19.06 0.94
N THR A 530 17.27 -19.56 0.73
CA THR A 530 16.81 -20.79 1.36
C THR A 530 17.30 -21.98 0.56
N LEU A 531 18.18 -22.79 1.17
CA LEU A 531 18.58 -24.03 0.52
C LEU A 531 17.61 -25.18 0.81
N MET A 532 16.97 -25.16 1.97
CA MET A 532 15.95 -26.15 2.27
C MET A 532 14.99 -25.62 3.33
N HIS A 533 13.72 -25.97 3.17
CA HIS A 533 12.65 -25.61 4.09
C HIS A 533 11.47 -26.55 3.80
N PRO A 534 10.69 -26.91 4.81
CA PRO A 534 9.54 -27.81 4.56
C PRO A 534 8.58 -27.31 3.50
N SER A 535 8.70 -26.06 3.06
CA SER A 535 7.89 -25.54 1.97
C SER A 535 8.48 -25.84 0.60
N LEU A 536 9.71 -26.34 0.53
CA LEU A 536 10.33 -26.73 -0.73
C LEU A 536 10.10 -28.21 -1.02
N THR A 537 10.30 -28.58 -2.28
CA THR A 537 10.21 -29.96 -2.69
C THR A 537 11.50 -30.70 -2.33
N ARG A 538 11.37 -32.00 -2.06
CA ARG A 538 12.53 -32.81 -1.71
C ARG A 538 13.59 -32.73 -2.81
N PRO A 539 14.88 -32.70 -2.44
CA PRO A 539 15.91 -32.52 -3.47
C PRO A 539 15.99 -33.67 -4.46
N TYR A 540 15.58 -34.87 -4.06
CA TYR A 540 15.71 -36.05 -4.91
C TYR A 540 14.74 -36.02 -6.09
N LEU A 541 13.65 -35.26 -6.00
CA LEU A 541 12.60 -35.25 -7.01
C LEU A 541 12.74 -34.14 -8.04
N LEU A 542 13.64 -33.19 -7.83
CA LEU A 542 13.64 -31.95 -8.58
C LEU A 542 14.31 -32.11 -9.95
N SER A 543 14.11 -31.10 -10.79
CA SER A 543 14.79 -30.97 -12.07
C SER A 543 15.58 -29.67 -12.20
N GLU A 544 15.11 -28.57 -11.61
CA GLU A 544 15.83 -27.31 -11.55
C GLU A 544 15.14 -26.39 -10.56
N PRO A 545 15.73 -26.16 -9.38
CA PRO A 545 15.03 -25.42 -8.33
C PRO A 545 15.34 -23.94 -8.37
N PRO A 546 14.39 -23.08 -7.97
CA PRO A 546 14.68 -21.65 -7.82
C PRO A 546 15.26 -21.30 -6.45
N LEU A 547 16.57 -21.37 -6.30
CA LEU A 547 17.21 -21.04 -5.03
C LEU A 547 16.99 -19.58 -4.63
N HIS A 548 16.78 -18.70 -5.61
CA HIS A 548 16.65 -17.26 -5.33
C HIS A 548 15.39 -16.94 -4.54
N THR A 549 15.33 -17.39 -3.28
CA THR A 549 14.17 -17.18 -2.41
C THR A 549 14.65 -16.93 -0.99
N ASP A 550 14.36 -15.74 -0.46
CA ASP A 550 14.76 -15.38 0.89
C ASP A 550 13.79 -15.95 1.91
N ILE A 551 14.31 -16.21 3.12
CA ILE A 551 13.49 -16.77 4.19
C ILE A 551 12.48 -15.79 4.74
N ILE A 552 12.63 -14.49 4.44
CA ILE A 552 11.61 -13.52 4.81
C ILE A 552 10.29 -13.84 4.12
N HIS A 553 10.32 -14.69 3.09
CA HIS A 553 9.13 -15.13 2.37
C HIS A 553 8.63 -16.49 2.85
N TYR A 554 9.49 -17.51 2.92
CA TYR A 554 9.05 -18.81 3.41
C TYR A 554 8.54 -18.73 4.83
N GLU A 555 9.34 -18.14 5.72
CA GLU A 555 8.98 -17.96 7.13
C GLU A 555 8.34 -16.59 7.34
N ASN A 556 7.52 -16.15 6.40
CA ASN A 556 6.93 -14.83 6.48
C ASN A 556 5.88 -14.81 7.59
N ILE A 557 6.03 -13.87 8.51
CA ILE A 557 5.25 -13.83 9.73
C ILE A 557 5.58 -12.48 10.38
N PRO A 558 4.63 -11.79 11.02
CA PRO A 558 4.96 -10.51 11.64
C PRO A 558 6.06 -10.65 12.67
N LYS A 559 7.01 -9.71 12.64
CA LYS A 559 8.14 -9.66 13.57
C LYS A 559 9.14 -10.78 13.31
N PHE A 560 9.26 -11.22 12.06
CA PHE A 560 10.32 -12.14 11.67
C PHE A 560 11.57 -11.41 11.20
N GLU A 561 11.41 -10.22 10.61
CA GLU A 561 12.55 -9.45 10.13
C GLU A 561 13.49 -9.04 11.26
N LEU A 562 13.02 -9.05 12.51
CA LEU A 562 13.89 -8.74 13.63
C LEU A 562 14.78 -9.93 13.99
N VAL A 563 14.25 -11.14 13.88
CA VAL A 563 15.06 -12.33 14.13
C VAL A 563 15.97 -12.61 12.93
N ARG A 564 15.51 -12.29 11.73
CA ARG A 564 16.35 -12.44 10.54
C ARG A 564 17.64 -11.63 10.66
N GLN A 565 17.61 -10.54 11.43
CA GLN A 565 18.83 -9.75 11.65
C GLN A 565 19.87 -10.52 12.46
N ASN A 566 19.45 -11.10 13.58
CA ASN A 566 20.40 -11.78 14.46
C ASN A 566 20.87 -13.12 13.90
N ILE A 567 20.13 -13.71 12.98
CA ILE A 567 20.57 -14.98 12.40
C ILE A 567 21.68 -14.76 11.39
N LEU A 568 21.59 -13.68 10.60
CA LEU A 568 22.56 -13.44 9.54
C LEU A 568 23.84 -12.79 10.07
N SER A 569 23.81 -12.21 11.27
CA SER A 569 24.97 -11.53 11.84
C SER A 569 25.60 -12.29 13.00
N LEU A 570 24.80 -12.82 13.92
CA LEU A 570 25.37 -13.56 15.05
C LEU A 570 25.67 -15.00 14.65
N PRO A 571 26.81 -15.55 15.09
CA PRO A 571 27.10 -16.95 14.77
C PRO A 571 26.06 -17.93 15.33
N LEU A 572 25.62 -17.75 16.57
CA LEU A 572 24.58 -18.58 17.14
C LEU A 572 23.74 -17.74 18.09
N GLY A 573 22.69 -18.35 18.61
CA GLY A 573 21.80 -17.67 19.53
C GLY A 573 20.45 -18.35 19.58
N SER A 574 19.60 -17.83 20.47
CA SER A 574 18.23 -18.29 20.60
C SER A 574 17.34 -17.10 20.93
N GLN A 575 16.07 -17.21 20.59
CA GLN A 575 15.13 -16.10 20.77
C GLN A 575 13.71 -16.60 20.64
N ILE A 576 12.82 -16.07 21.48
CA ILE A 576 11.39 -16.36 21.43
C ILE A 576 10.66 -15.10 20.98
N ILE A 577 9.61 -15.30 20.18
CA ILE A 577 8.74 -14.21 19.75
C ILE A 577 7.28 -14.64 19.95
N THR A 578 6.40 -13.65 19.99
CA THR A 578 4.97 -13.87 20.14
C THR A 578 4.27 -13.54 18.85
N VAL A 579 3.48 -14.49 18.34
CA VAL A 579 2.75 -14.30 17.08
C VAL A 579 1.28 -14.65 17.30
N PRO A 580 0.34 -13.84 16.79
CA PRO A 580 -1.06 -14.23 16.83
C PRO A 580 -1.32 -15.47 15.98
N VAL A 581 -2.28 -16.28 16.41
CA VAL A 581 -2.64 -17.49 15.68
C VAL A 581 -3.04 -17.15 14.26
N ASN A 582 -4.02 -16.27 14.10
CA ASN A 582 -4.34 -15.76 12.77
C ASN A 582 -3.20 -14.88 12.26
N SER A 583 -3.05 -14.86 10.92
CA SER A 583 -1.92 -14.26 10.24
C SER A 583 -0.64 -15.01 10.60
N SER A 584 -0.57 -16.27 10.17
CA SER A 584 0.56 -17.15 10.43
C SER A 584 0.49 -18.30 9.45
N LEU A 585 1.65 -18.78 9.01
CA LEU A 585 1.67 -19.91 8.10
C LEU A 585 1.25 -21.19 8.83
N SER A 586 0.89 -22.20 8.04
CA SER A 586 0.27 -23.40 8.62
C SER A 586 1.25 -24.22 9.45
N TRP A 587 2.55 -24.14 9.14
CA TRP A 587 3.53 -24.97 9.84
C TRP A 587 3.55 -24.69 11.34
N HIS A 588 3.20 -23.47 11.75
CA HIS A 588 3.13 -23.17 13.18
C HIS A 588 1.78 -23.55 13.77
N ILE A 589 0.72 -23.56 12.95
CA ILE A 589 -0.60 -23.93 13.46
C ILE A 589 -0.73 -25.44 13.63
N ASN A 590 -0.03 -26.22 12.80
CA ASN A 590 -0.07 -27.67 12.89
C ASN A 590 0.74 -28.22 14.06
N LYS A 591 1.31 -27.35 14.91
CA LYS A 591 2.17 -27.79 16.00
C LYS A 591 1.82 -27.11 17.31
N LEU A 592 0.62 -26.56 17.44
CA LEU A 592 0.15 -26.01 18.70
C LEU A 592 -0.30 -27.14 19.62
N ARG A 593 0.04 -27.03 20.90
CA ARG A 593 -0.25 -28.08 21.87
C ARG A 593 -1.11 -27.60 23.03
N GLU A 594 -1.59 -26.37 23.00
CA GLU A 594 -2.60 -25.90 23.94
C GLU A 594 -3.88 -25.57 23.16
N THR A 595 -4.99 -26.15 23.60
CA THR A 595 -6.27 -25.89 22.96
C THR A 595 -6.79 -24.51 23.34
N GLY A 596 -7.42 -23.85 22.37
CA GLY A 596 -8.00 -22.53 22.61
C GLY A 596 -6.98 -21.45 22.89
N LYS A 597 -6.15 -21.12 21.89
CA LYS A 597 -5.15 -20.07 22.01
C LYS A 597 -5.39 -18.98 20.98
N GLU A 598 -5.09 -17.74 21.38
CA GLU A 598 -5.18 -16.58 20.50
C GLU A 598 -3.83 -16.07 20.03
N ALA A 599 -2.76 -16.37 20.77
CA ALA A 599 -1.40 -16.07 20.35
C ALA A 599 -0.50 -17.18 20.88
N TYR A 600 0.68 -17.32 20.28
CA TYR A 600 1.55 -18.42 20.63
C TYR A 600 3.01 -17.99 20.53
N ASN A 601 3.86 -18.71 21.25
CA ASN A 601 5.31 -18.49 21.26
C ASN A 601 6.00 -19.43 20.29
N VAL A 602 7.09 -18.94 19.71
CA VAL A 602 7.99 -19.76 18.89
C VAL A 602 9.42 -19.40 19.26
N SER A 603 10.28 -20.40 19.33
CA SER A 603 11.68 -20.22 19.69
C SER A 603 12.56 -20.62 18.52
N TYR A 604 13.39 -19.68 18.06
CA TYR A 604 14.37 -19.93 17.01
C TYR A 604 15.75 -20.07 17.62
N ALA A 605 16.46 -21.15 17.28
CA ALA A 605 17.83 -21.36 17.69
C ALA A 605 18.65 -21.66 16.45
N TRP A 606 19.68 -20.85 16.21
CA TRP A 606 20.49 -20.96 15.01
C TRP A 606 21.97 -21.13 15.36
N LYS A 607 22.74 -21.55 14.36
CA LYS A 607 24.19 -21.69 14.50
C LYS A 607 24.78 -21.81 13.11
N MET A 608 25.93 -21.16 12.90
CA MET A 608 26.62 -21.26 11.63
C MET A 608 27.17 -22.66 11.42
N VAL A 609 27.16 -23.12 10.18
CA VAL A 609 27.90 -24.31 9.80
C VAL A 609 29.36 -23.92 9.69
N GLN A 610 30.21 -24.53 10.51
CA GLN A 610 31.58 -24.08 10.64
C GLN A 610 32.38 -24.35 9.38
N ASP A 611 33.27 -23.42 9.05
CA ASP A 611 34.17 -23.50 7.89
C ASP A 611 33.42 -23.36 6.56
N THR A 612 32.26 -22.71 6.56
CA THR A 612 31.53 -22.43 5.33
C THR A 612 30.58 -21.28 5.58
N SER A 613 29.85 -20.89 4.53
CA SER A 613 28.95 -19.74 4.57
C SER A 613 27.49 -20.16 4.69
N PHE A 614 27.19 -21.18 5.48
CA PHE A 614 25.83 -21.65 5.68
C PHE A 614 25.46 -21.56 7.16
N ILE A 615 24.16 -21.42 7.42
CA ILE A 615 23.63 -21.25 8.77
C ILE A 615 22.41 -22.15 8.94
N LEU A 616 22.40 -22.93 10.01
CA LEU A 616 21.30 -23.83 10.36
C LEU A 616 20.44 -23.20 11.46
N CYS A 617 19.17 -23.63 11.51
CA CYS A 617 18.25 -23.10 12.49
C CYS A 617 17.21 -24.16 12.84
N ILE A 618 16.78 -24.14 14.10
CA ILE A 618 15.73 -25.03 14.60
C ILE A 618 14.53 -24.17 15.03
N VAL A 619 13.35 -24.54 14.55
CA VAL A 619 12.11 -23.85 14.89
C VAL A 619 11.31 -24.75 15.82
N VAL A 620 10.98 -24.24 17.00
CA VAL A 620 10.20 -24.98 18.00
C VAL A 620 8.96 -24.16 18.33
N ILE A 621 7.79 -24.65 17.92
CA ILE A 621 6.53 -23.97 18.22
C ILE A 621 6.13 -24.30 19.66
N GLN A 622 5.88 -23.25 20.45
CA GLN A 622 5.57 -23.37 21.87
C GLN A 622 6.64 -24.16 22.59
N PRO A 623 7.77 -23.54 22.96
CA PRO A 623 8.83 -24.28 23.65
C PRO A 623 8.51 -24.62 25.09
N GLU A 624 7.57 -23.91 25.73
CA GLU A 624 7.30 -24.16 27.15
C GLU A 624 6.38 -25.35 27.36
N ILE A 625 5.51 -25.65 26.41
CA ILE A 625 4.59 -26.79 26.55
C ILE A 625 5.37 -28.07 26.27
N PRO A 626 5.24 -29.10 27.11
CA PRO A 626 5.99 -30.34 26.90
C PRO A 626 5.56 -31.03 25.61
N VAL A 627 6.54 -31.58 24.90
CA VAL A 627 6.31 -32.38 23.70
C VAL A 627 6.52 -33.85 24.06
N LYS A 628 5.60 -34.70 23.59
CA LYS A 628 5.62 -36.13 23.91
C LYS A 628 6.05 -36.94 22.70
N GLN A 629 6.82 -38.00 22.94
CA GLN A 629 7.10 -39.01 21.94
C GLN A 629 7.01 -40.39 22.60
N LEU A 630 6.72 -41.39 21.79
CA LEU A 630 6.44 -42.73 22.30
C LEU A 630 7.66 -43.33 22.98
N LYS A 631 7.47 -43.77 24.22
CA LYS A 631 8.53 -44.45 24.96
C LYS A 631 8.79 -45.82 24.36
N ASN A 632 10.04 -46.29 24.52
CA ASN A 632 10.44 -47.60 24.02
C ASN A 632 9.59 -48.72 24.60
N LEU A 633 8.74 -49.31 23.78
CA LEU A 633 7.95 -50.46 24.15
C LEU A 633 8.35 -51.65 23.29
N ASN A 634 8.03 -52.85 23.76
CA ASN A 634 8.51 -54.08 23.15
C ASN A 634 7.37 -55.10 23.05
N THR A 635 6.31 -54.72 22.35
CA THR A 635 5.18 -55.62 22.16
C THR A 635 5.53 -56.72 21.17
N VAL A 636 5.08 -57.94 21.47
CA VAL A 636 5.27 -59.06 20.55
C VAL A 636 4.26 -58.94 19.42
N PRO A 637 4.69 -59.06 18.16
CA PRO A 637 3.73 -58.95 17.05
C PRO A 637 2.71 -60.08 17.06
N SER A 638 1.45 -59.75 17.32
CA SER A 638 0.40 -60.76 17.31
C SER A 638 0.19 -61.30 15.91
N SER A 639 0.11 -60.41 14.92
CA SER A 639 0.15 -60.77 13.52
C SER A 639 1.54 -60.45 12.98
N LYS A 640 2.12 -61.39 12.24
CA LYS A 640 3.53 -61.28 11.86
C LYS A 640 3.73 -60.24 10.77
N LEU A 641 4.83 -59.50 10.88
CA LEU A 641 5.06 -58.31 10.07
C LEU A 641 5.41 -58.68 8.64
N LEU A 642 4.73 -58.04 7.69
CA LEU A 642 4.98 -58.24 6.26
C LEU A 642 5.42 -56.90 5.67
N TYR A 643 6.66 -56.83 5.20
CA TYR A 643 7.15 -55.62 4.58
C TYR A 643 6.55 -55.47 3.19
N HIS A 644 6.38 -54.22 2.76
CA HIS A 644 5.56 -53.91 1.59
C HIS A 644 6.23 -54.30 0.26
N ARG A 645 7.50 -54.71 0.28
CA ARG A 645 8.18 -55.11 -0.96
C ARG A 645 7.74 -56.53 -1.29
N LEU A 646 6.63 -56.65 -2.02
CA LEU A 646 6.11 -57.95 -2.43
C LEU A 646 6.80 -58.51 -3.66
N ASP A 647 7.61 -57.72 -4.36
CA ASP A 647 8.32 -58.23 -5.52
C ASP A 647 9.53 -59.08 -5.12
N LEU A 648 10.14 -58.78 -3.97
CA LEU A 648 11.29 -59.55 -3.49
C LEU A 648 10.88 -60.81 -2.74
N LEU A 649 9.62 -60.91 -2.31
CA LEU A 649 9.14 -62.09 -1.58
C LEU A 649 8.45 -63.09 -2.51
N GLY A 650 7.36 -62.68 -3.14
CA GLY A 650 6.66 -63.53 -4.09
C GLY A 650 5.93 -64.72 -3.48
N GLN A 651 6.05 -64.93 -2.17
CA GLN A 651 5.44 -66.10 -1.53
C GLN A 651 3.91 -66.03 -1.41
N PRO A 652 3.29 -64.86 -1.18
CA PRO A 652 1.82 -64.86 -1.08
C PRO A 652 1.18 -65.07 -2.44
N SER A 653 -0.07 -65.53 -2.39
CA SER A 653 -0.88 -65.61 -3.60
C SER A 653 -1.07 -64.21 -4.17
N ALA A 654 -0.25 -63.85 -5.15
CA ALA A 654 -0.19 -62.48 -5.62
C ALA A 654 -1.32 -62.19 -6.62
N CYS A 655 -1.56 -60.90 -6.84
CA CYS A 655 -2.63 -60.42 -7.72
C CYS A 655 -2.36 -58.95 -8.00
N LEU A 656 -3.22 -58.35 -8.81
CA LEU A 656 -3.07 -56.95 -9.22
C LEU A 656 -4.26 -56.14 -8.75
N HIS A 657 -3.98 -55.04 -8.05
CA HIS A 657 -4.99 -54.14 -7.50
C HIS A 657 -4.75 -52.78 -8.16
N PHE A 658 -5.48 -52.49 -9.23
CA PHE A 658 -5.27 -51.33 -10.10
C PHE A 658 -3.91 -51.50 -10.77
N LYS A 659 -2.99 -50.54 -10.64
CA LYS A 659 -1.64 -50.61 -11.20
C LYS A 659 -0.63 -51.00 -10.13
N GLN A 660 -1.01 -51.89 -9.22
CA GLN A 660 -0.22 -52.19 -8.03
C GLN A 660 -0.07 -53.69 -7.85
N LEU A 661 1.07 -54.09 -7.30
CA LEU A 661 1.29 -55.44 -6.80
C LEU A 661 0.86 -55.47 -5.34
N ALA A 662 -0.16 -56.28 -5.03
CA ALA A 662 -0.75 -56.27 -3.71
C ALA A 662 -1.20 -57.67 -3.33
N THR A 663 -1.72 -57.81 -2.12
CA THR A 663 -2.28 -59.05 -1.64
C THR A 663 -3.40 -58.74 -0.66
N LEU A 664 -4.39 -59.63 -0.62
CA LEU A 664 -5.53 -59.50 0.29
C LEU A 664 -5.39 -60.36 1.53
N GLU A 665 -4.29 -61.09 1.67
CA GLU A 665 -4.13 -62.02 2.79
C GLU A 665 -3.71 -61.31 4.07
N SER A 666 -2.91 -60.25 3.97
CA SER A 666 -2.47 -59.51 5.15
C SER A 666 -2.05 -58.11 4.72
N PRO A 667 -2.18 -57.12 5.59
CA PRO A 667 -1.67 -55.78 5.25
C PRO A 667 -0.15 -55.72 5.35
N THR A 668 0.41 -54.72 4.69
CA THR A 668 1.86 -54.52 4.66
C THR A 668 2.23 -53.28 5.45
N VAL A 669 3.55 -53.07 5.56
CA VAL A 669 4.11 -51.91 6.24
C VAL A 669 5.19 -51.31 5.36
N MET A 670 5.27 -49.98 5.33
CA MET A 670 6.24 -49.27 4.52
C MET A 670 7.12 -48.40 5.41
N LEU A 671 8.39 -48.26 5.00
CA LEU A 671 9.33 -47.33 5.62
C LEU A 671 9.80 -46.36 4.55
N SER A 672 9.46 -45.08 4.72
CA SER A 672 9.87 -44.07 3.76
C SER A 672 11.37 -43.82 3.87
N ALA A 673 11.87 -42.93 3.02
CA ALA A 673 13.30 -42.64 3.00
C ALA A 673 13.77 -41.97 4.29
N GLY A 674 12.89 -41.19 4.93
CA GLY A 674 13.28 -40.46 6.13
C GLY A 674 13.49 -41.34 7.35
N SER A 675 13.02 -42.57 7.32
CA SER A 675 13.10 -43.44 8.49
C SER A 675 14.50 -44.02 8.71
N PHE A 676 15.32 -44.09 7.67
CA PHE A 676 16.60 -44.77 7.76
C PHE A 676 17.69 -43.80 8.22
N SER A 677 18.79 -44.37 8.72
CA SER A 677 19.91 -43.55 9.19
C SER A 677 20.54 -42.74 8.07
N SER A 678 20.42 -43.21 6.83
CA SER A 678 20.94 -42.49 5.66
C SER A 678 19.88 -42.52 4.58
N PRO A 679 19.06 -41.47 4.45
CA PRO A 679 18.00 -41.48 3.44
C PRO A 679 18.52 -41.56 2.00
N TYR A 680 19.70 -41.01 1.73
CA TYR A 680 20.24 -41.06 0.37
C TYR A 680 20.64 -42.47 -0.02
N GLU A 681 21.29 -43.20 0.89
CA GLU A 681 21.70 -44.57 0.61
C GLU A 681 20.51 -45.51 0.41
N HIS A 682 19.32 -45.11 0.86
CA HIS A 682 18.12 -45.90 0.62
C HIS A 682 17.47 -45.57 -0.72
N LEU A 683 17.67 -44.35 -1.23
CA LEU A 683 17.08 -43.93 -2.49
C LEU A 683 17.97 -44.27 -3.69
N SER A 684 19.28 -44.11 -3.55
CA SER A 684 20.19 -44.38 -4.67
C SER A 684 20.47 -45.88 -4.81
N GLN A 685 20.88 -46.51 -3.72
CA GLN A 685 21.20 -47.94 -3.78
C GLN A 685 19.93 -48.77 -3.87
N PRO A 686 19.94 -49.85 -4.65
CA PRO A 686 18.80 -50.77 -4.65
C PRO A 686 18.63 -51.44 -3.30
N GLU A 687 17.42 -51.93 -3.06
CA GLU A 687 17.08 -52.61 -1.81
C GLU A 687 16.89 -54.09 -2.11
N THR A 688 17.76 -54.92 -1.55
CA THR A 688 17.78 -56.34 -1.88
C THR A 688 16.89 -57.14 -0.93
N LYS A 689 16.73 -58.42 -1.25
CA LYS A 689 15.95 -59.32 -0.40
C LYS A 689 16.59 -59.50 0.96
N ARG A 690 17.92 -59.41 1.04
CA ARG A 690 18.60 -59.51 2.32
C ARG A 690 18.30 -58.31 3.22
N MET A 691 18.21 -57.11 2.63
CA MET A 691 17.88 -55.94 3.42
C MET A 691 16.47 -56.03 4.00
N VAL A 692 15.54 -56.63 3.24
CA VAL A 692 14.17 -56.77 3.73
C VAL A 692 14.13 -57.73 4.92
N GLU A 693 15.01 -58.74 4.94
CA GLU A 693 14.98 -59.72 6.01
C GLU A 693 15.64 -59.21 7.28
N HIS A 694 16.70 -58.39 7.16
CA HIS A 694 17.25 -57.75 8.35
C HIS A 694 16.27 -56.75 8.95
N TYR A 695 15.50 -56.06 8.10
CA TYR A 695 14.53 -55.09 8.61
C TYR A 695 13.31 -55.77 9.20
N THR A 696 12.85 -56.86 8.58
CA THR A 696 11.70 -57.58 9.11
C THR A 696 12.03 -58.30 10.41
N ALA A 697 13.23 -58.88 10.50
CA ALA A 697 13.62 -59.57 11.72
C ALA A 697 13.85 -58.60 12.87
N TYR A 698 14.20 -57.35 12.57
CA TYR A 698 14.45 -56.36 13.60
C TYR A 698 13.18 -55.63 14.05
N LEU A 699 12.23 -55.40 13.15
CA LEU A 699 11.02 -54.67 13.53
C LEU A 699 10.11 -55.51 14.41
N SER A 700 10.01 -56.81 14.13
CA SER A 700 9.20 -57.72 14.93
C SER A 700 10.00 -58.40 16.02
N ASP A 701 11.24 -57.98 16.26
CA ASP A 701 12.11 -58.60 17.26
C ASP A 701 11.60 -58.25 18.65
N ASN A 702 10.89 -59.18 19.29
CA ASN A 702 10.44 -58.96 20.65
C ASN A 702 11.60 -58.97 21.65
N THR A 703 12.71 -59.61 21.30
CA THR A 703 13.89 -59.60 22.15
C THR A 703 14.68 -58.33 21.84
N ARG A 704 15.87 -58.19 22.42
CA ARG A 704 16.80 -57.13 22.07
C ARG A 704 18.19 -57.70 21.80
N LEU A 705 18.24 -58.71 20.92
CA LEU A 705 19.48 -59.32 20.49
C LEU A 705 19.92 -58.85 19.11
N ILE A 706 18.97 -58.56 18.22
CA ILE A 706 19.29 -58.14 16.86
C ILE A 706 19.67 -56.66 16.87
N ALA A 707 20.86 -56.34 16.37
CA ALA A 707 21.31 -54.97 16.32
C ALA A 707 20.54 -54.17 15.27
N ASN A 708 20.63 -52.86 15.39
CA ASN A 708 19.95 -51.94 14.47
C ASN A 708 20.54 -52.03 13.07
N PRO A 709 19.81 -52.52 12.07
CA PRO A 709 20.37 -52.63 10.72
C PRO A 709 20.43 -51.31 9.95
N GLY A 710 19.98 -50.20 10.53
CA GLY A 710 20.06 -48.92 9.88
C GLY A 710 18.80 -48.09 9.99
N LEU A 711 18.18 -48.09 11.16
CA LEU A 711 16.96 -47.34 11.41
C LEU A 711 17.23 -46.21 12.41
N LYS A 712 16.43 -45.16 12.32
CA LYS A 712 16.50 -44.06 13.26
C LYS A 712 15.84 -44.44 14.59
N PHE A 713 15.82 -43.49 15.52
CA PHE A 713 15.07 -43.65 16.76
C PHE A 713 13.59 -43.41 16.49
N SER A 714 12.75 -44.05 17.32
CA SER A 714 11.30 -44.01 17.25
C SER A 714 10.74 -44.72 16.02
N VAL A 715 11.57 -45.42 15.27
CA VAL A 715 11.09 -46.12 14.08
C VAL A 715 10.48 -47.46 14.45
N ARG A 716 11.21 -48.28 15.22
CA ARG A 716 10.66 -49.55 15.66
C ARG A 716 9.54 -49.38 16.67
N ASN A 717 9.57 -48.29 17.45
CA ASN A 717 8.55 -48.08 18.47
C ASN A 717 7.19 -47.78 17.83
N GLU A 718 7.18 -47.02 16.75
CA GLU A 718 5.92 -46.71 16.06
C GLU A 718 5.46 -47.83 15.14
N VAL A 719 6.31 -48.83 14.89
CA VAL A 719 5.84 -50.02 14.19
C VAL A 719 5.15 -50.98 15.16
N MET A 720 5.64 -51.05 16.41
CA MET A 720 5.04 -51.93 17.40
C MET A 720 3.79 -51.34 18.02
N ALA A 721 3.56 -50.04 17.88
CA ALA A 721 2.35 -49.41 18.38
C ALA A 721 1.22 -49.42 17.36
N THR A 722 1.53 -49.57 16.08
CA THR A 722 0.53 -49.59 15.03
C THR A 722 0.27 -51.00 14.49
N SER A 723 0.95 -52.02 15.02
CA SER A 723 0.71 -53.38 14.57
C SER A 723 -0.65 -53.91 15.00
N HIS A 724 -1.39 -53.16 15.82
CA HIS A 724 -2.71 -53.58 16.25
C HIS A 724 -3.77 -53.38 15.18
N VAL A 725 -3.49 -52.57 14.16
CA VAL A 725 -4.46 -52.37 13.08
C VAL A 725 -4.62 -53.63 12.24
N THR A 726 -3.65 -54.55 12.29
CA THR A 726 -3.75 -55.78 11.53
C THR A 726 -4.89 -56.66 12.03
N ASP A 727 -5.19 -56.59 13.33
CA ASP A 727 -6.31 -57.35 13.87
C ASP A 727 -7.64 -56.66 13.61
N GLU A 728 -7.65 -55.32 13.68
CA GLU A 728 -8.88 -54.57 13.44
C GLU A 728 -9.35 -54.73 12.00
N TRP A 729 -8.44 -54.59 11.04
CA TRP A 729 -8.83 -54.60 9.63
C TRP A 729 -9.30 -55.97 9.18
N MET A 730 -8.57 -57.03 9.57
CA MET A 730 -8.95 -58.38 9.14
C MET A 730 -10.29 -58.80 9.73
N THR A 731 -10.60 -58.39 10.95
CA THR A 731 -11.88 -58.73 11.55
C THR A 731 -13.03 -58.00 10.86
N GLN A 732 -12.85 -56.70 10.59
CA GLN A 732 -13.92 -55.92 9.98
C GLN A 732 -14.18 -56.34 8.54
N MET A 733 -13.15 -56.78 7.81
CA MET A 733 -13.33 -57.12 6.41
C MET A 733 -14.34 -58.24 6.19
N GLU A 734 -14.43 -59.19 7.12
CA GLU A 734 -15.28 -60.35 6.93
C GLU A 734 -16.70 -60.13 7.45
N MET A 735 -16.95 -59.06 8.20
CA MET A 735 -18.29 -58.73 8.67
C MET A 735 -18.78 -57.39 8.13
N SER A 736 -18.04 -56.77 7.22
CA SER A 736 -18.45 -55.53 6.58
C SER A 736 -19.18 -55.82 5.27
N SER A 737 -20.12 -54.94 4.93
CA SER A 737 -20.85 -55.03 3.67
C SER A 737 -20.29 -54.11 2.61
N LEU A 738 -19.17 -53.43 2.88
CA LEU A 738 -18.57 -52.48 1.96
C LEU A 738 -17.22 -52.98 1.44
N ASN A 739 -17.11 -54.29 1.19
CA ASN A 739 -15.87 -54.83 0.64
C ASN A 739 -15.66 -54.39 -0.80
N THR A 740 -16.75 -54.10 -1.53
CA THR A 740 -16.67 -53.73 -2.93
C THR A 740 -16.77 -52.22 -3.13
N TYR A 741 -16.71 -51.44 -2.06
CA TYR A 741 -16.76 -49.98 -2.17
C TYR A 741 -15.47 -49.30 -1.73
N ILE A 742 -14.67 -49.96 -0.89
CA ILE A 742 -13.46 -49.39 -0.32
C ILE A 742 -12.26 -49.88 -1.13
N VAL A 743 -11.48 -48.94 -1.66
CA VAL A 743 -10.34 -49.34 -2.49
C VAL A 743 -9.13 -49.69 -1.65
N ARG A 744 -8.92 -48.99 -0.53
CA ARG A 744 -7.84 -49.31 0.39
C ARG A 744 -8.09 -48.64 1.74
N ARG A 745 -7.14 -48.84 2.66
CA ARG A 745 -7.32 -48.50 4.07
C ARG A 745 -5.95 -48.45 4.70
N TYR A 746 -5.58 -47.31 5.30
CA TYR A 746 -4.19 -47.11 5.66
C TYR A 746 -4.04 -46.16 6.83
N ILE A 747 -2.84 -46.18 7.43
CA ILE A 747 -2.47 -45.34 8.55
C ILE A 747 -1.03 -44.89 8.35
N ALA A 748 -0.73 -43.67 8.80
CA ALA A 748 0.61 -43.10 8.61
C ALA A 748 1.07 -42.44 9.91
N THR A 749 2.39 -42.35 10.07
CA THR A 749 3.04 -41.76 11.22
C THR A 749 4.04 -40.71 10.76
N PRO A 750 4.36 -39.74 11.63
CA PRO A 750 5.33 -38.71 11.23
C PRO A 750 6.74 -39.24 11.01
N ASN A 751 7.11 -40.35 11.64
CA ASN A 751 8.47 -40.88 11.54
C ASN A 751 8.66 -41.86 10.39
N GLY A 752 7.67 -42.00 9.52
CA GLY A 752 7.85 -42.70 8.26
C GLY A 752 7.22 -44.07 8.15
N VAL A 753 6.37 -44.48 9.09
CA VAL A 753 5.73 -45.79 9.03
C VAL A 753 4.42 -45.65 8.26
N LEU A 754 4.16 -46.61 7.37
CA LEU A 754 2.95 -46.61 6.56
C LEU A 754 2.44 -48.05 6.46
N ARG A 755 1.28 -48.32 7.07
CA ARG A 755 0.59 -49.60 6.96
C ARG A 755 -0.63 -49.40 6.08
N ILE A 756 -0.79 -50.27 5.08
CA ILE A 756 -1.85 -50.13 4.08
C ILE A 756 -2.54 -51.48 3.90
N TYR A 757 -3.86 -51.45 3.69
CA TYR A 757 -4.63 -52.63 3.35
C TYR A 757 -5.63 -52.25 2.27
N PRO A 758 -5.68 -52.98 1.14
CA PRO A 758 -4.86 -54.16 0.81
C PRO A 758 -3.37 -53.85 0.69
N GLY A 759 -2.55 -54.63 1.39
CA GLY A 759 -1.11 -54.43 1.40
C GLY A 759 -0.50 -54.39 0.01
N SER A 760 0.00 -53.23 -0.39
CA SER A 760 0.42 -52.97 -1.75
C SER A 760 1.89 -52.56 -1.78
N LEU A 761 2.50 -52.75 -2.95
CA LEU A 761 3.87 -52.34 -3.21
C LEU A 761 3.90 -50.89 -3.68
N MET A 762 4.73 -50.08 -3.03
CA MET A 762 4.82 -48.65 -3.33
C MET A 762 6.23 -48.28 -3.74
N ASP A 763 6.34 -47.09 -4.35
CA ASP A 763 7.64 -46.55 -4.74
C ASP A 763 8.45 -46.18 -3.50
N LYS A 764 9.76 -46.35 -3.61
CA LYS A 764 10.63 -46.10 -2.46
C LYS A 764 10.60 -44.64 -2.03
N ALA A 765 10.39 -43.72 -2.98
CA ALA A 765 10.44 -42.29 -2.71
C ALA A 765 9.08 -41.71 -2.36
N PHE A 766 8.11 -42.55 -2.01
CA PHE A 766 6.78 -42.06 -1.64
C PHE A 766 6.75 -41.69 -0.16
N ASP A 767 6.35 -40.46 0.12
CA ASP A 767 6.30 -39.94 1.50
C ASP A 767 4.87 -39.56 1.84
N PRO A 768 4.20 -40.27 2.74
CA PRO A 768 2.82 -39.91 3.09
C PRO A 768 2.71 -38.60 3.85
N THR A 769 3.80 -38.12 4.45
CA THR A 769 3.76 -36.87 5.21
C THR A 769 3.62 -35.64 4.33
N ARG A 770 3.67 -35.80 3.00
CA ARG A 770 3.59 -34.68 2.08
C ARG A 770 2.32 -34.71 1.23
N ARG A 771 1.37 -35.57 1.58
CA ARG A 771 0.11 -35.65 0.87
C ARG A 771 -0.90 -34.67 1.46
N GLN A 772 -1.95 -34.39 0.68
CA GLN A 772 -2.94 -33.42 1.10
C GLN A 772 -3.81 -33.97 2.24
N TRP A 773 -4.23 -35.23 2.13
CA TRP A 773 -5.10 -35.80 3.15
C TRP A 773 -4.44 -35.82 4.53
N TYR A 774 -3.11 -35.94 4.57
CA TYR A 774 -2.40 -35.92 5.84
C TYR A 774 -2.23 -34.49 6.34
N LEU A 775 -1.83 -33.58 5.46
CA LEU A 775 -1.67 -32.18 5.84
C LEU A 775 -3.01 -31.51 6.13
N HIS A 776 -4.11 -32.06 5.62
CA HIS A 776 -5.43 -31.49 5.85
C HIS A 776 -6.07 -32.01 7.13
N ALA A 777 -5.72 -33.22 7.56
CA ALA A 777 -6.26 -33.76 8.80
C ALA A 777 -5.61 -33.12 10.02
N VAL A 778 -4.32 -32.83 9.95
CA VAL A 778 -3.62 -32.21 11.08
C VAL A 778 -4.13 -30.79 11.30
N ALA A 779 -4.53 -30.09 10.24
CA ALA A 779 -5.05 -28.74 10.38
C ALA A 779 -6.44 -28.72 11.03
N ASN A 780 -7.17 -29.85 10.98
CA ASN A 780 -8.49 -29.97 11.58
C ASN A 780 -8.44 -31.09 12.61
N PRO A 781 -7.96 -30.80 13.82
CA PRO A 781 -7.78 -31.86 14.81
C PRO A 781 -9.12 -32.39 15.32
N GLY A 782 -9.24 -33.72 15.34
CA GLY A 782 -10.43 -34.37 15.83
C GLY A 782 -11.57 -34.48 14.85
N LEU A 783 -11.61 -33.64 13.83
CA LEU A 783 -12.70 -33.62 12.87
C LEU A 783 -12.45 -34.62 11.75
N ILE A 784 -13.55 -35.16 11.20
CA ILE A 784 -13.47 -36.00 10.02
C ILE A 784 -13.20 -35.11 8.82
N SER A 785 -12.14 -35.40 8.08
CA SER A 785 -11.68 -34.55 6.99
C SER A 785 -11.94 -35.24 5.66
N LEU A 786 -12.77 -34.61 4.83
CA LEU A 786 -13.03 -35.08 3.46
C LEU A 786 -12.08 -34.37 2.51
N THR A 787 -11.23 -35.15 1.84
CA THR A 787 -10.26 -34.62 0.88
C THR A 787 -10.52 -35.24 -0.47
N GLY A 788 -10.57 -34.40 -1.51
CA GLY A 788 -10.80 -34.86 -2.85
C GLY A 788 -11.81 -34.01 -3.59
N PRO A 789 -12.12 -34.36 -4.85
CA PRO A 789 -11.54 -35.49 -5.58
C PRO A 789 -10.11 -35.26 -6.03
N TYR A 790 -9.26 -36.26 -5.83
CA TYR A 790 -7.83 -36.14 -6.03
C TYR A 790 -7.31 -37.42 -6.66
N LEU A 791 -6.27 -37.30 -7.48
CA LEU A 791 -5.76 -38.43 -8.25
C LEU A 791 -4.98 -39.36 -7.33
N ASP A 792 -5.41 -40.62 -7.26
CA ASP A 792 -4.82 -41.57 -6.34
C ASP A 792 -3.45 -42.02 -6.81
N VAL A 793 -2.59 -42.37 -5.85
CA VAL A 793 -1.22 -42.77 -6.18
C VAL A 793 -1.19 -44.17 -6.79
N GLY A 794 -2.03 -45.07 -6.27
CA GLY A 794 -2.03 -46.45 -6.72
C GLY A 794 -2.66 -46.68 -8.07
N GLY A 795 -2.88 -45.61 -8.84
CA GLY A 795 -3.50 -45.76 -10.14
C GLY A 795 -4.98 -46.04 -10.12
N ALA A 796 -5.64 -45.82 -8.98
CA ALA A 796 -7.07 -46.07 -8.86
C ALA A 796 -7.91 -44.95 -9.45
N GLY A 797 -7.29 -43.94 -10.06
CA GLY A 797 -8.05 -42.83 -10.61
C GLY A 797 -8.35 -41.78 -9.57
N TYR A 798 -9.48 -41.09 -9.75
CA TYR A 798 -9.89 -40.05 -8.83
C TYR A 798 -10.62 -40.66 -7.64
N VAL A 799 -10.18 -40.30 -6.43
CA VAL A 799 -10.69 -40.88 -5.21
C VAL A 799 -11.01 -39.78 -4.21
N VAL A 800 -11.79 -40.14 -3.19
CA VAL A 800 -12.13 -39.24 -2.09
C VAL A 800 -11.70 -39.91 -0.79
N THR A 801 -11.08 -39.14 0.09
CA THR A 801 -10.42 -39.67 1.27
C THR A 801 -11.05 -39.11 2.53
N ILE A 802 -11.35 -39.98 3.49
CA ILE A 802 -11.70 -39.59 4.85
C ILE A 802 -10.48 -39.79 5.72
N SER A 803 -9.99 -38.69 6.32
CA SER A 803 -8.81 -38.73 7.16
C SER A 803 -9.16 -38.19 8.55
N HIS A 804 -8.49 -38.74 9.57
CA HIS A 804 -8.75 -38.36 10.95
C HIS A 804 -7.48 -38.56 11.76
N THR A 805 -7.26 -37.68 12.72
CA THR A 805 -6.05 -37.71 13.55
C THR A 805 -6.28 -38.50 14.83
N ILE A 806 -5.21 -39.11 15.32
CA ILE A 806 -5.20 -39.80 16.61
C ILE A 806 -4.11 -39.17 17.46
N HIS A 807 -4.44 -38.87 18.72
CA HIS A 807 -3.57 -38.07 19.58
C HIS A 807 -2.95 -38.93 20.67
N SER A 808 -1.99 -38.32 21.37
CA SER A 808 -1.33 -38.99 22.48
C SER A 808 -2.33 -39.33 23.59
N SER A 809 -3.32 -38.47 23.79
CA SER A 809 -4.37 -38.73 24.77
C SER A 809 -5.66 -38.04 24.32
N SER A 810 -6.52 -37.71 25.27
CA SER A 810 -7.77 -37.03 24.96
C SER A 810 -8.00 -35.76 25.77
N THR A 811 -7.31 -35.58 26.90
CA THR A 811 -7.39 -34.31 27.62
C THR A 811 -6.76 -33.17 26.85
N GLN A 812 -5.90 -33.48 25.88
CA GLN A 812 -5.22 -32.47 25.06
C GLN A 812 -5.45 -32.82 23.59
N LEU A 813 -6.40 -32.12 22.96
CA LEU A 813 -6.78 -32.38 21.58
C LEU A 813 -6.45 -31.12 20.76
N SER A 814 -5.17 -30.97 20.46
CA SER A 814 -4.66 -29.89 19.63
C SER A 814 -3.95 -30.47 18.41
N SER A 815 -3.63 -29.59 17.47
CA SER A 815 -2.98 -30.03 16.23
C SER A 815 -1.60 -30.61 16.51
N GLY A 816 -0.89 -30.05 17.49
CA GLY A 816 0.47 -30.50 17.77
C GLY A 816 0.56 -31.84 18.47
N HIS A 817 -0.54 -32.28 19.09
CA HIS A 817 -0.57 -33.56 19.76
C HIS A 817 -0.95 -34.71 18.83
N THR A 818 -0.89 -34.48 17.52
CA THR A 818 -1.17 -35.54 16.55
C THR A 818 0.05 -36.45 16.44
N VAL A 819 -0.16 -37.75 16.67
CA VAL A 819 0.91 -38.73 16.56
C VAL A 819 0.73 -39.66 15.37
N ALA A 820 -0.44 -39.64 14.72
CA ALA A 820 -0.73 -40.45 13.55
C ALA A 820 -2.10 -40.05 13.03
N VAL A 821 -2.29 -40.24 11.72
CA VAL A 821 -3.60 -40.08 11.12
C VAL A 821 -3.95 -41.39 10.40
N MET A 822 -5.24 -41.61 10.23
CA MET A 822 -5.73 -42.75 9.47
C MET A 822 -6.50 -42.25 8.26
N GLY A 823 -6.51 -43.03 7.20
CA GLY A 823 -7.18 -42.65 5.98
C GLY A 823 -7.82 -43.84 5.32
N ILE A 824 -8.93 -43.57 4.63
CA ILE A 824 -9.66 -44.58 3.87
C ILE A 824 -10.12 -43.94 2.57
N ASP A 825 -9.81 -44.58 1.45
CA ASP A 825 -10.06 -44.01 0.14
C ASP A 825 -11.27 -44.69 -0.50
N PHE A 826 -12.13 -43.87 -1.11
CA PHE A 826 -13.34 -44.33 -1.78
C PHE A 826 -13.22 -44.04 -3.27
N THR A 827 -14.34 -44.17 -3.98
CA THR A 827 -14.39 -43.84 -5.39
C THR A 827 -15.05 -42.48 -5.59
N LEU A 828 -15.05 -42.03 -6.85
CA LEU A 828 -15.57 -40.71 -7.16
C LEU A 828 -17.10 -40.69 -7.18
N ARG A 829 -17.73 -41.78 -7.60
CA ARG A 829 -19.18 -41.86 -7.67
C ARG A 829 -19.82 -42.41 -6.39
N TYR A 830 -19.01 -42.91 -5.46
CA TYR A 830 -19.55 -43.48 -4.22
C TYR A 830 -20.41 -42.46 -3.47
N PHE A 831 -19.86 -41.27 -3.20
CA PHE A 831 -20.58 -40.29 -2.41
C PHE A 831 -21.82 -39.73 -3.10
N TYR A 832 -21.96 -39.93 -4.41
CA TYR A 832 -23.22 -39.62 -5.07
C TYR A 832 -24.19 -40.79 -5.02
N LYS A 833 -23.70 -42.01 -4.82
CA LYS A 833 -24.56 -43.15 -4.53
C LYS A 833 -25.10 -43.09 -3.10
N VAL A 834 -24.38 -42.41 -2.20
CA VAL A 834 -24.84 -42.26 -0.82
C VAL A 834 -25.98 -41.23 -0.74
N LEU A 835 -25.87 -40.14 -1.49
CA LEU A 835 -26.90 -39.10 -1.44
C LEU A 835 -28.23 -39.59 -1.99
N MET A 836 -28.20 -40.49 -2.98
CA MET A 836 -29.45 -40.96 -3.57
C MET A 836 -30.15 -41.99 -2.69
N ASP A 837 -29.39 -42.78 -1.92
CA ASP A 837 -29.98 -43.77 -1.03
C ASP A 837 -30.35 -43.17 0.32
N LEU A 838 -29.46 -42.39 0.91
CA LEU A 838 -29.73 -41.78 2.21
C LEU A 838 -30.82 -40.72 2.12
N LEU A 839 -30.69 -39.80 1.17
CA LEU A 839 -31.57 -38.64 1.11
C LEU A 839 -32.59 -38.83 -0.01
N PRO A 840 -33.87 -39.02 0.30
CA PRO A 840 -34.85 -39.31 -0.76
C PRO A 840 -35.13 -38.13 -1.68
N VAL A 841 -34.97 -36.88 -1.21
CA VAL A 841 -35.35 -35.72 -2.01
C VAL A 841 -34.54 -35.64 -3.30
N CYS A 842 -33.34 -36.23 -3.31
CA CYS A 842 -32.49 -36.16 -4.50
C CYS A 842 -33.03 -36.98 -5.67
N ASN A 843 -33.89 -37.97 -5.41
CA ASN A 843 -34.41 -38.85 -6.45
C ASN A 843 -35.73 -38.37 -7.04
N GLN A 844 -36.10 -37.09 -6.82
CA GLN A 844 -37.34 -36.59 -7.39
C GLN A 844 -37.28 -36.54 -8.91
N ASP A 845 -36.13 -36.16 -9.46
CA ASP A 845 -35.82 -36.34 -10.86
C ASP A 845 -34.42 -36.93 -10.99
N GLY A 846 -34.05 -37.28 -12.22
CA GLY A 846 -32.78 -37.95 -12.46
C GLY A 846 -31.56 -37.06 -12.36
N GLY A 847 -31.50 -36.23 -11.33
CA GLY A 847 -30.35 -35.35 -11.16
C GLY A 847 -30.18 -34.34 -12.28
N ASN A 848 -31.29 -33.75 -12.73
CA ASN A 848 -31.27 -32.80 -13.84
C ASN A 848 -31.56 -31.39 -13.34
N LYS A 849 -32.79 -31.11 -12.87
CA LYS A 849 -33.14 -29.81 -12.35
C LYS A 849 -33.09 -29.74 -10.82
N ILE A 850 -33.25 -30.88 -10.15
CA ILE A 850 -33.07 -30.97 -8.70
C ILE A 850 -31.82 -31.82 -8.48
N ARG A 851 -30.71 -31.17 -8.15
CA ARG A 851 -29.42 -31.82 -8.06
C ARG A 851 -28.90 -31.77 -6.62
N CYS A 852 -28.24 -32.84 -6.20
CA CYS A 852 -27.62 -32.92 -4.89
C CYS A 852 -26.11 -33.05 -5.06
N PHE A 853 -25.36 -32.52 -4.08
CA PHE A 853 -23.93 -32.41 -4.21
C PHE A 853 -23.30 -32.21 -2.84
N ILE A 854 -22.06 -32.68 -2.70
CA ILE A 854 -21.28 -32.54 -1.49
C ILE A 854 -19.99 -31.82 -1.83
N MET A 855 -19.64 -30.81 -1.03
CA MET A 855 -18.49 -29.96 -1.28
C MET A 855 -17.57 -29.96 -0.07
N GLU A 856 -16.26 -30.03 -0.32
CA GLU A 856 -15.28 -29.89 0.76
C GLU A 856 -15.05 -28.42 1.06
N ASP A 857 -14.13 -28.14 2.00
CA ASP A 857 -13.88 -26.77 2.42
C ASP A 857 -13.00 -25.99 1.44
N ARG A 858 -12.62 -26.59 0.32
CA ARG A 858 -11.85 -25.90 -0.71
C ARG A 858 -12.65 -25.60 -1.97
N GLY A 859 -13.84 -26.15 -2.11
CA GLY A 859 -14.71 -25.88 -3.24
C GLY A 859 -14.94 -27.05 -4.17
N TYR A 860 -14.18 -28.12 -4.04
CA TYR A 860 -14.31 -29.25 -4.94
C TYR A 860 -15.51 -30.12 -4.56
N LEU A 861 -16.11 -30.73 -5.57
CA LEU A 861 -17.30 -31.55 -5.39
C LEU A 861 -16.91 -33.02 -5.44
N VAL A 862 -17.21 -33.76 -4.36
CA VAL A 862 -16.95 -35.19 -4.33
C VAL A 862 -18.15 -35.99 -4.77
N ALA A 863 -19.32 -35.36 -4.92
CA ALA A 863 -20.52 -36.02 -5.40
C ALA A 863 -21.32 -35.03 -6.23
N HIS A 864 -21.69 -35.42 -7.44
CA HIS A 864 -22.41 -34.54 -8.35
C HIS A 864 -23.09 -35.40 -9.41
N PRO A 865 -24.26 -35.00 -9.90
CA PRO A 865 -24.93 -35.79 -10.95
C PRO A 865 -24.08 -35.99 -12.20
N THR A 866 -23.43 -34.94 -12.69
CA THR A 866 -22.59 -35.05 -13.88
C THR A 866 -21.17 -35.42 -13.47
N LEU A 867 -20.51 -36.23 -14.31
CA LEU A 867 -19.18 -36.71 -13.99
C LEU A 867 -18.09 -35.96 -14.74
N VAL A 868 -17.88 -36.29 -16.01
CA VAL A 868 -16.80 -35.74 -16.80
C VAL A 868 -17.33 -35.27 -18.15
N ASP A 869 -16.75 -34.18 -18.65
CA ASP A 869 -17.07 -33.68 -19.99
C ASP A 869 -16.20 -34.39 -21.04
N GLY A 872 -15.94 -29.78 -22.93
CA GLY A 872 -15.13 -30.34 -24.00
C GLY A 872 -13.81 -30.88 -23.51
N HIS A 873 -13.86 -31.98 -22.76
CA HIS A 873 -12.68 -32.64 -22.17
C HIS A 873 -11.89 -31.68 -21.28
N ALA A 874 -12.55 -30.64 -20.78
CA ALA A 874 -11.89 -29.59 -20.00
C ALA A 874 -12.96 -28.90 -19.18
N PRO A 875 -12.58 -28.04 -18.22
CA PRO A 875 -11.28 -27.56 -17.71
C PRO A 875 -10.48 -28.57 -16.90
N LEU A 876 -9.31 -28.14 -16.41
CA LEU A 876 -8.54 -28.97 -15.49
C LEU A 876 -9.17 -28.98 -14.11
N GLU A 877 -9.65 -27.83 -13.64
CA GLU A 877 -10.36 -27.73 -12.36
C GLU A 877 -11.86 -27.92 -12.55
N GLN A 878 -12.21 -28.90 -13.38
CA GLN A 878 -13.59 -29.18 -13.73
C GLN A 878 -14.41 -29.66 -12.53
N GLN A 879 -13.77 -30.28 -11.55
CA GLN A 879 -14.46 -30.81 -10.38
C GLN A 879 -14.80 -29.74 -9.34
N HIS A 880 -14.52 -28.47 -9.61
CA HIS A 880 -14.79 -27.41 -8.65
C HIS A 880 -16.20 -26.87 -8.82
N ILE A 881 -16.75 -26.32 -7.73
CA ILE A 881 -18.14 -25.87 -7.72
C ILE A 881 -18.35 -24.71 -8.68
N THR A 882 -17.29 -23.95 -8.97
CA THR A 882 -17.43 -22.78 -9.83
C THR A 882 -17.71 -23.14 -11.29
N HIS A 883 -17.35 -24.35 -11.72
CA HIS A 883 -17.60 -24.78 -13.09
C HIS A 883 -18.87 -25.62 -13.23
N LYS A 884 -19.24 -26.38 -12.21
CA LYS A 884 -20.43 -27.23 -12.29
C LYS A 884 -21.70 -26.50 -11.89
N GLU A 885 -21.61 -25.56 -10.95
CA GLU A 885 -22.75 -24.81 -10.46
C GLU A 885 -22.38 -23.33 -10.43
N PRO A 886 -22.45 -22.64 -11.58
CA PRO A 886 -21.98 -21.25 -11.61
C PRO A 886 -22.84 -20.30 -10.78
N LEU A 887 -24.15 -20.49 -10.75
CA LEU A 887 -25.01 -19.52 -10.09
C LEU A 887 -24.82 -19.56 -8.57
N VAL A 888 -24.66 -20.75 -7.98
CA VAL A 888 -24.43 -20.82 -6.55
C VAL A 888 -23.14 -20.11 -6.19
N ALA A 889 -22.13 -20.19 -7.07
CA ALA A 889 -20.83 -19.59 -6.77
C ALA A 889 -20.93 -18.08 -6.69
N ASN A 890 -21.68 -17.46 -7.59
CA ASN A 890 -21.86 -16.01 -7.53
C ASN A 890 -22.66 -15.60 -6.29
N ASP A 891 -23.61 -16.44 -5.87
CA ASP A 891 -24.45 -16.07 -4.73
C ASP A 891 -23.74 -16.28 -3.40
N ILE A 892 -22.96 -17.36 -3.27
CA ILE A 892 -22.28 -17.63 -2.00
C ILE A 892 -21.07 -16.72 -1.79
N LEU A 893 -20.54 -16.12 -2.86
CA LEU A 893 -19.49 -15.11 -2.68
C LEU A 893 -20.01 -13.87 -1.97
N ASN A 894 -21.33 -13.67 -1.92
CA ASN A 894 -21.92 -12.48 -1.32
C ASN A 894 -22.29 -12.66 0.16
N HIS A 895 -22.43 -13.89 0.62
CA HIS A 895 -22.68 -14.13 2.04
C HIS A 895 -21.45 -13.75 2.86
N PRO A 896 -21.54 -12.81 3.78
CA PRO A 896 -20.36 -12.36 4.51
C PRO A 896 -19.85 -13.41 5.50
N ASN A 897 -18.53 -13.40 5.69
CA ASN A 897 -17.84 -14.24 6.69
C ASN A 897 -17.97 -15.73 6.39
N PHE A 898 -18.35 -16.10 5.17
CA PHE A 898 -18.46 -17.50 4.79
C PHE A 898 -17.47 -17.93 3.72
N VAL A 899 -17.06 -17.03 2.83
CA VAL A 899 -16.12 -17.35 1.75
C VAL A 899 -14.94 -16.41 1.83
N LYS A 900 -13.74 -16.98 1.89
CA LYS A 900 -12.49 -16.22 1.96
C LYS A 900 -11.60 -16.66 0.79
N LYS A 901 -11.22 -15.70 -0.05
CA LYS A 901 -10.28 -15.97 -1.14
C LYS A 901 -8.86 -15.77 -0.63
N ASN A 902 -7.98 -16.71 -0.94
CA ASN A 902 -6.63 -16.73 -0.41
C ASN A 902 -5.60 -16.67 -1.53
N LEU A 903 -4.58 -15.83 -1.34
CA LEU A 903 -3.42 -15.76 -2.22
C LEU A 903 -2.19 -16.21 -1.43
N CYS A 904 -1.72 -17.42 -1.71
CA CYS A 904 -0.46 -17.90 -1.16
C CYS A 904 0.59 -17.93 -2.27
N ASN A 905 1.85 -17.88 -1.86
CA ASN A 905 2.97 -17.82 -2.79
C ASN A 905 3.70 -19.15 -2.75
N SER A 906 3.61 -19.91 -3.83
CA SER A 906 4.30 -21.19 -3.97
C SER A 906 5.54 -20.96 -4.84
N PHE A 907 6.72 -21.13 -4.24
CA PHE A 907 7.97 -20.87 -4.93
C PHE A 907 8.47 -22.06 -5.74
N SER A 908 7.87 -23.24 -5.58
CA SER A 908 8.33 -24.42 -6.29
C SER A 908 8.35 -24.19 -7.79
N ASP A 909 7.18 -23.91 -8.38
CA ASP A 909 7.07 -23.67 -9.82
C ASP A 909 6.87 -22.19 -10.14
N ARG A 910 7.31 -21.31 -9.24
CA ARG A 910 7.34 -19.86 -9.43
C ARG A 910 5.99 -19.32 -9.91
N THR A 911 4.94 -19.67 -9.15
CA THR A 911 3.59 -19.21 -9.43
C THR A 911 2.92 -18.77 -8.14
N VAL A 912 1.79 -18.08 -8.27
CA VAL A 912 0.97 -17.65 -7.14
C VAL A 912 -0.43 -18.23 -7.34
N GLN A 913 -0.88 -19.01 -6.36
CA GLN A 913 -2.11 -19.78 -6.48
C GLN A 913 -3.28 -19.04 -5.84
N ARG A 914 -4.46 -19.22 -6.43
CA ARG A 914 -5.72 -18.75 -5.89
C ARG A 914 -6.57 -19.94 -5.47
N SER A 915 -7.27 -19.80 -4.33
CA SER A 915 -8.11 -20.86 -3.81
C SER A 915 -9.08 -20.27 -2.80
N TYR A 916 -10.18 -20.99 -2.57
CA TYR A 916 -11.20 -20.59 -1.62
C TYR A 916 -11.07 -21.39 -0.33
N LYS A 917 -11.44 -20.76 0.78
CA LYS A 917 -11.49 -21.42 2.08
C LYS A 917 -12.84 -21.12 2.71
N PHE A 918 -13.70 -22.14 2.80
CA PHE A 918 -15.05 -21.97 3.32
C PHE A 918 -15.03 -22.09 4.84
N ASN A 919 -15.93 -21.34 5.48
CA ASN A 919 -15.94 -21.24 6.94
C ASN A 919 -16.45 -22.56 7.52
N THR A 920 -15.52 -23.37 8.03
CA THR A 920 -15.84 -24.71 8.52
C THR A 920 -16.55 -24.71 9.87
N SER A 921 -16.76 -23.55 10.49
CA SER A 921 -17.45 -23.46 11.77
C SER A 921 -18.83 -22.83 11.63
N LEU A 922 -19.45 -22.97 10.46
CA LEU A 922 -20.78 -22.44 10.24
C LEU A 922 -21.84 -23.30 10.95
N VAL A 923 -22.89 -22.65 11.42
CA VAL A 923 -24.06 -23.32 11.96
C VAL A 923 -25.30 -22.74 11.27
N GLY A 924 -26.21 -23.61 10.86
CA GLY A 924 -27.44 -23.18 10.22
C GLY A 924 -27.38 -23.26 8.71
N ASP A 925 -28.42 -22.70 8.10
CA ASP A 925 -28.60 -22.75 6.65
C ASP A 925 -28.10 -21.49 5.97
N LEU A 926 -27.94 -21.59 4.65
CA LEU A 926 -27.66 -20.46 3.78
C LEU A 926 -28.50 -20.61 2.52
N THR A 927 -29.25 -19.56 2.17
CA THR A 927 -30.12 -19.60 1.01
C THR A 927 -29.89 -18.38 0.13
N ASN A 928 -30.71 -18.22 -0.91
CA ASN A 928 -30.56 -17.09 -1.82
C ASN A 928 -30.70 -15.77 -1.08
N LEU A 929 -29.72 -14.89 -1.27
CA LEU A 929 -29.70 -13.57 -0.65
C LEU A 929 -29.87 -12.43 -1.65
N VAL A 930 -29.23 -12.54 -2.81
CA VAL A 930 -29.28 -11.49 -3.82
C VAL A 930 -29.59 -12.09 -5.18
N HIS A 931 -28.72 -12.98 -5.66
CA HIS A 931 -28.88 -13.61 -6.96
C HIS A 931 -29.70 -14.88 -6.85
N GLY A 932 -30.17 -15.35 -8.00
CA GLY A 932 -30.94 -16.58 -8.06
C GLY A 932 -32.22 -16.56 -7.25
N SER A 933 -32.76 -15.38 -6.94
CA SER A 933 -33.97 -15.30 -6.15
C SER A 933 -35.19 -15.86 -6.88
N HIS A 934 -35.11 -16.04 -8.20
CA HIS A 934 -36.27 -16.45 -8.98
C HIS A 934 -36.10 -17.80 -9.67
N CYS A 935 -34.98 -18.01 -10.37
CA CYS A 935 -34.86 -19.17 -11.26
C CYS A 935 -34.16 -20.36 -10.63
N SER A 936 -33.49 -20.22 -9.49
CA SER A 936 -32.71 -21.33 -8.95
C SER A 936 -32.63 -21.18 -7.43
N LYS A 937 -33.50 -21.90 -6.73
CA LYS A 937 -33.48 -21.95 -5.28
C LYS A 937 -32.36 -22.86 -4.79
N TYR A 938 -31.80 -22.54 -3.63
CA TYR A 938 -30.67 -23.27 -3.08
C TYR A 938 -30.78 -23.37 -1.57
N ARG A 939 -30.26 -24.48 -1.03
CA ARG A 939 -30.16 -24.69 0.41
C ARG A 939 -28.79 -25.29 0.69
N LEU A 940 -28.02 -24.64 1.57
CA LEU A 940 -26.67 -25.10 1.91
C LEU A 940 -26.51 -25.09 3.42
N THR A 941 -25.99 -26.20 3.95
CA THR A 941 -25.68 -26.30 5.37
C THR A 941 -24.44 -27.15 5.55
N ARG A 942 -23.92 -27.17 6.77
CA ARG A 942 -22.74 -27.96 7.09
C ARG A 942 -23.13 -29.32 7.65
N ILE A 943 -22.41 -30.35 7.20
CA ILE A 943 -22.54 -31.68 7.79
C ILE A 943 -21.89 -31.63 9.16
N PRO A 944 -22.60 -31.95 10.23
CA PRO A 944 -22.06 -31.75 11.58
C PRO A 944 -20.80 -32.57 11.83
N GLY A 945 -19.81 -31.92 12.43
CA GLY A 945 -18.60 -32.58 12.87
C GLY A 945 -17.57 -32.87 11.80
N THR A 946 -17.72 -32.31 10.60
CA THR A 946 -16.75 -32.52 9.53
C THR A 946 -16.50 -31.21 8.80
N ASN A 947 -15.68 -31.27 7.76
CA ASN A 947 -15.32 -30.10 6.96
C ASN A 947 -16.01 -30.11 5.59
N ALA A 948 -17.12 -30.82 5.46
CA ALA A 948 -17.84 -30.91 4.21
C ALA A 948 -19.18 -30.20 4.30
N PHE A 949 -19.77 -29.92 3.15
CA PHE A 949 -21.05 -29.23 3.06
C PHE A 949 -21.98 -30.00 2.11
N VAL A 950 -23.25 -30.06 2.47
CA VAL A 950 -24.28 -30.68 1.65
C VAL A 950 -25.21 -29.58 1.14
N GLY A 951 -25.55 -29.65 -0.14
CA GLY A 951 -26.36 -28.62 -0.77
C GLY A 951 -27.28 -29.20 -1.80
N ILE A 952 -28.41 -28.52 -2.01
CA ILE A 952 -29.40 -28.91 -3.00
C ILE A 952 -29.72 -27.69 -3.87
N VAL A 953 -29.97 -27.93 -5.16
CA VAL A 953 -30.33 -26.90 -6.11
C VAL A 953 -31.66 -27.28 -6.75
N ASN A 954 -32.60 -26.33 -6.79
CA ASN A 954 -33.87 -26.53 -7.48
C ASN A 954 -33.93 -25.55 -8.65
N GLU A 955 -33.57 -26.04 -9.83
CA GLU A 955 -33.63 -25.23 -11.05
C GLU A 955 -35.05 -25.29 -11.59
N THR A 956 -35.81 -24.22 -11.37
CA THR A 956 -37.19 -24.14 -11.87
C THR A 956 -37.31 -23.38 -13.18
N CYS A 957 -36.38 -22.46 -13.47
CA CYS A 957 -36.33 -21.82 -14.77
C CYS A 957 -34.87 -21.55 -15.13
N ASP A 958 -34.61 -21.53 -16.43
CA ASP A 958 -33.25 -21.37 -16.92
C ASP A 958 -32.68 -20.01 -16.51
N SER A 959 -31.44 -20.03 -16.03
CA SER A 959 -30.74 -18.81 -15.62
C SER A 959 -29.30 -18.92 -16.06
N LEU A 960 -28.77 -17.83 -16.61
CA LEU A 960 -27.44 -17.81 -17.20
C LEU A 960 -26.47 -17.14 -16.23
N ALA A 961 -25.47 -17.89 -15.78
CA ALA A 961 -24.43 -17.39 -14.89
C ALA A 961 -23.09 -17.94 -15.34
N PHE A 962 -22.04 -17.15 -15.12
CA PHE A 962 -20.72 -17.47 -15.65
C PHE A 962 -19.65 -17.32 -14.59
N CYS A 963 -18.74 -18.31 -14.55
CA CYS A 963 -17.52 -18.24 -13.76
C CYS A 963 -16.36 -18.63 -14.68
N ALA A 964 -15.44 -17.68 -14.90
CA ALA A 964 -14.33 -17.91 -15.82
C ALA A 964 -13.47 -19.07 -15.38
N CYS A 965 -13.29 -20.06 -16.26
CA CYS A 965 -12.48 -21.22 -15.95
C CYS A 965 -11.82 -21.71 -17.23
N SER A 966 -10.49 -21.70 -17.25
CA SER A 966 -9.73 -22.01 -18.45
C SER A 966 -9.90 -23.45 -18.88
N MET A 967 -10.15 -23.66 -20.18
CA MET A 967 -10.34 -24.99 -20.75
C MET A 967 -9.14 -25.44 -21.57
N VAL A 968 -8.00 -24.75 -21.48
CA VAL A 968 -6.79 -25.15 -22.18
C VAL A 968 -5.62 -25.13 -21.21
N ASP A 969 -5.70 -24.24 -20.22
CA ASP A 969 -4.63 -24.10 -19.23
C ASP A 969 -5.20 -24.09 -17.82
N ARG A 970 -4.49 -23.45 -16.90
CA ARG A 970 -5.01 -23.08 -15.59
C ARG A 970 -5.04 -21.58 -15.38
N LEU A 971 -4.67 -20.79 -16.38
CA LEU A 971 -4.41 -19.37 -16.20
C LEU A 971 -5.61 -18.62 -15.65
N CYS A 972 -5.35 -17.68 -14.75
CA CYS A 972 -6.35 -16.68 -14.40
C CYS A 972 -6.57 -15.74 -15.58
N LEU A 973 -7.73 -15.08 -15.58
CA LEU A 973 -8.00 -14.10 -16.63
C LEU A 973 -7.17 -12.84 -16.43
N ASN A 974 -7.15 -12.31 -15.20
CA ASN A 974 -6.51 -11.04 -14.90
C ASN A 974 -5.49 -11.25 -13.78
N CYS A 975 -4.21 -11.23 -14.15
CA CYS A 975 -3.13 -11.30 -13.16
C CYS A 975 -2.60 -9.92 -12.82
N HIS A 976 -3.51 -9.01 -12.48
CA HIS A 976 -3.19 -7.70 -11.94
C HIS A 976 -3.81 -7.49 -10.57
N ARG A 977 -5.08 -7.85 -10.40
CA ARG A 977 -5.77 -7.72 -9.13
C ARG A 977 -6.65 -8.94 -8.90
N MET A 978 -7.07 -9.11 -7.64
CA MET A 978 -7.90 -10.22 -7.23
C MET A 978 -9.10 -9.66 -6.49
N GLU A 979 -10.30 -10.10 -6.87
CA GLU A 979 -11.54 -9.57 -6.33
C GLU A 979 -12.30 -10.66 -5.60
N GLN A 980 -12.96 -10.27 -4.50
CA GLN A 980 -13.70 -11.24 -3.70
C GLN A 980 -14.96 -11.69 -4.42
N ASN A 981 -15.65 -10.78 -5.09
CA ASN A 981 -16.93 -11.08 -5.73
C ASN A 981 -16.78 -11.59 -7.16
N GLU A 982 -15.59 -11.51 -7.74
CA GLU A 982 -15.34 -12.01 -9.08
C GLU A 982 -15.16 -13.52 -9.03
N CYS A 983 -16.10 -14.25 -9.63
CA CYS A 983 -16.08 -15.71 -9.59
C CYS A 983 -15.13 -16.27 -10.64
N GLU A 984 -14.24 -17.15 -10.21
CA GLU A 984 -13.33 -17.83 -11.12
C GLU A 984 -12.78 -19.07 -10.43
N CYS A 985 -12.63 -20.15 -11.19
CA CYS A 985 -12.14 -21.40 -10.62
C CYS A 985 -10.68 -21.24 -10.21
N PRO A 986 -10.19 -22.09 -9.28
CA PRO A 986 -8.80 -21.96 -8.81
C PRO A 986 -7.79 -21.86 -9.93
N CYS A 987 -7.02 -20.78 -9.94
CA CYS A 987 -6.09 -20.48 -11.04
C CYS A 987 -4.84 -19.84 -10.45
N GLU A 988 -3.85 -19.59 -11.30
CA GLU A 988 -2.55 -19.13 -10.85
C GLU A 988 -2.18 -17.79 -11.51
N CYS A 989 -1.14 -17.17 -10.96
CA CYS A 989 -0.46 -16.03 -11.54
C CYS A 989 1.03 -16.21 -11.31
N PRO A 990 1.87 -15.76 -12.26
CA PRO A 990 3.30 -16.09 -12.19
C PRO A 990 4.04 -15.46 -11.02
N LEU A 991 4.52 -14.24 -11.19
CA LEU A 991 5.39 -13.61 -10.20
C LEU A 991 4.93 -12.20 -9.87
N GLU A 992 5.07 -11.84 -8.60
CA GLU A 992 4.89 -10.48 -8.07
C GLU A 992 6.13 -10.07 -7.30
N VAL A 993 7.27 -10.18 -7.97
CA VAL A 993 8.55 -9.78 -7.40
C VAL A 993 9.25 -8.87 -8.40
N ASN A 994 10.56 -8.71 -8.25
CA ASN A 994 11.35 -8.02 -9.27
C ASN A 994 12.76 -8.58 -9.25
N GLU A 995 13.27 -8.90 -10.43
CA GLU A 995 14.62 -9.43 -10.58
C GLU A 995 15.68 -8.35 -10.50
N CYS A 996 15.48 -7.37 -9.62
CA CYS A 996 16.35 -6.20 -9.56
C CYS A 996 16.83 -6.01 -8.12
N THR A 997 15.90 -5.95 -7.16
CA THR A 997 16.24 -5.84 -5.75
C THR A 997 15.94 -7.09 -4.94
N GLY A 998 15.03 -7.95 -5.40
CA GLY A 998 14.77 -9.20 -4.73
C GLY A 998 13.70 -9.17 -3.67
N ASN A 999 12.70 -8.31 -3.82
CA ASN A 999 11.60 -8.22 -2.87
C ASN A 999 10.27 -8.48 -3.60
N LEU A 1000 9.17 -8.18 -2.94
CA LEU A 1000 7.85 -8.31 -3.52
C LEU A 1000 7.40 -6.95 -4.07
N THR A 1001 6.93 -6.94 -5.32
CA THR A 1001 6.53 -5.72 -5.99
C THR A 1001 5.47 -4.99 -5.17
N ASN A 1002 4.26 -5.52 -5.15
CA ASN A 1002 3.28 -5.08 -4.17
C ASN A 1002 3.69 -5.57 -2.78
N ALA A 1003 3.07 -5.00 -1.76
CA ALA A 1003 3.30 -5.46 -0.40
C ALA A 1003 2.68 -6.85 -0.20
N GLU A 1004 3.10 -7.81 -1.01
CA GLU A 1004 2.59 -9.18 -0.93
C GLU A 1004 3.18 -9.96 0.23
N ASN A 1005 3.43 -9.31 1.36
CA ASN A 1005 3.87 -10.04 2.55
C ASN A 1005 2.71 -10.79 3.18
N ARG A 1006 1.78 -11.27 2.36
CA ARG A 1006 0.82 -12.28 2.79
C ARG A 1006 1.59 -13.43 3.43
N ASN A 1007 0.99 -14.06 4.44
CA ASN A 1007 1.54 -15.30 4.96
C ASN A 1007 1.44 -16.39 3.89
N PRO A 1008 2.52 -16.69 3.19
CA PRO A 1008 2.38 -17.43 1.93
C PRO A 1008 2.68 -18.91 2.10
N SER A 1009 3.71 -19.38 1.41
CA SER A 1009 4.16 -20.77 1.50
C SER A 1009 3.01 -21.72 1.22
N CYS A 1010 2.66 -21.89 -0.05
CA CYS A 1010 1.68 -22.91 -0.38
C CYS A 1010 2.21 -24.31 -0.08
N GLU A 1011 3.47 -24.43 0.33
CA GLU A 1011 4.06 -25.68 0.81
C GLU A 1011 4.10 -26.72 -0.29
N VAL A 1012 4.66 -26.32 -1.43
CA VAL A 1012 4.61 -27.10 -2.67
C VAL A 1012 3.14 -27.41 -2.95
N HIS A 1013 2.64 -28.50 -2.36
CA HIS A 1013 1.28 -28.99 -2.55
C HIS A 1013 1.00 -29.29 -4.03
N GLN A 1014 1.97 -29.00 -4.89
CA GLN A 1014 1.90 -29.45 -6.28
C GLN A 1014 2.29 -30.92 -6.37
N GLU A 1015 3.41 -31.28 -5.72
CA GLU A 1015 3.92 -32.64 -5.60
C GLU A 1015 3.93 -33.34 -6.96
N PRO A 1016 4.95 -33.09 -7.79
CA PRO A 1016 4.93 -33.56 -9.18
C PRO A 1016 4.57 -35.02 -9.33
N VAL A 1017 3.38 -35.28 -9.90
CA VAL A 1017 2.91 -36.64 -10.06
C VAL A 1017 3.76 -37.37 -11.08
N THR A 1018 4.24 -38.56 -10.73
CA THR A 1018 5.13 -39.31 -11.61
C THR A 1018 4.31 -40.20 -12.56
N TYR A 1019 4.83 -41.37 -12.87
CA TYR A 1019 4.17 -42.30 -13.77
C TYR A 1019 4.77 -43.70 -13.60
N THR A 1020 5.06 -44.09 -12.37
CA THR A 1020 5.72 -45.36 -12.09
C THR A 1020 4.75 -46.50 -12.39
N ALA A 1021 4.96 -47.18 -13.51
CA ALA A 1021 4.13 -48.31 -13.90
C ALA A 1021 4.76 -49.61 -13.39
N ILE A 1022 4.47 -50.73 -14.03
CA ILE A 1022 5.04 -52.02 -13.65
C ILE A 1022 5.92 -52.51 -14.80
N ASP A 1023 5.42 -53.46 -15.58
CA ASP A 1023 6.14 -53.98 -16.73
C ASP A 1023 5.24 -54.85 -17.60
N PRO A 1024 5.47 -54.91 -18.90
CA PRO A 1024 4.70 -55.84 -19.75
C PRO A 1024 5.14 -57.28 -19.53
N GLY A 1025 4.27 -58.19 -19.96
CA GLY A 1025 4.47 -59.62 -19.75
C GLY A 1025 3.96 -60.12 -18.41
N LEU A 1026 4.02 -59.27 -17.38
CA LEU A 1026 3.46 -59.58 -16.06
C LEU A 1026 2.11 -58.95 -15.83
N GLN A 1027 1.68 -58.03 -16.72
CA GLN A 1027 0.38 -57.40 -16.57
C GLN A 1027 -0.76 -58.37 -16.87
N ASP A 1028 -0.53 -59.36 -17.73
CA ASP A 1028 -1.57 -60.29 -18.13
C ASP A 1028 -1.48 -61.64 -17.43
N ALA A 1029 -0.40 -61.90 -16.69
CA ALA A 1029 -0.23 -63.16 -15.98
C ALA A 1029 -1.04 -63.24 -14.69
N LEU A 1030 -1.75 -62.18 -14.31
CA LEU A 1030 -2.52 -62.15 -13.07
C LEU A 1030 -3.87 -61.51 -13.32
N GLN A 1031 -4.83 -61.84 -12.46
CA GLN A 1031 -6.14 -61.21 -12.47
C GLN A 1031 -6.25 -60.18 -11.34
N GLN A 1032 -7.37 -59.46 -11.36
CA GLN A 1032 -7.68 -58.55 -10.27
C GLN A 1032 -7.77 -59.31 -8.95
N CYS A 1033 -7.32 -58.67 -7.87
CA CYS A 1033 -7.40 -59.26 -6.54
C CYS A 1033 -8.85 -59.53 -6.18
N VAL A 1034 -9.60 -58.48 -5.87
CA VAL A 1034 -11.04 -58.59 -5.71
C VAL A 1034 -11.67 -58.68 -7.09
N ASN A 1035 -11.63 -59.88 -7.68
CA ASN A 1035 -12.15 -60.07 -9.04
C ASN A 1035 -13.66 -59.93 -9.05
N SER A 1036 -14.16 -58.74 -8.68
CA SER A 1036 -15.57 -58.45 -8.73
C SER A 1036 -16.02 -58.34 -10.18
N ARG A 1037 -16.42 -59.47 -10.76
CA ARG A 1037 -16.89 -59.51 -12.15
C ARG A 1037 -17.96 -58.45 -12.37
N CYS A 1038 -17.68 -57.53 -13.31
CA CYS A 1038 -18.52 -56.35 -13.42
C CYS A 1038 -19.86 -56.66 -14.08
N ASN A 1039 -19.83 -57.32 -15.24
CA ASN A 1039 -21.04 -57.52 -16.03
C ASN A 1039 -21.98 -58.58 -15.45
N GLN A 1040 -21.83 -58.90 -14.16
CA GLN A 1040 -22.86 -59.64 -13.43
C GLN A 1040 -23.59 -58.74 -12.45
N ARG A 1041 -23.25 -57.45 -12.40
CA ARG A 1041 -24.01 -56.46 -11.66
C ARG A 1041 -25.01 -55.82 -12.63
N MET A 1042 -26.26 -55.67 -12.18
CA MET A 1042 -27.37 -55.39 -13.07
C MET A 1042 -27.79 -53.92 -13.07
N GLU A 1043 -27.96 -53.32 -11.91
CA GLU A 1043 -28.47 -51.96 -11.77
C GLU A 1043 -27.36 -51.01 -11.34
N SER A 1044 -27.62 -49.71 -11.50
CA SER A 1044 -26.62 -48.69 -11.19
C SER A 1044 -26.23 -48.70 -9.72
N GLY A 1045 -27.14 -49.09 -8.83
CA GLY A 1045 -26.83 -49.14 -7.41
C GLY A 1045 -25.84 -50.22 -7.02
N ASP A 1046 -25.57 -51.17 -7.92
CA ASP A 1046 -24.65 -52.27 -7.65
C ASP A 1046 -23.30 -52.12 -8.34
N CYS A 1047 -23.16 -51.14 -9.23
CA CYS A 1047 -21.92 -50.92 -9.97
C CYS A 1047 -21.20 -49.65 -9.56
N PHE A 1048 -21.93 -48.64 -9.09
CA PHE A 1048 -21.31 -47.44 -8.53
C PHE A 1048 -20.48 -47.80 -7.31
N GLY A 1049 -19.21 -47.41 -7.32
CA GLY A 1049 -18.33 -47.59 -6.19
C GLY A 1049 -17.40 -48.79 -6.31
N VAL A 1050 -17.74 -49.77 -7.15
CA VAL A 1050 -16.86 -50.92 -7.34
C VAL A 1050 -15.58 -50.45 -7.99
N LEU A 1051 -14.44 -50.90 -7.44
CA LEU A 1051 -13.17 -50.25 -7.73
C LEU A 1051 -12.72 -50.45 -9.17
N ASP A 1052 -12.91 -51.65 -9.72
CA ASP A 1052 -12.48 -51.93 -11.09
C ASP A 1052 -13.65 -52.00 -12.08
N CYS A 1053 -14.76 -51.36 -11.75
CA CYS A 1053 -15.92 -51.34 -12.64
C CYS A 1053 -16.34 -49.89 -12.89
N GLU A 1054 -17.29 -49.72 -13.80
CA GLU A 1054 -17.86 -48.42 -14.09
C GLU A 1054 -19.17 -48.62 -14.84
N TRP A 1055 -20.13 -47.72 -14.58
CA TRP A 1055 -21.47 -47.82 -15.13
C TRP A 1055 -21.51 -47.07 -16.46
N CYS A 1056 -21.66 -47.80 -17.56
CA CYS A 1056 -21.58 -47.22 -18.90
C CYS A 1056 -22.94 -46.64 -19.27
N VAL A 1057 -23.00 -45.32 -19.46
CA VAL A 1057 -24.24 -44.63 -19.78
C VAL A 1057 -24.25 -44.03 -21.18
N VAL A 1058 -23.08 -43.73 -21.76
CA VAL A 1058 -23.00 -43.04 -23.04
C VAL A 1058 -22.32 -43.95 -24.06
N ASP A 1059 -22.84 -43.94 -25.28
CA ASP A 1059 -22.26 -44.73 -26.36
C ASP A 1059 -20.92 -44.13 -26.81
N SER A 1060 -20.21 -44.88 -27.65
CA SER A 1060 -18.85 -44.52 -28.04
C SER A 1060 -18.81 -43.41 -29.08
N ASP A 1061 -19.60 -42.35 -28.88
CA ASP A 1061 -19.68 -41.29 -29.88
C ASP A 1061 -20.26 -40.00 -29.30
N GLY A 1062 -19.74 -39.53 -28.18
CA GLY A 1062 -20.09 -38.23 -27.66
C GLY A 1062 -21.20 -38.21 -26.63
N LYS A 1063 -22.45 -38.09 -27.09
CA LYS A 1063 -23.61 -37.95 -26.20
C LYS A 1063 -24.79 -38.75 -26.75
N THR A 1064 -24.60 -40.05 -26.94
CA THR A 1064 -25.65 -40.95 -27.41
C THR A 1064 -26.07 -41.84 -26.23
N HIS A 1065 -27.19 -41.49 -25.61
CA HIS A 1065 -27.73 -42.29 -24.51
C HIS A 1065 -28.07 -43.70 -24.98
N LEU A 1066 -27.22 -44.66 -24.65
CA LEU A 1066 -27.54 -46.05 -24.93
C LEU A 1066 -28.60 -46.56 -23.96
N ASP A 1067 -29.54 -47.34 -24.48
CA ASP A 1067 -30.75 -47.71 -23.74
C ASP A 1067 -30.59 -49.01 -22.96
N LYS A 1068 -29.35 -49.45 -22.73
CA LYS A 1068 -29.09 -50.65 -21.92
C LYS A 1068 -27.78 -50.43 -21.17
N SER A 1069 -27.87 -49.63 -20.10
CA SER A 1069 -26.71 -49.35 -19.28
C SER A 1069 -26.33 -50.59 -18.48
N TYR A 1070 -25.12 -51.11 -18.71
CA TYR A 1070 -24.65 -52.29 -18.01
C TYR A 1070 -23.38 -51.94 -17.25
N CYS A 1071 -22.98 -52.83 -16.35
CA CYS A 1071 -21.76 -52.66 -15.60
C CYS A 1071 -20.62 -53.37 -16.33
N ALA A 1072 -19.46 -52.71 -16.38
CA ALA A 1072 -18.34 -53.19 -17.19
C ALA A 1072 -17.04 -52.91 -16.46
N PRO A 1073 -16.00 -53.70 -16.73
CA PRO A 1073 -14.67 -53.34 -16.23
C PRO A 1073 -14.32 -51.93 -16.67
N GLN A 1074 -13.73 -51.16 -15.75
CA GLN A 1074 -13.52 -49.74 -16.02
C GLN A 1074 -12.64 -49.51 -17.24
N LYS A 1075 -11.89 -50.51 -17.68
CA LYS A 1075 -11.08 -50.40 -18.88
C LYS A 1075 -11.93 -50.15 -20.13
N GLU A 1076 -13.22 -50.47 -20.09
CA GLU A 1076 -14.06 -50.38 -21.28
C GLU A 1076 -14.65 -48.99 -21.49
N CYS A 1077 -15.42 -48.49 -20.52
CA CYS A 1077 -16.02 -47.16 -20.62
C CYS A 1077 -15.40 -46.26 -19.54
N PHE A 1078 -14.65 -45.26 -19.98
CA PHE A 1078 -14.07 -44.27 -19.08
C PHE A 1078 -15.05 -43.11 -18.90
N GLY A 1079 -15.34 -42.77 -17.65
CA GLY A 1079 -16.18 -41.63 -17.36
C GLY A 1079 -17.60 -41.71 -17.87
N GLY A 1080 -18.00 -42.86 -18.41
CA GLY A 1080 -19.34 -43.10 -18.91
C GLY A 1080 -19.42 -43.35 -20.40
N ILE A 1081 -18.42 -42.94 -21.16
CA ILE A 1081 -18.41 -43.14 -22.62
C ILE A 1081 -17.63 -44.42 -22.93
N VAL A 1082 -18.25 -45.34 -23.66
CA VAL A 1082 -17.67 -46.65 -23.92
C VAL A 1082 -16.58 -46.56 -24.98
N GLY A 1083 -16.24 -45.34 -25.39
CA GLY A 1083 -15.18 -45.11 -26.34
C GLY A 1083 -14.22 -44.03 -25.86
N ALA A 1084 -14.46 -43.52 -24.65
CA ALA A 1084 -13.62 -42.47 -24.08
C ALA A 1084 -12.20 -42.99 -23.85
N LYS A 1085 -11.24 -42.08 -24.00
CA LYS A 1085 -9.83 -42.41 -23.91
C LYS A 1085 -9.34 -42.25 -22.47
N SER A 1086 -8.05 -42.53 -22.25
CA SER A 1086 -7.53 -42.63 -20.90
C SER A 1086 -7.33 -41.25 -20.28
N PRO A 1087 -7.56 -41.10 -18.97
CA PRO A 1087 -7.17 -39.87 -18.29
C PRO A 1087 -5.67 -39.63 -18.32
N TYR A 1088 -4.88 -40.67 -18.54
CA TYR A 1088 -3.42 -40.58 -18.53
C TYR A 1088 -2.88 -40.30 -19.93
N VAL B 9 -41.60 9.18 -18.84
CA VAL B 9 -40.47 9.80 -18.16
C VAL B 9 -39.41 8.75 -17.83
N CYS B 10 -38.17 9.02 -18.22
CA CYS B 10 -37.07 8.09 -18.02
C CYS B 10 -36.41 8.33 -16.67
N GLN B 11 -35.75 7.30 -16.16
CA GLN B 11 -34.93 7.40 -14.96
C GLN B 11 -33.46 7.27 -15.32
N GLU B 12 -32.61 7.87 -14.49
CA GLU B 12 -31.18 7.87 -14.76
C GLU B 12 -30.56 6.52 -14.42
N ILE B 13 -29.53 6.15 -15.18
CA ILE B 13 -28.88 4.86 -14.98
C ILE B 13 -28.23 4.82 -13.61
N THR B 14 -28.45 3.72 -12.88
CA THR B 14 -27.91 3.55 -11.54
C THR B 14 -26.91 2.41 -11.43
N VAL B 15 -26.85 1.50 -12.39
CA VAL B 15 -25.87 0.41 -12.31
C VAL B 15 -24.47 0.99 -12.49
N PRO B 16 -23.52 0.67 -11.62
CA PRO B 16 -22.16 1.25 -11.75
C PRO B 16 -21.45 0.86 -13.02
N MET B 17 -21.87 -0.24 -13.68
CA MET B 17 -21.17 -0.70 -14.86
C MET B 17 -21.48 0.16 -16.07
N CYS B 18 -22.73 0.64 -16.19
CA CYS B 18 -23.18 1.35 -17.39
C CYS B 18 -23.33 2.85 -17.17
N ARG B 19 -22.47 3.46 -16.36
CA ARG B 19 -22.53 4.89 -16.09
C ARG B 19 -21.39 5.58 -16.82
N GLY B 20 -21.71 6.69 -17.49
CA GLY B 20 -20.71 7.43 -18.24
C GLY B 20 -20.31 6.69 -19.50
N ILE B 21 -21.32 6.24 -20.24
CA ILE B 21 -21.11 5.49 -21.48
C ILE B 21 -21.57 6.24 -22.72
N GLY B 22 -22.26 7.37 -22.56
CA GLY B 22 -22.73 8.15 -23.70
C GLY B 22 -24.13 8.68 -23.51
N TYR B 23 -24.85 8.13 -22.53
CA TYR B 23 -26.23 8.50 -22.27
C TYR B 23 -26.52 8.19 -20.80
N ASN B 24 -27.49 8.92 -20.24
CA ASN B 24 -27.77 8.83 -18.81
C ASN B 24 -29.13 8.24 -18.48
N LEU B 25 -30.07 8.22 -19.42
CA LEU B 25 -31.45 7.85 -19.14
C LEU B 25 -31.75 6.47 -19.69
N THR B 26 -32.36 5.61 -18.86
CA THR B 26 -32.84 4.32 -19.28
C THR B 26 -34.21 4.06 -18.67
N HIS B 27 -34.90 3.04 -19.16
CA HIS B 27 -36.24 2.70 -18.70
C HIS B 27 -36.41 1.20 -18.65
N MET B 28 -36.79 0.69 -17.49
CA MET B 28 -37.11 -0.72 -17.28
C MET B 28 -38.62 -0.94 -17.45
N PRO B 29 -39.05 -2.12 -17.92
CA PRO B 29 -38.24 -3.29 -18.27
C PRO B 29 -37.47 -3.15 -19.58
N ASN B 30 -36.46 -3.99 -19.77
CA ASN B 30 -35.62 -4.00 -20.94
C ASN B 30 -35.97 -5.21 -21.82
N GLN B 31 -34.97 -5.78 -22.49
CA GLN B 31 -35.21 -6.91 -23.39
C GLN B 31 -35.22 -8.25 -22.67
N PHE B 32 -34.55 -8.36 -21.52
CA PHE B 32 -34.41 -9.61 -20.80
C PHE B 32 -35.42 -9.77 -19.67
N ASN B 33 -36.48 -8.97 -19.66
CA ASN B 33 -37.55 -9.04 -18.67
C ASN B 33 -37.08 -8.69 -17.27
N HIS B 34 -36.12 -7.77 -17.16
CA HIS B 34 -35.70 -7.27 -15.85
C HIS B 34 -36.63 -6.15 -15.42
N ASP B 35 -37.21 -6.29 -14.21
CA ASP B 35 -38.22 -5.35 -13.76
C ASP B 35 -37.61 -4.08 -13.19
N THR B 36 -36.41 -4.15 -12.64
CA THR B 36 -35.75 -3.00 -12.02
C THR B 36 -34.29 -3.02 -12.40
N GLN B 37 -33.67 -1.83 -12.39
CA GLN B 37 -32.24 -1.74 -12.62
C GLN B 37 -31.44 -2.55 -11.62
N ASP B 38 -32.01 -2.80 -10.44
CA ASP B 38 -31.36 -3.66 -9.46
C ASP B 38 -31.18 -5.07 -9.99
N GLU B 39 -32.24 -5.63 -10.60
CA GLU B 39 -32.18 -6.98 -11.13
C GLU B 39 -31.41 -7.07 -12.44
N ALA B 40 -31.46 -6.01 -13.25
CA ALA B 40 -30.68 -6.01 -14.49
C ALA B 40 -29.18 -5.91 -14.22
N GLY B 41 -28.79 -5.23 -13.14
CA GLY B 41 -27.38 -5.12 -12.82
C GLY B 41 -26.77 -6.41 -12.32
N LEU B 42 -27.59 -7.28 -11.72
CA LEU B 42 -27.07 -8.52 -11.16
C LEU B 42 -26.59 -9.48 -12.24
N GLU B 43 -27.13 -9.37 -13.45
CA GLU B 43 -26.72 -10.25 -14.54
C GLU B 43 -25.63 -9.62 -15.41
N VAL B 44 -25.72 -8.32 -15.68
CA VAL B 44 -24.73 -7.67 -16.54
C VAL B 44 -23.37 -7.61 -15.84
N HIS B 45 -23.36 -7.57 -14.50
CA HIS B 45 -22.08 -7.56 -13.78
C HIS B 45 -21.34 -8.88 -13.89
N GLN B 46 -22.00 -9.95 -14.33
CA GLN B 46 -21.30 -11.20 -14.59
C GLN B 46 -20.35 -11.10 -15.78
N PHE B 47 -20.44 -10.01 -16.55
CA PHE B 47 -19.52 -9.72 -17.64
C PHE B 47 -18.45 -8.71 -17.23
N TRP B 48 -18.47 -8.24 -15.99
CA TRP B 48 -17.51 -7.24 -15.54
C TRP B 48 -16.05 -7.67 -15.69
N PRO B 49 -15.66 -8.93 -15.46
CA PRO B 49 -14.27 -9.31 -15.75
C PRO B 49 -13.87 -9.08 -17.20
N LEU B 50 -14.78 -9.34 -18.16
CA LEU B 50 -14.45 -9.11 -19.57
C LEU B 50 -14.22 -7.63 -19.86
N VAL B 51 -14.95 -6.74 -19.18
CA VAL B 51 -14.84 -5.31 -19.48
C VAL B 51 -13.51 -4.76 -19.01
N GLU B 52 -13.03 -5.21 -17.84
CA GLU B 52 -11.78 -4.71 -17.30
C GLU B 52 -10.55 -5.37 -17.90
N ILE B 53 -10.71 -6.46 -18.66
CA ILE B 53 -9.57 -7.05 -19.36
C ILE B 53 -9.32 -6.38 -20.71
N HIS B 54 -10.27 -5.60 -21.21
CA HIS B 54 -10.10 -4.76 -22.39
C HIS B 54 -9.76 -5.59 -23.63
N CYS B 55 -10.65 -6.52 -23.96
CA CYS B 55 -10.52 -7.27 -25.22
C CYS B 55 -10.94 -6.40 -26.40
N SER B 56 -12.17 -5.89 -26.37
CA SER B 56 -12.64 -4.94 -27.38
C SER B 56 -13.13 -3.67 -26.70
N PRO B 57 -12.76 -2.49 -27.20
CA PRO B 57 -13.28 -1.25 -26.61
C PRO B 57 -14.79 -1.11 -26.71
N ASP B 58 -15.44 -1.87 -27.58
CA ASP B 58 -16.88 -1.76 -27.82
C ASP B 58 -17.71 -2.61 -26.87
N LEU B 59 -17.09 -3.27 -25.89
CA LEU B 59 -17.82 -4.26 -25.11
C LEU B 59 -18.79 -3.61 -24.13
N ARG B 60 -18.32 -2.66 -23.32
CA ARG B 60 -19.21 -1.97 -22.39
C ARG B 60 -20.32 -1.24 -23.14
N PHE B 61 -19.99 -0.64 -24.28
CA PHE B 61 -21.00 0.06 -25.08
C PHE B 61 -22.02 -0.91 -25.65
N PHE B 62 -21.58 -2.10 -26.05
CA PHE B 62 -22.51 -3.07 -26.64
C PHE B 62 -23.39 -3.71 -25.57
N LEU B 63 -22.78 -4.15 -24.46
CA LEU B 63 -23.55 -4.83 -23.42
C LEU B 63 -24.58 -3.90 -22.79
N CYS B 64 -24.20 -2.66 -22.53
CA CYS B 64 -25.11 -1.72 -21.87
C CYS B 64 -26.25 -1.30 -22.78
N SER B 65 -26.03 -1.31 -24.10
CA SER B 65 -27.12 -1.04 -25.04
C SER B 65 -28.16 -2.15 -25.04
N MET B 66 -27.89 -3.28 -24.38
CA MET B 66 -28.80 -4.40 -24.31
C MET B 66 -29.55 -4.46 -22.98
N TYR B 67 -28.83 -4.35 -21.86
CA TYR B 67 -29.46 -4.45 -20.55
C TYR B 67 -30.08 -3.13 -20.10
N THR B 68 -29.40 -2.01 -20.35
CA THR B 68 -29.89 -0.69 -20.01
C THR B 68 -30.04 0.12 -21.29
N PRO B 69 -31.08 -0.13 -22.08
CA PRO B 69 -31.21 0.53 -23.38
C PRO B 69 -31.47 2.03 -23.21
N ILE B 70 -31.19 2.76 -24.30
CA ILE B 70 -31.35 4.21 -24.28
C ILE B 70 -32.82 4.57 -24.14
N CYS B 71 -33.10 5.51 -23.23
CA CYS B 71 -34.45 6.04 -23.04
C CYS B 71 -34.48 7.53 -23.29
N LEU B 72 -35.29 7.94 -24.23
CA LEU B 72 -35.56 9.34 -24.51
C LEU B 72 -36.95 9.67 -23.95
N PRO B 73 -37.10 10.74 -23.17
CA PRO B 73 -38.37 10.92 -22.43
C PRO B 73 -39.61 11.02 -23.30
N ASP B 74 -39.61 11.87 -24.34
CA ASP B 74 -40.77 12.03 -25.18
C ASP B 74 -40.47 11.72 -26.65
N TYR B 75 -39.69 10.67 -26.90
CA TYR B 75 -39.38 10.23 -28.26
C TYR B 75 -40.08 8.92 -28.58
N HIS B 76 -39.74 7.84 -27.87
CA HIS B 76 -40.52 6.60 -27.87
C HIS B 76 -40.53 5.91 -29.23
N LYS B 77 -39.47 6.10 -30.02
CA LYS B 77 -39.37 5.49 -31.35
C LYS B 77 -38.25 4.45 -31.37
N PRO B 78 -38.32 3.48 -32.28
CA PRO B 78 -37.26 2.45 -32.35
C PRO B 78 -36.18 2.78 -33.37
N LEU B 79 -35.45 3.86 -33.17
CA LEU B 79 -34.38 4.24 -34.11
C LEU B 79 -33.21 3.27 -33.91
N PRO B 80 -32.78 2.57 -34.95
CA PRO B 80 -31.84 1.46 -34.77
C PRO B 80 -30.41 1.95 -34.56
N PRO B 81 -29.55 1.13 -33.96
CA PRO B 81 -28.14 1.53 -33.78
C PRO B 81 -27.27 1.26 -34.99
N CYS B 82 -26.45 0.20 -34.93
CA CYS B 82 -25.51 -0.15 -35.99
C CYS B 82 -24.79 -1.46 -35.68
N ARG B 83 -25.11 -2.49 -36.46
CA ARG B 83 -24.54 -3.83 -36.30
C ARG B 83 -23.02 -3.83 -36.13
N SER B 84 -22.33 -2.83 -36.69
CA SER B 84 -20.87 -2.80 -36.59
C SER B 84 -20.36 -2.86 -35.16
N VAL B 85 -21.16 -2.47 -34.18
CA VAL B 85 -20.74 -2.57 -32.79
C VAL B 85 -20.79 -4.02 -32.30
N CYS B 86 -21.66 -4.85 -32.89
CA CYS B 86 -21.77 -6.24 -32.47
C CYS B 86 -20.62 -7.10 -33.00
N GLU B 87 -20.27 -6.93 -34.27
CA GLU B 87 -19.25 -7.77 -34.89
C GLU B 87 -17.83 -7.31 -34.59
N ARG B 88 -17.65 -6.12 -34.02
CA ARG B 88 -16.34 -5.76 -33.48
C ARG B 88 -16.15 -6.28 -32.06
N ALA B 89 -17.24 -6.43 -31.31
CA ALA B 89 -17.14 -6.99 -29.96
C ALA B 89 -16.82 -8.48 -30.00
N LYS B 90 -17.56 -9.23 -30.81
CA LYS B 90 -17.30 -10.66 -30.95
C LYS B 90 -16.01 -10.96 -31.70
N ALA B 91 -15.43 -9.98 -32.38
CA ALA B 91 -14.20 -10.23 -33.12
C ALA B 91 -13.01 -10.44 -32.19
N GLY B 92 -12.84 -9.54 -31.22
CA GLY B 92 -11.70 -9.60 -30.32
C GLY B 92 -11.93 -10.32 -29.01
N CYS B 93 -13.18 -10.64 -28.66
CA CYS B 93 -13.49 -11.19 -27.35
C CYS B 93 -13.99 -12.63 -27.39
N SER B 94 -14.64 -13.05 -28.48
CA SER B 94 -15.15 -14.42 -28.56
C SER B 94 -14.06 -15.48 -28.45
N PRO B 95 -12.87 -15.34 -29.07
CA PRO B 95 -11.83 -16.37 -28.85
C PRO B 95 -11.40 -16.48 -27.40
N LEU B 96 -11.48 -15.39 -26.64
CA LEU B 96 -11.16 -15.45 -25.22
C LEU B 96 -12.33 -15.94 -24.39
N MET B 97 -13.57 -15.63 -24.81
CA MET B 97 -14.74 -16.10 -24.08
C MET B 97 -14.86 -17.62 -24.14
N ARG B 98 -14.71 -18.20 -25.34
CA ARG B 98 -14.74 -19.65 -25.47
C ARG B 98 -13.56 -20.31 -24.77
N GLN B 99 -12.44 -19.60 -24.61
CA GLN B 99 -11.32 -20.14 -23.87
C GLN B 99 -11.70 -20.42 -22.42
N TYR B 100 -12.51 -19.56 -21.83
CA TYR B 100 -13.02 -19.75 -20.48
C TYR B 100 -14.48 -20.22 -20.56
N GLY B 101 -15.22 -20.06 -19.46
CA GLY B 101 -16.56 -20.59 -19.39
C GLY B 101 -17.66 -19.74 -19.97
N PHE B 102 -17.34 -18.66 -20.68
CA PHE B 102 -18.35 -17.73 -21.14
C PHE B 102 -18.88 -18.13 -22.51
N ALA B 103 -20.14 -17.78 -22.77
CA ALA B 103 -20.78 -18.05 -24.04
C ALA B 103 -21.83 -16.98 -24.30
N TRP B 104 -21.98 -16.60 -25.56
CA TRP B 104 -22.91 -15.54 -25.91
C TRP B 104 -24.36 -16.01 -25.76
N PRO B 105 -25.23 -15.20 -25.16
CA PRO B 105 -26.67 -15.50 -25.22
C PRO B 105 -27.18 -15.40 -26.65
N GLU B 106 -28.13 -16.27 -26.99
CA GLU B 106 -28.72 -16.24 -28.32
C GLU B 106 -29.48 -14.95 -28.59
N ARG B 107 -29.91 -14.25 -27.54
CA ARG B 107 -30.57 -12.96 -27.70
C ARG B 107 -29.60 -11.85 -28.08
N MET B 108 -28.31 -12.17 -28.26
CA MET B 108 -27.30 -11.19 -28.64
C MET B 108 -26.59 -11.57 -29.93
N SER B 109 -27.20 -12.42 -30.75
CA SER B 109 -26.61 -12.75 -32.05
C SER B 109 -26.58 -11.51 -32.94
N CYS B 110 -25.45 -11.31 -33.62
CA CYS B 110 -25.26 -10.10 -34.43
C CYS B 110 -26.21 -10.00 -35.63
N ASP B 111 -27.20 -10.87 -35.76
CA ASP B 111 -28.17 -10.78 -36.84
C ASP B 111 -29.38 -9.93 -36.49
N ARG B 112 -29.62 -9.68 -35.20
CA ARG B 112 -30.77 -8.90 -34.76
C ARG B 112 -30.44 -7.41 -34.72
N PRO C 5 75.65 -45.87 15.79
CA PRO C 5 75.48 -46.38 14.42
C PRO C 5 74.05 -46.82 14.15
N GLU C 6 73.14 -45.85 14.03
CA GLU C 6 71.71 -46.12 13.90
C GLU C 6 71.21 -45.72 12.52
N ALA C 7 70.24 -46.48 12.03
CA ALA C 7 69.67 -46.28 10.69
C ALA C 7 68.30 -45.64 10.80
N PHE C 8 68.11 -44.54 10.08
CA PHE C 8 66.84 -43.83 10.03
C PHE C 8 66.27 -43.90 8.62
N LEU C 9 65.15 -43.20 8.40
CA LEU C 9 64.48 -43.15 7.10
C LEU C 9 64.14 -41.70 6.80
N LEU C 10 64.78 -41.14 5.77
CA LEU C 10 64.56 -39.76 5.36
C LEU C 10 63.58 -39.73 4.18
N PHE C 11 62.59 -38.85 4.25
CA PHE C 11 61.63 -38.68 3.17
C PHE C 11 61.27 -37.20 3.05
N SER C 12 60.87 -36.81 1.85
CA SER C 12 60.54 -35.43 1.53
C SER C 12 59.04 -35.29 1.33
N ARG C 13 58.47 -34.21 1.86
CA ARG C 13 57.02 -33.98 1.78
C ARG C 13 56.81 -32.47 1.78
N ARG C 14 56.30 -31.95 0.67
CA ARG C 14 56.15 -30.50 0.46
C ARG C 14 57.50 -29.80 0.68
N ALA C 15 57.55 -28.93 1.68
CA ALA C 15 58.76 -28.17 2.00
C ALA C 15 59.57 -28.80 3.13
N ASP C 16 59.26 -30.03 3.53
CA ASP C 16 59.88 -30.65 4.69
C ASP C 16 60.65 -31.90 4.27
N ILE C 17 61.84 -32.05 4.84
CA ILE C 17 62.59 -33.30 4.80
C ILE C 17 62.45 -33.91 6.19
N ARG C 18 61.60 -34.91 6.31
CA ARG C 18 61.21 -35.47 7.59
C ARG C 18 61.94 -36.78 7.85
N ARG C 19 62.24 -37.04 9.13
CA ARG C 19 63.09 -38.13 9.54
C ARG C 19 62.32 -39.10 10.44
N ILE C 20 62.42 -40.38 10.13
CA ILE C 20 61.75 -41.44 10.88
C ILE C 20 62.82 -42.40 11.42
N SER C 21 62.73 -42.72 12.71
CA SER C 21 63.62 -43.69 13.31
C SER C 21 63.13 -45.11 13.03
N LEU C 22 64.07 -46.02 12.82
CA LEU C 22 63.74 -47.41 12.50
C LEU C 22 63.84 -48.35 13.69
N GLU C 23 64.62 -48.00 14.72
CA GLU C 23 64.67 -48.78 15.94
C GLU C 23 63.46 -48.46 16.81
N THR C 24 63.57 -47.41 17.63
CA THR C 24 62.41 -46.86 18.33
C THR C 24 61.53 -46.17 17.28
N ASN C 25 60.75 -46.98 16.58
CA ASN C 25 59.98 -46.51 15.43
C ASN C 25 58.85 -45.58 15.86
N ASN C 26 59.22 -44.48 16.53
CA ASN C 26 58.26 -43.46 16.94
C ASN C 26 58.78 -42.04 16.76
N ASN C 27 60.09 -41.82 16.66
CA ASN C 27 60.66 -40.48 16.61
C ASN C 27 60.40 -39.86 15.24
N ASN C 28 59.60 -38.81 15.20
CA ASN C 28 59.23 -38.12 13.97
C ASN C 28 59.69 -36.66 14.08
N VAL C 29 60.86 -36.36 13.50
CA VAL C 29 61.44 -35.03 13.56
C VAL C 29 61.84 -34.60 12.15
N ALA C 30 61.89 -33.28 11.95
CA ALA C 30 62.27 -32.70 10.67
C ALA C 30 63.71 -32.20 10.72
N ILE C 31 64.39 -32.31 9.59
CA ILE C 31 65.78 -31.84 9.50
C ILE C 31 65.80 -30.32 9.57
N PRO C 32 66.59 -29.71 10.45
CA PRO C 32 66.53 -28.25 10.62
C PRO C 32 67.04 -27.49 9.41
N LEU C 33 66.17 -27.28 8.42
CA LEU C 33 66.51 -26.55 7.22
C LEU C 33 65.51 -25.42 7.01
N THR C 34 65.99 -24.33 6.42
CA THR C 34 65.17 -23.18 6.10
C THR C 34 65.27 -22.86 4.61
N GLY C 35 64.27 -22.14 4.11
CA GLY C 35 64.26 -21.70 2.74
C GLY C 35 63.84 -22.74 1.72
N VAL C 36 63.57 -23.97 2.14
CA VAL C 36 63.13 -25.02 1.22
C VAL C 36 61.66 -24.78 0.90
N LYS C 37 61.35 -24.66 -0.39
CA LYS C 37 59.96 -24.51 -0.84
C LYS C 37 59.33 -25.86 -1.17
N GLU C 38 60.06 -26.70 -1.91
CA GLU C 38 59.58 -28.03 -2.25
C GLU C 38 60.78 -28.97 -2.33
N ALA C 39 60.78 -30.01 -1.50
CA ALA C 39 61.85 -31.00 -1.50
C ALA C 39 61.48 -32.17 -2.41
N SER C 40 62.51 -32.74 -3.05
CA SER C 40 62.29 -33.81 -4.02
C SER C 40 63.28 -34.95 -3.85
N ALA C 41 64.24 -35.06 -4.76
CA ALA C 41 65.21 -36.14 -4.71
C ALA C 41 66.08 -36.03 -3.47
N LEU C 42 66.43 -37.19 -2.90
CA LEU C 42 67.17 -37.25 -1.65
C LEU C 42 68.32 -38.24 -1.76
N ASP C 43 69.45 -37.88 -1.16
CA ASP C 43 70.61 -38.75 -0.99
C ASP C 43 71.55 -38.09 0.00
N PHE C 44 72.46 -38.89 0.57
CA PHE C 44 73.34 -38.39 1.62
C PHE C 44 74.80 -38.73 1.33
N ASP C 45 75.66 -38.48 2.31
CA ASP C 45 77.07 -38.84 2.24
C ASP C 45 77.49 -39.48 3.56
N VAL C 46 78.25 -40.57 3.47
CA VAL C 46 78.66 -41.29 4.66
C VAL C 46 79.91 -40.68 5.30
N THR C 47 80.67 -39.88 4.55
CA THR C 47 81.93 -39.36 5.06
C THR C 47 81.70 -38.30 6.14
N ASP C 48 80.97 -37.24 5.80
CA ASP C 48 80.77 -36.11 6.71
C ASP C 48 79.31 -35.95 7.15
N ASN C 49 78.47 -36.95 6.90
CA ASN C 49 77.07 -36.94 7.35
C ASN C 49 76.32 -35.73 6.80
N ARG C 50 76.47 -35.49 5.50
CA ARG C 50 75.74 -34.44 4.81
C ARG C 50 74.44 -34.98 4.27
N ILE C 51 73.46 -34.09 4.11
CA ILE C 51 72.17 -34.42 3.49
C ILE C 51 72.03 -33.58 2.23
N TYR C 52 71.69 -34.23 1.12
CA TYR C 52 71.58 -33.59 -0.17
C TYR C 52 70.15 -33.70 -0.68
N TRP C 53 69.64 -32.63 -1.29
CA TRP C 53 68.28 -32.63 -1.80
C TRP C 53 68.19 -31.70 -3.00
N THR C 54 67.14 -31.91 -3.79
CA THR C 54 66.86 -31.10 -4.97
C THR C 54 65.59 -30.29 -4.73
N ASP C 55 65.62 -29.04 -5.18
CA ASP C 55 64.47 -28.13 -5.07
C ASP C 55 64.06 -27.74 -6.48
N ILE C 56 62.96 -28.32 -6.96
CA ILE C 56 62.54 -28.12 -8.35
C ILE C 56 61.60 -26.93 -8.52
N SER C 57 61.28 -26.21 -7.44
CA SER C 57 60.58 -24.94 -7.56
C SER C 57 61.55 -23.77 -7.63
N LEU C 58 62.69 -23.88 -6.96
CA LEU C 58 63.75 -22.88 -7.05
C LEU C 58 64.79 -23.23 -8.10
N LYS C 59 64.67 -24.39 -8.74
CA LYS C 59 65.62 -24.84 -9.77
C LYS C 59 67.04 -24.92 -9.22
N THR C 60 67.18 -25.49 -8.02
CA THR C 60 68.48 -25.58 -7.36
C THR C 60 68.65 -26.96 -6.74
N ILE C 61 69.90 -27.29 -6.46
CA ILE C 61 70.28 -28.48 -5.68
C ILE C 61 71.12 -27.99 -4.52
N SER C 62 70.62 -28.18 -3.30
CA SER C 62 71.23 -27.61 -2.11
C SER C 62 71.76 -28.71 -1.19
N ARG C 63 72.65 -28.31 -0.28
CA ARG C 63 73.34 -29.25 0.59
C ARG C 63 73.54 -28.64 1.97
N ALA C 64 73.56 -29.49 2.99
CA ALA C 64 73.79 -29.08 4.36
C ALA C 64 74.07 -30.32 5.20
N PHE C 65 74.48 -30.10 6.44
CA PHE C 65 74.71 -31.18 7.38
C PHE C 65 73.39 -31.62 8.00
N MET C 66 73.47 -32.46 9.04
CA MET C 66 72.28 -32.89 9.75
C MET C 66 71.79 -31.88 10.79
N ASN C 67 72.39 -30.69 10.85
CA ASN C 67 72.01 -29.67 11.82
C ASN C 67 71.61 -28.36 11.16
N GLY C 68 71.64 -28.27 9.84
CA GLY C 68 71.35 -27.05 9.13
C GLY C 68 72.53 -26.14 8.90
N SER C 69 73.66 -26.41 9.54
CA SER C 69 74.86 -25.62 9.32
C SER C 69 75.42 -25.90 7.93
N ALA C 70 76.15 -24.91 7.40
CA ALA C 70 76.75 -24.98 6.07
C ALA C 70 75.70 -25.24 5.00
N LEU C 71 74.56 -24.56 5.10
CA LEU C 71 73.53 -24.63 4.08
C LEU C 71 74.01 -23.88 2.84
N GLU C 72 74.12 -24.58 1.72
CA GLU C 72 74.72 -24.01 0.52
C GLU C 72 74.05 -24.58 -0.72
N HIS C 73 74.00 -23.77 -1.77
CA HIS C 73 73.48 -24.19 -3.07
C HIS C 73 74.66 -24.57 -3.95
N VAL C 74 74.80 -25.87 -4.23
CA VAL C 74 75.93 -26.34 -5.02
C VAL C 74 75.65 -26.30 -6.52
N VAL C 75 74.41 -26.55 -6.93
CA VAL C 75 73.99 -26.43 -8.33
C VAL C 75 72.78 -25.51 -8.36
N GLU C 76 72.90 -24.41 -9.10
CA GLU C 76 71.86 -23.37 -9.06
C GLU C 76 71.48 -22.81 -10.42
N PHE C 77 72.31 -22.95 -11.46
CA PHE C 77 71.96 -22.52 -12.80
C PHE C 77 71.80 -23.72 -13.72
N GLY C 78 71.11 -23.50 -14.83
CA GLY C 78 70.98 -24.52 -15.85
C GLY C 78 70.16 -25.72 -15.48
N LEU C 79 69.29 -25.60 -14.47
CA LEU C 79 68.40 -26.68 -14.07
C LEU C 79 66.97 -26.33 -14.44
N ASP C 80 66.24 -27.32 -14.95
CA ASP C 80 64.83 -27.14 -15.23
C ASP C 80 64.00 -27.75 -14.12
N TYR C 81 63.90 -29.08 -14.10
CA TYR C 81 63.15 -29.80 -13.06
C TYR C 81 63.80 -31.15 -12.82
N PRO C 82 64.85 -31.19 -11.99
CA PRO C 82 65.52 -32.47 -11.72
C PRO C 82 65.06 -33.16 -10.45
N GLU C 83 64.42 -34.32 -10.60
CA GLU C 83 64.10 -35.19 -9.47
C GLU C 83 64.96 -36.45 -9.44
N GLY C 84 65.94 -36.54 -10.35
CA GLY C 84 66.93 -37.60 -10.31
C GLY C 84 68.22 -37.07 -9.72
N MET C 85 68.68 -37.74 -8.67
CA MET C 85 69.88 -37.29 -7.98
C MET C 85 70.44 -38.45 -7.15
N ALA C 86 71.75 -38.66 -7.24
CA ALA C 86 72.42 -39.69 -6.47
C ALA C 86 73.85 -39.24 -6.21
N VAL C 87 74.43 -39.78 -5.14
CA VAL C 87 75.74 -39.35 -4.66
C VAL C 87 76.76 -40.46 -4.88
N ASP C 88 77.94 -40.09 -5.35
CA ASP C 88 79.07 -41.00 -5.49
C ASP C 88 79.95 -40.82 -4.26
N TRP C 89 79.73 -41.67 -3.25
CA TRP C 89 80.46 -41.55 -1.99
C TRP C 89 81.91 -41.99 -2.10
N LEU C 90 82.30 -42.66 -3.18
CA LEU C 90 83.68 -43.11 -3.36
C LEU C 90 84.52 -42.07 -4.08
N GLY C 91 84.12 -41.70 -5.30
CA GLY C 91 84.81 -40.68 -6.05
C GLY C 91 84.48 -39.25 -5.66
N LYS C 92 83.60 -39.07 -4.67
CA LYS C 92 83.20 -37.75 -4.18
C LYS C 92 82.62 -36.90 -5.32
N ASN C 93 81.61 -37.45 -6.00
CA ASN C 93 80.99 -36.81 -7.14
C ASN C 93 79.49 -36.73 -6.94
N LEU C 94 78.84 -35.95 -7.81
CA LEU C 94 77.39 -35.79 -7.81
C LEU C 94 76.86 -36.01 -9.21
N TYR C 95 75.86 -36.87 -9.34
CA TYR C 95 75.14 -37.06 -10.59
C TYR C 95 73.69 -36.62 -10.39
N TRP C 96 73.08 -36.13 -11.47
CA TRP C 96 71.68 -35.77 -11.44
C TRP C 96 71.11 -35.88 -12.83
N ALA C 97 69.80 -36.14 -12.90
CA ALA C 97 69.07 -36.28 -14.16
C ALA C 97 67.99 -35.21 -14.20
N ASP C 98 68.13 -34.28 -15.14
CA ASP C 98 67.17 -33.20 -15.32
C ASP C 98 66.21 -33.57 -16.45
N THR C 99 64.91 -33.54 -16.14
CA THR C 99 63.91 -33.94 -17.12
C THR C 99 63.64 -32.84 -18.15
N GLY C 100 63.60 -31.59 -17.70
CA GLY C 100 63.31 -30.51 -18.63
C GLY C 100 64.39 -30.31 -19.67
N THR C 101 65.66 -30.33 -19.25
CA THR C 101 66.77 -30.17 -20.18
C THR C 101 67.22 -31.49 -20.79
N ASN C 102 66.72 -32.63 -20.29
CA ASN C 102 67.07 -33.96 -20.80
C ASN C 102 68.58 -34.18 -20.77
N ARG C 103 69.15 -34.06 -19.57
CA ARG C 103 70.59 -34.19 -19.39
C ARG C 103 70.90 -34.92 -18.10
N ILE C 104 71.84 -35.86 -18.18
CA ILE C 104 72.46 -36.48 -17.01
C ILE C 104 73.87 -35.93 -16.90
N GLU C 105 74.14 -35.20 -15.83
CA GLU C 105 75.37 -34.42 -15.71
C GLU C 105 76.20 -34.90 -14.53
N VAL C 106 77.27 -34.16 -14.22
CA VAL C 106 78.23 -34.55 -13.20
C VAL C 106 78.93 -33.31 -12.70
N SER C 107 79.24 -33.29 -11.40
CA SER C 107 80.06 -32.25 -10.80
C SER C 107 80.63 -32.78 -9.50
N LYS C 108 81.54 -32.00 -8.92
CA LYS C 108 82.10 -32.37 -7.63
C LYS C 108 81.07 -32.18 -6.52
N LEU C 109 81.46 -32.57 -5.30
CA LEU C 109 80.54 -32.48 -4.18
C LEU C 109 80.29 -31.04 -3.74
N ASP C 110 81.15 -30.11 -4.12
CA ASP C 110 80.95 -28.69 -3.82
C ASP C 110 80.36 -27.92 -4.99
N GLY C 111 79.98 -28.61 -6.07
CA GLY C 111 79.34 -27.98 -7.20
C GLY C 111 80.25 -27.49 -8.29
N GLN C 112 81.55 -27.73 -8.19
CA GLN C 112 82.49 -27.26 -9.20
C GLN C 112 82.66 -28.29 -10.30
N HIS C 113 83.21 -27.83 -11.43
CA HIS C 113 83.57 -28.68 -12.57
C HIS C 113 82.34 -29.39 -13.14
N ARG C 114 81.46 -28.58 -13.71
CA ARG C 114 80.21 -29.10 -14.26
C ARG C 114 80.45 -29.67 -15.65
N GLN C 115 79.98 -30.91 -15.85
CA GLN C 115 80.13 -31.60 -17.13
C GLN C 115 78.83 -32.34 -17.44
N VAL C 116 78.49 -32.41 -18.71
CA VAL C 116 77.31 -33.13 -19.19
C VAL C 116 77.76 -34.49 -19.67
N LEU C 117 77.15 -35.55 -19.11
CA LEU C 117 77.51 -36.92 -19.47
C LEU C 117 76.67 -37.44 -20.63
N VAL C 118 75.35 -37.41 -20.48
CA VAL C 118 74.42 -37.90 -21.51
C VAL C 118 73.54 -36.74 -21.93
N TRP C 119 73.58 -36.39 -23.22
CA TRP C 119 72.74 -35.34 -23.76
C TRP C 119 72.16 -35.68 -25.13
N LYS C 120 72.38 -36.89 -25.64
CA LYS C 120 71.87 -37.31 -26.94
C LYS C 120 70.79 -38.37 -26.74
N ASP C 121 69.67 -38.20 -27.45
CA ASP C 121 68.60 -39.20 -27.50
C ASP C 121 68.08 -39.56 -26.11
N LEU C 122 68.03 -38.57 -25.23
CA LEU C 122 67.60 -38.76 -23.85
C LEU C 122 66.19 -38.19 -23.69
N ASP C 123 65.23 -39.05 -23.43
CA ASP C 123 63.82 -38.67 -23.31
C ASP C 123 63.42 -38.77 -21.84
N SER C 124 63.59 -37.66 -21.12
CA SER C 124 63.11 -37.50 -19.75
C SER C 124 63.67 -38.58 -18.81
N PRO C 125 64.89 -38.40 -18.30
CA PRO C 125 65.39 -39.30 -17.25
C PRO C 125 64.95 -38.86 -15.86
N ARG C 126 64.71 -39.85 -15.00
CA ARG C 126 64.24 -39.57 -13.65
C ARG C 126 65.04 -40.31 -12.60
N ALA C 127 64.48 -41.39 -12.06
CA ALA C 127 65.11 -42.12 -10.96
C ALA C 127 66.52 -42.55 -11.33
N LEU C 128 67.49 -42.18 -10.51
CA LEU C 128 68.89 -42.42 -10.76
C LEU C 128 69.48 -43.25 -9.62
N ALA C 129 70.21 -44.31 -9.99
CA ALA C 129 70.87 -45.18 -9.02
C ALA C 129 72.31 -45.40 -9.46
N LEU C 130 73.20 -45.54 -8.47
CA LEU C 130 74.63 -45.65 -8.71
C LEU C 130 75.19 -46.93 -8.11
N ASP C 131 76.15 -47.52 -8.82
CA ASP C 131 76.91 -48.67 -8.34
C ASP C 131 78.38 -48.37 -8.61
N PRO C 132 79.00 -47.53 -7.78
CA PRO C 132 80.39 -47.12 -8.06
C PRO C 132 81.41 -48.22 -7.88
N ALA C 133 81.12 -49.24 -7.07
CA ALA C 133 82.07 -50.33 -6.91
C ALA C 133 82.25 -51.11 -8.20
N GLU C 134 81.20 -51.21 -9.02
CA GLU C 134 81.27 -51.90 -10.29
C GLU C 134 81.48 -50.97 -11.47
N GLY C 135 81.14 -49.69 -11.33
CA GLY C 135 81.32 -48.74 -12.40
C GLY C 135 80.12 -48.55 -13.30
N PHE C 136 78.91 -48.79 -12.78
CA PHE C 136 77.69 -48.66 -13.56
C PHE C 136 76.79 -47.61 -12.93
N MET C 137 76.03 -46.92 -13.79
CA MET C 137 74.97 -46.02 -13.34
C MET C 137 73.67 -46.43 -14.03
N TYR C 138 72.60 -46.56 -13.25
CA TYR C 138 71.31 -46.98 -13.75
C TYR C 138 70.31 -45.84 -13.62
N TRP C 139 69.44 -45.69 -14.60
CA TRP C 139 68.41 -44.67 -14.56
C TRP C 139 67.19 -45.13 -15.36
N THR C 140 66.09 -44.41 -15.18
CA THR C 140 64.82 -44.73 -15.82
C THR C 140 64.44 -43.64 -16.80
N GLU C 141 63.60 -44.02 -17.76
CA GLU C 141 63.05 -43.09 -18.74
C GLU C 141 61.57 -43.36 -18.91
N TRP C 142 60.80 -42.30 -19.16
CA TRP C 142 59.41 -42.44 -19.53
C TRP C 142 59.24 -41.96 -20.97
N GLY C 143 58.35 -40.98 -21.18
CA GLY C 143 58.23 -40.38 -22.50
C GLY C 143 57.64 -41.35 -23.51
N GLY C 144 58.29 -41.43 -24.68
CA GLY C 144 57.82 -42.28 -25.75
C GLY C 144 57.80 -43.76 -25.38
N LYS C 145 58.97 -44.36 -25.22
CA LYS C 145 59.07 -45.75 -24.81
C LYS C 145 59.70 -45.83 -23.43
N PRO C 146 58.93 -46.10 -22.38
CA PRO C 146 59.53 -46.24 -21.04
C PRO C 146 60.49 -47.41 -21.00
N LYS C 147 61.68 -47.16 -20.46
CA LYS C 147 62.72 -48.18 -20.40
C LYS C 147 63.74 -47.80 -19.34
N ILE C 148 64.56 -48.77 -18.95
CA ILE C 148 65.61 -48.59 -17.96
C ILE C 148 66.94 -48.78 -18.66
N ASP C 149 67.79 -47.76 -18.63
CA ASP C 149 69.06 -47.77 -19.34
C ASP C 149 70.21 -48.07 -18.39
N ARG C 150 71.31 -48.53 -18.98
CA ARG C 150 72.55 -48.82 -18.27
C ARG C 150 73.70 -48.12 -18.97
N ALA C 151 74.66 -47.63 -18.18
CA ALA C 151 75.84 -46.99 -18.74
C ALA C 151 76.91 -46.92 -17.65
N ALA C 152 78.16 -46.74 -18.10
CA ALA C 152 79.23 -46.48 -17.16
C ALA C 152 79.10 -45.09 -16.56
N MET C 153 79.74 -44.89 -15.41
CA MET C 153 79.63 -43.63 -14.69
C MET C 153 80.46 -42.51 -15.33
N ASP C 154 80.75 -42.59 -16.63
CA ASP C 154 81.36 -41.50 -17.37
C ASP C 154 80.57 -41.12 -18.61
N GLY C 155 79.46 -41.82 -18.89
CA GLY C 155 78.62 -41.53 -20.03
C GLY C 155 78.76 -42.50 -21.19
N SER C 156 79.78 -43.36 -21.16
CA SER C 156 80.02 -44.29 -22.25
C SER C 156 79.18 -45.55 -22.08
N GLU C 157 79.29 -46.45 -23.08
CA GLU C 157 78.59 -47.74 -23.13
C GLU C 157 77.15 -47.64 -22.63
N ARG C 158 76.42 -46.66 -23.17
CA ARG C 158 75.00 -46.54 -22.85
C ARG C 158 74.22 -47.64 -23.55
N THR C 159 73.48 -48.44 -22.78
CA THR C 159 72.68 -49.52 -23.32
C THR C 159 71.29 -49.48 -22.70
N THR C 160 70.34 -50.09 -23.40
CA THR C 160 68.98 -50.27 -22.89
C THR C 160 68.95 -51.58 -22.10
N LEU C 161 68.78 -51.47 -20.78
CA LEU C 161 68.84 -52.64 -19.91
C LEU C 161 67.51 -53.38 -19.82
N VAL C 162 66.42 -52.64 -19.60
CA VAL C 162 65.08 -53.23 -19.55
C VAL C 162 64.18 -52.45 -20.48
N PRO C 163 63.73 -53.04 -21.60
CA PRO C 163 62.98 -52.27 -22.60
C PRO C 163 61.48 -52.19 -22.34
N ASN C 164 60.87 -53.29 -21.90
CA ASN C 164 59.41 -53.39 -21.83
C ASN C 164 58.94 -53.21 -20.39
N VAL C 165 58.79 -51.94 -19.99
CA VAL C 165 58.22 -51.58 -18.70
C VAL C 165 57.33 -50.36 -18.89
N GLY C 166 56.52 -50.07 -17.87
CA GLY C 166 55.76 -48.85 -17.82
C GLY C 166 56.61 -47.72 -17.24
N ARG C 167 55.91 -46.68 -16.79
CA ARG C 167 56.59 -45.53 -16.20
C ARG C 167 57.11 -45.91 -14.81
N ALA C 168 58.43 -46.03 -14.70
CA ALA C 168 59.08 -46.50 -13.49
C ALA C 168 59.68 -45.35 -12.69
N ASN C 169 59.89 -45.61 -11.40
CA ASN C 169 60.47 -44.62 -10.50
C ASN C 169 60.93 -45.33 -9.23
N GLY C 170 61.77 -44.64 -8.46
CA GLY C 170 62.29 -45.19 -7.22
C GLY C 170 63.30 -46.29 -7.45
N LEU C 171 64.26 -46.06 -8.33
CA LEU C 171 65.27 -47.06 -8.66
C LEU C 171 66.28 -47.16 -7.53
N THR C 172 66.40 -48.35 -6.95
CA THR C 172 67.28 -48.58 -5.80
C THR C 172 68.04 -49.88 -6.01
N ILE C 173 69.32 -49.87 -5.64
CA ILE C 173 70.21 -51.02 -5.81
C ILE C 173 70.42 -51.69 -4.47
N ASP C 174 70.21 -53.01 -4.42
CA ASP C 174 70.56 -53.81 -3.25
C ASP C 174 71.96 -54.37 -3.49
N TYR C 175 72.96 -53.74 -2.88
CA TYR C 175 74.35 -54.07 -3.17
C TYR C 175 74.79 -55.40 -2.57
N ALA C 176 73.96 -56.04 -1.76
CA ALA C 176 74.32 -57.31 -1.15
C ALA C 176 73.87 -58.51 -1.97
N LYS C 177 72.64 -58.47 -2.50
CA LYS C 177 72.09 -59.57 -3.27
C LYS C 177 72.35 -59.43 -4.77
N ARG C 178 73.02 -58.36 -5.20
CA ARG C 178 73.30 -58.11 -6.61
C ARG C 178 72.00 -58.08 -7.42
N ARG C 179 71.06 -57.24 -6.99
CA ARG C 179 69.77 -57.11 -7.66
C ARG C 179 69.39 -55.65 -7.75
N LEU C 180 68.50 -55.35 -8.70
CA LEU C 180 68.03 -54.00 -8.96
C LEU C 180 66.52 -53.96 -8.78
N TYR C 181 66.04 -53.06 -7.92
CA TYR C 181 64.63 -52.94 -7.60
C TYR C 181 64.06 -51.64 -8.18
N TRP C 182 62.79 -51.68 -8.56
CA TRP C 182 62.12 -50.49 -9.06
C TRP C 182 60.61 -50.68 -8.93
N THR C 183 59.90 -49.56 -9.01
CA THR C 183 58.45 -49.54 -9.02
C THR C 183 57.94 -49.30 -10.44
N ASP C 184 56.67 -49.62 -10.65
CA ASP C 184 56.02 -49.42 -11.94
C ASP C 184 54.66 -48.77 -11.70
N LEU C 185 54.44 -47.62 -12.35
CA LEU C 185 53.23 -46.83 -12.12
C LEU C 185 52.09 -47.16 -13.06
N ASP C 186 52.38 -47.76 -14.23
CA ASP C 186 51.34 -48.09 -15.17
C ASP C 186 50.80 -49.51 -14.97
N THR C 187 51.69 -50.48 -14.73
CA THR C 187 51.25 -51.84 -14.45
C THR C 187 50.89 -52.05 -12.97
N ASN C 188 51.18 -51.07 -12.11
CA ASN C 188 50.78 -51.07 -10.70
C ASN C 188 51.37 -52.28 -9.96
N LEU C 189 52.69 -52.23 -9.79
CA LEU C 189 53.39 -53.29 -9.08
C LEU C 189 54.80 -52.81 -8.74
N ILE C 190 55.46 -53.59 -7.89
CA ILE C 190 56.88 -53.43 -7.58
C ILE C 190 57.58 -54.74 -7.94
N GLU C 191 58.64 -54.65 -8.73
CA GLU C 191 59.33 -55.83 -9.23
C GLU C 191 60.84 -55.65 -9.10
N SER C 192 61.55 -56.75 -9.28
CA SER C 192 63.01 -56.80 -9.12
C SER C 192 63.64 -57.37 -10.39
N SER C 193 64.97 -57.46 -10.37
CA SER C 193 65.76 -58.05 -11.44
C SER C 193 67.21 -58.10 -10.98
N ASN C 194 68.00 -58.94 -11.64
CA ASN C 194 69.43 -59.00 -11.34
C ASN C 194 70.12 -57.77 -11.92
N MET C 195 71.44 -57.70 -11.70
CA MET C 195 72.20 -56.49 -12.04
C MET C 195 72.28 -56.21 -13.53
N LEU C 196 71.68 -57.03 -14.40
CA LEU C 196 71.79 -56.83 -15.83
C LEU C 196 70.44 -56.90 -16.54
N GLY C 197 69.34 -56.65 -15.82
CA GLY C 197 68.06 -56.38 -16.45
C GLY C 197 67.14 -57.56 -16.60
N LEU C 198 67.56 -58.77 -16.28
CA LEU C 198 66.72 -59.95 -16.44
C LEU C 198 66.43 -60.58 -15.07
N ASN C 199 65.91 -61.81 -15.09
CA ASN C 199 65.47 -62.51 -13.89
C ASN C 199 64.51 -61.63 -13.10
N ARG C 200 63.49 -61.13 -13.78
CA ARG C 200 62.54 -60.21 -13.18
C ARG C 200 61.49 -60.95 -12.37
N GLU C 201 61.21 -60.45 -11.17
CA GLU C 201 60.24 -61.06 -10.27
C GLU C 201 59.41 -59.95 -9.63
N VAL C 202 58.09 -60.14 -9.62
CA VAL C 202 57.18 -59.20 -8.99
C VAL C 202 57.07 -59.54 -7.51
N ILE C 203 57.35 -58.54 -6.66
CA ILE C 203 57.33 -58.75 -5.21
C ILE C 203 55.94 -58.50 -4.63
N ALA C 204 55.34 -57.35 -4.97
CA ALA C 204 54.02 -57.01 -4.49
C ALA C 204 53.23 -56.38 -5.63
N ASP C 205 51.91 -56.55 -5.58
CA ASP C 205 51.02 -56.05 -6.63
C ASP C 205 49.89 -55.23 -6.00
N ASP C 206 49.00 -54.74 -6.87
CA ASP C 206 47.82 -53.98 -6.45
C ASP C 206 48.20 -52.72 -5.67
N LEU C 207 49.31 -52.09 -6.07
CA LEU C 207 49.65 -50.76 -5.57
C LEU C 207 49.32 -49.76 -6.66
N PRO C 208 48.26 -48.96 -6.52
CA PRO C 208 47.81 -48.13 -7.65
C PRO C 208 48.82 -47.08 -8.09
N HIS C 209 49.78 -46.72 -7.24
CA HIS C 209 50.79 -45.73 -7.62
C HIS C 209 51.97 -45.75 -6.66
N PRO C 210 52.82 -46.78 -6.71
CA PRO C 210 54.01 -46.78 -5.84
C PRO C 210 55.08 -45.82 -6.34
N PHE C 211 55.18 -44.65 -5.71
CA PHE C 211 56.06 -43.60 -6.19
C PHE C 211 57.50 -43.78 -5.71
N GLY C 212 57.70 -43.88 -4.39
CA GLY C 212 59.02 -44.02 -3.83
C GLY C 212 59.36 -45.47 -3.51
N LEU C 213 60.66 -45.72 -3.34
CA LEU C 213 61.14 -47.06 -3.04
C LEU C 213 62.56 -46.98 -2.49
N THR C 214 62.84 -47.78 -1.47
CA THR C 214 64.18 -47.90 -0.91
C THR C 214 64.33 -49.29 -0.30
N GLN C 215 65.55 -49.63 0.09
CA GLN C 215 65.87 -50.97 0.57
C GLN C 215 66.86 -50.90 1.71
N TYR C 216 66.69 -51.78 2.69
CA TYR C 216 67.62 -51.91 3.81
C TYR C 216 67.41 -53.26 4.46
N GLN C 217 68.49 -54.06 4.53
CA GLN C 217 68.47 -55.40 5.11
C GLN C 217 67.47 -56.24 4.32
N ASP C 218 66.57 -56.98 4.97
CA ASP C 218 65.58 -57.81 4.30
C ASP C 218 64.28 -57.07 4.02
N TYR C 219 64.28 -55.74 4.10
CA TYR C 219 63.05 -54.96 4.04
C TYR C 219 63.16 -53.89 2.96
N ILE C 220 62.13 -53.80 2.13
CA ILE C 220 61.97 -52.70 1.18
C ILE C 220 60.88 -51.78 1.70
N TYR C 221 61.11 -50.48 1.59
CA TYR C 221 60.13 -49.47 1.99
C TYR C 221 59.63 -48.75 0.75
N TRP C 222 58.34 -48.40 0.74
CA TRP C 222 57.77 -47.67 -0.37
C TRP C 222 56.67 -46.76 0.16
N THR C 223 56.24 -45.83 -0.70
CA THR C 223 55.12 -44.95 -0.40
C THR C 223 54.14 -45.01 -1.57
N ASP C 224 52.87 -45.19 -1.25
CA ASP C 224 51.80 -45.24 -2.25
C ASP C 224 50.88 -44.05 -2.01
N TRP C 225 50.71 -43.21 -3.04
CA TRP C 225 49.95 -41.99 -2.88
C TRP C 225 48.47 -42.25 -2.61
N SER C 226 47.96 -43.44 -2.94
CA SER C 226 46.56 -43.75 -2.65
C SER C 226 46.35 -44.02 -1.17
N ARG C 227 47.25 -44.78 -0.55
CA ARG C 227 47.09 -45.20 0.84
C ARG C 227 47.62 -44.19 1.85
N ARG C 228 48.40 -43.20 1.41
CA ARG C 228 48.88 -42.12 2.27
C ARG C 228 49.69 -42.67 3.44
N SER C 229 50.65 -43.55 3.15
CA SER C 229 51.41 -44.18 4.22
C SER C 229 52.75 -44.67 3.70
N ILE C 230 53.67 -44.86 4.64
CA ILE C 230 54.95 -45.52 4.39
C ILE C 230 54.87 -46.92 4.98
N GLU C 231 55.23 -47.92 4.18
CA GLU C 231 55.03 -49.32 4.56
C GLU C 231 56.33 -50.10 4.45
N ARG C 232 56.32 -51.28 5.07
CA ARG C 232 57.46 -52.18 5.10
C ARG C 232 56.99 -53.58 4.70
N ALA C 233 57.86 -54.30 4.00
CA ALA C 233 57.52 -55.66 3.59
C ALA C 233 58.80 -56.45 3.33
N ASN C 234 58.64 -57.77 3.31
CA ASN C 234 59.72 -58.67 2.95
C ASN C 234 60.18 -58.39 1.52
N LYS C 235 61.50 -58.24 1.34
CA LYS C 235 62.01 -57.71 0.08
C LYS C 235 61.86 -58.71 -1.07
N THR C 236 61.85 -60.01 -0.78
CA THR C 236 61.80 -61.02 -1.83
C THR C 236 60.43 -61.68 -1.97
N SER C 237 59.63 -61.72 -0.89
CA SER C 237 58.35 -62.41 -0.92
C SER C 237 57.15 -61.47 -0.89
N GLY C 238 57.23 -60.36 -0.15
CA GLY C 238 56.10 -59.47 0.00
C GLY C 238 55.23 -59.75 1.20
N GLN C 239 55.63 -60.68 2.06
CA GLN C 239 54.90 -61.00 3.28
C GLN C 239 55.27 -59.99 4.36
N ASN C 240 54.82 -60.24 5.59
CA ASN C 240 55.24 -59.47 6.77
C ASN C 240 55.06 -57.97 6.55
N ARG C 241 53.85 -57.59 6.16
CA ARG C 241 53.53 -56.25 5.71
C ARG C 241 53.09 -55.39 6.89
N THR C 242 53.85 -54.34 7.18
CA THR C 242 53.55 -53.44 8.28
C THR C 242 53.54 -52.00 7.79
N ILE C 243 52.85 -51.15 8.55
CA ILE C 243 52.76 -49.72 8.26
C ILE C 243 53.70 -48.97 9.18
N ILE C 244 54.51 -48.08 8.61
CA ILE C 244 55.48 -47.30 9.38
C ILE C 244 54.82 -46.05 9.90
N GLN C 245 54.24 -45.25 8.99
CA GLN C 245 53.46 -44.08 9.37
C GLN C 245 52.30 -43.92 8.41
N GLY C 246 51.16 -43.47 8.94
CA GLY C 246 50.03 -43.07 8.12
C GLY C 246 49.91 -41.56 8.05
N HIS C 247 48.90 -41.11 7.31
CA HIS C 247 48.60 -39.69 7.16
C HIS C 247 49.77 -38.91 6.56
N LEU C 248 50.61 -39.59 5.79
CA LEU C 248 51.71 -38.95 5.07
C LEU C 248 51.39 -39.05 3.57
N ASP C 249 50.83 -37.96 3.03
CA ASP C 249 50.42 -37.94 1.64
C ASP C 249 51.51 -37.34 0.76
N TYR C 250 51.82 -38.03 -0.34
CA TYR C 250 52.64 -37.51 -1.43
C TYR C 250 54.07 -37.25 -0.97
N VAL C 251 54.76 -38.35 -0.73
CA VAL C 251 56.20 -38.32 -0.48
C VAL C 251 56.92 -38.34 -1.82
N MET C 252 57.85 -37.41 -2.00
CA MET C 252 58.55 -37.27 -3.28
C MET C 252 59.72 -38.24 -3.43
N ASP C 253 60.38 -38.61 -2.33
CA ASP C 253 61.46 -39.58 -2.39
C ASP C 253 61.75 -40.06 -0.98
N ILE C 254 62.10 -41.34 -0.85
CA ILE C 254 62.45 -41.93 0.44
C ILE C 254 63.89 -42.44 0.35
N LEU C 255 64.52 -42.54 1.52
CA LEU C 255 65.94 -42.89 1.56
C LEU C 255 66.27 -43.49 2.93
N VAL C 256 66.97 -44.62 2.92
CA VAL C 256 67.47 -45.23 4.15
C VAL C 256 68.80 -44.58 4.49
N PHE C 257 68.91 -44.06 5.71
CA PHE C 257 70.08 -43.31 6.15
C PHE C 257 70.92 -44.21 7.06
N HIS C 258 71.92 -44.86 6.47
CA HIS C 258 72.81 -45.75 7.22
C HIS C 258 74.13 -45.86 6.48
N SER C 259 75.17 -46.25 7.22
CA SER C 259 76.52 -46.29 6.67
C SER C 259 76.77 -47.54 5.82
N SER C 260 75.95 -48.59 5.97
CA SER C 260 76.15 -49.80 5.18
C SER C 260 75.56 -49.67 3.79
N ARG C 261 74.71 -48.67 3.55
CA ARG C 261 74.18 -48.42 2.22
C ARG C 261 75.21 -47.80 1.28
N GLN C 262 76.35 -47.34 1.82
CA GLN C 262 77.41 -46.70 1.03
C GLN C 262 78.75 -47.29 1.45
N SER C 263 78.98 -48.55 1.07
CA SER C 263 80.20 -49.26 1.36
C SER C 263 80.99 -49.48 0.06
N GLY C 264 81.84 -50.50 0.05
CA GLY C 264 82.64 -50.80 -1.10
C GLY C 264 83.85 -49.89 -1.23
N TRP C 265 84.46 -49.93 -2.42
CA TRP C 265 85.64 -49.14 -2.70
C TRP C 265 85.87 -49.14 -4.21
N ASN C 266 86.69 -48.19 -4.66
CA ASN C 266 87.18 -48.18 -6.04
C ASN C 266 88.59 -47.61 -6.04
N GLU C 267 89.13 -47.39 -7.23
CA GLU C 267 90.52 -46.97 -7.36
C GLU C 267 90.71 -45.46 -7.32
N CYS C 268 89.62 -44.69 -7.23
CA CYS C 268 89.77 -43.26 -6.98
C CYS C 268 90.45 -43.02 -5.63
N ALA C 269 90.12 -43.84 -4.64
CA ALA C 269 90.77 -43.86 -3.32
C ALA C 269 90.61 -42.46 -2.68
N SER C 270 91.59 -42.07 -1.87
CA SER C 270 91.57 -40.77 -1.21
C SER C 270 92.40 -39.72 -1.94
N SER C 271 93.03 -40.08 -3.07
CA SER C 271 93.81 -39.14 -3.86
C SER C 271 93.10 -38.73 -5.13
N ASN C 272 91.78 -38.93 -5.19
CA ASN C 272 90.96 -38.56 -6.35
C ASN C 272 91.43 -39.28 -7.62
N GLY C 273 92.03 -40.45 -7.45
CA GLY C 273 92.63 -41.15 -8.58
C GLY C 273 93.75 -40.39 -9.24
N HIS C 274 94.31 -39.39 -8.54
CA HIS C 274 95.34 -38.51 -9.10
C HIS C 274 94.87 -37.79 -10.36
N CYS C 275 93.56 -37.56 -10.45
CA CYS C 275 92.99 -36.78 -11.54
C CYS C 275 92.99 -35.30 -11.16
N SER C 276 93.06 -34.44 -12.19
CA SER C 276 93.07 -33.01 -11.94
C SER C 276 91.69 -32.50 -11.55
N HIS C 277 90.62 -33.12 -12.08
CA HIS C 277 89.27 -32.64 -11.82
C HIS C 277 88.38 -33.74 -11.27
N LEU C 278 87.83 -34.57 -12.16
CA LEU C 278 86.83 -35.57 -11.79
C LEU C 278 87.42 -36.98 -11.91
N CYS C 279 87.04 -37.83 -10.96
CA CYS C 279 87.37 -39.26 -11.02
C CYS C 279 86.05 -40.01 -11.26
N LEU C 280 85.87 -40.50 -12.48
CA LEU C 280 84.66 -41.19 -12.88
C LEU C 280 84.95 -42.68 -13.02
N ALA C 281 84.15 -43.51 -12.34
CA ALA C 281 84.40 -44.93 -12.30
C ALA C 281 83.92 -45.61 -13.58
N VAL C 282 84.71 -46.57 -14.06
CA VAL C 282 84.43 -47.32 -15.28
C VAL C 282 84.47 -48.80 -14.92
N PRO C 283 84.21 -49.74 -15.87
CA PRO C 283 84.30 -51.17 -15.53
C PRO C 283 85.62 -51.60 -14.91
N VAL C 284 85.65 -52.83 -14.40
CA VAL C 284 86.80 -53.44 -13.73
C VAL C 284 87.25 -52.55 -12.57
N GLY C 285 86.29 -51.93 -11.89
CA GLY C 285 86.58 -51.04 -10.78
C GLY C 285 87.55 -49.93 -11.13
N GLY C 286 87.79 -49.72 -12.42
CA GLY C 286 88.76 -48.76 -12.87
C GLY C 286 88.22 -47.35 -12.81
N PHE C 287 88.90 -46.46 -13.53
CA PHE C 287 88.54 -45.05 -13.49
C PHE C 287 89.08 -44.37 -14.74
N VAL C 288 88.45 -43.23 -15.06
CA VAL C 288 88.95 -42.29 -16.05
C VAL C 288 88.84 -40.90 -15.46
N CYS C 289 89.76 -40.03 -15.86
CA CYS C 289 89.76 -38.65 -15.38
C CYS C 289 88.83 -37.82 -16.24
N GLY C 290 87.75 -37.32 -15.63
CA GLY C 290 86.80 -36.50 -16.35
C GLY C 290 87.16 -35.03 -16.35
N CYS C 291 86.54 -34.30 -17.27
CA CYS C 291 86.80 -32.87 -17.42
C CYS C 291 85.49 -32.09 -17.41
N PRO C 292 85.51 -30.87 -16.89
CA PRO C 292 84.31 -30.03 -16.93
C PRO C 292 83.83 -29.79 -18.36
N ALA C 293 82.66 -29.15 -18.46
CA ALA C 293 82.06 -28.90 -19.76
C ALA C 293 83.00 -28.06 -20.63
N HIS C 294 83.15 -28.49 -21.88
CA HIS C 294 83.98 -27.86 -22.91
C HIS C 294 85.47 -27.98 -22.64
N TYR C 295 85.89 -28.84 -21.72
CA TYR C 295 87.29 -29.17 -21.52
C TYR C 295 87.60 -30.49 -22.23
N SER C 296 88.86 -30.66 -22.61
CA SER C 296 89.32 -31.85 -23.29
C SER C 296 90.42 -32.54 -22.49
N LEU C 297 90.48 -33.86 -22.60
CA LEU C 297 91.49 -34.64 -21.90
C LEU C 297 92.79 -34.63 -22.69
N ASN C 298 93.90 -34.37 -21.99
CA ASN C 298 95.20 -34.22 -22.64
C ASN C 298 95.74 -35.58 -23.08
N ALA C 299 97.01 -35.60 -23.47
CA ALA C 299 97.62 -36.84 -23.94
C ALA C 299 97.91 -37.79 -22.78
N ASP C 300 98.36 -37.26 -21.64
CA ASP C 300 98.69 -38.09 -20.50
C ASP C 300 97.47 -38.82 -19.93
N ASN C 301 96.27 -38.45 -20.37
CA ASN C 301 95.02 -39.10 -19.94
C ASN C 301 94.86 -39.05 -18.42
N ARG C 302 95.30 -37.94 -17.82
CA ARG C 302 95.07 -37.62 -16.42
C ARG C 302 94.80 -36.16 -16.15
N THR C 303 95.09 -35.25 -17.08
CA THR C 303 94.92 -33.82 -16.88
C THR C 303 93.95 -33.26 -17.91
N CYS C 304 93.31 -32.15 -17.56
CA CYS C 304 92.34 -31.50 -18.42
C CYS C 304 92.86 -30.14 -18.89
N SER C 305 92.25 -29.63 -19.96
CA SER C 305 92.64 -28.36 -20.55
C SER C 305 91.38 -27.57 -20.92
N ALA C 306 91.41 -26.26 -20.66
CA ALA C 306 90.30 -25.40 -20.99
C ALA C 306 90.24 -25.15 -22.49
N PRO C 307 89.06 -24.76 -23.02
CA PRO C 307 88.97 -24.48 -24.45
C PRO C 307 89.69 -23.19 -24.80
N THR C 308 90.52 -23.25 -25.84
CA THR C 308 91.31 -22.09 -26.23
C THR C 308 90.53 -21.15 -27.14
N THR C 309 89.64 -21.67 -27.97
CA THR C 309 88.78 -20.86 -28.81
C THR C 309 87.34 -21.33 -28.65
N PHE C 310 86.44 -20.37 -28.50
CA PHE C 310 85.05 -20.64 -28.12
C PHE C 310 84.24 -19.37 -28.32
N LEU C 311 82.92 -19.52 -28.26
CA LEU C 311 82.00 -18.42 -28.52
C LEU C 311 81.12 -18.15 -27.32
N LEU C 312 80.80 -16.87 -27.13
CA LEU C 312 79.95 -16.40 -26.04
C LEU C 312 78.76 -15.66 -26.64
N PHE C 313 77.56 -16.17 -26.39
CA PHE C 313 76.32 -15.49 -26.76
C PHE C 313 75.49 -15.29 -25.50
N SER C 314 74.96 -14.08 -25.33
CA SER C 314 74.31 -13.69 -24.09
C SER C 314 72.80 -13.55 -24.27
N GLN C 315 72.11 -13.50 -23.14
CA GLN C 315 70.68 -13.24 -23.11
C GLN C 315 70.40 -12.04 -22.20
N LYS C 316 69.15 -11.87 -21.79
CA LYS C 316 68.81 -10.78 -20.88
C LYS C 316 69.29 -11.07 -19.47
N SER C 317 69.13 -12.31 -19.00
CA SER C 317 69.48 -12.68 -17.63
C SER C 317 70.33 -13.94 -17.58
N ALA C 318 71.07 -14.22 -18.65
CA ALA C 318 71.90 -15.42 -18.71
C ALA C 318 72.95 -15.25 -19.80
N ILE C 319 74.20 -15.59 -19.47
CA ILE C 319 75.31 -15.59 -20.42
C ILE C 319 75.68 -17.05 -20.69
N ASN C 320 75.84 -17.39 -21.97
CA ASN C 320 76.10 -18.76 -22.39
C ASN C 320 77.45 -18.85 -23.09
N ARG C 321 77.84 -20.09 -23.38
CA ARG C 321 79.11 -20.38 -24.02
C ARG C 321 78.97 -21.67 -24.82
N MET C 322 79.37 -21.63 -26.09
CA MET C 322 79.31 -22.82 -26.94
C MET C 322 80.61 -22.92 -27.73
N VAL C 323 81.01 -24.16 -28.00
CA VAL C 323 82.21 -24.45 -28.79
C VAL C 323 81.80 -25.22 -30.03
N ILE C 324 82.55 -25.00 -31.11
CA ILE C 324 82.43 -25.82 -32.31
C ILE C 324 83.47 -26.93 -32.19
N ASP C 325 83.03 -28.08 -31.70
CA ASP C 325 83.90 -29.23 -31.54
C ASP C 325 83.29 -30.43 -32.23
N GLU C 326 84.13 -31.42 -32.51
CA GLU C 326 83.68 -32.64 -33.17
C GLU C 326 83.06 -33.64 -32.20
N GLN C 327 83.13 -33.37 -30.90
CA GLN C 327 82.29 -34.07 -29.93
C GLN C 327 80.84 -33.62 -29.99
N GLN C 328 80.56 -32.48 -30.63
CA GLN C 328 79.24 -31.86 -30.65
C GLN C 328 78.75 -31.62 -29.22
N SER C 329 79.61 -31.00 -28.42
CA SER C 329 79.30 -30.76 -27.01
C SER C 329 78.22 -29.71 -26.89
N PRO C 330 77.31 -29.85 -25.93
CA PRO C 330 76.25 -28.86 -25.75
C PRO C 330 76.77 -27.60 -25.07
N ASP C 331 76.04 -26.51 -25.28
CA ASP C 331 76.37 -25.26 -24.61
C ASP C 331 75.90 -25.31 -23.16
N ILE C 332 76.49 -24.45 -22.33
CA ILE C 332 76.16 -24.36 -20.92
C ILE C 332 75.93 -22.89 -20.57
N ILE C 333 75.29 -22.68 -19.43
CA ILE C 333 75.11 -21.36 -18.87
C ILE C 333 76.26 -21.08 -17.90
N LEU C 334 76.81 -19.87 -17.96
CA LEU C 334 77.91 -19.52 -17.07
C LEU C 334 77.37 -19.13 -15.70
N PRO C 335 77.86 -19.75 -14.62
CA PRO C 335 77.33 -19.43 -13.29
C PRO C 335 77.71 -18.05 -12.81
N ILE C 336 77.08 -17.02 -13.37
CA ILE C 336 77.35 -15.63 -13.01
C ILE C 336 76.13 -15.08 -12.28
N HIS C 337 76.34 -14.62 -11.06
CA HIS C 337 75.23 -14.15 -10.24
C HIS C 337 74.86 -12.71 -10.61
N SER C 338 73.64 -12.33 -10.20
CA SER C 338 73.12 -10.97 -10.33
C SER C 338 73.05 -10.50 -11.78
N LEU C 339 72.98 -11.41 -12.74
CA LEU C 339 72.71 -11.03 -14.13
C LEU C 339 71.27 -10.55 -14.24
N ARG C 340 71.09 -9.34 -14.78
CA ARG C 340 69.79 -8.68 -14.69
C ARG C 340 69.27 -8.24 -16.05
N ASN C 341 70.08 -7.45 -16.77
CA ASN C 341 69.73 -7.03 -18.11
C ASN C 341 70.99 -6.80 -18.93
N VAL C 342 71.59 -7.88 -19.44
CA VAL C 342 72.84 -7.76 -20.20
C VAL C 342 72.54 -7.17 -21.57
N ARG C 343 73.28 -6.14 -21.95
CA ARG C 343 73.09 -5.45 -23.22
C ARG C 343 74.15 -5.83 -24.26
N ALA C 344 75.41 -5.88 -23.86
CA ALA C 344 76.49 -6.26 -24.76
C ALA C 344 77.56 -6.99 -23.96
N ILE C 345 78.41 -7.74 -24.66
CA ILE C 345 79.43 -8.55 -24.03
C ILE C 345 80.75 -8.40 -24.76
N ASP C 346 81.84 -8.72 -24.04
CA ASP C 346 83.18 -8.78 -24.58
C ASP C 346 84.03 -9.59 -23.61
N TYR C 347 85.11 -10.16 -24.12
CA TYR C 347 85.90 -11.12 -23.35
C TYR C 347 87.37 -10.75 -23.38
N ASP C 348 88.03 -10.92 -22.23
CA ASP C 348 89.47 -10.70 -22.12
C ASP C 348 90.18 -12.03 -22.23
N PRO C 349 90.94 -12.28 -23.30
CA PRO C 349 91.64 -13.56 -23.44
C PRO C 349 92.91 -13.70 -22.62
N LEU C 350 93.32 -12.65 -21.90
CA LEU C 350 94.57 -12.71 -21.13
C LEU C 350 94.33 -13.23 -19.71
N ASP C 351 93.51 -12.52 -18.93
CA ASP C 351 93.21 -12.93 -17.56
C ASP C 351 91.94 -13.77 -17.46
N LYS C 352 91.32 -14.10 -18.58
CA LYS C 352 90.16 -15.01 -18.63
C LYS C 352 88.99 -14.47 -17.80
N GLN C 353 88.64 -13.21 -18.06
CA GLN C 353 87.52 -12.55 -17.39
C GLN C 353 86.50 -12.10 -18.42
N LEU C 354 85.23 -12.26 -18.08
CA LEU C 354 84.12 -11.91 -18.96
C LEU C 354 83.47 -10.61 -18.49
N TYR C 355 83.32 -9.66 -19.42
CA TYR C 355 82.76 -8.36 -19.11
C TYR C 355 81.39 -8.23 -19.76
N TRP C 356 80.53 -7.40 -19.16
CA TRP C 356 79.20 -7.18 -19.70
C TRP C 356 78.65 -5.87 -19.15
N ILE C 357 77.61 -5.37 -19.83
CA ILE C 357 76.91 -4.14 -19.44
C ILE C 357 75.52 -4.53 -18.99
N ASP C 358 75.17 -4.18 -17.75
CA ASP C 358 73.84 -4.44 -17.20
C ASP C 358 73.05 -3.13 -17.27
N SER C 359 72.16 -3.04 -18.25
CA SER C 359 71.46 -1.79 -18.51
C SER C 359 70.41 -1.45 -17.46
N ARG C 360 70.04 -2.40 -16.60
CA ARG C 360 69.14 -2.08 -15.50
C ARG C 360 69.87 -1.49 -14.30
N GLN C 361 71.16 -1.82 -14.16
CA GLN C 361 71.99 -1.26 -13.10
C GLN C 361 72.87 -0.10 -13.57
N ASN C 362 72.98 0.11 -14.88
CA ASN C 362 73.89 1.09 -15.46
C ASN C 362 75.31 0.85 -14.97
N MET C 363 75.76 -0.40 -15.07
CA MET C 363 77.05 -0.82 -14.58
C MET C 363 77.79 -1.62 -15.66
N ILE C 364 79.11 -1.52 -15.63
CA ILE C 364 80.00 -2.41 -16.38
C ILE C 364 80.66 -3.32 -15.37
N ARG C 365 80.28 -4.60 -15.38
CA ARG C 365 80.73 -5.56 -14.38
C ARG C 365 81.55 -6.65 -15.04
N LYS C 366 82.48 -7.22 -14.28
CA LYS C 366 83.36 -8.28 -14.76
C LYS C 366 83.38 -9.42 -13.76
N ALA C 367 83.70 -10.61 -14.26
CA ALA C 367 83.75 -11.81 -13.44
C ALA C 367 84.47 -12.90 -14.22
N GLN C 368 84.88 -13.95 -13.50
CA GLN C 368 85.51 -15.11 -14.12
C GLN C 368 84.46 -15.92 -14.87
N GLU C 369 84.93 -16.98 -15.54
CA GLU C 369 84.00 -17.88 -16.23
C GLU C 369 83.20 -18.71 -15.25
N ASP C 370 83.80 -19.09 -14.12
CA ASP C 370 83.11 -19.92 -13.13
C ASP C 370 82.32 -19.11 -12.11
N GLY C 371 82.36 -17.77 -12.21
CA GLY C 371 81.54 -16.90 -11.38
C GLY C 371 82.31 -16.13 -10.31
N SER C 372 83.51 -16.55 -9.97
CA SER C 372 84.25 -15.90 -8.91
C SER C 372 84.82 -14.57 -9.39
N GLN C 373 85.27 -13.77 -8.42
CA GLN C 373 85.91 -12.48 -8.68
C GLN C 373 85.00 -11.53 -9.46
N GLY C 374 83.78 -11.36 -8.97
CA GLY C 374 82.86 -10.40 -9.56
C GLY C 374 83.22 -8.99 -9.14
N PHE C 375 83.34 -8.09 -10.13
CA PHE C 375 83.79 -6.74 -9.86
C PHE C 375 83.07 -5.76 -10.79
N THR C 376 82.66 -4.63 -10.24
CA THR C 376 82.00 -3.57 -11.01
C THR C 376 83.05 -2.56 -11.46
N VAL C 377 83.18 -2.38 -12.77
CA VAL C 377 84.18 -1.46 -13.29
C VAL C 377 83.65 -0.03 -13.34
N VAL C 378 82.41 0.14 -13.79
CA VAL C 378 81.78 1.45 -13.91
C VAL C 378 80.43 1.39 -13.19
N VAL C 379 80.14 2.43 -12.41
CA VAL C 379 78.87 2.51 -11.70
C VAL C 379 78.41 3.97 -11.57
N GLU C 388 73.96 11.25 -14.75
CA GLU C 388 74.07 9.81 -14.53
C GLU C 388 74.66 9.10 -15.75
N ILE C 389 75.08 7.86 -15.56
CA ILE C 389 75.75 7.07 -16.59
C ILE C 389 74.78 6.07 -17.17
N GLN C 390 74.97 5.74 -18.44
CA GLN C 390 74.12 4.78 -19.14
C GLN C 390 74.92 4.13 -20.26
N PRO C 391 75.72 3.10 -19.94
CA PRO C 391 76.48 2.40 -20.97
C PRO C 391 75.55 1.65 -21.93
N TYR C 392 76.10 1.32 -23.09
CA TYR C 392 75.30 0.71 -24.16
C TYR C 392 76.08 -0.39 -24.87
N ASP C 393 77.32 -0.11 -25.25
CA ASP C 393 78.17 -1.10 -25.90
C ASP C 393 79.61 -0.87 -25.48
N LEU C 394 80.41 -1.94 -25.55
CA LEU C 394 81.79 -1.89 -25.09
C LEU C 394 82.68 -2.68 -26.04
N SER C 395 83.96 -2.29 -26.08
CA SER C 395 84.97 -3.00 -26.85
C SER C 395 86.30 -2.84 -26.12
N ILE C 396 87.00 -3.95 -25.91
CA ILE C 396 88.16 -4.00 -25.04
C ILE C 396 89.43 -3.88 -25.88
N ASP C 397 90.32 -2.98 -25.48
CA ASP C 397 91.69 -2.92 -26.01
C ASP C 397 92.51 -3.91 -25.19
N ILE C 398 92.58 -5.15 -25.68
CA ILE C 398 93.26 -6.22 -24.94
C ILE C 398 94.75 -6.02 -24.85
N TYR C 399 95.33 -5.12 -25.63
CA TYR C 399 96.77 -4.87 -25.60
C TYR C 399 97.14 -3.86 -24.51
N SER C 400 96.64 -2.63 -24.62
CA SER C 400 96.91 -1.61 -23.60
C SER C 400 96.17 -1.86 -22.30
N ARG C 401 95.19 -2.78 -22.29
CA ARG C 401 94.47 -3.22 -21.08
C ARG C 401 93.47 -2.17 -20.60
N TYR C 402 92.75 -1.52 -21.53
CA TYR C 402 91.80 -0.49 -21.19
C TYR C 402 90.55 -0.63 -22.05
N ILE C 403 89.42 -0.13 -21.53
CA ILE C 403 88.11 -0.32 -22.12
C ILE C 403 87.62 0.97 -22.75
N TYR C 404 87.00 0.84 -23.93
CA TYR C 404 86.21 1.91 -24.54
C TYR C 404 84.73 1.55 -24.42
N TRP C 405 83.95 2.44 -23.84
CA TRP C 405 82.52 2.21 -23.69
C TRP C 405 81.75 3.51 -23.95
N THR C 406 80.60 3.38 -24.60
CA THR C 406 79.78 4.52 -24.98
C THR C 406 78.67 4.72 -23.96
N CYS C 407 78.46 5.98 -23.56
CA CYS C 407 77.41 6.35 -22.63
C CYS C 407 76.26 6.98 -23.40
N GLU C 408 75.07 6.40 -23.28
CA GLU C 408 73.90 6.91 -23.99
C GLU C 408 73.27 8.12 -23.30
N ALA C 409 73.61 8.37 -22.04
CA ALA C 409 73.04 9.52 -21.34
C ALA C 409 73.80 10.81 -21.65
N THR C 410 75.12 10.72 -21.83
CA THR C 410 75.95 11.87 -22.13
C THR C 410 76.45 11.91 -23.56
N ASN C 411 76.30 10.81 -24.32
CA ASN C 411 76.68 10.73 -25.73
C ASN C 411 78.18 11.04 -25.91
N VAL C 412 79.00 10.27 -25.23
CA VAL C 412 80.45 10.38 -25.30
C VAL C 412 81.05 8.99 -25.45
N ILE C 413 82.24 8.94 -26.04
CA ILE C 413 83.05 7.73 -26.09
C ILE C 413 84.03 7.84 -24.91
N ASN C 414 83.71 7.14 -23.83
CA ASN C 414 84.45 7.27 -22.58
C ASN C 414 85.40 6.09 -22.39
N VAL C 415 86.56 6.36 -21.83
CA VAL C 415 87.62 5.37 -21.64
C VAL C 415 87.79 5.09 -20.16
N THR C 416 87.87 3.81 -19.80
CA THR C 416 88.03 3.39 -18.42
C THR C 416 88.97 2.18 -18.38
N ARG C 417 89.86 2.17 -17.40
CA ARG C 417 90.81 1.07 -17.26
C ARG C 417 90.09 -0.21 -16.82
N LEU C 418 90.81 -1.33 -16.93
CA LEU C 418 90.23 -2.61 -16.51
C LEU C 418 89.98 -2.64 -15.01
N ASP C 419 90.77 -1.90 -14.23
CA ASP C 419 90.58 -1.84 -12.79
C ASP C 419 89.57 -0.78 -12.36
N GLY C 420 89.07 0.03 -13.30
CA GLY C 420 88.08 1.05 -13.00
C GLY C 420 88.61 2.47 -12.94
N ARG C 421 89.93 2.66 -13.07
CA ARG C 421 90.51 3.99 -13.03
C ARG C 421 90.17 4.75 -14.31
N SER C 422 89.48 5.88 -14.16
CA SER C 422 89.01 6.61 -15.33
C SER C 422 90.18 7.24 -16.08
N VAL C 423 90.12 7.18 -17.41
CA VAL C 423 91.13 7.77 -18.28
C VAL C 423 90.68 9.13 -18.81
N GLY C 424 89.49 9.18 -19.39
CA GLY C 424 88.97 10.42 -19.93
C GLY C 424 88.07 10.15 -21.11
N VAL C 425 87.59 11.23 -21.72
CA VAL C 425 86.72 11.16 -22.88
C VAL C 425 87.55 11.43 -24.13
N VAL C 426 87.34 10.64 -25.16
CA VAL C 426 88.08 10.79 -26.41
C VAL C 426 87.21 11.31 -27.54
N LEU C 427 85.89 11.27 -27.43
CA LEU C 427 85.01 11.75 -28.48
C LEU C 427 83.73 12.30 -27.85
N LYS C 428 83.39 13.54 -28.20
CA LYS C 428 82.17 14.16 -27.72
C LYS C 428 81.78 15.30 -28.64
N GLY C 429 80.48 15.48 -28.83
CA GLY C 429 79.97 16.56 -29.64
C GLY C 429 78.49 16.72 -29.40
N GLU C 430 77.96 17.88 -29.80
CA GLU C 430 76.55 18.15 -29.59
C GLU C 430 75.67 17.24 -30.44
N GLN C 431 76.06 17.01 -31.68
CA GLN C 431 75.27 16.19 -32.60
C GLN C 431 75.71 14.74 -32.63
N ASP C 432 76.86 14.40 -32.04
CA ASP C 432 77.34 13.03 -32.06
C ASP C 432 76.51 12.14 -31.15
N ARG C 433 76.21 10.93 -31.64
CA ARG C 433 75.45 9.93 -30.89
C ARG C 433 76.15 8.58 -31.01
N PRO C 434 77.30 8.41 -30.35
CA PRO C 434 78.04 7.15 -30.46
C PRO C 434 77.31 6.03 -29.72
N ARG C 435 77.20 4.87 -30.37
CA ARG C 435 76.51 3.72 -29.79
C ARG C 435 77.37 2.47 -29.87
N ALA C 436 77.19 1.66 -30.91
CA ALA C 436 78.02 0.48 -31.10
C ALA C 436 79.46 0.90 -31.38
N VAL C 437 80.42 0.21 -30.78
CA VAL C 437 81.83 0.57 -30.90
C VAL C 437 82.67 -0.70 -30.86
N VAL C 438 83.63 -0.79 -31.79
CA VAL C 438 84.60 -1.87 -31.82
C VAL C 438 85.97 -1.27 -32.11
N VAL C 439 87.00 -1.75 -31.42
CA VAL C 439 88.34 -1.20 -31.53
C VAL C 439 89.22 -2.12 -32.36
N ASN C 440 90.27 -1.55 -32.93
CA ASN C 440 91.26 -2.31 -33.70
C ASN C 440 92.64 -1.78 -33.33
N PRO C 441 93.18 -2.21 -32.18
CA PRO C 441 94.49 -1.69 -31.74
C PRO C 441 95.66 -2.18 -32.58
N GLU C 442 95.48 -3.23 -33.38
CA GLU C 442 96.58 -3.71 -34.22
C GLU C 442 96.96 -2.68 -35.27
N LYS C 443 96.03 -1.80 -35.66
CA LYS C 443 96.30 -0.74 -36.62
C LYS C 443 96.08 0.65 -36.07
N GLY C 444 95.59 0.77 -34.84
CA GLY C 444 95.45 2.06 -34.20
C GLY C 444 94.16 2.80 -34.49
N TYR C 445 93.08 2.09 -34.80
CA TYR C 445 91.81 2.70 -35.13
C TYR C 445 90.70 2.17 -34.24
N MET C 446 89.63 2.95 -34.12
CA MET C 446 88.40 2.55 -33.47
C MET C 446 87.23 2.84 -34.40
N TYR C 447 86.29 1.91 -34.47
CA TYR C 447 85.10 2.05 -35.30
C TYR C 447 83.87 2.20 -34.42
N PHE C 448 82.93 3.05 -34.85
CA PHE C 448 81.75 3.32 -34.06
C PHE C 448 80.62 3.77 -34.97
N THR C 449 79.39 3.41 -34.60
CA THR C 449 78.20 3.86 -35.31
C THR C 449 77.74 5.18 -34.74
N ASN C 450 77.48 6.15 -35.62
CA ASN C 450 77.03 7.48 -35.23
C ASN C 450 75.57 7.61 -35.65
N LEU C 451 74.67 7.41 -34.69
CA LEU C 451 73.23 7.37 -34.97
C LEU C 451 72.61 8.76 -34.87
N GLN C 452 73.08 9.65 -35.73
CA GLN C 452 72.42 10.93 -35.91
C GLN C 452 71.10 10.73 -36.65
N GLU C 453 70.11 11.57 -36.32
CA GLU C 453 68.78 11.39 -36.86
C GLU C 453 68.75 11.69 -38.36
N ARG C 454 68.12 10.78 -39.12
CA ARG C 454 67.94 10.93 -40.56
C ARG C 454 69.26 11.16 -41.29
N SER C 455 70.35 10.64 -40.72
CA SER C 455 71.66 10.62 -41.34
C SER C 455 72.58 9.69 -40.55
N PRO C 456 72.29 8.38 -40.51
CA PRO C 456 73.16 7.48 -39.75
C PRO C 456 74.50 7.29 -40.46
N LYS C 457 75.57 7.22 -39.66
CA LYS C 457 76.91 7.16 -40.18
C LYS C 457 77.70 6.05 -39.50
N ILE C 458 78.66 5.50 -40.24
CA ILE C 458 79.66 4.59 -39.71
C ILE C 458 81.01 5.27 -39.92
N GLU C 459 81.65 5.67 -38.83
CA GLU C 459 82.87 6.46 -38.89
C GLU C 459 84.04 5.70 -38.27
N ARG C 460 85.22 6.30 -38.34
CA ARG C 460 86.40 5.76 -37.70
C ARG C 460 87.30 6.91 -37.26
N ALA C 461 88.23 6.59 -36.37
CA ALA C 461 89.17 7.58 -35.85
C ALA C 461 90.29 6.83 -35.13
N ALA C 462 91.37 7.55 -34.86
CA ALA C 462 92.46 6.98 -34.07
C ALA C 462 91.99 6.72 -32.64
N LEU C 463 92.79 5.96 -31.90
CA LEU C 463 92.41 5.57 -30.55
C LEU C 463 92.38 6.75 -29.56
N ASP C 464 92.49 8.01 -29.98
CA ASP C 464 92.42 9.14 -29.08
C ASP C 464 91.30 10.12 -29.40
N GLY C 465 90.66 10.01 -30.56
CA GLY C 465 89.56 10.87 -30.92
C GLY C 465 89.82 11.81 -32.08
N THR C 466 91.08 11.99 -32.47
CA THR C 466 91.40 12.81 -33.62
C THR C 466 91.37 11.97 -34.89
N GLU C 467 91.71 12.59 -36.02
CA GLU C 467 91.74 11.92 -37.32
C GLU C 467 90.38 11.30 -37.66
N ARG C 468 89.31 11.98 -37.27
CA ARG C 468 87.97 11.46 -37.51
C ARG C 468 87.60 11.57 -38.99
N GLU C 469 87.03 10.49 -39.52
CA GLU C 469 86.57 10.46 -40.90
C GLU C 469 85.33 9.57 -40.98
N VAL C 470 84.48 9.87 -41.96
CA VAL C 470 83.24 9.13 -42.16
C VAL C 470 83.49 8.05 -43.21
N LEU C 471 83.21 6.79 -42.85
CA LEU C 471 83.44 5.67 -43.75
C LEU C 471 82.25 5.43 -44.67
N PHE C 472 81.10 5.08 -44.10
CA PHE C 472 79.88 4.87 -44.89
C PHE C 472 78.72 5.56 -44.20
N PHE C 473 77.92 6.29 -44.97
CA PHE C 473 76.74 6.97 -44.45
C PHE C 473 75.47 6.62 -45.20
N SER C 474 75.55 6.38 -46.51
CA SER C 474 74.39 5.99 -47.30
C SER C 474 74.06 4.51 -47.06
N GLY C 475 72.85 4.14 -47.46
CA GLY C 475 72.41 2.76 -47.34
C GLY C 475 72.30 2.26 -45.91
N LEU C 476 72.00 3.15 -44.97
CA LEU C 476 71.88 2.80 -43.56
C LEU C 476 70.60 3.36 -42.98
N SER C 477 70.03 2.64 -42.03
CA SER C 477 68.82 3.08 -41.34
C SER C 477 68.97 2.90 -39.83
N LYS C 478 69.21 1.66 -39.40
CA LYS C 478 69.40 1.34 -37.99
C LYS C 478 70.55 0.35 -37.83
N PRO C 479 71.79 0.82 -38.00
CA PRO C 479 72.94 -0.06 -37.71
C PRO C 479 73.07 -0.31 -36.22
N ILE C 480 72.56 -1.45 -35.75
CA ILE C 480 72.41 -1.70 -34.33
C ILE C 480 73.58 -2.50 -33.72
N ALA C 481 74.38 -3.19 -34.54
CA ALA C 481 75.48 -3.98 -34.03
C ALA C 481 76.70 -3.77 -34.93
N LEU C 482 77.87 -4.02 -34.36
CA LEU C 482 79.12 -3.79 -35.07
C LEU C 482 80.16 -4.80 -34.61
N ALA C 483 81.04 -5.19 -35.53
CA ALA C 483 82.12 -6.12 -35.26
C ALA C 483 83.11 -6.08 -36.43
N LEU C 484 84.32 -6.55 -36.18
CA LEU C 484 85.35 -6.62 -37.20
C LEU C 484 86.23 -7.82 -36.96
N ASP C 485 87.12 -8.09 -37.91
CA ASP C 485 88.10 -9.17 -37.81
C ASP C 485 89.37 -8.71 -38.50
N SER C 486 90.44 -8.54 -37.74
CA SER C 486 91.66 -7.92 -38.28
C SER C 486 92.37 -8.83 -39.26
N ARG C 487 92.25 -10.15 -39.11
CA ARG C 487 92.87 -11.08 -40.06
C ARG C 487 92.33 -10.87 -41.45
N LEU C 488 91.00 -11.00 -41.61
CA LEU C 488 90.38 -10.78 -42.91
C LEU C 488 90.40 -9.32 -43.34
N GLY C 489 90.65 -8.41 -42.41
CA GLY C 489 90.63 -6.99 -42.74
C GLY C 489 89.27 -6.51 -43.17
N LYS C 490 88.22 -6.94 -42.47
CA LYS C 490 86.85 -6.64 -42.85
C LYS C 490 86.10 -5.99 -41.69
N LEU C 491 85.08 -5.21 -42.03
CA LEU C 491 84.18 -4.61 -41.06
C LEU C 491 82.76 -5.10 -41.35
N PHE C 492 82.10 -5.64 -40.33
CA PHE C 492 80.76 -6.18 -40.46
C PHE C 492 79.80 -5.36 -39.61
N TRP C 493 78.57 -5.20 -40.11
CA TRP C 493 77.52 -4.53 -39.36
C TRP C 493 76.17 -5.05 -39.82
N ALA C 494 75.19 -5.00 -38.92
CA ALA C 494 73.84 -5.47 -39.18
C ALA C 494 72.86 -4.30 -39.11
N ASP C 495 71.90 -4.29 -40.02
CA ASP C 495 70.87 -3.25 -40.10
C ASP C 495 69.52 -3.90 -39.82
N SER C 496 68.90 -3.52 -38.70
CA SER C 496 67.65 -4.15 -38.29
C SER C 496 66.44 -3.57 -39.01
N ASP C 497 66.58 -2.42 -39.67
CA ASP C 497 65.47 -1.82 -40.39
C ASP C 497 65.48 -2.23 -41.87
N LEU C 498 66.65 -2.09 -42.53
CA LEU C 498 66.77 -2.56 -43.89
C LEU C 498 66.83 -4.08 -43.98
N ARG C 499 67.01 -4.77 -42.85
CA ARG C 499 67.01 -6.23 -42.78
C ARG C 499 68.10 -6.83 -43.68
N ARG C 500 69.35 -6.48 -43.37
CA ARG C 500 70.47 -7.02 -44.15
C ARG C 500 71.75 -6.91 -43.34
N ILE C 501 72.70 -7.79 -43.69
CA ILE C 501 74.04 -7.80 -43.10
C ILE C 501 75.03 -7.49 -44.22
N GLU C 502 75.92 -6.54 -43.97
CA GLU C 502 76.83 -6.04 -44.99
C GLU C 502 78.29 -6.26 -44.56
N SER C 503 79.19 -5.99 -45.48
CA SER C 503 80.62 -6.19 -45.27
C SER C 503 81.39 -5.14 -46.03
N SER C 504 82.64 -4.91 -45.61
CA SER C 504 83.51 -3.92 -46.22
C SER C 504 84.91 -4.07 -45.64
N ASP C 505 85.89 -3.58 -46.38
CA ASP C 505 87.28 -3.58 -45.92
C ASP C 505 87.46 -2.53 -44.81
N LEU C 506 88.55 -2.69 -44.05
CA LEU C 506 88.87 -1.80 -42.94
C LEU C 506 89.24 -0.38 -43.38
N SER C 507 89.15 -0.02 -44.66
CA SER C 507 89.44 1.34 -45.10
C SER C 507 88.21 2.05 -45.67
N GLY C 508 87.10 1.34 -45.86
CA GLY C 508 85.89 1.91 -46.43
C GLY C 508 85.55 1.40 -47.81
N ALA C 509 86.50 0.79 -48.50
CA ALA C 509 86.28 0.31 -49.85
C ALA C 509 85.68 -1.10 -49.84
N ASN C 510 85.15 -1.52 -50.99
CA ASN C 510 84.62 -2.86 -51.19
C ASN C 510 83.45 -3.14 -50.24
N ARG C 511 82.43 -2.30 -50.31
CA ARG C 511 81.22 -2.49 -49.51
C ARG C 511 80.29 -3.44 -50.24
N ILE C 512 79.95 -4.56 -49.58
CA ILE C 512 79.08 -5.57 -50.15
C ILE C 512 78.00 -5.92 -49.14
N VAL C 513 76.94 -6.54 -49.64
CA VAL C 513 75.84 -7.04 -48.81
C VAL C 513 75.92 -8.56 -48.81
N LEU C 514 76.16 -9.14 -47.64
CA LEU C 514 76.31 -10.59 -47.54
C LEU C 514 74.96 -11.31 -47.54
N GLU C 515 73.94 -10.72 -46.93
CA GLU C 515 72.62 -11.34 -46.88
C GLU C 515 71.57 -10.28 -46.60
N ASP C 516 70.46 -10.35 -47.34
CA ASP C 516 69.35 -9.42 -47.15
C ASP C 516 68.00 -10.13 -47.13
N SER C 517 67.99 -11.42 -46.81
CA SER C 517 66.76 -12.21 -46.77
C SER C 517 66.69 -12.96 -45.46
N ASN C 518 65.45 -13.20 -45.01
CA ASN C 518 65.16 -13.95 -43.78
C ASN C 518 65.82 -13.30 -42.56
N ILE C 519 66.01 -11.98 -42.61
CA ILE C 519 66.57 -11.21 -41.51
C ILE C 519 65.46 -10.35 -40.92
N LEU C 520 65.32 -10.39 -39.58
CA LEU C 520 64.27 -9.67 -38.89
C LEU C 520 64.79 -8.66 -37.89
N GLN C 521 65.66 -9.09 -36.96
CA GLN C 521 66.13 -8.23 -35.88
C GLN C 521 67.54 -8.67 -35.48
N PRO C 522 68.54 -8.40 -36.32
CA PRO C 522 69.91 -8.82 -36.00
C PRO C 522 70.61 -7.89 -35.03
N VAL C 523 70.63 -8.25 -33.75
CA VAL C 523 71.16 -7.36 -32.72
C VAL C 523 72.62 -7.64 -32.38
N GLY C 524 73.25 -8.61 -33.04
CA GLY C 524 74.64 -8.90 -32.76
C GLY C 524 75.24 -9.78 -33.84
N LEU C 525 76.57 -9.73 -33.92
CA LEU C 525 77.32 -10.51 -34.91
C LEU C 525 78.78 -10.50 -34.53
N THR C 526 79.50 -11.54 -34.96
CA THR C 526 80.94 -11.66 -34.71
C THR C 526 81.51 -12.63 -35.73
N VAL C 527 82.84 -12.72 -35.74
CA VAL C 527 83.58 -13.53 -36.71
C VAL C 527 84.25 -14.69 -35.97
N PHE C 528 84.11 -15.90 -36.51
CA PHE C 528 84.77 -17.08 -35.97
C PHE C 528 85.33 -17.88 -37.15
N GLU C 529 86.65 -17.82 -37.32
CA GLU C 529 87.33 -18.39 -38.49
C GLU C 529 86.75 -17.73 -39.74
N ASN C 530 86.32 -18.49 -40.74
CA ASN C 530 85.71 -17.93 -41.95
C ASN C 530 84.19 -17.88 -41.87
N TRP C 531 83.63 -17.97 -40.67
CA TRP C 531 82.18 -17.98 -40.47
C TRP C 531 81.74 -16.69 -39.80
N LEU C 532 80.67 -16.10 -40.31
CA LEU C 532 80.05 -14.93 -39.71
C LEU C 532 78.78 -15.38 -38.97
N TYR C 533 78.87 -15.44 -37.64
CA TYR C 533 77.71 -15.74 -36.82
C TYR C 533 76.98 -14.44 -36.48
N TRP C 534 75.65 -14.50 -36.46
CA TRP C 534 74.84 -13.41 -35.96
C TRP C 534 73.65 -14.00 -35.21
N ILE C 535 73.03 -13.16 -34.39
CA ILE C 535 71.88 -13.57 -33.59
C ILE C 535 70.68 -12.74 -34.00
N ASP C 536 69.50 -13.37 -34.01
CA ASP C 536 68.25 -12.73 -34.37
C ASP C 536 67.32 -12.82 -33.16
N LYS C 537 67.01 -11.67 -32.57
CA LYS C 537 66.17 -11.65 -31.37
C LYS C 537 64.75 -12.09 -31.69
N GLN C 538 64.18 -11.57 -32.77
CA GLN C 538 62.80 -11.90 -33.11
C GLN C 538 62.67 -13.34 -33.59
N GLN C 539 63.59 -13.79 -34.45
CA GLN C 539 63.55 -15.15 -34.97
C GLN C 539 64.12 -16.17 -34.00
N GLN C 540 64.80 -15.73 -32.94
CA GLN C 540 65.39 -16.61 -31.92
C GLN C 540 66.31 -17.64 -32.57
N MET C 541 67.30 -17.15 -33.31
CA MET C 541 68.17 -18.00 -34.10
C MET C 541 69.62 -17.59 -33.95
N ILE C 542 70.50 -18.58 -33.92
CA ILE C 542 71.93 -18.40 -34.17
C ILE C 542 72.22 -19.04 -35.52
N GLU C 543 72.72 -18.25 -36.46
CA GLU C 543 72.98 -18.71 -37.81
C GLU C 543 74.37 -18.28 -38.25
N LYS C 544 74.78 -18.77 -39.41
CA LYS C 544 76.14 -18.53 -39.88
C LYS C 544 76.18 -18.48 -41.40
N ILE C 545 77.07 -17.64 -41.93
CA ILE C 545 77.33 -17.54 -43.35
C ILE C 545 78.82 -17.72 -43.57
N ASP C 546 79.17 -18.60 -44.51
CA ASP C 546 80.57 -18.83 -44.84
C ASP C 546 81.12 -17.65 -45.63
N MET C 547 82.20 -17.05 -45.12
CA MET C 547 82.79 -15.90 -45.81
C MET C 547 83.43 -16.30 -47.14
N THR C 548 83.87 -17.55 -47.26
CA THR C 548 84.45 -18.01 -48.52
C THR C 548 83.38 -18.22 -49.59
N GLY C 549 82.10 -18.22 -49.23
CA GLY C 549 81.03 -18.33 -50.20
C GLY C 549 80.80 -19.71 -50.77
N ARG C 550 81.55 -20.72 -50.32
CA ARG C 550 81.37 -22.06 -50.86
C ARG C 550 80.21 -22.79 -50.22
N GLU C 551 79.95 -22.56 -48.94
CA GLU C 551 78.82 -23.13 -48.24
C GLU C 551 77.77 -22.05 -47.99
N GLY C 552 76.52 -22.49 -47.82
CA GLY C 552 75.40 -21.59 -47.69
C GLY C 552 75.09 -21.23 -46.24
N ARG C 553 74.06 -20.40 -46.09
CA ARG C 553 73.59 -19.99 -44.78
C ARG C 553 73.08 -21.19 -44.00
N THR C 554 73.67 -21.44 -42.84
CA THR C 554 73.40 -22.65 -42.06
C THR C 554 72.82 -22.27 -40.70
N LYS C 555 71.74 -22.96 -40.32
CA LYS C 555 71.21 -22.80 -38.97
C LYS C 555 72.13 -23.49 -37.96
N VAL C 556 72.37 -22.81 -36.85
CA VAL C 556 73.21 -23.36 -35.78
C VAL C 556 72.34 -23.85 -34.64
N GLN C 557 71.49 -22.97 -34.10
CA GLN C 557 70.68 -23.30 -32.95
C GLN C 557 69.42 -22.45 -32.96
N ALA C 558 68.31 -23.05 -32.52
CA ALA C 558 67.01 -22.39 -32.45
C ALA C 558 66.54 -22.35 -31.00
N ARG C 559 65.38 -21.74 -30.79
CA ARG C 559 64.70 -21.69 -29.49
C ARG C 559 65.59 -21.03 -28.43
N ILE C 560 65.96 -19.78 -28.72
CA ILE C 560 66.77 -18.96 -27.80
C ILE C 560 66.12 -17.60 -27.74
N ALA C 561 65.36 -17.34 -26.68
CA ALA C 561 64.67 -16.07 -26.52
C ALA C 561 65.59 -15.03 -25.87
N GLN C 562 65.27 -13.76 -26.13
CA GLN C 562 65.91 -12.62 -25.47
C GLN C 562 67.40 -12.54 -25.80
N LEU C 563 67.72 -12.67 -27.09
CA LEU C 563 69.10 -12.53 -27.53
C LEU C 563 69.55 -11.06 -27.44
N SER C 564 70.82 -10.87 -27.13
CA SER C 564 71.35 -9.51 -26.96
C SER C 564 72.62 -9.29 -27.77
N ASP C 565 73.69 -10.03 -27.47
CA ASP C 565 74.96 -9.85 -28.15
C ASP C 565 75.68 -11.19 -28.23
N ILE C 566 76.58 -11.29 -29.21
CA ILE C 566 77.39 -12.48 -29.42
C ILE C 566 78.83 -12.04 -29.67
N HIS C 567 79.78 -12.85 -29.21
CA HIS C 567 81.19 -12.50 -29.30
C HIS C 567 82.03 -13.76 -29.35
N ALA C 568 82.79 -13.93 -30.42
CA ALA C 568 83.69 -15.07 -30.56
C ALA C 568 85.06 -14.73 -29.99
N VAL C 569 85.75 -15.75 -29.49
CA VAL C 569 87.05 -15.59 -28.85
C VAL C 569 88.02 -16.60 -29.44
N LYS C 570 89.10 -16.11 -30.04
CA LYS C 570 90.17 -16.95 -30.55
C LYS C 570 91.29 -17.05 -29.51
N GLU C 571 92.01 -18.17 -29.55
CA GLU C 571 93.16 -18.35 -28.68
C GLU C 571 94.16 -17.20 -28.84
N LEU C 572 94.67 -16.72 -27.71
CA LEU C 572 95.63 -15.63 -27.72
C LEU C 572 97.02 -16.17 -28.02
N ASN C 573 97.60 -15.74 -29.14
CA ASN C 573 98.94 -16.17 -29.50
C ASN C 573 99.96 -15.47 -28.59
N LEU C 574 100.83 -16.26 -27.97
CA LEU C 574 101.77 -15.72 -27.00
C LEU C 574 102.77 -14.77 -27.68
N GLN C 575 103.25 -15.12 -28.87
CA GLN C 575 104.26 -14.31 -29.53
C GLN C 575 103.65 -13.07 -30.19
N GLU C 576 102.47 -13.20 -30.79
CA GLU C 576 101.86 -12.06 -31.46
C GLU C 576 101.49 -10.96 -30.46
N TYR C 577 101.08 -11.33 -29.26
CA TYR C 577 100.63 -10.33 -28.29
C TYR C 577 101.79 -9.52 -27.75
N ARG C 578 102.88 -10.19 -27.35
CA ARG C 578 104.00 -9.49 -26.73
C ARG C 578 104.79 -8.65 -27.73
N GLN C 579 104.71 -8.96 -29.02
CA GLN C 579 105.38 -8.15 -30.03
C GLN C 579 104.63 -6.87 -30.36
N HIS C 580 103.49 -6.63 -29.72
CA HIS C 580 102.80 -5.36 -29.85
C HIS C 580 103.50 -4.32 -28.97
N PRO C 581 103.75 -3.11 -29.49
CA PRO C 581 104.58 -2.16 -28.72
C PRO C 581 103.90 -1.61 -27.48
N CYS C 582 102.59 -1.42 -27.50
CA CYS C 582 101.87 -0.91 -26.33
C CYS C 582 101.58 -1.99 -25.29
N ALA C 583 102.02 -3.22 -25.52
CA ALA C 583 101.68 -4.31 -24.59
C ALA C 583 102.49 -4.21 -23.30
N GLN C 584 103.73 -3.74 -23.38
CA GLN C 584 104.60 -3.64 -22.21
C GLN C 584 104.57 -2.21 -21.67
N ASP C 585 104.22 -2.07 -20.38
CA ASP C 585 104.23 -0.77 -19.70
C ASP C 585 103.38 0.26 -20.42
N ASN C 586 102.34 -0.19 -21.13
CA ASN C 586 101.48 0.69 -21.93
C ASN C 586 102.30 1.56 -22.88
N GLY C 587 103.40 1.01 -23.39
CA GLY C 587 104.30 1.77 -24.22
C GLY C 587 104.99 2.92 -23.52
N GLY C 588 105.02 2.92 -22.19
CA GLY C 588 105.58 4.02 -21.44
C GLY C 588 104.70 5.24 -21.32
N CYS C 589 103.49 5.19 -21.86
CA CYS C 589 102.60 6.34 -21.81
C CYS C 589 101.88 6.39 -20.46
N SER C 590 101.45 7.61 -20.10
CA SER C 590 100.65 7.78 -18.90
C SER C 590 99.17 7.48 -19.14
N HIS C 591 98.70 7.60 -20.38
CA HIS C 591 97.30 7.35 -20.70
C HIS C 591 97.15 6.50 -21.96
N ILE C 592 97.07 7.14 -23.11
CA ILE C 592 96.71 6.48 -24.37
C ILE C 592 97.98 6.10 -25.12
N CYS C 593 98.05 4.84 -25.53
CA CYS C 593 99.12 4.33 -26.39
C CYS C 593 98.48 3.74 -27.64
N LEU C 594 98.76 4.33 -28.80
CA LEU C 594 98.17 3.89 -30.05
C LEU C 594 99.25 3.65 -31.10
N VAL C 595 99.07 2.59 -31.86
CA VAL C 595 99.99 2.26 -32.94
C VAL C 595 99.69 3.15 -34.14
N LYS C 596 100.74 3.71 -34.72
CA LYS C 596 100.64 4.48 -35.94
C LYS C 596 101.16 3.66 -37.12
N GLY C 597 100.64 3.97 -38.30
CA GLY C 597 100.96 3.22 -39.50
C GLY C 597 102.44 3.24 -39.90
N ASP C 598 103.17 4.29 -39.52
CA ASP C 598 104.58 4.45 -39.92
C ASP C 598 105.54 3.59 -39.12
N GLY C 599 105.04 2.65 -38.32
CA GLY C 599 105.88 1.75 -37.57
C GLY C 599 106.30 2.23 -36.20
N THR C 600 106.06 3.49 -35.87
CA THR C 600 106.42 4.04 -34.57
C THR C 600 105.22 4.02 -33.64
N THR C 601 105.50 4.21 -32.35
CA THR C 601 104.49 4.17 -31.30
C THR C 601 104.42 5.54 -30.64
N ARG C 602 103.22 6.08 -30.53
CA ARG C 602 103.02 7.44 -30.03
C ARG C 602 102.05 7.44 -28.86
N CYS C 603 102.34 8.29 -27.88
CA CYS C 603 101.44 8.51 -26.77
C CYS C 603 100.45 9.63 -27.11
N SER C 604 99.27 9.55 -26.50
CA SER C 604 98.25 10.57 -26.70
C SER C 604 97.46 10.74 -25.39
N CYS C 605 96.51 11.66 -25.42
CA CYS C 605 95.74 12.03 -24.24
C CYS C 605 94.29 12.23 -24.66
N PRO C 606 93.35 12.24 -23.70
CA PRO C 606 91.95 12.52 -24.03
C PRO C 606 91.74 13.94 -24.54
N MET C 607 90.47 14.33 -24.72
CA MET C 607 90.16 15.62 -25.31
C MET C 607 90.25 16.78 -24.32
N HIS C 608 90.26 16.50 -23.02
CA HIS C 608 90.38 17.55 -22.00
C HIS C 608 91.79 17.67 -21.46
N LEU C 609 92.76 16.99 -22.07
CA LEU C 609 94.16 17.06 -21.66
C LEU C 609 95.03 17.27 -22.89
N VAL C 610 96.29 17.63 -22.66
CA VAL C 610 97.26 17.84 -23.71
C VAL C 610 98.52 17.05 -23.40
N LEU C 611 99.16 16.52 -24.43
CA LEU C 611 100.39 15.76 -24.25
C LEU C 611 101.54 16.70 -23.89
N LEU C 612 102.22 16.39 -22.78
CA LEU C 612 103.27 17.26 -22.28
C LEU C 612 104.53 17.15 -23.13
N GLN C 613 105.58 17.86 -22.69
CA GLN C 613 106.82 17.93 -23.46
C GLN C 613 107.60 16.62 -23.46
N ASP C 614 107.38 15.74 -22.48
CA ASP C 614 108.06 14.46 -22.45
C ASP C 614 107.44 13.45 -23.40
N GLU C 615 106.31 13.77 -24.03
CA GLU C 615 105.62 12.91 -24.99
C GLU C 615 105.25 11.56 -24.40
N LEU C 616 105.15 11.48 -23.09
CA LEU C 616 104.70 10.28 -22.37
C LEU C 616 103.57 10.57 -21.39
N SER C 617 103.61 11.72 -20.73
CA SER C 617 102.60 12.08 -19.73
C SER C 617 101.68 13.16 -20.29
N CYS C 618 100.52 13.30 -19.64
CA CYS C 618 99.50 14.26 -20.03
C CYS C 618 99.43 15.40 -19.02
N GLY C 619 98.91 16.53 -19.48
CA GLY C 619 98.76 17.70 -18.64
C GLY C 619 97.40 18.34 -18.83
N GLY C 620 97.05 19.19 -17.87
CA GLY C 620 95.74 19.83 -17.87
C GLY C 620 95.77 21.31 -18.18
N THR C 621 94.82 22.06 -17.60
CA THR C 621 94.67 23.50 -17.82
C THR C 621 94.57 23.83 -19.31
N PHE D 53 76.27 19.17 34.15
CA PHE D 53 74.99 19.64 33.65
C PHE D 53 74.43 18.70 32.59
N SER D 54 75.22 17.72 32.18
CA SER D 54 74.75 16.74 31.22
C SER D 54 73.74 15.79 31.88
N ILE D 55 72.99 15.08 31.04
CA ILE D 55 71.88 14.27 31.56
C ILE D 55 71.69 13.02 30.70
N LEU D 56 72.04 13.11 29.41
CA LEU D 56 71.89 11.95 28.53
C LEU D 56 72.86 10.83 28.91
N ASP D 57 74.12 11.16 29.18
CA ASP D 57 75.09 10.13 29.56
C ASP D 57 74.72 9.51 30.90
N GLU D 58 74.20 10.30 31.83
CA GLU D 58 73.81 9.79 33.14
C GLU D 58 72.56 8.93 33.10
N ALA D 59 71.78 8.99 32.01
CA ALA D 59 70.60 8.16 31.88
C ALA D 59 70.91 6.78 31.31
N GLN D 60 71.87 6.70 30.38
CA GLN D 60 72.28 5.40 29.85
C GLN D 60 72.93 4.55 30.93
N VAL D 61 73.69 5.17 31.83
CA VAL D 61 74.40 4.42 32.87
C VAL D 61 73.41 3.92 33.92
N LEU D 62 72.44 4.74 34.30
CA LEU D 62 71.44 4.31 35.27
C LEU D 62 70.51 3.25 34.70
N ALA D 63 70.43 3.13 33.38
CA ALA D 63 69.64 2.07 32.77
C ALA D 63 70.36 0.73 32.80
N SER D 64 71.70 0.75 32.69
CA SER D 64 72.46 -0.48 32.85
C SER D 64 72.38 -0.99 34.29
N GLN D 65 72.17 -0.09 35.25
CA GLN D 65 71.91 -0.51 36.62
C GLN D 65 70.61 -1.30 36.71
N MET D 66 69.59 -0.90 35.94
CA MET D 66 68.32 -1.61 35.96
C MET D 66 68.47 -3.02 35.37
N ARG D 67 69.25 -3.16 34.31
CA ARG D 67 69.41 -4.47 33.68
C ARG D 67 70.22 -5.43 34.56
N ARG D 68 71.19 -4.91 35.32
CA ARG D 68 71.94 -5.79 36.21
C ARG D 68 71.07 -6.27 37.38
N LEU D 69 70.10 -5.47 37.80
CA LEU D 69 69.18 -5.90 38.85
C LEU D 69 68.20 -6.96 38.33
N ALA D 70 67.90 -6.94 37.04
CA ALA D 70 66.94 -7.86 36.45
C ALA D 70 67.60 -9.09 35.85
N ALA D 71 68.73 -8.93 35.14
CA ALA D 71 69.33 -10.04 34.44
C ALA D 71 70.02 -11.01 35.40
N GLU D 72 70.98 -10.51 36.18
CA GLU D 72 71.76 -11.37 37.07
C GLU D 72 71.06 -11.59 38.41
N GLU D 73 70.68 -10.50 39.10
CA GLU D 73 70.16 -10.62 40.45
C GLU D 73 68.79 -11.28 40.48
N LEU D 74 67.99 -11.12 39.43
CA LEU D 74 66.65 -11.70 39.38
C LEU D 74 66.57 -12.92 38.47
N GLY D 75 67.20 -12.86 37.29
CA GLY D 75 67.19 -13.96 36.36
C GLY D 75 66.17 -13.89 35.26
N VAL D 76 65.83 -12.69 34.78
CA VAL D 76 64.83 -12.56 33.72
C VAL D 76 65.40 -13.03 32.39
N VAL D 77 66.66 -12.69 32.10
CA VAL D 77 67.27 -13.09 30.84
C VAL D 77 67.46 -14.59 30.75
N THR D 78 67.49 -15.29 31.89
CA THR D 78 67.62 -16.74 31.89
C THR D 78 66.26 -17.43 31.74
N MET D 79 65.27 -16.99 32.52
CA MET D 79 63.96 -17.63 32.48
C MET D 79 63.21 -17.30 31.19
N GLN D 80 63.52 -16.15 30.56
CA GLN D 80 62.92 -15.85 29.26
C GLN D 80 63.36 -16.85 28.20
N ARG D 81 64.61 -17.34 28.28
CA ARG D 81 65.06 -18.34 27.31
C ARG D 81 64.56 -19.73 27.67
N ILE D 82 64.32 -19.99 28.95
CA ILE D 82 63.81 -21.31 29.36
C ILE D 82 62.38 -21.49 28.90
N PHE D 83 61.54 -20.46 29.05
CA PHE D 83 60.17 -20.53 28.55
C PHE D 83 60.10 -20.34 27.04
N ASN D 84 61.14 -19.76 26.44
CA ASN D 84 61.20 -19.68 24.98
C ASN D 84 61.45 -21.06 24.37
N SER D 85 62.12 -21.95 25.09
CA SER D 85 62.48 -23.27 24.59
C SER D 85 61.49 -24.35 24.98
N LEU D 86 60.46 -24.02 25.76
CA LEU D 86 59.43 -24.98 26.11
C LEU D 86 58.32 -24.98 25.06
N VAL D 87 57.68 -26.13 24.91
CA VAL D 87 56.68 -26.34 23.87
C VAL D 87 55.29 -26.14 24.44
N TYR D 88 54.44 -25.43 23.71
CA TYR D 88 53.08 -25.14 24.10
C TYR D 88 52.13 -25.71 23.05
N THR D 89 50.86 -25.82 23.41
CA THR D 89 49.80 -26.13 22.47
C THR D 89 49.06 -24.84 22.09
N GLU D 90 48.23 -24.94 21.07
CA GLU D 90 47.58 -23.76 20.49
C GLU D 90 46.11 -24.04 20.25
N LYS D 91 45.28 -23.02 20.48
CA LYS D 91 43.85 -23.09 20.23
C LYS D 91 43.35 -21.76 19.67
N ILE D 92 42.37 -21.85 18.79
CA ILE D 92 41.64 -20.69 18.27
C ILE D 92 40.17 -20.93 18.56
N SER D 93 39.60 -20.15 19.48
CA SER D 93 38.23 -20.33 19.92
C SER D 93 37.49 -19.00 19.85
N ASN D 94 36.22 -19.08 19.44
CA ASN D 94 35.35 -17.91 19.36
C ASN D 94 34.50 -17.73 20.61
N GLY D 95 34.76 -18.50 21.67
CA GLY D 95 34.00 -18.41 22.90
C GLY D 95 32.77 -19.30 22.96
N GLU D 96 32.38 -19.91 21.83
CA GLU D 96 31.16 -20.71 21.81
C GLU D 96 31.31 -21.98 22.64
N SER D 97 32.50 -22.58 22.65
CA SER D 97 32.69 -23.84 23.36
C SER D 97 32.96 -23.62 24.84
N GLU D 98 33.73 -22.58 25.18
CA GLU D 98 34.07 -22.35 26.59
C GLU D 98 32.87 -21.85 27.39
N VAL D 99 31.92 -21.16 26.74
CA VAL D 99 30.80 -20.59 27.49
C VAL D 99 29.90 -21.69 28.04
N GLN D 100 29.74 -22.79 27.31
CA GLN D 100 28.92 -23.90 27.77
C GLN D 100 29.70 -24.92 28.58
N GLN D 101 31.04 -24.84 28.59
CA GLN D 101 31.81 -25.64 29.53
C GLN D 101 31.77 -25.04 30.92
N LEU D 102 31.67 -23.71 31.02
CA LEU D 102 31.52 -23.05 32.31
C LEU D 102 30.06 -22.89 32.72
N ALA D 103 29.15 -22.70 31.76
CA ALA D 103 27.73 -22.75 32.08
C ALA D 103 27.30 -24.13 32.54
N LYS D 104 28.05 -25.17 32.17
CA LYS D 104 27.78 -26.51 32.70
C LYS D 104 28.22 -26.62 34.15
N LYS D 105 29.20 -25.82 34.56
CA LYS D 105 29.74 -25.93 35.92
C LYS D 105 28.81 -25.27 36.93
N ILE D 106 28.48 -23.98 36.72
CA ILE D 106 27.72 -23.26 37.73
C ILE D 106 26.25 -23.64 37.70
N ARG D 107 25.74 -24.10 36.55
CA ARG D 107 24.37 -24.58 36.49
C ARG D 107 24.16 -25.77 37.42
N GLU D 108 25.16 -26.65 37.49
CA GLU D 108 25.12 -27.76 38.44
C GLU D 108 25.32 -27.28 39.87
N LYS D 109 25.94 -26.12 40.06
CA LYS D 109 26.02 -25.55 41.40
C LYS D 109 24.69 -24.95 41.82
N PHE D 110 23.96 -24.34 40.88
CA PHE D 110 22.61 -23.86 41.18
C PHE D 110 21.60 -25.01 41.23
N ASN D 111 21.77 -26.05 40.43
CA ASN D 111 20.86 -27.19 40.50
C ASN D 111 20.99 -27.88 41.85
N ARG D 112 22.22 -28.09 42.34
CA ARG D 112 22.40 -28.60 43.69
C ARG D 112 21.90 -27.61 44.73
N TYR D 113 21.91 -26.31 44.40
CA TYR D 113 21.43 -25.29 45.33
C TYR D 113 19.92 -25.13 45.25
N LEU D 114 19.32 -25.36 44.07
CA LEU D 114 17.87 -25.41 43.96
C LEU D 114 17.31 -26.72 44.49
N ASP D 115 18.05 -27.83 44.37
CA ASP D 115 17.60 -29.10 44.91
C ASP D 115 17.67 -29.15 46.43
N VAL D 116 18.31 -28.17 47.07
CA VAL D 116 18.27 -28.09 48.53
C VAL D 116 16.98 -27.41 48.98
N VAL D 117 16.60 -26.31 48.32
CA VAL D 117 15.39 -25.61 48.73
C VAL D 117 14.14 -26.32 48.22
N ASN D 118 14.22 -26.95 47.05
CA ASN D 118 13.11 -27.83 46.62
C ASN D 118 12.98 -29.02 47.56
N ARG D 119 14.10 -29.51 48.09
CA ARG D 119 14.05 -30.48 49.17
C ARG D 119 13.40 -29.89 50.40
N ASN D 120 14.01 -28.83 50.96
CA ASN D 120 13.51 -28.21 52.18
C ASN D 120 12.11 -27.62 52.01
N LYS D 121 11.64 -27.43 50.78
CA LYS D 121 10.23 -27.09 50.57
C LYS D 121 9.35 -28.31 50.87
N GLN D 122 9.57 -29.40 50.14
CA GLN D 122 8.81 -30.62 50.37
C GLN D 122 9.10 -31.22 51.73
N VAL D 123 10.19 -30.81 52.38
CA VAL D 123 10.38 -31.13 53.79
C VAL D 123 9.29 -30.50 54.63
N VAL D 124 9.21 -29.17 54.63
CA VAL D 124 8.33 -28.46 55.55
C VAL D 124 6.86 -28.58 55.14
N GLU D 125 6.58 -28.69 53.83
CA GLU D 125 5.21 -28.96 53.40
C GLU D 125 4.75 -30.32 53.92
N ALA D 126 5.56 -31.36 53.71
CA ALA D 126 5.28 -32.64 54.35
C ALA D 126 5.47 -32.56 55.86
N SER D 127 6.17 -31.54 56.35
CA SER D 127 6.29 -31.31 57.79
C SER D 127 5.17 -30.43 58.31
N TYR D 128 4.02 -30.46 57.67
CA TYR D 128 2.74 -30.02 58.20
C TYR D 128 1.66 -31.03 57.90
N THR D 129 1.70 -31.65 56.72
CA THR D 129 0.79 -32.76 56.43
C THR D 129 0.94 -33.88 57.45
N ALA D 130 2.11 -34.00 58.06
CA ALA D 130 2.32 -34.90 59.19
C ALA D 130 2.23 -34.18 60.54
N HIS D 131 2.66 -32.93 60.61
CA HIS D 131 2.71 -32.20 61.86
C HIS D 131 1.46 -31.36 62.12
N LEU D 132 0.44 -31.44 61.26
CA LEU D 132 -0.90 -31.01 61.65
C LEU D 132 -1.41 -31.81 62.83
N THR D 133 -0.86 -33.00 63.06
CA THR D 133 -1.15 -33.83 64.21
C THR D 133 0.07 -34.12 65.06
N SER D 134 1.25 -33.69 64.62
CA SER D 134 2.52 -33.87 65.34
C SER D 134 2.99 -32.51 65.85
N PRO D 135 2.65 -32.13 67.07
CA PRO D 135 2.85 -30.77 67.55
C PRO D 135 4.26 -30.54 68.07
N LEU D 136 4.47 -29.33 68.59
CA LEU D 136 5.75 -28.96 69.21
C LEU D 136 5.84 -29.65 70.56
N THR D 137 5.02 -29.20 71.51
CA THR D 137 5.02 -29.70 72.90
C THR D 137 6.43 -29.82 73.46
N ALA D 138 7.21 -28.74 73.31
CA ALA D 138 8.57 -28.72 73.81
C ALA D 138 9.02 -27.27 73.93
N ILE D 139 10.11 -27.07 74.67
CA ILE D 139 10.66 -25.73 74.89
C ILE D 139 12.17 -25.82 74.76
N GLN D 140 12.74 -24.98 73.89
CA GLN D 140 14.18 -24.86 73.73
C GLN D 140 14.50 -23.40 73.42
N ASP D 141 15.79 -23.11 73.25
CA ASP D 141 16.23 -21.76 72.98
C ASP D 141 17.46 -21.81 72.08
N CYS D 142 17.85 -20.63 71.58
CA CYS D 142 19.00 -20.51 70.69
C CYS D 142 20.25 -20.03 71.42
N CYS D 143 20.22 -20.02 72.75
CA CYS D 143 21.40 -19.74 73.56
C CYS D 143 21.46 -20.80 74.66
N THR D 144 22.32 -20.60 75.66
CA THR D 144 22.48 -21.52 76.78
C THR D 144 22.91 -22.91 76.29
N ILE D 145 24.13 -22.98 75.79
CA ILE D 145 24.71 -24.22 75.30
C ILE D 145 26.22 -24.20 75.58
N PRO D 146 26.67 -24.89 76.63
CA PRO D 146 28.06 -24.72 77.06
C PRO D 146 29.03 -25.57 76.23
N PRO D 147 28.70 -26.82 75.89
CA PRO D 147 29.48 -27.48 74.83
C PRO D 147 29.34 -26.68 73.53
N SER D 148 30.47 -26.34 72.93
CA SER D 148 30.47 -25.56 71.70
C SER D 148 31.76 -25.73 70.92
N MET D 149 32.38 -24.61 70.54
CA MET D 149 33.60 -24.57 69.71
C MET D 149 33.29 -25.25 68.38
N MET D 150 34.22 -26.04 67.82
CA MET D 150 34.07 -26.65 66.51
C MET D 150 33.85 -25.57 65.45
N GLU D 151 34.93 -24.91 65.07
CA GLU D 151 34.89 -23.70 64.25
C GLU D 151 35.02 -24.09 62.77
N PHE D 152 34.03 -24.85 62.27
CA PHE D 152 34.17 -25.48 60.97
C PHE D 152 33.42 -24.75 59.86
N ASP D 153 34.02 -24.79 58.67
CA ASP D 153 33.49 -24.29 57.40
C ASP D 153 33.11 -22.81 57.55
N GLY D 154 32.08 -22.36 56.81
CA GLY D 154 31.61 -20.99 56.91
C GLY D 154 31.14 -20.62 58.29
N ASN D 155 30.77 -21.61 59.11
CA ASN D 155 30.36 -21.34 60.48
C ASN D 155 31.61 -21.00 61.30
N PHE D 156 32.17 -19.81 61.08
CA PHE D 156 33.37 -19.40 61.79
C PHE D 156 33.03 -18.92 63.19
N ASN D 157 32.31 -19.74 63.95
CA ASN D 157 31.93 -19.44 65.32
C ASN D 157 31.71 -20.75 66.05
N THR D 158 31.51 -20.64 67.37
CA THR D 158 31.22 -21.83 68.16
C THR D 158 29.93 -22.48 67.70
N ASN D 159 30.05 -23.74 67.26
CA ASN D 159 28.95 -24.41 66.57
C ASN D 159 29.11 -25.91 66.79
N VAL D 160 28.22 -26.49 67.60
CA VAL D 160 28.29 -27.91 67.89
C VAL D 160 27.89 -28.75 66.68
N SER D 161 26.67 -28.53 66.19
CA SER D 161 26.15 -29.22 65.00
C SER D 161 26.12 -30.74 65.20
N ARG D 162 25.67 -31.19 66.38
CA ARG D 162 25.42 -32.61 66.62
C ARG D 162 23.96 -32.90 66.29
N THR D 163 23.65 -32.82 64.99
CA THR D 163 22.29 -32.93 64.44
C THR D 163 21.26 -32.30 65.37
N VAL D 164 21.58 -31.13 65.90
CA VAL D 164 20.70 -30.39 66.80
C VAL D 164 20.63 -28.94 66.33
N SER D 165 19.42 -28.38 66.29
CA SER D 165 19.18 -27.00 65.93
C SER D 165 18.83 -26.22 67.19
N CYS D 166 18.24 -25.05 67.01
CA CYS D 166 17.75 -24.26 68.14
C CYS D 166 16.45 -23.59 67.73
N ASP D 167 15.77 -23.00 68.71
CA ASP D 167 14.49 -22.33 68.47
C ASP D 167 14.53 -20.98 69.17
N ARG D 168 14.71 -19.91 68.41
CA ARG D 168 14.72 -18.57 68.99
C ARG D 168 13.27 -18.12 69.10
N LEU D 169 12.80 -17.98 70.34
CA LEU D 169 11.39 -17.74 70.60
C LEU D 169 11.05 -16.25 70.45
N SER D 170 10.00 -15.96 69.69
CA SER D 170 9.46 -14.62 69.65
C SER D 170 8.55 -14.38 70.85
N THR D 171 8.07 -13.14 70.97
CA THR D 171 7.18 -12.76 72.06
C THR D 171 5.74 -13.21 71.83
N THR D 172 5.33 -13.42 70.58
CA THR D 172 3.96 -13.82 70.25
C THR D 172 3.83 -15.33 70.38
N VAL D 173 3.85 -15.79 71.63
CA VAL D 173 3.73 -17.21 71.96
C VAL D 173 2.32 -17.47 72.44
N ASN D 174 1.71 -18.53 71.88
CA ASN D 174 0.34 -18.89 72.24
C ASN D 174 0.18 -20.39 72.46
N SER D 175 1.30 -21.11 72.67
CA SER D 175 1.29 -22.55 72.90
C SER D 175 0.64 -23.30 71.74
N ARG D 176 1.12 -23.02 70.53
CA ARG D 176 0.60 -23.69 69.34
C ARG D 176 1.40 -24.97 69.09
N ALA D 177 1.72 -25.27 67.82
CA ALA D 177 2.21 -26.60 67.53
C ALA D 177 2.93 -26.72 66.18
N PHE D 178 4.07 -26.06 66.04
CA PHE D 178 4.86 -26.10 64.81
C PHE D 178 6.30 -26.48 65.18
N ASN D 179 7.01 -27.04 64.19
CA ASN D 179 8.37 -27.55 64.38
C ASN D 179 8.42 -28.49 65.58
N PRO D 180 8.10 -29.77 65.39
CA PRO D 180 7.89 -30.65 66.54
C PRO D 180 9.16 -30.89 67.34
N GLY D 181 9.56 -29.90 68.15
CA GLY D 181 10.85 -29.96 68.79
C GLY D 181 11.97 -30.02 67.77
N ARG D 182 11.82 -29.31 66.65
CA ARG D 182 12.72 -29.28 65.52
C ARG D 182 13.26 -30.67 65.16
N ASP D 183 12.38 -31.69 65.21
CA ASP D 183 12.75 -33.02 64.79
C ASP D 183 13.21 -33.07 63.33
N LEU D 184 13.01 -31.98 62.58
CA LEU D 184 13.53 -31.86 61.23
C LEU D 184 15.03 -32.09 61.16
N ASN D 185 15.74 -31.95 62.28
CA ASN D 185 17.16 -32.28 62.40
C ASN D 185 17.52 -33.57 61.67
N SER D 186 16.61 -34.55 61.70
CA SER D 186 16.76 -35.78 60.94
C SER D 186 17.24 -35.52 59.52
N VAL D 187 16.56 -34.63 58.81
CA VAL D 187 16.96 -34.30 57.44
C VAL D 187 17.96 -33.17 57.39
N LEU D 188 17.89 -32.23 58.34
CA LEU D 188 18.77 -31.07 58.33
C LEU D 188 20.24 -31.48 58.36
N ALA D 189 20.59 -32.43 59.24
CA ALA D 189 21.96 -32.91 59.30
C ALA D 189 22.38 -33.57 57.99
N ASP D 190 21.48 -34.37 57.41
CA ASP D 190 21.74 -34.98 56.11
C ASP D 190 22.05 -33.91 55.06
N ASN D 191 21.32 -32.79 55.10
CA ASN D 191 21.53 -31.72 54.12
C ASN D 191 22.94 -31.13 54.24
N LEU D 192 23.42 -30.96 55.47
CA LEU D 192 24.75 -30.40 55.68
C LEU D 192 25.84 -31.38 55.27
N LYS D 193 25.60 -32.68 55.44
CA LYS D 193 26.59 -33.69 55.08
C LYS D 193 26.62 -33.95 53.57
N SER D 194 25.44 -33.93 52.93
CA SER D 194 25.35 -34.28 51.51
C SER D 194 25.58 -33.12 50.57
N ASN D 195 25.54 -31.88 51.07
CA ASN D 195 25.81 -30.69 50.26
C ASN D 195 26.82 -29.82 50.99
N PRO D 196 28.12 -30.09 50.82
CA PRO D 196 29.13 -29.26 51.47
C PRO D 196 29.18 -27.86 50.87
N GLY D 197 29.48 -26.88 51.73
CA GLY D 197 29.55 -25.49 51.35
C GLY D 197 28.42 -24.63 51.90
N ILE D 198 27.24 -25.22 52.08
CA ILE D 198 26.11 -24.49 52.64
C ILE D 198 26.38 -24.10 54.09
N LYS D 199 25.68 -23.07 54.54
CA LYS D 199 25.86 -22.56 55.89
C LYS D 199 24.61 -22.84 56.70
N TRP D 200 23.69 -21.89 56.84
CA TRP D 200 22.56 -22.05 57.75
C TRP D 200 21.34 -22.59 57.05
N GLN D 201 20.49 -23.27 57.83
CA GLN D 201 19.17 -23.70 57.40
C GLN D 201 18.19 -23.32 58.50
N TYR D 202 17.10 -22.66 58.14
CA TYR D 202 16.20 -22.14 59.14
C TYR D 202 14.77 -22.13 58.62
N PHE D 203 13.83 -22.05 59.57
CA PHE D 203 12.40 -21.92 59.28
C PHE D 203 11.82 -20.91 60.24
N SER D 204 11.27 -19.83 59.71
CA SER D 204 10.57 -18.82 60.51
C SER D 204 9.08 -19.08 60.39
N SER D 205 8.47 -19.54 61.48
CA SER D 205 7.06 -19.89 61.45
C SER D 205 6.20 -18.63 61.40
N GLU D 206 4.95 -18.82 60.96
CA GLU D 206 3.97 -17.74 61.05
C GLU D 206 3.73 -17.33 62.49
N GLU D 207 3.86 -18.27 63.43
CA GLU D 207 3.68 -17.96 64.85
C GLU D 207 4.77 -17.02 65.35
N GLY D 208 6.03 -17.33 65.07
CA GLY D 208 7.11 -16.50 65.52
C GLY D 208 8.29 -17.30 66.02
N ILE D 209 8.09 -18.60 66.23
CA ILE D 209 9.19 -19.45 66.67
C ILE D 209 10.20 -19.53 65.53
N PHE D 210 11.44 -19.12 65.81
CA PHE D 210 12.49 -19.12 64.81
C PHE D 210 13.44 -20.28 65.06
N THR D 211 13.52 -21.19 64.11
CA THR D 211 14.30 -22.42 64.25
C THR D 211 15.37 -22.45 63.17
N VAL D 212 16.64 -22.59 63.57
CA VAL D 212 17.77 -22.57 62.65
C VAL D 212 18.72 -23.70 63.00
N PHE D 213 19.28 -24.34 61.97
CA PHE D 213 20.26 -25.41 62.08
C PHE D 213 21.54 -25.03 61.37
N PRO D 214 22.71 -25.33 61.96
CA PRO D 214 22.89 -25.87 63.32
C PRO D 214 22.80 -24.79 64.40
N ALA D 215 22.74 -25.22 65.66
CA ALA D 215 22.53 -24.30 66.77
C ALA D 215 23.80 -23.53 67.12
N HIS D 216 23.63 -22.26 67.42
CA HIS D 216 24.71 -21.40 67.91
C HIS D 216 24.06 -20.23 68.64
N LYS D 217 24.88 -19.47 69.35
CA LYS D 217 24.41 -18.31 70.09
C LYS D 217 24.64 -17.05 69.25
N PHE D 218 23.54 -16.38 68.87
CA PHE D 218 23.57 -15.27 67.92
C PHE D 218 22.67 -14.14 68.44
N ARG D 219 23.27 -13.26 69.25
CA ARG D 219 22.57 -12.12 69.82
C ARG D 219 21.39 -12.52 70.69
N CYS D 220 21.66 -12.99 71.92
CA CYS D 220 20.62 -13.03 72.95
C CYS D 220 20.60 -11.76 73.79
N LYS D 221 21.03 -10.63 73.20
CA LYS D 221 21.03 -9.35 73.88
C LYS D 221 19.68 -8.64 73.81
N GLY D 222 18.75 -9.18 73.05
CA GLY D 222 17.39 -8.67 72.98
C GLY D 222 16.43 -9.78 72.61
N SER D 223 15.83 -9.67 71.43
CA SER D 223 15.01 -10.74 70.86
C SER D 223 15.22 -10.77 69.36
N TYR D 224 15.53 -11.94 68.82
CA TYR D 224 15.84 -12.07 67.40
C TYR D 224 14.53 -12.25 66.65
N GLU D 225 13.91 -11.14 66.29
CA GLU D 225 12.61 -11.14 65.61
C GLU D 225 12.86 -11.23 64.11
N HIS D 226 12.57 -12.40 63.53
CA HIS D 226 12.83 -12.62 62.12
C HIS D 226 11.64 -12.29 61.23
N ARG D 227 10.43 -12.25 61.78
CA ARG D 227 9.26 -11.91 60.98
C ARG D 227 9.23 -10.45 60.55
N SER D 228 10.05 -9.60 61.17
CA SER D 228 10.16 -8.20 60.80
C SER D 228 11.49 -7.87 60.12
N ARG D 229 12.18 -8.90 59.62
CA ARG D 229 13.40 -8.74 58.86
C ARG D 229 13.09 -8.65 57.37
N PRO D 230 13.97 -8.02 56.58
CA PRO D 230 13.73 -7.94 55.13
C PRO D 230 13.65 -9.30 54.45
N ILE D 231 14.12 -10.36 55.10
CA ILE D 231 14.10 -11.68 54.48
C ILE D 231 12.68 -12.23 54.40
N TYR D 232 11.93 -12.12 55.49
CA TYR D 232 10.60 -12.72 55.59
C TYR D 232 9.49 -11.80 55.06
N VAL D 233 9.79 -10.53 54.82
CA VAL D 233 8.77 -9.64 54.28
C VAL D 233 8.68 -9.76 52.77
N SER D 234 9.83 -9.81 52.09
CA SER D 234 9.87 -9.87 50.64
C SER D 234 9.66 -11.27 50.09
N THR D 235 9.44 -12.26 50.95
CA THR D 235 9.23 -13.64 50.51
C THR D 235 7.75 -14.01 50.49
N VAL D 236 7.03 -13.74 51.58
CA VAL D 236 5.60 -14.03 51.61
C VAL D 236 4.83 -13.04 50.75
N ARG D 237 5.34 -11.81 50.61
CA ARG D 237 4.71 -10.77 49.80
C ARG D 237 5.74 -10.25 48.82
N PRO D 238 6.01 -11.01 47.75
CA PRO D 238 7.07 -10.60 46.81
C PRO D 238 6.69 -9.42 45.92
N GLN D 239 5.45 -8.98 45.94
CA GLN D 239 5.07 -7.82 45.14
C GLN D 239 5.72 -6.56 45.68
N SER D 240 5.91 -5.59 44.79
CA SER D 240 6.64 -4.36 45.14
C SER D 240 5.72 -3.41 45.89
N LYS D 241 6.15 -3.00 47.08
CA LYS D 241 5.38 -2.08 47.90
C LYS D 241 5.85 -0.64 47.64
N HIS D 242 4.91 0.26 47.46
CA HIS D 242 5.18 1.69 47.35
C HIS D 242 4.66 2.34 48.63
N ILE D 243 5.54 2.45 49.63
CA ILE D 243 5.18 2.89 50.97
C ILE D 243 5.68 4.30 51.19
N VAL D 244 4.84 5.13 51.82
CA VAL D 244 5.26 6.41 52.37
C VAL D 244 4.82 6.45 53.82
N VAL D 245 5.74 6.83 54.71
CA VAL D 245 5.49 6.84 56.15
C VAL D 245 5.41 8.29 56.60
N ILE D 246 4.24 8.70 57.09
CA ILE D 246 3.99 10.07 57.52
C ILE D 246 4.10 10.14 59.03
N LEU D 247 4.91 11.06 59.53
CA LEU D 247 5.16 11.22 60.96
C LEU D 247 4.42 12.45 61.47
N ASP D 248 3.84 12.32 62.66
CA ASP D 248 3.12 13.41 63.32
C ASP D 248 3.92 13.91 64.51
N HIS D 249 4.68 14.98 64.30
CA HIS D 249 5.14 15.82 65.39
C HIS D 249 4.36 17.12 65.35
N GLY D 250 4.38 17.85 66.46
CA GLY D 250 3.55 19.03 66.61
C GLY D 250 2.29 18.73 67.38
N ALA D 251 1.51 19.79 67.58
CA ALA D 251 0.33 19.75 68.46
C ALA D 251 0.71 19.26 69.85
N SER D 252 1.93 19.60 70.28
CA SER D 252 2.47 19.24 71.59
C SER D 252 2.43 17.72 71.82
N VAL D 253 3.08 17.01 70.91
CA VAL D 253 3.29 15.57 71.09
C VAL D 253 4.43 15.38 72.09
N THR D 254 4.18 14.58 73.12
CA THR D 254 5.18 14.38 74.15
C THR D 254 6.36 13.58 73.62
N ASP D 255 7.48 13.67 74.33
CA ASP D 255 8.71 13.04 73.85
C ASP D 255 8.61 11.52 73.87
N THR D 256 7.91 10.96 74.87
CA THR D 256 7.71 9.52 74.88
C THR D 256 6.78 9.08 73.75
N GLN D 257 5.87 9.97 73.32
CA GLN D 257 5.02 9.68 72.17
C GLN D 257 5.75 9.91 70.85
N LEU D 258 6.77 10.77 70.83
CA LEU D 258 7.63 10.89 69.67
C LEU D 258 8.65 9.77 69.61
N GLN D 259 9.08 9.26 70.78
CA GLN D 259 10.03 8.17 70.81
C GLN D 259 9.43 6.89 70.25
N ILE D 260 8.12 6.70 70.42
CA ILE D 260 7.45 5.56 69.81
C ILE D 260 7.33 5.74 68.31
N ALA D 261 7.10 6.99 67.87
CA ALA D 261 6.95 7.28 66.45
C ALA D 261 8.26 7.11 65.70
N LYS D 262 9.39 7.40 66.33
CA LYS D 262 10.69 7.31 65.68
C LYS D 262 11.30 5.91 65.78
N ASP D 263 10.94 5.15 66.83
CA ASP D 263 11.39 3.76 66.89
C ASP D 263 10.62 2.90 65.90
N ALA D 264 9.31 3.15 65.75
CA ALA D 264 8.51 2.37 64.81
C ALA D 264 8.79 2.77 63.37
N ALA D 265 9.15 4.04 63.13
CA ALA D 265 9.51 4.46 61.78
C ALA D 265 10.81 3.82 61.29
N GLN D 266 11.63 3.31 62.20
CA GLN D 266 12.87 2.65 61.82
C GLN D 266 12.79 1.13 61.86
N VAL D 267 11.66 0.58 62.32
CA VAL D 267 11.40 -0.84 62.15
C VAL D 267 10.76 -1.13 60.80
N ILE D 268 10.01 -0.16 60.26
CA ILE D 268 9.41 -0.33 58.94
C ILE D 268 10.48 -0.31 57.86
N LEU D 269 11.39 0.67 57.92
CA LEU D 269 12.43 0.77 56.89
C LEU D 269 13.46 -0.33 56.99
N SER D 270 13.64 -0.92 58.17
CA SER D 270 14.55 -2.04 58.36
C SER D 270 13.90 -3.38 58.04
N ALA D 271 12.73 -3.37 57.41
CA ALA D 271 11.99 -4.59 57.11
C ALA D 271 11.64 -4.76 55.64
N ILE D 272 11.86 -3.74 54.80
CA ILE D 272 11.46 -3.80 53.41
C ILE D 272 12.65 -4.16 52.53
N ASP D 273 12.43 -4.20 51.22
CA ASP D 273 13.42 -4.66 50.25
C ASP D 273 13.65 -3.57 49.21
N GLU D 274 14.72 -3.72 48.43
CA GLU D 274 15.10 -2.68 47.49
C GLU D 274 14.20 -2.63 46.26
N HIS D 275 13.44 -3.69 45.99
CA HIS D 275 12.45 -3.63 44.91
C HIS D 275 11.21 -2.85 45.31
N ASP D 276 11.14 -2.38 46.55
CA ASP D 276 10.08 -1.49 47.01
C ASP D 276 10.52 -0.04 46.81
N LYS D 277 9.67 0.89 47.26
CA LYS D 277 9.98 2.31 47.24
C LYS D 277 9.49 2.95 48.52
N ILE D 278 10.24 3.93 49.01
CA ILE D 278 9.95 4.56 50.30
C ILE D 278 10.20 6.06 50.22
N SER D 279 9.40 6.82 50.96
CA SER D 279 9.60 8.26 51.12
C SER D 279 8.90 8.67 52.41
N VAL D 280 9.68 9.01 53.43
CA VAL D 280 9.14 9.35 54.74
C VAL D 280 8.90 10.85 54.82
N LEU D 281 7.75 11.23 55.37
CA LEU D 281 7.33 12.62 55.46
C LEU D 281 7.05 12.99 56.91
N THR D 282 7.42 14.21 57.28
CA THR D 282 7.07 14.79 58.56
C THR D 282 6.03 15.88 58.36
N VAL D 283 5.10 15.98 59.31
CA VAL D 283 3.95 16.88 59.18
C VAL D 283 3.81 17.67 60.46
N ALA D 284 4.03 18.99 60.37
CA ALA D 284 3.79 19.90 61.50
C ALA D 284 3.78 21.32 60.91
N ASP D 285 2.59 21.76 60.50
CA ASP D 285 2.36 23.04 59.83
C ASP D 285 2.91 23.00 58.41
N ALA D 286 3.93 22.18 58.17
CA ALA D 286 4.53 22.05 56.85
C ALA D 286 5.03 20.62 56.67
N VAL D 287 5.11 20.19 55.43
CA VAL D 287 5.61 18.86 55.08
C VAL D 287 7.04 19.01 54.56
N ARG D 288 7.97 18.30 55.20
CA ARG D 288 9.38 18.32 54.82
C ARG D 288 9.86 16.88 54.71
N THR D 289 10.26 16.49 53.50
CA THR D 289 10.77 15.14 53.25
C THR D 289 12.26 15.09 53.61
N CYS D 290 12.89 13.97 53.31
CA CYS D 290 14.32 13.83 53.53
C CYS D 290 15.09 14.85 52.71
N SER D 291 15.80 15.75 53.38
CA SER D 291 16.53 16.83 52.73
C SER D 291 17.93 16.42 52.32
N LEU D 292 18.11 15.19 51.83
CA LEU D 292 19.43 14.68 51.48
C LEU D 292 19.56 14.29 50.01
N ASP D 293 18.53 14.55 49.20
CA ASP D 293 18.58 14.18 47.79
C ASP D 293 17.56 15.01 47.02
N GLN D 294 17.73 15.03 45.70
CA GLN D 294 16.86 15.81 44.83
C GLN D 294 15.54 15.11 44.58
N CYS D 295 15.58 13.82 44.25
CA CYS D 295 14.38 13.08 43.87
C CYS D 295 13.63 12.52 45.08
N TYR D 296 13.97 12.93 46.29
CA TYR D 296 13.14 12.60 47.46
C TYR D 296 11.94 13.51 47.56
N LYS D 297 12.06 14.77 47.16
CA LYS D 297 10.96 15.72 47.16
C LYS D 297 10.09 15.62 45.90
N THR D 298 10.23 14.54 45.13
CA THR D 298 9.51 14.42 43.87
C THR D 298 8.97 13.01 43.66
N TYR D 299 9.83 12.00 43.84
CA TYR D 299 9.48 10.61 43.58
C TYR D 299 9.61 9.79 44.87
N LEU D 300 9.26 8.51 44.74
CA LEU D 300 9.56 7.50 45.75
C LEU D 300 10.83 6.78 45.32
N SER D 301 11.83 6.79 46.18
CA SER D 301 13.07 6.17 45.76
C SER D 301 13.13 4.72 46.24
N PRO D 302 13.77 3.84 45.47
CA PRO D 302 13.91 2.44 45.90
C PRO D 302 14.63 2.35 47.24
N ALA D 303 14.37 1.26 47.96
CA ALA D 303 14.84 1.11 49.34
C ALA D 303 16.11 0.26 49.39
N THR D 304 17.17 0.83 48.83
CA THR D 304 18.49 0.22 48.92
C THR D 304 19.13 0.56 50.27
N SER D 305 20.34 0.05 50.49
CA SER D 305 21.04 0.34 51.73
C SER D 305 21.35 1.83 51.87
N GLU D 306 21.56 2.52 50.76
CA GLU D 306 21.85 3.95 50.81
C GLU D 306 20.61 4.78 51.12
N THR D 307 19.43 4.34 50.66
CA THR D 307 18.21 5.08 50.94
C THR D 307 17.71 4.78 52.35
N LYS D 308 17.87 3.54 52.81
CA LYS D 308 17.48 3.21 54.18
C LYS D 308 18.29 4.02 55.19
N ARG D 309 19.58 4.23 54.92
CA ARG D 309 20.43 4.95 55.86
C ARG D 309 20.10 6.44 55.85
N LYS D 310 19.90 7.02 54.66
CA LYS D 310 19.54 8.44 54.60
C LYS D 310 18.17 8.69 55.22
N MET D 311 17.21 7.82 54.97
CA MET D 311 15.84 8.03 55.43
C MET D 311 15.68 7.78 56.91
N SER D 312 16.60 7.05 57.53
CA SER D 312 16.53 6.78 58.97
C SER D 312 17.22 7.86 59.80
N THR D 313 18.21 8.55 59.23
CA THR D 313 18.84 9.66 59.95
C THR D 313 17.97 10.90 59.94
N PHE D 314 17.10 11.05 58.95
CA PHE D 314 16.08 12.09 59.01
C PHE D 314 15.07 11.83 60.12
N VAL D 315 15.02 10.60 60.62
CA VAL D 315 14.28 10.25 61.83
C VAL D 315 15.18 10.49 63.03
N SER D 316 14.57 10.81 64.17
CA SER D 316 15.25 11.17 65.41
C SER D 316 15.90 12.54 65.30
N SER D 317 15.90 13.12 64.10
CA SER D 317 16.28 14.50 63.89
C SER D 317 15.09 15.44 63.92
N VAL D 318 13.88 14.90 63.98
CA VAL D 318 12.66 15.70 64.08
C VAL D 318 12.20 15.68 65.53
N LYS D 319 11.84 16.85 66.05
CA LYS D 319 11.51 17.05 67.44
C LYS D 319 10.12 17.65 67.56
N PRO D 320 9.48 17.55 68.73
CA PRO D 320 8.06 17.93 68.83
C PRO D 320 7.85 19.42 68.58
N SER D 321 6.97 19.71 67.63
CA SER D 321 6.55 21.08 67.36
C SER D 321 5.34 21.41 68.25
N ASP D 322 4.69 22.55 67.99
CA ASP D 322 3.55 22.98 68.79
C ASP D 322 2.34 23.41 67.97
N SER D 323 2.52 23.77 66.70
CA SER D 323 1.39 24.17 65.86
C SER D 323 0.46 22.99 65.63
N PRO D 324 -0.80 23.25 65.29
CA PRO D 324 -1.69 22.16 64.89
C PRO D 324 -1.08 21.34 63.76
N THR D 325 -1.40 20.05 63.74
CA THR D 325 -0.71 19.11 62.86
C THR D 325 -0.79 19.54 61.39
N GLN D 326 -1.94 20.06 60.97
CA GLN D 326 -2.24 20.32 59.55
C GLN D 326 -2.25 18.99 58.78
N HIS D 327 -3.33 18.24 59.03
CA HIS D 327 -3.40 16.86 58.57
C HIS D 327 -3.61 16.78 57.06
N ALA D 328 -4.49 17.62 56.51
CA ALA D 328 -4.94 17.44 55.12
C ALA D 328 -3.79 17.63 54.13
N VAL D 329 -2.93 18.62 54.38
CA VAL D 329 -1.83 18.88 53.45
C VAL D 329 -0.78 17.77 53.51
N GLY D 330 -0.70 17.05 54.63
CA GLY D 330 0.24 15.94 54.72
C GLY D 330 -0.15 14.76 53.85
N PHE D 331 -1.45 14.50 53.69
CA PHE D 331 -1.89 13.44 52.81
C PHE D 331 -1.89 13.85 51.35
N HIS D 332 -2.18 15.12 51.05
CA HIS D 332 -2.22 15.56 49.66
C HIS D 332 -0.84 15.49 49.02
N ARG D 333 0.23 15.67 49.79
CA ARG D 333 1.57 15.55 49.25
C ARG D 333 1.98 14.11 49.03
N ALA D 334 1.51 13.19 49.89
CA ALA D 334 1.87 11.79 49.74
C ALA D 334 1.26 11.19 48.47
N PHE D 335 0.13 11.74 48.00
CA PHE D 335 -0.43 11.31 46.73
C PHE D 335 0.29 11.95 45.56
N GLN D 336 0.69 13.21 45.70
CA GLN D 336 1.49 13.87 44.67
C GLN D 336 2.80 13.15 44.40
N LEU D 337 3.27 12.36 45.37
CA LEU D 337 4.48 11.56 45.18
C LEU D 337 4.16 10.23 44.51
N ILE D 338 3.08 9.57 44.93
CA ILE D 338 2.71 8.28 44.37
C ILE D 338 2.24 8.43 42.92
N ARG D 339 1.62 9.57 42.58
CA ARG D 339 1.16 9.78 41.22
C ARG D 339 2.32 9.82 40.23
N SER D 340 3.37 10.57 40.56
CA SER D 340 4.46 10.81 39.63
C SER D 340 5.32 9.57 39.39
N THR D 341 5.27 8.57 40.28
CA THR D 341 6.14 7.41 40.15
C THR D 341 5.57 6.41 39.17
N SER D 342 6.46 5.63 38.55
CA SER D 342 6.06 4.60 37.61
C SER D 342 5.51 3.39 38.34
N ASN D 343 4.73 2.59 37.61
CA ASN D 343 4.23 1.32 38.14
C ASN D 343 5.20 0.18 37.90
N SER D 344 5.78 0.10 36.71
CA SER D 344 6.74 -0.95 36.35
C SER D 344 6.17 -2.35 36.59
N ALA D 349 6.57 -8.29 38.46
CA ALA D 349 6.04 -6.94 38.25
C ALA D 349 4.59 -6.85 38.70
N ASN D 350 4.39 -6.52 39.97
CA ASN D 350 3.06 -6.40 40.55
C ASN D 350 3.15 -5.48 41.76
N THR D 351 2.30 -4.46 41.80
CA THR D 351 2.49 -3.33 42.71
C THR D 351 1.27 -3.13 43.60
N ASP D 352 1.53 -2.96 44.90
CA ASP D 352 0.56 -2.47 45.87
C ASP D 352 1.13 -1.24 46.56
N MET D 353 0.24 -0.35 46.99
CA MET D 353 0.63 0.96 47.50
C MET D 353 -0.07 1.22 48.82
N VAL D 354 0.72 1.62 49.84
CA VAL D 354 0.24 1.75 51.21
C VAL D 354 0.77 3.06 51.80
N ILE D 355 -0.04 3.67 52.68
CA ILE D 355 0.35 4.84 53.44
C ILE D 355 0.17 4.55 54.93
N ILE D 356 1.23 4.75 55.70
CA ILE D 356 1.19 4.58 57.15
C ILE D 356 1.25 5.95 57.80
N TYR D 357 0.42 6.15 58.84
CA TYR D 357 0.25 7.45 59.48
C TYR D 357 0.34 7.26 60.98
N LEU D 358 1.31 7.92 61.61
CA LEU D 358 1.65 7.73 63.03
C LEU D 358 1.32 9.02 63.78
N SER D 359 0.08 9.11 64.27
CA SER D 359 -0.39 10.30 64.96
C SER D 359 -0.97 9.93 66.31
N ALA D 360 -1.46 10.95 67.02
CA ALA D 360 -2.12 10.78 68.31
C ALA D 360 -3.55 11.28 68.31
N GLY D 361 -4.06 11.77 67.18
CA GLY D 361 -5.38 12.35 67.13
C GLY D 361 -5.40 13.80 67.57
N ILE D 362 -5.47 14.72 66.61
CA ILE D 362 -5.34 16.14 66.88
C ILE D 362 -6.58 16.86 66.36
N THR D 363 -7.19 17.66 67.23
CA THR D 363 -8.29 18.54 66.84
C THR D 363 -8.01 19.95 67.33
N SER D 364 -8.71 20.91 66.74
CA SER D 364 -8.60 22.32 67.15
C SER D 364 -9.91 22.81 67.73
N LYS D 365 -10.36 23.98 67.29
CA LYS D 365 -11.64 24.53 67.74
C LYS D 365 -12.63 24.45 66.59
N ASP D 366 -12.51 25.37 65.63
CA ASP D 366 -13.21 25.18 64.36
C ASP D 366 -12.63 23.98 63.62
N SER D 367 -11.30 23.89 63.55
CA SER D 367 -10.67 22.75 62.90
C SER D 367 -10.65 21.53 63.80
N SER D 368 -11.80 21.18 64.36
CA SER D 368 -11.95 19.96 65.14
C SER D 368 -12.49 18.83 64.27
N GLU D 369 -13.66 19.06 63.66
CA GLU D 369 -14.18 18.23 62.59
C GLU D 369 -14.15 18.93 61.25
N GLU D 370 -13.61 20.16 61.20
CA GLU D 370 -13.39 20.84 59.93
C GLU D 370 -12.21 20.26 59.18
N ASP D 371 -11.11 20.05 59.88
CA ASP D 371 -9.95 19.40 59.28
C ASP D 371 -10.18 17.91 59.11
N LYS D 372 -11.01 17.30 59.98
CA LYS D 372 -11.44 15.93 59.73
C LYS D 372 -12.18 15.82 58.41
N LYS D 373 -13.03 16.80 58.10
CA LYS D 373 -13.70 16.82 56.81
C LYS D 373 -12.70 16.99 55.67
N ALA D 374 -11.75 17.91 55.82
CA ALA D 374 -10.82 18.23 54.74
C ALA D 374 -9.83 17.09 54.50
N THR D 375 -9.56 16.26 55.51
CA THR D 375 -8.63 15.15 55.32
C THR D 375 -9.29 14.00 54.54
N LEU D 376 -10.48 13.61 54.95
CA LEU D 376 -11.21 12.58 54.23
C LEU D 376 -11.85 13.10 52.96
N ARG D 377 -11.71 14.40 52.67
CA ARG D 377 -12.12 14.98 51.41
C ARG D 377 -11.03 14.88 50.35
N VAL D 378 -9.78 15.13 50.73
CA VAL D 378 -8.67 14.94 49.80
C VAL D 378 -8.36 13.47 49.62
N ILE D 379 -8.72 12.62 50.58
CA ILE D 379 -8.59 11.18 50.38
C ILE D 379 -9.55 10.70 49.29
N ASN D 380 -10.74 11.32 49.19
CA ASN D 380 -11.67 10.93 48.14
C ASN D 380 -11.25 11.46 46.77
N GLU D 381 -10.72 12.68 46.72
CA GLU D 381 -10.38 13.27 45.43
C GLU D 381 -9.05 12.74 44.89
N GLU D 382 -8.04 12.60 45.75
CA GLU D 382 -6.74 12.14 45.28
C GLU D 382 -6.71 10.64 45.08
N ASN D 383 -7.19 9.87 46.05
CA ASN D 383 -7.21 8.41 45.89
C ASN D 383 -8.24 7.98 44.85
N GLY D 384 -9.36 8.69 44.75
CA GLY D 384 -10.29 8.43 43.67
C GLY D 384 -9.70 8.71 42.31
N PHE D 385 -8.81 9.71 42.22
CA PHE D 385 -8.10 9.99 40.98
C PHE D 385 -7.11 8.89 40.62
N LEU D 386 -6.77 8.02 41.57
CA LEU D 386 -5.84 6.91 41.33
C LEU D 386 -6.55 5.56 41.34
N ASN D 387 -7.85 5.54 41.05
CA ASN D 387 -8.63 4.31 40.94
C ASN D 387 -8.65 3.51 42.24
N ASN D 388 -8.53 4.21 43.37
CA ASN D 388 -8.54 3.61 44.72
C ASN D 388 -7.61 2.40 44.79
N SER D 389 -6.31 2.69 44.66
CA SER D 389 -5.28 1.68 44.80
C SER D 389 -4.54 1.75 46.12
N VAL D 390 -4.63 2.88 46.83
CA VAL D 390 -3.84 3.13 48.02
C VAL D 390 -4.55 2.56 49.25
N MET D 391 -3.77 1.93 50.12
CA MET D 391 -4.24 1.46 51.41
C MET D 391 -3.65 2.32 52.51
N ILE D 392 -4.42 2.52 53.58
CA ILE D 392 -4.03 3.40 54.68
C ILE D 392 -3.97 2.59 55.97
N LEU D 393 -2.79 2.58 56.60
CA LEU D 393 -2.61 2.01 57.92
C LEU D 393 -2.43 3.14 58.92
N THR D 394 -3.00 2.97 60.11
CA THR D 394 -2.93 3.98 61.16
C THR D 394 -2.53 3.31 62.48
N TYR D 395 -1.57 3.91 63.18
CA TYR D 395 -1.12 3.44 64.48
C TYR D 395 -1.21 4.58 65.47
N ALA D 396 -1.90 4.35 66.59
CA ALA D 396 -2.10 5.40 67.59
C ALA D 396 -0.89 5.52 68.50
N LEU D 397 -0.51 6.76 68.81
CA LEU D 397 0.62 7.07 69.68
C LEU D 397 0.09 7.62 70.99
N MET D 398 -0.38 6.73 71.86
CA MET D 398 -0.93 7.09 73.15
C MET D 398 0.01 6.70 74.28
N ASN D 399 -0.07 7.46 75.37
CA ASN D 399 0.66 7.12 76.59
C ASN D 399 -0.05 7.74 77.79
N ASP D 400 -0.35 6.93 78.79
CA ASP D 400 -0.87 7.36 80.08
C ASP D 400 -2.29 7.90 79.96
N GLY D 401 -2.80 8.04 78.74
CA GLY D 401 -4.09 8.63 78.50
C GLY D 401 -4.07 10.01 77.90
N VAL D 402 -2.90 10.50 77.49
CA VAL D 402 -2.84 11.79 76.79
C VAL D 402 -3.71 11.75 75.54
N THR D 403 -3.74 10.60 74.86
CA THR D 403 -4.70 10.35 73.79
C THR D 403 -5.92 9.71 74.40
N GLY D 404 -7.08 10.35 74.24
CA GLY D 404 -8.31 9.89 74.86
C GLY D 404 -9.01 8.81 74.07
N LEU D 405 -10.34 8.76 74.22
CA LEU D 405 -11.16 7.77 73.55
C LEU D 405 -11.79 8.29 72.27
N LYS D 406 -11.89 9.60 72.10
CA LYS D 406 -12.48 10.18 70.88
C LYS D 406 -11.47 10.28 69.75
N GLU D 407 -10.19 10.51 70.07
CA GLU D 407 -9.17 10.61 69.03
C GLU D 407 -8.84 9.25 68.42
N LEU D 408 -9.17 8.15 69.10
CA LEU D 408 -9.08 6.85 68.46
C LEU D 408 -10.06 6.70 67.32
N ALA D 409 -11.24 7.32 67.44
CA ALA D 409 -12.24 7.24 66.38
C ALA D 409 -11.83 8.03 65.15
N PHE D 410 -11.03 9.08 65.32
CA PHE D 410 -10.53 9.82 64.16
C PHE D 410 -9.56 8.97 63.36
N LEU D 411 -8.76 8.15 64.03
CA LEU D 411 -7.84 7.25 63.35
C LEU D 411 -8.52 5.99 62.83
N ARG D 412 -9.75 5.71 63.27
CA ARG D 412 -10.53 4.63 62.67
C ARG D 412 -10.93 4.98 61.25
N ASP D 413 -11.51 6.17 61.07
CA ASP D 413 -12.04 6.58 59.77
C ASP D 413 -10.96 6.82 58.73
N LEU D 414 -9.73 7.10 59.16
CA LEU D 414 -8.65 7.29 58.20
C LEU D 414 -8.23 5.95 57.58
N ALA D 415 -8.04 4.93 58.42
CA ALA D 415 -7.67 3.61 57.92
C ALA D 415 -8.80 2.98 57.13
N GLU D 416 -10.04 3.16 57.59
CA GLU D 416 -11.21 2.62 56.92
C GLU D 416 -11.65 3.47 55.74
N GLN D 417 -11.13 4.69 55.61
CA GLN D 417 -11.53 5.63 54.55
C GLN D 417 -13.03 5.88 54.59
N ASN D 418 -13.55 6.10 55.79
CA ASN D 418 -14.99 6.27 56.03
C ASN D 418 -15.36 7.72 55.76
N SER D 419 -15.46 8.05 54.47
CA SER D 419 -15.68 9.43 54.06
C SER D 419 -17.15 9.83 54.08
N GLY D 420 -18.06 8.87 53.90
CA GLY D 420 -19.47 9.16 53.93
C GLY D 420 -19.95 9.69 55.27
N LYS D 421 -19.16 9.48 56.33
CA LYS D 421 -19.55 9.94 57.66
C LYS D 421 -19.55 11.46 57.73
N TYR D 422 -18.57 12.12 57.11
CA TYR D 422 -18.46 13.57 57.13
C TYR D 422 -19.11 14.23 55.91
N GLY D 423 -20.11 13.59 55.32
CA GLY D 423 -20.87 14.18 54.24
C GLY D 423 -20.07 14.51 53.00
N ILE D 424 -19.57 13.48 52.33
CA ILE D 424 -18.83 13.64 51.08
C ILE D 424 -19.56 12.87 50.00
N PRO D 425 -19.66 13.40 48.77
CA PRO D 425 -20.36 12.65 47.70
C PRO D 425 -19.89 11.21 47.54
N ASP D 426 -18.57 10.99 47.51
CA ASP D 426 -18.00 9.64 47.38
C ASP D 426 -18.55 8.93 46.14
N ARG D 427 -18.26 9.52 44.98
CA ARG D 427 -18.59 8.89 43.71
C ARG D 427 -17.37 8.19 43.13
N THR D 428 -16.75 7.36 43.96
CA THR D 428 -15.68 6.46 43.53
C THR D 428 -16.32 5.09 43.33
N ALA D 429 -16.66 4.78 42.07
CA ALA D 429 -17.36 3.53 41.77
C ALA D 429 -16.55 2.30 42.19
N LEU D 430 -15.24 2.43 42.34
CA LEU D 430 -14.38 1.34 42.77
C LEU D 430 -14.31 1.32 44.29
N PRO D 431 -14.35 0.14 44.93
CA PRO D 431 -14.36 0.08 46.40
C PRO D 431 -13.06 0.60 47.03
N VAL D 432 -13.03 0.65 48.35
CA VAL D 432 -11.88 1.18 49.09
C VAL D 432 -11.26 0.05 49.89
N ILE D 433 -9.92 0.06 49.98
CA ILE D 433 -9.19 -0.96 50.71
C ILE D 433 -9.20 -0.60 52.19
N LYS D 434 -9.89 -1.40 53.00
CA LYS D 434 -10.03 -1.10 54.43
C LYS D 434 -8.73 -1.40 55.17
N GLY D 435 -8.14 -0.37 55.76
CA GLY D 435 -6.93 -0.52 56.54
C GLY D 435 -7.21 -0.89 57.99
N SER D 436 -6.13 -1.12 58.73
CA SER D 436 -6.22 -1.50 60.12
C SER D 436 -5.75 -0.38 61.03
N MET D 437 -6.12 -0.47 62.31
CA MET D 437 -5.74 0.50 63.32
C MET D 437 -5.26 -0.25 64.55
N MET D 438 -4.08 0.11 65.04
CA MET D 438 -3.50 -0.51 66.23
C MET D 438 -3.02 0.57 67.18
N VAL D 439 -3.00 0.25 68.47
CA VAL D 439 -2.61 1.19 69.51
C VAL D 439 -1.21 0.82 69.99
N LEU D 440 -0.47 1.83 70.43
CA LEU D 440 0.94 1.65 70.79
C LEU D 440 1.26 2.37 72.08
N ASN D 441 2.23 1.81 72.81
CA ASN D 441 2.90 2.49 73.92
C ASN D 441 4.36 2.03 73.90
N GLN D 442 5.15 2.53 74.84
CA GLN D 442 6.57 2.21 74.84
C GLN D 442 6.87 0.80 75.35
N LEU D 443 5.85 0.01 75.69
CA LEU D 443 6.05 -1.37 76.09
C LEU D 443 5.65 -2.39 75.02
N SER D 444 4.81 -2.01 74.07
CA SER D 444 4.41 -2.93 73.01
C SER D 444 5.61 -3.33 72.16
N ASN D 445 5.56 -4.53 71.60
CA ASN D 445 6.59 -5.00 70.68
C ASN D 445 6.37 -4.34 69.33
N LEU D 446 7.29 -3.45 68.93
CA LEU D 446 7.18 -2.73 67.68
C LEU D 446 7.53 -3.59 66.47
N GLU D 447 8.12 -4.76 66.67
CA GLU D 447 8.40 -5.67 65.56
C GLU D 447 7.23 -6.57 65.22
N THR D 448 6.38 -6.91 66.20
CA THR D 448 5.23 -7.78 65.97
C THR D 448 3.95 -7.02 65.72
N THR D 449 3.92 -5.71 66.03
CA THR D 449 2.75 -4.87 65.76
C THR D 449 2.97 -3.98 64.56
N VAL D 450 3.96 -3.08 64.63
CA VAL D 450 4.25 -2.20 63.50
C VAL D 450 5.02 -2.96 62.42
N GLY D 451 5.93 -3.85 62.80
CA GLY D 451 6.69 -4.61 61.83
C GLY D 451 5.86 -5.58 61.01
N ARG D 452 4.70 -5.98 61.52
CA ARG D 452 3.80 -6.90 60.81
C ARG D 452 2.69 -6.18 60.07
N PHE D 453 2.98 -4.99 59.54
CA PHE D 453 1.99 -4.27 58.74
C PHE D 453 1.73 -4.96 57.40
N TYR D 454 2.64 -5.81 56.94
CA TYR D 454 2.49 -6.47 55.65
C TYR D 454 1.40 -7.52 55.66
N THR D 455 0.96 -7.97 56.83
CA THR D 455 -0.14 -8.93 56.90
C THR D 455 -1.47 -8.33 56.46
N ASN D 456 -1.55 -7.00 56.38
CA ASN D 456 -2.77 -6.32 55.94
C ASN D 456 -2.88 -6.23 54.41
N LEU D 457 -1.84 -6.67 53.68
CA LEU D 457 -1.80 -6.60 52.22
C LEU D 457 -2.36 -7.88 51.60
N PRO D 458 -2.92 -7.79 50.39
CA PRO D 458 -3.41 -9.00 49.72
C PRO D 458 -2.27 -9.96 49.39
N ASN D 459 -2.44 -11.21 49.80
CA ASN D 459 -1.49 -12.28 49.51
C ASN D 459 -2.00 -13.05 48.29
N ARG D 460 -1.28 -12.94 47.18
CA ARG D 460 -1.69 -13.53 45.91
C ARG D 460 -1.21 -14.96 45.72
N MET D 461 -0.78 -15.63 46.80
CA MET D 461 -0.42 -17.04 46.76
C MET D 461 0.73 -17.30 45.79
N ILE D 462 1.75 -16.44 45.83
CA ILE D 462 2.90 -16.60 44.95
C ILE D 462 3.81 -17.69 45.54
N ASP D 463 3.98 -18.78 44.79
CA ASP D 463 4.79 -19.91 45.21
C ASP D 463 5.97 -20.04 44.23
N GLU D 464 6.93 -19.12 44.35
CA GLU D 464 8.11 -19.13 43.48
C GLU D 464 9.33 -18.73 44.32
N ALA D 465 10.45 -19.39 44.04
CA ALA D 465 11.69 -19.09 44.74
C ALA D 465 12.16 -17.67 44.42
N VAL D 466 12.60 -16.96 45.44
CA VAL D 466 13.12 -15.60 45.30
C VAL D 466 14.57 -15.60 45.72
N PHE D 467 15.42 -14.95 44.90
CA PHE D 467 16.85 -14.89 45.14
C PHE D 467 17.22 -13.52 45.68
N SER D 468 17.95 -13.50 46.80
CA SER D 468 18.32 -12.27 47.46
C SER D 468 19.73 -11.84 47.06
N LEU D 469 19.98 -10.54 47.12
CA LEU D 469 21.31 -10.00 46.89
C LEU D 469 22.13 -10.11 48.18
N PRO D 470 23.47 -10.13 48.06
CA PRO D 470 24.31 -10.33 49.24
C PRO D 470 24.04 -9.29 50.33
N PHE D 471 24.05 -9.76 51.57
CA PHE D 471 23.85 -8.91 52.73
C PHE D 471 24.61 -9.51 53.91
N SER D 472 24.79 -8.70 54.95
CA SER D 472 25.55 -9.14 56.11
C SER D 472 24.75 -10.17 56.92
N ASP D 473 25.41 -11.24 57.31
CA ASP D 473 24.76 -12.30 58.08
C ASP D 473 24.34 -11.76 59.45
N GLU D 474 23.05 -11.84 59.74
CA GLU D 474 22.52 -11.38 61.02
C GLU D 474 22.89 -12.31 62.18
N MET D 475 23.63 -13.38 61.92
CA MET D 475 23.94 -14.37 62.95
C MET D 475 25.41 -14.36 63.37
N GLY D 476 26.19 -13.38 62.89
CA GLY D 476 27.54 -13.19 63.39
C GLY D 476 28.66 -13.63 62.47
N ASP D 477 28.50 -13.47 61.16
CA ASP D 477 29.57 -13.79 60.23
C ASP D 477 29.45 -12.84 59.03
N GLY D 478 30.14 -13.19 57.94
CA GLY D 478 30.26 -12.31 56.78
C GLY D 478 29.06 -12.23 55.87
N LEU D 479 29.27 -12.49 54.59
CA LEU D 479 28.28 -12.24 53.55
C LEU D 479 27.55 -13.53 53.18
N ILE D 480 26.28 -13.38 52.80
CA ILE D 480 25.37 -14.51 52.59
C ILE D 480 24.51 -14.23 51.36
N MET D 481 24.23 -15.28 50.59
CA MET D 481 23.20 -15.26 49.56
C MET D 481 22.13 -16.28 49.95
N THR D 482 20.88 -15.82 50.07
CA THR D 482 19.78 -16.65 50.54
C THR D 482 18.69 -16.71 49.48
N VAL D 483 18.22 -17.92 49.20
CA VAL D 483 17.02 -18.13 48.41
C VAL D 483 15.94 -18.68 49.35
N SER D 484 14.72 -18.20 49.17
CA SER D 484 13.61 -18.58 50.05
C SER D 484 12.36 -18.78 49.21
N LYS D 485 11.47 -19.63 49.73
CA LYS D 485 10.22 -19.95 49.06
C LYS D 485 9.16 -20.17 50.13
N PRO D 486 7.97 -19.58 49.99
CA PRO D 486 6.91 -19.79 50.99
C PRO D 486 6.40 -21.22 51.00
N CYS D 487 5.51 -21.54 51.94
CA CYS D 487 5.08 -22.91 52.18
C CYS D 487 3.58 -22.91 52.39
N TYR D 488 2.86 -23.61 51.51
CA TYR D 488 1.40 -23.56 51.49
C TYR D 488 0.81 -24.95 51.74
N PHE D 489 -0.27 -24.98 52.51
CA PHE D 489 -1.15 -26.15 52.64
C PHE D 489 -2.47 -25.75 51.98
N GLY D 490 -2.61 -26.09 50.70
CA GLY D 490 -3.75 -25.63 49.94
C GLY D 490 -3.74 -24.12 49.77
N ASN D 491 -4.32 -23.41 50.75
CA ASN D 491 -4.27 -21.95 50.78
C ASN D 491 -3.91 -21.42 52.17
N LEU D 492 -3.46 -22.28 53.07
CA LEU D 492 -3.04 -21.86 54.40
C LEU D 492 -1.54 -21.64 54.41
N LEU D 493 -1.12 -20.44 54.81
CA LEU D 493 0.30 -20.11 54.87
C LEU D 493 0.90 -20.61 56.18
N LEU D 494 2.14 -21.08 56.11
CA LEU D 494 2.85 -21.66 57.24
C LEU D 494 4.02 -20.81 57.72
N GLY D 495 4.68 -20.13 56.81
CA GLY D 495 5.95 -19.48 57.03
C GLY D 495 6.81 -19.68 55.79
N ILE D 496 8.13 -19.55 55.96
CA ILE D 496 9.06 -19.78 54.86
C ILE D 496 10.26 -20.57 55.37
N VAL D 497 10.93 -21.22 54.42
CA VAL D 497 12.23 -21.83 54.66
C VAL D 497 13.28 -21.02 53.91
N GLY D 498 14.52 -21.13 54.36
CA GLY D 498 15.62 -20.44 53.73
C GLY D 498 16.93 -21.16 53.90
N VAL D 499 17.75 -21.17 52.85
CA VAL D 499 19.04 -21.84 52.87
C VAL D 499 20.12 -20.78 52.64
N ASP D 500 20.98 -20.60 53.64
CA ASP D 500 22.05 -19.62 53.57
C ASP D 500 23.33 -20.29 53.06
N VAL D 501 23.99 -19.63 52.12
CA VAL D 501 25.26 -20.10 51.58
C VAL D 501 26.21 -18.91 51.49
N ASN D 502 27.51 -19.19 51.67
CA ASN D 502 28.51 -18.14 51.53
C ASN D 502 28.51 -17.59 50.11
N LEU D 503 28.67 -16.27 50.00
CA LEU D 503 28.73 -15.65 48.69
C LEU D 503 29.94 -16.14 47.90
N ALA D 504 31.04 -16.48 48.60
CA ALA D 504 32.22 -17.00 47.94
C ALA D 504 32.01 -18.40 47.38
N TYR D 505 31.06 -19.16 47.94
CA TYR D 505 30.81 -20.51 47.46
C TYR D 505 30.08 -20.52 46.12
N ILE D 506 29.01 -19.71 46.01
CA ILE D 506 28.20 -19.69 44.80
C ILE D 506 29.03 -19.25 43.60
N LEU D 507 29.96 -18.32 43.82
CA LEU D 507 30.69 -17.69 42.73
C LEU D 507 32.10 -18.23 42.56
N GLU D 508 32.45 -19.33 43.23
CA GLU D 508 33.83 -19.81 43.20
C GLU D 508 34.27 -20.24 41.80
N ASP D 509 33.32 -20.60 40.93
CA ASP D 509 33.67 -21.01 39.58
C ASP D 509 33.78 -19.83 38.62
N VAL D 510 33.24 -18.67 38.97
CA VAL D 510 33.36 -17.47 38.15
C VAL D 510 34.33 -16.46 38.73
N THR D 511 34.67 -16.55 40.02
CA THR D 511 35.67 -15.67 40.63
C THR D 511 37.09 -16.18 40.45
N TYR D 512 37.26 -17.46 40.11
CA TYR D 512 38.58 -18.07 39.94
C TYR D 512 38.63 -18.83 38.61
N TYR D 513 38.38 -18.11 37.53
CA TYR D 513 38.39 -18.69 36.19
C TYR D 513 39.81 -18.63 35.63
N GLN D 514 40.40 -19.80 35.41
CA GLN D 514 41.80 -19.91 34.99
C GLN D 514 41.95 -20.87 33.82
N ASP D 515 40.96 -20.92 32.93
CA ASP D 515 41.01 -21.85 31.81
C ASP D 515 41.96 -21.36 30.73
N SER D 516 41.73 -20.14 30.23
CA SER D 516 42.54 -19.56 29.17
C SER D 516 43.11 -18.23 29.63
N LEU D 517 44.32 -17.93 29.17
CA LEU D 517 44.96 -16.66 29.49
C LEU D 517 44.44 -15.52 28.64
N ALA D 518 43.52 -15.79 27.72
CA ALA D 518 42.93 -14.79 26.85
C ALA D 518 41.47 -14.52 27.17
N SER D 519 40.96 -15.06 28.27
CA SER D 519 39.55 -14.99 28.56
C SER D 519 39.32 -14.72 30.05
N TYR D 520 38.17 -14.13 30.34
CA TYR D 520 37.70 -13.93 31.71
C TYR D 520 36.17 -13.90 31.68
N THR D 521 35.57 -14.18 32.83
CA THR D 521 34.14 -14.33 32.92
C THR D 521 33.54 -13.32 33.89
N PHE D 522 32.22 -13.13 33.76
CA PHE D 522 31.46 -12.27 34.66
C PHE D 522 30.01 -12.71 34.64
N LEU D 523 29.34 -12.56 35.78
CA LEU D 523 27.98 -13.06 35.96
C LEU D 523 27.03 -11.91 36.20
N ILE D 524 25.87 -11.94 35.53
CA ILE D 524 24.89 -10.86 35.62
C ILE D 524 23.50 -11.44 35.88
N ASP D 525 22.49 -10.58 35.87
CA ASP D 525 21.10 -11.01 35.99
C ASP D 525 20.25 -10.39 34.89
N ASP D 526 18.95 -10.24 35.14
CA ASP D 526 18.05 -9.80 34.08
C ASP D 526 18.20 -8.32 33.78
N LYS D 527 18.29 -7.48 34.81
CA LYS D 527 18.31 -6.03 34.62
C LYS D 527 19.72 -5.44 34.60
N GLY D 528 20.75 -6.26 34.78
CA GLY D 528 22.12 -5.83 34.54
C GLY D 528 22.99 -5.68 35.76
N TYR D 529 22.52 -6.04 36.95
CA TYR D 529 23.33 -5.92 38.14
C TYR D 529 24.50 -6.89 38.10
N THR D 530 25.70 -6.37 38.35
CA THR D 530 26.92 -7.18 38.27
C THR D 530 27.10 -7.93 39.59
N LEU D 531 27.00 -9.25 39.54
CA LEU D 531 27.30 -10.06 40.71
C LEU D 531 28.77 -10.39 40.83
N MET D 532 29.49 -10.50 39.71
CA MET D 532 30.92 -10.70 39.77
C MET D 532 31.56 -10.25 38.46
N HIS D 533 32.75 -9.66 38.57
CA HIS D 533 33.54 -9.20 37.46
C HIS D 533 34.96 -8.99 37.96
N PRO D 534 35.98 -9.22 37.14
CA PRO D 534 37.36 -9.04 37.60
C PRO D 534 37.66 -7.65 38.18
N SER D 535 36.74 -6.69 38.04
CA SER D 535 36.91 -5.37 38.64
C SER D 535 36.42 -5.33 40.08
N LEU D 536 35.75 -6.36 40.57
CA LEU D 536 35.29 -6.43 41.94
C LEU D 536 36.31 -7.12 42.84
N THR D 537 36.15 -6.91 44.14
CA THR D 537 36.99 -7.58 45.13
C THR D 537 36.49 -9.01 45.34
N ARG D 538 37.43 -9.89 45.69
CA ARG D 538 37.08 -11.30 45.91
C ARG D 538 35.98 -11.40 46.98
N PRO D 539 35.04 -12.33 46.82
CA PRO D 539 33.89 -12.38 47.75
C PRO D 539 34.26 -12.73 49.18
N TYR D 540 35.36 -13.45 49.39
CA TYR D 540 35.71 -13.89 50.74
C TYR D 540 36.17 -12.75 51.64
N LEU D 541 36.62 -11.63 51.06
CA LEU D 541 37.19 -10.54 51.82
C LEU D 541 36.19 -9.44 52.15
N LEU D 542 34.99 -9.48 51.57
CA LEU D 542 34.09 -8.33 51.57
C LEU D 542 33.37 -8.18 52.91
N SER D 543 32.78 -7.01 53.10
CA SER D 543 31.90 -6.71 54.21
C SER D 543 30.51 -6.24 53.78
N GLU D 544 30.42 -5.50 52.67
CA GLU D 544 29.16 -5.06 52.06
C GLU D 544 29.41 -4.52 50.67
N PRO D 545 28.97 -5.22 49.63
CA PRO D 545 29.26 -4.80 48.26
C PRO D 545 28.14 -3.93 47.71
N PRO D 546 28.46 -3.00 46.83
CA PRO D 546 27.41 -2.22 46.15
C PRO D 546 26.85 -2.96 44.94
N LEU D 547 25.79 -3.73 45.17
CA LEU D 547 25.18 -4.50 44.08
C LEU D 547 24.66 -3.59 42.98
N HIS D 548 24.26 -2.37 43.34
CA HIS D 548 23.69 -1.43 42.37
C HIS D 548 24.71 -0.95 41.35
N THR D 549 25.18 -1.85 40.48
CA THR D 549 26.18 -1.53 39.47
C THR D 549 25.85 -2.29 38.20
N ASP D 550 25.54 -1.56 37.13
CA ASP D 550 25.25 -2.17 35.84
C ASP D 550 26.54 -2.48 35.09
N ILE D 551 26.48 -3.51 34.24
CA ILE D 551 27.66 -3.91 33.47
C ILE D 551 28.00 -2.89 32.39
N ILE D 552 27.07 -2.00 32.06
CA ILE D 552 27.39 -0.89 31.16
C ILE D 552 28.47 -0.01 31.77
N HIS D 553 28.73 -0.15 33.06
CA HIS D 553 29.75 0.62 33.77
C HIS D 553 31.06 -0.16 33.90
N TYR D 554 31.01 -1.40 34.40
CA TYR D 554 32.23 -2.20 34.52
C TYR D 554 32.85 -2.47 33.16
N GLU D 555 32.04 -2.98 32.22
CA GLU D 555 32.51 -3.28 30.87
C GLU D 555 32.27 -2.10 29.93
N ASN D 556 32.48 -0.89 30.43
CA ASN D 556 32.23 0.32 29.65
C ASN D 556 33.26 0.45 28.55
N ILE D 557 32.77 0.62 27.31
CA ILE D 557 33.59 0.60 26.11
C ILE D 557 32.65 1.05 24.99
N PRO D 558 33.12 1.80 23.99
CA PRO D 558 32.21 2.25 22.93
C PRO D 558 31.58 1.07 22.20
N LYS D 559 30.27 1.19 21.96
CA LYS D 559 29.45 0.19 21.27
C LYS D 559 29.30 -1.10 22.08
N PHE D 560 29.27 -0.98 23.41
CA PHE D 560 28.93 -2.09 24.28
C PHE D 560 27.42 -2.17 24.55
N GLU D 561 26.73 -1.03 24.53
CA GLU D 561 25.29 -1.01 24.77
C GLU D 561 24.51 -1.79 23.74
N LEU D 562 25.09 -2.03 22.56
CA LEU D 562 24.40 -2.84 21.54
C LEU D 562 24.48 -4.33 21.88
N VAL D 563 25.60 -4.78 22.43
CA VAL D 563 25.71 -6.18 22.84
C VAL D 563 24.97 -6.41 24.15
N ARG D 564 24.93 -5.39 25.02
CA ARG D 564 24.17 -5.49 26.27
C ARG D 564 22.69 -5.77 26.00
N GLN D 565 22.18 -5.35 24.84
CA GLN D 565 20.80 -5.64 24.48
C GLN D 565 20.59 -7.13 24.25
N ASN D 566 21.47 -7.74 23.45
CA ASN D 566 21.30 -9.14 23.08
C ASN D 566 21.60 -10.10 24.23
N ILE D 567 22.36 -9.67 25.24
CA ILE D 567 22.65 -10.54 26.36
C ILE D 567 21.46 -10.61 27.32
N LEU D 568 20.79 -9.49 27.54
CA LEU D 568 19.69 -9.44 28.50
C LEU D 568 18.37 -9.97 27.93
N SER D 569 18.25 -10.07 26.61
CA SER D 569 17.03 -10.54 25.97
C SER D 569 17.15 -11.94 25.38
N LEU D 570 18.26 -12.24 24.70
CA LEU D 570 18.43 -13.58 24.15
C LEU D 570 18.97 -14.52 25.22
N PRO D 571 18.47 -15.75 25.29
CA PRO D 571 19.01 -16.71 26.27
C PRO D 571 20.49 -17.00 26.07
N LEU D 572 20.93 -17.20 24.83
CA LEU D 572 22.35 -17.40 24.56
C LEU D 572 22.68 -16.79 23.20
N GLY D 573 23.95 -16.81 22.86
CA GLY D 573 24.41 -16.25 21.61
C GLY D 573 25.89 -15.95 21.67
N SER D 574 26.41 -15.51 20.52
CA SER D 574 27.79 -15.08 20.40
C SER D 574 27.86 -13.91 19.44
N GLN D 575 28.89 -13.08 19.60
CA GLN D 575 28.99 -11.86 18.80
C GLN D 575 30.40 -11.30 18.93
N ILE D 576 30.95 -10.81 17.82
CA ILE D 576 32.22 -10.12 17.80
C ILE D 576 31.97 -8.65 17.47
N ILE D 577 32.76 -7.77 18.10
CA ILE D 577 32.71 -6.34 17.82
C ILE D 577 34.14 -5.84 17.67
N THR D 578 34.28 -4.69 17.03
CA THR D 578 35.57 -4.05 16.82
C THR D 578 35.66 -2.81 17.69
N VAL D 579 36.72 -2.73 18.49
CA VAL D 579 36.97 -1.59 19.37
C VAL D 579 38.39 -1.11 19.12
N PRO D 580 38.62 0.19 18.97
CA PRO D 580 40.00 0.67 18.89
C PRO D 580 40.76 0.44 20.18
N VAL D 581 42.06 0.23 20.05
CA VAL D 581 42.92 0.10 21.22
C VAL D 581 42.79 1.34 22.09
N ASN D 582 42.90 2.51 21.47
CA ASN D 582 42.59 3.75 22.17
C ASN D 582 41.10 3.77 22.53
N SER D 583 40.80 4.34 23.70
CA SER D 583 39.46 4.31 24.30
C SER D 583 39.03 2.88 24.63
N SER D 584 39.73 2.31 25.62
CA SER D 584 39.45 0.94 26.04
C SER D 584 40.02 0.70 27.43
N LEU D 585 39.31 -0.10 28.22
CA LEU D 585 39.75 -0.45 29.56
C LEU D 585 40.94 -1.40 29.50
N SER D 586 41.63 -1.53 30.64
CA SER D 586 42.90 -2.25 30.66
C SER D 586 42.72 -3.75 30.47
N TRP D 587 41.56 -4.31 30.87
CA TRP D 587 41.38 -5.76 30.80
C TRP D 587 41.48 -6.26 29.37
N HIS D 588 41.13 -5.44 28.39
CA HIS D 588 41.27 -5.84 26.99
C HIS D 588 42.67 -5.59 26.47
N ILE D 589 43.38 -4.62 27.05
CA ILE D 589 44.74 -4.33 26.61
C ILE D 589 45.73 -5.35 27.17
N ASN D 590 45.44 -5.93 28.34
CA ASN D 590 46.32 -6.93 28.92
C ASN D 590 46.22 -8.29 28.22
N LYS D 591 45.44 -8.41 27.14
CA LYS D 591 45.25 -9.69 26.48
C LYS D 591 45.37 -9.58 24.96
N LEU D 592 45.99 -8.52 24.45
CA LEU D 592 46.28 -8.42 23.03
C LEU D 592 47.49 -9.28 22.68
N ARG D 593 47.40 -9.97 21.55
CA ARG D 593 48.45 -10.90 21.13
C ARG D 593 49.03 -10.59 19.75
N GLU D 594 48.64 -9.47 19.14
CA GLU D 594 49.29 -8.98 17.93
C GLU D 594 49.95 -7.65 18.22
N THR D 595 51.24 -7.54 17.90
CA THR D 595 51.97 -6.29 18.09
C THR D 595 51.58 -5.29 17.01
N GLY D 596 51.51 -4.02 17.40
CA GLY D 596 51.22 -2.94 16.48
C GLY D 596 49.81 -3.00 15.91
N LYS D 597 48.80 -2.81 16.76
CA LYS D 597 47.41 -2.81 16.35
C LYS D 597 46.76 -1.48 16.71
N GLU D 598 45.85 -1.04 15.86
CA GLU D 598 45.08 0.18 16.10
C GLU D 598 43.64 -0.11 16.52
N ALA D 599 43.14 -1.30 16.22
CA ALA D 599 41.83 -1.75 16.67
C ALA D 599 41.93 -3.25 16.91
N TYR D 600 40.98 -3.79 17.67
CA TYR D 600 41.04 -5.19 18.04
C TYR D 600 39.64 -5.77 18.11
N ASN D 601 39.57 -7.09 17.97
CA ASN D 601 38.33 -7.85 18.02
C ASN D 601 38.12 -8.43 19.41
N VAL D 602 36.86 -8.50 19.83
CA VAL D 602 36.46 -9.16 21.07
C VAL D 602 35.21 -9.97 20.79
N SER D 603 35.13 -11.17 21.35
CA SER D 603 33.99 -12.06 21.17
C SER D 603 33.31 -12.30 22.52
N TYR D 604 32.03 -11.98 22.60
CA TYR D 604 31.21 -12.27 23.76
C TYR D 604 30.31 -13.46 23.48
N ALA D 605 30.34 -14.44 24.39
CA ALA D 605 29.44 -15.58 24.33
C ALA D 605 28.74 -15.70 25.68
N TRP D 606 27.41 -15.64 25.65
CA TRP D 606 26.62 -15.65 26.88
C TRP D 606 25.61 -16.79 26.85
N LYS D 607 25.07 -17.09 28.03
CA LYS D 607 24.02 -18.09 28.19
C LYS D 607 23.39 -17.93 29.56
N MET D 608 22.07 -18.08 29.62
CA MET D 608 21.38 -18.00 30.90
C MET D 608 21.72 -19.22 31.75
N VAL D 609 21.79 -18.99 33.06
CA VAL D 609 21.83 -20.09 34.02
C VAL D 609 20.43 -20.65 34.13
N GLN D 610 20.27 -21.93 33.80
CA GLN D 610 18.94 -22.51 33.64
C GLN D 610 18.23 -22.59 34.99
N ASP D 611 16.92 -22.35 34.97
CA ASP D 611 16.03 -22.42 36.13
C ASP D 611 16.30 -21.29 37.13
N THR D 612 16.84 -20.16 36.67
CA THR D 612 17.05 -19.00 37.52
C THR D 612 17.18 -17.78 36.63
N SER D 613 17.32 -16.61 37.27
CA SER D 613 17.37 -15.32 36.58
C SER D 613 18.79 -14.78 36.48
N PHE D 614 19.76 -15.64 36.22
CA PHE D 614 21.16 -15.23 36.08
C PHE D 614 21.66 -15.58 34.69
N ILE D 615 22.65 -14.82 34.22
CA ILE D 615 23.20 -14.99 32.88
C ILE D 615 24.72 -14.92 32.98
N LEU D 616 25.39 -15.91 32.40
CA LEU D 616 26.85 -15.97 32.36
C LEU D 616 27.36 -15.53 30.99
N CYS D 617 28.60 -15.07 30.97
CA CYS D 617 29.22 -14.59 29.74
C CYS D 617 30.72 -14.81 29.78
N ILE D 618 31.30 -15.11 28.63
CA ILE D 618 32.73 -15.30 28.47
C ILE D 618 33.26 -14.22 27.54
N VAL D 619 34.32 -13.54 27.96
CA VAL D 619 34.97 -12.49 27.17
C VAL D 619 36.29 -13.02 26.64
N VAL D 620 36.46 -13.00 25.33
CA VAL D 620 37.67 -13.46 24.68
C VAL D 620 38.22 -12.32 23.83
N ILE D 621 39.36 -11.77 24.23
CA ILE D 621 40.00 -10.70 23.48
C ILE D 621 40.79 -11.32 22.33
N GLN D 622 40.51 -10.85 21.10
CA GLN D 622 41.07 -11.37 19.87
C GLN D 622 40.85 -12.88 19.76
N PRO D 623 39.65 -13.30 19.32
CA PRO D 623 39.39 -14.75 19.22
C PRO D 623 40.11 -15.42 18.05
N GLU D 624 40.52 -14.66 17.03
CA GLU D 624 41.13 -15.28 15.85
C GLU D 624 42.61 -15.58 16.05
N ILE D 625 43.29 -14.82 16.89
CA ILE D 625 44.71 -15.08 17.16
C ILE D 625 44.82 -16.27 18.11
N PRO D 626 45.70 -17.23 17.84
CA PRO D 626 45.79 -18.41 18.70
C PRO D 626 46.26 -18.06 20.10
N VAL D 627 45.64 -18.70 21.10
CA VAL D 627 46.05 -18.59 22.49
C VAL D 627 46.83 -19.84 22.86
N LYS D 628 47.93 -19.66 23.57
CA LYS D 628 48.84 -20.75 23.90
C LYS D 628 48.68 -21.17 25.35
N GLN D 629 48.79 -22.48 25.59
CA GLN D 629 48.83 -23.01 26.94
C GLN D 629 49.92 -24.06 27.04
N LEU D 630 50.48 -24.20 28.24
CA LEU D 630 51.61 -25.09 28.46
C LEU D 630 51.19 -26.55 28.32
N LYS D 631 51.90 -27.29 27.48
CA LYS D 631 51.65 -28.72 27.32
C LYS D 631 52.07 -29.46 28.58
N ASN D 632 51.40 -30.60 28.83
CA ASN D 632 51.75 -31.46 29.96
C ASN D 632 53.20 -31.92 29.87
N LEU D 633 54.06 -31.39 30.72
CA LEU D 633 55.44 -31.82 30.82
C LEU D 633 55.69 -32.41 32.21
N ASN D 634 56.77 -33.20 32.31
CA ASN D 634 57.03 -34.00 33.51
C ASN D 634 58.51 -33.91 33.87
N THR D 635 58.99 -32.70 34.14
CA THR D 635 60.39 -32.51 34.52
C THR D 635 60.64 -33.05 35.92
N VAL D 636 61.79 -33.68 36.08
CA VAL D 636 62.20 -34.22 37.39
C VAL D 636 62.71 -33.07 38.26
N PRO D 637 62.23 -32.92 39.49
CA PRO D 637 62.74 -31.85 40.35
C PRO D 637 64.19 -32.06 40.75
N SER D 638 65.09 -31.23 40.23
CA SER D 638 66.50 -31.32 40.61
C SER D 638 66.70 -30.93 42.06
N SER D 639 66.08 -29.82 42.48
CA SER D 639 66.02 -29.44 43.88
C SER D 639 64.65 -29.81 44.45
N LYS D 640 64.65 -30.26 45.69
CA LYS D 640 63.44 -30.85 46.27
C LYS D 640 62.40 -29.77 46.59
N LEU D 641 61.14 -30.08 46.27
CA LEU D 641 60.07 -29.10 46.39
C LEU D 641 59.70 -28.88 47.85
N LEU D 642 59.64 -27.60 48.25
CA LEU D 642 59.26 -27.21 49.59
C LEU D 642 58.01 -26.34 49.53
N TYR D 643 56.91 -26.85 50.07
CA TYR D 643 55.68 -26.06 50.12
C TYR D 643 55.79 -24.98 51.18
N HIS D 644 55.10 -23.86 50.94
CA HIS D 644 55.34 -22.66 51.72
C HIS D 644 54.81 -22.73 53.15
N ARG D 645 54.07 -23.79 53.51
CA ARG D 645 53.57 -23.93 54.86
C ARG D 645 54.70 -24.48 55.74
N LEU D 646 55.51 -23.56 56.27
CA LEU D 646 56.62 -23.94 57.13
C LEU D 646 56.20 -24.17 58.58
N ASP D 647 54.97 -23.80 58.94
CA ASP D 647 54.50 -24.05 60.30
C ASP D 647 54.10 -25.52 60.50
N LEU D 648 53.66 -26.19 59.43
CA LEU D 648 53.30 -27.59 59.51
C LEU D 648 54.50 -28.51 59.38
N LEU D 649 55.62 -28.00 58.88
CA LEU D 649 56.84 -28.80 58.72
C LEU D 649 57.80 -28.60 59.88
N GLY D 650 58.28 -27.38 60.09
CA GLY D 650 59.17 -27.07 61.20
C GLY D 650 60.55 -27.68 61.12
N GLN D 651 60.82 -28.52 60.12
CA GLN D 651 62.11 -29.20 60.00
C GLN D 651 63.26 -28.30 59.55
N PRO D 652 63.06 -27.28 58.69
CA PRO D 652 64.20 -26.43 58.32
C PRO D 652 64.61 -25.53 59.47
N SER D 653 65.85 -25.07 59.42
CA SER D 653 66.34 -24.08 60.36
C SER D 653 65.51 -22.80 60.24
N ALA D 654 64.52 -22.65 61.11
CA ALA D 654 63.56 -21.57 60.96
C ALA D 654 64.10 -20.27 61.55
N CYS D 655 63.47 -19.17 61.16
CA CYS D 655 63.85 -17.82 61.57
C CYS D 655 62.70 -16.89 61.20
N LEU D 656 62.85 -15.62 61.54
CA LEU D 656 61.82 -14.62 61.31
C LEU D 656 62.32 -13.54 60.35
N HIS D 657 61.56 -13.31 59.30
CA HIS D 657 61.87 -12.33 58.25
C HIS D 657 60.75 -11.30 58.23
N PHE D 658 60.97 -10.17 58.92
CA PHE D 658 59.96 -9.14 59.15
C PHE D 658 58.87 -9.77 60.01
N LYS D 659 57.61 -9.75 59.58
CA LYS D 659 56.50 -10.38 60.28
C LYS D 659 56.15 -11.74 59.68
N GLN D 660 57.16 -12.50 59.25
CA GLN D 660 56.95 -13.71 58.47
C GLN D 660 57.79 -14.85 59.02
N LEU D 661 57.24 -16.06 58.91
CA LEU D 661 58.00 -17.28 59.15
C LEU D 661 58.61 -17.73 57.82
N ALA D 662 59.94 -17.76 57.77
CA ALA D 662 60.64 -18.01 56.52
C ALA D 662 61.90 -18.82 56.79
N THR D 663 62.60 -19.15 55.70
CA THR D 663 63.88 -19.84 55.78
C THR D 663 64.74 -19.39 54.61
N LEU D 664 66.06 -19.40 54.82
CA LEU D 664 67.02 -19.00 53.80
C LEU D 664 67.67 -20.21 53.11
N GLU D 665 67.29 -21.43 53.47
CA GLU D 665 67.96 -22.60 52.92
C GLU D 665 67.44 -22.97 51.54
N SER D 666 66.16 -22.74 51.26
CA SER D 666 65.59 -23.06 49.96
C SER D 666 64.34 -22.23 49.75
N PRO D 667 64.00 -21.89 48.51
CA PRO D 667 62.76 -21.18 48.25
C PRO D 667 61.55 -22.10 48.38
N THR D 668 60.39 -21.49 48.58
CA THR D 668 59.13 -22.20 48.72
C THR D 668 58.23 -21.96 47.52
N VAL D 669 57.10 -22.66 47.51
CA VAL D 669 56.09 -22.51 46.46
C VAL D 669 54.73 -22.37 47.14
N MET D 670 53.87 -21.51 46.57
CA MET D 670 52.54 -21.27 47.09
C MET D 670 51.50 -21.60 46.02
N LEU D 671 50.35 -22.07 46.49
CA LEU D 671 49.18 -22.29 45.63
C LEU D 671 48.03 -21.45 46.15
N SER D 672 47.60 -20.48 45.37
CA SER D 672 46.49 -19.62 45.75
C SER D 672 45.18 -20.41 45.73
N ALA D 673 44.09 -19.74 46.10
CA ALA D 673 42.80 -20.41 46.16
C ALA D 673 42.31 -20.80 44.77
N GLY D 674 42.67 -20.04 43.74
CA GLY D 674 42.17 -20.32 42.40
C GLY D 674 42.73 -21.57 41.77
N SER D 675 43.82 -22.11 42.31
CA SER D 675 44.47 -23.26 41.70
C SER D 675 43.75 -24.58 41.96
N PHE D 676 42.93 -24.65 43.01
CA PHE D 676 42.32 -25.92 43.39
C PHE D 676 40.97 -26.09 42.69
N SER D 677 40.52 -27.34 42.64
CA SER D 677 39.22 -27.65 42.04
C SER D 677 38.07 -27.00 42.79
N SER D 678 38.26 -26.71 44.08
CA SER D 678 37.24 -26.03 44.89
C SER D 678 37.93 -24.94 45.70
N PRO D 679 37.93 -23.70 45.22
CA PRO D 679 38.60 -22.62 45.97
C PRO D 679 38.00 -22.36 47.33
N TYR D 680 36.70 -22.58 47.52
CA TYR D 680 36.07 -22.32 48.81
C TYR D 680 36.54 -23.32 49.86
N GLU D 681 36.63 -24.60 49.49
CA GLU D 681 37.07 -25.62 50.45
C GLU D 681 38.53 -25.44 50.84
N HIS D 682 39.30 -24.65 50.07
CA HIS D 682 40.67 -24.34 50.43
C HIS D 682 40.79 -23.13 51.34
N LEU D 683 39.82 -22.21 51.28
CA LEU D 683 39.85 -21.01 52.10
C LEU D 683 39.19 -21.20 53.46
N SER D 684 38.08 -21.94 53.51
CA SER D 684 37.35 -22.12 54.76
C SER D 684 38.00 -23.18 55.64
N GLN D 685 38.25 -24.36 55.08
CA GLN D 685 38.81 -25.45 55.86
C GLN D 685 40.29 -25.20 56.16
N PRO D 686 40.76 -25.53 57.36
CA PRO D 686 42.20 -25.47 57.63
C PRO D 686 42.96 -26.48 56.76
N GLU D 687 44.25 -26.22 56.60
CA GLU D 687 45.12 -27.06 55.79
C GLU D 687 46.08 -27.80 56.72
N THR D 688 45.97 -29.13 56.75
CA THR D 688 46.72 -29.95 57.68
C THR D 688 48.04 -30.40 57.06
N LYS D 689 48.87 -31.03 57.90
CA LYS D 689 50.15 -31.57 57.42
C LYS D 689 49.93 -32.68 56.41
N ARG D 690 48.82 -33.42 56.52
CA ARG D 690 48.52 -34.48 55.56
C ARG D 690 48.26 -33.89 54.17
N MET D 691 47.58 -32.75 54.11
CA MET D 691 47.31 -32.11 52.83
C MET D 691 48.60 -31.66 52.15
N VAL D 692 49.57 -31.20 52.95
CA VAL D 692 50.84 -30.73 52.39
C VAL D 692 51.61 -31.90 51.77
N GLU D 693 51.49 -33.09 52.34
CA GLU D 693 52.26 -34.22 51.84
C GLU D 693 51.65 -34.83 50.58
N HIS D 694 50.31 -34.84 50.47
CA HIS D 694 49.68 -35.27 49.23
C HIS D 694 49.99 -34.29 48.10
N TYR D 695 50.07 -33.00 48.40
CA TYR D 695 50.33 -32.00 47.37
C TYR D 695 51.80 -31.99 46.97
N THR D 696 52.71 -32.17 47.93
CA THR D 696 54.13 -32.19 47.61
C THR D 696 54.51 -33.45 46.84
N ALA D 697 53.92 -34.58 47.22
CA ALA D 697 54.22 -35.83 46.52
C ALA D 697 53.66 -35.84 45.10
N TYR D 698 52.61 -35.07 44.85
CA TYR D 698 52.00 -35.02 43.52
C TYR D 698 52.66 -34.02 42.59
N LEU D 699 53.14 -32.90 43.12
CA LEU D 699 53.74 -31.87 42.27
C LEU D 699 55.11 -32.32 41.76
N SER D 700 55.88 -33.01 42.59
CA SER D 700 57.19 -33.53 42.20
C SER D 700 57.14 -34.96 41.69
N ASP D 701 55.94 -35.49 41.45
CA ASP D 701 55.77 -36.88 41.02
C ASP D 701 56.26 -37.04 39.59
N ASN D 702 57.46 -37.58 39.43
CA ASN D 702 58.00 -37.85 38.10
C ASN D 702 57.25 -39.00 37.42
N THR D 703 56.65 -39.90 38.19
CA THR D 703 55.87 -40.99 37.65
C THR D 703 54.45 -40.49 37.37
N ARG D 704 53.55 -41.39 37.01
CA ARG D 704 52.13 -41.07 36.90
C ARG D 704 51.30 -42.08 37.68
N LEU D 705 51.70 -42.30 38.93
CA LEU D 705 50.99 -43.20 39.83
C LEU D 705 50.10 -42.48 40.83
N ILE D 706 50.53 -41.30 41.29
CA ILE D 706 49.78 -40.55 42.29
C ILE D 706 48.64 -39.81 41.60
N ALA D 707 47.41 -40.06 42.05
CA ALA D 707 46.25 -39.40 41.48
C ALA D 707 46.20 -37.94 41.90
N ASN D 708 45.40 -37.17 41.17
CA ASN D 708 45.23 -35.74 41.43
C ASN D 708 44.52 -35.52 42.76
N PRO D 709 45.18 -34.94 43.77
CA PRO D 709 44.54 -34.75 45.07
C PRO D 709 43.55 -33.60 45.12
N GLY D 710 43.34 -32.87 44.02
CA GLY D 710 42.38 -31.81 43.98
C GLY D 710 42.89 -30.55 43.32
N LEU D 711 43.62 -30.71 42.21
CA LEU D 711 44.18 -29.59 41.46
C LEU D 711 43.49 -29.46 40.11
N LYS D 712 43.50 -28.24 39.58
CA LYS D 712 42.97 -27.98 38.25
C LYS D 712 43.97 -28.43 37.19
N PHE D 713 43.61 -28.22 35.93
CA PHE D 713 44.53 -28.41 34.82
C PHE D 713 45.48 -27.21 34.75
N SER D 714 46.69 -27.47 34.22
CA SER D 714 47.77 -26.51 34.07
C SER D 714 48.36 -26.08 35.41
N VAL D 715 47.98 -26.72 36.50
CA VAL D 715 48.53 -26.36 37.82
C VAL D 715 49.87 -27.03 38.04
N ARG D 716 49.95 -28.35 37.84
CA ARG D 716 51.21 -29.05 37.99
C ARG D 716 52.18 -28.69 36.87
N ASN D 717 51.66 -28.33 35.70
CA ASN D 717 52.52 -28.02 34.56
C ASN D 717 53.33 -26.75 34.80
N GLU D 718 52.71 -25.74 35.41
CA GLU D 718 53.40 -24.49 35.69
C GLU D 718 54.25 -24.56 36.95
N VAL D 719 54.13 -25.61 37.75
CA VAL D 719 55.06 -25.82 38.85
C VAL D 719 56.33 -26.49 38.35
N MET D 720 56.23 -27.38 37.37
CA MET D 720 57.39 -28.07 36.82
C MET D 720 58.16 -27.21 35.82
N ALA D 721 57.55 -26.15 35.31
CA ALA D 721 58.25 -25.23 34.41
C ALA D 721 58.98 -24.12 35.14
N THR D 722 58.59 -23.82 36.38
CA THR D 722 59.23 -22.78 37.16
C THR D 722 60.14 -23.32 38.25
N SER D 723 60.28 -24.66 38.34
CA SER D 723 61.18 -25.25 39.34
C SER D 723 62.65 -24.99 39.04
N HIS D 724 62.98 -24.43 37.88
CA HIS D 724 64.37 -24.13 37.55
C HIS D 724 64.89 -22.89 38.26
N VAL D 725 64.01 -22.05 38.80
CA VAL D 725 64.46 -20.86 39.51
C VAL D 725 65.19 -21.20 40.81
N THR D 726 64.99 -22.42 41.33
CA THR D 726 65.66 -22.80 42.56
C THR D 726 67.17 -22.92 42.36
N ASP D 727 67.61 -23.30 41.14
CA ASP D 727 69.03 -23.36 40.86
C ASP D 727 69.60 -21.99 40.53
N GLU D 728 68.82 -21.14 39.84
CA GLU D 728 69.29 -19.81 39.48
C GLU D 728 69.49 -18.94 40.72
N TRP D 729 68.52 -18.96 41.64
CA TRP D 729 68.58 -18.05 42.78
C TRP D 729 69.66 -18.46 43.76
N MET D 730 69.78 -19.75 44.07
CA MET D 730 70.76 -20.20 45.05
C MET D 730 72.18 -20.02 44.54
N THR D 731 72.41 -20.17 43.24
CA THR D 731 73.75 -19.93 42.70
C THR D 731 74.12 -18.46 42.77
N GLN D 732 73.19 -17.58 42.41
CA GLN D 732 73.48 -16.14 42.44
C GLN D 732 73.67 -15.63 43.86
N MET D 733 72.97 -16.23 44.83
CA MET D 733 73.08 -15.77 46.21
C MET D 733 74.50 -15.87 46.75
N GLU D 734 75.28 -16.83 46.27
CA GLU D 734 76.61 -17.07 46.80
C GLU D 734 77.69 -16.24 46.13
N MET D 735 77.39 -15.61 44.98
CA MET D 735 78.33 -14.73 44.31
C MET D 735 77.80 -13.30 44.15
N SER D 736 76.67 -12.98 44.77
CA SER D 736 76.12 -11.63 44.70
C SER D 736 76.58 -10.81 45.90
N SER D 737 76.75 -9.51 45.68
CA SER D 737 77.12 -8.56 46.72
C SER D 737 75.92 -7.81 47.28
N LEU D 738 74.70 -8.15 46.86
CA LEU D 738 73.49 -7.46 47.27
C LEU D 738 72.61 -8.35 48.15
N ASN D 739 73.24 -9.13 49.03
CA ASN D 739 72.48 -9.97 49.95
C ASN D 739 71.76 -9.15 51.01
N THR D 740 72.29 -7.97 51.35
CA THR D 740 71.72 -7.14 52.40
C THR D 740 70.86 -5.99 51.88
N TYR D 741 70.58 -5.96 50.57
CA TYR D 741 69.70 -4.96 50.00
C TYR D 741 68.40 -5.52 49.43
N ILE D 742 68.36 -6.80 49.09
CA ILE D 742 67.20 -7.42 48.47
C ILE D 742 66.40 -8.10 49.57
N VAL D 743 65.13 -7.69 49.73
CA VAL D 743 64.32 -8.25 50.81
C VAL D 743 63.71 -9.58 50.40
N ARG D 744 63.35 -9.75 49.13
CA ARG D 744 62.86 -11.03 48.65
C ARG D 744 62.92 -11.03 47.12
N ARG D 745 62.47 -12.15 46.54
CA ARG D 745 62.67 -12.44 45.13
C ARG D 745 61.68 -13.52 44.74
N TYR D 746 60.84 -13.26 43.74
CA TYR D 746 59.67 -14.10 43.54
C TYR D 746 59.22 -14.09 42.09
N ILE D 747 58.39 -15.08 41.74
CA ILE D 747 57.83 -15.25 40.42
C ILE D 747 56.38 -15.70 40.57
N ALA D 748 55.53 -15.27 39.65
CA ALA D 748 54.10 -15.59 39.72
C ALA D 748 53.61 -16.01 38.34
N THR D 749 52.53 -16.79 38.35
CA THR D 749 51.88 -17.30 37.15
C THR D 749 50.39 -16.97 37.22
N PRO D 750 49.73 -16.90 36.06
CA PRO D 750 48.28 -16.60 36.09
C PRO D 750 47.44 -17.68 36.72
N ASN D 751 47.90 -18.93 36.73
CA ASN D 751 47.11 -20.03 37.25
C ASN D 751 47.34 -20.31 38.73
N GLY D 752 48.06 -19.44 39.43
CA GLY D 752 48.11 -19.46 40.88
C GLY D 752 49.38 -19.98 41.52
N VAL D 753 50.47 -20.15 40.77
CA VAL D 753 51.72 -20.62 41.33
C VAL D 753 52.53 -19.42 41.80
N LEU D 754 53.14 -19.53 42.98
CA LEU D 754 53.96 -18.46 43.54
C LEU D 754 55.18 -19.08 44.21
N ARG D 755 56.35 -18.83 43.64
CA ARG D 755 57.62 -19.20 44.22
C ARG D 755 58.31 -17.95 44.75
N ILE D 756 58.76 -17.99 46.00
CA ILE D 756 59.33 -16.82 46.67
C ILE D 756 60.62 -17.22 47.35
N TYR D 757 61.61 -16.30 47.33
CA TYR D 757 62.86 -16.48 48.07
C TYR D 757 63.17 -15.13 48.70
N PRO D 758 63.43 -15.07 50.02
CA PRO D 758 63.44 -16.18 50.98
C PRO D 758 62.06 -16.85 51.14
N GLY D 759 62.04 -18.18 51.01
CA GLY D 759 60.79 -18.92 51.10
C GLY D 759 60.06 -18.64 52.39
N SER D 760 58.90 -18.00 52.29
CA SER D 760 58.20 -17.47 53.45
C SER D 760 56.80 -18.06 53.55
N LEU D 761 56.28 -18.06 54.76
CA LEU D 761 54.91 -18.50 55.02
C LEU D 761 53.96 -17.32 54.84
N MET D 762 52.94 -17.50 54.00
CA MET D 762 51.98 -16.45 53.71
C MET D 762 50.57 -16.91 54.05
N ASP D 763 49.67 -15.94 54.13
CA ASP D 763 48.27 -16.24 54.36
C ASP D 763 47.68 -16.97 53.16
N LYS D 764 46.75 -17.89 53.43
CA LYS D 764 46.19 -18.72 52.37
C LYS D 764 45.41 -17.89 51.34
N ALA D 765 44.87 -16.75 51.76
CA ALA D 765 44.04 -15.92 50.90
C ALA D 765 44.84 -14.88 50.11
N PHE D 766 46.15 -15.06 49.99
CA PHE D 766 46.98 -14.13 49.23
C PHE D 766 46.98 -14.53 47.76
N ASP D 767 46.65 -13.57 46.90
CA ASP D 767 46.62 -13.78 45.46
C ASP D 767 47.59 -12.82 44.80
N PRO D 768 48.71 -13.29 44.26
CA PRO D 768 49.67 -12.38 43.61
C PRO D 768 49.16 -11.78 42.32
N THR D 769 48.15 -12.39 41.69
CA THR D 769 47.64 -11.89 40.41
C THR D 769 46.84 -10.61 40.56
N ARG D 770 46.58 -10.16 41.79
CA ARG D 770 45.77 -8.97 42.01
C ARG D 770 46.56 -7.82 42.62
N ARG D 771 47.89 -7.93 42.63
CA ARG D 771 48.76 -6.88 43.15
C ARG D 771 49.09 -5.89 42.04
N GLN D 772 49.59 -4.72 42.45
CA GLN D 772 49.87 -3.66 41.48
C GLN D 772 51.07 -4.01 40.62
N TRP D 773 52.13 -4.56 41.23
CA TRP D 773 53.34 -4.89 40.48
C TRP D 773 53.07 -5.92 39.38
N TYR D 774 52.11 -6.82 39.58
CA TYR D 774 51.78 -7.77 38.52
C TYR D 774 50.90 -7.16 37.45
N LEU D 775 49.86 -6.42 37.85
CA LEU D 775 48.97 -5.78 36.88
C LEU D 775 49.65 -4.64 36.14
N HIS D 776 50.72 -4.08 36.68
CA HIS D 776 51.43 -2.99 36.01
C HIS D 776 52.49 -3.48 35.05
N ALA D 777 53.05 -4.68 35.29
CA ALA D 777 54.05 -5.22 34.38
C ALA D 777 53.41 -5.76 33.09
N VAL D 778 52.23 -6.35 33.20
CA VAL D 778 51.54 -6.89 32.03
C VAL D 778 51.13 -5.75 31.09
N ALA D 779 50.80 -4.58 31.64
CA ALA D 779 50.43 -3.44 30.80
C ALA D 779 51.63 -2.88 30.06
N ASN D 780 52.85 -3.14 30.51
CA ASN D 780 54.08 -2.68 29.87
C ASN D 780 54.89 -3.92 29.48
N PRO D 781 54.57 -4.55 28.36
CA PRO D 781 55.23 -5.81 28.00
C PRO D 781 56.68 -5.60 27.63
N GLY D 782 57.56 -6.41 28.21
CA GLY D 782 58.97 -6.39 27.91
C GLY D 782 59.79 -5.35 28.66
N LEU D 783 59.16 -4.29 29.15
CA LEU D 783 59.88 -3.22 29.83
C LEU D 783 60.06 -3.53 31.31
N ILE D 784 61.15 -3.01 31.86
CA ILE D 784 61.37 -3.08 33.30
C ILE D 784 60.42 -2.10 33.98
N SER D 785 59.62 -2.61 34.92
CA SER D 785 58.56 -1.83 35.55
C SER D 785 58.93 -1.52 36.99
N LEU D 786 59.06 -0.24 37.31
CA LEU D 786 59.29 0.22 38.67
C LEU D 786 57.95 0.53 39.32
N THR D 787 57.61 -0.18 40.38
CA THR D 787 56.37 0.00 41.11
C THR D 787 56.67 0.36 42.56
N GLY D 788 56.03 1.40 43.06
CA GLY D 788 56.22 1.85 44.41
C GLY D 788 56.37 3.36 44.51
N PRO D 789 56.59 3.87 45.73
CA PRO D 789 56.66 3.11 46.99
C PRO D 789 55.29 2.62 47.46
N TYR D 790 55.25 1.36 47.88
CA TYR D 790 54.00 0.69 48.21
C TYR D 790 54.23 -0.19 49.43
N LEU D 791 53.18 -0.37 50.23
CA LEU D 791 53.31 -1.07 51.50
C LEU D 791 53.42 -2.57 51.24
N ASP D 792 54.50 -3.17 51.72
CA ASP D 792 54.79 -4.57 51.42
C ASP D 792 53.88 -5.48 52.20
N VAL D 793 53.61 -6.66 51.63
CA VAL D 793 52.69 -7.61 52.26
C VAL D 793 53.34 -8.26 53.47
N GLY D 794 54.64 -8.57 53.38
CA GLY D 794 55.34 -9.25 54.44
C GLY D 794 55.68 -8.40 55.65
N GLY D 795 55.06 -7.22 55.75
CA GLY D 795 55.34 -6.34 56.87
C GLY D 795 56.67 -5.64 56.80
N ALA D 796 57.32 -5.61 55.64
CA ALA D 796 58.61 -4.95 55.47
C ALA D 796 58.50 -3.44 55.31
N GLY D 797 57.30 -2.87 55.42
CA GLY D 797 57.13 -1.44 55.24
C GLY D 797 57.00 -1.07 53.77
N TYR D 798 57.48 0.13 53.45
CA TYR D 798 57.41 0.63 52.08
C TYR D 798 58.56 0.08 51.26
N VAL D 799 58.24 -0.50 50.11
CA VAL D 799 59.21 -1.16 49.24
C VAL D 799 59.01 -0.69 47.81
N VAL D 800 60.02 -0.93 46.98
CA VAL D 800 59.98 -0.62 45.56
C VAL D 800 60.26 -1.91 44.79
N THR D 801 59.48 -2.16 43.75
CA THR D 801 59.49 -3.43 43.05
C THR D 801 59.90 -3.24 41.59
N ILE D 802 60.84 -4.07 41.14
CA ILE D 802 61.15 -4.21 39.72
C ILE D 802 60.47 -5.47 39.22
N SER D 803 59.57 -5.30 38.26
CA SER D 803 58.82 -6.40 37.68
C SER D 803 59.03 -6.46 36.18
N HIS D 804 59.00 -7.67 35.62
CA HIS D 804 59.23 -7.87 34.20
C HIS D 804 58.47 -9.12 33.76
N THR D 805 57.95 -9.08 32.54
CA THR D 805 57.14 -10.16 32.00
C THR D 805 57.99 -11.14 31.20
N ILE D 806 57.54 -12.39 31.18
CA ILE D 806 58.15 -13.45 30.37
C ILE D 806 57.07 -14.02 29.46
N HIS D 807 57.39 -14.17 28.18
CA HIS D 807 56.42 -14.51 27.15
C HIS D 807 56.60 -15.94 26.66
N SER D 808 55.62 -16.39 25.88
CA SER D 808 55.69 -17.73 25.27
C SER D 808 56.90 -17.85 24.35
N SER D 809 57.23 -16.77 23.64
CA SER D 809 58.40 -16.72 22.78
C SER D 809 58.93 -15.30 22.72
N SER D 810 59.61 -14.95 21.62
CA SER D 810 60.14 -13.61 21.44
C SER D 810 59.75 -12.95 20.12
N THR D 811 59.33 -13.72 19.12
CA THR D 811 58.82 -13.13 17.88
C THR D 811 57.49 -12.42 18.10
N GLN D 812 56.80 -12.72 19.20
CA GLN D 812 55.51 -12.12 19.53
C GLN D 812 55.61 -11.55 20.94
N LEU D 813 55.79 -10.23 21.05
CA LEU D 813 55.99 -9.56 22.33
C LEU D 813 54.80 -8.60 22.53
N SER D 814 53.66 -9.18 22.89
CA SER D 814 52.46 -8.42 23.23
C SER D 814 52.05 -8.74 24.66
N SER D 815 51.09 -7.97 25.18
CA SER D 815 50.63 -8.16 26.55
C SER D 815 49.96 -9.51 26.75
N GLY D 816 49.24 -10.00 25.73
CA GLY D 816 48.50 -11.23 25.88
C GLY D 816 49.34 -12.49 25.89
N HIS D 817 50.58 -12.42 25.39
CA HIS D 817 51.47 -13.57 25.39
C HIS D 817 52.29 -13.68 26.67
N THR D 818 51.89 -12.97 27.73
CA THR D 818 52.56 -13.07 29.01
C THR D 818 52.14 -14.35 29.72
N VAL D 819 53.11 -15.19 30.07
CA VAL D 819 52.84 -16.44 30.78
C VAL D 819 53.31 -16.41 32.22
N ALA D 820 54.12 -15.43 32.60
CA ALA D 820 54.61 -15.27 33.96
C ALA D 820 55.38 -13.96 34.05
N VAL D 821 55.41 -13.39 35.26
CA VAL D 821 56.24 -12.22 35.53
C VAL D 821 57.14 -12.56 36.72
N MET D 822 58.27 -11.85 36.78
CA MET D 822 59.19 -11.95 37.90
C MET D 822 59.25 -10.62 38.62
N GLY D 823 59.55 -10.67 39.91
CA GLY D 823 59.59 -9.47 40.73
C GLY D 823 60.68 -9.55 41.76
N ILE D 824 61.24 -8.38 42.08
CA ILE D 824 62.27 -8.26 43.12
C ILE D 824 62.00 -6.98 43.89
N ASP D 825 61.93 -7.09 45.22
CA ASP D 825 61.54 -5.99 46.08
C ASP D 825 62.76 -5.43 46.80
N PHE D 826 62.86 -4.12 46.84
CA PHE D 826 63.95 -3.40 47.50
C PHE D 826 63.38 -2.60 48.67
N THR D 827 64.19 -1.71 49.22
CA THR D 827 63.76 -0.82 50.28
C THR D 827 63.47 0.58 49.71
N LEU D 828 62.97 1.46 50.57
CA LEU D 828 62.60 2.80 50.13
C LEU D 828 63.82 3.70 49.95
N ARG D 829 64.86 3.51 50.77
CA ARG D 829 66.06 4.33 50.70
C ARG D 829 67.12 3.76 49.76
N TYR D 830 66.94 2.52 49.29
CA TYR D 830 67.94 1.90 48.41
C TYR D 830 68.17 2.75 47.16
N PHE D 831 67.09 3.10 46.45
CA PHE D 831 67.23 3.80 45.19
C PHE D 831 67.76 5.23 45.35
N TYR D 832 67.74 5.78 46.56
CA TYR D 832 68.45 7.03 46.80
C TYR D 832 69.91 6.81 47.16
N LYS D 833 70.25 5.61 47.62
CA LYS D 833 71.65 5.22 47.75
C LYS D 833 72.28 4.93 46.39
N VAL D 834 71.47 4.58 45.39
CA VAL D 834 71.98 4.34 44.05
C VAL D 834 72.31 5.66 43.35
N LEU D 835 71.46 6.68 43.54
CA LEU D 835 71.69 7.97 42.90
C LEU D 835 72.94 8.65 43.43
N MET D 836 73.28 8.45 44.70
CA MET D 836 74.44 9.12 45.28
C MET D 836 75.74 8.46 44.86
N ASP D 837 75.75 7.15 44.62
CA ASP D 837 76.94 6.45 44.18
C ASP D 837 77.13 6.52 42.67
N LEU D 838 76.06 6.30 41.91
CA LEU D 838 76.15 6.34 40.45
C LEU D 838 76.43 7.76 39.96
N LEU D 839 75.65 8.73 40.41
CA LEU D 839 75.71 10.08 39.86
C LEU D 839 76.41 11.02 40.85
N PRO D 840 77.61 11.49 40.53
CA PRO D 840 78.34 12.33 41.50
C PRO D 840 77.72 13.70 41.72
N VAL D 841 77.00 14.24 40.72
CA VAL D 841 76.47 15.59 40.83
C VAL D 841 75.46 15.70 41.98
N CYS D 842 74.84 14.58 42.35
CA CYS D 842 73.86 14.61 43.43
C CYS D 842 74.50 14.86 44.79
N ASN D 843 75.79 14.59 44.92
CA ASN D 843 76.51 14.77 46.19
C ASN D 843 77.16 16.14 46.28
N GLN D 844 76.76 17.08 45.43
CA GLN D 844 77.34 18.43 45.48
C GLN D 844 76.95 19.12 46.79
N ASP D 845 75.72 18.92 47.25
CA ASP D 845 75.30 19.26 48.60
C ASP D 845 74.53 18.08 49.17
N GLY D 846 74.21 18.16 50.46
CA GLY D 846 73.56 17.06 51.14
C GLY D 846 72.09 16.90 50.80
N GLY D 847 71.76 16.96 49.52
CA GLY D 847 70.37 16.81 49.10
C GLY D 847 69.46 17.90 49.62
N ASN D 848 69.93 19.14 49.62
CA ASN D 848 69.17 20.27 50.15
C ASN D 848 68.68 21.18 49.04
N LYS D 849 69.59 21.87 48.35
CA LYS D 849 69.22 22.76 47.24
C LYS D 849 69.39 22.11 45.88
N ILE D 850 70.29 21.14 45.76
CA ILE D 850 70.45 20.34 44.54
C ILE D 850 70.02 18.93 44.90
N ARG D 851 68.82 18.54 44.48
CA ARG D 851 68.20 17.28 44.87
C ARG D 851 68.03 16.39 43.66
N CYS D 852 68.23 15.09 43.87
CA CYS D 852 68.03 14.07 42.85
C CYS D 852 66.88 13.17 43.27
N PHE D 853 66.16 12.64 42.27
CA PHE D 853 64.93 11.92 42.53
C PHE D 853 64.55 11.07 41.33
N ILE D 854 63.88 9.97 41.61
CA ILE D 854 63.39 9.04 40.58
C ILE D 854 61.88 8.92 40.74
N MET D 855 61.16 9.04 39.63
CA MET D 855 59.70 9.01 39.63
C MET D 855 59.20 7.93 38.67
N GLU D 856 58.18 7.20 39.10
CA GLU D 856 57.52 6.23 38.24
C GLU D 856 56.49 6.94 37.35
N ASP D 857 55.78 6.17 36.54
CA ASP D 857 54.83 6.74 35.60
C ASP D 857 53.51 7.16 36.25
N ARG D 858 53.38 7.03 37.57
CA ARG D 858 52.18 7.46 38.27
C ARG D 858 52.39 8.69 39.13
N GLY D 859 53.64 9.12 39.33
CA GLY D 859 53.93 10.33 40.06
C GLY D 859 54.65 10.13 41.37
N TYR D 860 54.70 8.90 41.88
CA TYR D 860 55.32 8.64 43.17
C TYR D 860 56.84 8.60 43.06
N LEU D 861 57.51 9.01 44.13
CA LEU D 861 58.97 9.08 44.18
C LEU D 861 59.51 7.88 44.95
N VAL D 862 60.35 7.09 44.29
CA VAL D 862 61.01 5.95 44.94
C VAL D 862 62.36 6.33 45.53
N ALA D 863 62.89 7.50 45.19
CA ALA D 863 64.15 7.98 45.73
C ALA D 863 64.05 9.50 45.90
N HIS D 864 64.37 9.99 47.09
CA HIS D 864 64.27 11.41 47.39
C HIS D 864 65.13 11.69 48.61
N PRO D 865 65.74 12.89 48.70
CA PRO D 865 66.55 13.20 49.88
C PRO D 865 65.80 13.07 51.19
N THR D 866 64.57 13.57 51.26
CA THR D 866 63.77 13.47 52.47
C THR D 866 62.98 12.16 52.48
N LEU D 867 62.78 11.61 53.68
CA LEU D 867 62.11 10.33 53.84
C LEU D 867 60.66 10.54 54.24
N VAL D 868 60.42 10.83 55.51
CA VAL D 868 59.08 10.99 56.05
C VAL D 868 59.02 12.29 56.84
N ASP D 869 57.89 12.98 56.76
CA ASP D 869 57.67 14.19 57.54
C ASP D 869 57.10 13.86 58.91
N GLY D 872 55.68 17.54 58.88
CA GLY D 872 55.25 17.75 60.25
C GLY D 872 54.31 16.67 60.77
N HIS D 873 53.75 15.90 59.84
CA HIS D 873 52.83 14.84 60.21
C HIS D 873 52.91 13.69 59.20
N ALA D 874 51.79 13.42 58.52
CA ALA D 874 51.73 12.33 57.54
C ALA D 874 50.64 12.66 56.53
N PRO D 875 50.96 13.45 55.51
CA PRO D 875 49.96 13.82 54.50
C PRO D 875 49.61 12.67 53.55
N LEU D 876 49.61 11.45 54.07
CA LEU D 876 49.16 10.26 53.35
C LEU D 876 49.92 10.05 52.03
N GLU D 877 49.62 10.86 51.03
CA GLU D 877 50.29 10.76 49.73
C GLU D 877 51.53 11.63 49.67
N GLN D 878 52.31 11.64 50.75
CA GLN D 878 53.53 12.44 50.81
C GLN D 878 54.56 11.96 49.80
N GLN D 879 54.51 10.68 49.43
CA GLN D 879 55.49 10.09 48.53
C GLN D 879 55.26 10.48 47.08
N HIS D 880 54.25 11.30 46.80
CA HIS D 880 53.96 11.74 45.45
C HIS D 880 54.71 13.02 45.15
N ILE D 881 54.97 13.25 43.86
CA ILE D 881 55.78 14.41 43.45
C ILE D 881 55.07 15.71 43.77
N THR D 882 53.74 15.69 43.87
CA THR D 882 52.98 16.92 44.10
C THR D 882 53.17 17.47 45.51
N HIS D 883 53.55 16.64 46.47
CA HIS D 883 53.76 17.10 47.84
C HIS D 883 55.22 17.39 48.16
N LYS D 884 56.15 16.66 47.56
CA LYS D 884 57.57 16.86 47.83
C LYS D 884 58.20 17.93 46.95
N GLU D 885 57.74 18.06 45.71
CA GLU D 885 58.27 19.03 44.75
C GLU D 885 57.11 19.75 44.10
N PRO D 886 56.56 20.77 44.77
CA PRO D 886 55.37 21.43 44.22
C PRO D 886 55.62 22.19 42.92
N LEU D 887 56.77 22.84 42.79
CA LEU D 887 57.00 23.69 41.62
C LEU D 887 57.14 22.88 40.35
N VAL D 888 57.85 21.74 40.40
CA VAL D 888 57.98 20.92 39.20
C VAL D 888 56.63 20.44 38.73
N ALA D 889 55.71 20.16 39.68
CA ALA D 889 54.40 19.62 39.30
C ALA D 889 53.60 20.65 38.52
N ASN D 890 53.66 21.91 38.94
CA ASN D 890 52.97 22.97 38.20
C ASN D 890 53.59 23.19 36.83
N ASP D 891 54.91 23.01 36.71
CA ASP D 891 55.58 23.27 35.44
C ASP D 891 55.39 22.11 34.46
N ILE D 892 55.43 20.87 34.94
CA ILE D 892 55.26 19.73 34.05
C ILE D 892 53.82 19.54 33.63
N LEU D 893 52.86 20.10 34.36
CA LEU D 893 51.47 20.09 33.91
C LEU D 893 51.28 20.94 32.66
N ASN D 894 52.23 21.83 32.35
CA ASN D 894 52.10 22.72 31.22
C ASN D 894 52.74 22.17 29.94
N HIS D 895 53.65 21.21 30.06
CA HIS D 895 54.19 20.55 28.88
C HIS D 895 53.08 19.72 28.25
N PRO D 896 52.70 19.99 27.01
CA PRO D 896 51.55 19.28 26.43
C PRO D 896 51.88 17.83 26.10
N ASN D 897 50.86 16.98 26.23
CA ASN D 897 50.91 15.57 25.84
C ASN D 897 51.92 14.77 26.66
N PHE D 898 52.34 15.30 27.81
CA PHE D 898 53.25 14.59 28.71
C PHE D 898 52.59 14.17 30.02
N VAL D 899 51.61 14.92 30.49
CA VAL D 899 50.90 14.61 31.73
C VAL D 899 49.41 14.53 31.41
N LYS D 900 48.80 13.40 31.75
CA LYS D 900 47.39 13.15 31.51
C LYS D 900 46.72 12.82 32.83
N LYS D 901 45.71 13.60 33.20
CA LYS D 901 44.93 13.33 34.41
C LYS D 901 43.78 12.39 34.05
N ASN D 902 43.59 11.36 34.86
CA ASN D 902 42.65 10.30 34.58
C ASN D 902 41.59 10.20 35.68
N LEU D 903 40.34 10.06 35.27
CA LEU D 903 39.22 9.78 36.17
C LEU D 903 38.68 8.39 35.84
N CYS D 904 38.99 7.43 36.71
CA CYS D 904 38.41 6.09 36.63
C CYS D 904 37.41 5.93 37.76
N ASN D 905 36.46 5.02 37.57
CA ASN D 905 35.38 4.79 38.53
C ASN D 905 35.61 3.44 39.20
N SER D 906 35.96 3.47 40.48
CA SER D 906 36.13 2.27 41.30
C SER D 906 34.88 2.07 42.14
N PHE D 907 34.14 1.00 41.87
CA PHE D 907 32.88 0.77 42.56
C PHE D 907 33.05 0.05 43.88
N SER D 908 34.24 -0.49 44.16
CA SER D 908 34.47 -1.22 45.39
C SER D 908 34.14 -0.37 46.62
N ASP D 909 34.83 0.76 46.77
CA ASP D 909 34.64 1.64 47.92
C ASP D 909 33.82 2.89 47.58
N ARG D 910 32.98 2.83 46.54
CA ARG D 910 32.06 3.91 46.18
C ARG D 910 32.77 5.24 46.04
N THR D 911 33.85 5.26 45.25
CA THR D 911 34.61 6.47 45.02
C THR D 911 35.00 6.57 43.55
N VAL D 912 35.43 7.77 43.16
CA VAL D 912 35.99 8.03 41.84
C VAL D 912 37.39 8.59 42.07
N GLN D 913 38.40 7.92 41.52
CA GLN D 913 39.78 8.21 41.83
C GLN D 913 40.40 9.14 40.78
N ARG D 914 41.31 9.99 41.26
CA ARG D 914 42.13 10.82 40.39
C ARG D 914 43.57 10.35 40.47
N SER D 915 44.26 10.36 39.33
CA SER D 915 45.64 9.93 39.25
C SER D 915 46.25 10.44 37.96
N TYR D 916 47.58 10.53 37.95
CA TYR D 916 48.30 10.98 36.78
C TYR D 916 48.90 9.78 36.04
N LYS D 917 49.02 9.91 34.73
CA LYS D 917 49.66 8.91 33.89
C LYS D 917 50.67 9.63 33.00
N PHE D 918 51.95 9.42 33.29
CA PHE D 918 53.02 10.09 32.57
C PHE D 918 53.37 9.35 31.29
N ASN D 919 53.78 10.12 30.28
CA ASN D 919 54.03 9.60 28.94
C ASN D 919 55.29 8.73 28.97
N THR D 920 55.10 7.42 28.98
CA THR D 920 56.19 6.47 29.14
C THR D 920 57.05 6.28 27.88
N SER D 921 56.68 6.91 26.77
CA SER D 921 57.45 6.82 25.53
C SER D 921 58.11 8.14 25.17
N LEU D 922 58.47 8.92 26.19
CA LEU D 922 59.12 10.20 25.96
C LEU D 922 60.55 10.01 25.47
N VAL D 923 60.99 10.92 24.61
CA VAL D 923 62.38 10.98 24.16
C VAL D 923 62.89 12.41 24.35
N GLY D 924 64.09 12.53 24.88
CA GLY D 924 64.72 13.82 25.07
C GLY D 924 64.52 14.37 26.46
N ASP D 925 64.92 15.63 26.62
CA ASP D 925 64.86 16.32 27.90
C ASP D 925 63.60 17.16 28.01
N LEU D 926 63.31 17.57 29.25
CA LEU D 926 62.25 18.53 29.53
C LEU D 926 62.76 19.50 30.58
N THR D 927 62.64 20.80 30.29
CA THR D 927 63.14 21.83 31.19
C THR D 927 62.05 22.87 31.46
N ASN D 928 62.41 23.94 32.15
CA ASN D 928 61.44 24.98 32.48
C ASN D 928 60.84 25.58 31.22
N LEU D 929 59.51 25.59 31.16
CA LEU D 929 58.75 26.14 30.04
C LEU D 929 57.97 27.39 30.40
N VAL D 930 57.35 27.41 31.58
CA VAL D 930 56.53 28.54 32.01
C VAL D 930 56.90 28.95 33.43
N HIS D 931 56.73 28.03 34.38
CA HIS D 931 57.01 28.30 35.77
C HIS D 931 58.46 27.99 36.11
N GLY D 932 58.90 28.50 37.26
CA GLY D 932 60.26 28.26 37.71
C GLY D 932 61.33 28.76 36.79
N SER D 933 61.02 29.73 35.92
CA SER D 933 62.00 30.27 35.00
C SER D 933 63.12 31.02 35.72
N HIS D 934 62.92 31.38 36.99
CA HIS D 934 63.87 32.21 37.71
C HIS D 934 64.49 31.50 38.92
N CYS D 935 63.67 30.90 39.78
CA CYS D 935 64.15 30.43 41.07
C CYS D 935 64.52 28.95 41.12
N SER D 936 64.14 28.14 40.12
CA SER D 936 64.36 26.71 40.25
C SER D 936 64.49 26.07 38.86
N LYS D 937 65.74 25.83 38.46
CA LYS D 937 66.01 25.12 37.22
C LYS D 937 65.77 23.62 37.39
N TYR D 938 65.35 22.96 36.30
CA TYR D 938 64.99 21.56 36.33
C TYR D 938 65.41 20.86 35.04
N ARG D 939 65.74 19.58 35.17
CA ARG D 939 66.04 18.71 34.03
C ARG D 939 65.38 17.36 34.27
N LEU D 940 64.53 16.94 33.34
CA LEU D 940 63.81 15.68 33.45
C LEU D 940 63.93 14.90 32.16
N THR D 941 64.27 13.62 32.27
CA THR D 941 64.33 12.73 31.12
C THR D 941 63.89 11.34 31.56
N ARG D 942 63.71 10.46 30.59
CA ARG D 942 63.28 9.09 30.85
C ARG D 942 64.49 8.16 30.93
N ILE D 943 64.45 7.26 31.90
CA ILE D 943 65.44 6.19 31.98
C ILE D 943 65.15 5.22 30.84
N PRO D 944 66.11 4.96 29.95
CA PRO D 944 65.80 4.18 28.74
C PRO D 944 65.35 2.77 29.07
N GLY D 945 64.29 2.33 28.39
CA GLY D 945 63.82 0.96 28.48
C GLY D 945 63.00 0.63 29.70
N THR D 946 62.56 1.62 30.48
CA THR D 946 61.74 1.36 31.65
C THR D 946 60.64 2.42 31.72
N ASN D 947 59.84 2.35 32.78
CA ASN D 947 58.74 3.28 33.00
C ASN D 947 59.04 4.31 34.08
N ALA D 948 60.31 4.57 34.34
CA ALA D 948 60.73 5.52 35.37
C ALA D 948 61.36 6.75 34.73
N PHE D 949 61.46 7.81 35.53
CA PHE D 949 62.04 9.07 35.11
C PHE D 949 63.06 9.53 36.14
N VAL D 950 64.17 10.09 35.66
CA VAL D 950 65.20 10.66 36.52
C VAL D 950 65.19 12.18 36.32
N GLY D 951 65.27 12.90 37.43
CA GLY D 951 65.17 14.35 37.38
C GLY D 951 66.06 14.99 38.43
N ILE D 952 66.51 16.20 38.12
CA ILE D 952 67.34 16.99 39.03
C ILE D 952 66.71 18.36 39.19
N VAL D 953 66.81 18.92 40.39
CA VAL D 953 66.30 20.25 40.71
C VAL D 953 67.47 21.10 41.21
N ASN D 954 67.60 22.31 40.66
CA ASN D 954 68.59 23.26 41.13
C ASN D 954 67.84 24.46 41.72
N GLU D 955 67.67 24.46 43.03
CA GLU D 955 67.00 25.54 43.75
C GLU D 955 68.02 26.65 44.01
N THR D 956 67.94 27.73 43.23
CA THR D 956 68.84 28.87 43.40
C THR D 956 68.23 29.98 44.25
N CYS D 957 66.90 30.11 44.26
CA CYS D 957 66.23 31.04 45.16
C CYS D 957 64.89 30.45 45.59
N ASP D 958 64.45 30.84 46.78
CA ASP D 958 63.23 30.31 47.34
C ASP D 958 62.04 30.69 46.47
N SER D 959 61.16 29.72 46.21
CA SER D 959 59.97 29.94 45.41
C SER D 959 58.81 29.18 46.02
N LEU D 960 57.65 29.83 46.10
CA LEU D 960 56.49 29.28 46.77
C LEU D 960 55.49 28.78 45.74
N ALA D 961 55.19 27.48 45.81
CA ALA D 961 54.23 26.84 44.91
C ALA D 961 53.36 25.89 45.73
N PHE D 962 52.12 25.69 45.28
CA PHE D 962 51.13 24.95 46.06
C PHE D 962 50.43 23.91 45.21
N CYS D 963 50.30 22.70 45.78
CA CYS D 963 49.49 21.62 45.23
C CYS D 963 48.61 21.08 46.35
N ALA D 964 47.30 21.21 46.18
CA ALA D 964 46.37 20.79 47.23
C ALA D 964 46.53 19.31 47.52
N CYS D 965 46.82 18.99 48.78
CA CYS D 965 47.01 17.60 49.19
C CYS D 965 46.54 17.44 50.63
N SER D 966 45.53 16.60 50.84
CA SER D 966 44.89 16.47 52.15
C SER D 966 45.86 15.86 53.15
N MET D 967 45.92 16.47 54.34
CA MET D 967 46.75 15.97 55.43
C MET D 967 45.94 15.33 56.55
N VAL D 968 44.65 15.08 56.32
CA VAL D 968 43.81 14.44 57.33
C VAL D 968 43.02 13.30 56.69
N ASP D 969 42.70 13.44 55.40
CA ASP D 969 41.89 12.45 54.69
C ASP D 969 42.56 12.08 53.36
N ARG D 970 41.74 11.68 52.39
CA ARG D 970 42.19 11.59 51.00
C ARG D 970 41.45 12.56 50.10
N LEU D 971 40.55 13.38 50.64
CA LEU D 971 39.60 14.14 49.85
C LEU D 971 40.28 15.05 48.83
N CYS D 972 39.68 15.13 47.65
CA CYS D 972 40.02 16.20 46.72
C CYS D 972 39.51 17.53 47.25
N LEU D 973 40.10 18.62 46.74
CA LEU D 973 39.63 19.94 47.13
C LEU D 973 38.27 20.23 46.51
N ASN D 974 38.13 20.02 45.21
CA ASN D 974 36.93 20.36 44.46
C ASN D 974 36.40 19.11 43.77
N CYS D 975 35.31 18.56 44.29
CA CYS D 975 34.62 17.44 43.64
C CYS D 975 33.43 17.94 42.84
N HIS D 976 33.66 18.95 42.01
CA HIS D 976 32.70 19.41 41.03
C HIS D 976 33.25 19.37 39.62
N ARG D 977 34.49 19.84 39.43
CA ARG D 977 35.13 19.82 38.13
C ARG D 977 36.60 19.44 38.32
N MET D 978 37.23 19.00 37.23
CA MET D 978 38.62 18.57 37.25
C MET D 978 39.37 19.27 36.12
N GLU D 979 40.51 19.86 36.45
CA GLU D 979 41.30 20.65 35.51
C GLU D 979 42.67 20.02 35.33
N GLN D 980 43.19 20.12 34.10
CA GLN D 980 44.50 19.54 33.79
C GLN D 980 45.62 20.29 34.49
N ASN D 981 45.52 21.61 34.56
CA ASN D 981 46.57 22.44 35.14
C ASN D 981 46.43 22.65 36.63
N GLU D 982 45.33 22.21 37.23
CA GLU D 982 45.13 22.31 38.67
C GLU D 982 45.91 21.19 39.34
N CYS D 983 46.96 21.56 40.08
CA CYS D 983 47.82 20.56 40.72
C CYS D 983 47.22 20.11 42.04
N GLU D 984 47.11 18.79 42.20
CA GLU D 984 46.63 18.20 43.45
C GLU D 984 47.02 16.73 43.47
N CYS D 985 47.43 16.25 44.65
CA CYS D 985 47.88 14.88 44.79
C CYS D 985 46.71 13.90 44.57
N PRO D 986 47.02 12.64 44.22
CA PRO D 986 45.95 11.65 43.96
C PRO D 986 44.90 11.60 45.06
N CYS D 987 43.65 11.84 44.68
CA CYS D 987 42.55 11.98 45.62
C CYS D 987 41.29 11.39 44.98
N GLU D 988 40.21 11.36 45.75
CA GLU D 988 38.97 10.71 45.33
C GLU D 988 37.81 11.69 45.37
N CYS D 989 36.70 11.26 44.80
CA CYS D 989 35.40 11.91 44.92
C CYS D 989 34.36 10.83 45.12
N PRO D 990 33.32 11.09 45.93
CA PRO D 990 32.40 10.01 46.34
C PRO D 990 31.64 9.39 45.18
N LEU D 991 30.53 9.99 44.79
CA LEU D 991 29.63 9.41 43.79
C LEU D 991 29.31 10.45 42.74
N GLU D 992 29.24 10.03 41.49
CA GLU D 992 28.76 10.87 40.41
C GLU D 992 27.66 10.12 39.66
N VAL D 993 26.68 9.65 40.42
CA VAL D 993 25.53 8.92 39.89
C VAL D 993 24.27 9.57 40.44
N ASN D 994 23.16 8.84 40.42
CA ASN D 994 21.94 9.30 41.08
C ASN D 994 21.15 8.11 41.57
N GLU D 995 20.70 8.17 42.82
CA GLU D 995 19.92 7.09 43.43
C GLU D 995 18.46 7.11 42.98
N CYS D 996 18.21 7.46 41.72
CA CYS D 996 16.84 7.65 41.24
C CYS D 996 16.61 6.83 39.98
N THR D 997 17.46 7.01 38.96
CA THR D 997 17.35 6.26 37.72
C THR D 997 18.46 5.23 37.50
N GLY D 998 19.61 5.41 38.14
CA GLY D 998 20.67 4.42 38.06
C GLY D 998 21.67 4.60 36.95
N ASN D 999 21.95 5.84 36.54
CA ASN D 999 22.95 6.12 35.53
C ASN D 999 24.03 7.04 36.13
N LEU D 1000 24.86 7.59 35.24
CA LEU D 1000 25.89 8.55 35.63
C LEU D 1000 25.36 9.95 35.40
N THR D 1001 25.50 10.81 36.42
CA THR D 1001 24.99 12.18 36.36
C THR D 1001 25.54 12.91 35.15
N ASN D 1002 26.82 13.26 35.19
CA ASN D 1002 27.50 13.69 33.98
C ASN D 1002 27.69 12.49 33.05
N ALA D 1003 28.01 12.77 31.80
CA ALA D 1003 28.35 11.70 30.87
C ALA D 1003 29.68 11.07 31.24
N GLU D 1004 29.79 10.56 32.46
CA GLU D 1004 31.01 9.92 32.94
C GLU D 1004 31.21 8.52 32.39
N ASN D 1005 30.80 8.30 31.13
CA ASN D 1005 31.08 7.03 30.48
C ASN D 1005 32.55 6.95 30.05
N ARG D 1006 33.43 7.57 30.82
CA ARG D 1006 34.86 7.28 30.73
C ARG D 1006 35.06 5.77 30.84
N ASN D 1007 36.07 5.26 30.15
CA ASN D 1007 36.46 3.87 30.34
C ASN D 1007 37.01 3.71 31.76
N PRO D 1008 36.21 3.18 32.68
CA PRO D 1008 36.51 3.35 34.10
C PRO D 1008 37.18 2.12 34.69
N SER D 1009 36.51 1.49 35.66
CA SER D 1009 36.98 0.27 36.29
C SER D 1009 38.39 0.46 36.82
N CYS D 1010 38.53 1.14 37.96
CA CYS D 1010 39.85 1.19 38.57
C CYS D 1010 40.30 -0.18 39.06
N GLU D 1011 39.45 -1.20 38.96
CA GLU D 1011 39.81 -2.59 39.22
C GLU D 1011 40.21 -2.78 40.68
N VAL D 1012 39.32 -2.31 41.58
CA VAL D 1012 39.59 -2.21 43.01
C VAL D 1012 40.85 -1.36 43.21
N HIS D 1013 42.02 -1.97 43.04
CA HIS D 1013 43.32 -1.34 43.27
C HIS D 1013 43.49 -0.86 44.70
N GLN D 1014 42.41 -0.88 45.49
CA GLN D 1014 42.54 -0.69 46.92
C GLN D 1014 43.04 -1.96 47.58
N GLU D 1015 42.43 -3.11 47.23
CA GLU D 1015 42.84 -4.43 47.70
C GLU D 1015 43.01 -4.40 49.20
N PRO D 1016 41.93 -4.49 49.98
CA PRO D 1016 42.03 -4.22 51.43
C PRO D 1016 43.18 -4.96 52.09
N VAL D 1017 44.24 -4.22 52.40
CA VAL D 1017 45.43 -4.82 52.99
C VAL D 1017 45.11 -5.25 54.42
N THR D 1018 45.43 -6.49 54.74
CA THR D 1018 45.12 -7.04 56.05
C THR D 1018 46.27 -6.74 57.00
N TYR D 1019 46.33 -7.44 58.13
CA TYR D 1019 47.38 -7.22 59.13
C TYR D 1019 47.59 -8.50 59.94
N THR D 1020 47.52 -9.65 59.28
CA THR D 1020 47.75 -10.94 59.91
C THR D 1020 49.17 -11.03 60.45
N ALA D 1021 49.33 -10.99 61.76
CA ALA D 1021 50.65 -11.08 62.38
C ALA D 1021 50.96 -12.55 62.67
N ILE D 1022 51.82 -12.82 63.64
CA ILE D 1022 52.19 -14.19 63.96
C ILE D 1022 51.56 -14.56 65.30
N ASP D 1023 52.39 -14.68 66.35
CA ASP D 1023 51.89 -15.02 67.68
C ASP D 1023 52.98 -14.84 68.73
N PRO D 1024 52.61 -14.52 69.98
CA PRO D 1024 53.60 -14.45 71.05
C PRO D 1024 54.05 -15.85 71.46
N GLY D 1025 55.19 -15.90 72.13
CA GLY D 1025 55.83 -17.14 72.51
C GLY D 1025 56.71 -17.73 71.44
N LEU D 1026 56.36 -17.53 70.17
CA LEU D 1026 57.18 -17.92 69.03
C LEU D 1026 57.94 -16.75 68.43
N GLN D 1027 57.60 -15.52 68.84
CA GLN D 1027 58.30 -14.33 68.35
C GLN D 1027 59.70 -14.23 68.92
N ASP D 1028 59.92 -14.73 70.14
CA ASP D 1028 61.21 -14.61 70.81
C ASP D 1028 62.04 -15.89 70.76
N ALA D 1029 61.48 -17.00 70.29
CA ALA D 1029 62.24 -18.24 70.19
C ALA D 1029 63.16 -18.28 68.99
N LEU D 1030 63.14 -17.25 68.15
CA LEU D 1030 63.96 -17.18 66.95
C LEU D 1030 64.50 -15.77 66.79
N GLN D 1031 65.62 -15.66 66.07
CA GLN D 1031 66.18 -14.38 65.71
C GLN D 1031 65.86 -14.05 64.25
N GLN D 1032 66.22 -12.83 63.84
CA GLN D 1032 66.11 -12.45 62.45
C GLN D 1032 66.92 -13.40 61.58
N CYS D 1033 66.40 -13.69 60.39
CA CYS D 1033 67.09 -14.59 59.46
C CYS D 1033 68.45 -14.04 59.09
N VAL D 1034 68.49 -13.02 58.24
CA VAL D 1034 69.73 -12.29 57.98
C VAL D 1034 70.02 -11.36 59.14
N ASN D 1035 70.53 -11.91 60.24
CA ASN D 1035 70.79 -11.13 61.43
C ASN D 1035 71.98 -10.19 61.20
N SER D 1036 71.85 -9.30 60.22
CA SER D 1036 72.87 -8.29 59.97
C SER D 1036 72.85 -7.27 61.08
N ARG D 1037 73.59 -7.53 62.16
CA ARG D 1037 73.65 -6.64 63.31
C ARG D 1037 73.93 -5.21 62.87
N CYS D 1038 73.01 -4.31 63.20
CA CYS D 1038 72.99 -2.98 62.62
C CYS D 1038 74.08 -2.08 63.20
N ASN D 1039 74.16 -1.98 64.53
CA ASN D 1039 75.04 -1.00 65.15
C ASN D 1039 76.51 -1.37 65.08
N GLN D 1040 76.88 -2.26 64.16
CA GLN D 1040 78.27 -2.44 63.77
C GLN D 1040 78.54 -1.91 62.36
N ARG D 1041 77.54 -1.36 61.69
CA ARG D 1041 77.74 -0.62 60.45
C ARG D 1041 77.90 0.86 60.79
N MET D 1042 78.89 1.51 60.17
CA MET D 1042 79.36 2.81 60.62
C MET D 1042 78.85 3.99 59.79
N GLU D 1043 78.90 3.89 58.46
CA GLU D 1043 78.56 5.02 57.60
C GLU D 1043 77.20 4.81 56.94
N SER D 1044 76.70 5.88 56.31
CA SER D 1044 75.37 5.86 55.73
C SER D 1044 75.28 4.92 54.54
N GLY D 1045 76.37 4.74 53.81
CA GLY D 1045 76.38 3.83 52.67
C GLY D 1045 76.25 2.37 53.03
N ASP D 1046 76.42 2.02 54.30
CA ASP D 1046 76.36 0.64 54.75
C ASP D 1046 75.07 0.30 55.50
N CYS D 1047 74.26 1.30 55.83
CA CYS D 1047 73.02 1.10 56.57
C CYS D 1047 71.77 1.36 55.74
N PHE D 1048 71.86 2.24 54.75
CA PHE D 1048 70.75 2.44 53.81
C PHE D 1048 70.48 1.15 53.05
N GLY D 1049 69.24 0.68 53.10
CA GLY D 1049 68.81 -0.47 52.34
C GLY D 1049 68.79 -1.77 53.11
N VAL D 1050 69.52 -1.88 54.23
CA VAL D 1050 69.49 -3.09 55.03
C VAL D 1050 68.10 -3.26 55.63
N LEU D 1051 67.55 -4.47 55.52
CA LEU D 1051 66.11 -4.66 55.72
C LEU D 1051 65.70 -4.43 57.16
N ASP D 1052 66.51 -4.87 58.13
CA ASP D 1052 66.16 -4.72 59.54
C ASP D 1052 66.96 -3.62 60.23
N CYS D 1053 67.47 -2.64 59.45
CA CYS D 1053 68.21 -1.53 60.00
C CYS D 1053 67.59 -0.23 59.52
N GLU D 1054 68.09 0.87 60.06
CA GLU D 1054 67.69 2.21 59.63
C GLU D 1054 68.73 3.20 60.14
N TRP D 1055 68.97 4.23 59.33
CA TRP D 1055 70.01 5.23 59.62
C TRP D 1055 69.38 6.36 60.41
N CYS D 1056 69.76 6.49 61.68
CA CYS D 1056 69.15 7.45 62.59
C CYS D 1056 69.78 8.81 62.40
N VAL D 1057 69.01 9.78 61.92
CA VAL D 1057 69.51 11.13 61.69
C VAL D 1057 68.87 12.16 62.60
N VAL D 1058 67.68 11.92 63.12
CA VAL D 1058 66.93 12.89 63.91
C VAL D 1058 66.72 12.33 65.31
N ASP D 1059 66.85 13.22 66.31
CA ASP D 1059 66.63 12.82 67.69
C ASP D 1059 65.14 12.56 67.93
N SER D 1060 64.82 12.05 69.12
CA SER D 1060 63.49 11.55 69.44
C SER D 1060 62.47 12.65 69.70
N ASP D 1061 62.43 13.70 68.87
CA ASP D 1061 61.51 14.80 69.10
C ASP D 1061 61.32 15.69 67.89
N GLY D 1062 61.06 15.09 66.72
CA GLY D 1062 60.67 15.87 65.57
C GLY D 1062 61.80 16.28 64.63
N LYS D 1063 62.56 17.31 65.02
CA LYS D 1063 63.59 17.88 64.15
C LYS D 1063 64.75 18.35 65.04
N THR D 1064 65.56 17.40 65.48
CA THR D 1064 66.77 17.68 66.25
C THR D 1064 67.91 16.86 65.63
N HIS D 1065 68.72 17.51 64.79
CA HIS D 1065 69.87 16.86 64.17
C HIS D 1065 70.90 16.39 65.19
N LEU D 1066 70.94 15.10 65.45
CA LEU D 1066 72.01 14.55 66.28
C LEU D 1066 73.30 14.50 65.46
N ASP D 1067 74.42 14.85 66.11
CA ASP D 1067 75.67 15.11 65.42
C ASP D 1067 76.54 13.87 65.25
N LYS D 1068 75.97 12.67 65.44
CA LYS D 1068 76.73 11.44 65.22
C LYS D 1068 75.72 10.39 64.71
N SER D 1069 75.44 10.47 63.41
CA SER D 1069 74.46 9.55 62.81
C SER D 1069 75.00 8.13 62.81
N TYR D 1070 74.29 7.23 63.48
CA TYR D 1070 74.65 5.84 63.62
C TYR D 1070 73.58 4.94 63.02
N CYS D 1071 73.95 3.69 62.79
CA CYS D 1071 73.04 2.66 62.30
C CYS D 1071 72.51 1.86 63.48
N ALA D 1072 71.22 1.55 63.44
CA ALA D 1072 70.54 0.91 64.56
C ALA D 1072 69.51 -0.07 64.02
N PRO D 1073 69.17 -1.09 64.81
CA PRO D 1073 68.02 -1.94 64.45
C PRO D 1073 66.80 -1.07 64.22
N GLN D 1074 66.01 -1.42 63.19
CA GLN D 1074 64.93 -0.54 62.78
C GLN D 1074 63.94 -0.27 63.90
N LYS D 1075 63.83 -1.17 64.88
CA LYS D 1075 62.92 -0.94 66.00
C LYS D 1075 63.25 0.35 66.75
N GLU D 1076 64.50 0.79 66.71
CA GLU D 1076 64.91 1.94 67.53
C GLU D 1076 64.46 3.26 66.91
N CYS D 1077 64.92 3.57 65.70
CA CYS D 1077 64.54 4.82 65.03
C CYS D 1077 63.71 4.49 63.79
N PHE D 1078 62.43 4.87 63.81
CA PHE D 1078 61.56 4.73 62.66
C PHE D 1078 61.67 5.97 61.78
N GLY D 1079 61.93 5.78 60.50
CA GLY D 1079 61.96 6.87 59.55
C GLY D 1079 63.03 7.92 59.80
N GLY D 1080 63.91 7.67 60.76
CA GLY D 1080 65.00 8.58 61.09
C GLY D 1080 64.92 9.17 62.48
N ILE D 1081 63.75 9.18 63.10
CA ILE D 1081 63.57 9.72 64.45
C ILE D 1081 63.70 8.59 65.46
N VAL D 1082 64.59 8.76 66.43
CA VAL D 1082 64.92 7.69 67.37
C VAL D 1082 63.84 7.54 68.43
N GLY D 1083 62.74 8.28 68.30
CA GLY D 1083 61.64 8.14 69.22
C GLY D 1083 60.29 8.02 68.55
N ALA D 1084 60.26 8.06 67.22
CA ALA D 1084 59.00 7.92 66.51
C ALA D 1084 58.44 6.52 66.71
N LYS D 1085 57.12 6.42 66.81
CA LYS D 1085 56.46 5.15 67.05
C LYS D 1085 56.04 4.50 65.73
N SER D 1086 55.34 3.37 65.85
CA SER D 1086 55.15 2.47 64.72
C SER D 1086 54.14 3.04 63.72
N PRO D 1087 54.37 2.82 62.42
CA PRO D 1087 53.33 3.16 61.44
C PRO D 1087 52.06 2.35 61.60
N TYR D 1088 52.12 1.20 62.26
CA TYR D 1088 50.97 0.33 62.43
C TYR D 1088 50.25 0.61 63.74
N VAL E 9 52.90 55.96 35.67
CA VAL E 9 51.88 55.68 34.67
C VAL E 9 51.39 54.24 34.82
N CYS E 10 50.08 54.06 34.93
CA CYS E 10 49.51 52.73 35.15
C CYS E 10 49.20 52.03 33.84
N GLN E 11 49.25 50.70 33.87
CA GLN E 11 48.77 49.85 32.80
C GLN E 11 47.59 49.03 33.30
N GLU E 12 46.71 48.63 32.40
CA GLU E 12 45.51 47.91 32.79
C GLU E 12 45.85 46.44 33.07
N ILE E 13 45.14 45.86 34.04
CA ILE E 13 45.38 44.48 34.45
C ILE E 13 45.08 43.53 33.30
N THR E 14 45.99 42.59 33.06
CA THR E 14 45.84 41.60 32.00
C THR E 14 45.72 40.17 32.48
N VAL E 15 46.04 39.89 33.74
CA VAL E 15 45.91 38.52 34.25
C VAL E 15 44.43 38.15 34.34
N PRO E 16 44.01 37.01 33.81
CA PRO E 16 42.58 36.65 33.85
C PRO E 16 42.03 36.46 35.25
N MET E 17 42.89 36.22 36.25
CA MET E 17 42.41 35.94 37.60
C MET E 17 41.91 37.22 38.28
N CYS E 18 42.56 38.35 38.01
CA CYS E 18 42.28 39.61 38.69
C CYS E 18 41.49 40.57 37.82
N ARG E 19 40.53 40.06 37.05
CA ARG E 19 39.69 40.85 36.16
C ARG E 19 38.32 41.04 36.79
N GLY E 20 37.85 42.29 36.79
CA GLY E 20 36.53 42.60 37.30
C GLY E 20 36.39 42.51 38.81
N ILE E 21 37.33 43.12 39.54
CA ILE E 21 37.29 43.10 41.00
C ILE E 21 37.01 44.46 41.60
N GLY E 22 37.00 45.52 40.81
CA GLY E 22 36.74 46.84 41.33
C GLY E 22 37.63 47.88 40.69
N TYR E 23 38.70 47.43 40.03
CA TYR E 23 39.67 48.34 39.43
C TYR E 23 40.34 47.62 38.27
N ASN E 24 40.87 48.40 37.34
CA ASN E 24 41.54 47.84 36.17
C ASN E 24 43.02 48.18 36.08
N LEU E 25 43.50 49.17 36.80
CA LEU E 25 44.85 49.69 36.61
C LEU E 25 45.78 49.20 37.71
N THR E 26 46.92 48.65 37.32
CA THR E 26 47.98 48.24 38.22
C THR E 26 49.32 48.67 37.64
N HIS E 27 50.37 48.59 38.45
CA HIS E 27 51.70 49.00 38.02
C HIS E 27 52.72 48.02 38.55
N MET E 28 53.51 47.43 37.66
CA MET E 28 54.61 46.56 38.03
C MET E 28 55.91 47.36 38.10
N PRO E 29 56.85 47.00 38.99
CA PRO E 29 56.79 45.86 39.91
C PRO E 29 55.85 46.05 41.09
N ASN E 30 55.47 44.95 41.74
CA ASN E 30 54.57 44.95 42.88
C ASN E 30 55.38 44.69 44.17
N GLN E 31 54.78 43.98 45.12
CA GLN E 31 55.43 43.74 46.40
C GLN E 31 56.35 42.52 46.37
N PHE E 32 56.11 41.57 45.47
CA PHE E 32 56.86 40.32 45.39
C PHE E 32 57.96 40.35 44.34
N ASN E 33 58.33 41.55 43.86
CA ASN E 33 59.41 41.73 42.89
C ASN E 33 59.09 41.10 41.53
N HIS E 34 57.82 41.09 41.14
CA HIS E 34 57.43 40.65 39.81
C HIS E 34 57.57 41.81 38.83
N ASP E 35 58.34 41.60 37.75
CA ASP E 35 58.62 42.69 36.82
C ASP E 35 57.49 42.92 35.82
N THR E 36 56.72 41.88 35.51
CA THR E 36 55.66 41.99 34.52
C THR E 36 54.45 41.21 35.03
N GLN E 37 53.26 41.62 34.57
CA GLN E 37 52.04 40.89 34.91
C GLN E 37 52.09 39.45 34.46
N ASP E 38 52.90 39.13 33.44
CA ASP E 38 53.08 37.74 33.03
C ASP E 38 53.69 36.92 34.16
N GLU E 39 54.72 37.46 34.82
CA GLU E 39 55.37 36.73 35.91
C GLU E 39 54.54 36.75 37.18
N ALA E 40 53.81 37.84 37.44
CA ALA E 40 52.95 37.90 38.61
C ALA E 40 51.76 36.96 38.48
N GLY E 41 51.25 36.74 37.26
CA GLY E 41 50.12 35.86 37.09
C GLY E 41 50.45 34.39 37.27
N LEU E 42 51.70 34.01 37.00
CA LEU E 42 52.09 32.61 37.10
C LEU E 42 52.11 32.12 38.54
N GLU E 43 52.29 33.02 39.51
CA GLU E 43 52.30 32.63 40.92
C GLU E 43 50.94 32.79 41.57
N VAL E 44 50.20 33.85 41.24
CA VAL E 44 48.90 34.06 41.85
C VAL E 44 47.90 33.00 41.38
N HIS E 45 48.10 32.46 40.18
CA HIS E 45 47.22 31.39 39.69
C HIS E 45 47.41 30.10 40.47
N GLN E 46 48.48 29.97 41.26
CA GLN E 46 48.64 28.82 42.13
C GLN E 46 47.62 28.81 43.27
N PHE E 47 46.89 29.91 43.46
CA PHE E 47 45.80 29.98 44.43
C PHE E 47 44.43 29.81 43.78
N TRP E 48 44.40 29.60 42.46
CA TRP E 48 43.12 29.47 41.76
C TRP E 48 42.23 28.35 42.30
N PRO E 49 42.75 27.18 42.70
CA PRO E 49 41.86 26.20 43.35
C PRO E 49 41.17 26.74 44.59
N LEU E 50 41.87 27.53 45.41
CA LEU E 50 41.26 28.10 46.60
C LEU E 50 40.15 29.09 46.26
N VAL E 51 40.29 29.82 45.16
CA VAL E 51 39.30 30.84 44.82
C VAL E 51 37.99 30.20 44.38
N GLU E 52 38.07 29.12 43.60
CA GLU E 52 36.87 28.47 43.10
C GLU E 52 36.21 27.53 44.13
N ILE E 53 36.89 27.22 45.24
CA ILE E 53 36.24 26.44 46.29
C ILE E 53 35.41 27.31 47.22
N HIS E 54 35.60 28.63 47.17
CA HIS E 54 34.74 29.60 47.84
C HIS E 54 34.76 29.40 49.36
N CYS E 55 35.95 29.50 49.94
CA CYS E 55 36.08 29.48 51.39
C CYS E 55 35.65 30.83 51.99
N SER E 56 36.27 31.91 51.53
CA SER E 56 35.87 33.25 51.90
C SER E 56 35.59 34.07 50.65
N PRO E 57 34.48 34.83 50.63
CA PRO E 57 34.21 35.69 49.47
C PRO E 57 35.27 36.75 49.23
N ASP E 58 36.10 37.05 50.22
CA ASP E 58 37.10 38.10 50.14
C ASP E 58 38.42 37.63 49.54
N LEU E 59 38.50 36.39 49.05
CA LEU E 59 39.80 35.81 48.70
C LEU E 59 40.36 36.44 47.42
N ARG E 60 39.58 36.45 46.34
CA ARG E 60 40.05 37.06 45.11
C ARG E 60 40.35 38.54 45.31
N PHE E 61 39.51 39.23 46.09
CA PHE E 61 39.73 40.65 46.32
C PHE E 61 40.99 40.89 47.15
N PHE E 62 41.27 39.98 48.10
CA PHE E 62 42.46 40.12 48.94
C PHE E 62 43.73 39.76 48.18
N LEU E 63 43.73 38.63 47.47
CA LEU E 63 44.93 38.18 46.78
C LEU E 63 45.36 39.15 45.69
N CYS E 64 44.39 39.67 44.93
CA CYS E 64 44.73 40.57 43.83
C CYS E 64 45.21 41.92 44.34
N SER E 65 44.78 42.33 45.54
CA SER E 65 45.33 43.54 46.14
C SER E 65 46.80 43.39 46.52
N MET E 66 47.34 42.17 46.47
CA MET E 66 48.73 41.89 46.80
C MET E 66 49.61 41.73 45.57
N TYR E 67 49.19 40.89 44.62
CA TYR E 67 50.01 40.63 43.44
C TYR E 67 49.84 41.70 42.36
N THR E 68 48.60 42.16 42.16
CA THR E 68 48.30 43.23 41.21
C THR E 68 47.72 44.40 42.00
N PRO E 69 48.55 45.14 42.72
CA PRO E 69 48.04 46.18 43.62
C PRO E 69 47.40 47.33 42.86
N ILE E 70 46.61 48.10 43.60
CA ILE E 70 45.91 49.23 43.00
C ILE E 70 46.92 50.27 42.55
N CYS E 71 46.71 50.79 41.34
CA CYS E 71 47.49 51.89 40.80
C CYS E 71 46.53 53.04 40.58
N LEU E 72 46.79 54.17 41.25
CA LEU E 72 45.92 55.31 41.11
C LEU E 72 46.54 56.31 40.14
N PRO E 73 45.87 56.61 39.03
CA PRO E 73 46.45 57.53 38.03
C PRO E 73 46.58 58.96 38.53
N ASP E 74 46.30 59.19 39.81
CA ASP E 74 46.30 60.53 40.37
C ASP E 74 47.32 60.75 41.49
N TYR E 75 47.63 59.74 42.29
CA TYR E 75 48.47 59.96 43.46
C TYR E 75 49.35 58.74 43.77
N HIS E 76 48.89 57.55 43.39
CA HIS E 76 49.70 56.33 43.44
C HIS E 76 50.13 55.98 44.87
N LYS E 77 49.28 56.23 45.85
CA LYS E 77 49.64 55.98 47.24
C LYS E 77 48.67 55.00 47.89
N PRO E 78 49.15 53.84 48.36
CA PRO E 78 48.26 52.88 49.02
C PRO E 78 48.00 53.26 50.47
N LEU E 79 46.73 53.49 50.79
CA LEU E 79 46.24 53.83 52.12
C LEU E 79 45.01 53.02 52.53
N PRO E 80 44.14 52.61 51.60
CA PRO E 80 43.01 51.73 51.97
C PRO E 80 43.42 50.54 52.82
N PRO E 81 44.37 49.64 52.33
CA PRO E 81 44.53 48.30 52.91
C PRO E 81 43.91 48.05 54.28
N CYS E 82 42.58 47.94 54.29
CA CYS E 82 41.76 47.71 55.47
C CYS E 82 42.05 46.30 56.02
N ARG E 83 42.91 46.23 57.02
CA ARG E 83 43.34 44.99 57.66
C ARG E 83 42.20 44.00 57.89
N SER E 84 40.97 44.50 58.05
CA SER E 84 39.81 43.63 58.21
C SER E 84 39.64 42.67 57.04
N VAL E 85 40.17 43.01 55.87
CA VAL E 85 40.10 42.11 54.73
C VAL E 85 41.06 40.94 54.89
N CYS E 86 42.12 41.11 55.69
CA CYS E 86 43.08 40.03 55.89
C CYS E 86 42.54 38.96 56.85
N GLU E 87 41.94 39.38 57.96
CA GLU E 87 41.46 38.40 58.93
C GLU E 87 40.08 37.85 58.58
N ARG E 88 39.39 38.42 57.59
CA ARG E 88 38.20 37.75 57.08
C ARG E 88 38.57 36.67 56.07
N ALA E 89 39.70 36.85 55.37
CA ALA E 89 40.18 35.81 54.46
C ALA E 89 40.72 34.62 55.25
N LYS E 90 41.57 34.90 56.25
CA LYS E 90 42.11 33.84 57.10
C LYS E 90 41.07 33.22 58.02
N ALA E 91 39.91 33.87 58.21
CA ALA E 91 38.90 33.32 59.11
C ALA E 91 38.26 32.07 58.51
N GLY E 92 37.83 32.16 57.25
CA GLY E 92 37.14 31.06 56.59
C GLY E 92 38.00 30.12 55.79
N CYS E 93 39.26 30.48 55.52
CA CYS E 93 40.11 29.70 54.63
C CYS E 93 41.29 29.03 55.32
N SER E 94 41.82 29.61 56.40
CA SER E 94 42.95 29.00 57.08
C SER E 94 42.67 27.60 57.62
N PRO E 95 41.52 27.28 58.22
CA PRO E 95 41.29 25.90 58.64
C PRO E 95 41.28 24.91 57.48
N LEU E 96 40.87 25.34 56.28
CA LEU E 96 40.92 24.47 55.11
C LEU E 96 42.30 24.45 54.48
N MET E 97 43.02 25.57 54.55
CA MET E 97 44.38 25.61 54.00
C MET E 97 45.32 24.69 54.77
N ARG E 98 45.28 24.76 56.11
CA ARG E 98 46.09 23.85 56.90
C ARG E 98 45.66 22.40 56.73
N GLN E 99 44.39 22.16 56.38
CA GLN E 99 43.94 20.81 56.10
C GLN E 99 44.69 20.22 54.92
N TYR E 100 45.00 21.03 53.92
CA TYR E 100 45.80 20.59 52.79
C TYR E 100 47.22 21.12 52.95
N GLY E 101 47.98 21.15 51.86
CA GLY E 101 49.39 21.52 51.89
C GLY E 101 49.68 23.00 51.85
N PHE E 102 48.68 23.84 52.01
CA PHE E 102 48.84 25.27 51.80
C PHE E 102 49.25 25.98 53.09
N ALA E 103 49.99 27.07 52.94
CA ALA E 103 50.43 27.87 54.07
C ALA E 103 50.60 29.32 53.62
N TRP E 104 50.29 30.24 54.51
CA TRP E 104 50.34 31.66 54.17
C TRP E 104 51.78 32.14 54.00
N PRO E 105 52.06 32.94 52.98
CA PRO E 105 53.35 33.63 52.93
C PRO E 105 53.47 34.62 54.08
N GLU E 106 54.68 34.73 54.63
CA GLU E 106 54.90 35.67 55.71
C GLU E 106 54.69 37.12 55.27
N ARG E 107 54.81 37.40 53.97
CA ARG E 107 54.57 38.74 53.44
C ARG E 107 53.07 39.06 53.39
N MET E 108 52.22 38.16 53.87
CA MET E 108 50.78 38.36 53.89
C MET E 108 50.21 38.26 55.31
N SER E 109 51.06 38.40 56.32
CA SER E 109 50.60 38.40 57.70
C SER E 109 49.71 39.60 57.96
N CYS E 110 48.60 39.38 58.66
CA CYS E 110 47.61 40.42 58.90
C CYS E 110 48.13 41.56 59.77
N ASP E 111 49.42 41.60 60.08
CA ASP E 111 49.98 42.69 60.88
C ASP E 111 50.48 43.84 60.02
N ARG E 112 50.72 43.61 58.73
CA ARG E 112 51.23 44.65 57.84
C ARG E 112 50.09 45.45 57.22
N PRO F 5 -2.57 -65.75 46.37
CA PRO F 5 -1.88 -65.58 47.66
C PRO F 5 -0.70 -64.64 47.54
N GLU F 6 -0.97 -63.35 47.43
CA GLU F 6 0.03 -62.35 47.09
C GLU F 6 0.28 -61.42 48.28
N ALA F 7 1.55 -61.11 48.55
CA ALA F 7 1.92 -60.18 49.61
C ALA F 7 2.63 -58.98 49.00
N PHE F 8 2.04 -57.80 49.18
CA PHE F 8 2.63 -56.53 48.75
C PHE F 8 2.89 -55.63 49.95
N LEU F 9 3.35 -54.42 49.63
CA LEU F 9 3.60 -53.37 50.62
C LEU F 9 2.92 -52.10 50.12
N LEU F 10 1.87 -51.67 50.82
CA LEU F 10 1.16 -50.45 50.49
C LEU F 10 1.72 -49.29 51.32
N PHE F 11 1.93 -48.16 50.65
CA PHE F 11 2.41 -46.97 51.35
C PHE F 11 1.80 -45.74 50.70
N SER F 12 1.67 -44.68 51.50
CA SER F 12 1.07 -43.42 51.07
C SER F 12 2.13 -42.34 50.97
N ARG F 13 2.03 -41.53 49.91
CA ARG F 13 3.03 -40.49 49.65
C ARG F 13 2.36 -39.37 48.87
N ARG F 14 2.30 -38.18 49.48
CA ARG F 14 1.58 -37.01 48.94
C ARG F 14 0.13 -37.43 48.69
N ALA F 15 -0.35 -37.39 47.45
CA ALA F 15 -1.71 -37.79 47.08
C ALA F 15 -1.77 -39.16 46.41
N ASP F 16 -0.71 -39.95 46.55
CA ASP F 16 -0.61 -41.26 45.91
C ASP F 16 -0.54 -42.35 46.96
N ILE F 17 -1.31 -43.41 46.74
CA ILE F 17 -1.15 -44.67 47.47
C ILE F 17 -0.45 -45.63 46.52
N ARG F 18 0.83 -45.86 46.76
CA ARG F 18 1.69 -46.58 45.82
C ARG F 18 1.95 -47.99 46.36
N ARG F 19 2.04 -48.94 45.44
CA ARG F 19 2.05 -50.37 45.77
C ARG F 19 3.37 -50.98 45.34
N ILE F 20 4.09 -51.55 46.30
CA ILE F 20 5.39 -52.18 46.05
C ILE F 20 5.24 -53.69 46.25
N SER F 21 5.79 -54.47 45.33
CA SER F 21 5.84 -55.91 45.48
C SER F 21 7.02 -56.31 46.36
N LEU F 22 6.78 -57.23 47.29
CA LEU F 22 7.82 -57.65 48.22
C LEU F 22 8.70 -58.75 47.67
N GLU F 23 8.23 -59.50 46.67
CA GLU F 23 9.02 -60.56 46.08
C GLU F 23 9.72 -60.07 44.82
N THR F 24 8.94 -59.73 43.79
CA THR F 24 9.48 -59.08 42.60
C THR F 24 9.61 -57.58 42.86
N ASN F 25 10.83 -57.14 43.15
CA ASN F 25 11.07 -55.73 43.48
C ASN F 25 10.99 -54.81 42.27
N ASN F 26 10.14 -55.15 41.29
CA ASN F 26 9.98 -54.35 40.09
C ASN F 26 8.60 -53.71 39.97
N ASN F 27 7.55 -54.40 40.43
CA ASN F 27 6.18 -53.90 40.30
C ASN F 27 5.97 -52.68 41.19
N ASN F 28 6.02 -51.50 40.59
CA ASN F 28 5.79 -50.24 41.29
C ASN F 28 4.60 -49.59 40.60
N VAL F 29 3.41 -49.79 41.15
CA VAL F 29 2.17 -49.28 40.58
C VAL F 29 1.36 -48.57 41.64
N ALA F 30 0.56 -47.60 41.20
CA ALA F 30 -0.36 -46.88 42.05
C ALA F 30 -1.78 -47.44 41.91
N ILE F 31 -2.50 -47.50 43.01
CA ILE F 31 -3.89 -47.96 42.98
C ILE F 31 -4.75 -46.92 42.27
N PRO F 32 -5.53 -47.30 41.24
CA PRO F 32 -6.25 -46.29 40.45
C PRO F 32 -7.34 -45.58 41.24
N LEU F 33 -6.96 -44.53 41.96
CA LEU F 33 -7.89 -43.73 42.74
C LEU F 33 -7.82 -42.28 42.27
N THR F 34 -8.96 -41.60 42.27
CA THR F 34 -9.06 -40.22 41.82
C THR F 34 -9.56 -39.33 42.96
N GLY F 35 -9.27 -38.04 42.84
CA GLY F 35 -9.74 -37.06 43.80
C GLY F 35 -8.97 -36.98 45.09
N VAL F 36 -7.91 -37.77 45.25
CA VAL F 36 -7.13 -37.76 46.49
C VAL F 36 -6.21 -36.55 46.48
N LYS F 37 -6.28 -35.75 47.55
CA LYS F 37 -5.39 -34.61 47.74
C LYS F 37 -4.23 -34.92 48.66
N GLU F 38 -4.41 -35.85 49.61
CA GLU F 38 -3.35 -36.25 50.53
C GLU F 38 -3.72 -37.60 51.14
N ALA F 39 -2.85 -38.57 50.98
CA ALA F 39 -3.04 -39.89 51.57
C ALA F 39 -2.27 -39.98 52.89
N SER F 40 -2.88 -40.61 53.89
CA SER F 40 -2.29 -40.69 55.21
C SER F 40 -2.34 -42.11 55.77
N ALA F 41 -3.25 -42.34 56.73
CA ALA F 41 -3.35 -43.65 57.37
C ALA F 41 -3.90 -44.68 56.38
N LEU F 42 -3.39 -45.91 56.49
CA LEU F 42 -3.74 -46.98 55.57
C LEU F 42 -4.09 -48.25 56.33
N ASP F 43 -5.08 -48.97 55.82
CA ASP F 43 -5.41 -50.33 56.28
C ASP F 43 -6.35 -50.94 55.23
N PHE F 44 -6.51 -52.26 55.31
CA PHE F 44 -7.30 -52.97 54.31
C PHE F 44 -8.29 -53.93 54.96
N ASP F 45 -8.96 -54.73 54.14
CA ASP F 45 -9.88 -55.76 54.62
C ASP F 45 -9.56 -57.07 53.89
N VAL F 46 -9.56 -58.16 54.65
CA VAL F 46 -9.22 -59.46 54.08
C VAL F 46 -10.41 -60.11 53.39
N THR F 47 -11.64 -59.71 53.73
CA THR F 47 -12.82 -60.38 53.19
C THR F 47 -13.00 -60.06 51.71
N ASP F 48 -13.04 -58.78 51.37
CA ASP F 48 -13.35 -58.36 50.00
C ASP F 48 -12.23 -57.53 49.36
N ASN F 49 -11.06 -57.46 49.99
CA ASN F 49 -9.87 -56.80 49.41
C ASN F 49 -10.15 -55.34 49.07
N ARG F 50 -10.73 -54.61 50.02
CA ARG F 50 -10.93 -53.18 49.90
C ARG F 50 -9.84 -52.43 50.66
N ILE F 51 -9.38 -51.33 50.08
CA ILE F 51 -8.33 -50.51 50.69
C ILE F 51 -8.96 -49.28 51.31
N TYR F 52 -8.61 -49.00 52.55
CA TYR F 52 -9.14 -47.87 53.30
C TYR F 52 -8.02 -46.86 53.54
N TRP F 53 -8.36 -45.58 53.48
CA TRP F 53 -7.37 -44.53 53.73
C TRP F 53 -8.06 -43.30 54.28
N THR F 54 -7.25 -42.45 54.92
CA THR F 54 -7.71 -41.17 55.46
C THR F 54 -7.14 -40.04 54.62
N ASP F 55 -7.94 -39.00 54.43
CA ASP F 55 -7.53 -37.79 53.71
C ASP F 55 -7.72 -36.61 54.65
N ILE F 56 -6.61 -36.10 55.18
CA ILE F 56 -6.65 -35.05 56.20
C ILE F 56 -6.65 -33.64 55.60
N SER F 57 -6.68 -33.52 54.28
CA SER F 57 -6.86 -32.22 53.64
C SER F 57 -8.33 -31.95 53.34
N LEU F 58 -9.09 -32.98 52.99
CA LEU F 58 -10.53 -32.87 52.78
C LEU F 58 -11.34 -33.27 54.00
N LYS F 59 -10.67 -33.71 55.08
CA LYS F 59 -11.34 -34.11 56.32
C LYS F 59 -12.31 -35.26 56.09
N THR F 60 -11.84 -36.28 55.36
CA THR F 60 -12.66 -37.42 55.01
C THR F 60 -11.87 -38.71 55.20
N ILE F 61 -12.61 -39.80 55.38
CA ILE F 61 -12.06 -41.15 55.34
C ILE F 61 -12.82 -41.91 54.26
N SER F 62 -12.09 -42.52 53.33
CA SER F 62 -12.69 -43.08 52.12
C SER F 62 -12.42 -44.59 52.06
N ARG F 63 -12.95 -45.20 50.99
CA ARG F 63 -12.93 -46.65 50.85
C ARG F 63 -13.19 -47.01 49.39
N ALA F 64 -12.43 -47.98 48.89
CA ALA F 64 -12.58 -48.46 47.52
C ALA F 64 -11.87 -49.80 47.39
N PHE F 65 -12.12 -50.46 46.26
CA PHE F 65 -11.46 -51.72 45.97
C PHE F 65 -10.01 -51.50 45.53
N MET F 66 -9.33 -52.58 45.18
CA MET F 66 -7.98 -52.50 44.65
C MET F 66 -7.94 -52.00 43.20
N ASN F 67 -9.10 -51.88 42.55
CA ASN F 67 -9.14 -51.51 41.13
C ASN F 67 -9.87 -50.19 40.89
N GLY F 68 -10.14 -49.42 41.94
CA GLY F 68 -10.75 -48.12 41.82
C GLY F 68 -12.26 -48.09 41.90
N SER F 69 -12.92 -49.23 41.75
CA SER F 69 -14.38 -49.26 41.79
C SER F 69 -14.89 -49.08 43.22
N ALA F 70 -16.17 -48.72 43.32
CA ALA F 70 -16.84 -48.46 44.60
C ALA F 70 -16.11 -47.40 45.42
N LEU F 71 -15.70 -46.33 44.75
CA LEU F 71 -15.09 -45.19 45.45
C LEU F 71 -16.15 -44.43 46.21
N GLU F 72 -16.01 -44.37 47.54
CA GLU F 72 -17.01 -43.74 48.39
C GLU F 72 -16.36 -43.19 49.63
N HIS F 73 -16.95 -42.11 50.15
CA HIS F 73 -16.50 -41.49 51.39
C HIS F 73 -17.37 -42.01 52.53
N VAL F 74 -16.78 -42.80 53.41
CA VAL F 74 -17.54 -43.41 54.50
C VAL F 74 -17.68 -42.47 55.69
N VAL F 75 -16.66 -41.67 55.98
CA VAL F 75 -16.70 -40.67 57.04
C VAL F 75 -16.24 -39.34 56.45
N GLU F 76 -17.04 -38.29 56.64
CA GLU F 76 -16.76 -37.00 56.01
C GLU F 76 -17.06 -35.79 56.86
N PHE F 77 -17.85 -35.92 57.93
CA PHE F 77 -18.14 -34.82 58.84
C PHE F 77 -17.52 -35.07 60.21
N GLY F 78 -17.29 -33.99 60.93
CA GLY F 78 -16.85 -34.07 62.31
C GLY F 78 -15.44 -34.57 62.50
N LEU F 79 -14.61 -34.56 61.46
CA LEU F 79 -13.21 -34.92 61.57
C LEU F 79 -12.34 -33.68 61.46
N ASP F 80 -11.29 -33.62 62.29
CA ASP F 80 -10.29 -32.58 62.18
C ASP F 80 -9.11 -33.08 61.37
N TYR F 81 -8.13 -33.69 62.04
CA TYR F 81 -6.94 -34.25 61.39
C TYR F 81 -6.66 -35.64 61.93
N PRO F 82 -7.29 -36.68 61.38
CA PRO F 82 -7.02 -38.04 61.85
C PRO F 82 -6.00 -38.79 61.01
N GLU F 83 -4.86 -39.13 61.62
CA GLU F 83 -3.89 -40.02 60.99
C GLU F 83 -3.85 -41.39 61.63
N GLY F 84 -4.71 -41.66 62.61
CA GLY F 84 -4.86 -42.98 63.19
C GLY F 84 -6.09 -43.67 62.62
N MET F 85 -5.88 -44.87 62.08
CA MET F 85 -6.96 -45.60 61.44
C MET F 85 -6.57 -47.07 61.35
N ALA F 86 -7.50 -47.95 61.72
CA ALA F 86 -7.28 -49.38 61.65
C ALA F 86 -8.62 -50.09 61.46
N VAL F 87 -8.57 -51.25 60.82
CA VAL F 87 -9.76 -51.99 60.42
C VAL F 87 -9.93 -53.20 61.33
N ASP F 88 -11.15 -53.43 61.78
CA ASP F 88 -11.53 -54.64 62.52
C ASP F 88 -12.10 -55.63 61.52
N TRP F 89 -11.26 -56.57 61.07
CA TRP F 89 -11.67 -57.52 60.04
C TRP F 89 -12.57 -58.63 60.58
N LEU F 90 -12.70 -58.75 61.89
CA LEU F 90 -13.56 -59.79 62.48
C LEU F 90 -14.97 -59.27 62.70
N GLY F 91 -15.11 -58.19 63.47
CA GLY F 91 -16.40 -57.57 63.71
C GLY F 91 -16.88 -56.65 62.61
N LYS F 92 -16.09 -56.47 61.55
CA LYS F 92 -16.45 -55.62 60.42
C LYS F 92 -16.69 -54.17 60.87
N ASN F 93 -15.73 -53.64 61.63
CA ASN F 93 -15.81 -52.29 62.17
C ASN F 93 -14.59 -51.48 61.74
N LEU F 94 -14.71 -50.16 61.84
CA LEU F 94 -13.64 -49.23 61.50
C LEU F 94 -13.39 -48.30 62.68
N TYR F 95 -12.16 -48.30 63.18
CA TYR F 95 -11.76 -47.40 64.25
C TYR F 95 -10.84 -46.33 63.68
N TRP F 96 -10.84 -45.17 64.33
CA TRP F 96 -9.91 -44.10 63.96
C TRP F 96 -9.66 -43.20 65.16
N ALA F 97 -8.50 -42.55 65.15
CA ALA F 97 -8.09 -41.63 66.20
C ALA F 97 -7.86 -40.26 65.59
N ASP F 98 -8.65 -39.28 66.03
CA ASP F 98 -8.58 -37.92 65.52
C ASP F 98 -7.83 -37.05 66.53
N THR F 99 -6.84 -36.31 66.05
CA THR F 99 -6.01 -35.50 66.94
C THR F 99 -6.67 -34.17 67.27
N GLY F 100 -7.30 -33.53 66.29
CA GLY F 100 -7.86 -32.21 66.52
C GLY F 100 -9.01 -32.22 67.50
N THR F 101 -9.92 -33.20 67.37
CA THR F 101 -11.05 -33.33 68.27
C THR F 101 -10.73 -34.17 69.50
N ASN F 102 -9.57 -34.83 69.52
CA ASN F 102 -9.16 -35.70 70.63
C ASN F 102 -10.22 -36.77 70.92
N ARG F 103 -10.48 -37.58 69.90
CA ARG F 103 -11.51 -38.61 69.97
C ARG F 103 -11.05 -39.87 69.25
N ILE F 104 -11.26 -41.02 69.89
CA ILE F 104 -11.15 -42.32 69.25
C ILE F 104 -12.58 -42.84 69.06
N GLU F 105 -12.98 -43.02 67.82
CA GLU F 105 -14.38 -43.28 67.50
C GLU F 105 -14.52 -44.65 66.84
N VAL F 106 -15.73 -44.97 66.38
CA VAL F 106 -16.04 -46.30 65.87
C VAL F 106 -17.25 -46.18 64.94
N SER F 107 -17.27 -47.02 63.90
CA SER F 107 -18.41 -47.15 63.02
C SER F 107 -18.25 -48.44 62.24
N LYS F 108 -19.27 -48.77 61.45
CA LYS F 108 -19.17 -49.91 60.56
C LYS F 108 -18.21 -49.59 59.41
N LEU F 109 -17.94 -50.60 58.58
CA LEU F 109 -17.03 -50.40 57.46
C LEU F 109 -17.61 -49.47 56.41
N ASP F 110 -18.93 -49.32 56.35
CA ASP F 110 -19.57 -48.44 55.38
C ASP F 110 -19.89 -47.06 55.95
N GLY F 111 -19.57 -46.81 57.21
CA GLY F 111 -19.72 -45.49 57.80
C GLY F 111 -20.99 -45.27 58.60
N GLN F 112 -21.81 -46.30 58.80
CA GLN F 112 -23.03 -46.15 59.58
C GLN F 112 -22.74 -46.39 61.06
N HIS F 113 -23.62 -45.86 61.91
CA HIS F 113 -23.63 -46.10 63.34
C HIS F 113 -22.37 -45.53 63.99
N ARG F 114 -22.28 -44.21 63.94
CA ARG F 114 -21.11 -43.51 64.46
C ARG F 114 -21.20 -43.38 65.97
N GLN F 115 -20.15 -43.81 66.67
CA GLN F 115 -20.08 -43.74 68.12
C GLN F 115 -18.69 -43.26 68.53
N VAL F 116 -18.64 -42.51 69.63
CA VAL F 116 -17.38 -42.05 70.20
C VAL F 116 -17.01 -42.97 71.35
N LEU F 117 -15.82 -43.56 71.29
CA LEU F 117 -15.34 -44.46 72.34
C LEU F 117 -14.56 -43.72 73.42
N VAL F 118 -13.55 -42.95 73.02
CA VAL F 118 -12.65 -42.28 73.96
C VAL F 118 -12.69 -40.79 73.63
N TRP F 119 -12.95 -39.96 74.65
CA TRP F 119 -13.03 -38.52 74.42
C TRP F 119 -12.54 -37.73 75.62
N LYS F 120 -12.41 -38.37 76.78
CA LYS F 120 -11.95 -37.72 77.99
C LYS F 120 -10.51 -38.11 78.29
N ASP F 121 -9.72 -37.14 78.77
CA ASP F 121 -8.32 -37.35 79.14
C ASP F 121 -7.48 -37.87 77.97
N LEU F 122 -7.83 -37.47 76.75
CA LEU F 122 -7.16 -37.93 75.55
C LEU F 122 -6.40 -36.76 74.94
N ASP F 123 -5.06 -36.83 74.96
CA ASP F 123 -4.21 -35.77 74.44
C ASP F 123 -3.58 -36.26 73.14
N SER F 124 -4.27 -36.00 72.02
CA SER F 124 -3.75 -36.21 70.68
C SER F 124 -3.36 -37.66 70.43
N PRO F 125 -4.31 -38.52 70.07
CA PRO F 125 -3.96 -39.90 69.69
C PRO F 125 -3.60 -40.01 68.23
N ARG F 126 -2.66 -40.91 67.94
CA ARG F 126 -2.22 -41.13 66.57
C ARG F 126 -2.29 -42.59 66.16
N ALA F 127 -1.12 -43.25 66.08
CA ALA F 127 -1.04 -44.60 65.56
C ALA F 127 -1.96 -45.53 66.33
N LEU F 128 -2.82 -46.23 65.61
CA LEU F 128 -3.81 -47.14 66.18
C LEU F 128 -3.57 -48.55 65.66
N ALA F 129 -3.57 -49.52 66.57
CA ALA F 129 -3.41 -50.92 66.22
C ALA F 129 -4.47 -51.74 66.94
N LEU F 130 -4.96 -52.78 66.28
CA LEU F 130 -6.09 -53.57 66.77
C LEU F 130 -5.68 -55.03 66.94
N ASP F 131 -6.20 -55.65 68.00
CA ASP F 131 -6.04 -57.08 68.25
C ASP F 131 -7.42 -57.64 68.57
N PRO F 132 -8.25 -57.86 67.55
CA PRO F 132 -9.64 -58.27 67.80
C PRO F 132 -9.77 -59.69 68.33
N ALA F 133 -8.80 -60.55 68.08
CA ALA F 133 -8.87 -61.91 68.61
C ALA F 133 -8.79 -61.93 70.13
N GLU F 134 -8.06 -60.98 70.72
CA GLU F 134 -7.92 -60.90 72.16
C GLU F 134 -8.83 -59.87 72.80
N GLY F 135 -9.30 -58.88 72.04
CA GLY F 135 -10.21 -57.88 72.56
C GLY F 135 -9.56 -56.60 73.04
N PHE F 136 -8.37 -56.27 72.56
CA PHE F 136 -7.66 -55.05 72.96
C PHE F 136 -7.42 -54.16 71.76
N MET F 137 -7.38 -52.86 72.01
CA MET F 137 -6.97 -51.87 71.02
C MET F 137 -5.84 -51.04 71.61
N TYR F 138 -4.78 -50.83 70.84
CA TYR F 138 -3.59 -50.12 71.28
C TYR F 138 -3.45 -48.84 70.47
N TRP F 139 -3.03 -47.77 71.14
CA TRP F 139 -2.79 -46.50 70.44
C TRP F 139 -1.73 -45.71 71.18
N THR F 140 -1.22 -44.68 70.51
CA THR F 140 -0.17 -43.83 71.04
C THR F 140 -0.70 -42.42 71.31
N GLU F 141 0.00 -41.71 72.20
CA GLU F 141 -0.30 -40.33 72.51
C GLU F 141 1.00 -39.54 72.60
N TRP F 142 0.93 -38.27 72.20
CA TRP F 142 2.03 -37.33 72.36
C TRP F 142 1.57 -36.24 73.35
N GLY F 143 1.67 -34.97 73.02
CA GLY F 143 1.12 -33.93 73.87
C GLY F 143 1.91 -33.78 75.16
N GLY F 144 1.19 -33.73 76.28
CA GLY F 144 1.81 -33.56 77.58
C GLY F 144 2.76 -34.67 77.97
N LYS F 145 2.22 -35.86 78.22
CA LYS F 145 3.03 -37.02 78.56
C LYS F 145 2.91 -38.07 77.45
N PRO F 146 3.94 -38.25 76.62
CA PRO F 146 3.87 -39.30 75.59
C PRO F 146 3.78 -40.67 76.23
N LYS F 147 2.83 -41.46 75.75
CA LYS F 147 2.58 -42.78 76.31
C LYS F 147 1.75 -43.60 75.34
N ILE F 148 1.83 -44.92 75.50
CA ILE F 148 1.04 -45.87 74.72
C ILE F 148 0.02 -46.50 75.65
N ASP F 149 -1.26 -46.39 75.29
CA ASP F 149 -2.35 -46.85 76.14
C ASP F 149 -2.96 -48.13 75.61
N ARG F 150 -3.63 -48.84 76.53
CA ARG F 150 -4.38 -50.04 76.21
C ARG F 150 -5.83 -49.86 76.63
N ALA F 151 -6.74 -50.47 75.87
CA ALA F 151 -8.15 -50.48 76.23
C ALA F 151 -8.83 -51.60 75.48
N ALA F 152 -9.98 -52.01 76.00
CA ALA F 152 -10.84 -52.91 75.27
C ALA F 152 -11.42 -52.22 74.04
N MET F 153 -11.84 -53.02 73.06
CA MET F 153 -12.34 -52.48 71.80
C MET F 153 -13.77 -51.96 71.91
N ASP F 154 -14.23 -51.60 73.11
CA ASP F 154 -15.47 -50.88 73.29
C ASP F 154 -15.28 -49.56 74.03
N GLY F 155 -14.05 -49.24 74.44
CA GLY F 155 -13.75 -47.98 75.10
C GLY F 155 -13.47 -48.11 76.59
N SER F 156 -13.88 -49.21 77.21
CA SER F 156 -13.76 -49.37 78.65
C SER F 156 -12.35 -49.80 79.04
N GLU F 157 -12.13 -49.91 80.35
CA GLU F 157 -10.88 -50.37 80.96
C GLU F 157 -9.64 -49.79 80.28
N ARG F 158 -9.65 -48.47 80.11
CA ARG F 158 -8.51 -47.76 79.55
C ARG F 158 -7.41 -47.65 80.60
N THR F 159 -6.22 -48.14 80.26
CA THR F 159 -5.07 -48.06 81.15
C THR F 159 -3.85 -47.55 80.38
N THR F 160 -2.86 -47.08 81.13
CA THR F 160 -1.57 -46.70 80.57
C THR F 160 -0.68 -47.93 80.55
N LEU F 161 -0.30 -48.37 79.36
CA LEU F 161 0.46 -49.61 79.22
C LEU F 161 1.97 -49.36 79.33
N VAL F 162 2.47 -48.33 78.66
CA VAL F 162 3.88 -47.94 78.76
C VAL F 162 3.95 -46.45 79.07
N PRO F 163 4.40 -46.06 80.25
CA PRO F 163 4.36 -44.63 80.62
C PRO F 163 5.54 -43.81 80.10
N ASN F 164 6.75 -44.38 80.15
CA ASN F 164 7.98 -43.61 79.93
C ASN F 164 8.51 -43.88 78.52
N VAL F 165 7.97 -43.16 77.55
CA VAL F 165 8.44 -43.20 76.17
C VAL F 165 8.40 -41.79 75.60
N GLY F 166 9.11 -41.62 74.49
CA GLY F 166 8.98 -40.42 73.69
C GLY F 166 7.75 -40.50 72.80
N ARG F 167 7.70 -39.57 71.85
CA ARG F 167 6.59 -39.53 70.89
C ARG F 167 6.68 -40.72 69.95
N ALA F 168 5.76 -41.66 70.09
CA ALA F 168 5.76 -42.91 69.34
C ALA F 168 4.77 -42.87 68.18
N ASN F 169 5.02 -43.73 67.20
CA ASN F 169 4.18 -43.80 66.00
C ASN F 169 4.41 -45.16 65.35
N GLY F 170 3.56 -45.47 64.37
CA GLY F 170 3.67 -46.71 63.62
C GLY F 170 3.45 -47.96 64.45
N LEU F 171 2.40 -47.95 65.26
CA LEU F 171 2.13 -49.06 66.17
C LEU F 171 1.58 -50.25 65.40
N THR F 172 2.29 -51.39 65.49
CA THR F 172 1.94 -52.58 64.74
C THR F 172 2.07 -53.80 65.64
N ILE F 173 1.14 -54.75 65.49
CA ILE F 173 1.09 -55.96 66.31
C ILE F 173 1.56 -57.14 65.48
N ASP F 174 2.49 -57.92 66.03
CA ASP F 174 2.87 -59.21 65.47
C ASP F 174 2.00 -60.28 66.12
N TYR F 175 0.95 -60.69 65.41
CA TYR F 175 -0.05 -61.58 65.99
C TYR F 175 0.45 -63.00 66.21
N ALA F 176 1.61 -63.36 65.65
CA ALA F 176 2.14 -64.71 65.79
C ALA F 176 3.05 -64.85 67.01
N LYS F 177 3.93 -63.88 67.25
CA LYS F 177 4.86 -63.92 68.36
C LYS F 177 4.36 -63.19 69.60
N ARG F 178 3.14 -62.64 69.55
CA ARG F 178 2.51 -61.97 70.68
C ARG F 178 3.37 -60.81 71.19
N ARG F 179 3.75 -59.92 70.27
CA ARG F 179 4.61 -58.78 70.60
C ARG F 179 4.07 -57.54 69.92
N LEU F 180 4.42 -56.39 70.47
CA LEU F 180 3.98 -55.09 69.97
C LEU F 180 5.20 -54.23 69.64
N TYR F 181 5.25 -53.74 68.40
CA TYR F 181 6.34 -52.90 67.93
C TYR F 181 5.86 -51.46 67.76
N TRP F 182 6.79 -50.52 67.95
CA TRP F 182 6.52 -49.11 67.67
C TRP F 182 7.84 -48.40 67.45
N THR F 183 7.76 -47.22 66.85
CA THR F 183 8.90 -46.35 66.64
C THR F 183 8.91 -45.25 67.69
N ASP F 184 10.08 -44.63 67.85
CA ASP F 184 10.25 -43.50 68.76
C ASP F 184 11.00 -42.40 68.03
N LEU F 185 10.39 -41.22 67.93
CA LEU F 185 10.96 -40.12 67.18
C LEU F 185 11.85 -39.21 68.01
N ASP F 186 11.74 -39.28 69.34
CA ASP F 186 12.58 -38.45 70.21
C ASP F 186 13.88 -39.15 70.58
N THR F 187 13.80 -40.42 70.98
CA THR F 187 15.00 -41.18 71.31
C THR F 187 15.66 -41.80 70.09
N ASN F 188 15.01 -41.74 68.92
CA ASN F 188 15.60 -42.14 67.64
C ASN F 188 15.96 -43.63 67.63
N LEU F 189 14.89 -44.45 67.67
CA LEU F 189 15.06 -45.90 67.69
C LEU F 189 13.72 -46.55 67.40
N ILE F 190 13.78 -47.85 67.11
CA ILE F 190 12.61 -48.71 67.00
C ILE F 190 12.76 -49.81 68.05
N GLU F 191 11.71 -50.03 68.83
CA GLU F 191 11.78 -50.94 69.96
C GLU F 191 10.51 -51.78 70.01
N SER F 192 10.57 -52.85 70.81
CA SER F 192 9.51 -53.84 70.91
C SER F 192 9.09 -54.00 72.37
N SER F 193 8.02 -54.79 72.56
CA SER F 193 7.54 -55.17 73.89
C SER F 193 6.52 -56.29 73.71
N ASN F 194 6.23 -56.97 74.80
CA ASN F 194 5.16 -57.97 74.79
C ASN F 194 3.80 -57.28 74.77
N MET F 195 2.75 -58.09 74.74
CA MET F 195 1.38 -57.56 74.64
C MET F 195 0.92 -56.83 75.90
N LEU F 196 1.79 -56.59 76.89
CA LEU F 196 1.40 -55.91 78.13
C LEU F 196 2.36 -54.81 78.51
N GLY F 197 3.19 -54.35 77.58
CA GLY F 197 4.04 -53.20 77.82
C GLY F 197 5.36 -53.48 78.51
N LEU F 198 5.77 -54.74 78.61
CA LEU F 198 6.98 -55.11 79.30
C LEU F 198 7.93 -55.81 78.34
N ASN F 199 9.08 -56.25 78.87
CA ASN F 199 10.11 -56.92 78.08
C ASN F 199 10.49 -56.08 76.86
N ARG F 200 10.75 -54.80 77.12
CA ARG F 200 11.11 -53.86 76.07
C ARG F 200 12.57 -54.07 75.67
N GLU F 201 12.83 -54.06 74.37
CA GLU F 201 14.19 -54.17 73.84
C GLU F 201 14.27 -53.42 72.51
N VAL F 202 15.38 -52.73 72.30
CA VAL F 202 15.59 -51.93 71.09
C VAL F 202 16.14 -52.83 69.99
N ILE F 203 15.55 -52.74 68.81
CA ILE F 203 15.97 -53.56 67.67
C ILE F 203 17.01 -52.84 66.82
N ALA F 204 16.74 -51.58 66.48
CA ALA F 204 17.67 -50.78 65.67
C ALA F 204 17.69 -49.36 66.19
N ASP F 205 18.85 -48.72 66.08
CA ASP F 205 19.05 -47.37 66.59
C ASP F 205 19.62 -46.49 65.48
N ASP F 206 19.85 -45.22 65.83
CA ASP F 206 20.42 -44.22 64.92
C ASP F 206 19.54 -44.05 63.67
N LEU F 207 18.23 -44.16 63.85
CA LEU F 207 17.29 -43.72 62.83
C LEU F 207 16.76 -42.36 63.28
N PRO F 208 17.19 -41.26 62.67
CA PRO F 208 16.84 -39.93 63.21
C PRO F 208 15.35 -39.65 63.23
N HIS F 209 14.53 -40.36 62.44
CA HIS F 209 13.11 -40.10 62.42
C HIS F 209 12.36 -41.24 61.73
N PRO F 210 12.24 -42.42 62.36
CA PRO F 210 11.47 -43.52 61.76
C PRO F 210 9.97 -43.29 61.94
N PHE F 211 9.31 -42.90 60.85
CA PHE F 211 7.91 -42.50 60.94
C PHE F 211 6.96 -43.68 60.82
N GLY F 212 7.12 -44.50 59.77
CA GLY F 212 6.27 -45.64 59.54
C GLY F 212 6.90 -46.94 60.01
N LEU F 213 6.04 -47.93 60.25
CA LEU F 213 6.52 -49.24 60.69
C LEU F 213 5.45 -50.29 60.39
N THR F 214 5.88 -51.44 59.90
CA THR F 214 5.02 -52.60 59.71
C THR F 214 5.88 -53.86 59.77
N GLN F 215 5.22 -55.00 59.88
CA GLN F 215 5.92 -56.27 60.11
C GLN F 215 5.27 -57.38 59.30
N TYR F 216 6.10 -58.30 58.81
CA TYR F 216 5.60 -59.45 58.05
C TYR F 216 6.64 -60.54 58.11
N GLN F 217 6.26 -61.70 58.64
CA GLN F 217 7.13 -62.89 58.77
C GLN F 217 8.36 -62.48 59.59
N ASP F 218 9.58 -62.68 59.09
CA ASP F 218 10.80 -62.44 59.84
C ASP F 218 11.30 -61.01 59.71
N TYR F 219 10.60 -60.14 58.99
CA TYR F 219 11.12 -58.83 58.61
C TYR F 219 10.18 -57.73 59.09
N ILE F 220 10.77 -56.64 59.57
CA ILE F 220 10.06 -55.40 59.83
C ILE F 220 10.42 -54.40 58.74
N TYR F 221 9.45 -53.60 58.34
CA TYR F 221 9.65 -52.56 57.34
C TYR F 221 9.42 -51.19 57.99
N TRP F 222 10.24 -50.22 57.60
CA TRP F 222 10.09 -48.87 58.12
C TRP F 222 10.51 -47.87 57.05
N THR F 223 10.15 -46.61 57.28
CA THR F 223 10.58 -45.51 56.44
C THR F 223 11.21 -44.43 57.32
N ASP F 224 12.41 -44.00 56.95
CA ASP F 224 13.12 -42.94 57.64
C ASP F 224 13.24 -41.75 56.70
N TRP F 225 12.71 -40.61 57.11
CA TRP F 225 12.67 -39.45 56.23
C TRP F 225 14.05 -38.88 55.95
N SER F 226 15.04 -39.16 56.82
CA SER F 226 16.41 -38.74 56.54
C SER F 226 16.98 -39.50 55.34
N ARG F 227 16.88 -40.83 55.36
CA ARG F 227 17.44 -41.66 54.31
C ARG F 227 16.58 -41.72 53.06
N ARG F 228 15.31 -41.28 53.14
CA ARG F 228 14.42 -41.17 51.98
C ARG F 228 14.24 -42.52 51.27
N SER F 229 14.12 -43.58 52.05
CA SER F 229 14.02 -44.92 51.46
C SER F 229 13.16 -45.80 52.36
N ILE F 230 12.78 -46.95 51.81
CA ILE F 230 12.00 -47.96 52.50
C ILE F 230 12.92 -49.18 52.66
N GLU F 231 13.12 -49.62 53.90
CA GLU F 231 14.16 -50.59 54.20
C GLU F 231 13.59 -51.80 54.91
N ARG F 232 14.34 -52.90 54.85
CA ARG F 232 13.99 -54.17 55.44
C ARG F 232 15.11 -54.64 56.35
N ALA F 233 14.74 -55.31 57.44
CA ALA F 233 15.72 -55.85 58.37
C ALA F 233 15.08 -56.98 59.17
N ASN F 234 15.94 -57.75 59.83
CA ASN F 234 15.50 -58.80 60.73
C ASN F 234 14.69 -58.21 61.87
N LYS F 235 13.57 -58.85 62.20
CA LYS F 235 12.62 -58.27 63.15
C LYS F 235 13.15 -58.28 64.58
N THR F 236 14.04 -59.22 64.91
CA THR F 236 14.52 -59.37 66.29
C THR F 236 15.94 -58.87 66.50
N SER F 237 16.81 -58.98 65.50
CA SER F 237 18.22 -58.62 65.64
C SER F 237 18.60 -57.33 64.93
N GLY F 238 18.13 -57.12 63.70
CA GLY F 238 18.55 -55.98 62.91
C GLY F 238 19.58 -56.27 61.85
N GLN F 239 19.86 -57.54 61.58
CA GLN F 239 20.77 -57.92 60.49
C GLN F 239 20.03 -57.83 59.16
N ASN F 240 20.68 -58.32 58.10
CA ASN F 240 20.08 -58.52 56.79
C ASN F 240 19.34 -57.26 56.32
N ARG F 241 20.02 -56.13 56.42
CA ARG F 241 19.41 -54.83 56.18
C ARG F 241 19.54 -54.47 54.71
N THR F 242 18.41 -54.40 54.01
CA THR F 242 18.37 -54.10 52.58
C THR F 242 17.39 -52.97 52.31
N ILE F 243 17.63 -52.27 51.19
CA ILE F 243 16.77 -51.19 50.74
C ILE F 243 15.78 -51.76 49.73
N ILE F 244 14.48 -51.54 49.97
CA ILE F 244 13.47 -52.04 49.06
C ILE F 244 13.24 -51.08 47.91
N GLN F 245 13.14 -49.78 48.21
CA GLN F 245 12.96 -48.77 47.18
C GLN F 245 13.38 -47.41 47.73
N GLY F 246 14.33 -46.76 47.07
CA GLY F 246 14.79 -45.45 47.46
C GLY F 246 14.07 -44.35 46.72
N HIS F 247 14.53 -43.11 46.95
CA HIS F 247 13.98 -41.92 46.32
C HIS F 247 12.48 -41.77 46.61
N LEU F 248 12.05 -42.24 47.77
CA LEU F 248 10.66 -42.10 48.23
C LEU F 248 10.71 -41.27 49.51
N ASP F 249 10.49 -39.97 49.38
CA ASP F 249 10.56 -39.07 50.51
C ASP F 249 9.20 -38.92 51.18
N TYR F 250 9.18 -39.02 52.50
CA TYR F 250 8.01 -38.67 53.32
C TYR F 250 6.83 -39.59 53.06
N VAL F 251 6.98 -40.86 53.43
CA VAL F 251 5.87 -41.80 53.42
C VAL F 251 5.04 -41.60 54.68
N MET F 252 3.73 -41.47 54.51
CA MET F 252 2.86 -41.17 55.65
C MET F 252 2.48 -42.42 56.43
N ASP F 253 2.40 -43.58 55.77
CA ASP F 253 2.11 -44.82 56.45
C ASP F 253 2.48 -45.98 55.54
N ILE F 254 2.84 -47.11 56.15
CA ILE F 254 3.20 -48.32 55.40
C ILE F 254 2.39 -49.47 55.96
N LEU F 255 2.15 -50.47 55.11
CA LEU F 255 1.24 -51.55 55.46
C LEU F 255 1.60 -52.78 54.65
N VAL F 256 1.69 -53.93 55.31
CA VAL F 256 1.85 -55.20 54.62
C VAL F 256 0.48 -55.70 54.18
N PHE F 257 0.33 -55.96 52.89
CA PHE F 257 -0.94 -56.35 52.31
C PHE F 257 -0.91 -57.86 52.07
N HIS F 258 -1.46 -58.62 53.01
CA HIS F 258 -1.49 -60.07 52.91
C HIS F 258 -2.60 -60.61 53.80
N SER F 259 -3.01 -61.85 53.53
CA SER F 259 -4.14 -62.46 54.20
C SER F 259 -3.80 -63.07 55.56
N SER F 260 -2.52 -63.22 55.88
CA SER F 260 -2.11 -63.73 57.18
C SER F 260 -1.98 -62.64 58.24
N ARG F 261 -1.96 -61.37 57.83
CA ARG F 261 -1.97 -60.25 58.77
C ARG F 261 -3.33 -60.05 59.42
N GLN F 262 -4.39 -60.67 58.89
CA GLN F 262 -5.75 -60.51 59.41
C GLN F 262 -6.40 -61.89 59.51
N SER F 263 -5.94 -62.68 60.47
CA SER F 263 -6.44 -64.01 60.73
C SER F 263 -7.16 -64.04 62.09
N GLY F 264 -7.29 -65.24 62.67
CA GLY F 264 -7.94 -65.38 63.95
C GLY F 264 -9.46 -65.45 63.82
N TRP F 265 -10.14 -65.25 64.94
CA TRP F 265 -11.59 -65.34 65.01
C TRP F 265 -12.06 -64.73 66.32
N ASN F 266 -13.35 -64.44 66.37
CA ASN F 266 -14.00 -64.04 67.61
C ASN F 266 -15.48 -64.42 67.53
N GLU F 267 -16.22 -64.11 68.59
CA GLU F 267 -17.61 -64.55 68.70
C GLU F 267 -18.59 -63.68 67.91
N CYS F 268 -18.14 -62.55 67.36
CA CYS F 268 -19.00 -61.81 66.43
C CYS F 268 -19.37 -62.68 65.24
N ALA F 269 -18.41 -63.43 64.72
CA ALA F 269 -18.61 -64.42 63.65
C ALA F 269 -19.21 -63.72 62.43
N SER F 270 -20.06 -64.42 61.69
CA SER F 270 -20.72 -63.87 60.51
C SER F 270 -22.15 -63.41 60.79
N SER F 271 -22.61 -63.54 62.03
CA SER F 271 -23.95 -63.09 62.42
C SER F 271 -23.91 -61.80 63.24
N ASN F 272 -22.78 -61.11 63.23
CA ASN F 272 -22.60 -59.84 63.93
C ASN F 272 -22.81 -59.98 65.44
N GLY F 273 -22.62 -61.19 65.98
CA GLY F 273 -22.97 -61.44 67.37
C GLY F 273 -24.43 -61.28 67.68
N HIS F 274 -25.28 -61.27 66.66
CA HIS F 274 -26.72 -61.00 66.79
C HIS F 274 -26.97 -59.68 67.51
N CYS F 275 -26.08 -58.71 67.30
CA CYS F 275 -26.30 -57.35 67.75
C CYS F 275 -27.07 -56.58 66.68
N SER F 276 -27.87 -55.62 67.12
CA SER F 276 -28.65 -54.82 66.19
C SER F 276 -27.75 -53.85 65.41
N HIS F 277 -26.68 -53.36 66.03
CA HIS F 277 -25.83 -52.36 65.40
C HIS F 277 -24.37 -52.80 65.32
N LEU F 278 -23.63 -52.65 66.42
CA LEU F 278 -22.20 -52.84 66.45
C LEU F 278 -21.82 -54.03 67.32
N CYS F 279 -20.84 -54.82 66.86
CA CYS F 279 -20.25 -55.90 67.64
C CYS F 279 -18.84 -55.50 68.03
N LEU F 280 -18.63 -55.21 69.31
CA LEU F 280 -17.36 -54.74 69.82
C LEU F 280 -16.75 -55.79 70.75
N ALA F 281 -15.50 -56.17 70.47
CA ALA F 281 -14.80 -57.13 71.30
C ALA F 281 -14.33 -56.48 72.59
N VAL F 282 -14.29 -57.26 73.66
CA VAL F 282 -13.85 -56.74 74.96
C VAL F 282 -12.91 -57.71 75.66
N PRO F 283 -13.38 -58.86 76.24
CA PRO F 283 -12.44 -59.74 76.96
C PRO F 283 -11.89 -60.88 76.12
N VAL F 284 -11.69 -62.03 76.77
CA VAL F 284 -11.20 -63.24 76.13
C VAL F 284 -12.23 -63.68 75.11
N GLY F 285 -11.96 -63.46 73.81
CA GLY F 285 -12.89 -63.79 72.74
C GLY F 285 -14.34 -63.44 73.03
N GLY F 286 -14.55 -62.39 73.82
CA GLY F 286 -15.85 -61.92 74.19
C GLY F 286 -16.30 -60.71 73.37
N PHE F 287 -17.56 -60.33 73.55
CA PHE F 287 -18.13 -59.22 72.80
C PHE F 287 -19.23 -58.56 73.61
N VAL F 288 -19.57 -57.34 73.19
CA VAL F 288 -20.73 -56.60 73.67
C VAL F 288 -21.36 -55.92 72.47
N CYS F 289 -22.63 -55.58 72.60
CA CYS F 289 -23.33 -54.87 71.53
C CYS F 289 -23.20 -53.37 71.74
N GLY F 290 -22.63 -52.68 70.76
CA GLY F 290 -22.44 -51.26 70.83
C GLY F 290 -23.56 -50.50 70.14
N CYS F 291 -23.68 -49.22 70.47
CA CYS F 291 -24.73 -48.39 69.93
C CYS F 291 -24.14 -47.11 69.35
N PRO F 292 -24.75 -46.56 68.31
CA PRO F 292 -24.32 -45.26 67.77
C PRO F 292 -24.33 -44.17 68.83
N ALA F 293 -23.73 -43.03 68.47
CA ALA F 293 -23.64 -41.91 69.39
C ALA F 293 -25.04 -41.49 69.85
N HIS F 294 -25.19 -41.36 71.16
CA HIS F 294 -26.40 -40.92 71.87
C HIS F 294 -27.44 -42.02 71.94
N TYR F 295 -27.12 -43.25 71.58
CA TYR F 295 -27.99 -44.39 71.81
C TYR F 295 -27.52 -45.14 73.04
N SER F 296 -28.45 -45.81 73.71
CA SER F 296 -28.13 -46.62 74.89
C SER F 296 -28.54 -48.06 74.63
N LEU F 297 -27.78 -48.99 75.22
CA LEU F 297 -28.05 -50.41 75.06
C LEU F 297 -29.22 -50.80 75.96
N ASN F 298 -30.19 -51.52 75.39
CA ASN F 298 -31.47 -51.76 76.05
C ASN F 298 -31.32 -52.76 77.20
N ALA F 299 -32.46 -53.22 77.72
CA ALA F 299 -32.45 -54.09 78.90
C ALA F 299 -31.98 -55.50 78.53
N ASP F 300 -32.40 -56.01 77.38
CA ASP F 300 -31.92 -57.31 76.93
C ASP F 300 -30.42 -57.29 76.65
N ASN F 301 -29.82 -56.09 76.59
CA ASN F 301 -28.38 -55.92 76.39
C ASN F 301 -27.94 -56.59 75.09
N ARG F 302 -28.79 -56.44 74.06
CA ARG F 302 -28.48 -56.80 72.67
C ARG F 302 -29.02 -55.82 71.65
N THR F 303 -29.96 -54.95 72.01
CA THR F 303 -30.60 -54.01 71.11
C THR F 303 -30.33 -52.56 71.53
N CYS F 304 -30.40 -51.65 70.56
CA CYS F 304 -30.18 -50.24 70.81
C CYS F 304 -31.46 -49.45 70.55
N SER F 305 -31.55 -48.28 71.19
CA SER F 305 -32.69 -47.38 71.04
C SER F 305 -32.20 -45.95 70.89
N ALA F 306 -32.85 -45.21 70.00
CA ALA F 306 -32.50 -43.81 69.76
C ALA F 306 -32.90 -42.93 70.95
N PRO F 307 -32.25 -41.77 71.10
CA PRO F 307 -32.62 -40.88 72.21
C PRO F 307 -33.97 -40.22 71.96
N THR F 308 -34.86 -40.31 72.96
CA THR F 308 -36.19 -39.75 72.82
C THR F 308 -36.22 -38.25 73.11
N THR F 309 -35.30 -37.76 73.94
CA THR F 309 -35.21 -36.34 74.26
C THR F 309 -33.78 -35.87 74.04
N PHE F 310 -33.64 -34.67 73.49
CA PHE F 310 -32.36 -34.15 73.04
C PHE F 310 -32.56 -32.70 72.62
N LEU F 311 -31.46 -32.03 72.31
CA LEU F 311 -31.49 -30.64 71.86
C LEU F 311 -30.70 -30.50 70.56
N LEU F 312 -31.24 -29.68 69.67
CA LEU F 312 -30.63 -29.41 68.37
C LEU F 312 -30.24 -27.95 68.29
N PHE F 313 -28.95 -27.69 68.06
CA PHE F 313 -28.45 -26.34 67.85
C PHE F 313 -27.64 -26.34 66.55
N SER F 314 -27.89 -25.35 65.70
CA SER F 314 -27.33 -25.30 64.36
C SER F 314 -26.29 -24.20 64.24
N GLN F 315 -25.44 -24.35 63.22
CA GLN F 315 -24.45 -23.33 62.88
C GLN F 315 -24.74 -22.79 61.48
N LYS F 316 -23.76 -22.15 60.86
CA LYS F 316 -23.91 -21.71 59.48
C LYS F 316 -23.92 -22.88 58.51
N SER F 317 -22.99 -23.82 58.69
CA SER F 317 -22.82 -24.93 57.76
C SER F 317 -22.75 -26.28 58.50
N ALA F 318 -23.36 -26.36 59.68
CA ALA F 318 -23.32 -27.58 60.47
C ALA F 318 -24.47 -27.56 61.47
N ILE F 319 -25.24 -28.66 61.51
CA ILE F 319 -26.29 -28.84 62.50
C ILE F 319 -25.81 -29.89 63.49
N ASN F 320 -26.00 -29.63 64.78
CA ASN F 320 -25.44 -30.45 65.84
C ASN F 320 -26.55 -30.95 66.76
N ARG F 321 -26.16 -31.86 67.66
CA ARG F 321 -27.10 -32.52 68.56
C ARG F 321 -26.38 -32.90 69.84
N MET F 322 -26.96 -32.58 70.98
CA MET F 322 -26.42 -33.00 72.28
C MET F 322 -27.56 -33.39 73.19
N VAL F 323 -27.21 -34.10 74.27
CA VAL F 323 -28.16 -34.60 75.25
C VAL F 323 -27.62 -34.33 76.66
N ILE F 324 -28.50 -34.48 77.63
CA ILE F 324 -28.18 -34.38 79.06
C ILE F 324 -28.41 -35.77 79.64
N ASP F 325 -27.35 -36.47 80.00
CA ASP F 325 -27.47 -37.85 80.45
C ASP F 325 -26.40 -38.13 81.51
N GLU F 326 -26.10 -39.42 81.72
CA GLU F 326 -25.19 -39.85 82.77
C GLU F 326 -23.72 -39.60 82.44
N GLN F 327 -23.21 -40.22 81.36
CA GLN F 327 -21.83 -39.99 80.96
C GLN F 327 -21.58 -38.58 80.44
N GLN F 328 -22.64 -37.83 80.16
CA GLN F 328 -22.55 -36.48 79.59
C GLN F 328 -21.74 -36.52 78.28
N SER F 329 -22.24 -37.34 77.36
CA SER F 329 -21.58 -37.64 76.10
C SER F 329 -21.31 -36.36 75.28
N PRO F 330 -20.24 -36.34 74.50
CA PRO F 330 -19.98 -35.18 73.64
C PRO F 330 -20.97 -35.10 72.49
N ASP F 331 -21.22 -33.87 72.04
CA ASP F 331 -22.11 -33.64 70.92
C ASP F 331 -21.49 -34.10 69.60
N ILE F 332 -22.36 -34.40 68.63
CA ILE F 332 -21.93 -34.83 67.31
C ILE F 332 -22.63 -33.98 66.27
N ILE F 333 -22.02 -33.93 65.09
CA ILE F 333 -22.62 -33.26 63.93
C ILE F 333 -23.51 -34.26 63.21
N LEU F 334 -24.68 -33.80 62.77
CA LEU F 334 -25.58 -34.65 62.01
C LEU F 334 -25.13 -34.70 60.56
N PRO F 335 -24.90 -35.89 60.00
CA PRO F 335 -24.39 -35.98 58.62
C PRO F 335 -25.41 -35.57 57.58
N ILE F 336 -25.72 -34.28 57.51
CA ILE F 336 -26.65 -33.74 56.53
C ILE F 336 -25.85 -33.01 55.47
N HIS F 337 -26.02 -33.41 54.21
CA HIS F 337 -25.24 -32.86 53.12
C HIS F 337 -25.80 -31.52 52.66
N SER F 338 -24.96 -30.78 51.92
CA SER F 338 -25.34 -29.55 51.24
C SER F 338 -25.78 -28.45 52.21
N LEU F 339 -25.33 -28.51 53.45
CA LEU F 339 -25.59 -27.40 54.37
C LEU F 339 -24.82 -26.18 53.93
N ARG F 340 -25.49 -25.04 53.85
CA ARG F 340 -24.93 -23.86 53.23
C ARG F 340 -25.01 -22.64 54.14
N ASN F 341 -26.23 -22.29 54.56
CA ASN F 341 -26.45 -21.14 55.45
C ASN F 341 -27.75 -21.36 56.21
N VAL F 342 -27.69 -22.19 57.26
CA VAL F 342 -28.89 -22.49 58.03
C VAL F 342 -29.31 -21.26 58.81
N ARG F 343 -30.57 -20.86 58.62
CA ARG F 343 -31.10 -19.64 59.23
C ARG F 343 -31.93 -19.92 60.47
N ALA F 344 -32.78 -20.94 60.43
CA ALA F 344 -33.57 -21.36 61.57
C ALA F 344 -33.82 -22.87 61.46
N ILE F 345 -34.17 -23.49 62.58
CA ILE F 345 -34.38 -24.93 62.62
C ILE F 345 -35.67 -25.24 63.34
N ASP F 346 -36.22 -26.42 63.02
CA ASP F 346 -37.39 -26.97 63.71
C ASP F 346 -37.40 -28.47 63.43
N TYR F 347 -38.05 -29.21 64.32
CA TYR F 347 -37.98 -30.67 64.31
C TYR F 347 -39.38 -31.26 64.43
N ASP F 348 -39.64 -32.28 63.60
CA ASP F 348 -40.91 -33.00 63.65
C ASP F 348 -40.73 -34.23 64.52
N PRO F 349 -41.37 -34.31 65.69
CA PRO F 349 -41.19 -35.47 66.56
C PRO F 349 -41.93 -36.73 66.11
N LEU F 350 -42.76 -36.65 65.07
CA LEU F 350 -43.53 -37.81 64.63
C LEU F 350 -42.76 -38.64 63.61
N ASP F 351 -42.34 -38.02 62.51
CA ASP F 351 -41.59 -38.71 61.46
C ASP F 351 -40.08 -38.63 61.68
N LYS F 352 -39.62 -37.95 62.73
CA LYS F 352 -38.21 -37.90 63.11
C LYS F 352 -37.35 -37.30 62.00
N GLN F 353 -37.82 -36.18 61.44
CA GLN F 353 -37.10 -35.46 60.40
C GLN F 353 -36.83 -34.03 60.87
N LEU F 354 -35.66 -33.52 60.50
CA LEU F 354 -35.20 -32.20 60.91
C LEU F 354 -35.39 -31.22 59.76
N TYR F 355 -36.02 -30.08 60.05
CA TYR F 355 -36.29 -29.06 59.06
C TYR F 355 -35.42 -27.84 59.34
N TRP F 356 -35.10 -27.09 58.28
CA TRP F 356 -34.30 -25.88 58.45
C TRP F 356 -34.52 -24.97 57.24
N ILE F 357 -34.14 -23.71 57.43
CA ILE F 357 -34.18 -22.71 56.36
C ILE F 357 -32.75 -22.38 55.95
N ASP F 358 -32.48 -22.49 54.67
CA ASP F 358 -31.17 -22.14 54.10
C ASP F 358 -31.30 -20.81 53.39
N SER F 359 -30.76 -19.76 54.01
CA SER F 359 -30.97 -18.39 53.53
C SER F 359 -30.08 -18.05 52.34
N ARG F 360 -29.10 -18.89 51.99
CA ARG F 360 -28.31 -18.65 50.79
C ARG F 360 -29.08 -19.01 49.52
N GLN F 361 -29.81 -20.12 49.55
CA GLN F 361 -30.61 -20.55 48.42
C GLN F 361 -32.10 -20.36 48.63
N ASN F 362 -32.52 -19.82 49.78
CA ASN F 362 -33.92 -19.46 50.05
C ASN F 362 -34.84 -20.67 49.84
N MET F 363 -34.54 -21.73 50.60
CA MET F 363 -35.28 -22.98 50.51
C MET F 363 -35.53 -23.54 51.90
N ILE F 364 -36.70 -24.13 52.10
CA ILE F 364 -37.00 -24.91 53.29
C ILE F 364 -36.82 -26.38 52.95
N ARG F 365 -35.87 -27.02 53.63
CA ARG F 365 -35.49 -28.40 53.34
C ARG F 365 -35.70 -29.26 54.57
N LYS F 366 -35.89 -30.55 54.36
CA LYS F 366 -36.08 -31.50 55.44
C LYS F 366 -35.24 -32.75 55.17
N ALA F 367 -34.84 -33.42 56.25
CA ALA F 367 -34.01 -34.61 56.16
C ALA F 367 -34.01 -35.32 57.50
N GLN F 368 -33.71 -36.61 57.46
CA GLN F 368 -33.54 -37.41 58.67
C GLN F 368 -32.31 -36.94 59.46
N GLU F 369 -32.21 -37.45 60.68
CA GLU F 369 -31.08 -37.12 61.53
C GLU F 369 -29.77 -37.69 60.97
N ASP F 370 -29.83 -38.87 60.36
CA ASP F 370 -28.64 -39.56 59.86
C ASP F 370 -28.29 -39.17 58.43
N GLY F 371 -29.09 -38.35 57.77
CA GLY F 371 -28.76 -37.79 56.46
C GLY F 371 -29.70 -38.20 55.34
N SER F 372 -30.31 -39.38 55.47
CA SER F 372 -31.19 -39.88 54.42
C SER F 372 -32.50 -39.10 54.38
N GLN F 373 -33.29 -39.37 53.34
CA GLN F 373 -34.64 -38.83 53.18
C GLN F 373 -34.64 -37.30 53.08
N GLY F 374 -33.74 -36.78 52.25
CA GLY F 374 -33.68 -35.34 52.02
C GLY F 374 -34.76 -34.89 51.05
N PHE F 375 -35.42 -33.79 51.40
CA PHE F 375 -36.54 -33.28 50.61
C PHE F 375 -36.66 -31.77 50.81
N THR F 376 -36.90 -31.06 49.71
CA THR F 376 -37.14 -29.63 49.72
C THR F 376 -38.64 -29.37 49.75
N VAL F 377 -39.11 -28.70 50.81
CA VAL F 377 -40.54 -28.46 50.96
C VAL F 377 -40.97 -27.23 50.16
N VAL F 378 -40.18 -26.16 50.20
CA VAL F 378 -40.50 -24.91 49.51
C VAL F 378 -39.26 -24.47 48.74
N VAL F 379 -39.46 -24.07 47.49
CA VAL F 379 -38.36 -23.59 46.66
C VAL F 379 -38.82 -22.47 45.73
N GLU F 388 -39.55 -16.31 44.24
CA GLU F 388 -38.75 -15.16 44.65
C GLU F 388 -39.11 -14.75 46.07
N ILE F 389 -38.77 -15.61 47.02
CA ILE F 389 -39.12 -15.46 48.42
C ILE F 389 -37.85 -15.60 49.26
N GLN F 390 -37.96 -15.23 50.54
CA GLN F 390 -36.86 -15.32 51.48
C GLN F 390 -37.39 -15.76 52.84
N PRO F 391 -37.44 -17.07 53.10
CA PRO F 391 -37.84 -17.53 54.43
C PRO F 391 -36.86 -17.06 55.50
N TYR F 392 -37.35 -16.99 56.73
CA TYR F 392 -36.58 -16.39 57.81
C TYR F 392 -36.65 -17.23 59.09
N ASP F 393 -37.85 -17.61 59.50
CA ASP F 393 -38.02 -18.51 60.64
C ASP F 393 -39.25 -19.37 60.38
N LEU F 394 -39.29 -20.53 61.03
CA LEU F 394 -40.34 -21.51 60.79
C LEU F 394 -40.80 -22.13 62.11
N SER F 395 -42.04 -22.60 62.11
CA SER F 395 -42.63 -23.30 63.25
C SER F 395 -43.67 -24.27 62.72
N ILE F 396 -43.57 -25.52 63.15
CA ILE F 396 -44.36 -26.62 62.59
C ILE F 396 -45.60 -26.83 63.43
N ASP F 397 -46.76 -26.95 62.78
CA ASP F 397 -47.95 -27.48 63.43
C ASP F 397 -47.86 -29.00 63.35
N ILE F 398 -47.25 -29.59 64.38
CA ILE F 398 -47.04 -31.03 64.41
C ILE F 398 -48.33 -31.82 64.54
N TYR F 399 -49.44 -31.15 64.83
CA TYR F 399 -50.70 -31.86 65.03
C TYR F 399 -51.42 -32.12 63.71
N SER F 400 -51.75 -31.06 62.98
CA SER F 400 -52.42 -31.19 61.69
C SER F 400 -51.43 -31.23 60.53
N ARG F 401 -50.13 -31.26 60.83
CA ARG F 401 -49.08 -31.63 59.88
C ARG F 401 -48.88 -30.60 58.78
N TYR F 402 -48.45 -29.39 59.14
CA TYR F 402 -48.14 -28.35 58.18
C TYR F 402 -47.38 -27.22 58.86
N ILE F 403 -46.60 -26.49 58.07
CA ILE F 403 -45.60 -25.54 58.57
C ILE F 403 -46.11 -24.13 58.37
N TYR F 404 -45.84 -23.26 59.35
CA TYR F 404 -45.93 -21.82 59.17
C TYR F 404 -44.52 -21.25 59.04
N TRP F 405 -44.26 -20.52 57.96
CA TRP F 405 -42.98 -19.88 57.76
C TRP F 405 -43.20 -18.48 57.21
N THR F 406 -42.33 -17.55 57.62
CA THR F 406 -42.47 -16.15 57.27
C THR F 406 -41.58 -15.80 56.08
N CYS F 407 -42.11 -14.98 55.18
CA CYS F 407 -41.40 -14.54 53.99
C CYS F 407 -40.93 -13.11 54.20
N GLU F 408 -39.62 -12.88 54.06
CA GLU F 408 -39.05 -11.56 54.23
C GLU F 408 -39.22 -10.69 52.99
N ALA F 409 -39.39 -11.31 51.81
CA ALA F 409 -39.50 -10.54 50.58
C ALA F 409 -40.91 -9.99 50.37
N THR F 410 -41.93 -10.77 50.73
CA THR F 410 -43.32 -10.36 50.51
C THR F 410 -44.06 -9.95 51.78
N ASN F 411 -43.45 -10.15 52.95
CA ASN F 411 -44.04 -9.73 54.23
C ASN F 411 -45.38 -10.42 54.48
N VAL F 412 -45.37 -11.75 54.43
CA VAL F 412 -46.55 -12.56 54.67
C VAL F 412 -46.21 -13.67 55.66
N ILE F 413 -47.21 -14.06 56.44
CA ILE F 413 -47.16 -15.30 57.22
C ILE F 413 -47.79 -16.39 56.34
N ASN F 414 -46.97 -17.35 55.91
CA ASN F 414 -47.40 -18.32 54.93
C ASN F 414 -47.42 -19.73 55.49
N VAL F 415 -48.21 -20.58 54.84
CA VAL F 415 -48.51 -21.93 55.29
C VAL F 415 -48.19 -22.92 54.17
N THR F 416 -47.58 -24.05 54.53
CA THR F 416 -47.32 -25.12 53.59
C THR F 416 -47.25 -26.43 54.35
N ARG F 417 -47.91 -27.47 53.82
CA ARG F 417 -47.89 -28.75 54.50
C ARG F 417 -46.51 -29.41 54.41
N LEU F 418 -46.36 -30.50 55.16
CA LEU F 418 -45.06 -31.15 55.27
C LEU F 418 -44.63 -31.77 53.94
N ASP F 419 -45.59 -32.11 53.07
CA ASP F 419 -45.27 -32.70 51.78
C ASP F 419 -44.95 -31.66 50.72
N GLY F 420 -45.11 -30.37 51.01
CA GLY F 420 -44.85 -29.32 50.06
C GLY F 420 -46.09 -28.74 49.40
N ARG F 421 -47.27 -29.33 49.65
CA ARG F 421 -48.51 -28.86 49.06
C ARG F 421 -48.96 -27.58 49.77
N SER F 422 -48.94 -26.47 49.03
CA SER F 422 -49.20 -25.17 49.63
C SER F 422 -50.63 -25.04 50.12
N VAL F 423 -50.81 -24.37 51.26
CA VAL F 423 -52.13 -24.14 51.82
C VAL F 423 -52.63 -22.75 51.44
N GLY F 424 -51.85 -21.72 51.76
CA GLY F 424 -52.21 -20.37 51.42
C GLY F 424 -51.55 -19.38 52.37
N VAL F 425 -52.03 -18.14 52.30
CA VAL F 425 -51.53 -17.05 53.13
C VAL F 425 -52.56 -16.76 54.22
N VAL F 426 -52.10 -16.63 55.46
CA VAL F 426 -52.98 -16.33 56.58
C VAL F 426 -52.81 -14.92 57.11
N LEU F 427 -51.69 -14.25 56.86
CA LEU F 427 -51.47 -12.90 57.37
C LEU F 427 -50.69 -12.10 56.34
N LYS F 428 -51.19 -10.91 56.01
CA LYS F 428 -50.51 -9.98 55.12
C LYS F 428 -50.98 -8.57 55.40
N GLY F 429 -50.04 -7.64 55.45
CA GLY F 429 -50.36 -6.24 55.63
C GLY F 429 -49.37 -5.38 54.88
N GLU F 430 -49.79 -4.15 54.56
CA GLU F 430 -48.91 -3.23 53.87
C GLU F 430 -47.80 -2.71 54.77
N GLN F 431 -48.05 -2.63 56.07
CA GLN F 431 -47.05 -2.20 57.03
C GLN F 431 -46.52 -3.32 57.91
N ASP F 432 -47.16 -4.49 57.91
CA ASP F 432 -46.76 -5.56 58.79
C ASP F 432 -45.45 -6.20 58.30
N ARG F 433 -44.60 -6.55 59.25
CA ARG F 433 -43.29 -7.15 58.96
C ARG F 433 -43.07 -8.36 59.87
N PRO F 434 -43.79 -9.45 59.63
CA PRO F 434 -43.63 -10.62 60.50
C PRO F 434 -42.29 -11.30 60.26
N ARG F 435 -41.65 -11.71 61.35
CA ARG F 435 -40.33 -12.34 61.27
C ARG F 435 -40.31 -13.66 62.02
N ALA F 436 -39.94 -13.63 63.30
CA ALA F 436 -39.97 -14.84 64.11
C ALA F 436 -41.41 -15.28 64.35
N VAL F 437 -41.64 -16.59 64.30
CA VAL F 437 -43.00 -17.12 64.43
C VAL F 437 -42.92 -18.47 65.14
N VAL F 438 -43.83 -18.66 66.09
CA VAL F 438 -43.99 -19.93 66.80
C VAL F 438 -45.48 -20.19 66.98
N VAL F 439 -45.91 -21.42 66.71
CA VAL F 439 -47.33 -21.77 66.73
C VAL F 439 -47.64 -22.47 68.05
N ASN F 440 -48.91 -22.38 68.45
CA ASN F 440 -49.39 -23.05 69.66
C ASN F 440 -50.73 -23.69 69.35
N PRO F 441 -50.73 -24.83 68.65
CA PRO F 441 -52.02 -25.48 68.32
C PRO F 441 -52.73 -26.07 69.51
N GLU F 442 -52.04 -26.28 70.64
CA GLU F 442 -52.72 -26.80 71.83
C GLU F 442 -53.78 -25.84 72.33
N LYS F 443 -53.59 -24.54 72.11
CA LYS F 443 -54.58 -23.54 72.48
C LYS F 443 -55.17 -22.81 71.29
N GLY F 444 -54.66 -23.03 70.07
CA GLY F 444 -55.22 -22.43 68.88
C GLY F 444 -54.67 -21.07 68.52
N TYR F 445 -53.49 -20.70 69.01
CA TYR F 445 -52.91 -19.39 68.75
C TYR F 445 -51.57 -19.54 68.05
N MET F 446 -51.17 -18.48 67.35
CA MET F 446 -49.85 -18.34 66.78
C MET F 446 -49.26 -17.01 67.22
N TYR F 447 -47.97 -17.01 67.55
CA TYR F 447 -47.27 -15.80 67.97
C TYR F 447 -46.22 -15.43 66.93
N PHE F 448 -46.02 -14.12 66.75
CA PHE F 448 -45.10 -13.64 65.74
C PHE F 448 -44.61 -12.24 66.13
N THR F 449 -43.34 -11.98 65.87
CA THR F 449 -42.77 -10.65 66.08
C THR F 449 -43.08 -9.77 64.88
N ASN F 450 -43.55 -8.55 65.15
CA ASN F 450 -43.93 -7.59 64.12
C ASN F 450 -42.95 -6.42 64.18
N LEU F 451 -41.91 -6.49 63.34
CA LEU F 451 -40.84 -5.50 63.35
C LEU F 451 -41.19 -4.29 62.48
N GLN F 452 -42.33 -3.68 62.79
CA GLN F 452 -42.66 -2.39 62.19
C GLN F 452 -41.68 -1.33 62.66
N GLU F 453 -41.37 -0.39 61.77
CA GLU F 453 -40.39 0.64 62.08
C GLU F 453 -40.93 1.57 63.16
N ARG F 454 -40.04 1.97 64.08
CA ARG F 454 -40.33 2.89 65.18
C ARG F 454 -41.47 2.42 66.07
N SER F 455 -41.89 1.17 65.95
CA SER F 455 -42.90 0.60 66.84
C SER F 455 -42.84 -0.92 66.81
N PRO F 456 -41.80 -1.54 67.36
CA PRO F 456 -41.74 -3.01 67.35
C PRO F 456 -42.81 -3.61 68.24
N LYS F 457 -43.41 -4.69 67.76
CA LYS F 457 -44.55 -5.29 68.43
C LYS F 457 -44.39 -6.80 68.53
N ILE F 458 -44.98 -7.38 69.58
CA ILE F 458 -45.16 -8.82 69.71
C ILE F 458 -46.66 -9.07 69.73
N GLU F 459 -47.17 -9.73 68.70
CA GLU F 459 -48.60 -9.91 68.51
C GLU F 459 -48.96 -11.38 68.48
N ARG F 460 -50.26 -11.66 68.54
CA ARG F 460 -50.77 -13.00 68.38
C ARG F 460 -52.06 -12.95 67.57
N ALA F 461 -52.51 -14.14 67.14
CA ALA F 461 -53.73 -14.29 66.39
C ALA F 461 -54.07 -15.77 66.34
N ALA F 462 -55.29 -16.07 65.91
CA ALA F 462 -55.67 -17.45 65.68
C ALA F 462 -54.86 -18.04 64.52
N LEU F 463 -54.96 -19.35 64.36
CA LEU F 463 -54.16 -20.03 63.33
C LEU F 463 -54.59 -19.69 61.90
N ASP F 464 -55.46 -18.70 61.66
CA ASP F 464 -55.88 -18.35 60.30
C ASP F 464 -55.61 -16.90 59.92
N GLY F 465 -55.28 -16.04 60.88
CA GLY F 465 -54.95 -14.64 60.60
C GLY F 465 -55.92 -13.64 61.19
N THR F 466 -57.13 -14.05 61.56
CA THR F 466 -58.06 -13.15 62.21
C THR F 466 -57.80 -13.12 63.72
N GLU F 467 -58.65 -12.39 64.44
CA GLU F 467 -58.55 -12.27 65.90
C GLU F 467 -57.19 -11.71 66.32
N ARG F 468 -56.65 -10.80 65.52
CA ARG F 468 -55.34 -10.23 65.80
C ARG F 468 -55.39 -9.29 67.00
N GLU F 469 -54.40 -9.42 67.88
CA GLU F 469 -54.22 -8.50 68.98
C GLU F 469 -52.73 -8.29 69.21
N VAL F 470 -52.40 -7.16 69.84
CA VAL F 470 -51.02 -6.83 70.17
C VAL F 470 -50.82 -7.08 71.66
N LEU F 471 -49.89 -7.97 72.00
CA LEU F 471 -49.59 -8.25 73.40
C LEU F 471 -48.58 -7.25 73.97
N PHE F 472 -47.53 -6.94 73.21
CA PHE F 472 -46.51 -6.00 73.65
C PHE F 472 -46.05 -5.15 72.48
N PHE F 473 -45.96 -3.85 72.71
CA PHE F 473 -45.34 -2.91 71.79
C PHE F 473 -44.30 -2.05 72.49
N SER F 474 -44.03 -2.31 73.76
CA SER F 474 -43.12 -1.52 74.58
C SER F 474 -41.98 -2.39 75.08
N GLY F 475 -40.90 -1.73 75.49
CA GLY F 475 -39.73 -2.43 76.00
C GLY F 475 -39.05 -3.31 74.97
N LEU F 476 -39.14 -2.95 73.70
CA LEU F 476 -38.57 -3.74 72.62
C LEU F 476 -37.75 -2.84 71.70
N SER F 477 -36.65 -3.38 71.20
CA SER F 477 -35.82 -2.67 70.23
C SER F 477 -35.56 -3.57 69.03
N LYS F 478 -34.93 -4.73 69.27
CA LYS F 478 -34.64 -5.69 68.20
C LYS F 478 -34.98 -7.09 68.69
N PRO F 479 -36.28 -7.41 68.84
CA PRO F 479 -36.65 -8.78 69.18
C PRO F 479 -36.37 -9.75 68.05
N ILE F 480 -35.28 -10.51 68.16
CA ILE F 480 -34.77 -11.28 67.04
C ILE F 480 -35.13 -12.76 67.11
N ALA F 481 -35.53 -13.27 68.27
CA ALA F 481 -35.89 -14.67 68.42
C ALA F 481 -37.14 -14.78 69.29
N LEU F 482 -37.91 -15.86 69.06
CA LEU F 482 -39.16 -16.06 69.77
C LEU F 482 -39.39 -17.55 69.99
N ALA F 483 -40.02 -17.87 71.13
CA ALA F 483 -40.37 -19.24 71.47
C ALA F 483 -41.38 -19.21 72.60
N LEU F 484 -42.10 -20.32 72.76
CA LEU F 484 -43.09 -20.46 73.82
C LEU F 484 -43.09 -21.90 74.33
N ASP F 485 -43.78 -22.12 75.44
CA ASP F 485 -43.91 -23.44 76.05
C ASP F 485 -45.32 -23.54 76.62
N SER F 486 -46.16 -24.38 75.99
CA SER F 486 -47.57 -24.43 76.35
C SER F 486 -47.80 -25.06 77.72
N ARG F 487 -46.96 -26.02 78.12
CA ARG F 487 -47.13 -26.64 79.44
C ARG F 487 -46.92 -25.62 80.54
N LEU F 488 -45.82 -24.86 80.47
CA LEU F 488 -45.61 -23.76 81.39
C LEU F 488 -46.54 -22.58 81.11
N GLY F 489 -47.12 -22.53 79.91
CA GLY F 489 -47.96 -21.40 79.54
C GLY F 489 -47.21 -20.09 79.50
N LYS F 490 -46.00 -20.09 78.94
CA LYS F 490 -45.15 -18.91 78.92
C LYS F 490 -44.73 -18.56 77.51
N LEU F 491 -44.41 -17.29 77.31
CA LEU F 491 -43.85 -16.78 76.07
C LEU F 491 -42.50 -16.15 76.36
N PHE F 492 -41.46 -16.59 75.65
CA PHE F 492 -40.11 -16.07 75.83
C PHE F 492 -39.65 -15.39 74.54
N TRP F 493 -38.83 -14.35 74.69
CA TRP F 493 -38.22 -13.68 73.57
C TRP F 493 -36.92 -13.04 74.02
N ALA F 494 -36.01 -12.84 73.07
CA ALA F 494 -34.71 -12.25 73.32
C ALA F 494 -34.57 -10.96 72.54
N ASP F 495 -33.97 -9.94 73.16
CA ASP F 495 -33.73 -8.65 72.54
C ASP F 495 -32.23 -8.48 72.36
N SER F 496 -31.79 -8.34 71.12
CA SER F 496 -30.38 -8.24 70.80
C SER F 496 -29.82 -6.83 70.96
N ASP F 497 -30.69 -5.82 71.09
CA ASP F 497 -30.25 -4.44 71.27
C ASP F 497 -30.29 -4.01 72.73
N LEU F 498 -31.42 -4.27 73.42
CA LEU F 498 -31.47 -4.04 74.86
C LEU F 498 -30.67 -5.06 75.64
N ARG F 499 -30.31 -6.18 75.01
CA ARG F 499 -29.42 -7.19 75.60
C ARG F 499 -30.03 -7.78 76.87
N ARG F 500 -31.18 -8.42 76.71
CA ARG F 500 -31.86 -9.05 77.84
C ARG F 500 -32.84 -10.09 77.33
N ILE F 501 -33.19 -11.02 78.22
CA ILE F 501 -34.17 -12.06 77.94
C ILE F 501 -35.34 -11.87 78.90
N GLU F 502 -36.55 -11.88 78.36
CA GLU F 502 -37.76 -11.56 79.11
C GLU F 502 -38.72 -12.74 79.08
N SER F 503 -39.82 -12.60 79.82
CA SER F 503 -40.83 -13.64 79.94
C SER F 503 -42.21 -13.00 80.04
N SER F 504 -43.23 -13.79 79.69
CA SER F 504 -44.62 -13.38 79.81
C SER F 504 -45.51 -14.61 79.67
N ASP F 505 -46.70 -14.52 80.26
CA ASP F 505 -47.69 -15.57 80.09
C ASP F 505 -48.26 -15.54 78.67
N LEU F 506 -48.88 -16.65 78.27
CA LEU F 506 -49.44 -16.77 76.93
C LEU F 506 -50.65 -15.86 76.69
N SER F 507 -51.03 -14.99 77.62
CA SER F 507 -52.13 -14.06 77.43
C SER F 507 -51.69 -12.61 77.37
N GLY F 508 -50.42 -12.31 77.61
CA GLY F 508 -49.90 -10.97 77.61
C GLY F 508 -49.63 -10.41 79.00
N ALA F 509 -50.14 -11.04 80.04
CA ALA F 509 -49.92 -10.58 81.39
C ALA F 509 -48.60 -11.09 81.96
N ASN F 510 -48.15 -10.46 83.03
CA ASN F 510 -47.01 -10.91 83.82
C ASN F 510 -45.72 -10.88 83.01
N ARG F 511 -45.32 -9.69 82.56
CA ARG F 511 -44.06 -9.50 81.84
C ARG F 511 -42.93 -9.28 82.84
N ILE F 512 -41.90 -10.13 82.77
CA ILE F 512 -40.75 -10.01 83.65
C ILE F 512 -39.48 -10.15 82.81
N VAL F 513 -38.37 -9.72 83.39
CA VAL F 513 -37.05 -9.83 82.77
C VAL F 513 -36.27 -10.90 83.52
N LEU F 514 -35.91 -11.98 82.81
CA LEU F 514 -35.21 -13.09 83.46
C LEU F 514 -33.73 -12.79 83.62
N GLU F 515 -33.12 -12.10 82.67
CA GLU F 515 -31.70 -11.80 82.73
C GLU F 515 -31.41 -10.58 81.86
N ASP F 516 -30.61 -9.67 82.39
CA ASP F 516 -30.26 -8.45 81.67
C ASP F 516 -28.77 -8.11 81.78
N SER F 517 -27.92 -9.07 82.14
CA SER F 517 -26.49 -8.85 82.25
C SER F 517 -25.75 -9.90 81.42
N ASN F 518 -24.56 -9.52 80.95
CA ASN F 518 -23.69 -10.41 80.18
C ASN F 518 -24.37 -10.93 78.91
N ILE F 519 -25.25 -10.12 78.33
CA ILE F 519 -25.93 -10.46 77.09
C ILE F 519 -25.39 -9.57 75.99
N LEU F 520 -25.07 -10.15 74.83
CA LEU F 520 -24.52 -9.40 73.71
C LEU F 520 -25.35 -9.55 72.44
N GLN F 521 -25.57 -10.77 71.96
CA GLN F 521 -26.28 -11.00 70.70
C GLN F 521 -27.06 -12.30 70.79
N PRO F 522 -28.18 -12.32 71.53
CA PRO F 522 -28.95 -13.56 71.67
C PRO F 522 -29.87 -13.81 70.48
N VAL F 523 -29.47 -14.72 69.59
CA VAL F 523 -30.20 -14.96 68.35
C VAL F 523 -31.12 -16.18 68.43
N GLY F 524 -31.16 -16.88 69.55
CA GLY F 524 -32.02 -18.04 69.68
C GLY F 524 -32.25 -18.43 71.12
N LEU F 525 -33.33 -19.16 71.34
CA LEU F 525 -33.70 -19.62 72.68
C LEU F 525 -34.80 -20.67 72.56
N THR F 526 -34.88 -21.52 73.58
CA THR F 526 -35.91 -22.55 73.66
C THR F 526 -35.95 -23.07 75.09
N VAL F 527 -37.02 -23.81 75.40
CA VAL F 527 -37.28 -24.30 76.75
C VAL F 527 -37.14 -25.82 76.75
N PHE F 528 -36.38 -26.33 77.73
CA PHE F 528 -36.21 -27.77 77.92
C PHE F 528 -36.66 -28.08 79.36
N GLU F 529 -37.86 -28.65 79.49
CA GLU F 529 -38.51 -28.84 80.77
C GLU F 529 -38.59 -27.51 81.52
N ASN F 530 -37.89 -27.41 82.64
CA ASN F 530 -37.86 -26.18 83.44
C ASN F 530 -36.62 -25.34 83.17
N TRP F 531 -35.84 -25.67 82.15
CA TRP F 531 -34.61 -24.97 81.84
C TRP F 531 -34.80 -24.14 80.57
N LEU F 532 -34.34 -22.89 80.61
CA LEU F 532 -34.33 -22.02 79.44
C LEU F 532 -32.92 -21.94 78.88
N TYR F 533 -32.68 -22.60 77.75
CA TYR F 533 -31.41 -22.49 77.05
C TYR F 533 -31.50 -21.39 76.00
N TRP F 534 -30.40 -20.67 75.82
CA TRP F 534 -30.29 -19.70 74.73
C TRP F 534 -28.86 -19.72 74.20
N ILE F 535 -28.67 -19.14 73.03
CA ILE F 535 -27.38 -19.09 72.36
C ILE F 535 -26.96 -17.64 72.17
N ASP F 536 -25.67 -17.37 72.35
CA ASP F 536 -25.09 -16.06 72.15
C ASP F 536 -24.13 -16.13 70.98
N LYS F 537 -24.46 -15.44 69.88
CA LYS F 537 -23.63 -15.47 68.69
C LYS F 537 -22.29 -14.80 68.94
N GLN F 538 -22.28 -13.71 69.71
CA GLN F 538 -21.06 -12.93 69.91
C GLN F 538 -20.13 -13.57 70.92
N GLN F 539 -20.66 -14.05 72.05
CA GLN F 539 -19.85 -14.75 73.04
C GLN F 539 -19.60 -16.22 72.66
N GLN F 540 -20.34 -16.75 71.68
CA GLN F 540 -20.20 -18.14 71.26
C GLN F 540 -20.41 -19.10 72.42
N MET F 541 -21.55 -18.94 73.09
CA MET F 541 -21.87 -19.69 74.30
C MET F 541 -23.26 -20.29 74.21
N ILE F 542 -23.41 -21.46 74.84
CA ILE F 542 -24.72 -22.01 75.18
C ILE F 542 -24.84 -21.95 76.69
N GLU F 543 -25.88 -21.28 77.18
CA GLU F 543 -26.08 -21.07 78.61
C GLU F 543 -27.52 -21.35 78.97
N LYS F 544 -27.79 -21.44 80.27
CA LYS F 544 -29.10 -21.85 80.75
C LYS F 544 -29.44 -21.15 82.05
N ILE F 545 -30.73 -20.85 82.21
CA ILE F 545 -31.28 -20.23 83.42
C ILE F 545 -32.38 -21.14 83.96
N ASP F 546 -32.33 -21.41 85.26
CA ASP F 546 -33.36 -22.22 85.90
C ASP F 546 -34.62 -21.39 86.07
N MET F 547 -35.74 -21.88 85.53
CA MET F 547 -37.00 -21.17 85.68
C MET F 547 -37.58 -21.31 87.08
N THR F 548 -37.35 -22.45 87.74
CA THR F 548 -37.78 -22.60 89.12
C THR F 548 -36.90 -21.83 90.09
N GLY F 549 -35.73 -21.39 89.64
CA GLY F 549 -34.86 -20.58 90.48
C GLY F 549 -34.08 -21.37 91.51
N ARG F 550 -33.86 -22.66 91.29
CA ARG F 550 -33.14 -23.50 92.23
C ARG F 550 -31.64 -23.57 91.93
N GLU F 551 -31.21 -23.15 90.75
CA GLU F 551 -29.79 -22.96 90.44
C GLU F 551 -29.63 -21.75 89.53
N GLY F 552 -28.39 -21.28 89.44
CA GLY F 552 -28.09 -20.05 88.75
C GLY F 552 -27.76 -20.26 87.28
N ARG F 553 -27.39 -19.16 86.63
CA ARG F 553 -26.97 -19.19 85.24
C ARG F 553 -25.74 -20.07 85.07
N THR F 554 -25.86 -21.09 84.22
CA THR F 554 -24.85 -22.14 84.08
C THR F 554 -24.34 -22.20 82.64
N LYS F 555 -23.03 -22.34 82.48
CA LYS F 555 -22.46 -22.59 81.17
C LYS F 555 -22.76 -24.01 80.73
N VAL F 556 -23.12 -24.17 79.45
CA VAL F 556 -23.38 -25.49 78.89
C VAL F 556 -22.18 -25.90 78.04
N GLN F 557 -21.84 -25.08 77.05
CA GLN F 557 -20.74 -25.40 76.15
C GLN F 557 -20.18 -24.10 75.57
N ALA F 558 -18.87 -24.07 75.36
CA ALA F 558 -18.16 -22.89 74.89
C ALA F 558 -17.48 -23.17 73.56
N ARG F 559 -16.96 -22.10 72.95
CA ARG F 559 -16.15 -22.17 71.74
C ARG F 559 -16.93 -22.76 70.57
N ILE F 560 -18.09 -22.16 70.29
CA ILE F 560 -18.95 -22.60 69.19
C ILE F 560 -19.23 -21.39 68.32
N ALA F 561 -18.54 -21.28 67.19
CA ALA F 561 -18.69 -20.14 66.32
C ALA F 561 -19.91 -20.29 65.41
N GLN F 562 -20.47 -19.15 64.99
CA GLN F 562 -21.52 -19.08 63.97
C GLN F 562 -22.82 -19.73 64.45
N LEU F 563 -23.21 -19.41 65.68
CA LEU F 563 -24.48 -19.89 66.20
C LEU F 563 -25.65 -19.21 65.49
N SER F 564 -26.72 -19.95 65.26
CA SER F 564 -27.86 -19.42 64.53
C SER F 564 -29.17 -19.62 65.28
N ASP F 565 -29.54 -20.87 65.55
CA ASP F 565 -30.80 -21.16 66.22
C ASP F 565 -30.65 -22.41 67.07
N ILE F 566 -31.52 -22.54 68.06
CA ILE F 566 -31.54 -23.68 68.97
C ILE F 566 -32.99 -24.13 69.15
N HIS F 567 -33.18 -25.44 69.34
CA HIS F 567 -34.52 -26.00 69.49
C HIS F 567 -34.43 -27.30 70.26
N ALA F 568 -35.09 -27.36 71.41
CA ALA F 568 -35.19 -28.58 72.19
C ALA F 568 -36.39 -29.40 71.72
N VAL F 569 -36.27 -30.72 71.83
CA VAL F 569 -37.29 -31.64 71.33
C VAL F 569 -37.73 -32.55 72.46
N LYS F 570 -39.02 -32.51 72.79
CA LYS F 570 -39.60 -33.47 73.72
C LYS F 570 -39.67 -34.85 73.08
N GLU F 571 -39.99 -35.84 73.91
CA GLU F 571 -40.53 -37.09 73.40
C GLU F 571 -42.04 -36.92 73.22
N LEU F 572 -42.51 -37.12 72.00
CA LEU F 572 -43.91 -36.83 71.65
C LEU F 572 -44.81 -37.81 72.38
N ASN F 573 -45.62 -37.29 73.31
CA ASN F 573 -46.46 -38.13 74.15
C ASN F 573 -47.52 -38.82 73.30
N LEU F 574 -47.58 -40.15 73.41
CA LEU F 574 -48.44 -40.94 72.53
C LEU F 574 -49.91 -40.59 72.75
N GLN F 575 -50.36 -40.57 74.00
CA GLN F 575 -51.77 -40.36 74.29
C GLN F 575 -52.18 -38.91 74.15
N GLU F 576 -51.30 -37.98 74.54
CA GLU F 576 -51.62 -36.56 74.42
C GLU F 576 -51.89 -36.16 72.98
N TYR F 577 -51.12 -36.72 72.04
CA TYR F 577 -51.22 -36.31 70.65
C TYR F 577 -52.42 -36.92 69.94
N ARG F 578 -52.89 -38.09 70.39
CA ARG F 578 -53.96 -38.79 69.69
C ARG F 578 -55.34 -38.23 70.03
N GLN F 579 -55.55 -37.76 71.26
CA GLN F 579 -56.83 -37.20 71.65
C GLN F 579 -56.98 -35.73 71.28
N HIS F 580 -56.01 -35.18 70.55
CA HIS F 580 -56.18 -33.84 69.99
C HIS F 580 -57.12 -33.90 68.80
N PRO F 581 -58.09 -32.99 68.69
CA PRO F 581 -59.14 -33.16 67.68
C PRO F 581 -58.68 -32.94 66.25
N CYS F 582 -57.65 -32.13 66.03
CA CYS F 582 -57.21 -31.83 64.68
C CYS F 582 -56.16 -32.80 64.15
N ALA F 583 -55.64 -33.69 64.99
CA ALA F 583 -54.63 -34.63 64.52
C ALA F 583 -55.24 -35.73 63.64
N GLN F 584 -56.51 -36.06 63.87
CA GLN F 584 -57.19 -37.11 63.14
C GLN F 584 -57.97 -36.50 61.98
N ASP F 585 -57.63 -36.93 60.76
CA ASP F 585 -58.30 -36.48 59.54
C ASP F 585 -58.29 -34.96 59.40
N ASN F 586 -57.26 -34.32 59.96
CA ASN F 586 -57.14 -32.86 59.99
C ASN F 586 -58.40 -32.22 60.56
N GLY F 587 -59.02 -32.91 61.53
CA GLY F 587 -60.28 -32.46 62.07
C GLY F 587 -61.41 -32.42 61.05
N GLY F 588 -61.30 -33.19 59.98
CA GLY F 588 -62.26 -33.12 58.89
C GLY F 588 -62.11 -31.92 58.00
N CYS F 589 -61.10 -31.08 58.22
CA CYS F 589 -60.96 -29.82 57.50
C CYS F 589 -60.14 -30.03 56.22
N SER F 590 -60.44 -29.19 55.22
CA SER F 590 -59.67 -29.22 53.99
C SER F 590 -58.37 -28.44 54.10
N HIS F 591 -58.32 -27.42 54.95
CA HIS F 591 -57.13 -26.59 55.10
C HIS F 591 -56.72 -26.47 56.56
N ILE F 592 -57.24 -25.45 57.25
CA ILE F 592 -56.80 -25.10 58.59
C ILE F 592 -57.77 -25.70 59.61
N CYS F 593 -57.22 -26.44 60.57
CA CYS F 593 -57.95 -26.94 61.72
C CYS F 593 -57.33 -26.34 62.97
N LEU F 594 -58.11 -25.58 63.73
CA LEU F 594 -57.60 -24.90 64.92
C LEU F 594 -58.54 -25.14 66.09
N VAL F 595 -57.95 -25.40 67.26
CA VAL F 595 -58.71 -25.58 68.48
C VAL F 595 -59.17 -24.21 68.98
N LYS F 596 -60.43 -24.12 69.37
CA LYS F 596 -60.98 -22.92 69.98
C LYS F 596 -61.19 -23.16 71.47
N GLY F 597 -61.15 -22.06 72.24
CA GLY F 597 -61.21 -22.16 73.68
C GLY F 597 -62.50 -22.73 74.23
N ASP F 598 -63.59 -22.65 73.46
CA ASP F 598 -64.89 -23.08 73.93
C ASP F 598 -65.10 -24.59 73.88
N GLY F 599 -64.05 -25.37 73.59
CA GLY F 599 -64.14 -26.81 73.60
C GLY F 599 -64.50 -27.45 72.28
N THR F 600 -64.88 -26.67 71.27
CA THR F 600 -65.22 -27.19 69.96
C THR F 600 -64.05 -27.00 69.00
N THR F 601 -64.15 -27.67 67.85
CA THR F 601 -63.13 -27.65 66.82
C THR F 601 -63.70 -27.02 65.56
N ARG F 602 -62.99 -26.04 65.01
CA ARG F 602 -63.50 -25.26 63.89
C ARG F 602 -62.51 -25.29 62.73
N CYS F 603 -63.04 -25.46 61.53
CA CYS F 603 -62.23 -25.33 60.32
C CYS F 603 -62.14 -23.87 59.89
N SER F 604 -61.04 -23.53 59.25
CA SER F 604 -60.87 -22.17 58.71
C SER F 604 -60.12 -22.27 57.39
N CYS F 605 -59.96 -21.12 56.75
CA CYS F 605 -59.39 -21.01 55.41
C CYS F 605 -58.40 -19.85 55.39
N PRO F 606 -57.51 -19.80 54.39
CA PRO F 606 -56.59 -18.66 54.26
C PRO F 606 -57.29 -17.36 53.92
N MET F 607 -56.50 -16.33 53.56
CA MET F 607 -57.05 -15.01 53.32
C MET F 607 -57.67 -14.84 51.94
N HIS F 608 -57.36 -15.73 51.00
CA HIS F 608 -57.91 -15.66 49.65
C HIS F 608 -59.04 -16.67 49.43
N LEU F 609 -59.50 -17.33 50.49
CA LEU F 609 -60.59 -18.28 50.43
C LEU F 609 -61.59 -17.98 51.54
N VAL F 610 -62.79 -18.55 51.41
CA VAL F 610 -63.85 -18.39 52.40
C VAL F 610 -64.36 -19.78 52.78
N LEU F 611 -64.69 -19.95 54.06
CA LEU F 611 -65.21 -21.22 54.54
C LEU F 611 -66.62 -21.41 53.99
N LEU F 612 -66.84 -22.53 53.29
CA LEU F 612 -68.12 -22.78 52.65
C LEU F 612 -69.16 -23.20 53.67
N GLN F 613 -70.35 -23.55 53.16
CA GLN F 613 -71.49 -23.84 54.01
C GLN F 613 -71.35 -25.17 54.75
N ASP F 614 -70.49 -26.08 54.28
CA ASP F 614 -70.25 -27.32 55.00
C ASP F 614 -69.28 -27.14 56.17
N GLU F 615 -68.66 -25.97 56.29
CA GLU F 615 -67.71 -25.63 57.36
C GLU F 615 -66.56 -26.63 57.45
N LEU F 616 -66.26 -27.33 56.37
CA LEU F 616 -65.10 -28.21 56.28
C LEU F 616 -64.19 -27.87 55.11
N SER F 617 -64.74 -27.49 53.97
CA SER F 617 -63.98 -27.17 52.77
C SER F 617 -63.96 -25.66 52.56
N CYS F 618 -63.07 -25.22 51.67
CA CYS F 618 -62.91 -23.80 51.38
C CYS F 618 -63.40 -23.50 49.97
N GLY F 619 -63.87 -22.26 49.79
CA GLY F 619 -64.37 -21.82 48.51
C GLY F 619 -63.73 -20.51 48.08
N GLY F 620 -63.85 -20.21 46.79
CA GLY F 620 -63.26 -19.02 46.24
C GLY F 620 -64.29 -17.99 45.81
N THR F 621 -63.99 -17.26 44.74
CA THR F 621 -64.87 -16.18 44.27
C THR F 621 -66.26 -16.69 43.91
N PHE G 53 -27.14 104.01 -18.96
CA PHE G 53 -26.84 103.00 -17.95
C PHE G 53 -28.15 102.39 -17.42
N SER G 54 -29.26 102.85 -17.95
CA SER G 54 -30.56 102.28 -17.62
C SER G 54 -30.89 101.16 -18.60
N ILE G 55 -31.53 100.11 -18.10
CA ILE G 55 -31.91 98.96 -18.92
C ILE G 55 -33.17 98.34 -18.33
N LEU G 56 -33.39 98.57 -17.02
CA LEU G 56 -34.65 98.17 -16.41
C LEU G 56 -35.81 99.00 -16.95
N ASP G 57 -35.55 100.28 -17.24
CA ASP G 57 -36.62 101.15 -17.74
C ASP G 57 -37.10 100.72 -19.12
N GLU G 58 -36.18 100.29 -19.98
CA GLU G 58 -36.56 99.85 -21.32
C GLU G 58 -37.23 98.49 -21.32
N ALA G 59 -37.10 97.73 -20.24
CA ALA G 59 -37.71 96.40 -20.16
C ALA G 59 -39.16 96.46 -19.67
N GLN G 60 -39.45 97.34 -18.71
CA GLN G 60 -40.82 97.48 -18.23
C GLN G 60 -41.73 98.04 -19.31
N VAL G 61 -41.21 98.96 -20.13
CA VAL G 61 -42.01 99.54 -21.20
C VAL G 61 -42.26 98.52 -22.30
N LEU G 62 -41.24 97.73 -22.65
CA LEU G 62 -41.39 96.69 -23.65
C LEU G 62 -42.33 95.58 -23.18
N ALA G 63 -42.48 95.40 -21.86
CA ALA G 63 -43.38 94.39 -21.34
C ALA G 63 -44.84 94.83 -21.42
N SER G 64 -45.11 96.13 -21.25
CA SER G 64 -46.47 96.63 -21.43
C SER G 64 -46.92 96.49 -22.87
N GLN G 65 -45.98 96.46 -23.81
CA GLN G 65 -46.33 96.17 -25.20
C GLN G 65 -46.84 94.74 -25.35
N MET G 66 -46.27 93.80 -24.60
CA MET G 66 -46.69 92.41 -24.68
C MET G 66 -48.06 92.21 -24.07
N ARG G 67 -48.36 92.90 -22.96
CA ARG G 67 -49.67 92.78 -22.35
C ARG G 67 -50.76 93.40 -23.24
N ARG G 68 -50.43 94.47 -23.96
CA ARG G 68 -51.40 95.04 -24.90
C ARG G 68 -51.66 94.10 -26.07
N LEU G 69 -50.69 93.27 -26.44
CA LEU G 69 -50.88 92.26 -27.47
C LEU G 69 -51.71 91.08 -26.98
N ALA G 70 -51.76 90.84 -25.67
CA ALA G 70 -52.46 89.69 -25.11
C ALA G 70 -53.79 90.02 -24.47
N ALA G 71 -53.95 91.21 -23.87
CA ALA G 71 -55.18 91.54 -23.17
C ALA G 71 -56.33 91.81 -24.13
N GLU G 72 -56.17 92.83 -25.00
CA GLU G 72 -57.25 93.22 -25.90
C GLU G 72 -57.17 92.49 -27.24
N GLU G 73 -55.99 92.45 -27.86
CA GLU G 73 -55.87 91.89 -29.20
C GLU G 73 -56.18 90.41 -29.25
N LEU G 74 -55.93 89.68 -28.17
CA LEU G 74 -56.25 88.26 -28.08
C LEU G 74 -57.45 87.96 -27.21
N GLY G 75 -57.56 88.61 -26.05
CA GLY G 75 -58.66 88.40 -25.15
C GLY G 75 -58.40 87.45 -24.00
N VAL G 76 -57.16 87.36 -23.53
CA VAL G 76 -56.84 86.44 -22.44
C VAL G 76 -57.44 86.92 -21.13
N VAL G 77 -57.36 88.23 -20.86
CA VAL G 77 -57.89 88.77 -19.61
C VAL G 77 -59.41 88.63 -19.54
N THR G 78 -60.08 88.46 -20.67
CA THR G 78 -61.53 88.29 -20.69
C THR G 78 -61.93 86.82 -20.51
N MET G 79 -61.28 85.92 -21.24
CA MET G 79 -61.64 84.51 -21.17
C MET G 79 -61.21 83.88 -19.86
N GLN G 80 -60.16 84.39 -19.23
CA GLN G 80 -59.79 83.92 -17.90
C GLN G 80 -60.89 84.24 -16.88
N ARG G 81 -61.57 85.38 -17.06
CA ARG G 81 -62.68 85.73 -16.18
C ARG G 81 -63.94 84.94 -16.53
N ILE G 82 -64.14 84.62 -17.81
CA ILE G 82 -65.33 83.88 -18.21
C ILE G 82 -65.26 82.43 -17.72
N PHE G 83 -64.10 81.80 -17.85
CA PHE G 83 -63.92 80.44 -17.34
C PHE G 83 -63.73 80.41 -15.83
N ASN G 84 -63.50 81.56 -15.19
CA ASN G 84 -63.46 81.63 -13.74
C ASN G 84 -64.86 81.60 -13.12
N SER G 85 -65.89 81.97 -13.89
CA SER G 85 -67.25 82.08 -13.38
C SER G 85 -68.12 80.88 -13.72
N LEU G 86 -67.57 79.86 -14.38
CA LEU G 86 -68.33 78.65 -14.68
C LEU G 86 -68.11 77.61 -13.59
N VAL G 87 -69.14 76.81 -13.34
CA VAL G 87 -69.11 75.81 -12.28
C VAL G 87 -68.60 74.49 -12.85
N TYR G 88 -67.81 73.76 -12.06
CA TYR G 88 -67.16 72.54 -12.48
C TYR G 88 -67.52 71.39 -11.55
N THR G 89 -67.17 70.19 -11.99
CA THR G 89 -67.24 68.98 -11.18
C THR G 89 -65.83 68.55 -10.79
N GLU G 90 -65.74 67.61 -9.85
CA GLU G 90 -64.46 67.19 -9.33
C GLU G 90 -64.41 65.68 -9.19
N LYS G 91 -63.21 65.13 -9.34
CA LYS G 91 -62.93 63.72 -9.12
C LYS G 91 -61.65 63.57 -8.31
N ILE G 92 -61.60 62.52 -7.49
CA ILE G 92 -60.38 62.09 -6.83
C ILE G 92 -60.24 60.60 -7.12
N SER G 93 -59.38 60.26 -8.07
CA SER G 93 -59.24 58.90 -8.55
C SER G 93 -57.78 58.47 -8.50
N ASN G 94 -57.55 57.23 -8.05
CA ASN G 94 -56.22 56.64 -8.04
C ASN G 94 -55.93 55.81 -9.29
N GLY G 95 -56.78 55.92 -10.31
CA GLY G 95 -56.61 55.15 -11.53
C GLY G 95 -57.27 53.79 -11.53
N GLU G 96 -57.75 53.31 -10.38
CA GLU G 96 -58.34 51.98 -10.31
C GLU G 96 -59.61 51.87 -11.16
N SER G 97 -60.41 52.94 -11.20
CA SER G 97 -61.66 52.88 -11.94
C SER G 97 -61.44 53.16 -13.43
N GLU G 98 -60.54 54.09 -13.76
CA GLU G 98 -60.33 54.45 -15.15
C GLU G 98 -59.63 53.34 -15.93
N VAL G 99 -58.81 52.52 -15.26
CA VAL G 99 -58.06 51.50 -15.97
C VAL G 99 -58.99 50.40 -16.47
N GLN G 100 -60.04 50.08 -15.71
CA GLN G 100 -60.98 49.07 -16.13
C GLN G 100 -62.08 49.62 -17.04
N GLN G 101 -62.23 50.95 -17.10
CA GLN G 101 -63.18 51.54 -18.04
C GLN G 101 -62.55 51.72 -19.42
N LEU G 102 -61.23 51.82 -19.49
CA LEU G 102 -60.54 51.92 -20.78
C LEU G 102 -60.10 50.55 -21.29
N ALA G 103 -59.67 49.65 -20.40
CA ALA G 103 -59.41 48.28 -20.80
C ALA G 103 -60.68 47.60 -21.27
N LYS G 104 -61.83 47.99 -20.72
CA LYS G 104 -63.12 47.51 -21.20
C LYS G 104 -63.41 47.98 -22.62
N LYS G 105 -62.72 49.02 -23.09
CA LYS G 105 -62.89 49.50 -24.46
C LYS G 105 -62.05 48.68 -25.44
N ILE G 106 -60.74 48.58 -25.17
CA ILE G 106 -59.83 47.99 -26.15
C ILE G 106 -59.88 46.46 -26.11
N ARG G 107 -60.23 45.87 -24.97
CA ARG G 107 -60.37 44.42 -24.90
C ARG G 107 -61.41 43.93 -25.90
N GLU G 108 -62.57 44.59 -25.93
CA GLU G 108 -63.60 44.25 -26.90
C GLU G 108 -63.22 44.67 -28.32
N LYS G 109 -62.24 45.56 -28.48
CA LYS G 109 -61.71 45.83 -29.80
C LYS G 109 -60.83 44.67 -30.28
N PHE G 110 -60.10 44.04 -29.36
CA PHE G 110 -59.35 42.84 -29.71
C PHE G 110 -60.23 41.60 -29.70
N ASN G 111 -61.31 41.60 -28.92
CA ASN G 111 -62.25 40.48 -28.96
C ASN G 111 -62.88 40.35 -30.34
N ARG G 112 -63.37 41.47 -30.88
CA ARG G 112 -63.88 41.45 -32.25
C ARG G 112 -62.77 41.23 -33.26
N TYR G 113 -61.53 41.62 -32.93
CA TYR G 113 -60.41 41.41 -33.82
C TYR G 113 -59.92 39.96 -33.76
N LEU G 114 -60.00 39.32 -32.60
CA LEU G 114 -59.69 37.89 -32.51
C LEU G 114 -60.82 37.04 -33.07
N ASP G 115 -62.06 37.51 -32.97
CA ASP G 115 -63.19 36.76 -33.53
C ASP G 115 -63.20 36.81 -35.06
N VAL G 116 -62.49 37.76 -35.67
CA VAL G 116 -62.39 37.78 -37.12
C VAL G 116 -61.46 36.67 -37.59
N VAL G 117 -60.28 36.56 -36.97
CA VAL G 117 -59.33 35.53 -37.37
C VAL G 117 -59.78 34.16 -36.89
N ASN G 118 -60.50 34.09 -35.77
CA ASN G 118 -61.09 32.82 -35.36
C ASN G 118 -62.20 32.39 -36.32
N ARG G 119 -62.95 33.35 -36.86
CA ARG G 119 -63.88 33.03 -37.93
C ARG G 119 -63.15 32.64 -39.19
N ASN G 120 -62.24 33.51 -39.66
CA ASN G 120 -61.48 33.20 -40.87
C ASN G 120 -60.62 31.95 -40.72
N LYS G 121 -60.39 31.48 -39.49
CA LYS G 121 -59.76 30.19 -39.30
C LYS G 121 -60.74 29.06 -39.61
N GLN G 122 -61.88 29.03 -38.91
CA GLN G 122 -62.91 28.04 -39.19
C GLN G 122 -63.49 28.22 -40.58
N VAL G 123 -63.27 29.36 -41.22
CA VAL G 123 -63.59 29.51 -42.64
C VAL G 123 -62.74 28.57 -43.47
N VAL G 124 -61.42 28.72 -43.37
CA VAL G 124 -60.51 28.03 -44.28
C VAL G 124 -60.37 26.55 -43.90
N GLU G 125 -60.45 26.24 -42.60
CA GLU G 125 -60.40 24.83 -42.21
C GLU G 125 -61.62 24.07 -42.69
N ALA G 126 -62.81 24.67 -42.55
CA ALA G 126 -64.00 24.12 -43.20
C ALA G 126 -63.93 24.31 -44.71
N SER G 127 -63.06 25.18 -45.20
CA SER G 127 -62.81 25.33 -46.62
C SER G 127 -61.74 24.38 -47.13
N TYR G 128 -61.34 23.41 -46.33
CA TYR G 128 -60.67 22.21 -46.82
C TYR G 128 -61.49 20.96 -46.59
N THR G 129 -62.10 20.83 -45.41
CA THR G 129 -62.96 19.69 -45.13
C THR G 129 -64.06 19.55 -46.18
N ALA G 130 -64.51 20.66 -46.75
CA ALA G 130 -65.42 20.61 -47.88
C ALA G 130 -64.69 20.61 -49.21
N HIS G 131 -63.60 21.36 -49.31
CA HIS G 131 -62.89 21.53 -50.58
C HIS G 131 -61.86 20.45 -50.85
N LEU G 132 -61.64 19.51 -49.92
CA LEU G 132 -60.91 18.31 -50.28
C LEU G 132 -61.68 17.48 -51.30
N THR G 133 -62.99 17.73 -51.42
CA THR G 133 -63.81 17.09 -52.43
C THR G 133 -64.84 18.03 -53.03
N SER G 134 -64.75 19.34 -52.77
CA SER G 134 -65.57 20.34 -53.46
C SER G 134 -64.77 21.63 -53.66
N PRO G 135 -63.65 21.58 -54.41
CA PRO G 135 -62.97 22.81 -54.80
C PRO G 135 -63.40 23.25 -56.19
N LEU G 136 -62.47 23.82 -56.95
CA LEU G 136 -62.64 24.16 -58.36
C LEU G 136 -61.32 24.70 -58.87
N THR G 137 -61.03 24.42 -60.13
CA THR G 137 -59.80 24.85 -60.79
C THR G 137 -60.16 25.82 -61.90
N ALA G 138 -59.61 27.02 -61.83
CA ALA G 138 -59.80 28.05 -62.84
C ALA G 138 -58.50 28.83 -62.99
N ILE G 139 -58.48 29.71 -64.00
CA ILE G 139 -57.35 30.58 -64.27
C ILE G 139 -57.91 31.99 -64.40
N GLN G 140 -57.88 32.76 -63.32
CA GLN G 140 -58.25 34.16 -63.33
C GLN G 140 -56.98 35.00 -63.42
N ASP G 141 -57.07 36.27 -63.05
CA ASP G 141 -55.89 37.14 -63.02
C ASP G 141 -56.04 38.12 -61.88
N CYS G 142 -54.91 38.70 -61.48
CA CYS G 142 -54.88 39.67 -60.39
C CYS G 142 -55.10 41.09 -60.92
N CYS G 143 -54.18 41.56 -61.77
CA CYS G 143 -54.35 42.86 -62.43
C CYS G 143 -55.41 42.76 -63.51
N THR G 144 -55.32 43.62 -64.53
CA THR G 144 -56.25 43.65 -65.65
C THR G 144 -57.69 43.76 -65.15
N ILE G 145 -57.98 44.89 -64.52
CA ILE G 145 -59.32 45.16 -63.99
C ILE G 145 -59.67 46.61 -64.30
N PRO G 146 -60.43 46.88 -65.36
CA PRO G 146 -60.73 48.27 -65.74
C PRO G 146 -61.49 49.02 -64.66
N PRO G 147 -62.58 48.48 -64.09
CA PRO G 147 -63.30 49.26 -63.07
C PRO G 147 -62.47 49.38 -61.80
N SER G 148 -62.40 50.61 -61.28
CA SER G 148 -61.70 50.89 -60.04
C SER G 148 -62.05 52.30 -59.56
N MET G 149 -61.03 53.10 -59.23
CA MET G 149 -61.20 54.49 -58.82
C MET G 149 -62.00 54.65 -57.52
N MET G 150 -62.67 53.58 -57.09
CA MET G 150 -63.42 53.60 -55.83
C MET G 150 -62.41 53.47 -54.68
N GLU G 151 -61.71 54.57 -54.41
CA GLU G 151 -60.59 54.55 -53.48
C GLU G 151 -61.03 54.22 -52.06
N PHE G 152 -62.32 54.37 -51.74
CA PHE G 152 -62.90 53.92 -50.48
C PHE G 152 -62.18 54.49 -49.27
N ASP G 153 -61.65 53.60 -48.42
CA ASP G 153 -60.95 54.02 -47.22
C ASP G 153 -59.50 53.55 -47.20
N GLY G 154 -59.12 52.82 -46.14
CA GLY G 154 -57.73 52.38 -46.01
C GLY G 154 -57.16 51.76 -47.27
N ASN G 155 -58.02 51.17 -48.10
CA ASN G 155 -57.63 50.68 -49.43
C ASN G 155 -57.56 51.86 -50.41
N PHE G 156 -56.70 52.82 -50.09
CA PHE G 156 -56.55 54.03 -50.88
C PHE G 156 -55.89 53.75 -52.23
N ASN G 157 -56.29 52.68 -52.89
CA ASN G 157 -55.74 52.29 -54.18
C ASN G 157 -56.89 51.86 -55.08
N THR G 158 -56.54 51.31 -56.25
CA THR G 158 -57.54 50.90 -57.24
C THR G 158 -58.33 49.71 -56.70
N ASN G 159 -59.50 49.97 -56.15
CA ASN G 159 -60.35 48.94 -55.57
C ASN G 159 -61.81 49.24 -55.90
N VAL G 160 -62.61 48.18 -55.99
CA VAL G 160 -64.06 48.31 -56.18
C VAL G 160 -64.84 47.46 -55.19
N SER G 161 -64.16 46.74 -54.29
CA SER G 161 -64.79 45.72 -53.46
C SER G 161 -65.49 44.71 -54.37
N ARG G 162 -66.79 44.92 -54.62
CA ARG G 162 -67.60 44.10 -55.53
C ARG G 162 -67.47 42.60 -55.24
N THR G 163 -67.04 42.24 -54.04
CA THR G 163 -66.92 40.85 -53.59
C THR G 163 -66.09 40.03 -54.57
N VAL G 164 -64.86 40.48 -54.79
CA VAL G 164 -63.91 39.78 -55.66
C VAL G 164 -62.54 39.79 -54.98
N SER G 165 -61.82 38.69 -55.12
CA SER G 165 -60.48 38.54 -54.55
C SER G 165 -59.51 38.17 -55.66
N CYS G 166 -58.34 38.80 -55.65
CA CYS G 166 -57.33 38.49 -56.64
C CYS G 166 -56.71 37.12 -56.34
N ASP G 167 -56.22 36.46 -57.39
CA ASP G 167 -55.50 35.21 -57.27
C ASP G 167 -54.14 35.37 -57.94
N ARG G 168 -53.09 35.42 -57.14
CA ARG G 168 -51.74 35.60 -57.65
C ARG G 168 -51.19 34.28 -58.16
N LEU G 169 -50.77 34.25 -59.41
CA LEU G 169 -50.16 33.07 -60.01
C LEU G 169 -48.71 32.98 -59.58
N SER G 170 -48.38 31.99 -58.75
CA SER G 170 -47.00 31.76 -58.37
C SER G 170 -46.30 30.94 -59.46
N THR G 171 -45.02 30.66 -59.25
CA THR G 171 -44.28 29.84 -60.20
C THR G 171 -44.51 28.35 -60.00
N THR G 172 -44.99 27.95 -58.83
CA THR G 172 -45.28 26.55 -58.52
C THR G 172 -46.72 26.17 -58.83
N VAL G 173 -47.40 26.93 -59.69
CA VAL G 173 -48.79 26.63 -60.01
C VAL G 173 -48.86 25.37 -60.87
N ASN G 174 -49.76 24.47 -60.49
CA ASN G 174 -49.97 23.21 -61.20
C ASN G 174 -51.48 23.00 -61.35
N SER G 175 -51.85 21.85 -61.90
CA SER G 175 -53.25 21.43 -61.97
C SER G 175 -53.75 20.88 -60.64
N ARG G 176 -52.96 20.99 -59.58
CA ARG G 176 -53.40 20.64 -58.23
C ARG G 176 -54.05 21.82 -57.52
N ALA G 177 -54.75 22.67 -58.25
CA ALA G 177 -55.37 23.85 -57.67
C ALA G 177 -56.39 23.48 -56.61
N PHE G 178 -56.41 24.24 -55.52
CA PHE G 178 -57.28 23.96 -54.39
C PHE G 178 -58.34 25.03 -54.16
N ASN G 179 -58.09 26.26 -54.61
CA ASN G 179 -59.02 27.36 -54.35
C ASN G 179 -60.07 27.42 -55.45
N PRO G 180 -61.36 27.35 -55.11
CA PRO G 180 -62.41 27.36 -56.14
C PRO G 180 -62.81 28.77 -56.56
N GLY G 181 -61.88 29.49 -57.18
CA GLY G 181 -62.11 30.89 -57.48
C GLY G 181 -62.37 31.73 -56.26
N ARG G 182 -61.97 31.23 -55.09
CA ARG G 182 -62.28 31.84 -53.79
C ARG G 182 -63.77 32.19 -53.68
N ASP G 183 -64.59 31.15 -53.62
CA ASP G 183 -65.98 31.33 -53.21
C ASP G 183 -66.08 31.84 -51.78
N LEU G 184 -64.95 31.89 -51.06
CA LEU G 184 -64.89 32.54 -49.76
C LEU G 184 -65.35 33.99 -49.82
N ASN G 185 -65.29 34.61 -51.00
CA ASN G 185 -65.83 35.95 -51.25
C ASN G 185 -67.21 36.08 -50.62
N SER G 186 -67.98 34.99 -50.66
CA SER G 186 -69.27 34.92 -49.98
C SER G 186 -69.17 35.44 -48.55
N VAL G 187 -68.21 34.92 -47.79
CA VAL G 187 -68.03 35.35 -46.40
C VAL G 187 -67.09 36.55 -46.30
N LEU G 188 -66.11 36.67 -47.20
CA LEU G 188 -65.14 37.76 -47.12
C LEU G 188 -65.83 39.13 -47.14
N ALA G 189 -66.77 39.31 -48.07
CA ALA G 189 -67.51 40.56 -48.12
C ALA G 189 -68.29 40.79 -46.84
N ASP G 190 -68.91 39.73 -46.31
CA ASP G 190 -69.62 39.84 -45.03
C ASP G 190 -68.67 40.31 -43.93
N ASN G 191 -67.44 39.79 -43.91
CA ASN G 191 -66.47 40.24 -42.91
C ASN G 191 -66.11 41.70 -43.10
N LEU G 192 -65.97 42.15 -44.36
CA LEU G 192 -65.59 43.53 -44.62
C LEU G 192 -66.74 44.49 -44.34
N LYS G 193 -67.98 44.08 -44.62
CA LYS G 193 -69.12 44.96 -44.43
C LYS G 193 -69.59 45.02 -42.98
N SER G 194 -69.47 43.91 -42.24
CA SER G 194 -69.98 43.83 -40.88
C SER G 194 -68.97 44.27 -39.82
N ASN G 195 -67.70 44.38 -40.17
CA ASN G 195 -66.66 44.82 -39.23
C ASN G 195 -65.86 45.95 -39.90
N PRO G 196 -66.30 47.20 -39.75
CA PRO G 196 -65.57 48.31 -40.36
C PRO G 196 -64.24 48.55 -39.66
N GLY G 197 -63.30 49.10 -40.43
CA GLY G 197 -61.97 49.37 -39.96
C GLY G 197 -60.94 48.37 -40.45
N ILE G 198 -61.34 47.11 -40.65
CA ILE G 198 -60.42 46.12 -41.17
C ILE G 198 -60.04 46.49 -42.60
N LYS G 199 -58.89 45.97 -43.04
CA LYS G 199 -58.37 46.29 -44.37
C LYS G 199 -58.34 45.08 -45.29
N TRP G 200 -57.21 44.37 -45.32
CA TRP G 200 -57.04 43.26 -46.22
C TRP G 200 -57.37 41.94 -45.54
N GLN G 201 -57.82 40.98 -46.36
CA GLN G 201 -58.04 39.59 -45.96
C GLN G 201 -57.42 38.71 -47.03
N TYR G 202 -56.52 37.82 -46.64
CA TYR G 202 -55.76 37.04 -47.61
C TYR G 202 -55.55 35.61 -47.11
N PHE G 203 -55.26 34.74 -48.07
CA PHE G 203 -54.89 33.34 -47.79
C PHE G 203 -53.77 32.96 -48.75
N SER G 204 -52.61 32.63 -48.19
CA SER G 204 -51.47 32.16 -48.96
C SER G 204 -51.41 30.64 -48.84
N SER G 205 -51.75 29.95 -49.92
CA SER G 205 -51.80 28.49 -49.89
C SER G 205 -50.40 27.90 -49.85
N GLU G 206 -50.32 26.66 -49.37
CA GLU G 206 -49.06 25.93 -49.43
C GLU G 206 -48.64 25.65 -50.87
N GLU G 207 -49.62 25.53 -51.76
CA GLU G 207 -49.30 25.32 -53.17
C GLU G 207 -48.56 26.52 -53.75
N GLY G 208 -49.05 27.72 -53.48
CA GLY G 208 -48.36 28.92 -53.92
C GLY G 208 -49.25 30.09 -54.30
N ILE G 209 -50.52 29.82 -54.63
CA ILE G 209 -51.41 30.88 -55.07
C ILE G 209 -51.71 31.81 -53.91
N PHE G 210 -51.52 33.10 -54.12
CA PHE G 210 -51.79 34.12 -53.12
C PHE G 210 -53.12 34.80 -53.46
N THR G 211 -54.07 34.73 -52.54
CA THR G 211 -55.40 35.30 -52.72
C THR G 211 -55.65 36.32 -51.62
N VAL G 212 -56.06 37.53 -52.00
CA VAL G 212 -56.29 38.62 -51.05
C VAL G 212 -57.59 39.32 -51.42
N PHE G 213 -58.33 39.78 -50.40
CA PHE G 213 -59.60 40.47 -50.59
C PHE G 213 -59.55 41.81 -49.86
N PRO G 214 -60.00 42.90 -50.49
CA PRO G 214 -60.50 42.94 -51.87
C PRO G 214 -59.38 42.98 -52.91
N ALA G 215 -59.74 42.75 -54.18
CA ALA G 215 -58.74 42.64 -55.23
C ALA G 215 -58.31 44.02 -55.72
N HIS G 216 -56.99 44.21 -55.86
CA HIS G 216 -56.44 45.44 -56.40
C HIS G 216 -55.22 45.09 -57.24
N LYS G 217 -54.60 46.13 -57.81
CA LYS G 217 -53.38 45.97 -58.61
C LYS G 217 -52.19 46.30 -57.72
N PHE G 218 -51.41 45.29 -57.35
CA PHE G 218 -50.28 45.44 -56.43
C PHE G 218 -49.08 44.69 -57.01
N ARG G 219 -48.24 45.41 -57.75
CA ARG G 219 -46.98 44.88 -58.29
C ARG G 219 -47.23 43.67 -59.18
N CYS G 220 -47.76 43.95 -60.37
CA CYS G 220 -47.73 42.99 -61.46
C CYS G 220 -46.48 43.14 -62.32
N LYS G 221 -45.57 44.04 -61.93
CA LYS G 221 -44.30 44.24 -62.61
C LYS G 221 -43.28 43.15 -62.30
N GLY G 222 -43.63 42.18 -61.47
CA GLY G 222 -42.77 41.06 -61.17
C GLY G 222 -43.56 39.83 -60.81
N SER G 223 -43.49 39.41 -59.55
CA SER G 223 -44.29 38.30 -59.04
C SER G 223 -44.34 38.40 -57.53
N TYR G 224 -45.56 38.38 -56.97
CA TYR G 224 -45.74 38.50 -55.53
C TYR G 224 -45.70 37.09 -54.93
N GLU G 225 -44.51 36.68 -54.52
CA GLU G 225 -44.31 35.39 -53.85
C GLU G 225 -44.43 35.61 -52.35
N HIS G 226 -45.58 35.21 -51.79
CA HIS G 226 -45.83 35.38 -50.37
C HIS G 226 -45.26 34.27 -49.50
N ARG G 227 -44.91 33.12 -50.10
CA ARG G 227 -44.36 32.03 -49.33
C ARG G 227 -42.95 32.31 -48.84
N SER G 228 -42.27 33.31 -49.41
CA SER G 228 -40.94 33.72 -48.97
C SER G 228 -40.95 35.10 -48.31
N ARG G 229 -42.10 35.56 -47.83
CA ARG G 229 -42.21 36.81 -47.11
C ARG G 229 -42.11 36.55 -45.61
N PRO G 230 -41.70 37.57 -44.83
CA PRO G 230 -41.59 37.37 -43.37
C PRO G 230 -42.92 37.05 -42.70
N ILE G 231 -44.05 37.27 -43.37
CA ILE G 231 -45.34 37.00 -42.77
C ILE G 231 -45.60 35.51 -42.70
N TYR G 232 -45.36 34.80 -43.80
CA TYR G 232 -45.67 33.38 -43.92
C TYR G 232 -44.56 32.47 -43.43
N VAL G 233 -43.41 33.01 -43.06
CA VAL G 233 -42.32 32.21 -42.50
C VAL G 233 -42.42 32.12 -40.99
N SER G 234 -42.71 33.24 -40.32
CA SER G 234 -42.77 33.26 -38.86
C SER G 234 -44.10 32.78 -38.31
N THR G 235 -45.03 32.34 -39.16
CA THR G 235 -46.32 31.85 -38.69
C THR G 235 -46.40 30.32 -38.68
N VAL G 236 -46.00 29.67 -39.79
CA VAL G 236 -46.02 28.21 -39.81
C VAL G 236 -44.87 27.63 -39.00
N ARG G 237 -43.76 28.38 -38.88
CA ARG G 237 -42.61 27.98 -38.09
C ARG G 237 -42.30 29.07 -37.07
N PRO G 238 -43.12 29.18 -36.02
CA PRO G 238 -42.96 30.29 -35.06
C PRO G 238 -41.74 30.17 -34.16
N GLN G 239 -41.00 29.06 -34.22
CA GLN G 239 -39.82 28.93 -33.39
C GLN G 239 -38.74 29.93 -33.83
N SER G 240 -37.84 30.23 -32.90
CA SER G 240 -36.77 31.19 -33.18
C SER G 240 -35.62 30.49 -33.89
N LYS G 241 -35.37 30.88 -35.14
CA LYS G 241 -34.29 30.31 -35.92
C LYS G 241 -32.99 31.09 -35.69
N HIS G 242 -31.91 30.36 -35.45
CA HIS G 242 -30.57 30.95 -35.31
C HIS G 242 -29.78 30.54 -36.56
N ILE G 243 -29.87 31.38 -37.59
CA ILE G 243 -29.35 31.07 -38.91
C ILE G 243 -28.06 31.83 -39.14
N VAL G 244 -27.07 31.18 -39.74
CA VAL G 244 -25.87 31.83 -40.26
C VAL G 244 -25.72 31.41 -41.72
N VAL G 245 -25.56 32.39 -42.61
CA VAL G 245 -25.45 32.15 -44.04
C VAL G 245 -24.00 32.38 -44.44
N ILE G 246 -23.36 31.34 -44.95
CA ILE G 246 -21.96 31.37 -45.34
C ILE G 246 -21.87 31.50 -46.84
N LEU G 247 -21.13 32.51 -47.32
CA LEU G 247 -20.99 32.81 -48.73
C LEU G 247 -19.63 32.37 -49.23
N ASP G 248 -19.59 31.90 -50.47
CA ASP G 248 -18.36 31.41 -51.09
C ASP G 248 -18.01 32.31 -52.29
N HIS G 249 -17.15 33.29 -52.05
CA HIS G 249 -16.38 33.91 -53.11
C HIS G 249 -14.95 33.42 -52.98
N GLY G 250 -14.20 33.56 -54.06
CA GLY G 250 -12.87 32.98 -54.14
C GLY G 250 -12.88 31.67 -54.89
N ALA G 251 -11.67 31.11 -55.05
CA ALA G 251 -11.44 29.95 -55.90
C ALA G 251 -11.96 30.21 -57.32
N SER G 252 -11.86 31.47 -57.75
CA SER G 252 -12.31 31.91 -59.07
C SER G 252 -13.80 31.61 -59.29
N VAL G 253 -14.62 32.17 -58.39
CA VAL G 253 -16.07 32.08 -58.56
C VAL G 253 -16.48 33.04 -59.68
N THR G 254 -17.27 32.52 -60.62
CA THR G 254 -17.58 33.27 -61.82
C THR G 254 -18.57 34.40 -61.52
N ASP G 255 -18.86 35.21 -62.54
CA ASP G 255 -19.73 36.36 -62.37
C ASP G 255 -21.13 35.94 -61.95
N THR G 256 -21.73 35.00 -62.66
CA THR G 256 -23.08 34.57 -62.34
C THR G 256 -23.11 33.73 -61.07
N GLN G 257 -22.08 32.93 -60.82
CA GLN G 257 -22.03 32.16 -59.58
C GLN G 257 -21.95 33.06 -58.35
N LEU G 258 -21.31 34.22 -58.48
CA LEU G 258 -21.37 35.22 -57.41
C LEU G 258 -22.67 36.01 -57.44
N GLN G 259 -23.26 36.18 -58.64
CA GLN G 259 -24.52 36.90 -58.74
C GLN G 259 -25.66 36.10 -58.15
N ILE G 260 -25.65 34.77 -58.32
CA ILE G 260 -26.67 33.93 -57.71
C ILE G 260 -26.47 33.86 -56.20
N ALA G 261 -25.21 33.86 -55.75
CA ALA G 261 -24.93 33.79 -54.32
C ALA G 261 -25.37 35.05 -53.60
N LYS G 262 -25.27 36.22 -54.26
CA LYS G 262 -25.65 37.47 -53.62
C LYS G 262 -27.13 37.78 -53.79
N ASP G 263 -27.77 37.27 -54.84
CA ASP G 263 -29.21 37.42 -54.98
C ASP G 263 -29.95 36.49 -54.02
N ALA G 264 -29.40 35.31 -53.76
CA ALA G 264 -30.03 34.37 -52.84
C ALA G 264 -29.75 34.74 -51.38
N ALA G 265 -28.62 35.39 -51.12
CA ALA G 265 -28.33 35.84 -49.77
C ALA G 265 -29.27 36.94 -49.31
N GLN G 266 -29.91 37.64 -50.25
CA GLN G 266 -30.87 38.69 -49.90
C GLN G 266 -32.31 38.20 -49.95
N VAL G 267 -32.56 36.99 -50.41
CA VAL G 267 -33.89 36.40 -50.28
C VAL G 267 -34.06 35.78 -48.90
N ILE G 268 -32.97 35.31 -48.30
CA ILE G 268 -33.02 34.75 -46.95
C ILE G 268 -33.35 35.84 -45.93
N LEU G 269 -32.63 36.96 -46.00
CA LEU G 269 -32.83 38.02 -45.01
C LEU G 269 -34.16 38.73 -45.20
N SER G 270 -34.71 38.71 -46.41
CA SER G 270 -36.02 39.31 -46.67
C SER G 270 -37.18 38.38 -46.32
N ALA G 271 -36.90 37.28 -45.62
CA ALA G 271 -37.92 36.30 -45.29
C ALA G 271 -38.00 35.95 -43.80
N ILE G 272 -37.07 36.43 -42.98
CA ILE G 272 -37.05 36.03 -41.57
C ILE G 272 -37.69 37.10 -40.70
N ASP G 273 -37.73 36.85 -39.40
CA ASP G 273 -38.41 37.69 -38.43
C ASP G 273 -37.43 38.13 -37.35
N GLU G 274 -37.83 39.13 -36.57
CA GLU G 274 -36.91 39.69 -35.57
C GLU G 274 -36.74 38.79 -34.36
N HIS G 275 -37.60 37.79 -34.18
CA HIS G 275 -37.38 36.80 -33.12
C HIS G 275 -36.31 35.78 -33.51
N ASP G 276 -35.78 35.86 -34.72
CA ASP G 276 -34.68 35.04 -35.17
C ASP G 276 -33.35 35.78 -34.95
N LYS G 277 -32.24 35.10 -35.29
CA LYS G 277 -30.92 35.71 -35.22
C LYS G 277 -30.14 35.31 -36.47
N ILE G 278 -29.33 36.24 -36.97
CA ILE G 278 -28.66 36.07 -38.25
C ILE G 278 -27.22 36.56 -38.15
N SER G 279 -26.34 35.93 -38.93
CA SER G 279 -24.94 36.36 -39.02
C SER G 279 -24.39 35.82 -40.33
N VAL G 280 -24.20 36.70 -41.31
CA VAL G 280 -23.71 36.31 -42.63
C VAL G 280 -22.19 36.35 -42.64
N LEU G 281 -21.58 35.32 -43.22
CA LEU G 281 -20.14 35.18 -43.27
C LEU G 281 -19.67 35.01 -44.71
N THR G 282 -18.51 35.59 -45.02
CA THR G 282 -17.86 35.42 -46.31
C THR G 282 -16.57 34.63 -46.10
N VAL G 283 -16.29 33.69 -47.01
CA VAL G 283 -15.19 32.75 -46.84
C VAL G 283 -14.33 32.78 -48.10
N ALA G 284 -13.11 33.28 -47.97
CA ALA G 284 -12.12 33.27 -49.06
C ALA G 284 -10.76 33.51 -48.41
N ASP G 285 -10.10 32.43 -48.00
CA ASP G 285 -8.83 32.46 -47.27
C ASP G 285 -9.02 32.99 -45.86
N ALA G 286 -9.97 33.90 -45.67
CA ALA G 286 -10.27 34.47 -44.36
C ALA G 286 -11.78 34.62 -44.22
N VAL G 287 -12.23 34.77 -42.97
CA VAL G 287 -13.64 34.95 -42.66
C VAL G 287 -13.81 36.29 -41.96
N ARG G 288 -14.67 37.14 -42.51
CA ARG G 288 -14.99 38.44 -41.91
C ARG G 288 -16.50 38.61 -41.93
N THR G 289 -17.09 38.83 -40.77
CA THR G 289 -18.53 39.06 -40.68
C THR G 289 -18.81 40.53 -40.97
N CYS G 290 -20.03 40.97 -40.67
CA CYS G 290 -20.41 42.36 -40.90
C CYS G 290 -19.59 43.28 -40.01
N SER G 291 -18.82 44.17 -40.63
CA SER G 291 -17.92 45.09 -39.91
C SER G 291 -18.61 46.41 -39.57
N LEU G 292 -19.85 46.35 -39.05
CA LEU G 292 -20.60 47.57 -38.77
C LEU G 292 -21.11 47.64 -37.33
N ASP G 293 -20.68 46.73 -36.46
CA ASP G 293 -21.13 46.75 -35.07
C ASP G 293 -20.15 45.96 -34.22
N GLN G 294 -20.30 46.11 -32.90
CA GLN G 294 -19.41 45.43 -31.95
C GLN G 294 -19.77 43.96 -31.81
N CYS G 295 -21.04 43.66 -31.53
CA CYS G 295 -21.47 42.29 -31.26
C CYS G 295 -21.75 41.47 -32.52
N TYR G 296 -21.40 41.99 -33.70
CA TYR G 296 -21.49 41.17 -34.91
C TYR G 296 -20.32 40.21 -35.03
N LYS G 297 -19.15 40.60 -34.51
CA LYS G 297 -17.96 39.76 -34.52
C LYS G 297 -17.88 38.84 -33.29
N THR G 298 -19.00 38.65 -32.59
CA THR G 298 -18.98 37.84 -31.38
C THR G 298 -20.25 37.01 -31.22
N TYR G 299 -21.41 37.62 -31.37
CA TYR G 299 -22.70 36.97 -31.15
C TYR G 299 -23.56 37.04 -32.40
N LEU G 300 -24.74 36.43 -32.30
CA LEU G 300 -25.79 36.54 -33.30
C LEU G 300 -26.78 37.61 -32.86
N SER G 301 -27.00 38.61 -33.70
CA SER G 301 -27.92 39.67 -33.34
C SER G 301 -29.30 39.39 -33.91
N PRO G 302 -30.36 39.81 -33.21
CA PRO G 302 -31.71 39.63 -33.74
C PRO G 302 -31.89 40.31 -35.09
N ALA G 303 -32.86 39.81 -35.85
CA ALA G 303 -33.04 40.22 -37.24
C ALA G 303 -34.13 41.29 -37.35
N THR G 304 -33.81 42.46 -36.80
CA THR G 304 -34.68 43.62 -36.96
C THR G 304 -34.41 44.28 -38.32
N SER G 305 -35.24 45.27 -38.65
CA SER G 305 -35.08 45.96 -39.92
C SER G 305 -33.77 46.72 -40.00
N GLU G 306 -33.23 47.15 -38.85
CA GLU G 306 -31.94 47.83 -38.84
C GLU G 306 -30.78 46.86 -39.04
N THR G 307 -30.91 45.63 -38.53
CA THR G 307 -29.89 44.62 -38.75
C THR G 307 -29.98 44.00 -40.13
N LYS G 308 -31.21 43.87 -40.66
CA LYS G 308 -31.37 43.36 -42.03
C LYS G 308 -30.66 44.25 -43.04
N ARG G 309 -30.71 45.57 -42.83
CA ARG G 309 -30.13 46.50 -43.79
C ARG G 309 -28.61 46.46 -43.77
N LYS G 310 -28.02 46.48 -42.56
CA LYS G 310 -26.57 46.41 -42.45
C LYS G 310 -26.04 45.07 -42.99
N MET G 311 -26.78 43.99 -42.76
CA MET G 311 -26.35 42.67 -43.21
C MET G 311 -26.59 42.47 -44.72
N SER G 312 -27.52 43.22 -45.32
CA SER G 312 -27.77 43.11 -46.75
C SER G 312 -26.80 43.94 -47.58
N THR G 313 -26.39 45.11 -47.09
CA THR G 313 -25.40 45.90 -47.80
C THR G 313 -24.01 45.28 -47.72
N PHE G 314 -23.75 44.44 -46.70
CA PHE G 314 -22.53 43.66 -46.67
C PHE G 314 -22.47 42.66 -47.82
N VAL G 315 -23.62 42.34 -48.41
CA VAL G 315 -23.71 41.53 -49.61
C VAL G 315 -23.58 42.46 -50.81
N SER G 316 -23.11 41.91 -51.94
CA SER G 316 -22.85 42.63 -53.18
C SER G 316 -21.63 43.54 -53.05
N SER G 317 -21.09 43.63 -51.83
CA SER G 317 -19.83 44.33 -51.60
C SER G 317 -18.63 43.39 -51.66
N VAL G 318 -18.86 42.08 -51.75
CA VAL G 318 -17.80 41.10 -51.84
C VAL G 318 -17.59 40.73 -53.30
N LYS G 319 -16.33 40.65 -53.70
CA LYS G 319 -15.91 40.40 -55.07
C LYS G 319 -15.22 39.04 -55.18
N PRO G 320 -15.16 38.46 -56.38
CA PRO G 320 -14.56 37.12 -56.52
C PRO G 320 -13.07 37.15 -56.22
N SER G 321 -12.66 36.36 -55.24
CA SER G 321 -11.26 36.22 -54.89
C SER G 321 -10.65 35.10 -55.71
N ASP G 322 -9.38 34.76 -55.43
CA ASP G 322 -8.69 33.71 -56.18
C ASP G 322 -8.04 32.65 -55.31
N SER G 323 -7.85 32.90 -54.01
CA SER G 323 -7.28 31.90 -53.13
C SER G 323 -8.22 30.72 -52.98
N PRO G 324 -7.71 29.55 -52.56
CA PRO G 324 -8.61 28.45 -52.22
C PRO G 324 -9.61 28.88 -51.16
N THR G 325 -10.80 28.28 -51.23
CA THR G 325 -11.92 28.75 -50.41
C THR G 325 -11.59 28.69 -48.92
N GLN G 326 -10.87 27.65 -48.48
CA GLN G 326 -10.63 27.39 -47.06
C GLN G 326 -11.95 27.14 -46.34
N HIS G 327 -12.52 25.96 -46.65
CA HIS G 327 -13.86 25.64 -46.17
C HIS G 327 -13.89 25.37 -44.67
N ALA G 328 -12.88 24.66 -44.16
CA ALA G 328 -12.95 24.15 -42.78
C ALA G 328 -12.99 25.30 -41.78
N VAL G 329 -12.14 26.31 -41.96
CA VAL G 329 -12.11 27.43 -41.02
C VAL G 329 -13.40 28.25 -41.13
N GLY G 330 -14.07 28.20 -42.29
CA GLY G 330 -15.33 28.90 -42.44
C GLY G 330 -16.44 28.30 -41.59
N PHE G 331 -16.43 26.98 -41.42
CA PHE G 331 -17.43 26.33 -40.57
C PHE G 331 -17.08 26.45 -39.10
N HIS G 332 -15.79 26.47 -38.75
CA HIS G 332 -15.40 26.54 -37.35
C HIS G 332 -15.81 27.87 -36.72
N ARG G 333 -15.87 28.93 -37.52
CA ARG G 333 -16.28 30.23 -36.98
C ARG G 333 -17.79 30.27 -36.76
N ALA G 334 -18.56 29.62 -37.63
CA ALA G 334 -20.00 29.66 -37.50
C ALA G 334 -20.49 28.96 -36.24
N PHE G 335 -19.73 27.97 -35.75
CA PHE G 335 -20.11 27.32 -34.51
C PHE G 335 -19.69 28.14 -33.29
N GLN G 336 -18.54 28.83 -33.38
CA GLN G 336 -18.10 29.69 -32.28
C GLN G 336 -19.10 30.81 -32.03
N LEU G 337 -19.88 31.18 -33.04
CA LEU G 337 -20.87 32.24 -32.87
C LEU G 337 -22.15 31.71 -32.24
N ILE G 338 -22.62 30.54 -32.71
CA ILE G 338 -23.86 29.98 -32.19
C ILE G 338 -23.69 29.50 -30.76
N ARG G 339 -22.47 29.10 -30.39
CA ARG G 339 -22.23 28.65 -29.02
C ARG G 339 -22.44 29.77 -28.01
N SER G 340 -21.84 30.94 -28.27
CA SER G 340 -21.83 32.03 -27.30
C SER G 340 -23.20 32.70 -27.14
N THR G 341 -24.16 32.42 -28.03
CA THR G 341 -25.46 33.07 -27.95
C THR G 341 -26.39 32.32 -27.00
N SER G 342 -27.33 33.07 -26.43
CA SER G 342 -28.29 32.49 -25.50
C SER G 342 -29.37 31.71 -26.26
N ASN G 343 -30.04 30.82 -25.54
CA ASN G 343 -31.16 30.07 -26.10
C ASN G 343 -32.48 30.80 -25.93
N SER G 344 -32.73 31.36 -24.74
CA SER G 344 -33.94 32.11 -24.45
C SER G 344 -35.20 31.31 -24.75
N ALA G 349 -40.81 28.29 -26.17
CA ALA G 349 -39.93 29.04 -27.07
C ALA G 349 -38.89 28.12 -27.71
N ASN G 350 -39.30 27.37 -28.72
CA ASN G 350 -38.40 26.45 -29.40
C ASN G 350 -37.31 27.21 -30.15
N THR G 351 -36.10 26.66 -30.15
CA THR G 351 -34.95 27.27 -30.82
C THR G 351 -34.31 26.23 -31.73
N ASP G 352 -34.40 26.46 -33.04
CA ASP G 352 -33.76 25.60 -34.02
C ASP G 352 -32.61 26.37 -34.68
N MET G 353 -31.56 25.64 -35.03
CA MET G 353 -30.32 26.23 -35.51
C MET G 353 -29.90 25.58 -36.82
N VAL G 354 -29.70 26.40 -37.85
CA VAL G 354 -29.42 25.92 -39.21
C VAL G 354 -28.28 26.74 -39.80
N ILE G 355 -27.46 26.07 -40.63
CA ILE G 355 -26.37 26.71 -41.36
C ILE G 355 -26.58 26.50 -42.84
N ILE G 356 -26.54 27.58 -43.62
CA ILE G 356 -26.69 27.53 -45.07
C ILE G 356 -25.36 27.89 -45.70
N TYR G 357 -25.00 27.16 -46.75
CA TYR G 357 -23.68 27.27 -47.38
C TYR G 357 -23.87 27.37 -48.89
N LEU G 358 -23.38 28.46 -49.48
CA LEU G 358 -23.58 28.76 -50.90
C LEU G 358 -22.24 28.71 -51.61
N SER G 359 -21.88 27.53 -52.13
CA SER G 359 -20.62 27.33 -52.82
C SER G 359 -20.86 26.73 -54.20
N ALA G 360 -19.77 26.52 -54.93
CA ALA G 360 -19.80 25.88 -56.23
C ALA G 360 -19.00 24.58 -56.26
N GLY G 361 -18.52 24.11 -55.10
CA GLY G 361 -17.69 22.93 -55.04
C GLY G 361 -16.24 23.24 -55.37
N ILE G 362 -15.39 23.34 -54.35
CA ILE G 362 -14.01 23.75 -54.50
C ILE G 362 -13.11 22.62 -54.03
N THR G 363 -12.10 22.29 -54.84
CA THR G 363 -11.19 21.19 -54.56
C THR G 363 -9.76 21.70 -54.65
N SER G 364 -8.85 20.97 -54.00
CA SER G 364 -7.45 21.34 -53.97
C SER G 364 -6.67 20.57 -55.03
N LYS G 365 -5.37 20.82 -55.10
CA LYS G 365 -4.53 20.16 -56.09
C LYS G 365 -4.34 18.69 -55.75
N ASP G 366 -3.99 18.38 -54.50
CA ASP G 366 -3.92 17.00 -54.04
C ASP G 366 -4.56 16.79 -52.68
N SER G 367 -4.74 17.85 -51.88
CA SER G 367 -5.45 17.72 -50.62
C SER G 367 -6.93 17.85 -50.89
N SER G 368 -7.39 17.26 -51.99
CA SER G 368 -8.81 17.35 -52.37
C SER G 368 -9.68 16.68 -51.31
N GLU G 369 -9.39 15.42 -51.01
CA GLU G 369 -10.08 14.71 -49.95
C GLU G 369 -9.40 14.89 -48.60
N GLU G 370 -8.38 15.74 -48.52
CA GLU G 370 -7.73 16.06 -47.25
C GLU G 370 -8.31 17.32 -46.62
N ASP G 371 -8.65 18.33 -47.43
CA ASP G 371 -9.39 19.46 -46.88
C ASP G 371 -10.87 19.14 -46.74
N LYS G 372 -11.39 18.24 -47.58
CA LYS G 372 -12.74 17.71 -47.36
C LYS G 372 -12.82 17.00 -46.01
N LYS G 373 -11.76 16.30 -45.62
CA LYS G 373 -11.70 15.72 -44.28
C LYS G 373 -11.83 16.81 -43.23
N ALA G 374 -10.98 17.82 -43.30
CA ALA G 374 -10.92 18.86 -42.27
C ALA G 374 -12.24 19.60 -42.15
N THR G 375 -13.05 19.64 -43.22
CA THR G 375 -14.35 20.30 -43.14
C THR G 375 -15.35 19.43 -42.36
N LEU G 376 -15.47 18.17 -42.74
CA LEU G 376 -16.28 17.23 -41.98
C LEU G 376 -15.58 16.74 -40.72
N ARG G 377 -14.35 17.20 -40.48
CA ARG G 377 -13.65 16.94 -39.23
C ARG G 377 -14.06 17.93 -38.15
N VAL G 378 -14.22 19.21 -38.53
CA VAL G 378 -14.71 20.20 -37.59
C VAL G 378 -16.23 20.15 -37.44
N ILE G 379 -16.92 19.57 -38.42
CA ILE G 379 -18.37 19.39 -38.28
C ILE G 379 -18.68 18.35 -37.20
N ASN G 380 -17.82 17.33 -37.06
CA ASN G 380 -18.01 16.36 -35.99
C ASN G 380 -17.62 16.93 -34.63
N GLU G 381 -16.52 17.67 -34.57
CA GLU G 381 -16.01 18.15 -33.30
C GLU G 381 -16.81 19.33 -32.76
N GLU G 382 -17.25 20.23 -33.65
CA GLU G 382 -18.00 21.40 -33.20
C GLU G 382 -19.48 21.08 -33.00
N ASN G 383 -20.11 20.43 -33.99
CA ASN G 383 -21.52 20.09 -33.84
C ASN G 383 -21.71 18.96 -32.82
N GLY G 384 -20.74 18.05 -32.73
CA GLY G 384 -20.79 17.06 -31.66
C GLY G 384 -20.62 17.68 -30.28
N PHE G 385 -19.92 18.82 -30.21
CA PHE G 385 -19.81 19.55 -28.96
C PHE G 385 -21.12 20.23 -28.57
N LEU G 386 -22.06 20.36 -29.51
CA LEU G 386 -23.34 21.00 -29.26
C LEU G 386 -24.50 20.00 -29.29
N ASN G 387 -24.21 18.72 -29.07
CA ASN G 387 -25.24 17.68 -28.94
C ASN G 387 -26.07 17.52 -30.20
N ASN G 388 -25.48 17.83 -31.36
CA ASN G 388 -26.12 17.67 -32.67
C ASN G 388 -27.48 18.37 -32.72
N SER G 389 -27.41 19.70 -32.62
CA SER G 389 -28.59 20.55 -32.75
C SER G 389 -28.64 21.31 -34.07
N VAL G 390 -27.53 21.42 -34.77
CA VAL G 390 -27.42 22.25 -35.96
C VAL G 390 -27.77 21.44 -37.19
N MET G 391 -28.53 22.05 -38.09
CA MET G 391 -28.85 21.50 -39.40
C MET G 391 -28.08 22.25 -40.47
N ILE G 392 -27.70 21.55 -41.53
CA ILE G 392 -26.85 22.10 -42.59
C ILE G 392 -27.61 22.03 -43.91
N LEU G 393 -27.83 23.20 -44.51
CA LEU G 393 -28.37 23.31 -45.85
C LEU G 393 -27.28 23.78 -46.81
N THR G 394 -27.26 23.20 -48.00
CA THR G 394 -26.27 23.56 -49.01
C THR G 394 -26.98 23.77 -50.35
N TYR G 395 -26.68 24.89 -51.00
CA TYR G 395 -27.23 25.20 -52.32
C TYR G 395 -26.10 25.35 -53.30
N ALA G 396 -26.16 24.60 -54.40
CA ALA G 396 -25.11 24.63 -55.40
C ALA G 396 -25.25 25.84 -56.31
N LEU G 397 -24.13 26.44 -56.68
CA LEU G 397 -24.07 27.60 -57.56
C LEU G 397 -23.55 27.13 -58.92
N MET G 398 -24.46 26.65 -59.77
CA MET G 398 -24.11 26.06 -61.05
C MET G 398 -24.60 26.94 -62.19
N ASN G 399 -23.82 26.97 -63.27
CA ASN G 399 -24.23 27.65 -64.50
C ASN G 399 -23.39 27.12 -65.65
N ASP G 400 -24.06 26.64 -66.69
CA ASP G 400 -23.44 26.24 -67.96
C ASP G 400 -22.54 25.01 -67.81
N GLY G 401 -22.27 24.59 -66.58
CA GLY G 401 -21.36 23.49 -66.34
C GLY G 401 -20.06 23.86 -65.66
N VAL G 402 -19.92 25.12 -65.19
CA VAL G 402 -18.74 25.49 -64.42
C VAL G 402 -18.62 24.62 -63.17
N THR G 403 -19.77 24.28 -62.58
CA THR G 403 -19.81 23.30 -61.51
C THR G 403 -20.01 21.92 -62.12
N GLY G 404 -19.06 21.02 -61.89
CA GLY G 404 -19.06 19.71 -62.52
C GLY G 404 -20.02 18.74 -61.88
N LEU G 405 -19.72 17.45 -62.08
CA LEU G 405 -20.53 16.36 -61.54
C LEU G 405 -20.00 15.82 -60.22
N LYS G 406 -18.71 16.00 -59.94
CA LYS G 406 -18.10 15.51 -58.71
C LYS G 406 -18.25 16.50 -57.56
N GLU G 407 -18.20 17.81 -57.85
CA GLU G 407 -18.32 18.81 -56.80
C GLU G 407 -19.73 18.86 -56.20
N LEU G 408 -20.73 18.30 -56.88
CA LEU G 408 -22.04 18.16 -56.27
C LEU G 408 -22.00 17.19 -55.11
N ALA G 409 -21.17 16.14 -55.20
CA ALA G 409 -21.10 15.15 -54.13
C ALA G 409 -20.49 15.72 -52.85
N PHE G 410 -19.56 16.68 -52.98
CA PHE G 410 -18.99 17.31 -51.79
C PHE G 410 -20.05 18.12 -51.05
N LEU G 411 -20.92 18.81 -51.80
CA LEU G 411 -22.03 19.53 -51.18
C LEU G 411 -23.13 18.61 -50.70
N ARG G 412 -23.16 17.35 -51.19
CA ARG G 412 -24.12 16.39 -50.66
C ARG G 412 -23.71 15.90 -49.28
N ASP G 413 -22.42 15.63 -49.08
CA ASP G 413 -21.94 15.11 -47.81
C ASP G 413 -21.99 16.15 -46.70
N LEU G 414 -22.00 17.44 -47.04
CA LEU G 414 -22.04 18.48 -46.01
C LEU G 414 -23.44 18.57 -45.39
N ALA G 415 -24.48 18.57 -46.22
CA ALA G 415 -25.84 18.64 -45.69
C ALA G 415 -26.21 17.37 -44.93
N GLU G 416 -25.79 16.21 -45.44
CA GLU G 416 -26.04 14.95 -44.76
C GLU G 416 -25.11 14.72 -43.58
N GLN G 417 -24.05 15.53 -43.44
CA GLN G 417 -23.06 15.35 -42.39
C GLN G 417 -22.46 13.95 -42.43
N ASN G 418 -22.13 13.49 -43.64
CA ASN G 418 -21.64 12.13 -43.90
C ASN G 418 -20.14 12.10 -43.64
N SER G 419 -19.79 12.06 -42.35
CA SER G 419 -18.40 12.17 -41.93
C SER G 419 -17.67 10.83 -41.89
N GLY G 420 -18.40 9.72 -41.67
CA GLY G 420 -17.77 8.42 -41.70
C GLY G 420 -17.22 8.02 -43.05
N LYS G 421 -17.56 8.76 -44.10
CA LYS G 421 -17.06 8.46 -45.43
C LYS G 421 -15.56 8.72 -45.54
N TYR G 422 -15.08 9.79 -44.90
CA TYR G 422 -13.67 10.18 -44.96
C TYR G 422 -12.89 9.70 -43.74
N GLY G 423 -13.30 8.59 -43.14
CA GLY G 423 -12.55 8.00 -42.04
C GLY G 423 -12.48 8.83 -40.79
N ILE G 424 -13.63 9.09 -40.18
CA ILE G 424 -13.70 9.81 -38.91
C ILE G 424 -14.39 8.90 -37.90
N PRO G 425 -13.92 8.83 -36.64
CA PRO G 425 -14.59 7.97 -35.65
C PRO G 425 -16.09 8.23 -35.53
N ASP G 426 -16.50 9.50 -35.50
CA ASP G 426 -17.91 9.88 -35.39
C ASP G 426 -18.56 9.21 -34.18
N ARG G 427 -17.98 9.48 -33.01
CA ARG G 427 -18.47 8.92 -31.75
C ARG G 427 -19.45 9.87 -31.07
N THR G 428 -20.39 10.40 -31.84
CA THR G 428 -21.48 11.22 -31.32
C THR G 428 -22.70 10.32 -31.15
N ALA G 429 -23.02 9.99 -29.90
CA ALA G 429 -24.09 9.04 -29.63
C ALA G 429 -25.46 9.55 -30.07
N LEU G 430 -25.62 10.86 -30.24
CA LEU G 430 -26.88 11.46 -30.66
C LEU G 430 -26.96 11.52 -32.19
N PRO G 431 -28.13 11.19 -32.78
CA PRO G 431 -28.24 11.20 -34.24
C PRO G 431 -28.07 12.59 -34.85
N VAL G 432 -28.08 12.68 -36.17
CA VAL G 432 -27.82 13.93 -36.87
C VAL G 432 -29.07 14.33 -37.65
N ILE G 433 -29.32 15.64 -37.71
CA ILE G 433 -30.43 16.18 -38.49
C ILE G 433 -29.93 16.35 -39.92
N LYS G 434 -30.36 15.47 -40.82
CA LYS G 434 -29.87 15.47 -42.19
C LYS G 434 -30.50 16.60 -42.98
N GLY G 435 -29.65 17.42 -43.61
CA GLY G 435 -30.13 18.52 -44.43
C GLY G 435 -30.34 18.12 -45.88
N SER G 436 -30.89 19.07 -46.64
CA SER G 436 -31.14 18.88 -48.06
C SER G 436 -30.15 19.67 -48.90
N MET G 437 -30.06 19.32 -50.17
CA MET G 437 -29.20 19.99 -51.13
C MET G 437 -30.00 20.31 -52.38
N MET G 438 -29.94 21.57 -52.82
CA MET G 438 -30.68 22.04 -53.98
C MET G 438 -29.75 22.76 -54.94
N VAL G 439 -30.02 22.63 -56.23
CA VAL G 439 -29.18 23.21 -57.28
C VAL G 439 -29.83 24.49 -57.77
N LEU G 440 -28.99 25.40 -58.27
CA LEU G 440 -29.44 26.71 -58.70
C LEU G 440 -28.74 27.12 -59.98
N ASN G 441 -29.44 27.95 -60.77
CA ASN G 441 -28.84 28.69 -61.87
C ASN G 441 -29.55 30.04 -61.95
N GLN G 442 -29.18 30.84 -62.95
CA GLN G 442 -29.79 32.17 -63.04
C GLN G 442 -31.23 32.13 -63.55
N LEU G 443 -31.79 30.94 -63.78
CA LEU G 443 -33.19 30.81 -64.18
C LEU G 443 -34.08 30.30 -63.05
N SER G 444 -33.51 29.65 -62.05
CA SER G 444 -34.31 29.13 -60.93
C SER G 444 -34.92 30.27 -60.14
N ASN G 445 -36.12 30.03 -59.60
CA ASN G 445 -36.77 31.01 -58.73
C ASN G 445 -36.15 30.94 -57.34
N LEU G 446 -35.50 32.02 -56.93
CA LEU G 446 -34.85 32.07 -55.63
C LEU G 446 -35.83 32.23 -54.48
N GLU G 447 -37.10 32.52 -54.77
CA GLU G 447 -38.11 32.56 -53.72
C GLU G 447 -38.68 31.17 -53.42
N THR G 448 -38.75 30.30 -54.41
CA THR G 448 -39.30 28.97 -54.24
C THR G 448 -38.25 27.90 -53.99
N THR G 449 -36.97 28.20 -54.21
CA THR G 449 -35.88 27.28 -53.91
C THR G 449 -35.13 27.67 -52.64
N VAL G 450 -34.57 28.88 -52.63
CA VAL G 450 -33.86 29.35 -51.44
C VAL G 450 -34.84 29.85 -50.39
N GLY G 451 -35.90 30.53 -50.81
CA GLY G 451 -36.90 31.03 -49.87
C GLY G 451 -37.69 29.92 -49.18
N ARG G 452 -37.75 28.74 -49.79
CA ARG G 452 -38.41 27.59 -49.18
C ARG G 452 -37.47 26.72 -48.37
N PHE G 453 -36.47 27.33 -47.72
CA PHE G 453 -35.58 26.57 -46.85
C PHE G 453 -36.26 26.14 -45.56
N TYR G 454 -37.37 26.78 -45.19
CA TYR G 454 -38.00 26.50 -43.91
C TYR G 454 -38.77 25.18 -43.91
N THR G 455 -39.00 24.58 -45.08
CA THR G 455 -39.66 23.29 -45.12
C THR G 455 -38.77 22.17 -44.60
N ASN G 456 -37.46 22.38 -44.58
CA ASN G 456 -36.52 21.40 -44.07
C ASN G 456 -36.47 21.38 -42.54
N LEU G 457 -37.13 22.34 -41.87
CA LEU G 457 -37.18 22.45 -40.41
C LEU G 457 -38.34 21.63 -39.86
N PRO G 458 -38.19 21.10 -38.64
CA PRO G 458 -39.27 20.33 -38.03
C PRO G 458 -40.50 21.19 -37.77
N ASN G 459 -41.65 20.74 -38.26
CA ASN G 459 -42.92 21.41 -38.02
C ASN G 459 -43.58 20.76 -36.81
N ARG G 460 -43.61 21.49 -35.69
CA ARG G 460 -44.10 20.95 -34.42
C ARG G 460 -45.60 21.18 -34.23
N MET G 461 -46.32 21.49 -35.30
CA MET G 461 -47.79 21.57 -35.29
C MET G 461 -48.29 22.57 -34.25
N ILE G 462 -47.70 23.77 -34.27
CA ILE G 462 -48.12 24.85 -33.39
C ILE G 462 -49.28 25.58 -34.04
N ASP G 463 -50.45 25.51 -33.43
CA ASP G 463 -51.66 26.14 -33.95
C ASP G 463 -52.04 27.26 -32.98
N GLU G 464 -51.32 28.37 -33.07
CA GLU G 464 -51.53 29.50 -32.17
C GLU G 464 -51.48 30.80 -32.96
N ALA G 465 -52.28 31.77 -32.53
CA ALA G 465 -52.30 33.07 -33.18
C ALA G 465 -51.04 33.85 -32.88
N VAL G 466 -50.40 34.39 -33.91
CA VAL G 466 -49.19 35.18 -33.77
C VAL G 466 -49.50 36.61 -34.23
N PHE G 467 -49.06 37.58 -33.45
CA PHE G 467 -49.24 38.99 -33.78
C PHE G 467 -47.94 39.58 -34.29
N SER G 468 -48.03 40.36 -35.36
CA SER G 468 -46.87 41.00 -35.96
C SER G 468 -46.80 42.46 -35.55
N LEU G 469 -45.58 42.97 -35.46
CA LEU G 469 -45.35 44.38 -35.20
C LEU G 469 -45.63 45.19 -36.47
N PRO G 470 -45.91 46.49 -36.33
CA PRO G 470 -46.24 47.30 -37.50
C PRO G 470 -45.15 47.27 -38.57
N PHE G 471 -45.57 47.09 -39.81
CA PHE G 471 -44.64 47.05 -40.94
C PHE G 471 -45.32 47.69 -42.15
N SER G 472 -44.51 47.99 -43.17
CA SER G 472 -45.03 48.60 -44.38
C SER G 472 -45.78 47.57 -45.21
N ASP G 473 -46.98 47.93 -45.67
CA ASP G 473 -47.81 47.03 -46.45
C ASP G 473 -47.18 46.84 -47.84
N GLU G 474 -46.85 45.59 -48.17
CA GLU G 474 -46.29 45.27 -49.48
C GLU G 474 -47.30 45.43 -50.61
N MET G 475 -48.55 45.77 -50.31
CA MET G 475 -49.61 45.80 -51.30
C MET G 475 -50.03 47.22 -51.70
N GLY G 476 -49.26 48.23 -51.28
CA GLY G 476 -49.44 49.56 -51.82
C GLY G 476 -50.12 50.57 -50.93
N ASP G 477 -49.91 50.49 -49.62
CA ASP G 477 -50.49 51.47 -48.70
C ASP G 477 -49.60 51.53 -47.45
N GLY G 478 -50.11 52.19 -46.40
CA GLY G 478 -49.32 52.52 -45.24
C GLY G 478 -49.06 51.40 -44.25
N LEU G 479 -49.24 51.69 -42.97
CA LEU G 479 -48.80 50.81 -41.89
C LEU G 479 -49.90 49.82 -41.51
N ILE G 480 -49.49 48.60 -41.19
CA ILE G 480 -50.39 47.49 -40.97
C ILE G 480 -49.94 46.70 -39.73
N MET G 481 -50.89 46.19 -38.97
CA MET G 481 -50.65 45.17 -37.97
C MET G 481 -51.44 43.93 -38.34
N THR G 482 -50.76 42.82 -38.56
CA THR G 482 -51.37 41.60 -39.06
C THR G 482 -51.25 40.48 -38.02
N VAL G 483 -52.35 39.79 -37.76
CA VAL G 483 -52.35 38.57 -36.97
C VAL G 483 -52.66 37.41 -37.90
N SER G 484 -51.94 36.31 -37.75
CA SER G 484 -52.10 35.15 -38.61
C SER G 484 -52.12 33.89 -37.77
N LYS G 485 -52.71 32.84 -38.34
CA LYS G 485 -52.83 31.57 -37.67
C LYS G 485 -52.82 30.48 -38.74
N PRO G 486 -52.06 29.40 -38.53
CA PRO G 486 -52.01 28.33 -39.54
C PRO G 486 -53.35 27.62 -39.69
N CYS G 487 -53.41 26.74 -40.68
CA CYS G 487 -54.64 26.04 -41.05
C CYS G 487 -54.31 24.56 -41.25
N TYR G 488 -54.90 23.70 -40.41
CA TYR G 488 -54.57 22.29 -40.38
C TYR G 488 -55.81 21.43 -40.62
N PHE G 489 -55.60 20.33 -41.37
CA PHE G 489 -56.57 19.25 -41.51
C PHE G 489 -55.92 18.01 -40.91
N GLY G 490 -56.22 17.74 -39.64
CA GLY G 490 -55.57 16.66 -38.94
C GLY G 490 -54.07 16.88 -38.82
N ASN G 491 -53.33 16.53 -39.88
CA ASN G 491 -51.89 16.78 -39.91
C ASN G 491 -51.41 17.25 -41.28
N LEU G 492 -52.29 17.57 -42.21
CA LEU G 492 -51.92 18.09 -43.52
C LEU G 492 -52.04 19.62 -43.50
N LEU G 493 -50.94 20.30 -43.78
CA LEU G 493 -50.92 21.75 -43.72
C LEU G 493 -51.57 22.36 -44.96
N LEU G 494 -52.27 23.47 -44.75
CA LEU G 494 -52.96 24.20 -45.82
C LEU G 494 -52.28 25.49 -46.21
N GLY G 495 -51.73 26.21 -45.23
CA GLY G 495 -51.24 27.56 -45.42
C GLY G 495 -51.58 28.37 -44.20
N ILE G 496 -51.76 29.69 -44.36
CA ILE G 496 -52.21 30.55 -43.26
C ILE G 496 -53.24 31.53 -43.79
N VAL G 497 -54.01 32.08 -42.86
CA VAL G 497 -54.89 33.20 -43.14
C VAL G 497 -54.37 34.42 -42.37
N GLY G 498 -54.71 35.59 -42.89
CA GLY G 498 -54.28 36.82 -42.27
C GLY G 498 -55.28 37.94 -42.42
N VAL G 499 -55.42 38.78 -41.41
CA VAL G 499 -56.34 39.91 -41.44
C VAL G 499 -55.52 41.18 -41.21
N ASP G 500 -55.41 42.00 -42.25
CA ASP G 500 -54.69 43.26 -42.18
C ASP G 500 -55.61 44.35 -41.67
N VAL G 501 -55.14 45.12 -40.68
CA VAL G 501 -55.87 46.26 -40.14
C VAL G 501 -54.89 47.41 -39.98
N ASN G 502 -55.41 48.63 -40.15
CA ASN G 502 -54.58 49.81 -40.02
C ASN G 502 -54.11 49.96 -38.58
N LEU G 503 -52.83 50.33 -38.42
CA LEU G 503 -52.29 50.55 -37.08
C LEU G 503 -53.02 51.68 -36.37
N ALA G 504 -53.50 52.68 -37.14
CA ALA G 504 -54.23 53.78 -36.53
C ALA G 504 -55.60 53.34 -36.03
N TYR G 505 -56.14 52.27 -36.60
CA TYR G 505 -57.46 51.80 -36.16
C TYR G 505 -57.37 51.05 -34.84
N ILE G 506 -56.36 50.19 -34.69
CA ILE G 506 -56.25 49.37 -33.49
C ILE G 506 -56.02 50.23 -32.26
N LEU G 507 -55.27 51.32 -32.40
CA LEU G 507 -54.85 52.13 -31.28
C LEU G 507 -55.67 53.41 -31.10
N GLU G 508 -56.79 53.54 -31.81
CA GLU G 508 -57.56 54.78 -31.76
C GLU G 508 -58.12 55.06 -30.37
N ASP G 509 -58.29 54.03 -29.53
CA ASP G 509 -58.78 54.24 -28.19
C ASP G 509 -57.68 54.63 -27.21
N VAL G 510 -56.43 54.31 -27.52
CA VAL G 510 -55.31 54.69 -26.67
C VAL G 510 -54.52 55.87 -27.23
N THR G 511 -54.65 56.18 -28.52
CA THR G 511 -53.98 57.33 -29.11
C THR G 511 -54.78 58.62 -28.96
N TYR G 512 -56.08 58.53 -28.69
CA TYR G 512 -56.95 59.69 -28.58
C TYR G 512 -57.75 59.57 -27.28
N TYR G 513 -57.05 59.61 -26.16
CA TYR G 513 -57.64 59.49 -24.84
C TYR G 513 -57.87 60.90 -24.29
N GLN G 514 -59.14 61.28 -24.12
CA GLN G 514 -59.52 62.62 -23.68
C GLN G 514 -60.46 62.56 -22.49
N ASP G 515 -60.31 61.55 -21.64
CA ASP G 515 -61.22 61.38 -20.50
C ASP G 515 -60.93 62.41 -19.41
N SER G 516 -59.71 62.40 -18.87
CA SER G 516 -59.33 63.29 -17.78
C SER G 516 -58.14 64.14 -18.18
N LEU G 517 -58.13 65.38 -17.71
CA LEU G 517 -57.00 66.28 -17.94
C LEU G 517 -55.81 65.94 -17.07
N ALA G 518 -55.94 64.97 -16.17
CA ALA G 518 -54.88 64.58 -15.25
C ALA G 518 -54.32 63.21 -15.57
N SER G 519 -54.71 62.59 -16.68
CA SER G 519 -54.34 61.23 -16.98
C SER G 519 -53.99 61.08 -18.45
N TYR G 520 -53.10 60.12 -18.72
CA TYR G 520 -52.78 59.71 -20.08
C TYR G 520 -52.44 58.22 -20.07
N THR G 521 -52.54 57.59 -21.22
CA THR G 521 -52.41 56.15 -21.34
C THR G 521 -51.27 55.78 -22.27
N PHE G 522 -50.82 54.53 -22.14
CA PHE G 522 -49.82 53.96 -23.03
C PHE G 522 -49.98 52.44 -23.03
N LEU G 523 -49.75 51.83 -24.19
CA LEU G 523 -49.95 50.40 -24.39
C LEU G 523 -48.61 49.70 -24.60
N ILE G 524 -48.44 48.56 -23.94
CA ILE G 524 -47.21 47.78 -23.99
C ILE G 524 -47.54 46.32 -24.27
N ASP G 525 -46.52 45.48 -24.25
CA ASP G 525 -46.70 44.04 -24.43
C ASP G 525 -45.96 43.26 -23.35
N ASP G 526 -45.53 42.04 -23.67
CA ASP G 526 -44.93 41.17 -22.67
C ASP G 526 -43.54 41.65 -22.26
N LYS G 527 -42.69 41.98 -23.24
CA LYS G 527 -41.29 42.26 -22.98
C LYS G 527 -40.97 43.74 -22.90
N GLY G 528 -41.94 44.63 -23.13
CA GLY G 528 -41.78 46.04 -22.85
C GLY G 528 -41.75 46.95 -24.05
N TYR G 529 -41.94 46.44 -25.27
CA TYR G 529 -41.92 47.31 -26.44
C TYR G 529 -43.12 48.25 -26.44
N THR G 530 -42.85 49.53 -26.65
CA THR G 530 -43.88 50.56 -26.60
C THR G 530 -44.63 50.60 -27.92
N LEU G 531 -45.90 50.18 -27.90
CA LEU G 531 -46.73 50.31 -29.10
C LEU G 531 -47.33 51.70 -29.23
N MET G 532 -47.60 52.37 -28.10
CA MET G 532 -48.10 53.73 -28.15
C MET G 532 -47.81 54.44 -26.83
N HIS G 533 -47.42 55.70 -26.94
CA HIS G 533 -47.16 56.59 -25.81
C HIS G 533 -47.22 58.01 -26.32
N PRO G 534 -47.65 58.97 -25.50
CA PRO G 534 -47.72 60.36 -25.96
C PRO G 534 -46.39 60.92 -26.51
N SER G 535 -45.30 60.17 -26.42
CA SER G 535 -44.02 60.60 -26.96
C SER G 535 -43.81 60.17 -28.41
N LEU G 536 -44.66 59.29 -28.93
CA LEU G 536 -44.58 58.87 -30.32
C LEU G 536 -45.49 59.74 -31.19
N THR G 537 -45.25 59.68 -32.49
CA THR G 537 -46.11 60.36 -33.45
C THR G 537 -47.38 59.52 -33.68
N ARG G 538 -48.48 60.22 -34.00
CA ARG G 538 -49.75 59.55 -34.21
C ARG G 538 -49.63 58.46 -35.28
N PRO G 539 -50.34 57.35 -35.13
CA PRO G 539 -50.18 56.23 -36.07
C PRO G 539 -50.63 56.54 -37.49
N TYR G 540 -51.51 57.53 -37.67
CA TYR G 540 -52.03 57.85 -39.00
C TYR G 540 -51.01 58.59 -39.86
N LEU G 541 -49.90 59.05 -39.29
CA LEU G 541 -48.94 59.87 -40.02
C LEU G 541 -47.63 59.17 -40.32
N LEU G 542 -47.36 58.01 -39.71
CA LEU G 542 -46.05 57.40 -39.78
C LEU G 542 -45.83 56.66 -41.09
N SER G 543 -44.58 56.30 -41.35
CA SER G 543 -44.19 55.53 -42.53
C SER G 543 -43.41 54.28 -42.10
N GLU G 544 -42.68 54.39 -41.00
CA GLU G 544 -41.94 53.27 -40.42
C GLU G 544 -41.61 53.56 -38.96
N PRO G 545 -42.28 52.92 -38.01
CA PRO G 545 -42.08 53.25 -36.60
C PRO G 545 -41.00 52.39 -35.97
N PRO G 546 -40.26 52.92 -35.00
CA PRO G 546 -39.30 52.12 -34.23
C PRO G 546 -39.92 51.49 -32.98
N LEU G 547 -40.60 50.35 -33.20
CA LEU G 547 -41.22 49.63 -32.09
C LEU G 547 -40.19 49.07 -31.11
N HIS G 548 -38.92 48.98 -31.53
CA HIS G 548 -37.87 48.45 -30.68
C HIS G 548 -37.47 49.46 -29.60
N THR G 549 -38.42 49.84 -28.75
CA THR G 549 -38.19 50.83 -27.70
C THR G 549 -38.91 50.38 -26.44
N ASP G 550 -38.17 50.23 -25.34
CA ASP G 550 -38.73 49.82 -24.08
C ASP G 550 -39.27 51.03 -23.31
N ILE G 551 -40.29 50.80 -22.48
CA ILE G 551 -40.91 51.88 -21.72
C ILE G 551 -40.02 52.39 -20.60
N ILE G 552 -38.94 51.68 -20.27
CA ILE G 552 -37.98 52.19 -19.30
C ILE G 552 -37.31 53.46 -19.83
N HIS G 553 -37.42 53.71 -21.14
CA HIS G 553 -36.86 54.90 -21.77
C HIS G 553 -37.88 56.03 -21.92
N TYR G 554 -39.04 55.74 -22.52
CA TYR G 554 -40.07 56.76 -22.67
C TYR G 554 -40.48 57.31 -21.31
N GLU G 555 -40.91 56.42 -20.41
CA GLU G 555 -41.29 56.79 -19.05
C GLU G 555 -40.10 56.76 -18.10
N ASN G 556 -38.94 57.23 -18.54
CA ASN G 556 -37.75 57.17 -17.71
C ASN G 556 -37.84 58.18 -16.58
N ILE G 557 -37.65 57.70 -15.36
CA ILE G 557 -37.84 58.47 -14.13
C ILE G 557 -37.29 57.61 -13.01
N PRO G 558 -36.68 58.18 -11.97
CA PRO G 558 -36.16 57.34 -10.88
C PRO G 558 -37.26 56.54 -10.21
N LYS G 559 -36.93 55.29 -9.87
CA LYS G 559 -37.85 54.35 -9.24
C LYS G 559 -39.01 53.96 -10.17
N PHE G 560 -38.76 53.91 -11.47
CA PHE G 560 -39.73 53.37 -12.42
C PHE G 560 -39.47 51.90 -12.73
N GLU G 561 -38.22 51.47 -12.67
CA GLU G 561 -37.89 50.06 -12.92
C GLU G 561 -38.52 49.13 -11.89
N LEU G 562 -38.93 49.66 -10.74
CA LEU G 562 -39.60 48.84 -9.74
C LEU G 562 -41.05 48.58 -10.13
N VAL G 563 -41.75 49.58 -10.65
CA VAL G 563 -43.12 49.39 -11.10
C VAL G 563 -43.14 48.62 -12.42
N ARG G 564 -42.12 48.79 -13.25
CA ARG G 564 -42.03 48.04 -14.51
C ARG G 564 -42.03 46.54 -14.28
N GLN G 565 -41.57 46.09 -13.11
CA GLN G 565 -41.56 44.67 -12.79
C GLN G 565 -42.97 44.13 -12.63
N ASN G 566 -43.80 44.82 -11.85
CA ASN G 566 -45.15 44.36 -11.56
C ASN G 566 -46.11 44.52 -12.74
N ILE G 567 -45.81 45.42 -13.68
CA ILE G 567 -46.68 45.59 -14.83
C ILE G 567 -46.52 44.45 -15.83
N LEU G 568 -45.28 43.99 -16.03
CA LEU G 568 -45.01 42.95 -17.02
C LEU G 568 -45.33 41.55 -16.51
N SER G 569 -45.41 41.36 -15.20
CA SER G 569 -45.65 40.04 -14.62
C SER G 569 -47.06 39.87 -14.05
N LEU G 570 -47.56 40.87 -13.32
CA LEU G 570 -48.90 40.75 -12.76
C LEU G 570 -49.95 41.13 -13.81
N PRO G 571 -51.11 40.47 -13.78
CA PRO G 571 -52.16 40.83 -14.74
C PRO G 571 -52.70 42.25 -14.55
N LEU G 572 -52.98 42.65 -13.32
CA LEU G 572 -53.43 44.01 -13.06
C LEU G 572 -52.90 44.46 -11.70
N GLY G 573 -53.19 45.71 -11.37
CA GLY G 573 -52.77 46.27 -10.10
C GLY G 573 -52.71 47.77 -10.18
N SER G 574 -52.45 48.39 -9.02
CA SER G 574 -52.28 49.82 -8.90
C SER G 574 -51.17 50.10 -7.90
N GLN G 575 -50.56 51.27 -8.02
CA GLN G 575 -49.42 51.62 -7.19
C GLN G 575 -49.14 53.11 -7.29
N ILE G 576 -48.76 53.71 -6.16
CA ILE G 576 -48.36 55.11 -6.11
C ILE G 576 -46.87 55.16 -5.77
N ILE G 577 -46.16 56.10 -6.38
CA ILE G 577 -44.74 56.33 -6.11
C ILE G 577 -44.51 57.82 -5.91
N THR G 578 -43.42 58.14 -5.23
CA THR G 578 -43.02 59.51 -4.95
C THR G 578 -41.79 59.87 -5.78
N VAL G 579 -41.89 60.95 -6.54
CA VAL G 579 -40.80 61.41 -7.40
C VAL G 579 -40.56 62.90 -7.14
N PRO G 580 -39.31 63.33 -6.98
CA PRO G 580 -39.05 64.77 -6.87
C PRO G 580 -39.42 65.47 -8.17
N VAL G 581 -39.79 66.76 -8.04
CA VAL G 581 -40.27 67.50 -9.20
C VAL G 581 -39.20 67.56 -10.28
N ASN G 582 -37.95 67.83 -9.90
CA ASN G 582 -36.91 67.82 -10.90
C ASN G 582 -36.40 66.39 -11.11
N SER G 583 -35.69 66.19 -12.23
CA SER G 583 -35.35 64.86 -12.73
C SER G 583 -36.62 64.05 -13.00
N SER G 584 -37.45 64.61 -13.89
CA SER G 584 -38.70 63.98 -14.29
C SER G 584 -39.10 64.54 -15.65
N LEU G 585 -39.70 63.68 -16.48
CA LEU G 585 -40.08 64.10 -17.82
C LEU G 585 -41.23 65.11 -17.75
N SER G 586 -41.46 65.78 -18.88
CA SER G 586 -42.40 66.90 -18.91
C SER G 586 -43.84 66.45 -18.74
N TRP G 587 -44.16 65.21 -19.10
CA TRP G 587 -45.55 64.77 -19.07
C TRP G 587 -46.11 64.76 -17.65
N HIS G 588 -45.25 64.60 -16.64
CA HIS G 588 -45.71 64.67 -15.27
C HIS G 588 -45.79 66.09 -14.75
N ILE G 589 -44.94 66.98 -15.27
CA ILE G 589 -44.92 68.36 -14.80
C ILE G 589 -46.09 69.15 -15.38
N ASN G 590 -46.55 68.80 -16.58
CA ASN G 590 -47.67 69.50 -17.21
C ASN G 590 -49.01 69.15 -16.58
N LYS G 591 -49.04 68.34 -15.52
CA LYS G 591 -50.30 67.93 -14.89
C LYS G 591 -50.25 68.03 -13.37
N LEU G 592 -49.36 68.84 -12.82
CA LEU G 592 -49.36 69.12 -11.39
C LEU G 592 -50.41 70.16 -11.07
N ARG G 593 -51.15 69.95 -9.97
CA ARG G 593 -52.27 70.81 -9.62
C ARG G 593 -52.12 71.49 -8.28
N GLU G 594 -50.96 71.37 -7.63
CA GLU G 594 -50.64 72.12 -6.42
C GLU G 594 -49.42 72.98 -6.69
N THR G 595 -49.53 74.28 -6.43
CA THR G 595 -48.42 75.20 -6.63
C THR G 595 -47.45 75.12 -5.47
N GLY G 596 -46.16 75.23 -5.77
CA GLY G 596 -45.13 75.16 -4.75
C GLY G 596 -44.92 73.79 -4.17
N LYS G 597 -44.58 72.82 -5.01
CA LYS G 597 -44.31 71.45 -4.60
C LYS G 597 -42.88 71.07 -4.93
N GLU G 598 -42.25 70.30 -4.03
CA GLU G 598 -40.91 69.78 -4.26
C GLU G 598 -40.88 68.30 -4.59
N ALA G 599 -41.94 67.56 -4.27
CA ALA G 599 -42.08 66.17 -4.66
C ALA G 599 -43.56 65.89 -4.85
N TYR G 600 -43.88 64.98 -5.77
CA TYR G 600 -45.26 64.72 -6.15
C TYR G 600 -45.50 63.22 -6.25
N ASN G 601 -46.78 62.86 -6.15
CA ASN G 601 -47.23 61.48 -6.27
C ASN G 601 -47.70 61.20 -7.69
N VAL G 602 -47.55 59.94 -8.11
CA VAL G 602 -48.10 59.44 -9.36
C VAL G 602 -48.69 58.07 -9.09
N SER G 603 -49.84 57.78 -9.69
CA SER G 603 -50.52 56.50 -9.51
C SER G 603 -50.61 55.80 -10.86
N TYR G 604 -49.96 54.64 -10.97
CA TYR G 604 -50.06 53.78 -12.14
C TYR G 604 -51.08 52.68 -11.88
N ALA G 605 -52.01 52.51 -12.81
CA ALA G 605 -52.97 51.42 -12.77
C ALA G 605 -52.94 50.72 -14.12
N TRP G 606 -52.62 49.43 -14.10
CA TRP G 606 -52.43 48.66 -15.33
C TRP G 606 -53.35 47.45 -15.34
N LYS G 607 -53.59 46.93 -16.54
CA LYS G 607 -54.32 45.68 -16.70
C LYS G 607 -53.97 45.07 -18.04
N MET G 608 -53.81 43.75 -18.06
CA MET G 608 -53.57 43.03 -19.29
C MET G 608 -54.78 43.10 -20.20
N VAL G 609 -54.53 43.13 -21.51
CA VAL G 609 -55.60 42.96 -22.49
C VAL G 609 -55.86 41.46 -22.60
N GLN G 610 -57.05 41.04 -22.20
CA GLN G 610 -57.33 39.61 -22.06
C GLN G 610 -57.30 38.92 -23.43
N ASP G 611 -56.81 37.68 -23.42
CA ASP G 611 -56.73 36.81 -24.60
C ASP G 611 -55.70 37.31 -25.61
N THR G 612 -54.70 38.07 -25.15
CA THR G 612 -53.60 38.47 -26.00
C THR G 612 -52.43 38.85 -25.11
N SER G 613 -51.29 39.17 -25.75
CA SER G 613 -50.06 39.51 -25.04
C SER G 613 -49.83 41.01 -24.99
N PHE G 614 -50.86 41.80 -24.70
CA PHE G 614 -50.73 43.24 -24.56
C PHE G 614 -51.21 43.67 -23.18
N ILE G 615 -50.67 44.80 -22.70
CA ILE G 615 -50.95 45.30 -21.36
C ILE G 615 -51.18 46.79 -21.44
N LEU G 616 -52.31 47.24 -20.88
CA LEU G 616 -52.67 48.65 -20.81
C LEU G 616 -52.28 49.24 -19.46
N CYS G 617 -52.11 50.56 -19.43
CA CYS G 617 -51.77 51.25 -18.19
C CYS G 617 -52.30 52.67 -18.22
N ILE G 618 -52.66 53.18 -17.05
CA ILE G 618 -53.16 54.55 -16.88
C ILE G 618 -52.25 55.28 -15.91
N VAL G 619 -51.82 56.47 -16.31
CA VAL G 619 -50.93 57.31 -15.50
C VAL G 619 -51.74 58.50 -15.00
N VAL G 620 -51.83 58.64 -13.68
CA VAL G 620 -52.55 59.74 -13.05
C VAL G 620 -51.57 60.52 -12.18
N ILE G 621 -51.27 61.75 -12.59
CA ILE G 621 -50.35 62.60 -11.84
C ILE G 621 -51.09 63.25 -10.68
N GLN G 622 -50.56 63.06 -9.47
CA GLN G 622 -51.17 63.56 -8.23
C GLN G 622 -52.60 63.06 -8.11
N PRO G 623 -52.81 61.82 -7.65
CA PRO G 623 -54.18 61.31 -7.53
C PRO G 623 -54.98 61.87 -6.36
N GLU G 624 -54.32 62.49 -5.37
CA GLU G 624 -55.04 62.98 -4.21
C GLU G 624 -55.66 64.35 -4.44
N ILE G 625 -55.08 65.15 -5.32
CA ILE G 625 -55.64 66.47 -5.61
C ILE G 625 -56.79 66.33 -6.59
N PRO G 626 -57.93 66.96 -6.34
CA PRO G 626 -59.07 66.83 -7.27
C PRO G 626 -58.76 67.46 -8.63
N VAL G 627 -59.23 66.79 -9.68
CA VAL G 627 -59.13 67.29 -11.05
C VAL G 627 -60.52 67.73 -11.49
N LYS G 628 -60.58 68.89 -12.14
CA LYS G 628 -61.85 69.49 -12.54
C LYS G 628 -62.10 69.32 -14.02
N GLN G 629 -63.35 69.05 -14.37
CA GLN G 629 -63.80 69.02 -15.75
C GLN G 629 -65.07 69.85 -15.88
N LEU G 630 -65.28 70.42 -17.06
CA LEU G 630 -66.40 71.34 -17.29
C LEU G 630 -67.72 70.58 -17.17
N LYS G 631 -68.60 71.07 -16.30
CA LYS G 631 -69.91 70.46 -16.13
C LYS G 631 -70.79 70.79 -17.34
N ASN G 632 -71.76 69.90 -17.59
CA ASN G 632 -72.69 70.08 -18.70
C ASN G 632 -73.47 71.38 -18.58
N LEU G 633 -73.07 72.38 -19.36
CA LEU G 633 -73.80 73.65 -19.46
C LEU G 633 -74.50 73.73 -20.80
N ASN G 634 -75.50 74.61 -20.88
CA ASN G 634 -76.37 74.69 -22.04
C ASN G 634 -76.62 76.15 -22.43
N THR G 635 -75.54 76.85 -22.79
CA THR G 635 -75.66 78.24 -23.23
C THR G 635 -76.18 78.32 -24.65
N VAL G 636 -77.07 79.27 -24.90
CA VAL G 636 -77.63 79.46 -26.24
C VAL G 636 -76.64 80.25 -27.07
N PRO G 637 -76.32 79.81 -28.29
CA PRO G 637 -75.34 80.53 -29.12
C PRO G 637 -75.88 81.89 -29.54
N SER G 638 -75.14 82.95 -29.18
CA SER G 638 -75.52 84.30 -29.58
C SER G 638 -75.10 84.59 -31.02
N SER G 639 -73.93 84.13 -31.42
CA SER G 639 -73.44 84.28 -32.78
C SER G 639 -73.55 82.95 -33.52
N LYS G 640 -73.72 83.03 -34.84
CA LYS G 640 -73.95 81.85 -35.64
C LYS G 640 -72.70 80.98 -35.72
N LEU G 641 -72.83 79.72 -35.32
CA LEU G 641 -71.70 78.79 -35.33
C LEU G 641 -71.42 78.33 -36.75
N LEU G 642 -70.17 78.49 -37.19
CA LEU G 642 -69.75 78.15 -38.54
C LEU G 642 -68.62 77.12 -38.45
N TYR G 643 -68.88 75.92 -38.95
CA TYR G 643 -67.85 74.88 -38.96
C TYR G 643 -66.80 75.22 -40.02
N HIS G 644 -65.57 74.77 -39.75
CA HIS G 644 -64.41 75.24 -40.52
C HIS G 644 -64.37 74.70 -41.95
N ARG G 645 -65.25 73.77 -42.32
CA ARG G 645 -65.26 73.24 -43.69
C ARG G 645 -65.97 74.25 -44.59
N LEU G 646 -65.20 75.24 -45.05
CA LEU G 646 -65.75 76.26 -45.93
C LEU G 646 -65.85 75.82 -47.38
N ASP G 647 -65.21 74.69 -47.75
CA ASP G 647 -65.34 74.17 -49.10
C ASP G 647 -66.68 73.46 -49.29
N LEU G 648 -67.23 72.88 -48.22
CA LEU G 648 -68.52 72.20 -48.31
C LEU G 648 -69.69 73.14 -48.19
N LEU G 649 -69.49 74.32 -47.60
CA LEU G 649 -70.54 75.34 -47.48
C LEU G 649 -70.44 76.40 -48.57
N GLY G 650 -69.33 77.13 -48.62
CA GLY G 650 -69.09 78.07 -49.70
C GLY G 650 -70.00 79.27 -49.71
N GLN G 651 -70.89 79.36 -48.72
CA GLN G 651 -71.86 80.45 -48.68
C GLN G 651 -71.27 81.79 -48.24
N PRO G 652 -70.27 81.85 -47.34
CA PRO G 652 -69.70 83.17 -47.01
C PRO G 652 -68.87 83.71 -48.15
N SER G 653 -68.69 85.03 -48.13
CA SER G 653 -67.82 85.69 -49.10
C SER G 653 -66.40 85.17 -48.97
N ALA G 654 -66.04 84.19 -49.79
CA ALA G 654 -64.78 83.48 -49.63
C ALA G 654 -63.61 84.29 -50.21
N CYS G 655 -62.42 83.92 -49.75
CA CYS G 655 -61.17 84.55 -50.21
C CYS G 655 -60.03 83.60 -49.83
N LEU G 656 -58.80 84.04 -50.10
CA LEU G 656 -57.62 83.22 -49.90
C LEU G 656 -56.66 83.90 -48.95
N HIS G 657 -56.22 83.15 -47.93
CA HIS G 657 -55.31 83.64 -46.89
C HIS G 657 -54.09 82.73 -46.94
N PHE G 658 -53.07 83.15 -47.71
CA PHE G 658 -51.94 82.30 -48.06
C PHE G 658 -52.40 81.06 -48.80
N LYS G 659 -52.01 79.87 -48.34
CA LYS G 659 -52.52 78.64 -48.94
C LYS G 659 -53.75 78.13 -48.22
N GLN G 660 -54.70 79.00 -47.88
CA GLN G 660 -55.83 78.61 -47.05
C GLN G 660 -57.13 79.19 -47.60
N LEU G 661 -58.21 78.44 -47.42
CA LEU G 661 -59.55 78.93 -47.70
C LEU G 661 -60.14 79.47 -46.41
N ALA G 662 -60.41 80.77 -46.35
CA ALA G 662 -60.82 81.42 -45.13
C ALA G 662 -61.87 82.48 -45.42
N THR G 663 -62.35 83.12 -44.36
CA THR G 663 -63.32 84.21 -44.48
C THR G 663 -63.12 85.16 -43.30
N LEU G 664 -63.43 86.43 -43.53
CA LEU G 664 -63.34 87.46 -42.51
C LEU G 664 -64.68 87.80 -41.88
N GLU G 665 -65.75 87.09 -42.24
CA GLU G 665 -67.07 87.43 -41.76
C GLU G 665 -67.32 86.92 -40.35
N SER G 666 -66.79 85.74 -40.02
CA SER G 666 -67.01 85.14 -38.72
C SER G 666 -65.93 84.09 -38.47
N PRO G 667 -65.55 83.85 -37.22
CA PRO G 667 -64.60 82.78 -36.93
C PRO G 667 -65.26 81.41 -37.06
N THR G 668 -64.41 80.40 -37.25
CA THR G 668 -64.86 79.03 -37.43
C THR G 668 -64.48 78.20 -36.20
N VAL G 669 -64.91 76.94 -36.22
CA VAL G 669 -64.62 75.99 -35.16
C VAL G 669 -64.17 74.68 -35.79
N MET G 670 -63.18 74.04 -35.18
CA MET G 670 -62.63 72.78 -35.67
C MET G 670 -62.71 71.71 -34.60
N LEU G 671 -62.90 70.47 -35.05
CA LEU G 671 -62.85 69.30 -34.18
C LEU G 671 -61.79 68.36 -34.71
N SER G 672 -60.74 68.12 -33.92
CA SER G 672 -59.68 67.22 -34.32
C SER G 672 -60.19 65.78 -34.34
N ALA G 673 -59.30 64.85 -34.68
CA ALA G 673 -59.70 63.46 -34.76
C ALA G 673 -60.10 62.89 -33.41
N GLY G 674 -59.56 63.43 -32.31
CA GLY G 674 -59.82 62.88 -31.00
C GLY G 674 -61.19 63.20 -30.43
N SER G 675 -61.91 64.17 -31.00
CA SER G 675 -63.20 64.56 -30.46
C SER G 675 -64.31 63.60 -30.85
N PHE G 676 -64.13 62.82 -31.92
CA PHE G 676 -65.19 61.95 -32.42
C PHE G 676 -65.18 60.61 -31.70
N SER G 677 -66.33 59.94 -31.73
CA SER G 677 -66.45 58.62 -31.11
C SER G 677 -65.58 57.58 -31.81
N SER G 678 -65.21 57.81 -33.06
CA SER G 678 -64.30 56.92 -33.80
C SER G 678 -63.35 57.79 -34.60
N PRO G 679 -62.13 58.01 -34.11
CA PRO G 679 -61.18 58.87 -34.84
C PRO G 679 -60.80 58.33 -36.21
N TYR G 680 -60.73 57.00 -36.36
CA TYR G 680 -60.33 56.43 -37.64
C TYR G 680 -61.40 56.61 -38.70
N GLU G 681 -62.68 56.44 -38.32
CA GLU G 681 -63.76 56.58 -39.29
C GLU G 681 -63.92 58.02 -39.77
N HIS G 682 -63.33 58.99 -39.07
CA HIS G 682 -63.39 60.38 -39.51
C HIS G 682 -62.21 60.77 -40.38
N LEU G 683 -61.09 60.04 -40.28
CA LEU G 683 -59.90 60.36 -41.06
C LEU G 683 -59.86 59.63 -42.40
N SER G 684 -60.31 58.38 -42.43
CA SER G 684 -60.30 57.62 -43.68
C SER G 684 -61.51 57.97 -44.55
N GLN G 685 -62.71 57.90 -43.98
CA GLN G 685 -63.90 58.26 -44.72
C GLN G 685 -63.92 59.76 -45.00
N PRO G 686 -64.32 60.18 -46.19
CA PRO G 686 -64.50 61.61 -46.45
C PRO G 686 -65.64 62.17 -45.60
N GLU G 687 -65.59 63.48 -45.39
CA GLU G 687 -66.60 64.19 -44.60
C GLU G 687 -67.46 65.00 -45.57
N THR G 688 -68.73 64.63 -45.68
CA THR G 688 -69.63 65.26 -46.63
C THR G 688 -70.34 66.46 -45.99
N LYS G 689 -71.08 67.20 -46.82
CA LYS G 689 -71.84 68.33 -46.31
C LYS G 689 -72.97 67.89 -45.39
N ARG G 690 -73.45 66.64 -45.57
CA ARG G 690 -74.46 66.11 -44.66
C ARG G 690 -73.91 65.97 -43.25
N MET G 691 -72.67 65.49 -43.13
CA MET G 691 -72.06 65.34 -41.81
C MET G 691 -71.83 66.69 -41.14
N VAL G 692 -71.55 67.73 -41.92
CA VAL G 692 -71.33 69.05 -41.34
C VAL G 692 -72.62 69.60 -40.74
N GLU G 693 -73.77 69.28 -41.33
CA GLU G 693 -75.03 69.82 -40.83
C GLU G 693 -75.56 69.05 -39.64
N HIS G 694 -75.21 67.76 -39.51
CA HIS G 694 -75.56 67.04 -38.29
C HIS G 694 -74.77 67.55 -37.10
N TYR G 695 -73.50 67.92 -37.33
CA TYR G 695 -72.65 68.38 -36.23
C TYR G 695 -72.97 69.82 -35.85
N THR G 696 -73.26 70.68 -36.83
CA THR G 696 -73.59 72.07 -36.53
C THR G 696 -74.94 72.18 -35.83
N ALA G 697 -75.92 71.36 -36.23
CA ALA G 697 -77.22 71.40 -35.59
C ALA G 697 -77.16 70.84 -34.16
N TYR G 698 -76.23 69.93 -33.88
CA TYR G 698 -76.13 69.35 -32.55
C TYR G 698 -75.33 70.24 -31.60
N LEU G 699 -74.32 70.95 -32.11
CA LEU G 699 -73.53 71.82 -31.24
C LEU G 699 -74.33 73.05 -30.81
N SER G 700 -75.15 73.59 -31.71
CA SER G 700 -76.00 74.74 -31.42
C SER G 700 -77.36 74.34 -30.88
N ASP G 701 -77.58 73.05 -30.60
CA ASP G 701 -78.85 72.57 -30.07
C ASP G 701 -78.92 72.92 -28.59
N ASN G 702 -79.52 74.07 -28.29
CA ASN G 702 -79.70 74.47 -26.89
C ASN G 702 -80.71 73.61 -26.15
N THR G 703 -81.49 72.80 -26.87
CA THR G 703 -82.37 71.83 -26.26
C THR G 703 -81.62 70.51 -26.10
N ARG G 704 -82.32 69.48 -25.61
CA ARG G 704 -81.75 68.15 -25.53
C ARG G 704 -82.57 67.18 -26.37
N LEU G 705 -82.89 67.58 -27.60
CA LEU G 705 -83.69 66.77 -28.52
C LEU G 705 -82.85 66.07 -29.57
N ILE G 706 -81.81 66.74 -30.09
CA ILE G 706 -80.99 66.17 -31.15
C ILE G 706 -80.02 65.17 -30.54
N ALA G 707 -80.05 63.94 -31.03
CA ALA G 707 -79.19 62.88 -30.51
C ALA G 707 -77.73 63.14 -30.90
N ASN G 708 -76.84 62.41 -30.24
CA ASN G 708 -75.41 62.54 -30.46
C ASN G 708 -75.03 61.97 -31.83
N PRO G 709 -74.59 62.79 -32.79
CA PRO G 709 -74.27 62.27 -34.12
C PRO G 709 -72.92 61.58 -34.21
N GLY G 710 -72.17 61.49 -33.13
CA GLY G 710 -70.87 60.83 -33.16
C GLY G 710 -69.78 61.63 -32.48
N LEU G 711 -70.12 62.30 -31.38
CA LEU G 711 -69.17 63.10 -30.62
C LEU G 711 -68.97 62.50 -29.24
N LYS G 712 -67.78 62.68 -28.69
CA LYS G 712 -67.47 62.20 -27.36
C LYS G 712 -68.13 63.08 -26.30
N PHE G 713 -67.92 62.72 -25.04
CA PHE G 713 -68.36 63.55 -23.93
C PHE G 713 -67.40 64.72 -23.74
N SER G 714 -67.91 65.80 -23.16
CA SER G 714 -67.18 67.06 -22.94
C SER G 714 -66.75 67.73 -24.23
N VAL G 715 -67.26 67.28 -25.38
CA VAL G 715 -66.92 67.93 -26.65
C VAL G 715 -67.86 69.11 -26.89
N ARG G 716 -69.17 68.89 -26.75
CA ARG G 716 -70.13 69.97 -26.94
C ARG G 716 -70.05 70.97 -25.79
N ASN G 717 -69.68 70.52 -24.59
CA ASN G 717 -69.61 71.42 -23.45
C ASN G 717 -68.51 72.46 -23.63
N GLU G 718 -67.36 72.04 -24.18
CA GLU G 718 -66.26 72.96 -24.42
C GLU G 718 -66.44 73.79 -25.69
N VAL G 719 -67.43 73.45 -26.52
CA VAL G 719 -67.77 74.33 -27.63
C VAL G 719 -68.68 75.46 -27.14
N MET G 720 -69.54 75.16 -26.17
CA MET G 720 -70.45 76.18 -25.66
C MET G 720 -69.74 77.17 -24.75
N ALA G 721 -68.65 76.74 -24.11
CA ALA G 721 -67.93 77.64 -23.22
C ALA G 721 -66.97 78.55 -23.99
N THR G 722 -66.50 78.10 -25.15
CA THR G 722 -65.57 78.88 -25.95
C THR G 722 -66.26 79.68 -27.06
N SER G 723 -67.58 79.58 -27.17
CA SER G 723 -68.30 80.38 -28.15
C SER G 723 -68.34 81.85 -27.79
N HIS G 724 -67.85 82.23 -26.61
CA HIS G 724 -67.82 83.63 -26.20
C HIS G 724 -66.74 84.42 -26.91
N VAL G 725 -65.73 83.75 -27.48
CA VAL G 725 -64.67 84.47 -28.18
C VAL G 725 -65.16 85.06 -29.49
N THR G 726 -66.29 84.58 -30.01
CA THR G 726 -66.83 85.13 -31.25
C THR G 726 -67.27 86.59 -31.05
N ASP G 727 -67.73 86.94 -29.85
CA ASP G 727 -68.07 88.33 -29.57
C ASP G 727 -66.84 89.17 -29.26
N GLU G 728 -65.83 88.56 -28.62
CA GLU G 728 -64.61 89.29 -28.29
C GLU G 728 -63.83 89.65 -29.55
N TRP G 729 -63.67 88.68 -30.46
CA TRP G 729 -62.80 88.90 -31.61
C TRP G 729 -63.42 89.87 -32.61
N MET G 730 -64.71 89.72 -32.91
CA MET G 730 -65.34 90.59 -33.89
C MET G 730 -65.42 92.03 -33.41
N THR G 731 -65.58 92.25 -32.10
CA THR G 731 -65.63 93.61 -31.58
C THR G 731 -64.26 94.29 -31.66
N GLN G 732 -63.20 93.55 -31.31
CA GLN G 732 -61.88 94.14 -31.30
C GLN G 732 -61.37 94.44 -32.71
N MET G 733 -61.81 93.65 -33.70
CA MET G 733 -61.30 93.81 -35.06
C MET G 733 -61.62 95.19 -35.63
N GLU G 734 -62.76 95.77 -35.27
CA GLU G 734 -63.19 97.04 -35.83
C GLU G 734 -62.70 98.25 -35.05
N MET G 735 -62.02 98.04 -33.92
CA MET G 735 -61.40 99.13 -33.19
C MET G 735 -59.91 98.90 -32.95
N SER G 736 -59.32 97.90 -33.59
CA SER G 736 -57.90 97.61 -33.44
C SER G 736 -57.10 98.29 -34.54
N SER G 737 -55.89 98.72 -34.19
CA SER G 737 -54.97 99.31 -35.15
C SER G 737 -53.93 98.32 -35.65
N LEU G 738 -54.02 97.05 -35.26
CA LEU G 738 -53.07 96.01 -35.65
C LEU G 738 -53.72 94.97 -36.56
N ASN G 739 -54.71 95.37 -37.35
CA ASN G 739 -55.35 94.43 -38.27
C ASN G 739 -54.40 93.98 -39.37
N THR G 740 -53.42 94.81 -39.72
CA THR G 740 -52.44 94.48 -40.75
C THR G 740 -51.17 93.85 -40.19
N TYR G 741 -51.15 93.56 -38.88
CA TYR G 741 -50.01 92.90 -38.26
C TYR G 741 -50.32 91.50 -37.75
N ILE G 742 -51.60 91.16 -37.59
CA ILE G 742 -52.02 89.89 -37.00
C ILE G 742 -52.49 88.97 -38.12
N VAL G 743 -51.85 87.81 -38.24
CA VAL G 743 -52.21 86.90 -39.32
C VAL G 743 -53.41 86.04 -38.94
N ARG G 744 -53.53 85.65 -37.66
CA ARG G 744 -54.69 84.91 -37.19
C ARG G 744 -54.75 84.99 -35.67
N ARG G 745 -55.74 84.31 -35.10
CA ARG G 745 -56.11 84.49 -33.69
C ARG G 745 -56.98 83.29 -33.30
N TYR G 746 -56.52 82.49 -32.35
CA TYR G 746 -57.14 81.19 -32.14
C TYR G 746 -57.07 80.77 -30.68
N ILE G 747 -57.86 79.74 -30.36
CA ILE G 747 -57.92 79.14 -29.03
C ILE G 747 -58.10 77.63 -29.19
N ALA G 748 -57.49 76.87 -28.29
CA ALA G 748 -57.52 75.41 -28.37
C ALA G 748 -57.85 74.81 -27.00
N THR G 749 -58.42 73.61 -27.02
CA THR G 749 -58.83 72.89 -25.83
C THR G 749 -58.22 71.50 -25.86
N PRO G 750 -58.06 70.86 -24.70
CA PRO G 750 -57.50 69.50 -24.68
C PRO G 750 -58.41 68.45 -25.31
N ASN G 751 -59.72 68.68 -25.37
CA ASN G 751 -60.66 67.70 -25.91
C ASN G 751 -60.90 67.86 -27.42
N GLY G 752 -60.12 68.71 -28.09
CA GLY G 752 -60.09 68.75 -29.54
C GLY G 752 -60.80 69.90 -30.21
N VAL G 753 -61.26 70.91 -29.47
CA VAL G 753 -61.94 72.05 -30.07
C VAL G 753 -60.91 73.09 -30.49
N LEU G 754 -61.10 73.67 -31.68
CA LEU G 754 -60.20 74.70 -32.19
C LEU G 754 -61.04 75.77 -32.89
N ARG G 755 -61.10 76.96 -32.29
CA ARG G 755 -61.71 78.13 -32.90
C ARG G 755 -60.61 79.05 -33.39
N ILE G 756 -60.71 79.49 -34.65
CA ILE G 756 -59.68 80.30 -35.29
C ILE G 756 -60.33 81.50 -35.95
N TYR G 757 -59.64 82.64 -35.93
CA TYR G 757 -60.05 83.83 -36.67
C TYR G 757 -58.79 84.45 -37.27
N PRO G 758 -58.76 84.74 -38.58
CA PRO G 758 -59.83 84.52 -39.56
C PRO G 758 -60.17 83.04 -39.76
N GLY G 759 -61.46 82.71 -39.65
CA GLY G 759 -61.91 81.33 -39.77
C GLY G 759 -61.43 80.66 -41.04
N SER G 760 -60.55 79.68 -40.90
CA SER G 760 -59.88 79.06 -42.03
C SER G 760 -60.20 77.58 -42.12
N LEU G 761 -59.97 77.01 -43.30
CA LEU G 761 -60.17 75.59 -43.55
C LEU G 761 -58.88 74.83 -43.26
N MET G 762 -58.98 73.78 -42.45
CA MET G 762 -57.80 73.03 -42.02
C MET G 762 -57.92 71.57 -42.43
N ASP G 763 -56.77 70.90 -42.47
CA ASP G 763 -56.73 69.47 -42.76
C ASP G 763 -57.34 68.70 -41.59
N LYS G 764 -57.97 67.56 -41.92
CA LYS G 764 -58.66 66.77 -40.91
C LYS G 764 -57.71 66.16 -39.89
N ALA G 765 -56.43 66.02 -40.20
CA ALA G 765 -55.47 65.36 -39.34
C ALA G 765 -54.62 66.35 -38.53
N PHE G 766 -55.06 67.60 -38.42
CA PHE G 766 -54.33 68.61 -37.65
C PHE G 766 -54.77 68.56 -36.20
N ASP G 767 -53.81 68.38 -35.29
CA ASP G 767 -54.09 68.32 -33.87
C ASP G 767 -53.39 69.48 -33.17
N PRO G 768 -54.13 70.44 -32.60
CA PRO G 768 -53.48 71.57 -31.94
C PRO G 768 -52.79 71.20 -30.64
N THR G 769 -53.08 70.03 -30.07
CA THR G 769 -52.49 69.63 -28.80
C THR G 769 -51.04 69.16 -28.94
N ARG G 770 -50.50 69.12 -30.16
CA ARG G 770 -49.15 68.62 -30.39
C ARG G 770 -48.23 69.67 -31.00
N ARG G 771 -48.62 70.94 -30.95
CA ARG G 771 -47.83 72.01 -31.52
C ARG G 771 -46.84 72.54 -30.47
N GLN G 772 -45.85 73.30 -30.96
CA GLN G 772 -44.84 73.86 -30.05
C GLN G 772 -45.43 74.94 -29.17
N TRP G 773 -46.31 75.77 -29.73
CA TRP G 773 -46.90 76.86 -28.94
C TRP G 773 -47.83 76.34 -27.86
N TYR G 774 -48.45 75.18 -28.09
CA TYR G 774 -49.38 74.62 -27.10
C TYR G 774 -48.64 73.92 -25.97
N LEU G 775 -47.66 73.07 -26.32
CA LEU G 775 -46.93 72.32 -25.31
C LEU G 775 -46.00 73.20 -24.49
N HIS G 776 -45.62 74.36 -25.01
CA HIS G 776 -44.71 75.26 -24.29
C HIS G 776 -45.45 76.24 -23.39
N ALA G 777 -46.71 76.55 -23.67
CA ALA G 777 -47.48 77.44 -22.80
C ALA G 777 -47.91 76.73 -21.53
N VAL G 778 -48.25 75.44 -21.64
CA VAL G 778 -48.63 74.66 -20.46
C VAL G 778 -47.46 74.51 -19.50
N ALA G 779 -46.24 74.39 -20.03
CA ALA G 779 -45.06 74.29 -19.17
C ALA G 779 -44.76 75.60 -18.46
N ASN G 780 -45.30 76.72 -18.94
CA ASN G 780 -45.13 78.03 -18.32
C ASN G 780 -46.52 78.56 -17.96
N PRO G 781 -47.09 78.12 -16.84
CA PRO G 781 -48.47 78.50 -16.50
C PRO G 781 -48.56 79.97 -16.12
N GLY G 782 -49.55 80.65 -16.68
CA GLY G 782 -49.82 82.04 -16.39
C GLY G 782 -48.92 83.04 -17.07
N LEU G 783 -47.78 82.62 -17.62
CA LEU G 783 -46.84 83.53 -18.24
C LEU G 783 -47.08 83.63 -19.74
N ILE G 784 -46.80 84.80 -20.29
CA ILE G 784 -46.86 85.01 -21.73
C ILE G 784 -45.70 84.26 -22.38
N SER G 785 -45.99 83.35 -23.29
CA SER G 785 -44.99 82.50 -23.91
C SER G 785 -44.71 82.97 -25.32
N LEU G 786 -43.47 83.36 -25.59
CA LEU G 786 -43.03 83.72 -26.93
C LEU G 786 -42.45 82.48 -27.60
N THR G 787 -43.10 82.06 -28.69
CA THR G 787 -42.74 80.82 -29.41
C THR G 787 -42.47 81.19 -30.86
N GLY G 788 -41.22 81.50 -31.17
CA GLY G 788 -40.82 81.85 -32.52
C GLY G 788 -39.32 81.75 -32.72
N PRO G 789 -38.87 81.70 -33.98
CA PRO G 789 -39.71 81.63 -35.18
C PRO G 789 -39.92 80.18 -35.66
N TYR G 790 -41.10 79.90 -36.22
CA TYR G 790 -41.42 78.57 -36.70
C TYR G 790 -42.28 78.66 -37.94
N LEU G 791 -42.25 77.59 -38.73
CA LEU G 791 -43.03 77.53 -39.96
C LEU G 791 -44.51 77.41 -39.63
N ASP G 792 -45.30 78.39 -40.06
CA ASP G 792 -46.72 78.39 -39.77
C ASP G 792 -47.42 77.29 -40.55
N VAL G 793 -48.54 76.81 -40.00
CA VAL G 793 -49.27 75.71 -40.61
C VAL G 793 -49.97 76.16 -41.90
N GLY G 794 -50.40 77.41 -41.95
CA GLY G 794 -51.11 77.91 -43.12
C GLY G 794 -50.20 78.27 -44.28
N GLY G 795 -48.96 77.79 -44.26
CA GLY G 795 -48.02 78.10 -45.31
C GLY G 795 -47.66 79.56 -45.41
N ALA G 796 -47.73 80.29 -44.29
CA ALA G 796 -47.47 81.72 -44.27
C ALA G 796 -46.00 82.07 -44.05
N GLY G 797 -45.12 81.08 -44.04
CA GLY G 797 -43.72 81.33 -43.76
C GLY G 797 -43.40 81.17 -42.29
N TYR G 798 -42.39 81.90 -41.80
CA TYR G 798 -42.00 81.83 -40.40
C TYR G 798 -42.76 82.87 -39.59
N VAL G 799 -43.30 82.46 -38.45
CA VAL G 799 -44.13 83.31 -37.62
C VAL G 799 -43.66 83.22 -36.17
N VAL G 800 -44.13 84.16 -35.36
CA VAL G 800 -43.86 84.18 -33.92
C VAL G 800 -45.21 84.21 -33.20
N THR G 801 -45.34 83.38 -32.17
CA THR G 801 -46.61 83.14 -31.49
C THR G 801 -46.53 83.61 -30.05
N ILE G 802 -47.56 84.33 -29.61
CA ILE G 802 -47.77 84.65 -28.20
C ILE G 802 -48.88 83.75 -27.69
N SER G 803 -48.55 82.87 -26.74
CA SER G 803 -49.51 81.93 -26.19
C SER G 803 -49.64 82.14 -24.69
N HIS G 804 -50.82 81.82 -24.17
CA HIS G 804 -51.11 81.99 -22.75
C HIS G 804 -52.21 81.00 -22.36
N THR G 805 -52.13 80.52 -21.12
CA THR G 805 -53.04 79.51 -20.62
C THR G 805 -54.19 80.15 -19.84
N ILE G 806 -55.34 79.48 -19.86
CA ILE G 806 -56.51 79.86 -19.07
C ILE G 806 -56.85 78.70 -18.15
N HIS G 807 -57.04 79.00 -16.87
CA HIS G 807 -57.17 77.98 -15.84
C HIS G 807 -58.62 77.85 -15.38
N SER G 808 -58.83 76.84 -14.52
CA SER G 808 -60.15 76.63 -13.94
C SER G 808 -60.55 77.79 -13.04
N SER G 809 -59.58 78.38 -12.34
CA SER G 809 -59.81 79.56 -11.52
C SER G 809 -58.55 80.40 -11.45
N SER G 810 -58.30 81.04 -10.32
CA SER G 810 -57.09 81.83 -10.11
C SER G 810 -56.40 81.59 -8.78
N THR G 811 -57.08 80.99 -7.80
CA THR G 811 -56.43 80.65 -6.54
C THR G 811 -55.46 79.48 -6.70
N GLN G 812 -55.60 78.70 -7.78
CA GLN G 812 -54.73 77.56 -8.05
C GLN G 812 -54.16 77.74 -9.46
N LEU G 813 -52.94 78.28 -9.54
CA LEU G 813 -52.28 78.57 -10.81
C LEU G 813 -51.14 77.59 -11.00
N SER G 814 -51.48 76.37 -11.40
CA SER G 814 -50.51 75.32 -11.71
C SER G 814 -50.73 74.84 -13.14
N SER G 815 -49.79 74.01 -13.62
CA SER G 815 -49.86 73.53 -14.98
C SER G 815 -51.02 72.57 -15.20
N GLY G 816 -51.40 71.81 -14.17
CA GLY G 816 -52.45 70.82 -14.31
C GLY G 816 -53.85 71.41 -14.41
N HIS G 817 -54.04 72.63 -13.94
CA HIS G 817 -55.33 73.30 -14.00
C HIS G 817 -55.56 74.03 -15.31
N THR G 818 -54.78 73.71 -16.35
CA THR G 818 -54.96 74.34 -17.66
C THR G 818 -56.12 73.68 -18.38
N VAL G 819 -57.11 74.48 -18.75
CA VAL G 819 -58.28 73.98 -19.48
C VAL G 819 -58.32 74.47 -20.93
N ALA G 820 -57.52 75.47 -21.28
CA ALA G 820 -57.43 75.98 -22.65
C ALA G 820 -56.30 77.00 -22.76
N VAL G 821 -55.68 77.10 -23.93
CA VAL G 821 -54.70 78.14 -24.18
C VAL G 821 -55.16 78.95 -25.38
N MET G 822 -54.70 80.19 -25.45
CA MET G 822 -54.99 81.07 -26.58
C MET G 822 -53.70 81.50 -27.24
N GLY G 823 -53.72 81.62 -28.55
CA GLY G 823 -52.53 82.00 -29.29
C GLY G 823 -52.84 83.05 -30.32
N ILE G 824 -51.83 83.88 -30.61
CA ILE G 824 -51.91 84.90 -31.64
C ILE G 824 -50.59 84.92 -32.39
N ASP G 825 -50.66 84.81 -33.71
CA ASP G 825 -49.48 84.67 -34.56
C ASP G 825 -49.22 85.97 -35.29
N PHE G 826 -47.96 86.41 -35.30
CA PHE G 826 -47.52 87.59 -36.02
C PHE G 826 -46.58 87.15 -37.15
N THR G 827 -45.83 88.11 -37.69
CA THR G 827 -44.86 87.82 -38.73
C THR G 827 -43.45 87.81 -38.13
N LEU G 828 -42.47 87.52 -38.99
CA LEU G 828 -41.09 87.41 -38.53
C LEU G 828 -40.44 88.77 -38.30
N ARG G 829 -40.88 89.80 -39.02
CA ARG G 829 -40.29 91.13 -38.92
C ARG G 829 -41.01 92.03 -37.92
N TYR G 830 -42.16 91.60 -37.41
CA TYR G 830 -42.95 92.47 -36.53
C TYR G 830 -42.16 92.87 -35.29
N PHE G 831 -41.63 91.89 -34.56
CA PHE G 831 -40.99 92.18 -33.29
C PHE G 831 -39.68 92.93 -33.44
N TYR G 832 -39.14 93.04 -34.65
CA TYR G 832 -38.05 93.98 -34.89
C TYR G 832 -38.54 95.38 -35.22
N LYS G 833 -39.79 95.51 -35.68
CA LYS G 833 -40.40 96.83 -35.82
C LYS G 833 -40.80 97.39 -34.46
N VAL G 834 -41.04 96.52 -33.48
CA VAL G 834 -41.42 96.97 -32.14
C VAL G 834 -40.19 97.51 -31.40
N LEU G 835 -39.04 96.86 -31.56
CA LEU G 835 -37.84 97.30 -30.87
C LEU G 835 -37.38 98.67 -31.35
N MET G 836 -37.60 98.99 -32.62
CA MET G 836 -37.15 100.28 -33.15
C MET G 836 -38.06 101.43 -32.74
N ASP G 837 -39.36 101.17 -32.57
CA ASP G 837 -40.30 102.20 -32.16
C ASP G 837 -40.35 102.37 -30.65
N LEU G 838 -40.34 101.26 -29.90
CA LEU G 838 -40.41 101.34 -28.45
C LEU G 838 -39.12 101.88 -27.86
N LEU G 839 -37.99 101.31 -28.25
CA LEU G 839 -36.70 101.65 -27.64
C LEU G 839 -35.90 102.54 -28.57
N PRO G 840 -35.69 103.82 -28.22
CA PRO G 840 -34.93 104.71 -29.12
C PRO G 840 -33.46 104.37 -29.24
N VAL G 841 -32.88 103.65 -28.27
CA VAL G 841 -31.45 103.36 -28.30
C VAL G 841 -31.10 102.49 -29.50
N CYS G 842 -32.04 101.66 -29.97
CA CYS G 842 -31.74 100.74 -31.06
C CYS G 842 -31.59 101.46 -32.40
N ASN G 843 -32.10 102.68 -32.54
CA ASN G 843 -32.06 103.41 -33.79
C ASN G 843 -30.84 104.33 -33.89
N GLN G 844 -29.81 104.11 -33.06
CA GLN G 844 -28.61 104.93 -33.16
C GLN G 844 -27.89 104.70 -34.49
N ASP G 845 -27.89 103.47 -34.97
CA ASP G 845 -27.48 103.15 -36.33
C ASP G 845 -28.45 102.14 -36.91
N GLY G 846 -28.32 101.87 -38.21
CA GLY G 846 -29.25 101.00 -38.89
C GLY G 846 -29.08 99.52 -38.58
N GLY G 847 -28.92 99.19 -37.31
CA GLY G 847 -28.76 97.80 -36.91
C GLY G 847 -27.53 97.15 -37.46
N ASN G 848 -26.40 97.86 -37.45
CA ASN G 848 -25.14 97.35 -38.00
C ASN G 848 -24.17 97.03 -36.87
N LYS G 849 -23.65 98.04 -36.17
CA LYS G 849 -22.75 97.82 -35.05
C LYS G 849 -23.46 97.85 -33.70
N ILE G 850 -24.60 98.53 -33.60
CA ILE G 850 -25.44 98.54 -32.41
C ILE G 850 -26.72 97.82 -32.78
N ARG G 851 -26.85 96.56 -32.37
CA ARG G 851 -27.97 95.71 -32.75
C ARG G 851 -28.81 95.36 -31.53
N CYS G 852 -30.12 95.31 -31.73
CA CYS G 852 -31.08 94.88 -30.72
C CYS G 852 -31.74 93.58 -31.17
N PHE G 853 -32.13 92.76 -30.20
CA PHE G 853 -32.61 91.42 -30.51
C PHE G 853 -33.39 90.87 -29.33
N ILE G 854 -34.35 90.00 -29.64
CA ILE G 854 -35.16 89.32 -28.64
C ILE G 854 -34.97 87.82 -28.80
N MET G 855 -34.72 87.13 -27.69
CA MET G 855 -34.42 85.71 -27.68
C MET G 855 -35.39 84.97 -26.77
N GLU G 856 -35.88 83.83 -27.24
CA GLU G 856 -36.72 82.97 -26.42
C GLU G 856 -35.85 82.10 -25.52
N ASP G 857 -36.48 81.26 -24.71
CA ASP G 857 -35.75 80.44 -23.75
C ASP G 857 -35.06 79.23 -24.39
N ARG G 858 -35.13 79.09 -25.71
CA ARG G 858 -34.40 78.04 -26.41
C ARG G 858 -33.23 78.55 -27.23
N GLY G 859 -33.08 79.87 -27.38
CA GLY G 859 -31.97 80.46 -28.10
C GLY G 859 -32.33 81.08 -29.43
N TYR G 860 -33.52 80.84 -29.95
CA TYR G 860 -33.91 81.38 -31.23
C TYR G 860 -34.27 82.87 -31.11
N LEU G 861 -34.02 83.60 -32.19
CA LEU G 861 -34.23 85.04 -32.23
C LEU G 861 -35.50 85.35 -33.01
N VAL G 862 -36.47 85.99 -32.33
CA VAL G 862 -37.69 86.43 -32.99
C VAL G 862 -37.56 87.82 -33.58
N ALA G 863 -36.49 88.55 -33.26
CA ALA G 863 -36.26 89.88 -33.80
C ALA G 863 -34.76 90.10 -33.91
N HIS G 864 -34.30 90.50 -35.09
CA HIS G 864 -32.87 90.68 -35.34
C HIS G 864 -32.70 91.55 -36.57
N PRO G 865 -31.65 92.38 -36.64
CA PRO G 865 -31.47 93.22 -37.83
C PRO G 865 -31.33 92.43 -39.12
N THR G 866 -30.54 91.36 -39.13
CA THR G 866 -30.38 90.54 -40.31
C THR G 866 -31.48 89.49 -40.38
N LEU G 867 -31.86 89.12 -41.61
CA LEU G 867 -32.98 88.21 -41.81
C LEU G 867 -32.50 86.83 -42.25
N VAL G 868 -32.12 86.70 -43.52
CA VAL G 868 -31.75 85.41 -44.10
C VAL G 868 -30.53 85.60 -44.99
N ASP G 869 -29.65 84.60 -45.01
CA ASP G 869 -28.49 84.62 -45.89
C ASP G 869 -28.80 83.94 -47.21
N GLY G 872 -25.08 80.50 -49.52
CA GLY G 872 -25.98 80.71 -48.39
C GLY G 872 -27.05 79.64 -48.26
N HIS G 873 -28.27 80.07 -47.97
CA HIS G 873 -29.42 79.17 -47.77
C HIS G 873 -29.11 78.14 -46.68
N ALA G 874 -28.37 78.56 -45.68
CA ALA G 874 -27.89 77.68 -44.62
C ALA G 874 -27.24 78.54 -43.54
N PRO G 875 -27.16 78.04 -42.29
CA PRO G 875 -27.60 76.74 -41.75
C PRO G 875 -29.11 76.56 -41.68
N LEU G 876 -29.54 75.36 -41.29
CA LEU G 876 -30.97 75.10 -41.10
C LEU G 876 -31.47 75.77 -39.83
N GLU G 877 -30.62 75.89 -38.81
CA GLU G 877 -30.95 76.60 -37.58
C GLU G 877 -30.33 77.99 -37.56
N GLN G 878 -30.42 78.72 -38.68
CA GLN G 878 -29.75 80.00 -38.81
C GLN G 878 -30.38 81.09 -37.95
N GLN G 879 -31.62 80.89 -37.51
CA GLN G 879 -32.30 81.85 -36.65
C GLN G 879 -31.91 81.73 -35.18
N HIS G 880 -30.92 80.90 -34.87
CA HIS G 880 -30.47 80.73 -33.49
C HIS G 880 -29.38 81.74 -33.15
N ILE G 881 -29.26 82.05 -31.86
CA ILE G 881 -28.30 83.05 -31.42
C ILE G 881 -26.86 82.62 -31.67
N THR G 882 -26.59 81.32 -31.76
CA THR G 882 -25.23 80.84 -31.94
C THR G 882 -24.67 81.17 -33.31
N HIS G 883 -25.52 81.38 -34.32
CA HIS G 883 -25.04 81.69 -35.66
C HIS G 883 -25.04 83.16 -35.99
N LYS G 884 -25.99 83.94 -35.45
CA LYS G 884 -26.05 85.36 -35.74
C LYS G 884 -25.17 86.20 -34.83
N GLU G 885 -24.99 85.78 -33.58
CA GLU G 885 -24.14 86.49 -32.62
C GLU G 885 -23.22 85.48 -31.96
N PRO G 886 -22.06 85.20 -32.58
CA PRO G 886 -21.20 84.14 -32.03
C PRO G 886 -20.52 84.51 -30.71
N LEU G 887 -20.16 85.79 -30.52
CA LEU G 887 -19.39 86.15 -29.34
C LEU G 887 -20.24 86.13 -28.07
N VAL G 888 -21.50 86.58 -28.16
CA VAL G 888 -22.37 86.51 -26.98
C VAL G 888 -22.57 85.07 -26.54
N ALA G 889 -22.58 84.13 -27.50
CA ALA G 889 -22.84 82.74 -27.15
C ALA G 889 -21.74 82.18 -26.28
N ASN G 890 -20.48 82.47 -26.60
CA ASN G 890 -19.38 81.99 -25.77
C ASN G 890 -19.38 82.66 -24.40
N ASP G 891 -19.82 83.92 -24.32
CA ASP G 891 -19.80 84.62 -23.04
C ASP G 891 -20.95 84.19 -22.13
N ILE G 892 -22.14 83.97 -22.71
CA ILE G 892 -23.28 83.55 -21.88
C ILE G 892 -23.17 82.09 -21.48
N LEU G 893 -22.35 81.29 -22.18
CA LEU G 893 -22.07 79.94 -21.72
C LEU G 893 -21.26 79.91 -20.43
N ASN G 894 -20.61 81.03 -20.09
CA ASN G 894 -19.76 81.10 -18.91
C ASN G 894 -20.51 81.53 -17.66
N HIS G 895 -21.64 82.20 -17.80
CA HIS G 895 -22.44 82.57 -16.63
C HIS G 895 -23.05 81.32 -16.03
N PRO G 896 -22.73 80.96 -14.79
CA PRO G 896 -23.22 79.70 -14.23
C PRO G 896 -24.71 79.74 -13.94
N ASN G 897 -25.34 78.57 -14.06
CA ASN G 897 -26.75 78.35 -13.75
C ASN G 897 -27.70 79.15 -14.63
N PHE G 898 -27.20 79.77 -15.70
CA PHE G 898 -28.05 80.52 -16.62
C PHE G 898 -28.30 79.79 -17.93
N VAL G 899 -27.36 78.96 -18.37
CA VAL G 899 -27.49 78.20 -19.61
C VAL G 899 -27.28 76.73 -19.29
N LYS G 900 -28.26 75.89 -19.66
CA LYS G 900 -28.21 74.46 -19.42
C LYS G 900 -28.37 73.74 -20.76
N LYS G 901 -27.38 72.90 -21.10
CA LYS G 901 -27.47 72.06 -22.28
C LYS G 901 -28.12 70.73 -21.90
N ASN G 902 -29.12 70.33 -22.68
CA ASN G 902 -29.92 69.14 -22.39
C ASN G 902 -29.75 68.10 -23.50
N LEU G 903 -29.61 66.85 -23.09
CA LEU G 903 -29.52 65.71 -23.99
C LEU G 903 -30.75 64.84 -23.77
N CYS G 904 -31.73 64.97 -24.65
CA CYS G 904 -32.92 64.14 -24.61
C CYS G 904 -32.85 63.07 -25.70
N ASN G 905 -33.62 62.02 -25.50
CA ASN G 905 -33.67 60.88 -26.42
C ASN G 905 -35.00 60.89 -27.13
N SER G 906 -35.00 61.31 -28.40
CA SER G 906 -36.19 61.32 -29.25
C SER G 906 -36.13 60.09 -30.15
N PHE G 907 -37.02 59.12 -29.88
CA PHE G 907 -36.99 57.86 -30.61
C PHE G 907 -37.74 57.94 -31.94
N SER G 908 -38.46 59.02 -32.21
CA SER G 908 -39.30 59.09 -33.40
C SER G 908 -38.48 58.94 -34.67
N ASP G 909 -37.47 59.79 -34.85
CA ASP G 909 -36.58 59.70 -36.00
C ASP G 909 -35.22 59.10 -35.65
N ARG G 910 -35.13 58.42 -34.50
CA ARG G 910 -33.92 57.70 -34.09
C ARG G 910 -32.70 58.63 -34.03
N THR G 911 -32.84 59.72 -33.29
CA THR G 911 -31.76 60.67 -33.08
C THR G 911 -31.72 61.09 -31.62
N VAL G 912 -30.64 61.79 -31.25
CA VAL G 912 -30.48 62.35 -29.91
C VAL G 912 -30.22 63.85 -30.09
N GLN G 913 -31.16 64.66 -29.60
CA GLN G 913 -31.14 66.10 -29.86
C GLN G 913 -30.35 66.85 -28.80
N ARG G 914 -29.71 67.94 -29.24
CA ARG G 914 -29.05 68.89 -28.35
C ARG G 914 -29.78 70.22 -28.41
N SER G 915 -29.99 70.84 -27.24
CA SER G 915 -30.68 72.11 -27.17
C SER G 915 -30.32 72.79 -25.86
N TYR G 916 -30.59 74.09 -25.80
CA TYR G 916 -30.30 74.89 -24.62
C TYR G 916 -31.60 75.23 -23.90
N LYS G 917 -31.49 75.45 -22.59
CA LYS G 917 -32.61 75.89 -21.76
C LYS G 917 -32.13 77.03 -20.88
N PHE G 918 -32.56 78.24 -21.19
CA PHE G 918 -32.11 79.41 -20.43
C PHE G 918 -32.91 79.57 -19.15
N ASN G 919 -32.25 80.12 -18.13
CA ASN G 919 -32.85 80.31 -16.82
C ASN G 919 -33.96 81.37 -16.88
N THR G 920 -35.19 80.92 -17.14
CA THR G 920 -36.31 81.86 -17.29
C THR G 920 -36.72 82.52 -15.98
N SER G 921 -36.09 82.17 -14.86
CA SER G 921 -36.33 82.83 -13.58
C SER G 921 -35.21 83.80 -13.23
N LEU G 922 -34.56 84.38 -14.23
CA LEU G 922 -33.46 85.31 -13.98
C LEU G 922 -33.98 86.65 -13.49
N VAL G 923 -33.18 87.28 -12.63
CA VAL G 923 -33.45 88.64 -12.15
C VAL G 923 -32.16 89.44 -12.28
N GLY G 924 -32.27 90.66 -12.81
CA GLY G 924 -31.12 91.53 -12.97
C GLY G 924 -30.49 91.44 -14.34
N ASP G 925 -29.34 92.08 -14.45
CA ASP G 925 -28.59 92.17 -15.70
C ASP G 925 -27.54 91.07 -15.81
N LEU G 926 -27.04 90.89 -17.02
CA LEU G 926 -25.91 90.01 -17.30
C LEU G 926 -25.03 90.68 -18.34
N THR G 927 -23.76 90.90 -18.01
CA THR G 927 -22.86 91.59 -18.92
C THR G 927 -21.61 90.77 -19.18
N ASN G 928 -20.60 91.39 -19.78
CA ASN G 928 -19.35 90.70 -20.10
C ASN G 928 -18.67 90.23 -18.83
N LEU G 929 -18.31 88.95 -18.81
CA LEU G 929 -17.65 88.33 -17.67
C LEU G 929 -16.25 87.83 -17.99
N VAL G 930 -16.05 87.22 -19.15
CA VAL G 930 -14.76 86.68 -19.54
C VAL G 930 -14.39 87.16 -20.94
N HIS G 931 -15.19 86.75 -21.93
CA HIS G 931 -14.93 87.11 -23.31
C HIS G 931 -15.52 88.48 -23.64
N GLY G 932 -15.10 89.01 -24.79
CA GLY G 932 -15.64 90.27 -25.28
C GLY G 932 -15.44 91.45 -24.36
N SER G 933 -14.43 91.40 -23.49
CA SER G 933 -14.19 92.50 -22.57
C SER G 933 -13.73 93.77 -23.27
N HIS G 934 -13.34 93.68 -24.54
CA HIS G 934 -12.79 94.84 -25.26
C HIS G 934 -13.58 95.19 -26.50
N CYS G 935 -13.84 94.23 -27.39
CA CYS G 935 -14.36 94.55 -28.71
C CYS G 935 -15.88 94.52 -28.83
N SER G 936 -16.59 94.07 -27.79
CA SER G 936 -18.04 93.91 -27.93
C SER G 936 -18.68 93.93 -26.53
N LYS G 937 -19.29 95.07 -26.19
CA LYS G 937 -20.04 95.23 -24.95
C LYS G 937 -21.47 94.72 -25.13
N TYR G 938 -22.00 94.12 -24.06
CA TYR G 938 -23.31 93.50 -24.11
C TYR G 938 -24.11 93.81 -22.85
N ARG G 939 -25.42 93.75 -23.00
CA ARG G 939 -26.37 93.84 -21.89
C ARG G 939 -27.53 92.91 -22.19
N LEU G 940 -27.78 91.96 -21.30
CA LEU G 940 -28.86 90.99 -21.47
C LEU G 940 -29.68 90.91 -20.20
N THR G 941 -31.01 91.04 -20.34
CA THR G 941 -31.92 90.93 -19.22
C THR G 941 -33.20 90.26 -19.69
N ARG G 942 -34.09 89.99 -18.74
CA ARG G 942 -35.34 89.31 -19.03
C ARG G 942 -36.49 90.31 -19.16
N ILE G 943 -37.31 90.13 -20.18
CA ILE G 943 -38.55 90.90 -20.32
C ILE G 943 -39.48 90.42 -19.21
N PRO G 944 -39.96 91.31 -18.35
CA PRO G 944 -40.70 90.86 -17.16
C PRO G 944 -42.00 90.16 -17.52
N GLY G 945 -42.24 89.02 -16.85
CA GLY G 945 -43.48 88.30 -17.00
C GLY G 945 -43.57 87.38 -18.19
N THR G 946 -42.48 87.14 -18.92
CA THR G 946 -42.50 86.28 -20.09
C THR G 946 -41.25 85.41 -20.10
N ASN G 947 -41.15 84.56 -21.12
CA ASN G 947 -40.03 83.65 -21.29
C ASN G 947 -39.02 84.15 -22.31
N ALA G 948 -39.08 85.43 -22.67
CA ALA G 948 -38.20 86.00 -23.67
C ALA G 948 -37.22 86.97 -23.02
N PHE G 949 -36.03 87.07 -23.61
CA PHE G 949 -34.99 87.98 -23.15
C PHE G 949 -34.76 89.07 -24.18
N VAL G 950 -34.43 90.26 -23.70
CA VAL G 950 -34.05 91.38 -24.55
C VAL G 950 -32.57 91.68 -24.31
N GLY G 951 -31.85 91.92 -25.40
CA GLY G 951 -30.42 92.15 -25.31
C GLY G 951 -29.95 93.14 -26.35
N ILE G 952 -28.79 93.75 -26.07
CA ILE G 952 -28.20 94.74 -26.96
C ILE G 952 -26.70 94.48 -27.06
N VAL G 953 -26.15 94.68 -28.25
CA VAL G 953 -24.73 94.48 -28.52
C VAL G 953 -24.13 95.79 -29.00
N ASN G 954 -22.96 96.14 -28.46
CA ASN G 954 -22.22 97.32 -28.88
C ASN G 954 -20.88 96.85 -29.46
N GLU G 955 -20.83 96.68 -30.78
CA GLU G 955 -19.61 96.24 -31.46
C GLU G 955 -18.75 97.47 -31.74
N THR G 956 -17.70 97.63 -30.94
CA THR G 956 -16.79 98.76 -31.12
C THR G 956 -15.57 98.40 -31.95
N CYS G 957 -15.13 97.16 -31.90
CA CYS G 957 -14.07 96.68 -32.80
C CYS G 957 -14.38 95.25 -33.23
N ASP G 958 -13.82 94.87 -34.37
CA ASP G 958 -14.06 93.55 -34.93
C ASP G 958 -13.45 92.47 -34.05
N SER G 959 -14.21 91.39 -33.84
CA SER G 959 -13.75 90.26 -33.05
C SER G 959 -14.21 88.98 -33.71
N LEU G 960 -13.34 87.99 -33.75
CA LEU G 960 -13.58 86.73 -34.45
C LEU G 960 -13.95 85.65 -33.44
N ALA G 961 -15.20 85.18 -33.51
CA ALA G 961 -15.68 84.10 -32.68
C ALA G 961 -16.40 83.08 -33.55
N PHE G 962 -16.33 81.82 -33.13
CA PHE G 962 -16.85 80.72 -33.94
C PHE G 962 -17.75 79.81 -33.12
N CYS G 963 -18.87 79.44 -33.71
CA CYS G 963 -19.79 78.44 -33.16
C CYS G 963 -20.14 77.46 -34.27
N ALA G 964 -19.76 76.19 -34.08
CA ALA G 964 -19.94 75.19 -35.11
C ALA G 964 -21.43 75.00 -35.42
N CYS G 965 -21.81 75.28 -36.68
CA CYS G 965 -23.20 75.15 -37.11
C CYS G 965 -23.21 74.65 -38.55
N SER G 966 -23.85 73.50 -38.76
CA SER G 966 -23.79 72.82 -40.05
C SER G 966 -24.58 73.58 -41.11
N MET G 967 -23.96 73.80 -42.27
CA MET G 967 -24.59 74.48 -43.39
C MET G 967 -24.95 73.54 -44.54
N VAL G 968 -24.92 72.24 -44.31
CA VAL G 968 -25.35 71.27 -45.33
C VAL G 968 -26.31 70.27 -44.69
N ASP G 969 -26.13 70.01 -43.40
CA ASP G 969 -26.98 69.09 -42.68
C ASP G 969 -27.51 69.72 -41.39
N ARG G 970 -27.75 68.89 -40.38
CA ARG G 970 -28.05 69.34 -39.04
C ARG G 970 -27.09 68.70 -38.03
N LEU G 971 -26.10 67.95 -38.49
CA LEU G 971 -25.29 67.11 -37.62
C LEU G 971 -24.51 67.94 -36.61
N CYS G 972 -24.22 67.31 -35.47
CA CYS G 972 -23.21 67.83 -34.55
C CYS G 972 -21.82 67.50 -35.08
N LEU G 973 -20.83 68.26 -34.58
CA LEU G 973 -19.45 67.98 -34.98
C LEU G 973 -18.95 66.70 -34.34
N ASN G 974 -19.13 66.56 -33.03
CA ASN G 974 -18.56 65.48 -32.25
C ASN G 974 -19.70 64.72 -31.58
N CYS G 975 -20.01 63.53 -32.09
CA CYS G 975 -21.00 62.66 -31.47
C CYS G 975 -20.32 61.62 -30.59
N HIS G 976 -19.38 62.08 -29.79
CA HIS G 976 -18.76 61.28 -28.73
C HIS G 976 -18.99 61.86 -27.35
N ARG G 977 -18.86 63.18 -27.19
CA ARG G 977 -19.09 63.84 -25.91
C ARG G 977 -19.82 65.15 -26.15
N MET G 978 -20.44 65.65 -25.07
CA MET G 978 -21.15 66.92 -25.08
C MET G 978 -20.54 67.83 -24.04
N GLU G 979 -20.16 69.05 -24.44
CA GLU G 979 -19.47 70.00 -23.58
C GLU G 979 -20.36 71.23 -23.35
N GLN G 980 -20.32 71.73 -22.12
CA GLN G 980 -21.14 72.89 -21.77
C GLN G 980 -20.59 74.17 -22.38
N ASN G 981 -19.26 74.32 -22.40
CA ASN G 981 -18.63 75.52 -22.92
C ASN G 981 -18.39 75.48 -24.43
N GLU G 982 -18.61 74.34 -25.07
CA GLU G 982 -18.45 74.22 -26.52
C GLU G 982 -19.68 74.79 -27.19
N CYS G 983 -19.51 75.88 -27.94
CA CYS G 983 -20.63 76.53 -28.62
C CYS G 983 -20.94 75.83 -29.92
N GLU G 984 -22.20 75.47 -30.12
CA GLU G 984 -22.67 74.91 -31.37
C GLU G 984 -24.19 75.00 -31.41
N CYS G 985 -24.73 75.29 -32.59
CA CYS G 985 -26.17 75.44 -32.75
C CYS G 985 -26.87 74.10 -32.55
N PRO G 986 -28.18 74.11 -32.24
CA PRO G 986 -28.89 72.86 -31.97
C PRO G 986 -28.71 71.81 -33.05
N CYS G 987 -28.19 70.65 -32.66
CA CYS G 987 -27.84 69.58 -33.59
C CYS G 987 -28.21 68.24 -32.96
N GLU G 988 -27.99 67.16 -33.71
CA GLU G 988 -28.40 65.83 -33.28
C GLU G 988 -27.23 64.86 -33.33
N CYS G 989 -27.45 63.69 -32.74
CA CYS G 989 -26.56 62.54 -32.85
C CYS G 989 -27.44 61.32 -33.04
N PRO G 990 -27.02 60.35 -33.85
CA PRO G 990 -27.94 59.25 -34.25
C PRO G 990 -28.39 58.36 -33.10
N LEU G 991 -27.60 57.35 -32.76
CA LEU G 991 -28.00 56.35 -31.79
C LEU G 991 -27.09 56.39 -30.56
N GLU G 992 -27.64 55.97 -29.43
CA GLU G 992 -26.91 55.83 -28.18
C GLU G 992 -27.42 54.59 -27.45
N VAL G 993 -27.50 53.47 -28.19
CA VAL G 993 -27.97 52.21 -27.65
C VAL G 993 -26.98 51.13 -28.06
N ASN G 994 -27.40 49.86 -27.99
CA ASN G 994 -26.65 48.78 -28.59
C ASN G 994 -27.61 47.79 -29.23
N GLU G 995 -27.31 47.40 -30.47
CA GLU G 995 -28.18 46.51 -31.22
C GLU G 995 -27.99 45.07 -30.78
N CYS G 996 -27.73 44.86 -29.48
CA CYS G 996 -27.38 43.54 -28.98
C CYS G 996 -28.26 43.15 -27.80
N THR G 997 -28.28 43.97 -26.74
CA THR G 997 -29.08 43.68 -25.56
C THR G 997 -30.27 44.62 -25.37
N GLY G 998 -30.24 45.81 -25.94
CA GLY G 998 -31.39 46.69 -25.90
C GLY G 998 -31.43 47.71 -24.80
N ASN G 999 -30.26 48.20 -24.35
CA ASN G 999 -30.22 49.27 -23.36
C ASN G 999 -29.50 50.49 -23.93
N LEU G 1000 -29.05 51.38 -23.06
CA LEU G 1000 -28.35 52.59 -23.48
C LEU G 1000 -26.84 52.37 -23.34
N THR G 1001 -26.09 52.78 -24.37
CA THR G 1001 -24.65 52.64 -24.39
C THR G 1001 -24.04 53.31 -23.16
N ASN G 1002 -23.95 54.64 -23.19
CA ASN G 1002 -23.64 55.39 -21.99
C ASN G 1002 -24.82 55.31 -21.02
N ALA G 1003 -24.56 55.65 -19.75
CA ALA G 1003 -25.63 55.72 -18.77
C ALA G 1003 -26.57 56.89 -19.07
N GLU G 1004 -27.09 56.93 -20.31
CA GLU G 1004 -27.93 58.03 -20.74
C GLU G 1004 -29.35 57.88 -20.23
N ASN G 1005 -29.49 57.53 -18.95
CA ASN G 1005 -30.80 57.50 -18.31
C ASN G 1005 -31.26 58.91 -18.00
N ARG G 1006 -30.89 59.88 -18.85
CA ARG G 1006 -31.52 61.19 -18.83
C ARG G 1006 -33.02 61.01 -18.94
N ASN G 1007 -33.77 61.92 -18.31
CA ASN G 1007 -35.22 61.93 -18.49
C ASN G 1007 -35.53 62.46 -19.88
N PRO G 1008 -35.82 61.58 -20.84
CA PRO G 1008 -35.88 62.03 -22.24
C PRO G 1008 -37.29 62.40 -22.64
N SER G 1009 -37.79 61.73 -23.68
CA SER G 1009 -39.15 61.93 -24.17
C SER G 1009 -39.42 63.41 -24.45
N CYS G 1010 -38.49 64.04 -25.14
CA CYS G 1010 -38.72 65.39 -25.64
C CYS G 1010 -39.84 65.34 -26.67
N GLU G 1011 -41.05 65.03 -26.21
CA GLU G 1011 -42.25 64.84 -27.02
C GLU G 1011 -41.96 64.24 -28.39
N VAL G 1012 -42.27 64.98 -29.43
CA VAL G 1012 -41.90 64.64 -30.80
C VAL G 1012 -41.06 65.73 -31.44
N HIS G 1013 -41.50 66.99 -31.32
CA HIS G 1013 -40.78 68.17 -31.81
C HIS G 1013 -40.62 68.16 -33.32
N GLN G 1014 -40.21 67.04 -33.89
CA GLN G 1014 -40.13 66.88 -35.34
C GLN G 1014 -41.48 66.56 -35.96
N GLU G 1015 -42.59 66.82 -35.26
CA GLU G 1015 -43.97 66.53 -35.69
C GLU G 1015 -44.10 66.66 -37.19
N PRO G 1016 -44.19 65.54 -37.93
CA PRO G 1016 -44.07 65.57 -39.39
C PRO G 1016 -44.97 66.60 -40.05
N VAL G 1017 -44.40 67.75 -40.37
CA VAL G 1017 -45.15 68.83 -41.01
C VAL G 1017 -45.17 68.58 -42.51
N THR G 1018 -46.36 68.50 -43.09
CA THR G 1018 -46.48 68.36 -44.53
C THR G 1018 -46.67 69.72 -45.17
N TYR G 1019 -47.40 69.76 -46.28
CA TYR G 1019 -47.55 70.97 -47.08
C TYR G 1019 -48.77 70.82 -47.97
N THR G 1020 -49.84 70.28 -47.40
CA THR G 1020 -51.09 70.08 -48.11
C THR G 1020 -51.74 71.44 -48.37
N ALA G 1021 -51.83 71.84 -49.63
CA ALA G 1021 -52.55 73.05 -50.01
C ALA G 1021 -53.98 72.70 -50.38
N ILE G 1022 -54.55 73.40 -51.36
CA ILE G 1022 -55.86 73.05 -51.88
C ILE G 1022 -55.71 72.50 -53.28
N ASP G 1023 -55.80 73.38 -54.30
CA ASP G 1023 -55.62 72.96 -55.68
C ASP G 1023 -55.45 74.17 -56.60
N PRO G 1024 -54.75 74.02 -57.72
CA PRO G 1024 -54.71 75.11 -58.70
C PRO G 1024 -56.04 75.23 -59.44
N GLY G 1025 -56.21 76.38 -60.10
CA GLY G 1025 -57.46 76.73 -60.73
C GLY G 1025 -58.45 77.39 -59.80
N LEU G 1026 -58.42 77.04 -58.51
CA LEU G 1026 -59.16 77.74 -57.47
C LEU G 1026 -58.31 78.78 -56.76
N GLN G 1027 -56.99 78.75 -56.97
CA GLN G 1027 -56.11 79.72 -56.33
C GLN G 1027 -56.18 81.07 -57.03
N ASP G 1028 -56.57 81.10 -58.30
CA ASP G 1028 -56.64 82.34 -59.05
C ASP G 1028 -58.07 82.84 -59.24
N ALA G 1029 -59.08 82.06 -58.85
CA ALA G 1029 -60.46 82.51 -58.94
C ALA G 1029 -60.83 83.48 -57.83
N LEU G 1030 -59.95 83.70 -56.85
CA LEU G 1030 -60.19 84.62 -55.75
C LEU G 1030 -58.92 85.39 -55.47
N GLN G 1031 -59.08 86.57 -54.87
CA GLN G 1031 -57.95 87.39 -54.45
C GLN G 1031 -57.67 87.17 -52.97
N GLN G 1032 -56.58 87.77 -52.51
CA GLN G 1032 -56.24 87.72 -51.09
C GLN G 1032 -57.33 88.39 -50.26
N CYS G 1033 -57.56 87.85 -49.07
CA CYS G 1033 -58.61 88.36 -48.18
C CYS G 1033 -58.35 89.82 -47.83
N VAL G 1034 -57.43 90.07 -46.90
CA VAL G 1034 -57.05 91.42 -46.55
C VAL G 1034 -56.23 92.01 -47.70
N ASN G 1035 -56.92 92.59 -48.68
CA ASN G 1035 -56.25 93.14 -49.86
C ASN G 1035 -55.43 94.37 -49.49
N SER G 1036 -54.45 94.21 -48.60
CA SER G 1036 -53.53 95.28 -48.24
C SER G 1036 -52.52 95.41 -49.37
N ARG G 1037 -52.91 96.19 -50.38
CA ARG G 1037 -52.06 96.42 -51.55
C ARG G 1037 -50.69 96.90 -51.12
N CYS G 1038 -49.66 96.14 -51.49
CA CYS G 1038 -48.34 96.36 -50.92
C CYS G 1038 -47.68 97.61 -51.49
N ASN G 1039 -47.65 97.75 -52.81
CA ASN G 1039 -46.84 98.79 -53.43
C ASN G 1039 -47.52 100.16 -53.34
N GLN G 1040 -48.48 100.30 -52.44
CA GLN G 1040 -48.99 101.62 -52.07
C GLN G 1040 -48.57 102.01 -50.66
N ARG G 1041 -47.82 101.16 -49.97
CA ARG G 1041 -47.13 101.55 -48.74
C ARG G 1041 -45.74 102.05 -49.10
N MET G 1042 -45.34 103.16 -48.47
CA MET G 1042 -44.18 103.91 -48.94
C MET G 1042 -42.90 103.62 -48.17
N GLU G 1043 -42.91 103.75 -46.85
CA GLU G 1043 -41.71 103.56 -46.05
C GLU G 1043 -41.70 102.18 -45.38
N SER G 1044 -40.56 101.88 -44.75
CA SER G 1044 -40.37 100.54 -44.18
C SER G 1044 -41.27 100.30 -42.98
N GLY G 1045 -41.64 101.35 -42.24
CA GLY G 1045 -42.54 101.19 -41.11
C GLY G 1045 -43.96 100.85 -41.50
N ASP G 1046 -44.31 100.92 -42.78
CA ASP G 1046 -45.65 100.61 -43.25
C ASP G 1046 -45.74 99.24 -43.94
N CYS G 1047 -44.60 98.64 -44.29
CA CYS G 1047 -44.57 97.35 -44.97
C CYS G 1047 -44.17 96.20 -44.06
N PHE G 1048 -43.37 96.46 -43.02
CA PHE G 1048 -43.03 95.42 -42.07
C PHE G 1048 -44.26 94.94 -41.33
N GLY G 1049 -44.41 93.62 -41.22
CA GLY G 1049 -45.50 93.03 -40.48
C GLY G 1049 -46.72 92.69 -41.29
N VAL G 1050 -46.92 93.33 -42.44
CA VAL G 1050 -48.07 93.01 -43.28
C VAL G 1050 -47.91 91.59 -43.82
N LEU G 1051 -48.98 90.80 -43.74
CA LEU G 1051 -48.86 89.35 -43.91
C LEU G 1051 -48.47 88.99 -45.34
N ASP G 1052 -49.01 89.69 -46.33
CA ASP G 1052 -48.76 89.36 -47.73
C ASP G 1052 -47.83 90.36 -48.41
N CYS G 1053 -47.01 91.06 -47.64
CA CYS G 1053 -46.05 92.01 -48.19
C CYS G 1053 -44.67 91.72 -47.62
N GLU G 1054 -43.67 92.38 -48.21
CA GLU G 1054 -42.29 92.29 -47.72
C GLU G 1054 -41.50 93.46 -48.28
N TRP G 1055 -40.58 93.98 -47.48
CA TRP G 1055 -39.80 95.16 -47.83
C TRP G 1055 -38.56 94.72 -48.61
N CYS G 1056 -38.52 95.04 -49.89
CA CYS G 1056 -37.43 94.60 -50.76
C CYS G 1056 -36.25 95.56 -50.63
N VAL G 1057 -35.11 95.02 -50.19
CA VAL G 1057 -33.91 95.83 -49.98
C VAL G 1057 -32.76 95.44 -50.89
N VAL G 1058 -32.70 94.21 -51.40
CA VAL G 1058 -31.57 93.71 -52.17
C VAL G 1058 -32.04 93.38 -53.58
N ASP G 1059 -31.21 93.71 -54.56
CA ASP G 1059 -31.51 93.39 -55.96
C ASP G 1059 -31.46 91.87 -56.18
N SER G 1060 -31.90 91.46 -57.36
CA SER G 1060 -32.05 90.04 -57.68
C SER G 1060 -30.72 89.38 -58.01
N ASP G 1061 -29.69 89.63 -57.22
CA ASP G 1061 -28.37 89.06 -57.49
C ASP G 1061 -27.47 89.05 -56.27
N GLY G 1062 -28.00 88.60 -55.13
CA GLY G 1062 -27.17 88.36 -53.97
C GLY G 1062 -27.06 89.51 -52.99
N LYS G 1063 -26.21 90.50 -53.30
CA LYS G 1063 -25.87 91.58 -52.37
C LYS G 1063 -25.68 92.88 -53.18
N THR G 1064 -26.78 93.39 -53.73
CA THR G 1064 -26.79 94.68 -54.45
C THR G 1064 -27.92 95.50 -53.84
N HIS G 1065 -27.58 96.34 -52.87
CA HIS G 1065 -28.58 97.18 -52.20
C HIS G 1065 -29.09 98.24 -53.16
N LEU G 1066 -30.32 98.06 -53.66
CA LEU G 1066 -30.94 99.07 -54.50
C LEU G 1066 -31.25 100.32 -53.68
N ASP G 1067 -31.16 101.48 -54.33
CA ASP G 1067 -31.20 102.76 -53.66
C ASP G 1067 -32.62 103.34 -53.56
N LYS G 1068 -33.65 102.50 -53.72
CA LYS G 1068 -35.02 102.94 -53.50
C LYS G 1068 -35.88 101.75 -53.09
N SER G 1069 -35.84 101.40 -51.80
CA SER G 1069 -36.56 100.23 -51.33
C SER G 1069 -38.07 100.49 -51.33
N TYR G 1070 -38.81 99.57 -51.92
CA TYR G 1070 -40.26 99.66 -52.02
C TYR G 1070 -40.90 98.44 -51.39
N CYS G 1071 -42.21 98.55 -51.14
CA CYS G 1071 -42.99 97.43 -50.62
C CYS G 1071 -43.62 96.68 -51.78
N ALA G 1072 -43.66 95.36 -51.65
CA ALA G 1072 -44.14 94.51 -52.73
C ALA G 1072 -44.83 93.30 -52.12
N PRO G 1073 -45.73 92.66 -52.86
CA PRO G 1073 -46.25 91.36 -52.43
C PRO G 1073 -45.10 90.41 -52.19
N GLN G 1074 -45.22 89.59 -51.14
CA GLN G 1074 -44.12 88.70 -50.77
C GLN G 1074 -43.71 87.82 -51.94
N LYS G 1075 -44.64 87.49 -52.83
CA LYS G 1075 -44.36 86.63 -53.97
C LYS G 1075 -43.24 87.18 -54.84
N GLU G 1076 -42.85 88.44 -54.66
CA GLU G 1076 -41.87 89.07 -55.55
C GLU G 1076 -40.46 88.99 -54.98
N CYS G 1077 -40.26 89.51 -53.76
CA CYS G 1077 -38.97 89.44 -53.08
C CYS G 1077 -39.11 88.60 -51.81
N PHE G 1078 -38.40 87.48 -51.78
CA PHE G 1078 -38.37 86.59 -50.62
C PHE G 1078 -37.16 86.93 -49.77
N GLY G 1079 -37.40 87.18 -48.48
CA GLY G 1079 -36.31 87.41 -47.54
C GLY G 1079 -35.51 88.67 -47.81
N GLY G 1080 -35.96 89.50 -48.75
CA GLY G 1080 -35.30 90.76 -49.08
C GLY G 1080 -34.72 90.81 -50.48
N ILE G 1081 -34.47 89.66 -51.11
CA ILE G 1081 -33.90 89.62 -52.45
C ILE G 1081 -35.04 89.49 -53.45
N VAL G 1082 -35.08 90.41 -54.43
CA VAL G 1082 -36.17 90.43 -55.40
C VAL G 1082 -36.02 89.34 -56.44
N GLY G 1083 -35.03 88.47 -56.28
CA GLY G 1083 -34.85 87.33 -57.16
C GLY G 1083 -34.76 86.01 -56.44
N ALA G 1084 -34.85 86.05 -55.11
CA ALA G 1084 -34.79 84.84 -54.31
C ALA G 1084 -35.97 83.94 -54.61
N LYS G 1085 -35.72 82.64 -54.67
CA LYS G 1085 -36.75 81.67 -55.02
C LYS G 1085 -37.56 81.28 -53.77
N SER G 1086 -38.50 80.37 -53.96
CA SER G 1086 -39.45 79.99 -52.93
C SER G 1086 -38.89 78.87 -52.06
N PRO G 1087 -39.20 78.88 -50.76
CA PRO G 1087 -38.83 77.74 -49.91
C PRO G 1087 -39.54 76.45 -50.29
N TYR G 1088 -40.67 76.53 -50.98
CA TYR G 1088 -41.41 75.35 -51.39
C TYR G 1088 -40.99 74.90 -52.79
N VAL H 9 14.05 87.51 -21.78
CA VAL H 9 13.64 86.30 -21.07
C VAL H 9 12.20 85.96 -21.42
N CYS H 10 11.99 84.70 -21.84
CA CYS H 10 10.68 84.21 -22.26
C CYS H 10 9.90 83.68 -21.07
N GLN H 11 8.57 83.65 -21.22
CA GLN H 11 7.70 83.04 -20.24
C GLN H 11 7.10 81.75 -20.79
N GLU H 12 6.75 80.84 -19.89
CA GLU H 12 6.23 79.55 -20.28
C GLU H 12 4.77 79.66 -20.71
N ILE H 13 4.38 78.83 -21.67
CA ILE H 13 3.02 78.84 -22.18
C ILE H 13 2.07 78.43 -21.05
N THR H 14 0.99 79.20 -20.87
CA THR H 14 0.02 78.94 -19.83
C THR H 14 -1.35 78.54 -20.35
N VAL H 15 -1.63 78.76 -21.62
CA VAL H 15 -2.93 78.34 -22.16
C VAL H 15 -2.98 76.81 -22.20
N PRO H 16 -4.05 76.19 -21.68
CA PRO H 16 -4.10 74.72 -21.67
C PRO H 16 -4.10 74.10 -23.05
N MET H 17 -4.44 74.86 -24.09
CA MET H 17 -4.55 74.30 -25.44
C MET H 17 -3.18 74.05 -26.05
N CYS H 18 -2.21 74.91 -25.76
CA CYS H 18 -0.89 74.89 -26.39
C CYS H 18 0.20 74.35 -25.46
N ARG H 19 -0.12 73.32 -24.67
CA ARG H 19 0.82 72.73 -23.74
C ARG H 19 1.32 71.39 -24.29
N GLY H 20 2.64 71.21 -24.25
CA GLY H 20 3.24 69.95 -24.67
C GLY H 20 3.20 69.68 -26.16
N ILE H 21 3.62 70.65 -26.97
CA ILE H 21 3.61 70.49 -28.43
C ILE H 21 5.00 70.42 -29.03
N GLY H 22 6.05 70.67 -28.26
CA GLY H 22 7.40 70.64 -28.80
C GLY H 22 8.25 71.76 -28.23
N TYR H 23 7.61 72.74 -27.61
CA TYR H 23 8.32 73.89 -27.06
C TYR H 23 7.51 74.41 -25.90
N ASN H 24 8.17 75.09 -24.97
CA ASN H 24 7.51 75.55 -23.76
C ASN H 24 7.45 77.06 -23.59
N LEU H 25 8.29 77.81 -24.28
CA LEU H 25 8.46 79.24 -24.03
C LEU H 25 7.83 80.07 -25.15
N THR H 26 7.04 81.07 -24.78
CA THR H 26 6.48 82.03 -25.73
C THR H 26 6.58 83.42 -25.13
N HIS H 27 6.36 84.44 -25.97
CA HIS H 27 6.43 85.83 -25.55
C HIS H 27 5.34 86.63 -26.24
N MET H 28 4.53 87.33 -25.45
CA MET H 28 3.51 88.22 -25.93
C MET H 28 4.04 89.65 -26.01
N PRO H 29 3.56 90.48 -26.95
CA PRO H 29 2.48 90.21 -27.91
C PRO H 29 2.88 89.29 -29.07
N ASN H 30 1.89 88.73 -29.74
CA ASN H 30 2.08 87.81 -30.86
C ASN H 30 1.73 88.53 -32.17
N GLN H 31 1.18 87.79 -33.13
CA GLN H 31 0.85 88.33 -34.44
C GLN H 31 -0.52 88.99 -34.48
N PHE H 32 -1.44 88.61 -33.60
CA PHE H 32 -2.80 89.10 -33.61
C PHE H 32 -3.03 90.23 -32.60
N ASN H 33 -1.95 90.85 -32.11
CA ASN H 33 -2.01 91.98 -31.18
C ASN H 33 -2.61 91.59 -29.83
N HIS H 34 -2.40 90.36 -29.39
CA HIS H 34 -2.81 89.94 -28.05
C HIS H 34 -1.72 90.31 -27.05
N ASP H 35 -2.11 91.06 -26.01
CA ASP H 35 -1.12 91.56 -25.07
C ASP H 35 -0.73 90.53 -24.01
N THR H 36 -1.62 89.58 -23.71
CA THR H 36 -1.37 88.59 -22.68
C THR H 36 -1.85 87.23 -23.17
N GLN H 37 -1.23 86.17 -22.65
CA GLN H 37 -1.69 84.81 -22.97
C GLN H 37 -3.14 84.58 -22.57
N ASP H 38 -3.63 85.34 -21.58
CA ASP H 38 -5.05 85.23 -21.21
C ASP H 38 -5.95 85.65 -22.37
N GLU H 39 -5.63 86.79 -22.99
CA GLU H 39 -6.45 87.27 -24.10
C GLU H 39 -6.19 86.49 -25.38
N ALA H 40 -4.96 86.00 -25.57
CA ALA H 40 -4.67 85.16 -26.74
C ALA H 40 -5.36 83.81 -26.63
N GLY H 41 -5.53 83.30 -25.41
CA GLY H 41 -6.20 82.03 -25.22
C GLY H 41 -7.70 82.11 -25.46
N LEU H 42 -8.29 83.29 -25.28
CA LEU H 42 -9.74 83.43 -25.44
C LEU H 42 -10.17 83.26 -26.89
N GLU H 43 -9.29 83.53 -27.84
CA GLU H 43 -9.60 83.37 -29.26
C GLU H 43 -9.15 82.03 -29.82
N VAL H 44 -7.97 81.54 -29.41
CA VAL H 44 -7.49 80.27 -29.95
C VAL H 44 -8.35 79.12 -29.45
N HIS H 45 -8.97 79.25 -28.27
CA HIS H 45 -9.85 78.20 -27.77
C HIS H 45 -11.14 78.09 -28.58
N GLN H 46 -11.45 79.08 -29.41
CA GLN H 46 -12.58 78.95 -30.34
C GLN H 46 -12.32 77.90 -31.42
N PHE H 47 -11.07 77.42 -31.53
CA PHE H 47 -10.72 76.34 -32.42
C PHE H 47 -10.63 75.00 -31.70
N TRP H 48 -10.84 74.99 -30.39
CA TRP H 48 -10.74 73.75 -29.62
C TRP H 48 -11.66 72.65 -30.11
N PRO H 49 -12.90 72.90 -30.54
CA PRO H 49 -13.69 71.80 -31.14
C PRO H 49 -13.01 71.16 -32.34
N LEU H 50 -12.34 71.96 -33.17
CA LEU H 50 -11.64 71.40 -34.32
C LEU H 50 -10.47 70.51 -33.90
N VAL H 51 -9.82 70.83 -32.78
CA VAL H 51 -8.65 70.06 -32.37
C VAL H 51 -9.05 68.69 -31.87
N GLU H 52 -10.15 68.60 -31.11
CA GLU H 52 -10.58 67.32 -30.55
C GLU H 52 -11.35 66.46 -31.53
N ILE H 53 -11.74 67.00 -32.69
CA ILE H 53 -12.37 66.15 -33.71
C ILE H 53 -11.34 65.42 -34.55
N HIS H 54 -10.08 65.84 -34.48
CA HIS H 54 -8.95 65.13 -35.07
C HIS H 54 -9.09 65.00 -36.59
N CYS H 55 -9.21 66.15 -37.25
CA CYS H 55 -9.20 66.17 -38.70
C CYS H 55 -7.79 65.99 -39.24
N SER H 56 -6.86 66.85 -38.84
CA SER H 56 -5.46 66.72 -39.18
C SER H 56 -4.61 66.70 -37.92
N PRO H 57 -3.65 65.78 -37.81
CA PRO H 57 -2.76 65.78 -36.63
C PRO H 57 -1.91 67.03 -36.51
N ASP H 58 -1.76 67.81 -37.57
CA ASP H 58 -0.89 68.98 -37.58
C ASP H 58 -1.59 70.25 -37.11
N LEU H 59 -2.83 70.16 -36.63
CA LEU H 59 -3.62 71.36 -36.40
C LEU H 59 -3.17 72.10 -35.14
N ARG H 60 -3.04 71.39 -34.02
CA ARG H 60 -2.60 72.05 -32.79
C ARG H 60 -1.21 72.66 -32.93
N PHE H 61 -0.31 71.97 -33.65
CA PHE H 61 1.03 72.50 -33.84
C PHE H 61 1.01 73.75 -34.72
N PHE H 62 0.11 73.79 -35.71
CA PHE H 62 0.03 74.94 -36.60
C PHE H 62 -0.61 76.14 -35.90
N LEU H 63 -1.74 75.91 -35.22
CA LEU H 63 -2.45 77.02 -34.58
C LEU H 63 -1.61 77.65 -33.48
N CYS H 64 -0.93 76.84 -32.66
CA CYS H 64 -0.15 77.38 -31.56
C CYS H 64 1.10 78.10 -32.04
N SER H 65 1.63 77.73 -33.21
CA SER H 65 2.74 78.47 -33.79
C SER H 65 2.33 79.86 -34.24
N MET H 66 1.04 80.18 -34.24
CA MET H 66 0.51 81.47 -34.66
C MET H 66 0.17 82.35 -33.47
N TYR H 67 -0.59 81.83 -32.50
CA TYR H 67 -1.02 82.64 -31.36
C TYR H 67 0.04 82.69 -30.27
N THR H 68 0.73 81.58 -30.01
CA THR H 68 1.80 81.51 -29.02
C THR H 68 3.09 81.11 -29.71
N PRO H 69 3.73 82.03 -30.43
CA PRO H 69 4.93 81.67 -31.21
C PRO H 69 6.10 81.32 -30.31
N ILE H 70 7.07 80.61 -30.91
CA ILE H 70 8.23 80.14 -30.16
C ILE H 70 9.07 81.32 -29.68
N CYS H 71 9.44 81.29 -28.40
CA CYS H 71 10.37 82.25 -27.83
C CYS H 71 11.56 81.49 -27.24
N LEU H 72 12.75 81.74 -27.78
CA LEU H 72 13.98 81.21 -27.23
C LEU H 72 14.76 82.32 -26.54
N PRO H 73 15.26 82.11 -25.33
CA PRO H 73 15.95 83.22 -24.64
C PRO H 73 17.18 83.71 -25.40
N ASP H 74 17.71 82.90 -26.31
CA ASP H 74 18.86 83.24 -27.15
C ASP H 74 18.47 83.17 -28.63
N TYR H 75 17.28 83.69 -28.93
CA TYR H 75 16.65 83.56 -30.24
C TYR H 75 17.04 84.71 -31.16
N HIS H 76 16.35 85.84 -31.00
CA HIS H 76 16.62 87.11 -31.68
C HIS H 76 16.44 87.05 -33.19
N LYS H 77 16.14 85.87 -33.76
CA LYS H 77 15.99 85.71 -35.19
C LYS H 77 14.83 84.75 -35.47
N PRO H 78 13.63 85.27 -35.67
CA PRO H 78 12.48 84.40 -35.92
C PRO H 78 12.41 83.92 -37.37
N LEU H 79 12.09 82.63 -37.53
CA LEU H 79 11.95 82.00 -38.83
C LEU H 79 11.28 80.64 -38.68
N PRO H 80 9.95 80.59 -38.52
CA PRO H 80 9.26 79.29 -38.50
C PRO H 80 8.96 78.83 -39.92
N PRO H 81 9.59 77.74 -40.36
CA PRO H 81 9.39 77.29 -41.74
C PRO H 81 8.34 76.19 -41.86
N CYS H 82 8.66 75.16 -42.64
CA CYS H 82 7.80 74.00 -42.84
C CYS H 82 6.40 74.38 -43.30
N ARG H 83 6.32 75.13 -44.40
CA ARG H 83 5.01 75.50 -44.96
C ARG H 83 4.10 74.29 -45.13
N SER H 84 4.68 73.10 -45.32
CA SER H 84 3.89 71.88 -45.49
C SER H 84 2.95 71.62 -44.33
N VAL H 85 3.19 72.21 -43.15
CA VAL H 85 2.26 72.01 -42.03
C VAL H 85 0.98 72.80 -42.27
N CYS H 86 1.05 73.88 -43.05
CA CYS H 86 -0.15 74.65 -43.36
C CYS H 86 -0.99 73.93 -44.41
N GLU H 87 -0.33 73.33 -45.39
CA GLU H 87 -1.01 72.68 -46.51
C GLU H 87 -1.46 71.27 -46.16
N ARG H 88 -1.00 70.69 -45.06
CA ARG H 88 -1.58 69.46 -44.53
C ARG H 88 -2.76 69.73 -43.60
N ALA H 89 -2.76 70.88 -42.91
CA ALA H 89 -3.88 71.21 -42.04
C ALA H 89 -5.13 71.55 -42.84
N LYS H 90 -4.99 72.42 -43.84
CA LYS H 90 -6.13 72.77 -44.68
C LYS H 90 -6.55 71.63 -45.61
N ALA H 91 -5.72 70.60 -45.78
CA ALA H 91 -6.09 69.50 -46.66
C ALA H 91 -7.20 68.65 -46.04
N GLY H 92 -7.04 68.27 -44.78
CA GLY H 92 -7.99 67.40 -44.10
C GLY H 92 -9.07 68.09 -43.30
N CYS H 93 -8.95 69.40 -43.06
CA CYS H 93 -9.87 70.10 -42.17
C CYS H 93 -10.74 71.13 -42.87
N SER H 94 -10.27 71.72 -43.97
CA SER H 94 -11.08 72.72 -44.67
C SER H 94 -12.40 72.18 -45.19
N PRO H 95 -12.51 70.97 -45.76
CA PRO H 95 -13.83 70.48 -46.18
C PRO H 95 -14.81 70.34 -45.02
N LEU H 96 -14.32 70.07 -43.82
CA LEU H 96 -15.19 70.02 -42.66
C LEU H 96 -15.47 71.40 -42.10
N MET H 97 -14.51 72.33 -42.22
CA MET H 97 -14.73 73.69 -41.75
C MET H 97 -15.81 74.38 -42.57
N ARG H 98 -15.74 74.26 -43.90
CA ARG H 98 -16.78 74.84 -44.74
C ARG H 98 -18.13 74.18 -44.51
N GLN H 99 -18.13 72.92 -44.07
CA GLN H 99 -19.39 72.26 -43.75
C GLN H 99 -20.11 72.97 -42.61
N TYR H 100 -19.36 73.46 -41.64
CA TYR H 100 -19.95 74.22 -40.54
C TYR H 100 -19.66 75.71 -40.75
N GLY H 101 -19.78 76.50 -39.68
CA GLY H 101 -19.66 77.94 -39.76
C GLY H 101 -18.26 78.51 -39.70
N PHE H 102 -17.23 77.69 -39.77
CA PHE H 102 -15.87 78.15 -39.57
C PHE H 102 -15.25 78.59 -40.89
N ALA H 103 -14.32 79.55 -40.81
CA ALA H 103 -13.61 80.05 -41.98
C ALA H 103 -12.25 80.52 -41.55
N TRP H 104 -11.25 80.34 -42.41
CA TRP H 104 -9.89 80.69 -42.08
C TRP H 104 -9.73 82.21 -42.03
N PRO H 105 -9.03 82.74 -41.02
CA PRO H 105 -8.65 84.15 -41.06
C PRO H 105 -7.67 84.41 -42.18
N GLU H 106 -7.80 85.61 -42.78
CA GLU H 106 -6.89 85.98 -43.86
C GLU H 106 -5.44 86.04 -43.42
N ARG H 107 -5.19 86.22 -42.12
CA ARG H 107 -3.83 86.22 -41.59
C ARG H 107 -3.23 84.82 -41.50
N MET H 108 -3.96 83.79 -41.95
CA MET H 108 -3.48 82.42 -41.90
C MET H 108 -3.45 81.74 -43.26
N SER H 109 -3.45 82.52 -44.35
CA SER H 109 -3.34 81.93 -45.66
C SER H 109 -1.98 81.28 -45.83
N CYS H 110 -1.96 80.06 -46.41
CA CYS H 110 -0.71 79.31 -46.55
C CYS H 110 0.31 79.98 -47.48
N ASP H 111 0.06 81.21 -47.94
CA ASP H 111 1.00 81.95 -48.78
C ASP H 111 1.97 82.79 -47.97
N ARG H 112 1.66 83.07 -46.71
CA ARG H 112 2.53 83.91 -45.89
C ARG H 112 3.61 83.09 -45.19
N PRO I 5 -96.28 10.96 -36.70
CA PRO I 5 -95.66 11.26 -38.00
C PRO I 5 -95.01 12.64 -38.03
N GLU I 6 -93.83 12.76 -37.42
CA GLU I 6 -93.17 14.04 -37.21
C GLU I 6 -91.93 14.12 -38.09
N ALA I 7 -91.66 15.32 -38.61
CA ALA I 7 -90.56 15.58 -39.52
C ALA I 7 -89.49 16.36 -38.78
N PHE I 8 -88.25 15.85 -38.84
CA PHE I 8 -87.11 16.46 -38.19
C PHE I 8 -86.20 17.07 -39.24
N LEU I 9 -85.10 17.67 -38.79
CA LEU I 9 -84.11 18.25 -39.68
C LEU I 9 -82.73 17.83 -39.21
N LEU I 10 -82.08 16.95 -39.98
CA LEU I 10 -80.74 16.49 -39.68
C LEU I 10 -79.73 17.29 -40.50
N PHE I 11 -78.65 17.72 -39.84
CA PHE I 11 -77.59 18.42 -40.53
C PHE I 11 -76.26 18.09 -39.87
N SER I 12 -75.19 18.19 -40.65
CA SER I 12 -73.84 17.83 -40.21
C SER I 12 -72.99 19.08 -40.10
N ARG I 13 -72.19 19.14 -39.02
CA ARG I 13 -71.36 20.31 -38.74
C ARG I 13 -70.15 19.84 -37.95
N ARG I 14 -68.96 20.00 -38.54
CA ARG I 14 -67.73 19.46 -37.97
C ARG I 14 -67.87 17.96 -37.72
N ALA I 15 -67.81 17.57 -36.45
CA ALA I 15 -67.96 16.18 -36.06
C ALA I 15 -69.32 15.87 -35.43
N ASP I 16 -70.29 16.77 -35.60
CA ASP I 16 -71.60 16.63 -34.99
C ASP I 16 -72.68 16.47 -36.05
N ILE I 17 -73.58 15.52 -35.83
CA ILE I 17 -74.84 15.42 -36.57
C ILE I 17 -75.94 15.90 -35.64
N ARG I 18 -76.45 17.09 -35.90
CA ARG I 18 -77.36 17.78 -34.99
C ARG I 18 -78.79 17.71 -35.52
N ARG I 19 -79.74 17.60 -34.60
CA ARG I 19 -81.13 17.29 -34.92
C ARG I 19 -82.02 18.45 -34.51
N ILE I 20 -82.71 19.04 -35.47
CA ILE I 20 -83.63 20.15 -35.25
C ILE I 20 -85.06 19.68 -35.53
N SER I 21 -85.98 20.05 -34.64
CA SER I 21 -87.39 19.79 -34.87
C SER I 21 -87.97 20.87 -35.78
N LEU I 22 -88.78 20.44 -36.75
CA LEU I 22 -89.34 21.35 -37.75
C LEU I 22 -90.60 22.04 -37.27
N GLU I 23 -91.25 21.54 -36.22
CA GLU I 23 -92.48 22.16 -35.71
C GLU I 23 -92.11 23.18 -34.64
N THR I 24 -91.57 22.70 -33.52
CA THR I 24 -90.96 23.59 -32.53
C THR I 24 -89.53 23.85 -32.98
N ASN I 25 -89.28 25.04 -33.53
CA ASN I 25 -87.96 25.36 -34.07
C ASN I 25 -86.94 25.60 -32.96
N ASN I 26 -87.14 24.95 -31.80
CA ASN I 26 -86.28 25.07 -30.65
C ASN I 26 -85.59 23.76 -30.25
N ASN I 27 -86.23 22.62 -30.47
CA ASN I 27 -85.69 21.33 -30.02
C ASN I 27 -84.37 21.04 -30.73
N ASN I 28 -83.26 21.28 -30.02
CA ASN I 28 -81.92 21.15 -30.57
C ASN I 28 -81.11 20.13 -29.76
N VAL I 29 -80.99 18.91 -30.29
CA VAL I 29 -80.23 17.85 -29.66
C VAL I 29 -79.27 17.26 -30.69
N ALA I 30 -78.15 16.73 -30.21
CA ALA I 30 -77.18 16.06 -31.07
C ALA I 30 -77.37 14.55 -30.99
N ILE I 31 -77.21 13.89 -32.13
CA ILE I 31 -77.32 12.43 -32.16
C ILE I 31 -76.12 11.82 -31.43
N PRO I 32 -76.33 10.95 -30.44
CA PRO I 32 -75.20 10.43 -29.66
C PRO I 32 -74.31 9.48 -30.44
N LEU I 33 -73.33 10.04 -31.16
CA LEU I 33 -72.38 9.24 -31.93
C LEU I 33 -70.96 9.51 -31.44
N THR I 34 -70.14 8.46 -31.47
CA THR I 34 -68.76 8.52 -31.01
C THR I 34 -67.81 8.20 -32.15
N GLY I 35 -66.57 8.66 -32.00
CA GLY I 35 -65.53 8.37 -32.97
C GLY I 35 -65.59 9.17 -34.25
N VAL I 36 -66.54 10.09 -34.37
CA VAL I 36 -66.68 10.90 -35.57
C VAL I 36 -65.67 12.04 -35.55
N LYS I 37 -64.87 12.14 -36.60
CA LYS I 37 -63.94 13.26 -36.77
C LYS I 37 -64.48 14.33 -37.70
N GLU I 38 -65.35 13.97 -38.65
CA GLU I 38 -65.93 14.92 -39.57
C GLU I 38 -67.17 14.30 -40.18
N ALA I 39 -68.32 14.95 -40.04
CA ALA I 39 -69.57 14.51 -40.65
C ALA I 39 -69.81 15.26 -41.95
N SER I 40 -70.29 14.54 -42.95
CA SER I 40 -70.47 15.13 -44.28
C SER I 40 -71.84 14.80 -44.87
N ALA I 41 -71.88 13.88 -45.83
CA ALA I 41 -73.14 13.53 -46.48
C ALA I 41 -74.06 12.81 -45.51
N LEU I 42 -75.36 13.06 -45.63
CA LEU I 42 -76.35 12.51 -44.71
C LEU I 42 -77.52 11.92 -45.48
N ASP I 43 -78.05 10.81 -44.96
CA ASP I 43 -79.30 10.22 -45.42
C ASP I 43 -79.72 9.20 -44.37
N PHE I 44 -80.99 8.78 -44.46
CA PHE I 44 -81.55 7.90 -43.45
C PHE I 44 -82.28 6.72 -44.07
N ASP I 45 -82.93 5.91 -43.24
CA ASP I 45 -83.76 4.80 -43.69
C ASP I 45 -85.10 4.88 -42.97
N VAL I 46 -86.19 4.68 -43.71
CA VAL I 46 -87.52 4.78 -43.14
C VAL I 46 -87.95 3.50 -42.42
N THR I 47 -87.33 2.36 -42.76
CA THR I 47 -87.79 1.08 -42.21
C THR I 47 -87.46 0.96 -40.73
N ASP I 48 -86.19 1.13 -40.37
CA ASP I 48 -85.73 0.89 -39.01
C ASP I 48 -85.08 2.11 -38.35
N ASN I 49 -85.23 3.29 -38.95
CA ASN I 49 -84.76 4.54 -38.36
C ASN I 49 -83.25 4.52 -38.10
N ARG I 50 -82.50 4.12 -39.13
CA ARG I 50 -81.05 4.18 -39.10
C ARG I 50 -80.56 5.43 -39.82
N ILE I 51 -79.55 6.08 -39.25
CA ILE I 51 -78.96 7.28 -39.84
C ILE I 51 -77.63 6.91 -40.48
N TYR I 52 -77.42 7.35 -41.72
CA TYR I 52 -76.21 7.04 -42.46
C TYR I 52 -75.44 8.33 -42.67
N TRP I 53 -74.12 8.26 -42.62
CA TRP I 53 -73.29 9.42 -42.87
C TRP I 53 -71.94 8.99 -43.41
N THR I 54 -71.26 9.94 -44.03
CA THR I 54 -69.92 9.74 -44.56
C THR I 54 -68.91 10.52 -43.72
N ASP I 55 -67.74 9.92 -43.53
CA ASP I 55 -66.63 10.55 -42.79
C ASP I 55 -65.44 10.62 -43.73
N ILE I 56 -65.16 11.82 -44.25
CA ILE I 56 -64.11 11.99 -45.26
C ILE I 56 -62.75 12.28 -44.64
N SER I 57 -62.64 12.27 -43.32
CA SER I 57 -61.35 12.34 -42.67
C SER I 57 -60.78 10.96 -42.34
N LEU I 58 -61.66 10.02 -42.00
CA LEU I 58 -61.28 8.63 -41.76
C LEU I 58 -61.49 7.75 -42.98
N LYS I 59 -62.02 8.30 -44.08
CA LYS I 59 -62.24 7.57 -45.32
C LYS I 59 -63.21 6.40 -45.10
N THR I 60 -64.30 6.68 -44.39
CA THR I 60 -65.27 5.64 -44.06
C THR I 60 -66.69 6.16 -44.25
N ILE I 61 -67.62 5.24 -44.43
CA ILE I 61 -69.05 5.51 -44.39
C ILE I 61 -69.64 4.61 -43.30
N SER I 62 -70.35 5.21 -42.36
CA SER I 62 -70.79 4.52 -41.15
C SER I 62 -72.31 4.52 -41.08
N ARG I 63 -72.83 3.88 -40.04
CA ARG I 63 -74.27 3.64 -39.93
C ARG I 63 -74.61 3.31 -38.49
N ALA I 64 -75.70 3.88 -37.99
CA ALA I 64 -76.15 3.63 -36.62
C ALA I 64 -77.60 4.08 -36.48
N PHE I 65 -78.20 3.72 -35.35
CA PHE I 65 -79.56 4.12 -35.05
C PHE I 65 -79.62 5.60 -34.65
N MET I 66 -80.81 6.04 -34.28
CA MET I 66 -81.03 7.40 -33.78
C MET I 66 -80.53 7.58 -32.34
N ASN I 67 -80.14 6.50 -31.68
CA ASN I 67 -79.74 6.51 -30.26
C ASN I 67 -78.31 6.09 -30.05
N GLY I 68 -77.52 5.95 -31.12
CA GLY I 68 -76.11 5.63 -31.00
C GLY I 68 -75.79 4.17 -31.03
N SER I 69 -76.77 3.29 -30.79
CA SER I 69 -76.51 1.87 -30.76
C SER I 69 -76.28 1.33 -32.17
N ALA I 70 -75.67 0.14 -32.24
CA ALA I 70 -75.33 -0.51 -33.50
C ALA I 70 -74.45 0.39 -34.36
N LEU I 71 -73.47 1.02 -33.73
CA LEU I 71 -72.50 1.84 -34.46
C LEU I 71 -71.56 0.93 -35.24
N GLU I 72 -71.54 1.07 -36.55
CA GLU I 72 -70.77 0.17 -37.40
C GLU I 72 -70.33 0.90 -38.67
N HIS I 73 -69.18 0.48 -39.19
CA HIS I 73 -68.64 1.02 -40.44
C HIS I 73 -69.01 0.05 -41.56
N VAL I 74 -69.90 0.49 -42.45
CA VAL I 74 -70.38 -0.37 -43.51
C VAL I 74 -69.46 -0.34 -44.72
N VAL I 75 -68.88 0.82 -45.04
CA VAL I 75 -67.89 0.96 -46.10
C VAL I 75 -66.68 1.65 -45.50
N GLU I 76 -65.51 1.03 -45.67
CA GLU I 76 -64.31 1.51 -44.98
C GLU I 76 -63.03 1.40 -45.77
N PHE I 77 -62.96 0.62 -46.84
CA PHE I 77 -61.76 0.55 -47.67
C PHE I 77 -62.04 1.14 -49.05
N GLY I 78 -60.97 1.59 -49.70
CA GLY I 78 -61.07 2.01 -51.09
C GLY I 78 -61.84 3.30 -51.34
N LEU I 79 -62.04 4.11 -50.31
CA LEU I 79 -62.68 5.41 -50.46
C LEU I 79 -61.64 6.52 -50.33
N ASP I 80 -61.78 7.55 -51.16
CA ASP I 80 -60.96 8.74 -51.01
C ASP I 80 -61.71 9.79 -50.20
N TYR I 81 -62.46 10.66 -50.87
CA TYR I 81 -63.21 11.73 -50.22
C TYR I 81 -64.63 11.76 -50.77
N PRO I 82 -65.54 10.95 -50.21
CA PRO I 82 -66.93 10.94 -50.71
C PRO I 82 -67.89 11.81 -49.92
N GLU I 83 -68.44 12.84 -50.56
CA GLU I 83 -69.54 13.62 -50.00
C GLU I 83 -70.87 13.37 -50.71
N GLY I 84 -70.90 12.46 -51.69
CA GLY I 84 -72.13 12.05 -52.31
C GLY I 84 -72.59 10.73 -51.73
N MET I 85 -73.82 10.73 -51.23
CA MET I 85 -74.36 9.54 -50.57
C MET I 85 -75.87 9.66 -50.51
N ALA I 86 -76.56 8.58 -50.87
CA ALA I 86 -78.01 8.52 -50.83
C ALA I 86 -78.43 7.07 -50.63
N VAL I 87 -79.60 6.88 -50.01
CA VAL I 87 -80.07 5.56 -49.61
C VAL I 87 -81.20 5.13 -50.55
N ASP I 88 -81.14 3.88 -50.99
CA ASP I 88 -82.21 3.25 -51.76
C ASP I 88 -83.07 2.48 -50.77
N TRP I 89 -84.18 3.11 -50.34
CA TRP I 89 -85.04 2.51 -49.33
C TRP I 89 -85.94 1.41 -49.88
N LEU I 90 -86.01 1.25 -51.20
CA LEU I 90 -86.84 0.22 -51.80
C LEU I 90 -86.05 -1.07 -52.02
N GLY I 91 -84.96 -1.00 -52.77
CA GLY I 91 -84.10 -2.14 -53.00
C GLY I 91 -83.13 -2.44 -51.89
N LYS I 92 -83.11 -1.64 -50.84
CA LYS I 92 -82.23 -1.82 -49.68
C LYS I 92 -80.76 -1.77 -50.11
N ASN I 93 -80.42 -0.73 -50.85
CA ASN I 93 -79.08 -0.53 -51.39
C ASN I 93 -78.52 0.82 -50.93
N LEU I 94 -77.20 0.94 -51.04
CA LEU I 94 -76.49 2.17 -50.67
C LEU I 94 -75.62 2.60 -51.84
N TYR I 95 -75.86 3.81 -52.34
CA TYR I 95 -75.04 4.40 -53.40
C TYR I 95 -74.18 5.51 -52.82
N TRP I 96 -73.04 5.75 -53.44
CA TRP I 96 -72.18 6.86 -53.07
C TRP I 96 -71.34 7.27 -54.27
N ALA I 97 -70.94 8.54 -54.28
CA ALA I 97 -70.11 9.10 -55.34
C ALA I 97 -68.83 9.62 -54.73
N ASP I 98 -67.71 9.03 -55.11
CA ASP I 98 -66.40 9.40 -54.58
C ASP I 98 -65.66 10.25 -55.61
N THR I 99 -65.16 11.41 -55.16
CA THR I 99 -64.49 12.32 -56.07
C THR I 99 -63.04 11.91 -56.34
N GLY I 100 -62.34 11.44 -55.31
CA GLY I 100 -60.93 11.12 -55.48
C GLY I 100 -60.70 9.95 -56.43
N THR I 101 -61.50 8.90 -56.29
CA THR I 101 -61.40 7.74 -57.19
C THR I 101 -62.24 7.88 -58.44
N ASN I 102 -63.12 8.90 -58.51
CA ASN I 102 -64.00 9.12 -59.64
C ASN I 102 -64.85 7.88 -59.93
N ARG I 103 -65.62 7.47 -58.93
CA ARG I 103 -66.42 6.25 -59.01
C ARG I 103 -67.77 6.46 -58.34
N ILE I 104 -68.83 6.01 -59.00
CA ILE I 104 -70.14 5.86 -58.40
C ILE I 104 -70.36 4.37 -58.20
N GLU I 105 -70.48 3.96 -56.94
CA GLU I 105 -70.46 2.55 -56.59
C GLU I 105 -71.79 2.15 -55.94
N VAL I 106 -71.84 0.91 -55.46
CA VAL I 106 -73.10 0.34 -54.94
C VAL I 106 -72.75 -0.79 -53.98
N SER I 107 -73.58 -0.95 -52.95
CA SER I 107 -73.50 -2.08 -52.05
C SER I 107 -74.83 -2.17 -51.30
N LYS I 108 -74.97 -3.24 -50.51
CA LYS I 108 -76.13 -3.36 -49.66
C LYS I 108 -76.04 -2.36 -48.51
N LEU I 109 -77.11 -2.28 -47.71
CA LEU I 109 -77.13 -1.35 -46.59
C LEU I 109 -76.13 -1.74 -45.51
N ASP I 110 -75.72 -3.00 -45.44
CA ASP I 110 -74.75 -3.44 -44.44
C ASP I 110 -73.32 -3.45 -44.96
N GLY I 111 -73.10 -3.05 -46.22
CA GLY I 111 -71.76 -2.93 -46.76
C GLY I 111 -71.25 -4.11 -47.55
N GLN I 112 -72.08 -5.12 -47.79
CA GLN I 112 -71.68 -6.31 -48.52
C GLN I 112 -71.87 -6.12 -50.03
N HIS I 113 -71.11 -6.89 -50.80
CA HIS I 113 -71.28 -6.99 -52.25
C HIS I 113 -70.99 -5.65 -52.93
N ARG I 114 -69.73 -5.24 -52.86
CA ARG I 114 -69.31 -3.96 -53.42
C ARG I 114 -69.14 -4.06 -54.93
N GLN I 115 -69.78 -3.16 -55.65
CA GLN I 115 -69.69 -3.09 -57.11
C GLN I 115 -69.54 -1.64 -57.53
N VAL I 116 -68.81 -1.41 -58.62
CA VAL I 116 -68.64 -0.09 -59.20
C VAL I 116 -69.62 0.05 -60.36
N LEU I 117 -70.47 1.07 -60.30
CA LEU I 117 -71.46 1.32 -61.35
C LEU I 117 -70.90 2.23 -62.43
N VAL I 118 -70.36 3.37 -62.04
CA VAL I 118 -69.86 4.39 -62.95
C VAL I 118 -68.39 4.65 -62.61
N TRP I 119 -67.51 4.54 -63.60
CA TRP I 119 -66.09 4.74 -63.36
C TRP I 119 -65.35 5.34 -64.55
N LYS I 120 -65.95 5.30 -65.73
CA LYS I 120 -65.33 5.85 -66.94
C LYS I 120 -65.98 7.17 -67.33
N ASP I 121 -65.15 8.10 -67.79
CA ASP I 121 -65.60 9.43 -68.23
C ASP I 121 -66.33 10.17 -67.12
N LEU I 122 -65.91 9.94 -65.88
CA LEU I 122 -66.52 10.54 -64.69
C LEU I 122 -65.52 11.53 -64.09
N ASP I 123 -65.87 12.81 -64.15
CA ASP I 123 -65.02 13.89 -63.65
C ASP I 123 -65.65 14.45 -62.38
N SER I 124 -65.28 13.86 -61.24
CA SER I 124 -65.59 14.36 -59.91
C SER I 124 -67.10 14.50 -59.67
N PRO I 125 -67.78 13.43 -59.26
CA PRO I 125 -69.18 13.54 -58.88
C PRO I 125 -69.34 13.91 -57.40
N ARG I 126 -70.39 14.66 -57.11
CA ARG I 126 -70.67 15.04 -55.73
C ARG I 126 -72.10 14.68 -55.33
N ALA I 127 -72.98 15.67 -55.23
CA ALA I 127 -74.33 15.47 -54.71
C ALA I 127 -75.06 14.40 -55.50
N LEU I 128 -75.61 13.42 -54.79
CA LEU I 128 -76.30 12.28 -55.38
C LEU I 128 -77.74 12.25 -54.88
N ALA I 129 -78.68 12.08 -55.81
CA ALA I 129 -80.09 11.98 -55.49
C ALA I 129 -80.69 10.78 -56.20
N LEU I 130 -81.65 10.11 -55.56
CA LEU I 130 -82.21 8.87 -56.05
C LEU I 130 -83.71 8.99 -56.27
N ASP I 131 -84.19 8.36 -57.34
CA ASP I 131 -85.62 8.24 -57.63
C ASP I 131 -85.89 6.78 -57.92
N PRO I 132 -85.98 5.94 -56.88
CA PRO I 132 -86.12 4.50 -57.11
C PRO I 132 -87.48 4.09 -57.65
N ALA I 133 -88.53 4.89 -57.43
CA ALA I 133 -89.84 4.54 -57.97
C ALA I 133 -89.84 4.59 -59.49
N GLU I 134 -89.04 5.48 -60.09
CA GLU I 134 -88.96 5.61 -61.54
C GLU I 134 -87.76 4.90 -62.13
N GLY I 135 -86.72 4.63 -61.35
CA GLY I 135 -85.55 3.92 -61.83
C GLY I 135 -84.40 4.79 -62.28
N PHE I 136 -84.31 6.03 -61.83
CA PHE I 136 -83.24 6.93 -62.22
C PHE I 136 -82.44 7.36 -61.00
N MET I 137 -81.16 7.64 -61.23
CA MET I 137 -80.28 8.25 -60.23
C MET I 137 -79.67 9.50 -60.84
N TYR I 138 -79.68 10.59 -60.07
CA TYR I 138 -79.23 11.89 -60.53
C TYR I 138 -78.01 12.31 -59.72
N TRP I 139 -77.04 12.93 -60.39
CA TRP I 139 -75.87 13.47 -59.71
C TRP I 139 -75.32 14.65 -60.49
N THR I 140 -74.46 15.42 -59.83
CA THR I 140 -73.86 16.61 -60.39
C THR I 140 -72.35 16.42 -60.54
N GLU I 141 -71.77 17.22 -61.44
CA GLU I 141 -70.32 17.22 -61.65
C GLU I 141 -69.82 18.65 -61.77
N TRP I 142 -68.54 18.84 -61.42
CA TRP I 142 -67.85 20.08 -61.76
C TRP I 142 -66.65 19.74 -62.64
N GLY I 143 -65.49 20.33 -62.37
CA GLY I 143 -64.30 19.97 -63.12
C GLY I 143 -64.22 20.73 -64.42
N GLY I 144 -63.97 20.01 -65.50
CA GLY I 144 -63.87 20.62 -66.81
C GLY I 144 -65.15 21.32 -67.22
N LYS I 145 -66.20 20.54 -67.49
CA LYS I 145 -67.51 21.08 -67.81
C LYS I 145 -68.51 20.69 -66.73
N PRO I 146 -68.91 21.61 -65.85
CA PRO I 146 -69.92 21.28 -64.85
C PRO I 146 -71.24 20.93 -65.50
N LYS I 147 -71.84 19.81 -65.05
CA LYS I 147 -73.07 19.33 -65.64
C LYS I 147 -73.74 18.36 -64.68
N ILE I 148 -75.04 18.17 -64.89
CA ILE I 148 -75.84 17.23 -64.11
C ILE I 148 -76.20 16.07 -65.02
N ASP I 149 -75.86 14.86 -64.60
CA ASP I 149 -76.05 13.67 -65.41
C ASP I 149 -77.22 12.84 -64.89
N ARG I 150 -77.77 12.02 -65.79
CA ARG I 150 -78.81 11.06 -65.46
C ARG I 150 -78.35 9.66 -65.88
N ALA I 151 -78.77 8.67 -65.10
CA ALA I 151 -78.51 7.28 -65.45
C ALA I 151 -79.48 6.40 -64.69
N ALA I 152 -79.66 5.18 -65.20
CA ALA I 152 -80.41 4.18 -64.46
C ALA I 152 -79.63 3.78 -63.21
N MET I 153 -80.36 3.23 -62.23
CA MET I 153 -79.77 2.88 -60.96
C MET I 153 -78.95 1.58 -61.02
N ASP I 154 -78.49 1.19 -62.20
CA ASP I 154 -77.52 0.11 -62.35
C ASP I 154 -76.27 0.56 -63.09
N GLY I 155 -76.21 1.82 -63.54
CA GLY I 155 -75.05 2.36 -64.21
C GLY I 155 -75.22 2.56 -65.70
N SER I 156 -76.22 1.93 -66.31
CA SER I 156 -76.39 1.99 -67.75
C SER I 156 -77.08 3.28 -68.18
N GLU I 157 -77.21 3.44 -69.49
CA GLU I 157 -77.90 4.57 -70.15
C GLU I 157 -77.55 5.91 -69.48
N ARG I 158 -76.25 6.12 -69.28
CA ARG I 158 -75.75 7.34 -68.66
C ARG I 158 -75.72 8.46 -69.70
N THR I 159 -76.41 9.57 -69.39
CA THR I 159 -76.51 10.70 -70.30
C THR I 159 -76.31 11.99 -69.52
N THR I 160 -76.01 13.06 -70.25
CA THR I 160 -75.94 14.40 -69.68
C THR I 160 -77.33 15.03 -69.70
N LEU I 161 -77.87 15.30 -68.51
CA LEU I 161 -79.24 15.81 -68.40
C LEU I 161 -79.29 17.33 -68.45
N VAL I 162 -78.38 18.02 -67.76
CA VAL I 162 -78.30 19.48 -67.81
C VAL I 162 -76.86 19.88 -68.13
N PRO I 163 -76.60 20.44 -69.31
CA PRO I 163 -75.21 20.74 -69.69
C PRO I 163 -74.69 22.08 -69.17
N ASN I 164 -75.52 23.12 -69.20
CA ASN I 164 -75.04 24.49 -68.99
C ASN I 164 -75.39 24.95 -67.57
N VAL I 165 -74.53 24.55 -66.62
CA VAL I 165 -74.62 25.01 -65.23
C VAL I 165 -73.21 25.22 -64.70
N GLY I 166 -73.13 25.96 -63.60
CA GLY I 166 -71.91 26.03 -62.80
C GLY I 166 -71.81 24.83 -61.88
N ARG I 167 -70.88 24.94 -60.93
CA ARG I 167 -70.71 23.87 -59.94
C ARG I 167 -71.94 23.85 -59.03
N ALA I 168 -72.74 22.80 -59.16
CA ALA I 168 -74.00 22.68 -58.44
C ALA I 168 -73.84 21.76 -57.24
N ASN I 169 -74.76 21.89 -56.28
CA ASN I 169 -74.71 21.09 -55.07
C ASN I 169 -76.11 21.05 -54.46
N GLY I 170 -76.27 20.18 -53.46
CA GLY I 170 -77.53 20.05 -52.75
C GLY I 170 -78.65 19.54 -53.62
N LEU I 171 -78.37 18.47 -54.39
CA LEU I 171 -79.36 17.94 -55.32
C LEU I 171 -80.44 17.19 -54.55
N THR I 172 -81.68 17.65 -54.69
CA THR I 172 -82.81 17.09 -53.96
C THR I 172 -84.00 16.95 -54.88
N ILE I 173 -84.75 15.86 -54.73
CA ILE I 173 -85.90 15.55 -55.57
C ILE I 173 -87.17 15.82 -54.78
N ASP I 174 -88.09 16.58 -55.38
CA ASP I 174 -89.44 16.75 -54.84
C ASP I 174 -90.31 15.69 -55.50
N TYR I 175 -90.54 14.58 -54.78
CA TYR I 175 -91.23 13.43 -55.36
C TYR I 175 -92.73 13.68 -55.56
N ALA I 176 -93.28 14.76 -55.03
CA ALA I 176 -94.70 15.03 -55.18
C ALA I 176 -94.99 15.85 -56.44
N LYS I 177 -94.18 16.87 -56.71
CA LYS I 177 -94.37 17.73 -57.86
C LYS I 177 -93.55 17.31 -59.08
N ARG I 178 -92.82 16.19 -58.98
CA ARG I 178 -92.02 15.68 -60.09
C ARG I 178 -91.00 16.70 -60.57
N ARG I 179 -90.20 17.21 -59.64
CA ARG I 179 -89.21 18.23 -59.96
C ARG I 179 -87.90 17.92 -59.26
N LEU I 180 -86.82 18.48 -59.80
CA LEU I 180 -85.46 18.28 -59.29
C LEU I 180 -84.88 19.64 -58.90
N TYR I 181 -84.42 19.75 -57.67
CA TYR I 181 -83.86 20.99 -57.15
C TYR I 181 -82.35 20.87 -56.99
N TRP I 182 -81.66 21.99 -57.17
CA TRP I 182 -80.23 22.07 -56.89
C TRP I 182 -79.85 23.53 -56.67
N THR I 183 -78.69 23.72 -56.07
CA THR I 183 -78.11 25.04 -55.88
C THR I 183 -77.03 25.29 -56.93
N ASP I 184 -76.69 26.55 -57.13
CA ASP I 184 -75.64 26.94 -58.05
C ASP I 184 -74.71 27.92 -57.34
N LEU I 185 -73.44 27.56 -57.23
CA LEU I 185 -72.47 28.35 -56.48
C LEU I 185 -71.74 29.37 -57.33
N ASP I 186 -71.77 29.23 -58.66
CA ASP I 186 -71.12 30.19 -59.55
C ASP I 186 -72.06 31.32 -59.95
N THR I 187 -73.29 30.98 -60.35
CA THR I 187 -74.26 32.01 -60.70
C THR I 187 -74.99 32.57 -59.50
N ASN I 188 -74.80 31.98 -58.31
CA ASN I 188 -75.32 32.50 -57.04
C ASN I 188 -76.85 32.53 -57.04
N LEU I 189 -77.43 31.34 -57.05
CA LEU I 189 -78.88 31.18 -57.07
C LEU I 189 -79.23 29.74 -56.75
N ILE I 190 -80.51 29.53 -56.46
CA ILE I 190 -81.09 28.19 -56.32
C ILE I 190 -82.20 28.07 -57.36
N GLU I 191 -82.18 27.00 -58.14
CA GLU I 191 -83.11 26.84 -59.25
C GLU I 191 -83.63 25.41 -59.28
N SER I 192 -84.70 25.23 -60.06
CA SER I 192 -85.40 23.96 -60.17
C SER I 192 -85.50 23.56 -61.64
N SER I 193 -86.02 22.36 -61.88
CA SER I 193 -86.28 21.87 -63.22
C SER I 193 -87.18 20.64 -63.12
N ASN I 194 -87.75 20.26 -64.25
CA ASN I 194 -88.56 19.04 -64.30
C ASN I 194 -87.64 17.82 -64.26
N MET I 195 -88.26 16.64 -64.27
CA MET I 195 -87.51 15.38 -64.15
C MET I 195 -86.65 15.07 -65.37
N LEU I 196 -86.51 15.97 -66.34
CA LEU I 196 -85.72 15.69 -67.55
C LEU I 196 -84.77 16.85 -67.88
N GLY I 197 -84.51 17.73 -66.92
CA GLY I 197 -83.52 18.77 -67.09
C GLY I 197 -84.00 20.03 -67.80
N LEU I 198 -85.31 20.21 -67.95
CA LEU I 198 -85.86 21.35 -68.66
C LEU I 198 -86.79 22.13 -67.74
N ASN I 199 -87.41 23.17 -68.29
CA ASN I 199 -88.31 24.05 -67.55
C ASN I 199 -87.64 24.58 -66.28
N ARG I 200 -86.43 25.12 -66.45
CA ARG I 200 -85.67 25.64 -65.34
C ARG I 200 -86.18 27.02 -64.94
N GLU I 201 -86.29 27.24 -63.63
CA GLU I 201 -86.69 28.55 -63.10
C GLU I 201 -86.01 28.75 -61.75
N VAL I 202 -85.57 29.98 -61.51
CA VAL I 202 -84.87 30.34 -60.27
C VAL I 202 -85.90 30.66 -59.20
N ILE I 203 -85.72 30.09 -58.02
CA ILE I 203 -86.63 30.33 -56.90
C ILE I 203 -86.14 31.49 -56.03
N ALA I 204 -84.86 31.49 -55.69
CA ALA I 204 -84.26 32.55 -54.90
C ALA I 204 -82.87 32.85 -55.45
N ASP I 205 -82.49 34.12 -55.40
CA ASP I 205 -81.22 34.58 -55.96
C ASP I 205 -80.45 35.37 -54.92
N ASP I 206 -79.27 35.84 -55.32
CA ASP I 206 -78.39 36.65 -54.47
C ASP I 206 -78.01 35.91 -53.20
N LEU I 207 -77.84 34.59 -53.30
CA LEU I 207 -77.21 33.82 -52.24
C LEU I 207 -75.76 33.57 -52.64
N PRO I 208 -74.79 34.24 -52.03
CA PRO I 208 -73.40 34.15 -52.52
C PRO I 208 -72.82 32.74 -52.47
N HIS I 209 -73.40 31.84 -51.68
CA HIS I 209 -72.86 30.48 -51.57
C HIS I 209 -73.86 29.53 -50.92
N PRO I 210 -74.94 29.16 -51.61
CA PRO I 210 -75.87 28.17 -51.04
C PRO I 210 -75.32 26.75 -51.16
N PHE I 211 -74.84 26.19 -50.05
CA PHE I 211 -74.15 24.90 -50.10
C PHE I 211 -75.12 23.72 -50.00
N GLY I 212 -75.98 23.72 -48.99
CA GLY I 212 -76.93 22.64 -48.80
C GLY I 212 -78.32 22.99 -49.31
N LEU I 213 -79.11 21.94 -49.55
CA LEU I 213 -80.48 22.12 -50.00
C LEU I 213 -81.29 20.85 -49.72
N THR I 214 -82.51 21.04 -49.23
CA THR I 214 -83.46 19.95 -49.06
C THR I 214 -84.87 20.53 -49.14
N GLN I 215 -85.85 19.64 -49.24
CA GLN I 215 -87.22 20.04 -49.52
C GLN I 215 -88.20 19.21 -48.70
N TYR I 216 -89.27 19.87 -48.23
CA TYR I 216 -90.33 19.19 -47.49
C TYR I 216 -91.61 20.01 -47.60
N GLN I 217 -92.65 19.40 -48.15
CA GLN I 217 -93.98 20.02 -48.32
C GLN I 217 -93.83 21.31 -49.12
N ASP I 218 -94.29 22.46 -48.61
CA ASP I 218 -94.32 23.71 -49.34
C ASP I 218 -93.03 24.50 -49.24
N TYR I 219 -92.02 23.99 -48.54
CA TYR I 219 -90.87 24.78 -48.16
C TYR I 219 -89.59 24.13 -48.68
N ILE I 220 -88.67 24.97 -49.15
CA ILE I 220 -87.29 24.56 -49.43
C ILE I 220 -86.41 25.10 -48.33
N TYR I 221 -85.39 24.33 -47.98
CA TYR I 221 -84.51 24.65 -46.87
C TYR I 221 -83.07 24.60 -47.35
N TRP I 222 -82.29 25.62 -47.00
CA TRP I 222 -80.91 25.71 -47.43
C TRP I 222 -80.06 26.35 -46.34
N THR I 223 -78.75 26.25 -46.51
CA THR I 223 -77.78 26.93 -45.66
C THR I 223 -76.85 27.74 -46.53
N ASP I 224 -76.68 29.02 -46.18
CA ASP I 224 -75.78 29.92 -46.91
C ASP I 224 -74.64 30.31 -45.98
N TRP I 225 -73.41 30.00 -46.39
CA TRP I 225 -72.26 30.24 -45.54
C TRP I 225 -71.96 31.72 -45.35
N SER I 226 -72.40 32.58 -46.27
CA SER I 226 -72.23 34.02 -46.07
C SER I 226 -73.09 34.50 -44.91
N ARG I 227 -74.37 34.16 -44.92
CA ARG I 227 -75.28 34.58 -43.87
C ARG I 227 -75.14 33.77 -42.60
N ARG I 228 -74.45 32.62 -42.67
CA ARG I 228 -74.10 31.86 -41.48
C ARG I 228 -75.35 31.45 -40.70
N SER I 229 -76.39 31.04 -41.43
CA SER I 229 -77.67 30.78 -40.80
C SER I 229 -78.40 29.66 -41.53
N ILE I 230 -79.46 29.19 -40.88
CA ILE I 230 -80.34 28.13 -41.38
C ILE I 230 -81.70 28.76 -41.69
N GLU I 231 -82.12 28.67 -42.95
CA GLU I 231 -83.25 29.45 -43.45
C GLU I 231 -84.27 28.58 -44.16
N ARG I 232 -85.52 29.07 -44.21
CA ARG I 232 -86.62 28.39 -44.88
C ARG I 232 -87.33 29.39 -45.81
N ALA I 233 -87.85 28.89 -46.93
CA ALA I 233 -88.59 29.74 -47.85
C ALA I 233 -89.55 28.91 -48.69
N ASN I 234 -90.48 29.61 -49.32
CA ASN I 234 -91.45 28.97 -50.22
C ASN I 234 -90.73 28.32 -51.40
N LYS I 235 -91.14 27.09 -51.73
CA LYS I 235 -90.39 26.30 -52.70
C LYS I 235 -90.56 26.81 -54.13
N THR I 236 -91.66 27.49 -54.43
CA THR I 236 -91.94 27.91 -55.80
C THR I 236 -91.70 29.40 -56.04
N SER I 237 -91.90 30.25 -55.05
CA SER I 237 -91.78 31.69 -55.22
C SER I 237 -90.53 32.26 -54.56
N GLY I 238 -90.24 31.87 -53.34
CA GLY I 238 -89.14 32.42 -52.57
C GLY I 238 -89.51 33.48 -51.57
N GLN I 239 -90.80 33.73 -51.35
CA GLN I 239 -91.25 34.64 -50.31
C GLN I 239 -91.23 33.92 -48.96
N ASN I 240 -91.82 34.55 -47.94
CA ASN I 240 -92.02 33.92 -46.63
C ASN I 240 -90.73 33.32 -46.11
N ARG I 241 -89.68 34.13 -46.14
CA ARG I 241 -88.32 33.71 -45.83
C ARG I 241 -88.07 33.90 -44.34
N THR I 242 -87.85 32.79 -43.63
CA THR I 242 -87.65 32.83 -42.19
C THR I 242 -86.36 32.11 -41.82
N ILE I 243 -85.80 32.49 -40.69
CA ILE I 243 -84.57 31.88 -40.16
C ILE I 243 -84.98 30.81 -39.16
N ILE I 244 -84.51 29.58 -39.37
CA ILE I 244 -84.82 28.49 -38.46
C ILE I 244 -83.82 28.44 -37.30
N GLN I 245 -82.54 28.61 -37.58
CA GLN I 245 -81.51 28.62 -36.53
C GLN I 245 -80.28 29.33 -37.07
N GLY I 246 -79.85 30.40 -36.40
CA GLY I 246 -78.67 31.14 -36.82
C GLY I 246 -77.42 30.71 -36.08
N HIS I 247 -76.33 31.43 -36.37
CA HIS I 247 -75.02 31.22 -35.75
C HIS I 247 -74.51 29.79 -35.95
N LEU I 248 -74.87 29.16 -37.06
CA LEU I 248 -74.39 27.82 -37.41
C LEU I 248 -73.61 27.93 -38.72
N ASP I 249 -72.29 28.01 -38.62
CA ASP I 249 -71.43 28.20 -39.78
C ASP I 249 -71.01 26.84 -40.36
N TYR I 250 -71.09 26.74 -41.69
CA TYR I 250 -70.51 25.62 -42.44
C TYR I 250 -71.20 24.30 -42.16
N VAL I 251 -72.46 24.20 -42.56
CA VAL I 251 -73.17 22.93 -42.53
C VAL I 251 -72.79 22.13 -43.78
N MET I 252 -72.40 20.87 -43.59
CA MET I 252 -71.89 20.08 -44.70
C MET I 252 -73.02 19.44 -45.52
N ASP I 253 -74.15 19.12 -44.89
CA ASP I 253 -75.29 18.58 -45.60
C ASP I 253 -76.51 18.73 -44.72
N ILE I 254 -77.67 18.85 -45.36
CA ILE I 254 -78.95 19.00 -44.67
C ILE I 254 -79.94 17.99 -45.22
N LEU I 255 -80.89 17.59 -44.38
CA LEU I 255 -81.79 16.49 -44.72
C LEU I 255 -83.07 16.60 -43.92
N VAL I 256 -84.20 16.46 -44.59
CA VAL I 256 -85.50 16.36 -43.93
C VAL I 256 -85.73 14.91 -43.53
N PHE I 257 -85.98 14.67 -42.24
CA PHE I 257 -86.15 13.34 -41.69
C PHE I 257 -87.63 13.08 -41.45
N HIS I 258 -88.27 12.39 -42.40
CA HIS I 258 -89.70 12.07 -42.28
C HIS I 258 -89.99 10.86 -43.17
N SER I 259 -91.13 10.22 -42.89
CA SER I 259 -91.48 8.98 -43.57
C SER I 259 -92.13 9.18 -44.93
N SER I 260 -92.52 10.42 -45.27
CA SER I 260 -93.08 10.70 -46.59
C SER I 260 -92.02 11.04 -47.62
N ARG I 261 -90.79 11.32 -47.19
CA ARG I 261 -89.67 11.53 -48.11
C ARG I 261 -89.18 10.24 -48.74
N GLN I 262 -89.58 9.08 -48.21
CA GLN I 262 -89.12 7.79 -48.70
C GLN I 262 -90.34 6.86 -48.83
N SER I 263 -91.19 7.15 -49.83
CA SER I 263 -92.39 6.38 -50.10
C SER I 263 -92.24 5.69 -51.47
N GLY I 264 -93.37 5.34 -52.07
CA GLY I 264 -93.36 4.67 -53.35
C GLY I 264 -93.14 3.18 -53.24
N TRP I 265 -92.79 2.57 -54.37
CA TRP I 265 -92.58 1.13 -54.44
C TRP I 265 -91.88 0.79 -55.75
N ASN I 266 -91.34 -0.41 -55.80
CA ASN I 266 -90.81 -0.97 -57.03
C ASN I 266 -90.90 -2.50 -56.93
N GLU I 267 -90.45 -3.18 -57.99
CA GLU I 267 -90.62 -4.62 -58.06
C GLU I 267 -89.59 -5.41 -57.25
N CYS I 268 -88.58 -4.75 -56.70
CA CYS I 268 -87.72 -5.44 -55.74
C CYS I 268 -88.53 -5.95 -54.56
N ALA I 269 -89.48 -5.15 -54.09
CA ALA I 269 -90.46 -5.54 -53.07
C ALA I 269 -89.72 -5.99 -51.81
N SER I 270 -90.28 -6.96 -51.10
CA SER I 270 -89.69 -7.50 -49.88
C SER I 270 -88.93 -8.79 -50.11
N SER I 271 -88.87 -9.27 -51.35
CA SER I 271 -88.11 -10.47 -51.70
C SER I 271 -86.81 -10.14 -52.42
N ASN I 272 -86.37 -8.88 -52.37
CA ASN I 272 -85.13 -8.42 -53.01
C ASN I 272 -85.16 -8.66 -54.52
N GLY I 273 -86.36 -8.71 -55.10
CA GLY I 273 -86.50 -9.11 -56.48
C GLY I 273 -86.04 -10.52 -56.76
N HIS I 274 -85.88 -11.33 -55.71
CA HIS I 274 -85.34 -12.69 -55.81
C HIS I 274 -83.99 -12.71 -56.52
N CYS I 275 -83.21 -11.65 -56.34
CA CYS I 275 -81.83 -11.62 -56.78
C CYS I 275 -80.94 -12.21 -55.69
N SER I 276 -79.84 -12.84 -56.13
CA SER I 276 -78.92 -13.43 -55.16
C SER I 276 -78.15 -12.38 -54.39
N HIS I 277 -77.84 -11.25 -55.02
CA HIS I 277 -77.02 -10.23 -54.38
C HIS I 277 -77.73 -8.88 -54.34
N LEU I 278 -77.72 -8.16 -55.45
CA LEU I 278 -78.20 -6.78 -55.50
C LEU I 278 -79.44 -6.69 -56.38
N CYS I 279 -80.40 -5.87 -55.94
CA CYS I 279 -81.59 -5.54 -56.73
C CYS I 279 -81.46 -4.08 -57.16
N LEU I 280 -81.19 -3.85 -58.44
CA LEU I 280 -80.96 -2.52 -58.98
C LEU I 280 -82.10 -2.15 -59.92
N ALA I 281 -82.74 -1.01 -59.65
CA ALA I 281 -83.82 -0.54 -60.51
C ALA I 281 -83.27 0.06 -61.79
N VAL I 282 -84.03 -0.11 -62.86
CA VAL I 282 -83.65 0.44 -64.18
C VAL I 282 -84.83 1.22 -64.74
N PRO I 283 -85.99 0.59 -65.09
CA PRO I 283 -87.10 1.39 -65.60
C PRO I 283 -88.07 1.73 -64.49
N VAL I 284 -89.27 2.19 -64.84
CA VAL I 284 -90.28 2.49 -63.83
C VAL I 284 -90.69 1.20 -63.13
N GLY I 285 -90.29 1.04 -61.86
CA GLY I 285 -90.67 -0.16 -61.14
C GLY I 285 -89.87 -1.39 -61.45
N GLY I 286 -89.31 -1.50 -62.65
CA GLY I 286 -88.59 -2.70 -62.99
C GLY I 286 -87.17 -2.64 -62.47
N PHE I 287 -86.50 -3.78 -62.57
CA PHE I 287 -85.19 -3.91 -61.95
C PHE I 287 -84.37 -4.95 -62.68
N VAL I 288 -83.09 -5.02 -62.29
CA VAL I 288 -82.16 -6.06 -62.73
C VAL I 288 -81.38 -6.54 -61.51
N CYS I 289 -80.83 -7.74 -61.64
CA CYS I 289 -80.01 -8.33 -60.58
C CYS I 289 -78.56 -7.95 -60.80
N GLY I 290 -77.97 -7.28 -59.81
CA GLY I 290 -76.59 -6.85 -59.88
C GLY I 290 -75.64 -7.82 -59.19
N CYS I 291 -74.36 -7.68 -59.50
CA CYS I 291 -73.32 -8.53 -58.94
C CYS I 291 -72.20 -7.68 -58.38
N PRO I 292 -71.53 -8.17 -57.33
CA PRO I 292 -70.36 -7.46 -56.79
C PRO I 292 -69.29 -7.26 -57.85
N ALA I 293 -68.31 -6.42 -57.51
CA ALA I 293 -67.20 -6.14 -58.41
C ALA I 293 -66.49 -7.42 -58.81
N HIS I 294 -66.30 -7.59 -60.12
CA HIS I 294 -65.59 -8.70 -60.77
C HIS I 294 -66.40 -9.98 -60.81
N TYR I 295 -67.70 -9.93 -60.51
CA TYR I 295 -68.60 -11.06 -60.71
C TYR I 295 -69.37 -10.88 -62.02
N SER I 296 -69.78 -12.01 -62.61
CA SER I 296 -70.56 -12.01 -63.83
C SER I 296 -71.92 -12.65 -63.59
N LEU I 297 -72.93 -12.13 -64.27
CA LEU I 297 -74.30 -12.61 -64.12
C LEU I 297 -74.50 -13.88 -64.94
N ASN I 298 -75.11 -14.88 -64.31
CA ASN I 298 -75.24 -16.21 -64.91
C ASN I 298 -76.31 -16.19 -66.01
N ALA I 299 -76.69 -17.38 -66.47
CA ALA I 299 -77.64 -17.48 -67.57
C ALA I 299 -79.07 -17.19 -67.13
N ASP I 300 -79.46 -17.66 -65.94
CA ASP I 300 -80.79 -17.37 -65.43
C ASP I 300 -81.00 -15.89 -65.14
N ASN I 301 -79.93 -15.11 -65.11
CA ASN I 301 -79.98 -13.66 -64.91
C ASN I 301 -80.69 -13.30 -63.59
N ARG I 302 -80.38 -14.09 -62.56
CA ARG I 302 -80.69 -13.78 -61.16
C ARG I 302 -79.58 -14.17 -60.20
N THR I 303 -78.60 -14.99 -60.60
CA THR I 303 -77.53 -15.43 -59.74
C THR I 303 -76.20 -14.92 -60.26
N CYS I 304 -75.24 -14.76 -59.35
CA CYS I 304 -73.92 -14.26 -59.67
C CYS I 304 -72.86 -15.34 -59.44
N SER I 305 -71.72 -15.17 -60.11
CA SER I 305 -70.61 -16.10 -60.01
C SER I 305 -69.31 -15.34 -59.80
N ALA I 306 -68.46 -15.86 -58.93
CA ALA I 306 -67.18 -15.23 -58.64
C ALA I 306 -66.23 -15.38 -59.84
N PRO I 307 -65.22 -14.52 -59.94
CA PRO I 307 -64.28 -14.64 -61.06
C PRO I 307 -63.40 -15.87 -60.88
N THR I 308 -63.34 -16.69 -61.92
CA THR I 308 -62.56 -17.92 -61.83
C THR I 308 -61.08 -17.68 -62.08
N THR I 309 -60.74 -16.66 -62.87
CA THR I 309 -59.36 -16.28 -63.10
C THR I 309 -59.20 -14.78 -62.91
N PHE I 310 -58.08 -14.38 -62.31
CA PHE I 310 -57.83 -13.00 -61.91
C PHE I 310 -56.40 -12.92 -61.43
N LEU I 311 -55.94 -11.69 -61.16
CA LEU I 311 -54.59 -11.47 -60.70
C LEU I 311 -54.60 -10.64 -59.42
N LEU I 312 -53.70 -10.99 -58.50
CA LEU I 312 -53.57 -10.33 -57.22
C LEU I 312 -52.21 -9.64 -57.14
N PHE I 313 -52.22 -8.33 -56.92
CA PHE I 313 -51.00 -7.57 -56.69
C PHE I 313 -51.17 -6.79 -55.39
N SER I 314 -50.15 -6.84 -54.54
CA SER I 314 -50.25 -6.30 -53.20
C SER I 314 -49.39 -5.05 -53.06
N GLN I 315 -49.71 -4.26 -52.04
CA GLN I 315 -48.92 -3.09 -51.68
C GLN I 315 -48.35 -3.28 -50.28
N LYS I 316 -47.92 -2.18 -49.65
CA LYS I 316 -47.45 -2.28 -48.27
C LYS I 316 -48.62 -2.53 -47.31
N SER I 317 -49.74 -1.82 -47.50
CA SER I 317 -50.87 -1.91 -46.59
C SER I 317 -52.18 -2.11 -47.35
N ALA I 318 -52.12 -2.72 -48.53
CA ALA I 318 -53.32 -2.92 -49.34
C ALA I 318 -53.08 -4.03 -50.34
N ILE I 319 -54.02 -4.98 -50.39
CA ILE I 319 -54.00 -6.05 -51.38
C ILE I 319 -55.12 -5.78 -52.38
N ASN I 320 -54.82 -5.92 -53.66
CA ASN I 320 -55.73 -5.52 -54.72
C ASN I 320 -56.02 -6.71 -55.65
N ARG I 321 -56.97 -6.50 -56.55
CA ARG I 321 -57.43 -7.54 -57.45
C ARG I 321 -57.94 -6.89 -58.73
N MET I 322 -57.52 -7.43 -59.88
CA MET I 322 -58.01 -6.97 -61.17
C MET I 322 -58.24 -8.17 -62.08
N VAL I 323 -59.00 -7.94 -63.15
CA VAL I 323 -59.35 -8.96 -64.13
C VAL I 323 -59.13 -8.39 -65.52
N ILE I 324 -59.14 -9.28 -66.50
CA ILE I 324 -59.05 -8.92 -67.92
C ILE I 324 -60.37 -9.30 -68.58
N ASP I 325 -61.16 -8.30 -68.95
CA ASP I 325 -62.45 -8.55 -69.57
C ASP I 325 -62.75 -7.44 -70.57
N GLU I 326 -63.95 -7.47 -71.13
CA GLU I 326 -64.34 -6.48 -72.13
C GLU I 326 -64.78 -5.18 -71.45
N GLN I 327 -65.59 -5.29 -70.39
CA GLN I 327 -65.99 -4.11 -69.64
C GLN I 327 -64.80 -3.38 -69.04
N GLN I 328 -63.64 -4.02 -68.96
CA GLN I 328 -62.43 -3.45 -68.37
C GLN I 328 -62.74 -2.90 -66.98
N SER I 329 -63.29 -3.76 -66.13
CA SER I 329 -63.73 -3.36 -64.81
C SER I 329 -62.58 -2.75 -64.02
N PRO I 330 -62.86 -1.77 -63.17
CA PRO I 330 -61.80 -1.20 -62.34
C PRO I 330 -61.38 -2.17 -61.24
N ASP I 331 -60.11 -2.08 -60.85
CA ASP I 331 -59.64 -2.90 -59.76
C ASP I 331 -60.21 -2.41 -58.43
N ILE I 332 -60.29 -3.33 -57.48
CA ILE I 332 -60.79 -3.00 -56.15
C ILE I 332 -59.79 -3.49 -55.11
N ILE I 333 -59.86 -2.88 -53.94
CA ILE I 333 -59.09 -3.33 -52.80
C ILE I 333 -59.89 -4.41 -52.08
N LEU I 334 -59.21 -5.47 -51.66
CA LEU I 334 -59.89 -6.52 -50.93
C LEU I 334 -60.08 -6.10 -49.48
N PRO I 335 -61.30 -6.12 -48.96
CA PRO I 335 -61.53 -5.62 -47.59
C PRO I 335 -60.92 -6.51 -46.51
N ILE I 336 -59.60 -6.53 -46.43
CA ILE I 336 -58.87 -7.31 -45.43
C ILE I 336 -58.31 -6.33 -44.39
N HIS I 337 -58.70 -6.53 -43.14
CA HIS I 337 -58.32 -5.61 -42.07
C HIS I 337 -56.90 -5.89 -41.57
N SER I 338 -56.35 -4.90 -40.87
CA SER I 338 -55.08 -5.02 -40.15
C SER I 338 -53.90 -5.29 -41.09
N LEU I 339 -54.00 -4.89 -42.36
CA LEU I 339 -52.85 -4.99 -43.24
C LEU I 339 -51.80 -3.97 -42.81
N ARG I 340 -50.55 -4.44 -42.70
CA ARG I 340 -49.51 -3.63 -42.05
C ARG I 340 -48.29 -3.49 -42.93
N ASN I 341 -47.69 -4.61 -43.34
CA ASN I 341 -46.52 -4.59 -44.21
C ASN I 341 -46.46 -5.89 -45.00
N VAL I 342 -47.28 -6.00 -46.05
CA VAL I 342 -47.34 -7.22 -46.83
C VAL I 342 -46.05 -7.36 -47.65
N ARG I 343 -45.39 -8.50 -47.51
CA ARG I 343 -44.13 -8.77 -48.19
C ARG I 343 -44.27 -9.64 -49.42
N ALA I 344 -45.07 -10.71 -49.33
CA ALA I 344 -45.35 -11.56 -50.48
C ALA I 344 -46.75 -12.12 -50.33
N ILE I 345 -47.31 -12.59 -51.45
CA ILE I 345 -48.67 -13.09 -51.48
C ILE I 345 -48.72 -14.43 -52.22
N ASP I 346 -49.76 -15.19 -51.90
CA ASP I 346 -50.09 -16.43 -52.59
C ASP I 346 -51.55 -16.75 -52.30
N TYR I 347 -52.16 -17.52 -53.19
CA TYR I 347 -53.60 -17.72 -53.16
C TYR I 347 -53.94 -19.20 -53.26
N ASP I 348 -54.89 -19.64 -52.44
CA ASP I 348 -55.37 -21.02 -52.46
C ASP I 348 -56.61 -21.11 -53.33
N PRO I 349 -56.56 -21.78 -54.49
CA PRO I 349 -57.74 -21.85 -55.35
C PRO I 349 -58.81 -22.83 -54.88
N LEU I 350 -58.55 -23.61 -53.84
CA LEU I 350 -59.51 -24.60 -53.35
C LEU I 350 -60.46 -24.00 -52.32
N ASP I 351 -59.91 -23.48 -51.23
CA ASP I 351 -60.72 -22.90 -50.16
C ASP I 351 -60.94 -21.40 -50.33
N LYS I 352 -60.40 -20.79 -51.40
CA LYS I 352 -60.65 -19.39 -51.74
C LYS I 352 -60.16 -18.46 -50.62
N GLN I 353 -58.96 -18.72 -50.13
CA GLN I 353 -58.35 -17.92 -49.07
C GLN I 353 -57.04 -17.32 -49.56
N LEU I 354 -56.79 -16.07 -49.17
CA LEU I 354 -55.61 -15.33 -49.58
C LEU I 354 -54.60 -15.30 -48.45
N TYR I 355 -53.35 -15.68 -48.76
CA TYR I 355 -52.29 -15.72 -47.78
C TYR I 355 -51.28 -14.61 -48.05
N TRP I 356 -50.60 -14.16 -46.99
CA TRP I 356 -49.57 -13.14 -47.13
C TRP I 356 -48.65 -13.17 -45.93
N ILE I 357 -47.48 -12.56 -46.09
CA ILE I 357 -46.49 -12.41 -45.03
C ILE I 357 -46.43 -10.95 -44.63
N ASP I 358 -46.59 -10.69 -43.33
CA ASP I 358 -46.49 -9.34 -42.77
C ASP I 358 -45.14 -9.26 -42.06
N SER I 359 -44.17 -8.59 -42.70
CA SER I 359 -42.80 -8.59 -42.22
C SER I 359 -42.56 -7.61 -41.08
N ARG I 360 -43.50 -6.70 -40.80
CA ARG I 360 -43.33 -5.82 -39.64
C ARG I 360 -43.64 -6.56 -38.34
N GLN I 361 -44.66 -7.40 -38.35
CA GLN I 361 -45.03 -8.20 -37.18
C GLN I 361 -44.67 -9.67 -37.34
N ASN I 362 -44.04 -10.04 -38.45
CA ASN I 362 -43.47 -11.38 -38.65
C ASN I 362 -44.52 -12.48 -38.50
N MET I 363 -45.54 -12.41 -39.33
CA MET I 363 -46.64 -13.37 -39.29
C MET I 363 -47.03 -13.78 -40.71
N ILE I 364 -47.35 -15.05 -40.87
CA ILE I 364 -48.00 -15.56 -42.09
C ILE I 364 -49.50 -15.62 -41.79
N ARG I 365 -50.28 -14.83 -42.52
CA ARG I 365 -51.68 -14.65 -42.22
C ARG I 365 -52.53 -15.09 -43.41
N LYS I 366 -53.76 -15.50 -43.13
CA LYS I 366 -54.69 -15.90 -44.16
C LYS I 366 -56.07 -15.32 -43.87
N ALA I 367 -56.84 -15.09 -44.93
CA ALA I 367 -58.17 -14.52 -44.82
C ALA I 367 -58.88 -14.67 -46.16
N GLN I 368 -60.20 -14.65 -46.11
CA GLN I 368 -61.00 -14.63 -47.33
C GLN I 368 -60.77 -13.32 -48.09
N GLU I 369 -61.27 -13.30 -49.33
CA GLU I 369 -61.14 -12.09 -50.13
C GLU I 369 -61.97 -10.94 -49.55
N ASP I 370 -63.13 -11.24 -48.98
CA ASP I 370 -64.03 -10.23 -48.46
C ASP I 370 -63.75 -9.84 -47.01
N GLY I 371 -62.78 -10.48 -46.35
CA GLY I 371 -62.32 -10.08 -45.03
C GLY I 371 -62.54 -11.13 -43.95
N SER I 372 -63.54 -11.98 -44.11
CA SER I 372 -63.84 -12.99 -43.10
C SER I 372 -62.78 -14.09 -43.10
N GLN I 373 -62.87 -14.96 -42.09
CA GLN I 373 -62.02 -16.15 -41.98
C GLN I 373 -60.55 -15.77 -41.86
N GLY I 374 -60.27 -14.80 -40.99
CA GLY I 374 -58.89 -14.41 -40.72
C GLY I 374 -58.22 -15.39 -39.76
N PHE I 375 -56.99 -15.77 -40.10
CA PHE I 375 -56.27 -16.76 -39.31
C PHE I 375 -54.77 -16.56 -39.48
N THR I 376 -54.04 -16.67 -38.37
CA THR I 376 -52.59 -16.61 -38.38
C THR I 376 -52.03 -18.04 -38.44
N VAL I 377 -51.29 -18.33 -39.50
CA VAL I 377 -50.76 -19.69 -39.66
C VAL I 377 -49.47 -19.86 -38.87
N VAL I 378 -48.57 -18.88 -38.94
CA VAL I 378 -47.29 -18.94 -38.25
C VAL I 378 -47.07 -17.62 -37.52
N VAL I 379 -46.66 -17.70 -36.26
CA VAL I 379 -46.37 -16.50 -35.47
C VAL I 379 -45.22 -16.76 -34.51
N GLU I 388 -37.84 -14.15 -32.74
CA GLU I 388 -38.40 -15.41 -33.22
C GLU I 388 -37.86 -15.78 -34.59
N ILE I 389 -38.64 -15.47 -35.64
CA ILE I 389 -38.32 -15.82 -37.01
C ILE I 389 -38.70 -14.65 -37.92
N GLN I 390 -38.27 -14.75 -39.18
CA GLN I 390 -38.50 -13.69 -40.17
C GLN I 390 -38.89 -14.30 -41.50
N PRO I 391 -40.18 -14.52 -41.73
CA PRO I 391 -40.62 -14.98 -43.06
C PRO I 391 -40.33 -13.93 -44.13
N TYR I 392 -40.18 -14.40 -45.36
CA TYR I 392 -39.74 -13.53 -46.45
C TYR I 392 -40.53 -13.78 -47.73
N ASP I 393 -40.65 -15.05 -48.13
CA ASP I 393 -41.45 -15.41 -49.30
C ASP I 393 -42.09 -16.77 -49.04
N LEU I 394 -43.20 -17.02 -49.73
CA LEU I 394 -43.99 -18.22 -49.53
C LEU I 394 -44.48 -18.76 -50.87
N SER I 395 -44.73 -20.07 -50.90
CA SER I 395 -45.29 -20.73 -52.06
C SER I 395 -46.09 -21.93 -51.57
N ILE I 396 -47.33 -22.05 -52.03
CA ILE I 396 -48.27 -23.03 -51.49
C ILE I 396 -48.25 -24.27 -52.37
N ASP I 397 -48.17 -25.44 -51.73
CA ASP I 397 -48.46 -26.72 -52.37
C ASP I 397 -49.97 -26.91 -52.31
N ILE I 398 -50.66 -26.44 -53.36
CA ILE I 398 -52.12 -26.48 -53.39
C ILE I 398 -52.67 -27.90 -53.47
N TYR I 399 -51.82 -28.89 -53.73
CA TYR I 399 -52.29 -30.27 -53.89
C TYR I 399 -52.38 -31.01 -52.56
N SER I 400 -51.25 -31.13 -51.86
CA SER I 400 -51.21 -31.82 -50.57
C SER I 400 -51.43 -30.89 -49.38
N ARG I 401 -51.72 -29.61 -49.63
CA ARG I 401 -52.28 -28.70 -48.63
C ARG I 401 -51.30 -28.34 -47.52
N TYR I 402 -50.19 -27.68 -47.86
CA TYR I 402 -49.23 -27.21 -46.86
C TYR I 402 -48.27 -26.24 -47.54
N ILE I 403 -47.70 -25.34 -46.73
CA ILE I 403 -46.97 -24.18 -47.22
C ILE I 403 -45.47 -24.39 -47.04
N TYR I 404 -44.70 -23.94 -48.02
CA TYR I 404 -43.27 -23.74 -47.88
C TYR I 404 -42.99 -22.25 -47.74
N TRP I 405 -42.29 -21.87 -46.68
CA TRP I 405 -41.92 -20.48 -46.45
C TRP I 405 -40.49 -20.40 -45.92
N THR I 406 -39.79 -19.37 -46.33
CA THR I 406 -38.37 -19.19 -46.02
C THR I 406 -38.22 -18.23 -44.85
N CYS I 407 -37.29 -18.54 -43.95
CA CYS I 407 -37.02 -17.74 -42.77
C CYS I 407 -35.74 -16.92 -42.99
N GLU I 408 -35.86 -15.60 -42.84
CA GLU I 408 -34.72 -14.72 -42.99
C GLU I 408 -33.83 -14.69 -41.75
N ALA I 409 -34.40 -15.00 -40.58
CA ALA I 409 -33.61 -14.96 -39.34
C ALA I 409 -32.80 -16.22 -39.13
N THR I 410 -33.38 -17.38 -39.47
CA THR I 410 -32.72 -18.67 -39.23
C THR I 410 -32.19 -19.33 -40.49
N ASN I 411 -32.51 -18.79 -41.68
CA ASN I 411 -31.98 -19.29 -42.95
C ASN I 411 -32.37 -20.75 -43.19
N VAL I 412 -33.68 -21.00 -43.15
CA VAL I 412 -34.21 -22.33 -43.38
C VAL I 412 -35.35 -22.25 -44.40
N ILE I 413 -35.50 -23.32 -45.18
CA ILE I 413 -36.71 -23.56 -45.95
C ILE I 413 -37.62 -24.40 -45.07
N ASN I 414 -38.71 -23.81 -44.58
CA ASN I 414 -39.50 -24.46 -43.56
C ASN I 414 -40.93 -24.69 -44.03
N VAL I 415 -41.59 -25.66 -43.39
CA VAL I 415 -42.86 -26.19 -43.84
C VAL I 415 -43.88 -26.11 -42.70
N THR I 416 -45.11 -25.74 -43.05
CA THR I 416 -46.23 -25.72 -42.11
C THR I 416 -47.50 -25.92 -42.91
N ARG I 417 -48.39 -26.76 -42.39
CA ARG I 417 -49.64 -27.05 -43.07
C ARG I 417 -50.57 -25.84 -43.04
N LEU I 418 -51.66 -25.92 -43.79
CA LEU I 418 -52.58 -24.79 -43.90
C LEU I 418 -53.28 -24.49 -42.58
N ASP I 419 -53.42 -25.49 -41.71
CA ASP I 419 -54.08 -25.29 -40.43
C ASP I 419 -53.15 -24.72 -39.36
N GLY I 420 -51.85 -24.60 -39.65
CA GLY I 420 -50.89 -24.08 -38.71
C GLY I 420 -50.06 -25.13 -38.00
N ARG I 421 -50.38 -26.41 -38.18
CA ARG I 421 -49.65 -27.49 -37.53
C ARG I 421 -48.33 -27.69 -38.28
N SER I 422 -47.22 -27.40 -37.62
CA SER I 422 -45.92 -27.41 -38.28
C SER I 422 -45.53 -28.82 -38.70
N VAL I 423 -44.88 -28.93 -39.85
CA VAL I 423 -44.40 -30.20 -40.38
C VAL I 423 -42.94 -30.43 -40.04
N GLY I 424 -42.08 -29.48 -40.40
CA GLY I 424 -40.67 -29.59 -40.08
C GLY I 424 -39.85 -28.77 -41.06
N VAL I 425 -38.54 -28.98 -40.99
CA VAL I 425 -37.59 -28.28 -41.86
C VAL I 425 -37.12 -29.25 -42.93
N VAL I 426 -37.11 -28.78 -44.18
CA VAL I 426 -36.66 -29.60 -45.29
C VAL I 426 -35.30 -29.18 -45.83
N LEU I 427 -34.88 -27.94 -45.61
CA LEU I 427 -33.59 -27.46 -46.08
C LEU I 427 -33.00 -26.52 -45.04
N LYS I 428 -31.75 -26.79 -44.64
CA LYS I 428 -31.04 -25.90 -43.74
C LYS I 428 -29.54 -26.14 -43.93
N GLY I 429 -28.79 -25.06 -44.02
CA GLY I 429 -27.34 -25.17 -44.15
C GLY I 429 -26.64 -24.02 -43.48
N GLU I 430 -25.38 -24.26 -43.12
CA GLU I 430 -24.57 -23.20 -42.53
C GLU I 430 -24.18 -22.12 -43.54
N GLN I 431 -24.15 -22.46 -44.83
CA GLN I 431 -23.86 -21.50 -45.88
C GLN I 431 -25.08 -21.09 -46.68
N ASP I 432 -26.19 -21.82 -46.58
CA ASP I 432 -27.36 -21.55 -47.40
C ASP I 432 -28.12 -20.31 -46.92
N ARG I 433 -28.63 -19.54 -47.87
CA ARG I 433 -29.42 -18.34 -47.60
C ARG I 433 -30.63 -18.33 -48.52
N PRO I 434 -31.59 -19.23 -48.29
CA PRO I 434 -32.76 -19.28 -49.18
C PRO I 434 -33.69 -18.10 -48.95
N ARG I 435 -34.20 -17.54 -50.06
CA ARG I 435 -35.06 -16.38 -49.99
C ARG I 435 -36.36 -16.60 -50.77
N ALA I 436 -36.37 -16.22 -52.05
CA ALA I 436 -37.54 -16.45 -52.88
C ALA I 436 -37.71 -17.95 -53.14
N VAL I 437 -38.95 -18.42 -53.11
CA VAL I 437 -39.23 -19.84 -53.26
C VAL I 437 -40.55 -20.02 -53.99
N VAL I 438 -40.56 -20.95 -54.95
CA VAL I 438 -41.76 -21.33 -55.68
C VAL I 438 -41.73 -22.84 -55.86
N VAL I 439 -42.86 -23.49 -55.62
CA VAL I 439 -42.94 -24.95 -55.65
C VAL I 439 -43.54 -25.41 -56.97
N ASN I 440 -43.22 -26.65 -57.34
CA ASN I 440 -43.78 -27.28 -58.54
C ASN I 440 -44.18 -28.70 -58.17
N PRO I 441 -45.31 -28.87 -57.48
CA PRO I 441 -45.74 -30.21 -57.07
C PRO I 441 -46.16 -31.10 -58.23
N GLU I 442 -46.46 -30.53 -59.41
CA GLU I 442 -46.83 -31.37 -60.54
C GLU I 442 -45.69 -32.29 -60.98
N LYS I 443 -44.45 -31.87 -60.75
CA LYS I 443 -43.29 -32.69 -61.06
C LYS I 443 -42.48 -33.09 -59.84
N GLY I 444 -42.80 -32.56 -58.67
CA GLY I 444 -42.12 -32.95 -57.45
C GLY I 444 -40.89 -32.15 -57.10
N TYR I 445 -40.75 -30.94 -57.63
CA TYR I 445 -39.58 -30.10 -57.37
C TYR I 445 -40.00 -28.80 -56.70
N MET I 446 -39.03 -28.19 -56.02
CA MET I 446 -39.16 -26.86 -55.46
C MET I 446 -37.97 -26.02 -55.94
N TYR I 447 -38.24 -24.77 -56.28
CA TYR I 447 -37.18 -23.86 -56.72
C TYR I 447 -37.02 -22.74 -55.69
N PHE I 448 -35.78 -22.30 -55.52
CA PHE I 448 -35.49 -21.29 -54.52
C PHE I 448 -34.21 -20.56 -54.90
N THR I 449 -34.20 -19.25 -54.65
CA THR I 449 -32.99 -18.46 -54.85
C THR I 449 -32.10 -18.58 -53.62
N ASN I 450 -30.81 -18.82 -53.85
CA ASN I 450 -29.84 -19.01 -52.78
C ASN I 450 -28.88 -17.83 -52.83
N LEU I 451 -29.18 -16.81 -52.01
CA LEU I 451 -28.41 -15.56 -52.01
C LEU I 451 -27.16 -15.67 -51.14
N GLN I 452 -26.34 -16.64 -51.46
CA GLN I 452 -25.00 -16.69 -50.89
C GLN I 452 -24.20 -15.49 -51.36
N GLU I 453 -23.33 -14.99 -50.48
CA GLU I 453 -22.60 -13.76 -50.80
C GLU I 453 -21.60 -13.99 -51.93
N ARG I 454 -21.50 -12.99 -52.80
CA ARG I 454 -20.57 -12.93 -53.94
C ARG I 454 -20.65 -14.15 -54.84
N SER I 455 -21.73 -14.94 -54.73
CA SER I 455 -22.00 -16.03 -55.65
C SER I 455 -23.49 -16.41 -55.59
N PRO I 456 -24.38 -15.55 -56.07
CA PRO I 456 -25.81 -15.87 -56.01
C PRO I 456 -26.17 -17.02 -56.93
N LYS I 457 -27.07 -17.88 -56.46
CA LYS I 457 -27.41 -19.11 -57.15
C LYS I 457 -28.92 -19.27 -57.23
N ILE I 458 -29.37 -19.97 -58.28
CA ILE I 458 -30.74 -20.42 -58.40
C ILE I 458 -30.69 -21.94 -58.42
N GLU I 459 -31.26 -22.57 -57.39
CA GLU I 459 -31.14 -24.01 -57.19
C GLU I 459 -32.53 -24.65 -57.17
N ARG I 460 -32.53 -25.98 -57.23
CA ARG I 460 -33.76 -26.74 -57.07
C ARG I 460 -33.47 -28.00 -56.26
N ALA I 461 -34.55 -28.66 -55.85
CA ALA I 461 -34.47 -29.90 -55.08
C ALA I 461 -35.86 -30.51 -55.06
N ALA I 462 -35.93 -31.77 -54.64
CA ALA I 462 -37.21 -32.43 -54.44
C ALA I 462 -37.97 -31.77 -53.30
N LEU I 463 -39.24 -32.13 -53.16
CA LEU I 463 -40.10 -31.52 -52.15
C LEU I 463 -39.74 -31.92 -50.71
N ASP I 464 -38.60 -32.57 -50.45
CA ASP I 464 -38.22 -32.95 -49.10
C ASP I 464 -36.86 -32.43 -48.67
N GLY I 465 -36.05 -31.92 -49.59
CA GLY I 465 -34.75 -31.36 -49.26
C GLY I 465 -33.57 -32.10 -49.88
N THR I 466 -33.78 -33.33 -50.32
CA THR I 466 -32.73 -34.07 -51.00
C THR I 466 -32.73 -33.72 -52.49
N GLU I 467 -31.86 -34.38 -53.26
CA GLU I 467 -31.75 -34.17 -54.70
C GLU I 467 -31.40 -32.72 -55.03
N ARG I 468 -30.61 -32.07 -54.18
CA ARG I 468 -30.26 -30.67 -54.39
C ARG I 468 -29.31 -30.54 -55.58
N GLU I 469 -29.59 -29.57 -56.44
CA GLU I 469 -28.70 -29.24 -57.54
C GLU I 469 -28.75 -27.73 -57.79
N VAL I 470 -27.68 -27.22 -58.40
CA VAL I 470 -27.58 -25.82 -58.74
C VAL I 470 -27.86 -25.66 -60.22
N LEU I 471 -28.86 -24.86 -60.56
CA LEU I 471 -29.20 -24.61 -61.96
C LEU I 471 -28.36 -23.51 -62.59
N PHE I 472 -28.14 -22.40 -61.87
CA PHE I 472 -27.40 -21.27 -62.40
C PHE I 472 -26.56 -20.65 -61.30
N PHE I 473 -25.29 -20.33 -61.61
CA PHE I 473 -24.45 -19.57 -60.70
C PHE I 473 -23.80 -18.36 -61.37
N SER I 474 -24.08 -18.12 -62.65
CA SER I 474 -23.48 -17.01 -63.39
C SER I 474 -24.57 -16.08 -63.89
N GLY I 475 -24.17 -14.86 -64.21
CA GLY I 475 -25.11 -13.87 -64.70
C GLY I 475 -26.18 -13.47 -63.71
N LEU I 476 -25.87 -13.54 -62.41
CA LEU I 476 -26.80 -13.20 -61.35
C LEU I 476 -26.14 -12.26 -60.37
N SER I 477 -26.92 -11.30 -59.86
CA SER I 477 -26.43 -10.38 -58.85
C SER I 477 -27.39 -10.31 -57.67
N LYS I 478 -28.64 -9.93 -57.93
CA LYS I 478 -29.68 -9.85 -56.91
C LYS I 478 -30.98 -10.44 -57.44
N PRO I 479 -31.05 -11.77 -57.58
CA PRO I 479 -32.32 -12.39 -57.93
C PRO I 479 -33.31 -12.28 -56.79
N ILE I 480 -34.23 -11.31 -56.90
CA ILE I 480 -35.08 -10.94 -55.78
C ILE I 480 -36.48 -11.53 -55.85
N ALA I 481 -36.90 -12.00 -57.03
CA ALA I 481 -38.22 -12.58 -57.19
C ALA I 481 -38.11 -13.84 -58.05
N LEU I 482 -39.05 -14.76 -57.84
CA LEU I 482 -39.03 -16.04 -58.53
C LEU I 482 -40.44 -16.50 -58.79
N ALA I 483 -40.63 -17.18 -59.92
CA ALA I 483 -41.92 -17.75 -60.30
C ALA I 483 -41.71 -18.75 -61.41
N LEU I 484 -42.67 -19.65 -61.58
CA LEU I 484 -42.63 -20.64 -62.65
C LEU I 484 -44.03 -20.88 -63.17
N ASP I 485 -44.11 -21.61 -64.28
CA ASP I 485 -45.39 -21.95 -64.92
C ASP I 485 -45.27 -23.39 -65.42
N SER I 486 -46.01 -24.30 -64.79
CA SER I 486 -45.85 -25.72 -65.12
C SER I 486 -46.42 -26.07 -66.48
N ARG I 487 -47.46 -25.37 -66.92
CA ARG I 487 -48.03 -25.63 -68.23
C ARG I 487 -47.03 -25.34 -69.34
N LEU I 488 -46.39 -24.17 -69.28
CA LEU I 488 -45.35 -23.82 -70.23
C LEU I 488 -44.03 -24.51 -69.92
N GLY I 489 -43.85 -25.03 -68.71
CA GLY I 489 -42.60 -25.65 -68.33
C GLY I 489 -41.43 -24.68 -68.29
N LYS I 490 -41.63 -23.49 -67.74
CA LYS I 490 -40.62 -22.46 -67.72
C LYS I 490 -40.37 -21.98 -66.28
N LEU I 491 -39.17 -21.44 -66.08
CA LEU I 491 -38.79 -20.79 -64.83
C LEU I 491 -38.42 -19.35 -65.11
N PHE I 492 -39.06 -18.41 -64.42
CA PHE I 492 -38.79 -17.00 -64.58
C PHE I 492 -38.24 -16.41 -63.29
N TRP I 493 -37.36 -15.42 -63.44
CA TRP I 493 -36.82 -14.70 -62.29
C TRP I 493 -36.41 -13.30 -62.75
N ALA I 494 -36.38 -12.38 -61.79
CA ALA I 494 -36.03 -10.99 -62.04
C ALA I 494 -34.79 -10.63 -61.25
N ASP I 495 -33.90 -9.86 -61.88
CA ASP I 495 -32.67 -9.39 -61.26
C ASP I 495 -32.77 -7.88 -61.09
N SER I 496 -32.71 -7.43 -59.83
CA SER I 496 -32.87 -6.01 -59.53
C SER I 496 -31.58 -5.21 -59.68
N ASP I 497 -30.43 -5.88 -59.79
CA ASP I 497 -29.16 -5.18 -59.96
C ASP I 497 -28.69 -5.16 -61.41
N LEU I 498 -28.73 -6.31 -62.09
CA LEU I 498 -28.47 -6.31 -63.53
C LEU I 498 -29.63 -5.73 -64.31
N ARG I 499 -30.81 -5.62 -63.69
CA ARG I 499 -31.98 -4.95 -64.27
C ARG I 499 -32.42 -5.65 -65.56
N ARG I 500 -32.84 -6.91 -65.40
CA ARG I 500 -33.31 -7.70 -66.53
C ARG I 500 -34.17 -8.84 -66.00
N ILE I 501 -35.02 -9.35 -66.88
CA ILE I 501 -35.89 -10.49 -66.60
C ILE I 501 -35.49 -11.63 -67.52
N GLU I 502 -35.31 -12.81 -66.95
CA GLU I 502 -34.77 -13.95 -67.69
C GLU I 502 -35.76 -15.10 -67.71
N SER I 503 -35.39 -16.14 -68.47
CA SER I 503 -36.23 -17.32 -68.65
C SER I 503 -35.35 -18.54 -68.76
N SER I 504 -35.92 -19.70 -68.46
CA SER I 504 -35.24 -20.98 -68.60
C SER I 504 -36.26 -22.09 -68.47
N ASP I 505 -35.93 -23.25 -69.06
CA ASP I 505 -36.74 -24.43 -68.90
C ASP I 505 -36.62 -24.96 -67.47
N LEU I 506 -37.59 -25.79 -67.08
CA LEU I 506 -37.60 -26.34 -65.71
C LEU I 506 -36.47 -27.34 -65.44
N SER I 507 -35.52 -27.53 -66.36
CA SER I 507 -34.38 -28.41 -66.12
C SER I 507 -33.06 -27.67 -66.06
N GLY I 508 -33.05 -26.36 -66.33
CA GLY I 508 -31.85 -25.56 -66.34
C GLY I 508 -31.35 -25.20 -67.72
N ALA I 509 -31.85 -25.86 -68.76
CA ALA I 509 -31.42 -25.57 -70.12
C ALA I 509 -32.21 -24.41 -70.70
N ASN I 510 -31.66 -23.82 -71.78
CA ASN I 510 -32.35 -22.81 -72.58
C ASN I 510 -32.60 -21.54 -71.76
N ARG I 511 -31.51 -20.94 -71.30
CA ARG I 511 -31.57 -19.68 -70.57
C ARG I 511 -31.57 -18.53 -71.57
N ILE I 512 -32.61 -17.70 -71.52
CA ILE I 512 -32.73 -16.55 -72.42
C ILE I 512 -33.12 -15.33 -71.60
N VAL I 513 -32.91 -14.15 -72.21
CA VAL I 513 -33.25 -12.87 -71.60
C VAL I 513 -34.48 -12.33 -72.33
N LEU I 514 -35.59 -12.17 -71.60
CA LEU I 514 -36.81 -11.67 -72.22
C LEU I 514 -36.79 -10.15 -72.35
N GLU I 515 -36.21 -9.46 -71.37
CA GLU I 515 -36.15 -8.01 -71.38
C GLU I 515 -35.02 -7.55 -70.48
N ASP I 516 -34.21 -6.60 -70.96
CA ASP I 516 -33.10 -6.09 -70.17
C ASP I 516 -32.98 -4.56 -70.26
N SER I 517 -34.05 -3.88 -70.67
CA SER I 517 -34.06 -2.43 -70.76
C SER I 517 -35.26 -1.88 -70.00
N ASN I 518 -35.13 -0.64 -69.51
CA ASN I 518 -36.18 0.05 -68.79
C ASN I 518 -36.63 -0.72 -67.55
N ILE I 519 -35.71 -1.46 -66.95
CA ILE I 519 -35.95 -2.20 -65.73
C ILE I 519 -35.18 -1.52 -64.61
N LEU I 520 -35.83 -1.33 -63.46
CA LEU I 520 -35.20 -0.65 -62.32
C LEU I 520 -35.23 -1.50 -61.06
N GLN I 521 -36.40 -1.95 -60.60
CA GLN I 521 -36.51 -2.70 -59.35
C GLN I 521 -37.65 -3.71 -59.48
N PRO I 522 -37.43 -4.80 -60.23
CA PRO I 522 -38.50 -5.80 -60.38
C PRO I 522 -38.57 -6.75 -59.19
N VAL I 523 -39.53 -6.54 -58.29
CA VAL I 523 -39.61 -7.31 -57.05
C VAL I 523 -40.63 -8.44 -57.13
N GLY I 524 -41.31 -8.61 -58.26
CA GLY I 524 -42.28 -9.68 -58.38
C GLY I 524 -42.60 -9.95 -59.83
N LEU I 525 -43.10 -11.16 -60.09
CA LEU I 525 -43.46 -11.57 -61.43
C LEU I 525 -44.28 -12.86 -61.36
N THR I 526 -45.08 -13.07 -62.39
CA THR I 526 -45.91 -14.28 -62.50
C THR I 526 -46.40 -14.38 -63.94
N VAL I 527 -46.94 -15.54 -64.29
CA VAL I 527 -47.37 -15.84 -65.65
C VAL I 527 -48.90 -15.93 -65.67
N PHE I 528 -49.52 -15.21 -66.60
CA PHE I 528 -50.96 -15.25 -66.80
C PHE I 528 -51.24 -15.59 -68.26
N GLU I 529 -51.72 -16.81 -68.50
CA GLU I 529 -51.92 -17.36 -69.85
C GLU I 529 -50.59 -17.28 -70.60
N ASN I 530 -50.49 -16.51 -71.68
CA ASN I 530 -49.25 -16.36 -72.43
C ASN I 530 -48.51 -15.07 -72.08
N TRP I 531 -48.95 -14.37 -71.03
CA TRP I 531 -48.39 -13.08 -70.66
C TRP I 531 -47.58 -13.21 -69.38
N LEU I 532 -46.41 -12.57 -69.36
CA LEU I 532 -45.58 -12.47 -68.17
C LEU I 532 -45.76 -11.07 -67.57
N TYR I 533 -46.47 -10.99 -66.45
CA TYR I 533 -46.60 -9.73 -65.73
C TYR I 533 -45.52 -9.65 -64.67
N TRP I 534 -45.00 -8.43 -64.46
CA TRP I 534 -44.10 -8.15 -63.37
C TRP I 534 -44.41 -6.75 -62.85
N ILE I 535 -43.89 -6.45 -61.66
CA ILE I 535 -44.12 -5.16 -61.01
C ILE I 535 -42.78 -4.48 -60.81
N ASP I 536 -42.76 -3.16 -60.99
CA ASP I 536 -41.57 -2.34 -60.80
C ASP I 536 -41.83 -1.40 -59.63
N LYS I 537 -41.08 -1.59 -58.54
CA LYS I 537 -41.27 -0.76 -57.36
C LYS I 537 -40.85 0.68 -57.62
N GLN I 538 -39.79 0.89 -58.40
CA GLN I 538 -39.25 2.24 -58.59
C GLN I 538 -40.07 3.02 -59.60
N GLN I 539 -40.41 2.40 -60.74
CA GLN I 539 -41.25 3.06 -61.73
C GLN I 539 -42.73 3.04 -61.36
N GLN I 540 -43.13 2.23 -60.39
CA GLN I 540 -44.53 2.10 -59.98
C GLN I 540 -45.40 1.72 -61.17
N MET I 541 -45.03 0.63 -61.84
CA MET I 541 -45.65 0.20 -63.07
C MET I 541 -46.02 -1.27 -62.99
N ILE I 542 -47.11 -1.62 -63.67
CA ILE I 542 -47.43 -3.01 -64.00
C ILE I 542 -47.31 -3.15 -65.51
N GLU I 543 -46.46 -4.07 -65.96
CA GLU I 543 -46.18 -4.25 -67.37
C GLU I 543 -46.21 -5.73 -67.71
N LYS I 544 -46.23 -6.03 -69.01
CA LYS I 544 -46.40 -7.41 -69.47
C LYS I 544 -45.62 -7.64 -70.75
N ILE I 545 -45.12 -8.87 -70.89
CA ILE I 545 -44.40 -9.32 -72.07
C ILE I 545 -45.11 -10.54 -72.64
N ASP I 546 -45.35 -10.52 -73.94
CA ASP I 546 -45.98 -11.65 -74.62
C ASP I 546 -44.96 -12.78 -74.78
N MET I 547 -45.30 -13.97 -74.27
CA MET I 547 -44.41 -15.11 -74.41
C MET I 547 -44.43 -15.67 -75.83
N THR I 548 -45.55 -15.53 -76.54
CA THR I 548 -45.59 -15.97 -77.93
C THR I 548 -44.77 -15.06 -78.85
N GLY I 549 -44.42 -13.86 -78.40
CA GLY I 549 -43.56 -12.96 -79.14
C GLY I 549 -44.22 -12.20 -80.27
N ARG I 550 -45.52 -12.36 -80.49
CA ARG I 550 -46.18 -11.66 -81.58
C ARG I 550 -46.37 -10.18 -81.26
N GLU I 551 -46.70 -9.88 -80.01
CA GLU I 551 -46.95 -8.51 -79.58
C GLU I 551 -45.87 -8.08 -78.60
N GLY I 552 -45.75 -6.76 -78.41
CA GLY I 552 -44.65 -6.19 -77.67
C GLY I 552 -44.94 -5.95 -76.20
N ARG I 553 -43.94 -5.38 -75.53
CA ARG I 553 -44.05 -5.00 -74.13
C ARG I 553 -45.14 -3.95 -73.94
N THR I 554 -46.13 -4.26 -73.09
CA THR I 554 -47.30 -3.42 -72.92
C THR I 554 -47.41 -2.96 -71.47
N LYS I 555 -47.70 -1.67 -71.30
CA LYS I 555 -48.00 -1.13 -69.98
C LYS I 555 -49.42 -1.54 -69.58
N VAL I 556 -49.58 -1.94 -68.31
CA VAL I 556 -50.89 -2.34 -67.80
C VAL I 556 -51.49 -1.23 -66.96
N GLN I 557 -50.75 -0.79 -65.93
CA GLN I 557 -51.25 0.23 -65.02
C GLN I 557 -50.08 0.98 -64.41
N ALA I 558 -50.27 2.27 -64.19
CA ALA I 558 -49.22 3.15 -63.69
C ALA I 558 -49.65 3.77 -62.36
N ARG I 559 -48.70 4.45 -61.71
CA ARG I 559 -48.95 5.23 -60.51
C ARG I 559 -49.47 4.36 -59.37
N ILE I 560 -48.70 3.30 -59.06
CA ILE I 560 -49.03 2.37 -57.98
C ILE I 560 -47.80 2.31 -57.08
N ALA I 561 -47.85 3.02 -55.96
CA ALA I 561 -46.72 3.08 -55.05
C ALA I 561 -46.67 1.86 -54.14
N GLN I 562 -45.44 1.52 -53.71
CA GLN I 562 -45.20 0.50 -52.69
C GLN I 562 -45.60 -0.90 -53.15
N LEU I 563 -45.24 -1.25 -54.39
CA LEU I 563 -45.48 -2.59 -54.88
C LEU I 563 -44.57 -3.59 -54.17
N SER I 564 -45.08 -4.80 -53.93
CA SER I 564 -44.33 -5.81 -53.20
C SER I 564 -44.28 -7.13 -53.98
N ASP I 565 -45.44 -7.71 -54.27
CA ASP I 565 -45.49 -8.99 -54.96
C ASP I 565 -46.73 -9.04 -55.83
N ILE I 566 -46.69 -9.91 -56.84
CA ILE I 566 -47.80 -10.12 -57.76
C ILE I 566 -47.97 -11.63 -57.95
N HIS I 567 -49.22 -12.06 -58.17
CA HIS I 567 -49.49 -13.49 -58.29
C HIS I 567 -50.76 -13.68 -59.09
N ALA I 568 -50.66 -14.44 -60.19
CA ALA I 568 -51.82 -14.81 -60.97
C ALA I 568 -52.48 -16.05 -60.37
N VAL I 569 -53.79 -16.18 -60.61
CA VAL I 569 -54.61 -17.20 -59.97
C VAL I 569 -55.20 -18.11 -61.03
N LYS I 570 -54.96 -19.42 -60.89
CA LYS I 570 -55.56 -20.41 -61.76
C LYS I 570 -57.07 -20.47 -61.55
N GLU I 571 -57.76 -21.08 -62.50
CA GLU I 571 -59.05 -21.72 -62.23
C GLU I 571 -58.75 -23.18 -61.93
N LEU I 572 -59.06 -23.63 -60.72
CA LEU I 572 -58.67 -24.97 -60.30
C LEU I 572 -59.53 -25.99 -61.04
N ASN I 573 -58.93 -26.73 -61.95
CA ASN I 573 -59.68 -27.70 -62.75
C ASN I 573 -60.10 -28.86 -61.86
N LEU I 574 -61.40 -29.18 -61.87
CA LEU I 574 -61.95 -30.13 -60.92
C LEU I 574 -61.36 -31.52 -61.12
N GLN I 575 -61.38 -32.03 -62.35
CA GLN I 575 -60.94 -33.41 -62.56
C GLN I 575 -59.41 -33.53 -62.60
N GLU I 576 -58.73 -32.53 -63.16
CA GLU I 576 -57.27 -32.53 -63.17
C GLU I 576 -56.70 -32.58 -61.75
N TYR I 577 -57.37 -31.90 -60.82
CA TYR I 577 -56.85 -31.79 -59.46
C TYR I 577 -57.02 -33.10 -58.69
N ARG I 578 -58.19 -33.72 -58.79
CA ARG I 578 -58.44 -34.94 -58.02
C ARG I 578 -57.68 -36.14 -58.57
N GLN I 579 -57.23 -36.09 -59.83
CA GLN I 579 -56.41 -37.16 -60.37
C GLN I 579 -54.94 -37.05 -59.98
N HIS I 580 -54.58 -36.07 -59.17
CA HIS I 580 -53.24 -36.03 -58.60
C HIS I 580 -53.15 -37.01 -57.43
N PRO I 581 -52.09 -37.81 -57.35
CA PRO I 581 -52.09 -38.90 -56.35
C PRO I 581 -51.97 -38.43 -54.92
N CYS I 582 -51.38 -37.26 -54.69
CA CYS I 582 -51.16 -36.76 -53.34
C CYS I 582 -52.33 -35.91 -52.82
N ALA I 583 -53.33 -35.61 -53.65
CA ALA I 583 -54.44 -34.78 -53.20
C ALA I 583 -55.37 -35.52 -52.25
N GLN I 584 -55.49 -36.84 -52.39
CA GLN I 584 -56.38 -37.64 -51.56
C GLN I 584 -55.58 -38.26 -50.43
N ASP I 585 -55.99 -37.98 -49.18
CA ASP I 585 -55.36 -38.55 -47.99
C ASP I 585 -53.86 -38.25 -47.94
N ASN I 586 -53.45 -37.12 -48.53
CA ASN I 586 -52.04 -36.74 -48.62
C ASN I 586 -51.20 -37.88 -49.19
N GLY I 587 -51.79 -38.63 -50.12
CA GLY I 587 -51.14 -39.81 -50.64
C GLY I 587 -50.90 -40.89 -49.61
N GLY I 588 -51.65 -40.89 -48.53
CA GLY I 588 -51.42 -41.80 -47.43
C GLY I 588 -50.24 -41.45 -46.55
N CYS I 589 -49.59 -40.32 -46.79
CA CYS I 589 -48.36 -39.97 -46.10
C CYS I 589 -48.66 -39.19 -44.83
N SER I 590 -47.75 -39.34 -43.84
CA SER I 590 -47.88 -38.58 -42.61
C SER I 590 -47.36 -37.16 -42.76
N HIS I 591 -46.38 -36.95 -43.64
CA HIS I 591 -45.79 -35.63 -43.82
C HIS I 591 -45.75 -35.21 -45.28
N ILE I 592 -44.67 -35.56 -45.97
CA ILE I 592 -44.41 -35.08 -47.33
C ILE I 592 -44.86 -36.13 -48.33
N CYS I 593 -45.67 -35.71 -49.29
CA CYS I 593 -46.05 -36.53 -50.43
C CYS I 593 -45.56 -35.84 -51.70
N LEU I 594 -44.67 -36.48 -52.44
CA LEU I 594 -44.05 -35.89 -53.61
C LEU I 594 -44.11 -36.86 -54.78
N VAL I 595 -44.40 -36.33 -55.96
CA VAL I 595 -44.42 -37.13 -57.18
C VAL I 595 -42.99 -37.45 -57.60
N LYS I 596 -42.75 -38.70 -57.96
CA LYS I 596 -41.47 -39.14 -58.48
C LYS I 596 -41.60 -39.40 -59.98
N GLY I 597 -40.47 -39.26 -60.69
CA GLY I 597 -40.49 -39.35 -62.14
C GLY I 597 -40.88 -40.72 -62.68
N ASP I 598 -40.71 -41.78 -61.89
CA ASP I 598 -40.96 -43.13 -62.36
C ASP I 598 -42.44 -43.52 -62.39
N GLY I 599 -43.34 -42.56 -62.15
CA GLY I 599 -44.77 -42.82 -62.21
C GLY I 599 -45.41 -43.24 -60.91
N THR I 600 -44.62 -43.51 -59.87
CA THR I 600 -45.15 -43.88 -58.57
C THR I 600 -45.14 -42.69 -57.63
N THR I 601 -45.81 -42.84 -56.49
CA THR I 601 -45.94 -41.80 -55.49
C THR I 601 -45.25 -42.27 -54.21
N ARG I 602 -44.37 -41.43 -53.67
CA ARG I 602 -43.54 -41.80 -52.53
C ARG I 602 -43.70 -40.80 -51.40
N CYS I 603 -43.79 -41.32 -50.19
CA CYS I 603 -43.79 -40.48 -48.99
C CYS I 603 -42.35 -40.15 -48.60
N SER I 604 -42.18 -38.99 -47.97
CA SER I 604 -40.89 -38.58 -47.47
C SER I 604 -41.10 -37.82 -46.16
N CYS I 605 -40.01 -37.43 -45.53
CA CYS I 605 -40.01 -36.82 -44.22
C CYS I 605 -39.07 -35.62 -44.23
N PRO I 606 -39.19 -34.71 -43.25
CA PRO I 606 -38.24 -33.59 -43.17
C PRO I 606 -36.83 -34.05 -42.83
N MET I 607 -35.94 -33.12 -42.51
CA MET I 607 -34.55 -33.46 -42.29
C MET I 607 -34.27 -34.03 -40.90
N HIS I 608 -35.19 -33.85 -39.95
CA HIS I 608 -35.01 -34.39 -38.62
C HIS I 608 -35.82 -35.66 -38.38
N LEU I 609 -36.39 -36.24 -39.43
CA LEU I 609 -37.17 -37.47 -39.33
C LEU I 609 -36.71 -38.44 -40.41
N VAL I 610 -37.07 -39.71 -40.23
CA VAL I 610 -36.75 -40.77 -41.18
C VAL I 610 -38.02 -41.54 -41.51
N LEU I 611 -38.15 -41.95 -42.78
CA LEU I 611 -39.31 -42.70 -43.21
C LEU I 611 -39.30 -44.09 -42.62
N LEU I 612 -40.37 -44.46 -41.92
CA LEU I 612 -40.45 -45.74 -41.24
C LEU I 612 -40.67 -46.88 -42.23
N GLN I 613 -40.85 -48.09 -41.70
CA GLN I 613 -40.94 -49.29 -42.52
C GLN I 613 -42.24 -49.38 -43.30
N ASP I 614 -43.29 -48.67 -42.88
CA ASP I 614 -44.54 -48.67 -43.61
C ASP I 614 -44.51 -47.75 -44.83
N GLU I 615 -43.46 -46.95 -45.00
CA GLU I 615 -43.30 -46.02 -46.12
C GLU I 615 -44.46 -45.04 -46.21
N LEU I 616 -45.17 -44.82 -45.12
CA LEU I 616 -46.21 -43.80 -45.02
C LEU I 616 -46.00 -42.83 -43.88
N SER I 617 -45.53 -43.31 -42.73
CA SER I 617 -45.32 -42.48 -41.55
C SER I 617 -43.84 -42.21 -41.34
N CYS I 618 -43.57 -41.22 -40.50
CA CYS I 618 -42.21 -40.79 -40.17
C CYS I 618 -41.90 -41.12 -38.71
N GLY I 619 -40.62 -41.33 -38.42
CA GLY I 619 -40.18 -41.59 -37.07
C GLY I 619 -39.09 -40.64 -36.65
N GLY I 620 -38.94 -40.48 -35.34
CA GLY I 620 -37.99 -39.55 -34.79
C GLY I 620 -36.86 -40.17 -34.00
N THR I 621 -36.84 -39.90 -32.70
CA THR I 621 -35.77 -40.35 -31.81
C THR I 621 -35.61 -41.86 -31.80
C1 NAG J . 77.00 -30.45 12.86
C2 NAG J . 77.72 -30.51 14.16
C3 NAG J . 78.70 -31.67 14.18
C4 NAG J . 78.29 -32.85 13.28
C5 NAG J . 76.96 -32.75 12.50
C6 NAG J . 76.01 -33.89 12.81
C7 NAG J . 77.78 -28.15 14.84
C8 NAG J . 78.64 -26.94 15.07
N2 NAG J . 78.41 -29.26 14.43
O3 NAG J . 78.88 -32.13 15.51
O4 NAG J . 79.31 -33.16 12.34
O5 NAG J . 76.22 -31.54 12.76
O6 NAG J . 75.63 -34.60 11.64
O7 NAG J . 76.57 -28.12 15.02
C1 NAG J . 80.38 -32.17 12.25
C2 NAG J . 81.53 -32.77 11.52
C3 NAG J . 82.74 -31.86 11.65
C4 NAG J . 82.38 -30.36 11.54
C5 NAG J . 80.88 -29.96 11.51
C6 NAG J . 80.53 -29.15 10.27
C7 NAG J . 82.03 -35.14 11.17
C8 NAG J . 82.34 -36.45 11.82
N2 NAG J . 81.85 -34.11 12.00
O3 NAG J . 83.70 -32.18 10.66
O4 NAG J . 82.97 -29.67 12.63
O5 NAG J . 79.93 -31.04 11.55
O6 NAG J . 80.41 -27.76 10.57
O7 NAG J . 81.96 -35.03 9.95
C1 NAG K . -40.96 -24.23 -38.95
C2 NAG K . -39.74 -24.22 -38.00
C3 NAG K . -40.05 -23.66 -36.60
C4 NAG K . -41.52 -23.71 -36.18
C5 NAG K . -42.54 -23.52 -37.29
C6 NAG K . -43.39 -22.30 -37.03
C7 NAG K . -39.13 -26.65 -37.61
C8 NAG K . -40.50 -26.93 -37.04
N2 NAG K . -38.88 -25.39 -38.01
O3 NAG K . -39.58 -22.32 -36.54
O4 NAG K . -41.84 -24.77 -35.27
O5 NAG K . -41.89 -23.28 -38.53
O6 NAG K . -44.77 -22.52 -37.28
O7 NAG K . -38.29 -27.54 -37.69
C1 NAG K . -40.91 -24.25 -34.25
C2 NAG K . -41.63 -23.56 -33.10
C3 NAG K . -40.60 -22.82 -32.25
C4 NAG K . -39.27 -23.60 -32.09
C5 NAG K . -38.99 -24.79 -33.05
C6 NAG K . -38.36 -25.97 -32.35
C7 NAG K . -43.98 -22.90 -33.38
C8 NAG K . -44.94 -21.85 -33.87
N2 NAG K . -42.67 -22.64 -33.55
O3 NAG K . -41.13 -22.48 -30.97
O4 NAG K . -38.18 -22.69 -32.21
O5 NAG K . -40.14 -25.30 -33.73
O6 NAG K . -38.01 -26.99 -33.28
O7 NAG K . -44.36 -23.94 -32.86
C1 NAG L . -7.34 -11.72 13.62
C2 NAG L . -6.70 -11.01 14.81
C3 NAG L . -7.27 -9.60 14.96
C4 NAG L . -7.13 -8.84 13.64
C5 NAG L . -7.77 -9.63 12.50
C6 NAG L . -7.58 -8.99 11.14
C7 NAG L . -5.98 -11.87 17.00
C8 NAG L . -4.68 -11.17 16.76
N2 NAG L . -6.90 -11.76 16.04
O3 NAG L . -6.60 -8.89 15.99
O4 NAG L . -7.76 -7.57 13.74
O5 NAG L . -7.16 -10.93 12.43
O6 NAG L . -7.79 -7.59 11.19
O7 NAG L . -6.18 -12.52 18.03
C1 NAG M . 4.89 -17.29 26.03
C2 NAG M . 3.43 -17.52 26.48
C3 NAG M . 3.22 -17.06 27.93
C4 NAG M . 4.28 -17.64 28.85
C5 NAG M . 5.66 -17.30 28.32
C6 NAG M . 6.78 -17.88 29.13
C7 NAG M . 1.73 -17.41 24.70
C8 NAG M . 1.85 -18.91 24.62
N2 NAG M . 2.52 -16.81 25.59
O3 NAG M . 1.93 -17.48 28.37
O4 NAG M . 4.13 -17.12 30.17
O5 NAG M . 5.79 -17.83 27.00
O6 NAG M . 8.04 -17.72 28.48
O7 NAG M . 0.97 -16.78 23.97
C1 NAG N . -16.99 -17.93 10.53
C2 NAG N . -18.31 -17.53 11.17
C3 NAG N . -18.06 -16.72 12.44
C4 NAG N . -17.12 -17.47 13.38
C5 NAG N . -15.86 -17.91 12.64
C6 NAG N . -14.95 -18.78 13.48
C7 NAG N . -20.28 -17.29 9.74
C8 NAG N . -21.03 -16.40 8.81
N2 NAG N . -19.15 -16.80 10.25
O3 NAG N . -19.30 -16.45 13.09
O4 NAG N . -16.76 -16.64 14.47
O5 NAG N . -16.19 -18.66 11.47
O6 NAG N . -14.59 -19.97 12.78
O7 NAG N . -20.69 -18.42 10.03
C1 NAG O . -38.72 -27.45 -6.62
C2 NAG O . -39.85 -26.42 -6.66
C3 NAG O . -41.19 -27.14 -6.83
C4 NAG O . -41.16 -28.06 -8.04
C5 NAG O . -39.96 -29.00 -7.97
C6 NAG O . -39.79 -29.84 -9.22
C7 NAG O . -40.05 -24.27 -5.47
C8 NAG O . -40.28 -23.65 -6.81
N2 NAG O . -39.85 -25.60 -5.47
O3 NAG O . -42.23 -26.17 -6.97
O4 NAG O . -42.35 -28.82 -8.09
O5 NAG O . -38.75 -28.25 -7.82
O6 NAG O . -38.64 -29.44 -9.96
O7 NAG O . -40.04 -23.61 -4.44
C1 NAG P . 14.65 -5.16 -0.70
C2 NAG P . 14.95 -3.68 -0.45
C3 NAG P . 16.36 -3.52 0.13
C4 NAG P . 16.54 -4.39 1.37
C5 NAG P . 16.16 -5.84 1.06
C6 NAG P . 16.18 -6.73 2.27
C7 NAG P . 14.18 -1.73 -1.74
C8 NAG P . 13.59 -1.23 -0.47
N2 NAG P . 14.81 -2.91 -1.68
O3 NAG P . 16.58 -2.15 0.46
O4 NAG P . 17.91 -4.35 1.78
O5 NAG P . 14.83 -5.89 0.52
O6 NAG P . 16.23 -8.10 1.90
O7 NAG P . 14.08 -1.12 -2.81
C1 NAG Q . 60.87 -63.49 3.68
C2 NAG Q . 61.18 -63.74 5.16
C3 NAG Q . 61.99 -65.03 5.32
C4 NAG Q . 61.28 -66.19 4.65
C5 NAG Q . 60.99 -65.85 3.19
C6 NAG Q . 60.18 -66.91 2.49
C7 NAG Q . 61.42 -61.88 6.75
C8 NAG Q . 62.30 -60.75 7.22
N2 NAG Q . 61.90 -62.61 5.74
O3 NAG Q . 62.16 -65.30 6.71
O4 NAG Q . 62.08 -67.36 4.72
O5 NAG Q . 60.23 -64.64 3.12
O6 NAG Q . 61.03 -67.83 1.81
O7 NAG Q . 60.33 -62.12 7.27
C1 NAG R . 95.80 -42.89 -22.32
C2 NAG R . 97.17 -42.90 -21.60
C3 NAG R . 97.68 -44.33 -21.44
C4 NAG R . 96.61 -45.24 -20.85
C5 NAG R . 95.33 -45.12 -21.67
C6 NAG R . 94.20 -45.96 -21.13
C7 NAG R . 99.33 -41.74 -21.85
C8 NAG R . 100.20 -40.92 -22.77
N2 NAG R . 98.14 -42.08 -22.35
O3 NAG R . 98.83 -44.34 -20.59
O4 NAG R . 97.06 -46.59 -20.89
O5 NAG R . 94.90 -43.75 -21.64
O6 NAG R . 93.68 -46.82 -22.13
O7 NAG R . 99.70 -42.08 -20.73
C1 NAG S . 84.04 8.36 -17.87
C2 NAG S . 83.17 9.54 -17.28
C3 NAG S . 82.19 9.07 -16.19
C4 NAG S . 82.36 7.60 -15.86
C5 NAG S . 83.82 7.36 -15.55
C6 NAG S . 84.08 5.99 -14.99
C7 NAG S . 84.62 11.49 -17.62
C8 NAG S . 85.46 12.54 -16.96
N2 NAG S . 84.01 10.61 -16.81
O3 NAG S . 80.83 9.34 -16.55
O4 NAG S . 81.59 7.32 -14.69
O5 NAG S . 84.57 7.48 -16.77
O6 NAG S . 85.47 5.67 -14.94
O7 NAG S . 84.49 11.43 -18.84
C1 NAG T . 83.97 8.79 -11.97
C2 NAG T . 82.77 9.70 -11.71
C3 NAG T . 82.57 10.67 -12.86
C4 NAG T . 83.86 11.35 -13.28
C5 NAG T . 85.05 10.36 -13.34
C6 NAG T . 86.38 11.07 -13.44
C7 NAG T . 80.51 9.30 -10.85
C8 NAG T . 79.38 8.34 -10.76
N2 NAG T . 81.58 8.89 -11.51
O3 NAG T . 81.60 11.64 -12.45
O4 NAG T . 83.69 11.92 -14.57
O5 NAG T . 85.10 9.58 -12.14
O6 NAG T . 86.22 12.47 -13.38
O7 NAG T . 80.47 10.41 -10.32
C1 NAG U . 41.10 7.98 19.97
C2 NAG U . 41.45 8.58 18.60
C3 NAG U . 40.57 9.79 18.31
C4 NAG U . 39.10 9.42 18.43
C5 NAG U . 38.84 8.82 19.80
C6 NAG U . 37.42 8.33 19.97
C7 NAG U . 43.78 8.24 17.88
C8 NAG U . 45.17 8.77 17.92
N2 NAG U . 42.86 8.95 18.54
O3 NAG U . 40.84 10.26 17.00
O4 NAG U . 38.29 10.58 18.25
O5 NAG U . 39.69 7.67 20.01
O6 NAG U . 36.85 7.96 18.73
O7 NAG U . 43.49 7.21 17.28
C1 NAG V . 38.98 -8.70 13.26
C2 NAG V . 40.41 -8.48 12.70
C3 NAG V . 40.39 -8.34 11.18
C4 NAG V . 39.61 -9.47 10.52
C5 NAG V . 38.22 -9.54 11.13
C6 NAG V . 37.39 -10.68 10.58
C7 NAG V . 40.61 -6.08 13.20
C8 NAG V . 41.42 -5.03 13.91
N2 NAG V . 41.05 -7.33 13.32
O3 NAG V . 41.73 -8.32 10.69
O4 NAG V . 39.50 -9.24 9.13
O5 NAG V . 38.34 -9.77 12.55
O6 NAG V . 38.00 -11.94 10.83
O7 NAG V . 39.61 -5.78 12.55
C1 NAG W . 54.23 12.35 22.62
C2 NAG W . 53.45 12.48 21.30
C3 NAG W . 53.94 11.47 20.27
C4 NAG W . 53.80 10.04 20.77
C5 NAG W . 53.96 10.01 22.29
C6 NAG W . 54.56 8.71 22.80
C7 NAG W . 51.15 13.34 21.49
C8 NAG W . 49.71 12.99 21.75
N2 NAG W . 52.02 12.32 21.54
O3 NAG W . 55.30 11.74 19.95
O4 NAG W . 52.53 9.52 20.43
O5 NAG W . 54.84 11.06 22.70
O6 NAG W . 54.23 8.48 24.15
O7 NAG W . 51.51 14.48 21.25
C1 NAG X . 73.00 25.24 40.06
C2 NAG X . 73.69 26.03 38.96
C3 NAG X . 75.08 26.46 39.42
C4 NAG X . 74.98 27.22 40.75
C5 NAG X . 74.21 26.41 41.78
C6 NAG X . 73.96 27.16 43.06
C7 NAG X . 73.16 25.60 36.60
C8 NAG X . 72.35 26.87 36.65
N2 NAG X . 73.78 25.25 37.74
O3 NAG X . 75.68 27.29 38.43
O4 NAG X . 76.29 27.47 41.25
O5 NAG X . 72.92 26.05 41.26
O6 NAG X . 74.38 28.51 42.97
O7 NAG X . 73.25 24.94 35.58
C1 NAG Y . 19.33 5.71 32.17
C2 NAG Y . 19.19 6.29 30.77
C3 NAG Y . 18.28 5.42 29.94
C4 NAG Y . 18.99 4.12 29.63
C5 NAG Y . 19.74 3.53 30.83
C6 NAG Y . 21.23 3.46 30.62
C7 NAG Y . 19.35 8.69 30.28
C8 NAG Y . 18.68 10.03 30.43
N2 NAG Y . 18.70 7.66 30.82
O3 NAG Y . 17.94 6.09 28.73
O4 NAG Y . 18.05 3.16 29.15
O5 NAG Y . 19.53 4.22 32.08
O6 NAG Y . 21.70 2.11 30.64
O7 NAG Y . 20.42 8.56 29.70
C1 NAG Z . 35.56 49.10 34.56
C2 NAG Z . 35.71 50.13 33.45
C3 NAG Z . 34.49 50.13 32.56
C4 NAG Z . 34.22 48.73 32.03
C5 NAG Z . 34.16 47.71 33.18
C6 NAG Z . 34.10 46.28 32.69
C7 NAG Z . 37.16 52.06 33.92
C8 NAG Z . 37.25 53.43 34.53
N2 NAG Z . 35.97 51.45 33.99
O3 NAG Z . 34.67 51.03 31.48
O4 NAG Z . 32.97 48.70 31.33
O5 NAG Z . 35.35 47.81 33.98
O6 NAG Z . 35.38 45.78 32.37
O7 NAG Z . 38.13 51.52 33.38
C1 NAG AA . -12.68 -54.94 41.12
C2 NAG AA . -13.55 -55.49 39.99
C3 NAG AA . -14.80 -56.19 40.56
C4 NAG AA . -14.41 -57.21 41.62
C5 NAG AA . -13.54 -56.55 42.69
C6 NAG AA . -13.05 -57.51 43.74
C7 NAG AA . -13.12 -53.92 38.15
C8 NAG AA . -13.71 -52.83 37.29
N2 NAG AA . -13.95 -54.44 39.07
O3 NAG AA . -15.50 -56.82 39.50
O4 NAG AA . -15.58 -57.74 42.23
O5 NAG AA . -12.38 -55.99 42.06
O6 NAG AA . -12.08 -58.41 43.21
O7 NAG AA . -11.97 -54.29 38.03
C1 NAG BA . 17.19 -62.72 63.33
C2 NAG BA . 17.33 -64.03 62.53
C3 NAG BA . 17.28 -65.24 63.47
C4 NAG BA . 18.28 -65.10 64.60
C5 NAG BA . 18.06 -63.77 65.32
C6 NAG BA . 19.08 -63.50 66.40
C7 NAG BA . 16.57 -64.50 60.25
C8 NAG BA . 15.40 -64.56 59.32
N2 NAG BA . 16.31 -64.13 61.51
O3 NAG BA . 17.54 -66.42 62.73
O4 NAG BA . 18.13 -66.16 65.53
O5 NAG BA . 18.16 -62.69 64.38
O6 NAG BA . 20.32 -64.14 66.12
O7 NAG BA . 17.71 -64.77 59.88
C1 NAG CA . -27.29 -57.00 80.85
C2 NAG CA . -27.75 -58.44 80.58
C3 NAG CA . -27.42 -59.33 81.79
C4 NAG CA . -25.98 -59.12 82.27
C5 NAG CA . -25.65 -57.64 82.40
C6 NAG CA . -24.21 -57.37 82.74
C7 NAG CA . -29.84 -59.60 79.96
C8 NAG CA . -31.31 -59.44 79.72
N2 NAG CA . -29.18 -58.48 80.30
O3 NAG CA . -27.61 -60.70 81.45
O4 NAG CA . -25.81 -59.74 83.54
O5 NAG CA . -25.92 -56.98 81.15
O6 NAG CA . -24.04 -56.07 83.28
O7 NAG CA . -29.27 -60.68 79.83
C1 NAG DA . -46.24 -18.58 49.65
C2 NAG DA . -46.85 -18.50 48.25
C3 NAG DA . -46.26 -19.58 47.34
C4 NAG DA . -46.35 -20.97 47.97
C5 NAG DA . -45.87 -20.95 49.41
C6 NAG DA . -44.82 -21.98 49.69
C7 NAG DA . -49.12 -17.76 48.89
C8 NAG DA . -50.60 -18.13 48.88
N2 NAG DA . -48.29 -18.66 48.34
O3 NAG DA . -44.90 -19.28 47.07
O4 NAG DA . -47.70 -21.39 47.96
O5 NAG DA . -45.31 -19.67 49.73
O6 NAG DA . -45.42 -23.25 49.93
O7 NAG DA . -48.73 -16.71 49.37
C1 NAG EA . -47.57 -21.48 44.57
C2 NAG EA . -46.34 -21.81 43.79
C3 NAG EA . -45.33 -20.66 43.90
C4 NAG EA . -45.99 -19.26 43.83
C5 NAG EA . -47.49 -19.17 44.17
C6 NAG EA . -48.23 -18.12 43.38
C7 NAG EA . -45.41 -24.06 43.41
C8 NAG EA . -44.82 -25.28 44.05
N2 NAG EA . -45.76 -23.06 44.24
O3 NAG EA . -44.38 -20.80 42.86
O4 NAG EA . -45.29 -18.33 44.66
O5 NAG EA . -48.20 -20.41 43.99
O6 NAG EA . -49.12 -17.36 44.20
O7 NAG EA . -45.57 -23.97 42.20
C1 NAG FA . -28.40 19.76 -25.45
C2 NAG FA . -28.95 18.67 -24.52
C3 NAG FA . -30.47 18.60 -24.62
C4 NAG FA . -31.05 19.96 -24.96
C5 NAG FA . -30.59 20.36 -26.37
C6 NAG FA . -30.57 21.86 -26.58
C7 NAG FA . -27.44 16.80 -24.03
C8 NAG FA . -27.04 17.56 -22.80
N2 NAG FA . -28.35 17.38 -24.82
O3 NAG FA . -31.01 18.13 -23.38
O4 NAG FA . -32.46 19.92 -24.93
O5 NAG FA . -29.26 19.89 -26.61
O6 NAG FA . -31.88 22.37 -26.81
O7 NAG FA . -26.95 15.70 -24.31
C1 NAG GA . -33.10 69.32 -7.84
C2 NAG GA . -33.32 68.57 -6.53
C3 NAG GA . -32.20 68.92 -5.55
C4 NAG GA . -30.84 68.65 -6.19
C5 NAG GA . -30.72 69.32 -7.56
C6 NAG GA . -29.47 68.93 -8.30
C7 NAG GA . -35.21 68.12 -5.03
C8 NAG GA . -36.54 68.59 -4.53
N2 NAG GA . -34.61 68.89 -5.95
O3 NAG GA . -32.33 68.16 -4.35
O4 NAG GA . -29.80 69.16 -5.34
O5 NAG GA . -31.83 68.95 -8.39
O6 NAG GA . -28.87 67.77 -7.73
O7 NAG GA . -34.69 67.08 -4.60
C1 NAG HA . -48.48 61.46 -1.52
C2 NAG HA . -48.14 62.84 -0.90
C3 NAG HA . -48.23 62.79 0.62
C4 NAG HA . -49.56 62.21 1.08
C5 NAG HA . -49.74 60.83 0.44
C6 NAG HA . -51.06 60.19 0.80
C7 NAG HA . -46.59 64.25 -2.19
C8 NAG HA . -47.80 64.92 -2.76
N2 NAG HA . -46.81 63.26 -1.32
O3 NAG HA . -48.09 64.11 1.14
O4 NAG HA . -49.58 62.08 2.49
O5 NAG HA . -49.72 60.98 -0.98
O6 NAG HA . -50.88 58.84 1.20
O7 NAG HA . -45.45 64.58 -2.51
C1 NAG IA . -31.08 79.89 -12.14
C2 NAG IA . -30.87 81.07 -11.19
C3 NAG IA . -30.71 80.56 -9.76
C4 NAG IA . -31.87 79.65 -9.37
C5 NAG IA . -32.07 78.55 -10.42
C6 NAG IA . -33.28 77.70 -10.16
C7 NAG IA . -29.57 83.14 -11.28
C8 NAG IA . -28.32 83.81 -11.78
N2 NAG IA . -29.71 81.86 -11.59
O3 NAG IA . -30.63 81.66 -8.87
O4 NAG IA . -31.62 79.06 -8.11
O5 NAG IA . -32.22 79.13 -11.72
O6 NAG IA . -34.47 78.33 -10.66
O7 NAG IA . -30.40 83.75 -10.61
C1 NAG JA . -21.25 102.00 -27.49
C2 NAG JA . -20.51 102.65 -26.33
C3 NAG JA . -20.38 104.16 -26.57
C4 NAG JA . -19.74 104.43 -27.92
C5 NAG JA . -20.48 103.67 -29.03
C6 NAG JA . -19.80 103.79 -30.37
C7 NAG JA . -20.58 101.80 -24.03
C8 NAG JA . -19.15 101.41 -24.22
N2 NAG JA . -21.19 102.39 -25.07
O3 NAG JA . -19.59 104.73 -25.53
O4 NAG JA . -19.77 105.82 -28.21
O5 NAG JA . -20.55 102.28 -28.72
O6 NAG JA . -18.40 103.55 -30.28
O7 NAG JA . -21.17 101.59 -22.98
C1 NAG KA . -30.41 45.90 -19.77
C2 NAG KA . -31.15 46.46 -18.53
C3 NAG KA . -32.68 46.39 -18.72
C4 NAG KA . -33.15 44.98 -19.03
C5 NAG KA . -32.09 44.21 -19.81
C6 NAG KA . -32.67 43.23 -20.80
C7 NAG KA . -30.46 46.37 -16.17
C8 NAG KA . -30.55 47.86 -16.18
N2 NAG KA . -30.76 45.76 -17.32
O3 NAG KA . -33.07 47.29 -19.75
O4 NAG KA . -33.45 44.29 -17.83
O5 NAG KA . -31.32 45.15 -20.57
O6 NAG KA . -33.32 42.15 -20.12
O7 NAG KA . -30.13 45.74 -15.17
C1 NAG LA . 8.49 71.12 -19.87
C2 NAG LA . 8.64 69.61 -19.84
C3 NAG LA . 9.44 69.18 -18.62
C4 NAG LA . 10.77 69.92 -18.57
C5 NAG LA . 10.55 71.43 -18.67
C6 NAG LA . 11.84 72.21 -18.77
C7 NAG LA . 6.74 68.55 -20.98
C8 NAG LA . 5.41 67.89 -20.82
N2 NAG LA . 7.34 68.96 -19.87
O3 NAG LA . 9.66 67.78 -18.67
O4 NAG LA . 11.45 69.62 -17.36
O5 NAG LA . 9.78 71.73 -19.85
O6 NAG LA . 11.77 73.43 -18.05
O7 NAG LA . 7.25 68.70 -22.09
C1 NAG MA . -82.46 2.51 -30.62
C2 NAG MA . -82.83 1.30 -29.74
C3 NAG MA . -83.35 0.15 -30.60
C4 NAG MA . -84.46 0.62 -31.53
C5 NAG MA . -83.98 1.82 -32.34
C6 NAG MA . -85.05 2.40 -33.23
C7 NAG MA . -81.61 0.94 -27.63
C8 NAG MA . -80.35 0.43 -27.00
N2 NAG MA . -81.67 0.86 -28.96
O3 NAG MA . -83.83 -0.89 -29.76
O4 NAG MA . -84.84 -0.43 -32.42
O5 NAG MA . -83.57 2.85 -31.45
O6 NAG MA . -84.62 3.62 -33.83
O7 NAG MA . -82.53 1.39 -26.96
C1 NAG NA . -95.82 29.93 -52.50
C2 NAG NA . -97.01 30.58 -51.77
C3 NAG NA . -98.30 30.37 -52.55
C4 NAG NA . -98.14 30.82 -54.00
C5 NAG NA . -96.94 30.12 -54.62
C6 NAG NA . -96.66 30.59 -56.03
C7 NAG NA . -96.33 30.41 -49.40
C8 NAG NA . -96.63 29.78 -48.08
N2 NAG NA . -97.14 30.07 -50.41
O3 NAG NA . -99.36 31.09 -51.93
O4 NAG NA . -99.32 30.50 -54.74
O5 NAG NA . -95.76 30.40 -53.85
O6 NAG NA . -97.60 31.57 -56.45
O7 NAG NA . -95.40 31.19 -49.56
C1 NAG OA . -81.15 -12.63 -69.40
C2 NAG OA . -82.54 -13.26 -69.20
C3 NAG OA . -83.38 -13.07 -70.48
C4 NAG OA . -83.34 -11.64 -71.00
C5 NAG OA . -81.90 -11.12 -71.03
C6 NAG OA . -81.80 -9.65 -71.39
C7 NAG OA . -83.48 -15.42 -68.50
C8 NAG OA . -83.17 -16.87 -68.19
N2 NAG OA . -82.43 -14.67 -68.86
O3 NAG OA . -84.74 -13.45 -70.23
O4 NAG OA . -83.87 -11.58 -72.31
O5 NAG OA . -81.30 -11.27 -69.74
O6 NAG OA . -80.47 -9.18 -71.25
O7 NAG OA . -84.61 -14.97 -68.43
#